data_2F5Z
#
_entry.id   2F5Z
#
_cell.length_a   171.153
_cell.length_b   187.728
_cell.length_c   224.392
_cell.angle_alpha   90.00
_cell.angle_beta   90.00
_cell.angle_gamma   90.00
#
_symmetry.space_group_name_H-M   'P 21 21 21'
#
loop_
_entity.id
_entity.type
_entity.pdbx_description
1 polymer 'Dihydrolipoyl dehydrogenase'
2 polymer 'Pyruvate dehydrogenase protein X component'
3 non-polymer 'SULFATE ION'
4 non-polymer 'FLAVIN-ADENINE DINUCLEOTIDE'
5 water water
#
loop_
_entity_poly.entity_id
_entity_poly.type
_entity_poly.pdbx_seq_one_letter_code
_entity_poly.pdbx_strand_id
1 'polypeptide(L)'
;ADQPIDADVTVIGSGPGGYVAAIKAAQLGFKTVCIEKNETLGGTCLNVGCIPSKALLNNSHYYHMAHGTDFASRGIEMSE
VRLNLDKMMEQKSTAVKALTGGIAHLFKQNKVVHVNGYGKITGKNQVTATKADGGTQVIDTKNILIATGSEVTPFPGITI
DEDTIVSSTGALSLKKVPEKMVVIGAGVIGVELGSVWQRLGADVTAVEFLGHVGGVGIDMEISKNFQRILQKQGFKFKLN
TKVTGATKKSDGKIDVSIEAASGGKAEVITCDVLLVCIGRRPFTKNLGLEELGIELDPRGRIPVNTRFQTKIPNIYAIGD
VVAGPMLAHKAEDEGIICVEGMAGGAVHIDYNCVPSVIYTHPEVAWVGKSEEQLKEEGIEYKVGKFPFAANSRAKTNADT
DGMVKILGQKSTDRVLGAHILGPGAGEMVNEAALALEYGASCEDIARVCHAHPTLSEAFREANLAASFGKSINF
;
A,B,C,D,E,F,G,H,I,J
2 'polypeptide(L)' GEHIPGTLRFRLSPAARNILEKHSLDASQGTATGPRGIFTKEDALKLVQLKQTGKILEHHHHHH K,L,M,N,O
#
loop_
_chem_comp.id
_chem_comp.type
_chem_comp.name
_chem_comp.formula
FAD non-polymer 'FLAVIN-ADENINE DINUCLEOTIDE' 'C27 H33 N9 O15 P2'
SO4 non-polymer 'SULFATE ION' 'O4 S -2'
#
# COMPACT_ATOMS: atom_id res chain seq x y z
N GLN A 3 40.66 39.76 24.42
CA GLN A 3 40.54 39.12 23.07
C GLN A 3 39.08 38.93 22.67
N PRO A 4 38.19 39.86 23.05
CA PRO A 4 36.78 39.68 22.67
C PRO A 4 36.57 39.47 21.19
N ILE A 5 35.33 39.18 20.82
CA ILE A 5 34.93 38.95 19.44
C ILE A 5 33.54 39.54 19.33
N ASP A 6 33.10 39.86 18.13
CA ASP A 6 31.78 40.43 17.99
C ASP A 6 30.99 39.70 16.92
N ALA A 7 29.70 40.00 16.84
CA ALA A 7 28.83 39.35 15.86
C ALA A 7 27.45 40.00 15.84
N ASP A 8 26.65 39.64 14.85
CA ASP A 8 25.31 40.19 14.72
C ASP A 8 24.30 39.33 15.50
N VAL A 9 24.51 38.03 15.50
CA VAL A 9 23.64 37.10 16.21
C VAL A 9 24.45 36.05 16.95
N THR A 10 24.26 35.95 18.26
CA THR A 10 24.96 34.97 19.06
C THR A 10 23.90 34.01 19.61
N VAL A 11 24.06 32.73 19.26
CA VAL A 11 23.15 31.67 19.65
C VAL A 11 23.72 30.84 20.80
N ILE A 12 22.93 30.72 21.88
CA ILE A 12 23.34 29.95 23.04
C ILE A 12 22.64 28.59 22.98
N GLY A 13 23.40 27.56 22.61
CA GLY A 13 22.86 26.21 22.49
C GLY A 13 22.95 25.69 21.06
N SER A 14 23.50 24.48 20.87
CA SER A 14 23.64 23.90 19.53
C SER A 14 22.70 22.71 19.24
N GLY A 15 21.52 22.72 19.85
CA GLY A 15 20.56 21.66 19.61
C GLY A 15 19.72 21.96 18.38
N PRO A 16 18.72 21.12 18.05
CA PRO A 16 17.85 21.32 16.89
C PRO A 16 17.54 22.80 16.64
N GLY A 17 17.07 23.49 17.67
CA GLY A 17 16.74 24.89 17.52
C GLY A 17 17.97 25.75 17.29
N GLY A 18 18.96 25.64 18.19
CA GLY A 18 20.18 26.42 18.08
C GLY A 18 21.10 26.25 16.87
N TYR A 19 21.48 25.02 16.54
CA TYR A 19 22.38 24.83 15.41
C TYR A 19 21.71 25.22 14.10
N VAL A 20 20.42 24.91 13.96
CA VAL A 20 19.68 25.24 12.76
C VAL A 20 19.51 26.76 12.61
N ALA A 21 19.37 27.45 13.75
CA ALA A 21 19.22 28.92 13.77
C ALA A 21 20.56 29.54 13.37
N ALA A 22 21.64 29.09 14.00
CA ALA A 22 22.96 29.62 13.70
C ALA A 22 23.27 29.49 12.20
N ILE A 23 23.02 28.31 11.65
CA ILE A 23 23.27 28.08 10.24
C ILE A 23 22.45 29.01 9.35
N LYS A 24 21.14 29.09 9.59
CA LYS A 24 20.29 29.94 8.78
C LYS A 24 20.70 31.41 8.92
N ALA A 25 21.09 31.80 10.14
CA ALA A 25 21.49 33.18 10.37
C ALA A 25 22.64 33.53 9.43
N ALA A 26 23.68 32.70 9.44
CA ALA A 26 24.84 32.89 8.59
C ALA A 26 24.44 32.94 7.12
N GLN A 27 23.59 32.01 6.69
CA GLN A 27 23.12 31.96 5.30
C GLN A 27 22.33 33.22 4.94
N LEU A 28 21.96 33.98 5.95
CA LEU A 28 21.22 35.21 5.73
C LEU A 28 22.19 36.38 5.80
N GLY A 29 23.46 36.08 6.05
CA GLY A 29 24.47 37.12 6.10
C GLY A 29 24.94 37.53 7.48
N PHE A 30 24.12 37.28 8.49
CA PHE A 30 24.49 37.64 9.86
C PHE A 30 25.83 37.04 10.29
N LYS A 31 26.69 37.85 10.89
CA LYS A 31 27.95 37.31 11.38
C LYS A 31 27.47 36.53 12.60
N THR A 32 27.58 35.21 12.53
CA THR A 32 27.06 34.35 13.57
C THR A 32 28.01 33.57 14.45
N VAL A 33 27.62 33.43 15.71
CA VAL A 33 28.38 32.69 16.71
C VAL A 33 27.40 31.75 17.43
N CYS A 34 27.87 30.55 17.74
CA CYS A 34 27.05 29.56 18.46
C CYS A 34 27.89 29.05 19.61
N ILE A 35 27.33 29.16 20.81
CA ILE A 35 28.01 28.71 22.02
C ILE A 35 27.40 27.40 22.55
N GLU A 36 28.27 26.47 22.95
CA GLU A 36 27.83 25.17 23.46
C GLU A 36 28.76 24.73 24.58
N LYS A 37 28.16 24.37 25.71
CA LYS A 37 28.90 23.93 26.88
C LYS A 37 29.32 22.47 26.84
N ASN A 38 28.57 21.62 26.14
CA ASN A 38 28.93 20.20 26.05
C ASN A 38 30.02 19.95 25.01
N GLU A 39 30.66 18.78 25.09
CA GLU A 39 31.74 18.42 24.17
C GLU A 39 31.35 18.30 22.70
N THR A 40 30.07 18.11 22.41
CA THR A 40 29.64 17.98 21.03
C THR A 40 28.42 18.84 20.78
N LEU A 41 28.18 19.11 19.51
CA LEU A 41 27.02 19.91 19.09
C LEU A 41 25.80 19.01 18.93
N GLY A 42 24.65 19.60 18.65
CA GLY A 42 23.46 18.79 18.45
C GLY A 42 22.49 18.74 19.61
N GLY A 43 22.98 19.03 20.81
CA GLY A 43 22.10 19.03 21.97
C GLY A 43 21.47 17.72 22.38
N THR A 44 20.29 17.82 23.00
CA THR A 44 19.54 16.69 23.50
C THR A 44 19.19 15.65 22.43
N CYS A 45 18.47 16.08 21.41
CA CYS A 45 18.04 15.23 20.32
C CYS A 45 19.17 14.36 19.79
N LEU A 46 20.26 15.00 19.42
CA LEU A 46 21.39 14.28 18.84
C LEU A 46 22.18 13.41 19.81
N ASN A 47 22.51 13.95 20.96
CA ASN A 47 23.33 13.20 21.90
C ASN A 47 22.68 12.22 22.86
N VAL A 48 21.46 12.50 23.29
CA VAL A 48 20.79 11.61 24.25
C VAL A 48 19.29 11.59 24.04
N GLY A 49 18.83 11.95 22.85
CA GLY A 49 17.40 11.99 22.61
C GLY A 49 16.97 11.25 21.36
N CYS A 50 16.30 11.95 20.47
CA CYS A 50 15.83 11.38 19.20
C CYS A 50 16.75 10.36 18.52
N ILE A 51 17.99 10.78 18.21
CA ILE A 51 18.92 9.91 17.47
C ILE A 51 19.22 8.59 18.13
N PRO A 52 19.86 8.60 19.32
CA PRO A 52 20.17 7.33 20.00
C PRO A 52 18.91 6.44 20.15
N SER A 53 17.79 7.05 20.55
CA SER A 53 16.58 6.27 20.76
C SER A 53 16.02 5.67 19.47
N LYS A 54 16.06 6.42 18.38
CA LYS A 54 15.57 5.84 17.12
C LYS A 54 16.50 4.71 16.68
N ALA A 55 17.81 4.86 16.92
CA ALA A 55 18.72 3.80 16.51
C ALA A 55 18.42 2.51 17.28
N LEU A 56 18.25 2.59 18.61
CA LEU A 56 17.97 1.38 19.40
C LEU A 56 16.57 0.83 19.09
N LEU A 57 15.66 1.72 18.68
CA LEU A 57 14.34 1.28 18.32
C LEU A 57 14.43 0.46 17.00
N ASN A 58 15.27 0.94 16.08
CA ASN A 58 15.46 0.26 14.80
C ASN A 58 16.14 -1.09 15.02
N ASN A 59 17.25 -1.10 15.75
CA ASN A 59 17.95 -2.34 15.99
C ASN A 59 17.15 -3.34 16.81
N SER A 60 16.43 -2.88 17.83
CA SER A 60 15.65 -3.80 18.66
C SER A 60 14.46 -4.33 17.88
N HIS A 61 13.91 -3.52 16.98
CA HIS A 61 12.79 -4.01 16.16
C HIS A 61 13.30 -5.18 15.28
N TYR A 62 14.45 -4.98 14.64
CA TYR A 62 15.04 -6.02 13.79
C TYR A 62 15.41 -7.25 14.61
N TYR A 63 15.96 -7.04 15.80
CA TYR A 63 16.31 -8.17 16.65
C TYR A 63 15.03 -8.95 16.90
N HIS A 64 13.95 -8.24 17.19
CA HIS A 64 12.67 -8.88 17.47
C HIS A 64 12.14 -9.68 16.28
N MET A 65 12.31 -9.13 15.08
CA MET A 65 11.84 -9.78 13.86
C MET A 65 12.60 -11.09 13.66
N ALA A 66 13.92 -11.05 13.88
CA ALA A 66 14.74 -12.24 13.71
C ALA A 66 14.56 -13.26 14.83
N HIS A 67 14.55 -12.80 16.08
CA HIS A 67 14.44 -13.67 17.24
C HIS A 67 13.06 -14.30 17.40
N GLY A 68 12.03 -13.57 16.98
CA GLY A 68 10.67 -14.05 17.11
C GLY A 68 10.18 -14.88 15.94
N THR A 69 8.87 -14.88 15.72
CA THR A 69 8.33 -15.68 14.64
C THR A 69 8.24 -14.98 13.29
N ASP A 70 8.57 -13.70 13.22
CA ASP A 70 8.43 -13.00 11.96
C ASP A 70 9.31 -13.52 10.82
N PHE A 71 10.63 -13.55 11.03
CA PHE A 71 11.51 -14.02 9.99
C PHE A 71 11.26 -15.45 9.59
N ALA A 72 10.87 -16.29 10.56
CA ALA A 72 10.59 -17.69 10.26
C ALA A 72 9.40 -17.76 9.32
N SER A 73 8.43 -16.89 9.55
CA SER A 73 7.23 -16.90 8.72
C SER A 73 7.56 -16.47 7.29
N ARG A 74 8.72 -15.87 7.07
CA ARG A 74 9.09 -15.44 5.72
C ARG A 74 10.13 -16.39 5.09
N GLY A 75 10.40 -17.50 5.74
CA GLY A 75 11.36 -18.43 5.17
C GLY A 75 12.82 -18.10 5.49
N ILE A 76 13.05 -17.17 6.41
CA ILE A 76 14.42 -16.84 6.79
C ILE A 76 14.67 -17.64 8.06
N GLU A 77 15.36 -18.75 7.91
CA GLU A 77 15.62 -19.64 9.03
C GLU A 77 17.02 -19.56 9.59
N MET A 78 17.08 -19.47 10.92
CA MET A 78 18.36 -19.26 11.55
C MET A 78 18.72 -20.23 12.66
N SER A 79 20.02 -20.37 12.89
CA SER A 79 20.54 -21.24 13.92
C SER A 79 19.95 -20.85 15.29
N GLU A 80 20.51 -19.79 15.85
CA GLU A 80 20.09 -19.27 17.14
C GLU A 80 20.33 -17.77 17.05
N VAL A 81 19.31 -16.97 17.32
CA VAL A 81 19.48 -15.54 17.25
C VAL A 81 19.99 -15.04 18.59
N ARG A 82 21.19 -14.49 18.58
CA ARG A 82 21.83 -13.99 19.79
C ARG A 82 21.98 -12.49 19.76
N LEU A 83 21.93 -11.89 20.95
CA LEU A 83 22.07 -10.45 21.07
C LEU A 83 23.47 -10.08 21.57
N ASN A 84 24.14 -9.22 20.82
CA ASN A 84 25.46 -8.72 21.24
C ASN A 84 25.10 -7.28 21.57
N LEU A 85 24.71 -7.02 22.81
CA LEU A 85 24.26 -5.68 23.20
C LEU A 85 25.27 -4.59 22.97
N ASP A 86 26.53 -4.86 23.31
CA ASP A 86 27.58 -3.87 23.11
C ASP A 86 27.72 -3.44 21.63
N LYS A 87 27.62 -4.41 20.72
CA LYS A 87 27.72 -4.11 19.31
C LYS A 87 26.47 -3.33 18.88
N MET A 88 25.30 -3.68 19.43
CA MET A 88 24.09 -2.95 19.10
C MET A 88 24.25 -1.51 19.58
N MET A 89 24.88 -1.34 20.74
CA MET A 89 25.12 -0.01 21.31
C MET A 89 26.13 0.74 20.42
N GLU A 90 27.10 0.00 19.88
CA GLU A 90 28.12 0.58 19.01
C GLU A 90 27.52 1.21 17.73
N GLN A 91 26.60 0.52 17.07
CA GLN A 91 25.96 1.06 15.87
C GLN A 91 25.30 2.40 16.23
N LYS A 92 24.60 2.43 17.36
CA LYS A 92 23.93 3.64 17.83
C LYS A 92 24.98 4.75 18.02
N SER A 93 26.07 4.43 18.70
CA SER A 93 27.13 5.40 18.98
C SER A 93 27.79 5.92 17.71
N THR A 94 27.95 5.03 16.74
CA THR A 94 28.57 5.43 15.50
C THR A 94 27.68 6.44 14.75
N ALA A 95 26.38 6.18 14.69
CA ALA A 95 25.49 7.12 14.03
C ALA A 95 25.54 8.50 14.71
N VAL A 96 25.45 8.52 16.05
CA VAL A 96 25.48 9.76 16.82
C VAL A 96 26.79 10.52 16.58
N LYS A 97 27.91 9.83 16.64
CA LYS A 97 29.21 10.45 16.40
C LYS A 97 29.30 11.06 14.99
N ALA A 98 28.76 10.36 14.01
CA ALA A 98 28.79 10.85 12.65
C ALA A 98 27.96 12.12 12.53
N LEU A 99 26.79 12.12 13.17
CA LEU A 99 25.93 13.28 13.07
C LEU A 99 26.48 14.47 13.86
N THR A 100 27.17 14.23 14.97
CA THR A 100 27.74 15.34 15.73
C THR A 100 28.85 15.94 14.87
N GLY A 101 29.69 15.08 14.30
CA GLY A 101 30.76 15.57 13.45
C GLY A 101 30.19 16.38 12.29
N GLY A 102 29.02 15.95 11.80
CA GLY A 102 28.40 16.64 10.69
C GLY A 102 28.03 18.09 10.96
N ILE A 103 27.52 18.37 12.15
CA ILE A 103 27.13 19.72 12.48
C ILE A 103 28.36 20.61 12.62
N ALA A 104 29.44 20.05 13.15
CA ALA A 104 30.68 20.80 13.30
C ALA A 104 31.11 21.24 11.91
N HIS A 105 31.06 20.30 10.97
CA HIS A 105 31.43 20.55 9.57
C HIS A 105 30.47 21.55 8.91
N LEU A 106 29.18 21.45 9.21
CA LEU A 106 28.20 22.37 8.64
C LEU A 106 28.38 23.79 9.15
N PHE A 107 28.95 23.92 10.36
CA PHE A 107 29.24 25.21 10.96
C PHE A 107 30.41 25.87 10.21
N LYS A 108 31.52 25.15 10.08
CA LYS A 108 32.67 25.67 9.38
C LYS A 108 32.29 26.06 7.94
N GLN A 109 31.45 25.24 7.31
CA GLN A 109 31.01 25.47 5.94
C GLN A 109 30.20 26.74 5.75
N ASN A 110 29.40 27.09 6.75
CA ASN A 110 28.57 28.27 6.66
C ASN A 110 29.23 29.41 7.45
N LYS A 111 30.46 29.15 7.89
CA LYS A 111 31.26 30.11 8.65
C LYS A 111 30.61 30.55 9.95
N VAL A 112 30.02 29.60 10.65
CA VAL A 112 29.39 29.86 11.94
C VAL A 112 30.51 29.64 12.96
N VAL A 113 30.72 30.61 13.83
CA VAL A 113 31.79 30.51 14.83
C VAL A 113 31.36 29.71 16.07
N HIS A 114 32.03 28.59 16.29
CA HIS A 114 31.72 27.72 17.41
C HIS A 114 32.53 28.07 18.63
N VAL A 115 31.87 28.44 19.72
CA VAL A 115 32.54 28.77 20.95
C VAL A 115 32.21 27.69 21.98
N ASN A 116 33.24 27.12 22.60
CA ASN A 116 33.02 26.10 23.59
C ASN A 116 33.01 26.62 25.01
N GLY A 117 31.88 26.48 25.69
CA GLY A 117 31.80 26.93 27.06
C GLY A 117 30.38 27.20 27.51
N TYR A 118 30.25 27.55 28.78
CA TYR A 118 28.94 27.86 29.34
C TYR A 118 28.60 29.32 29.06
N GLY A 119 27.51 29.53 28.33
CA GLY A 119 27.11 30.89 27.99
C GLY A 119 26.35 31.59 29.10
N LYS A 120 26.58 32.88 29.24
CA LYS A 120 25.90 33.66 30.26
C LYS A 120 25.79 35.08 29.79
N ILE A 121 24.56 35.54 29.58
CA ILE A 121 24.33 36.90 29.15
C ILE A 121 24.82 37.86 30.24
N THR A 122 25.80 38.68 29.87
CA THR A 122 26.42 39.61 30.80
C THR A 122 26.19 41.06 30.38
N GLY A 123 25.15 41.28 29.59
CA GLY A 123 24.82 42.61 29.11
C GLY A 123 23.82 42.48 27.98
N LYS A 124 22.97 43.48 27.79
CA LYS A 124 21.97 43.40 26.73
C LYS A 124 22.56 43.10 25.35
N ASN A 125 23.86 43.36 25.19
CA ASN A 125 24.51 43.09 23.91
C ASN A 125 25.83 42.39 24.12
N GLN A 126 25.88 41.57 25.16
CA GLN A 126 27.08 40.81 25.48
C GLN A 126 26.74 39.45 26.11
N VAL A 127 27.58 38.46 25.79
CA VAL A 127 27.42 37.11 26.30
C VAL A 127 28.82 36.64 26.66
N THR A 128 28.97 36.02 27.81
CA THR A 128 30.27 35.56 28.23
C THR A 128 30.33 34.04 28.38
N ALA A 129 31.09 33.41 27.49
CA ALA A 129 31.26 31.97 27.51
C ALA A 129 32.43 31.61 28.42
N THR A 130 32.19 30.68 29.34
CA THR A 130 33.23 30.26 30.27
C THR A 130 33.51 28.76 30.14
N LYS A 131 34.74 28.43 29.78
CA LYS A 131 35.13 27.03 29.63
C LYS A 131 35.28 26.37 30.99
N ALA A 132 35.34 25.04 30.98
CA ALA A 132 35.49 24.26 32.21
C ALA A 132 36.81 24.60 32.89
N ASP A 133 37.86 24.76 32.09
CA ASP A 133 39.20 25.07 32.59
C ASP A 133 39.28 26.49 33.15
N GLY A 134 38.20 27.24 32.99
CA GLY A 134 38.18 28.62 33.47
C GLY A 134 38.24 29.60 32.32
N GLY A 135 38.87 29.20 31.22
CA GLY A 135 38.99 30.07 30.06
C GLY A 135 37.73 30.88 29.80
N THR A 136 37.90 32.14 29.43
CA THR A 136 36.76 33.00 29.16
C THR A 136 36.82 33.58 27.74
N GLN A 137 35.64 33.93 27.22
CA GLN A 137 35.53 34.50 25.88
C GLN A 137 34.32 35.42 25.80
N VAL A 138 34.54 36.69 25.53
CA VAL A 138 33.43 37.62 25.44
C VAL A 138 32.99 37.84 24.01
N ILE A 139 31.68 38.00 23.84
CA ILE A 139 31.09 38.21 22.54
C ILE A 139 30.11 39.37 22.63
N ASP A 140 30.37 40.43 21.88
CA ASP A 140 29.47 41.56 21.89
C ASP A 140 28.61 41.36 20.65
N THR A 141 27.29 41.35 20.83
CA THR A 141 26.36 41.07 19.75
C THR A 141 25.20 42.04 19.65
N LYS A 142 24.66 42.18 18.44
CA LYS A 142 23.51 43.03 18.24
C LYS A 142 22.33 42.26 18.82
N ASN A 143 22.24 40.98 18.46
CA ASN A 143 21.16 40.11 18.93
C ASN A 143 21.69 38.92 19.70
N ILE A 144 20.87 38.41 20.61
CA ILE A 144 21.21 37.22 21.39
C ILE A 144 20.07 36.23 21.25
N LEU A 145 20.38 35.00 20.87
CA LEU A 145 19.35 33.97 20.71
C LEU A 145 19.50 32.86 21.75
N ILE A 146 18.48 32.76 22.60
CA ILE A 146 18.44 31.76 23.65
C ILE A 146 17.77 30.52 23.08
N ALA A 147 18.49 29.40 23.17
CA ALA A 147 18.01 28.10 22.67
C ALA A 147 18.64 27.06 23.58
N THR A 148 18.64 27.36 24.88
CA THR A 148 19.24 26.48 25.88
C THR A 148 18.52 25.15 26.13
N GLY A 149 17.39 24.96 25.44
CA GLY A 149 16.66 23.70 25.56
C GLY A 149 16.10 23.18 26.88
N SER A 150 16.17 21.86 27.05
CA SER A 150 15.61 21.22 28.23
C SER A 150 16.48 20.23 28.99
N GLU A 151 15.90 19.70 30.07
CA GLU A 151 16.54 18.72 30.93
C GLU A 151 15.47 17.74 31.44
N VAL A 152 15.91 16.64 32.03
CA VAL A 152 14.98 15.67 32.56
C VAL A 152 14.30 16.26 33.81
N THR A 153 12.97 16.12 33.90
CA THR A 153 12.23 16.57 35.07
C THR A 153 12.41 15.50 36.17
N PRO A 154 13.10 15.82 37.27
CA PRO A 154 13.29 14.84 38.34
C PRO A 154 11.96 14.46 38.99
N PHE A 155 11.91 13.27 39.58
CA PHE A 155 10.69 12.82 40.24
C PHE A 155 10.91 13.07 41.73
N PRO A 156 10.03 13.89 42.35
CA PRO A 156 10.15 14.21 43.79
C PRO A 156 10.39 12.97 44.66
N GLY A 157 11.51 12.94 45.39
CA GLY A 157 11.75 11.81 46.27
C GLY A 157 12.52 10.63 45.73
N ILE A 158 12.76 10.64 44.43
CA ILE A 158 13.52 9.55 43.83
C ILE A 158 14.74 10.20 43.20
N THR A 159 15.91 9.67 43.53
CA THR A 159 17.15 10.21 43.01
C THR A 159 17.75 9.40 41.87
N ILE A 160 17.74 9.99 40.68
CA ILE A 160 18.31 9.35 39.49
C ILE A 160 19.84 9.31 39.65
N ASP A 161 20.44 8.17 39.38
CA ASP A 161 21.90 8.06 39.47
C ASP A 161 22.52 7.50 38.19
N GLU A 162 21.68 7.16 37.21
CA GLU A 162 22.12 6.59 35.94
C GLU A 162 22.81 5.23 36.08
N ASP A 163 22.55 4.53 37.17
CA ASP A 163 23.11 3.19 37.36
C ASP A 163 21.89 2.25 37.37
N THR A 164 21.20 2.08 38.50
CA THR A 164 19.99 1.26 38.49
C THR A 164 18.75 2.17 38.43
N ILE A 165 18.93 3.45 38.75
CA ILE A 165 17.80 4.40 38.64
C ILE A 165 18.28 5.32 37.50
N VAL A 166 17.63 5.23 36.34
CA VAL A 166 18.09 6.01 35.21
C VAL A 166 17.08 6.97 34.62
N SER A 167 17.59 7.93 33.86
CA SER A 167 16.73 8.85 33.13
C SER A 167 16.82 8.21 31.75
N SER A 168 16.22 8.84 30.74
CA SER A 168 16.27 8.33 29.38
C SER A 168 17.75 8.17 28.94
N THR A 169 18.61 9.05 29.43
CA THR A 169 20.02 8.99 29.08
C THR A 169 20.66 7.69 29.55
N GLY A 170 20.45 7.33 30.81
CA GLY A 170 21.01 6.09 31.30
C GLY A 170 20.36 4.89 30.62
N ALA A 171 19.06 4.98 30.33
CA ALA A 171 18.37 3.88 29.68
C ALA A 171 18.87 3.61 28.23
N LEU A 172 19.40 4.64 27.58
CA LEU A 172 19.92 4.47 26.22
C LEU A 172 21.29 3.80 26.20
N SER A 173 21.81 3.51 27.38
CA SER A 173 23.14 2.89 27.47
C SER A 173 23.32 1.76 28.47
N LEU A 174 22.26 1.08 28.85
CA LEU A 174 22.43 -0.03 29.79
C LEU A 174 23.51 -0.98 29.27
N LYS A 175 24.20 -1.67 30.19
CA LYS A 175 25.28 -2.58 29.84
C LYS A 175 24.83 -4.03 29.71
N LYS A 176 23.58 -4.30 30.04
CA LYS A 176 23.08 -5.65 29.91
C LYS A 176 21.61 -5.51 29.87
N VAL A 177 20.92 -6.51 29.32
CA VAL A 177 19.48 -6.45 29.28
C VAL A 177 19.01 -6.67 30.72
N PRO A 178 18.22 -5.75 31.25
CA PRO A 178 17.78 -5.99 32.62
C PRO A 178 16.68 -7.03 32.62
N GLU A 179 16.65 -7.87 33.66
CA GLU A 179 15.62 -8.86 33.72
C GLU A 179 14.24 -8.18 33.89
N LYS A 180 14.16 -7.17 34.73
CA LYS A 180 12.88 -6.51 34.93
C LYS A 180 13.07 -5.01 35.00
N MET A 181 12.21 -4.28 34.31
CA MET A 181 12.34 -2.83 34.32
C MET A 181 11.00 -2.18 34.55
N VAL A 182 11.00 -1.12 35.35
CA VAL A 182 9.80 -0.36 35.59
C VAL A 182 10.04 1.04 34.98
N VAL A 183 9.05 1.55 34.29
CA VAL A 183 9.15 2.86 33.69
C VAL A 183 8.11 3.78 34.32
N ILE A 184 8.58 4.91 34.86
CA ILE A 184 7.65 5.87 35.43
C ILE A 184 7.30 6.90 34.35
N GLY A 185 6.07 6.80 33.87
CA GLY A 185 5.56 7.69 32.84
C GLY A 185 5.41 6.93 31.51
N ALA A 186 4.20 6.90 30.97
CA ALA A 186 3.94 6.23 29.69
C ALA A 186 3.69 7.25 28.59
N GLY A 187 4.54 8.26 28.55
CA GLY A 187 4.46 9.29 27.52
C GLY A 187 5.30 8.75 26.37
N VAL A 188 5.44 9.53 25.30
CA VAL A 188 6.21 9.10 24.15
C VAL A 188 7.58 8.51 24.50
N ILE A 189 8.41 9.26 25.22
CA ILE A 189 9.74 8.76 25.57
C ILE A 189 9.72 7.46 26.37
N GLY A 190 8.82 7.38 27.34
CA GLY A 190 8.72 6.18 28.16
C GLY A 190 8.30 4.96 27.36
N VAL A 191 7.26 5.09 26.53
CA VAL A 191 6.80 4.00 25.70
C VAL A 191 7.90 3.52 24.75
N GLU A 192 8.58 4.46 24.10
CA GLU A 192 9.65 4.10 23.20
C GLU A 192 10.76 3.29 23.87
N LEU A 193 11.32 3.84 24.96
CA LEU A 193 12.40 3.16 25.64
C LEU A 193 11.93 1.87 26.28
N GLY A 194 10.70 1.87 26.78
CA GLY A 194 10.16 0.66 27.37
C GLY A 194 10.11 -0.45 26.33
N SER A 195 9.60 -0.12 25.15
CA SER A 195 9.50 -1.07 24.06
C SER A 195 10.88 -1.56 23.61
N VAL A 196 11.85 -0.66 23.54
CA VAL A 196 13.20 -1.07 23.16
C VAL A 196 13.68 -2.26 24.04
N TRP A 197 13.62 -2.08 25.36
CA TRP A 197 14.11 -3.14 26.28
C TRP A 197 13.20 -4.35 26.38
N GLN A 198 11.91 -4.14 26.23
CA GLN A 198 11.00 -5.25 26.24
C GLN A 198 11.41 -6.20 25.07
N ARG A 199 11.66 -5.64 23.88
CA ARG A 199 12.04 -6.45 22.72
C ARG A 199 13.32 -7.20 22.99
N LEU A 200 14.28 -6.53 23.62
CA LEU A 200 15.56 -7.14 23.88
C LEU A 200 15.50 -8.19 24.97
N GLY A 201 14.33 -8.38 25.58
CA GLY A 201 14.22 -9.42 26.59
C GLY A 201 13.84 -9.02 27.99
N ALA A 202 13.69 -7.73 28.24
CA ALA A 202 13.31 -7.33 29.60
C ALA A 202 11.81 -7.47 29.88
N ASP A 203 11.48 -7.75 31.14
CA ASP A 203 10.09 -7.81 31.57
C ASP A 203 9.86 -6.33 31.92
N VAL A 204 9.02 -5.66 31.15
CA VAL A 204 8.77 -4.23 31.29
C VAL A 204 7.36 -3.83 31.68
N THR A 205 7.25 -2.89 32.63
CA THR A 205 5.97 -2.34 33.08
C THR A 205 6.07 -0.82 33.17
N ALA A 206 5.17 -0.09 32.51
CA ALA A 206 5.18 1.36 32.63
C ALA A 206 4.04 1.77 33.57
N VAL A 207 4.33 2.66 34.52
CA VAL A 207 3.35 3.14 35.49
C VAL A 207 3.01 4.60 35.13
N GLU A 208 1.72 4.90 35.03
CA GLU A 208 1.30 6.24 34.61
C GLU A 208 0.11 6.80 35.40
N PHE A 209 0.23 8.07 35.79
CA PHE A 209 -0.81 8.76 36.53
C PHE A 209 -2.11 8.87 35.72
N LEU A 210 -2.00 9.29 34.48
CA LEU A 210 -3.18 9.43 33.63
C LEU A 210 -3.75 8.09 33.18
N GLY A 211 -4.88 8.16 32.49
CA GLY A 211 -5.54 6.95 32.01
C GLY A 211 -5.25 6.56 30.56
N HIS A 212 -4.17 7.08 29.97
CA HIS A 212 -3.86 6.70 28.59
C HIS A 212 -2.35 6.84 28.38
N VAL A 213 -1.83 6.21 27.34
CA VAL A 213 -0.39 6.31 27.06
C VAL A 213 -0.20 7.16 25.81
N GLY A 214 1.01 7.68 25.61
CA GLY A 214 1.26 8.48 24.42
C GLY A 214 1.32 9.98 24.62
N GLY A 215 1.29 10.43 25.87
CA GLY A 215 1.38 11.86 26.15
C GLY A 215 0.21 12.74 25.75
N VAL A 216 0.44 14.04 25.86
CA VAL A 216 -0.59 15.03 25.55
C VAL A 216 -0.91 15.19 24.06
N GLY A 217 -2.19 15.27 23.77
CA GLY A 217 -2.63 15.48 22.41
C GLY A 217 -3.00 14.24 21.59
N ILE A 218 -2.56 13.07 22.01
CA ILE A 218 -2.85 11.87 21.27
C ILE A 218 -4.34 11.57 21.28
N ASP A 219 -4.87 11.16 20.15
CA ASP A 219 -6.28 10.82 20.05
C ASP A 219 -6.55 9.63 21.00
N MET A 220 -7.64 9.70 21.77
CA MET A 220 -7.97 8.63 22.72
C MET A 220 -8.13 7.26 22.09
N GLU A 221 -8.93 7.17 21.03
CA GLU A 221 -9.14 5.90 20.36
C GLU A 221 -7.79 5.36 19.88
N ILE A 222 -6.96 6.25 19.36
CA ILE A 222 -5.63 5.87 18.86
C ILE A 222 -4.79 5.34 20.03
N SER A 223 -4.76 6.10 21.12
CA SER A 223 -4.01 5.74 22.31
C SER A 223 -4.44 4.37 22.84
N LYS A 224 -5.74 4.16 22.93
CA LYS A 224 -6.24 2.90 23.44
C LYS A 224 -5.89 1.73 22.52
N ASN A 225 -6.01 1.91 21.20
CA ASN A 225 -5.70 0.84 20.27
C ASN A 225 -4.20 0.52 20.34
N PHE A 226 -3.38 1.58 20.42
CA PHE A 226 -1.91 1.48 20.50
C PHE A 226 -1.53 0.66 21.74
N GLN A 227 -2.08 1.05 22.88
CA GLN A 227 -1.81 0.37 24.14
C GLN A 227 -2.14 -1.12 24.06
N ARG A 228 -3.29 -1.44 23.47
CA ARG A 228 -3.74 -2.83 23.35
C ARG A 228 -2.71 -3.66 22.58
N ILE A 229 -2.17 -3.07 21.51
CA ILE A 229 -1.16 -3.74 20.70
C ILE A 229 0.13 -3.95 21.49
N LEU A 230 0.61 -2.91 22.17
CA LEU A 230 1.83 -3.03 22.95
C LEU A 230 1.71 -4.11 24.03
N GLN A 231 0.53 -4.18 24.67
CA GLN A 231 0.31 -5.18 25.71
C GLN A 231 0.33 -6.56 25.06
N LYS A 232 -0.24 -6.68 23.87
CA LYS A 232 -0.22 -7.94 23.16
C LYS A 232 1.27 -8.29 22.89
N GLN A 233 2.13 -7.28 22.76
CA GLN A 233 3.54 -7.54 22.53
C GLN A 233 4.27 -7.96 23.81
N GLY A 234 3.61 -7.74 24.95
CA GLY A 234 4.22 -8.11 26.22
C GLY A 234 4.61 -6.92 27.09
N PHE A 235 4.33 -5.71 26.63
CA PHE A 235 4.63 -4.47 27.36
C PHE A 235 3.46 -4.22 28.33
N LYS A 236 3.72 -4.24 29.65
CA LYS A 236 2.63 -4.02 30.61
C LYS A 236 2.46 -2.56 31.06
N PHE A 237 1.23 -2.22 31.42
CA PHE A 237 0.92 -0.87 31.89
C PHE A 237 0.09 -0.84 33.16
N LYS A 238 0.36 0.16 33.99
CA LYS A 238 -0.42 0.37 35.19
C LYS A 238 -0.81 1.84 35.09
N LEU A 239 -1.96 2.08 34.48
CA LEU A 239 -2.50 3.42 34.27
C LEU A 239 -3.31 3.90 35.51
N ASN A 240 -3.54 5.21 35.62
CA ASN A 240 -4.29 5.77 36.77
C ASN A 240 -3.63 5.25 38.02
N THR A 241 -2.31 5.38 38.06
CA THR A 241 -1.51 4.88 39.16
C THR A 241 -0.44 5.90 39.52
N LYS A 242 -0.21 6.07 40.82
CA LYS A 242 0.81 7.00 41.28
C LYS A 242 1.93 6.19 41.94
N VAL A 243 3.13 6.77 41.89
CA VAL A 243 4.31 6.17 42.49
C VAL A 243 4.47 6.93 43.78
N THR A 244 4.66 6.22 44.89
CA THR A 244 4.79 6.93 46.15
C THR A 244 6.19 6.89 46.67
N GLY A 245 7.05 6.16 45.98
CA GLY A 245 8.44 6.09 46.41
C GLY A 245 9.14 4.88 45.83
N ALA A 246 10.46 4.85 45.98
CA ALA A 246 11.26 3.72 45.47
C ALA A 246 12.41 3.53 46.44
N THR A 247 12.89 2.30 46.58
CA THR A 247 13.91 1.95 47.57
C THR A 247 14.94 1.04 46.97
N LYS A 248 16.22 1.29 47.20
CA LYS A 248 17.21 0.37 46.68
C LYS A 248 17.29 -0.79 47.67
N LYS A 249 17.44 -2.02 47.17
CA LYS A 249 17.45 -3.22 48.00
C LYS A 249 18.82 -3.84 48.22
N SER A 250 18.87 -4.77 49.16
CA SER A 250 20.11 -5.47 49.49
C SER A 250 20.80 -6.15 48.29
N ASP A 251 20.01 -6.66 47.34
CA ASP A 251 20.57 -7.35 46.20
C ASP A 251 20.71 -6.46 44.97
N GLY A 252 20.59 -5.15 45.15
CA GLY A 252 20.74 -4.22 44.05
C GLY A 252 19.46 -3.89 43.31
N LYS A 253 18.41 -4.66 43.56
CA LYS A 253 17.13 -4.40 42.92
C LYS A 253 16.48 -3.16 43.53
N ILE A 254 15.32 -2.78 42.99
CA ILE A 254 14.60 -1.60 43.44
C ILE A 254 13.13 -1.88 43.67
N ASP A 255 12.63 -1.48 44.83
CA ASP A 255 11.21 -1.65 45.18
C ASP A 255 10.54 -0.31 44.96
N VAL A 256 9.57 -0.32 44.06
CA VAL A 256 8.80 0.86 43.71
C VAL A 256 7.40 0.71 44.30
N SER A 257 7.00 1.62 45.19
CA SER A 257 5.65 1.47 45.76
C SER A 257 4.70 2.39 45.02
N ILE A 258 3.52 1.83 44.74
CA ILE A 258 2.52 2.51 43.94
C ILE A 258 1.16 2.38 44.57
N GLU A 259 0.21 3.18 44.05
CA GLU A 259 -1.18 3.18 44.50
C GLU A 259 -2.02 3.68 43.34
N ALA A 260 -3.34 3.51 43.44
CA ALA A 260 -4.18 4.01 42.38
C ALA A 260 -4.03 5.54 42.48
N ALA A 261 -4.20 6.25 41.38
CA ALA A 261 -4.08 7.71 41.40
C ALA A 261 -5.04 8.32 42.44
N SER A 262 -6.25 7.77 42.53
CA SER A 262 -7.23 8.28 43.47
C SER A 262 -7.03 7.78 44.91
N GLY A 263 -5.90 7.11 45.18
CA GLY A 263 -5.61 6.58 46.50
C GLY A 263 -6.04 5.13 46.66
N GLY A 264 -5.33 4.37 47.49
CA GLY A 264 -5.68 2.97 47.67
C GLY A 264 -4.94 1.99 46.77
N LYS A 265 -5.31 0.71 46.84
CA LYS A 265 -4.68 -0.33 46.02
C LYS A 265 -3.16 -0.26 46.09
N ALA A 266 -2.61 -0.10 47.28
CA ALA A 266 -1.18 -0.01 47.42
C ALA A 266 -0.49 -1.34 47.09
N GLU A 267 0.60 -1.27 46.35
CA GLU A 267 1.38 -2.45 46.04
C GLU A 267 2.85 -2.10 45.77
N VAL A 268 3.68 -3.12 45.75
CA VAL A 268 5.09 -2.92 45.51
C VAL A 268 5.46 -3.75 44.30
N ILE A 269 6.30 -3.19 43.43
CA ILE A 269 6.79 -3.93 42.27
C ILE A 269 8.29 -3.69 42.27
N THR A 270 9.03 -4.80 42.21
CA THR A 270 10.48 -4.83 42.24
C THR A 270 11.07 -4.94 40.83
N CYS A 271 12.18 -4.25 40.60
CA CYS A 271 12.82 -4.26 39.29
C CYS A 271 14.33 -4.12 39.40
N ASP A 272 15.01 -4.42 38.31
CA ASP A 272 16.47 -4.31 38.25
C ASP A 272 16.84 -2.93 37.85
N VAL A 273 16.00 -2.33 37.02
CA VAL A 273 16.27 -0.97 36.57
C VAL A 273 14.99 -0.19 36.60
N LEU A 274 15.09 1.02 37.12
CA LEU A 274 13.95 1.94 37.22
C LEU A 274 14.25 3.11 36.30
N LEU A 275 13.37 3.31 35.32
CA LEU A 275 13.53 4.40 34.36
C LEU A 275 12.57 5.50 34.73
N VAL A 276 13.11 6.67 35.03
CA VAL A 276 12.24 7.77 35.41
C VAL A 276 12.10 8.73 34.26
N CYS A 277 10.90 8.86 33.74
CA CYS A 277 10.71 9.82 32.67
C CYS A 277 9.32 10.38 32.71
N ILE A 278 9.05 11.08 33.81
CA ILE A 278 7.74 11.72 33.99
C ILE A 278 7.69 12.91 33.06
N GLY A 279 8.84 13.43 32.65
CA GLY A 279 8.83 14.56 31.75
C GLY A 279 10.13 15.29 31.61
N ARG A 280 10.07 16.42 30.90
CA ARG A 280 11.23 17.26 30.66
C ARG A 280 10.83 18.72 30.88
N ARG A 281 11.82 19.56 31.23
CA ARG A 281 11.53 20.96 31.52
C ARG A 281 12.62 21.92 31.00
N PRO A 282 12.24 23.19 30.75
CA PRO A 282 13.13 24.25 30.26
C PRO A 282 14.40 24.39 31.10
N PHE A 283 15.54 24.47 30.44
CA PHE A 283 16.81 24.64 31.15
C PHE A 283 17.29 26.08 30.92
N THR A 284 17.51 26.82 32.00
CA THR A 284 17.97 28.21 31.91
C THR A 284 18.98 28.54 33.00
N LYS A 285 19.55 27.51 33.61
CA LYS A 285 20.51 27.68 34.69
C LYS A 285 21.63 28.67 34.33
N ASN A 286 21.81 29.64 35.24
CA ASN A 286 22.83 30.69 35.16
C ASN A 286 23.07 31.30 33.79
N LEU A 287 21.96 31.62 33.16
CA LEU A 287 21.93 32.21 31.84
C LEU A 287 22.08 33.73 32.02
N GLY A 288 21.85 34.19 33.25
CA GLY A 288 21.96 35.61 33.56
C GLY A 288 20.64 36.33 33.39
N LEU A 289 19.54 35.57 33.25
CA LEU A 289 18.20 36.14 33.04
C LEU A 289 17.70 36.99 34.20
N GLU A 290 18.14 36.65 35.39
CA GLU A 290 17.72 37.39 36.56
C GLU A 290 18.22 38.82 36.50
N GLU A 291 19.54 38.99 36.56
CA GLU A 291 20.15 40.31 36.54
C GLU A 291 19.80 41.10 35.29
N LEU A 292 18.90 40.57 34.48
CA LEU A 292 18.48 41.28 33.26
C LEU A 292 17.00 41.56 33.29
N GLY A 293 16.31 41.08 34.31
CA GLY A 293 14.88 41.33 34.40
C GLY A 293 14.01 40.42 33.55
N ILE A 294 14.58 39.32 33.09
CA ILE A 294 13.77 38.39 32.31
C ILE A 294 13.21 37.37 33.30
N GLU A 295 11.89 37.41 33.50
CA GLU A 295 11.25 36.50 34.44
C GLU A 295 10.58 35.36 33.70
N LEU A 296 10.72 34.15 34.24
CA LEU A 296 10.14 32.96 33.63
C LEU A 296 8.67 32.84 34.01
N ASP A 297 7.94 31.99 33.29
CA ASP A 297 6.53 31.77 33.59
C ASP A 297 6.53 30.71 34.68
N PRO A 298 5.34 30.31 35.18
CA PRO A 298 5.35 29.27 36.23
C PRO A 298 6.04 27.97 35.83
N ARG A 299 5.94 27.60 34.55
CA ARG A 299 6.57 26.37 34.06
C ARG A 299 8.08 26.50 33.85
N GLY A 300 8.63 27.69 34.04
CA GLY A 300 10.07 27.84 33.88
C GLY A 300 10.51 28.21 32.47
N ARG A 301 9.54 28.44 31.59
CA ARG A 301 9.82 28.83 30.21
C ARG A 301 10.08 30.35 30.11
N ILE A 302 10.67 30.74 28.98
CA ILE A 302 10.95 32.14 28.70
C ILE A 302 9.81 32.64 27.81
N PRO A 303 9.06 33.65 28.30
CA PRO A 303 7.94 34.21 27.55
C PRO A 303 8.47 35.01 26.36
N VAL A 304 7.81 34.89 25.21
CA VAL A 304 8.25 35.61 24.02
C VAL A 304 7.05 35.95 23.15
N ASN A 305 7.21 36.93 22.26
CA ASN A 305 6.11 37.31 21.38
C ASN A 305 6.20 36.46 20.11
N THR A 306 5.40 36.81 19.11
CA THR A 306 5.38 36.07 17.87
C THR A 306 6.66 36.18 17.04
N ARG A 307 7.62 36.96 17.51
CA ARG A 307 8.88 37.13 16.80
C ARG A 307 9.94 36.49 17.66
N PHE A 308 9.49 35.84 18.73
CA PHE A 308 10.36 35.16 19.67
C PHE A 308 11.25 36.10 20.47
N GLN A 309 10.79 37.33 20.60
CA GLN A 309 11.54 38.32 21.37
C GLN A 309 11.12 38.23 22.82
N THR A 310 12.08 38.40 23.72
CA THR A 310 11.81 38.40 25.15
C THR A 310 11.47 39.85 25.49
N LYS A 311 11.39 40.18 26.77
CA LYS A 311 11.09 41.55 27.20
C LYS A 311 12.11 42.49 26.57
N ILE A 312 13.40 42.15 26.71
CA ILE A 312 14.49 42.91 26.12
C ILE A 312 14.43 42.54 24.63
N PRO A 313 13.85 43.41 23.79
CA PRO A 313 13.69 43.20 22.35
C PRO A 313 14.84 42.70 21.45
N ASN A 314 16.09 42.74 21.91
CA ASN A 314 17.16 42.24 21.05
C ASN A 314 17.60 40.85 21.50
N ILE A 315 16.92 40.33 22.52
CA ILE A 315 17.22 38.99 23.03
C ILE A 315 16.01 38.11 22.76
N TYR A 316 16.22 37.04 21.99
CA TYR A 316 15.14 36.11 21.64
C TYR A 316 15.28 34.76 22.35
N ALA A 317 14.26 33.91 22.20
CA ALA A 317 14.24 32.56 22.77
C ALA A 317 13.39 31.64 21.89
N ILE A 318 13.87 30.41 21.68
CA ILE A 318 13.14 29.43 20.86
C ILE A 318 13.32 27.99 21.33
N GLY A 319 12.49 27.09 20.80
CA GLY A 319 12.61 25.68 21.16
C GLY A 319 12.04 25.21 22.49
N ASP A 320 12.72 24.24 23.10
CA ASP A 320 12.29 23.65 24.37
C ASP A 320 12.27 24.64 25.54
N VAL A 321 12.94 25.78 25.38
CA VAL A 321 13.02 26.74 26.46
C VAL A 321 11.84 27.71 26.48
N VAL A 322 10.94 27.58 25.50
CA VAL A 322 9.74 28.42 25.43
C VAL A 322 8.52 27.53 25.30
N ALA A 323 7.32 28.09 25.39
CA ALA A 323 6.07 27.32 25.30
C ALA A 323 5.97 26.51 24.01
N GLY A 324 4.92 25.69 23.93
CA GLY A 324 4.68 24.86 22.77
C GLY A 324 5.25 23.46 22.86
N PRO A 325 4.92 22.59 21.90
CA PRO A 325 5.41 21.19 21.88
C PRO A 325 6.92 21.12 22.02
N MET A 326 7.39 20.31 22.96
CA MET A 326 8.83 20.14 23.13
C MET A 326 9.32 19.04 22.14
N LEU A 327 9.31 19.39 20.85
CA LEU A 327 9.73 18.50 19.76
C LEU A 327 10.89 19.13 18.99
N ALA A 328 11.74 18.29 18.40
CA ALA A 328 12.90 18.77 17.67
C ALA A 328 12.49 19.61 16.48
N HIS A 329 11.59 19.11 15.65
CA HIS A 329 11.17 19.87 14.49
C HIS A 329 10.47 21.20 14.88
N LYS A 330 9.86 21.24 16.06
CA LYS A 330 9.20 22.47 16.52
C LYS A 330 10.31 23.49 16.79
N ALA A 331 11.35 23.05 17.48
CA ALA A 331 12.48 23.90 17.80
C ALA A 331 13.20 24.38 16.52
N GLU A 332 13.22 23.54 15.49
CA GLU A 332 13.90 23.92 14.26
C GLU A 332 13.13 25.00 13.51
N ASP A 333 11.83 24.80 13.39
CA ASP A 333 10.99 25.78 12.72
C ASP A 333 11.15 27.12 13.44
N GLU A 334 10.96 27.15 14.75
CA GLU A 334 11.09 28.39 15.52
C GLU A 334 12.45 29.03 15.29
N GLY A 335 13.51 28.24 15.41
CA GLY A 335 14.84 28.78 15.17
C GLY A 335 14.99 29.40 13.79
N ILE A 336 14.31 28.81 12.79
CA ILE A 336 14.39 29.32 11.42
C ILE A 336 13.60 30.61 11.24
N ILE A 337 12.33 30.60 11.56
CA ILE A 337 11.54 31.81 11.37
C ILE A 337 12.02 32.93 12.29
N CYS A 338 12.63 32.60 13.42
CA CYS A 338 13.11 33.64 14.31
C CYS A 338 14.24 34.41 13.63
N VAL A 339 15.19 33.69 13.07
CA VAL A 339 16.31 34.33 12.40
C VAL A 339 15.86 35.04 11.14
N GLU A 340 14.90 34.47 10.42
CA GLU A 340 14.37 35.12 9.24
C GLU A 340 13.68 36.40 9.69
N GLY A 341 13.07 36.34 10.89
CA GLY A 341 12.38 37.49 11.45
C GLY A 341 13.36 38.61 11.76
N MET A 342 14.54 38.24 12.26
CA MET A 342 15.56 39.22 12.58
C MET A 342 15.97 39.97 11.32
N ALA A 343 15.73 39.35 10.17
CA ALA A 343 16.08 39.97 8.90
C ALA A 343 14.85 40.51 8.17
N GLY A 344 13.79 40.79 8.94
CA GLY A 344 12.58 41.34 8.35
C GLY A 344 11.56 40.36 7.81
N GLY A 345 11.84 39.06 7.91
CA GLY A 345 10.90 38.08 7.40
C GLY A 345 9.66 37.89 8.26
N ALA A 346 8.65 37.23 7.71
CA ALA A 346 7.43 36.94 8.44
C ALA A 346 7.78 35.97 9.57
N VAL A 347 6.87 35.78 10.52
CA VAL A 347 7.17 34.88 11.64
C VAL A 347 5.98 34.07 12.13
N HIS A 348 4.86 34.14 11.42
CA HIS A 348 3.70 33.37 11.83
C HIS A 348 3.90 31.89 11.64
N ILE A 349 3.73 31.13 12.71
CA ILE A 349 3.88 29.69 12.60
C ILE A 349 2.64 29.03 13.24
N ASP A 350 1.96 28.21 12.45
CA ASP A 350 0.75 27.52 12.90
C ASP A 350 1.08 26.22 13.65
N TYR A 351 1.05 26.26 14.98
CA TYR A 351 1.35 25.07 15.77
C TYR A 351 0.39 23.91 15.61
N ASN A 352 -0.75 24.16 14.98
CA ASN A 352 -1.74 23.10 14.75
C ASN A 352 -1.25 22.19 13.61
N CYS A 353 -0.15 22.59 12.99
CA CYS A 353 0.42 21.84 11.88
C CYS A 353 1.74 21.16 12.22
N VAL A 354 2.05 21.06 13.50
CA VAL A 354 3.27 20.41 13.95
C VAL A 354 2.90 18.96 14.25
N PRO A 355 3.49 18.01 13.52
CA PRO A 355 3.16 16.59 13.79
C PRO A 355 3.87 16.03 15.00
N SER A 356 3.33 14.92 15.49
CA SER A 356 3.92 14.18 16.60
C SER A 356 4.10 12.77 16.05
N VAL A 357 5.16 12.10 16.50
CA VAL A 357 5.50 10.73 16.09
C VAL A 357 6.05 9.89 17.26
N ILE A 358 5.59 8.65 17.35
CA ILE A 358 6.07 7.70 18.35
C ILE A 358 6.67 6.61 17.45
N TYR A 359 7.98 6.40 17.58
CA TYR A 359 8.70 5.46 16.74
C TYR A 359 8.75 3.99 17.16
N THR A 360 7.71 3.55 17.82
CA THR A 360 7.60 2.16 18.22
C THR A 360 7.20 1.41 16.95
N HIS A 361 6.87 0.15 17.10
CA HIS A 361 6.37 -0.63 15.98
C HIS A 361 5.22 -1.43 16.57
N PRO A 362 3.98 -1.10 16.18
CA PRO A 362 3.59 -0.05 15.23
C PRO A 362 3.91 1.37 15.66
N GLU A 363 4.12 2.22 14.65
CA GLU A 363 4.41 3.64 14.90
C GLU A 363 3.06 4.33 15.09
N VAL A 364 3.13 5.55 15.63
CA VAL A 364 1.94 6.35 15.81
C VAL A 364 2.40 7.74 15.39
N ALA A 365 1.54 8.45 14.68
CA ALA A 365 1.91 9.79 14.27
C ALA A 365 0.61 10.51 14.05
N TRP A 366 0.61 11.80 14.34
CA TRP A 366 -0.60 12.56 14.16
C TRP A 366 -0.31 14.02 14.01
N VAL A 367 -1.26 14.72 13.42
CA VAL A 367 -1.15 16.15 13.23
C VAL A 367 -2.54 16.77 13.20
N GLY A 368 -2.67 18.00 13.69
CA GLY A 368 -3.96 18.64 13.74
C GLY A 368 -4.58 18.40 15.10
N LYS A 369 -5.88 18.09 15.14
CA LYS A 369 -6.55 17.89 16.41
C LYS A 369 -7.20 16.51 16.61
N SER A 370 -7.22 16.07 17.87
CA SER A 370 -7.84 14.82 18.27
C SER A 370 -9.36 14.99 18.35
N GLU A 371 -10.10 13.89 18.46
CA GLU A 371 -11.54 14.01 18.57
C GLU A 371 -11.88 14.76 19.86
N GLU A 372 -11.16 14.47 20.94
CA GLU A 372 -11.41 15.14 22.22
C GLU A 372 -11.30 16.66 22.07
N GLN A 373 -10.30 17.14 21.34
CA GLN A 373 -10.13 18.58 21.16
C GLN A 373 -11.27 19.18 20.34
N LEU A 374 -11.71 18.46 19.32
CA LEU A 374 -12.80 18.97 18.49
C LEU A 374 -14.05 19.06 19.35
N LYS A 375 -14.30 18.04 20.16
CA LYS A 375 -15.46 18.03 21.04
C LYS A 375 -15.39 19.16 22.06
N GLU A 376 -14.19 19.43 22.57
CA GLU A 376 -13.98 20.49 23.55
C GLU A 376 -14.27 21.86 22.92
N GLU A 377 -13.78 22.06 21.69
CA GLU A 377 -14.00 23.31 20.97
C GLU A 377 -15.38 23.30 20.32
N GLY A 378 -16.17 22.28 20.63
CA GLY A 378 -17.50 22.18 20.08
C GLY A 378 -17.60 22.18 18.57
N ILE A 379 -16.52 21.81 17.88
CA ILE A 379 -16.53 21.76 16.42
C ILE A 379 -17.24 20.49 15.94
N GLU A 380 -18.21 20.64 15.04
CA GLU A 380 -18.93 19.48 14.50
C GLU A 380 -18.04 18.82 13.46
N TYR A 381 -17.95 17.49 13.50
CA TYR A 381 -17.08 16.80 12.56
C TYR A 381 -17.52 15.45 12.02
N LYS A 382 -16.76 15.00 11.03
CA LYS A 382 -16.98 13.71 10.35
C LYS A 382 -15.73 12.85 10.59
N VAL A 383 -15.91 11.53 10.66
CA VAL A 383 -14.79 10.64 10.88
C VAL A 383 -14.56 9.67 9.71
N GLY A 384 -13.30 9.59 9.26
CA GLY A 384 -12.97 8.66 8.20
C GLY A 384 -11.91 7.68 8.72
N LYS A 385 -12.21 6.39 8.67
CA LYS A 385 -11.26 5.38 9.14
C LYS A 385 -10.96 4.34 8.05
N PHE A 386 -9.72 3.88 8.01
CA PHE A 386 -9.29 2.83 7.06
C PHE A 386 -8.21 1.97 7.71
N PRO A 387 -8.51 0.70 7.99
CA PRO A 387 -7.58 -0.24 8.62
C PRO A 387 -6.45 -0.73 7.70
N PHE A 388 -5.22 -0.75 8.23
CA PHE A 388 -4.09 -1.21 7.42
C PHE A 388 -4.28 -2.64 6.97
N ALA A 389 -5.12 -3.39 7.67
CA ALA A 389 -5.40 -4.77 7.30
C ALA A 389 -6.09 -4.83 5.93
N ALA A 390 -6.60 -3.68 5.50
CA ALA A 390 -7.28 -3.55 4.23
C ALA A 390 -6.39 -2.89 3.17
N ASN A 391 -5.18 -2.52 3.54
CA ASN A 391 -4.25 -1.88 2.61
C ASN A 391 -3.31 -2.93 2.00
N SER A 392 -3.13 -2.86 0.68
CA SER A 392 -2.30 -3.82 -0.06
C SER A 392 -0.84 -3.93 0.32
N ARG A 393 -0.15 -2.82 0.42
CA ARG A 393 1.25 -2.91 0.77
C ARG A 393 1.41 -3.49 2.19
N ALA A 394 0.55 -3.08 3.11
CA ALA A 394 0.63 -3.57 4.48
C ALA A 394 0.34 -5.06 4.54
N LYS A 395 -0.70 -5.51 3.84
CA LYS A 395 -1.04 -6.93 3.83
C LYS A 395 0.05 -7.73 3.11
N THR A 396 0.61 -7.15 2.05
CA THR A 396 1.67 -7.85 1.32
C THR A 396 2.87 -8.04 2.20
N ASN A 397 3.16 -7.03 3.04
CA ASN A 397 4.32 -7.08 3.93
C ASN A 397 4.02 -7.87 5.17
N ALA A 398 2.77 -8.25 5.35
CA ALA A 398 2.33 -8.98 6.53
C ALA A 398 2.60 -8.12 7.78
N ASP A 399 2.26 -6.85 7.69
CA ASP A 399 2.44 -5.88 8.79
C ASP A 399 1.16 -5.02 8.71
N THR A 400 0.08 -5.51 9.34
CA THR A 400 -1.22 -4.88 9.23
C THR A 400 -1.90 -4.21 10.40
N ASP A 401 -1.20 -4.01 11.51
CA ASP A 401 -1.78 -3.34 12.68
C ASP A 401 -2.25 -1.90 12.45
N GLY A 402 -3.27 -1.50 13.20
CA GLY A 402 -3.74 -0.13 13.13
C GLY A 402 -4.64 0.35 12.03
N MET A 403 -4.64 1.66 11.86
CA MET A 403 -5.51 2.30 10.87
C MET A 403 -5.11 3.74 10.70
N VAL A 404 -5.81 4.40 9.78
CA VAL A 404 -5.62 5.82 9.58
C VAL A 404 -7.01 6.40 9.87
N LYS A 405 -7.06 7.39 10.75
CA LYS A 405 -8.32 8.04 11.09
C LYS A 405 -8.20 9.50 10.73
N ILE A 406 -9.15 9.94 9.92
CA ILE A 406 -9.21 11.31 9.45
C ILE A 406 -10.40 12.04 10.08
N LEU A 407 -10.17 13.26 10.54
CA LEU A 407 -11.24 14.07 11.13
C LEU A 407 -11.53 15.28 10.22
N GLY A 408 -12.75 15.32 9.68
CA GLY A 408 -13.11 16.43 8.81
C GLY A 408 -14.24 17.29 9.34
N GLN A 409 -14.18 18.59 9.03
CA GLN A 409 -15.17 19.58 9.44
C GLN A 409 -16.51 19.12 8.82
N LYS A 410 -17.48 18.82 9.67
CA LYS A 410 -18.76 18.30 9.20
C LYS A 410 -19.39 18.98 7.99
N SER A 411 -19.18 20.28 7.79
CA SER A 411 -19.78 20.95 6.61
C SER A 411 -18.81 21.40 5.50
N THR A 412 -17.66 21.93 5.88
CA THR A 412 -16.67 22.39 4.88
C THR A 412 -15.73 21.29 4.38
N ASP A 413 -15.91 20.07 4.89
CA ASP A 413 -15.09 18.91 4.53
C ASP A 413 -13.59 19.22 4.61
N ARG A 414 -13.25 20.17 5.46
CA ARG A 414 -11.86 20.57 5.65
C ARG A 414 -11.21 19.55 6.60
N VAL A 415 -9.98 19.16 6.31
CA VAL A 415 -9.31 18.19 7.18
C VAL A 415 -8.92 18.88 8.47
N LEU A 416 -9.43 18.36 9.59
CA LEU A 416 -9.14 18.93 10.90
C LEU A 416 -8.06 18.13 11.66
N GLY A 417 -8.03 16.83 11.43
CA GLY A 417 -7.05 15.99 12.10
C GLY A 417 -6.75 14.70 11.35
N ALA A 418 -5.51 14.25 11.47
CA ALA A 418 -5.05 13.00 10.85
C ALA A 418 -4.27 12.23 11.90
N HIS A 419 -4.76 11.04 12.22
CA HIS A 419 -4.16 10.18 13.23
C HIS A 419 -3.79 8.84 12.61
N ILE A 420 -2.52 8.46 12.76
CA ILE A 420 -2.03 7.23 12.16
C ILE A 420 -1.36 6.27 13.14
N LEU A 421 -1.88 5.05 13.16
CA LEU A 421 -1.33 4.02 14.01
C LEU A 421 -1.05 2.83 13.10
N GLY A 422 0.22 2.50 12.94
CA GLY A 422 0.54 1.37 12.07
C GLY A 422 1.82 1.59 11.32
N PRO A 423 2.07 0.79 10.26
CA PRO A 423 3.26 0.83 9.39
C PRO A 423 3.49 2.18 8.74
N GLY A 424 4.71 2.72 8.86
CA GLY A 424 5.04 3.97 8.23
C GLY A 424 4.35 5.24 8.69
N ALA A 425 3.69 5.21 9.83
CA ALA A 425 2.97 6.37 10.35
C ALA A 425 3.86 7.59 10.38
N GLY A 426 5.09 7.39 10.85
CA GLY A 426 6.06 8.48 10.94
C GLY A 426 6.28 9.31 9.68
N GLU A 427 6.47 8.62 8.56
CA GLU A 427 6.69 9.28 7.27
C GLU A 427 5.38 9.79 6.71
N MET A 428 4.33 8.98 6.84
CA MET A 428 3.02 9.31 6.31
C MET A 428 2.46 10.63 6.86
N VAL A 429 2.70 10.91 8.14
CA VAL A 429 2.18 12.12 8.77
C VAL A 429 2.65 13.41 8.08
N ASN A 430 3.71 13.34 7.29
CA ASN A 430 4.19 14.55 6.61
C ASN A 430 3.33 14.89 5.40
N GLU A 431 2.69 13.87 4.82
CA GLU A 431 1.80 14.12 3.71
C GLU A 431 0.62 14.82 4.38
N ALA A 432 0.28 14.35 5.58
CA ALA A 432 -0.83 14.91 6.37
C ALA A 432 -0.51 16.36 6.74
N ALA A 433 0.70 16.60 7.23
CA ALA A 433 1.12 17.96 7.60
C ALA A 433 0.98 18.90 6.41
N LEU A 434 1.54 18.51 5.27
CA LEU A 434 1.48 19.35 4.08
C LEU A 434 0.04 19.68 3.71
N ALA A 435 -0.85 18.70 3.83
CA ALA A 435 -2.26 18.92 3.50
C ALA A 435 -2.88 20.00 4.42
N LEU A 436 -2.58 19.93 5.71
CA LEU A 436 -3.13 20.91 6.64
C LEU A 436 -2.60 22.32 6.35
N GLU A 437 -1.32 22.44 6.02
CA GLU A 437 -0.71 23.73 5.69
C GLU A 437 -1.36 24.35 4.44
N TYR A 438 -2.06 23.52 3.67
CA TYR A 438 -2.76 23.98 2.47
C TYR A 438 -4.25 24.06 2.77
N GLY A 439 -4.62 23.79 4.02
CA GLY A 439 -6.02 23.83 4.40
C GLY A 439 -6.84 22.84 3.59
N ALA A 440 -6.20 21.73 3.21
CA ALA A 440 -6.86 20.72 2.41
C ALA A 440 -8.19 20.20 2.98
N SER A 441 -8.95 19.59 2.09
CA SER A 441 -10.23 18.99 2.40
C SER A 441 -10.00 17.51 2.17
N CYS A 442 -10.88 16.66 2.70
CA CYS A 442 -10.76 15.23 2.51
C CYS A 442 -10.79 14.94 1.02
N GLU A 443 -11.64 15.68 0.33
CA GLU A 443 -11.81 15.59 -1.11
C GLU A 443 -10.48 15.80 -1.82
N ASP A 444 -9.79 16.89 -1.49
CA ASP A 444 -8.48 17.20 -2.11
C ASP A 444 -7.54 16.00 -2.12
N ILE A 445 -7.37 15.41 -0.94
CA ILE A 445 -6.49 14.25 -0.76
C ILE A 445 -7.05 13.06 -1.52
N ALA A 446 -8.34 12.81 -1.35
CA ALA A 446 -8.99 11.70 -2.02
C ALA A 446 -8.73 11.75 -3.53
N ARG A 447 -8.65 12.96 -4.09
CA ARG A 447 -8.41 13.17 -5.51
C ARG A 447 -7.01 12.77 -5.97
N VAL A 448 -5.99 13.15 -5.20
CA VAL A 448 -4.61 12.84 -5.55
C VAL A 448 -4.36 11.36 -5.86
N CYS A 449 -3.62 11.09 -6.93
CA CYS A 449 -3.31 9.72 -7.31
C CYS A 449 -2.13 9.23 -6.44
N HIS A 450 -2.36 8.21 -5.63
CA HIS A 450 -1.31 7.66 -4.77
C HIS A 450 -0.79 6.38 -5.41
N ALA A 451 0.52 6.18 -5.38
CA ALA A 451 1.12 4.99 -5.95
C ALA A 451 0.55 3.71 -5.31
N HIS A 452 0.36 2.68 -6.14
CA HIS A 452 -0.14 1.39 -5.66
C HIS A 452 0.97 0.36 -5.98
N PRO A 453 1.36 -0.43 -4.97
CA PRO A 453 0.80 -0.39 -3.63
C PRO A 453 1.67 0.43 -2.67
N THR A 454 1.04 1.26 -1.84
CA THR A 454 1.74 2.04 -0.83
C THR A 454 0.86 2.16 0.42
N LEU A 455 1.51 2.33 1.58
CA LEU A 455 0.80 2.48 2.82
C LEU A 455 -0.03 3.77 2.75
N SER A 456 0.46 4.78 2.03
CA SER A 456 -0.23 6.07 1.93
C SER A 456 -1.63 5.95 1.36
N GLU A 457 -1.89 4.86 0.63
CA GLU A 457 -3.21 4.65 0.08
C GLU A 457 -4.24 4.53 1.20
N ALA A 458 -3.79 4.12 2.39
CA ALA A 458 -4.70 3.99 3.54
C ALA A 458 -5.13 5.40 3.96
N PHE A 459 -4.20 6.34 3.83
CA PHE A 459 -4.45 7.75 4.18
C PHE A 459 -5.42 8.35 3.17
N ARG A 460 -5.19 8.03 1.89
CA ARG A 460 -6.02 8.52 0.81
C ARG A 460 -7.43 8.02 0.99
N GLU A 461 -7.56 6.72 1.23
CA GLU A 461 -8.85 6.11 1.38
C GLU A 461 -9.61 6.47 2.66
N ALA A 462 -8.88 6.81 3.72
CA ALA A 462 -9.55 7.21 4.94
C ALA A 462 -10.16 8.57 4.63
N ASN A 463 -9.44 9.36 3.83
CA ASN A 463 -9.92 10.68 3.45
C ASN A 463 -11.16 10.55 2.56
N LEU A 464 -11.15 9.55 1.68
CA LEU A 464 -12.30 9.30 0.80
C LEU A 464 -13.51 8.88 1.66
N ALA A 465 -13.29 8.02 2.64
CA ALA A 465 -14.36 7.58 3.52
C ALA A 465 -14.98 8.72 4.34
N ALA A 466 -14.20 9.77 4.58
CA ALA A 466 -14.67 10.91 5.36
C ALA A 466 -15.55 11.80 4.50
N SER A 467 -15.01 12.12 3.33
CA SER A 467 -15.58 12.97 2.30
C SER A 467 -16.83 12.43 1.64
N PHE A 468 -16.67 11.27 1.03
CA PHE A 468 -17.71 10.59 0.28
C PHE A 468 -18.53 9.70 1.19
N GLY A 469 -17.95 9.26 2.30
CA GLY A 469 -18.69 8.40 3.21
C GLY A 469 -18.39 6.91 3.07
N LYS A 470 -17.64 6.56 2.03
CA LYS A 470 -17.26 5.16 1.79
C LYS A 470 -15.91 5.16 1.08
N SER A 471 -15.10 4.17 1.40
CA SER A 471 -13.80 4.04 0.77
C SER A 471 -14.02 3.00 -0.32
N ILE A 472 -12.97 2.62 -1.02
CA ILE A 472 -13.10 1.63 -2.09
C ILE A 472 -12.84 0.23 -1.54
N ASN A 473 -11.72 0.08 -0.87
CA ASN A 473 -11.30 -1.20 -0.35
C ASN A 473 -11.74 -1.57 1.06
N PHE A 474 -12.71 -0.84 1.60
CA PHE A 474 -13.19 -1.18 2.93
C PHE A 474 -14.61 -0.66 3.21
N PRO B 4 -30.34 -14.90 -18.19
CA PRO B 4 -29.89 -13.66 -18.88
C PRO B 4 -30.30 -12.41 -18.11
N ILE B 5 -29.32 -11.71 -17.52
CA ILE B 5 -29.58 -10.51 -16.72
C ILE B 5 -29.15 -9.21 -17.39
N ASP B 6 -29.52 -8.10 -16.75
CA ASP B 6 -29.19 -6.78 -17.27
C ASP B 6 -28.69 -5.84 -16.18
N ALA B 7 -28.05 -4.75 -16.59
CA ALA B 7 -27.50 -3.77 -15.66
C ALA B 7 -27.16 -2.48 -16.37
N ASP B 8 -26.74 -1.48 -15.60
CA ASP B 8 -26.38 -0.19 -16.16
C ASP B 8 -24.95 -0.17 -16.65
N VAL B 9 -24.06 -0.78 -15.86
CA VAL B 9 -22.66 -0.84 -16.25
C VAL B 9 -22.08 -2.23 -16.06
N THR B 10 -21.45 -2.72 -17.12
CA THR B 10 -20.82 -4.04 -17.12
C THR B 10 -19.32 -3.84 -17.34
N VAL B 11 -18.54 -4.27 -16.36
CA VAL B 11 -17.09 -4.14 -16.48
C VAL B 11 -16.47 -5.50 -16.78
N ILE B 12 -15.69 -5.54 -17.85
CA ILE B 12 -15.01 -6.76 -18.28
C ILE B 12 -13.56 -6.65 -17.80
N GLY B 13 -13.24 -7.44 -16.79
CA GLY B 13 -11.89 -7.42 -16.21
C GLY B 13 -11.93 -6.92 -14.77
N SER B 14 -11.46 -7.75 -13.84
CA SER B 14 -11.46 -7.39 -12.42
C SER B 14 -10.09 -7.04 -11.81
N GLY B 15 -9.25 -6.36 -12.59
CA GLY B 15 -7.94 -5.96 -12.10
C GLY B 15 -8.05 -4.61 -11.43
N PRO B 16 -6.92 -3.93 -11.14
CA PRO B 16 -6.91 -2.61 -10.50
C PRO B 16 -7.96 -1.64 -11.06
N GLY B 17 -7.96 -1.46 -12.38
CA GLY B 17 -8.93 -0.56 -12.99
C GLY B 17 -10.33 -1.13 -13.00
N GLY B 18 -10.45 -2.41 -13.33
CA GLY B 18 -11.75 -3.05 -13.40
C GLY B 18 -12.58 -3.21 -12.13
N TYR B 19 -12.01 -3.83 -11.10
CA TYR B 19 -12.73 -4.06 -9.85
C TYR B 19 -12.98 -2.76 -9.06
N VAL B 20 -12.11 -1.78 -9.20
CA VAL B 20 -12.25 -0.50 -8.54
C VAL B 20 -13.38 0.28 -9.23
N ALA B 21 -13.38 0.26 -10.56
CA ALA B 21 -14.39 0.92 -11.34
C ALA B 21 -15.76 0.32 -11.02
N ALA B 22 -15.81 -1.02 -10.95
CA ALA B 22 -17.06 -1.73 -10.66
C ALA B 22 -17.65 -1.38 -9.31
N ILE B 23 -16.79 -1.28 -8.29
CA ILE B 23 -17.24 -0.94 -6.93
C ILE B 23 -17.72 0.49 -6.79
N LYS B 24 -17.06 1.43 -7.47
CA LYS B 24 -17.44 2.83 -7.39
C LYS B 24 -18.76 3.02 -8.12
N ALA B 25 -18.99 2.21 -9.14
CA ALA B 25 -20.22 2.29 -9.93
C ALA B 25 -21.44 1.93 -9.10
N ALA B 26 -21.37 0.79 -8.41
CA ALA B 26 -22.48 0.36 -7.56
C ALA B 26 -22.64 1.40 -6.46
N GLN B 27 -21.53 2.02 -6.08
CA GLN B 27 -21.50 3.04 -5.04
C GLN B 27 -22.09 4.35 -5.55
N LEU B 28 -22.41 4.41 -6.83
CA LEU B 28 -23.00 5.62 -7.38
C LEU B 28 -24.38 5.25 -7.95
N GLY B 29 -24.97 4.20 -7.39
CA GLY B 29 -26.29 3.76 -7.82
C GLY B 29 -26.41 2.91 -9.07
N PHE B 30 -25.33 2.75 -9.82
CA PHE B 30 -25.38 1.93 -11.04
C PHE B 30 -25.51 0.45 -10.72
N LYS B 31 -26.44 -0.23 -11.38
CA LYS B 31 -26.58 -1.67 -11.20
C LYS B 31 -25.32 -2.12 -11.94
N THR B 32 -24.43 -2.85 -11.25
CA THR B 32 -23.16 -3.24 -11.85
C THR B 32 -22.79 -4.72 -11.85
N VAL B 33 -22.21 -5.16 -12.96
CA VAL B 33 -21.76 -6.53 -13.08
C VAL B 33 -20.31 -6.49 -13.52
N CYS B 34 -19.53 -7.43 -13.00
CA CYS B 34 -18.12 -7.53 -13.35
C CYS B 34 -17.83 -8.94 -13.84
N ILE B 35 -17.17 -9.04 -14.99
CA ILE B 35 -16.87 -10.34 -15.56
C ILE B 35 -15.36 -10.57 -15.56
N GLU B 36 -14.96 -11.76 -15.12
CA GLU B 36 -13.55 -12.16 -15.06
C GLU B 36 -13.37 -13.60 -15.53
N LYS B 37 -12.39 -13.81 -16.40
CA LYS B 37 -12.12 -15.13 -16.94
C LYS B 37 -11.33 -16.03 -15.97
N ASN B 38 -10.40 -15.44 -15.22
CA ASN B 38 -9.59 -16.20 -14.26
C ASN B 38 -10.36 -16.67 -13.03
N GLU B 39 -9.82 -17.68 -12.34
CA GLU B 39 -10.47 -18.23 -11.15
C GLU B 39 -10.52 -17.27 -9.96
N THR B 40 -9.71 -16.22 -10.02
CA THR B 40 -9.69 -15.23 -8.95
C THR B 40 -9.77 -13.84 -9.55
N LEU B 41 -10.21 -12.91 -8.70
CA LEU B 41 -10.34 -11.52 -9.11
C LEU B 41 -9.02 -10.82 -8.80
N GLY B 42 -8.88 -9.58 -9.23
CA GLY B 42 -7.67 -8.87 -8.94
C GLY B 42 -6.77 -8.62 -10.13
N GLY B 43 -6.94 -9.41 -11.18
CA GLY B 43 -6.13 -9.16 -12.36
C GLY B 43 -4.65 -9.46 -12.22
N THR B 44 -3.86 -8.77 -13.02
CA THR B 44 -2.42 -8.96 -13.05
C THR B 44 -1.74 -8.57 -11.74
N CYS B 45 -1.92 -7.30 -11.35
CA CYS B 45 -1.35 -6.72 -10.14
C CYS B 45 -1.45 -7.62 -8.92
N LEU B 46 -2.66 -8.08 -8.65
CA LEU B 46 -2.89 -8.93 -7.50
C LEU B 46 -2.39 -10.37 -7.62
N ASN B 47 -2.59 -11.00 -8.78
CA ASN B 47 -2.22 -12.39 -8.94
C ASN B 47 -0.83 -12.76 -9.41
N VAL B 48 -0.26 -11.96 -10.31
CA VAL B 48 1.07 -12.23 -10.84
C VAL B 48 1.82 -10.93 -11.06
N GLY B 49 1.41 -9.88 -10.38
CA GLY B 49 2.07 -8.61 -10.59
C GLY B 49 2.64 -7.93 -9.37
N CYS B 50 2.10 -6.74 -9.09
CA CYS B 50 2.53 -5.91 -7.98
C CYS B 50 2.69 -6.65 -6.64
N ILE B 51 1.58 -7.21 -6.17
CA ILE B 51 1.54 -7.88 -4.89
C ILE B 51 2.56 -8.99 -4.67
N PRO B 52 2.52 -10.05 -5.49
CA PRO B 52 3.51 -11.12 -5.26
C PRO B 52 4.95 -10.65 -5.38
N SER B 53 5.21 -9.70 -6.27
CA SER B 53 6.58 -9.21 -6.39
C SER B 53 7.02 -8.38 -5.19
N LYS B 54 6.12 -7.57 -4.64
CA LYS B 54 6.49 -6.77 -3.46
C LYS B 54 6.71 -7.71 -2.27
N ALA B 55 5.91 -8.77 -2.16
CA ALA B 55 6.10 -9.72 -1.08
C ALA B 55 7.53 -10.32 -1.13
N LEU B 56 7.99 -10.70 -2.33
CA LEU B 56 9.33 -11.29 -2.49
C LEU B 56 10.43 -10.27 -2.33
N LEU B 57 10.16 -9.05 -2.74
CA LEU B 57 11.14 -8.00 -2.58
C LEU B 57 11.34 -7.74 -1.07
N ASN B 58 10.24 -7.72 -0.34
CA ASN B 58 10.25 -7.48 1.11
C ASN B 58 11.00 -8.61 1.79
N ASN B 59 10.59 -9.84 1.51
CA ASN B 59 11.22 -10.99 2.12
C ASN B 59 12.69 -11.16 1.74
N SER B 60 13.00 -10.99 0.45
CA SER B 60 14.40 -11.16 0.04
C SER B 60 15.27 -10.05 0.64
N HIS B 61 14.70 -8.86 0.81
CA HIS B 61 15.48 -7.79 1.43
C HIS B 61 15.83 -8.15 2.88
N TYR B 62 14.85 -8.70 3.61
CA TYR B 62 15.11 -9.10 4.99
C TYR B 62 16.13 -10.24 5.02
N TYR B 63 16.00 -11.17 4.08
CA TYR B 63 16.93 -12.30 4.00
C TYR B 63 18.35 -11.74 3.84
N HIS B 64 18.51 -10.78 2.94
CA HIS B 64 19.81 -10.19 2.70
C HIS B 64 20.38 -9.46 3.94
N MET B 65 19.54 -8.75 4.68
CA MET B 65 20.01 -8.04 5.88
C MET B 65 20.50 -9.04 6.92
N ALA B 66 19.79 -10.17 7.04
CA ALA B 66 20.17 -11.17 8.01
C ALA B 66 21.34 -12.02 7.56
N HIS B 67 21.32 -12.41 6.28
CA HIS B 67 22.37 -13.26 5.75
C HIS B 67 23.67 -12.51 5.51
N GLY B 68 23.56 -11.25 5.13
CA GLY B 68 24.75 -10.44 4.87
C GLY B 68 25.37 -9.82 6.11
N THR B 69 25.87 -8.59 5.98
CA THR B 69 26.53 -7.93 7.09
C THR B 69 25.67 -6.95 7.90
N ASP B 70 24.48 -6.64 7.42
CA ASP B 70 23.68 -5.66 8.15
C ASP B 70 23.35 -6.00 9.59
N PHE B 71 22.72 -7.15 9.79
CA PHE B 71 22.31 -7.55 11.14
C PHE B 71 23.47 -7.73 12.07
N ALA B 72 24.57 -8.26 11.57
CA ALA B 72 25.72 -8.44 12.40
C ALA B 72 26.22 -7.07 12.88
N SER B 73 26.13 -6.05 12.02
CA SER B 73 26.61 -4.75 12.42
C SER B 73 25.73 -4.16 13.53
N ARG B 74 24.54 -4.73 13.72
CA ARG B 74 23.63 -4.22 14.75
C ARG B 74 23.61 -5.04 16.03
N GLY B 75 24.53 -6.00 16.15
CA GLY B 75 24.55 -6.82 17.34
C GLY B 75 23.56 -7.98 17.27
N ILE B 76 22.99 -8.24 16.08
CA ILE B 76 22.05 -9.35 15.93
C ILE B 76 22.87 -10.50 15.29
N GLU B 77 23.36 -11.42 16.13
CA GLU B 77 24.22 -12.51 15.68
C GLU B 77 23.54 -13.84 15.43
N MET B 78 23.88 -14.45 14.30
CA MET B 78 23.34 -15.75 13.94
C MET B 78 24.48 -16.60 13.45
N SER B 79 24.54 -17.84 13.93
CA SER B 79 25.58 -18.76 13.51
C SER B 79 25.36 -19.03 12.01
N GLU B 80 24.13 -19.37 11.64
CA GLU B 80 23.83 -19.60 10.24
C GLU B 80 22.47 -19.06 9.89
N VAL B 81 22.34 -18.62 8.65
CA VAL B 81 21.10 -18.09 8.13
C VAL B 81 20.86 -18.78 6.80
N ARG B 82 19.72 -19.44 6.67
CA ARG B 82 19.44 -20.13 5.41
C ARG B 82 18.04 -19.85 4.91
N LEU B 83 17.90 -20.05 3.62
CA LEU B 83 16.66 -19.80 2.92
C LEU B 83 15.72 -21.00 2.81
N ASN B 84 14.47 -20.81 3.24
CA ASN B 84 13.46 -21.84 3.11
C ASN B 84 12.55 -21.21 2.07
N LEU B 85 12.91 -21.38 0.80
CA LEU B 85 12.19 -20.77 -0.31
C LEU B 85 10.70 -21.10 -0.34
N ASP B 86 10.34 -22.35 -0.06
CA ASP B 86 8.94 -22.75 -0.04
C ASP B 86 8.17 -21.87 0.93
N LYS B 87 8.73 -21.69 2.12
CA LYS B 87 8.11 -20.88 3.15
C LYS B 87 8.01 -19.42 2.71
N MET B 88 9.05 -18.91 2.05
CA MET B 88 9.04 -17.53 1.58
C MET B 88 7.97 -17.37 0.51
N MET B 89 7.79 -18.41 -0.30
CA MET B 89 6.80 -18.38 -1.36
C MET B 89 5.41 -18.48 -0.74
N GLU B 90 5.32 -19.24 0.33
CA GLU B 90 4.05 -19.38 1.03
C GLU B 90 3.56 -18.04 1.61
N GLN B 91 4.47 -17.23 2.14
CA GLN B 91 4.07 -15.95 2.70
C GLN B 91 3.46 -15.10 1.58
N LYS B 92 4.12 -15.11 0.42
CA LYS B 92 3.66 -14.36 -0.74
C LYS B 92 2.26 -14.80 -1.18
N SER B 93 2.09 -16.11 -1.39
CA SER B 93 0.80 -16.60 -1.83
C SER B 93 -0.29 -16.44 -0.75
N THR B 94 0.10 -16.52 0.52
CA THR B 94 -0.88 -16.33 1.57
C THR B 94 -1.40 -14.91 1.46
N ALA B 95 -0.51 -13.98 1.14
CA ALA B 95 -0.91 -12.60 0.99
C ALA B 95 -1.84 -12.44 -0.22
N VAL B 96 -1.44 -12.99 -1.36
CA VAL B 96 -2.26 -12.90 -2.57
C VAL B 96 -3.67 -13.46 -2.35
N LYS B 97 -3.76 -14.67 -1.79
CA LYS B 97 -5.04 -15.31 -1.55
C LYS B 97 -5.94 -14.51 -0.62
N ALA B 98 -5.36 -13.86 0.38
CA ALA B 98 -6.14 -13.06 1.30
C ALA B 98 -6.71 -11.86 0.57
N LEU B 99 -5.90 -11.23 -0.27
CA LEU B 99 -6.33 -10.05 -1.02
C LEU B 99 -7.34 -10.37 -2.14
N THR B 100 -7.31 -11.59 -2.66
CA THR B 100 -8.27 -11.95 -3.71
C THR B 100 -9.62 -12.14 -3.03
N GLY B 101 -9.64 -12.85 -1.91
CA GLY B 101 -10.89 -13.04 -1.20
C GLY B 101 -11.46 -11.68 -0.82
N GLY B 102 -10.56 -10.73 -0.60
CA GLY B 102 -10.96 -9.38 -0.24
C GLY B 102 -11.75 -8.68 -1.33
N ILE B 103 -11.29 -8.77 -2.56
CA ILE B 103 -12.01 -8.14 -3.67
C ILE B 103 -13.41 -8.76 -3.71
N ALA B 104 -13.43 -10.09 -3.62
CA ALA B 104 -14.68 -10.84 -3.62
C ALA B 104 -15.63 -10.22 -2.62
N HIS B 105 -15.24 -10.28 -1.34
CA HIS B 105 -16.04 -9.73 -0.26
C HIS B 105 -16.47 -8.29 -0.54
N LEU B 106 -15.59 -7.49 -1.15
CA LEU B 106 -15.94 -6.11 -1.45
C LEU B 106 -17.04 -6.03 -2.50
N PHE B 107 -17.12 -7.01 -3.39
CA PHE B 107 -18.16 -7.04 -4.40
C PHE B 107 -19.48 -7.44 -3.71
N LYS B 108 -19.42 -8.46 -2.85
CA LYS B 108 -20.61 -8.88 -2.13
C LYS B 108 -21.14 -7.67 -1.39
N GLN B 109 -20.26 -7.04 -0.63
CA GLN B 109 -20.60 -5.85 0.17
C GLN B 109 -21.24 -4.72 -0.62
N ASN B 110 -20.63 -4.34 -1.75
CA ASN B 110 -21.18 -3.25 -2.57
C ASN B 110 -22.20 -3.72 -3.58
N LYS B 111 -22.64 -4.97 -3.44
CA LYS B 111 -23.61 -5.58 -4.35
C LYS B 111 -23.29 -5.47 -5.85
N VAL B 112 -22.01 -5.66 -6.18
CA VAL B 112 -21.54 -5.65 -7.56
C VAL B 112 -21.58 -7.12 -7.94
N VAL B 113 -22.38 -7.46 -8.95
CA VAL B 113 -22.50 -8.87 -9.38
C VAL B 113 -21.32 -9.36 -10.22
N HIS B 114 -20.82 -10.54 -9.85
CA HIS B 114 -19.67 -11.16 -10.49
C HIS B 114 -20.01 -12.36 -11.36
N VAL B 115 -19.68 -12.25 -12.64
CA VAL B 115 -19.90 -13.33 -13.62
C VAL B 115 -18.55 -13.94 -14.01
N ASN B 116 -18.42 -15.26 -13.91
CA ASN B 116 -17.18 -15.93 -14.24
C ASN B 116 -17.06 -16.46 -15.65
N GLY B 117 -16.38 -15.72 -16.51
CA GLY B 117 -16.21 -16.19 -17.87
C GLY B 117 -15.52 -15.20 -18.77
N TYR B 118 -15.20 -15.65 -19.97
CA TYR B 118 -14.54 -14.81 -20.97
C TYR B 118 -15.64 -13.98 -21.60
N GLY B 119 -15.59 -12.67 -21.39
CA GLY B 119 -16.61 -11.80 -21.92
C GLY B 119 -16.34 -11.29 -23.33
N LYS B 120 -17.36 -11.38 -24.18
CA LYS B 120 -17.25 -10.88 -25.54
C LYS B 120 -18.39 -9.90 -25.80
N ILE B 121 -18.05 -8.70 -26.23
CA ILE B 121 -19.05 -7.67 -26.51
C ILE B 121 -19.90 -8.06 -27.71
N THR B 122 -21.07 -8.62 -27.44
CA THR B 122 -21.99 -9.04 -28.48
C THR B 122 -23.08 -7.99 -28.70
N GLY B 123 -22.70 -6.82 -29.19
CA GLY B 123 -23.66 -5.76 -29.43
C GLY B 123 -23.44 -4.52 -28.57
N LYS B 124 -23.63 -3.34 -29.15
CA LYS B 124 -23.43 -2.08 -28.44
C LYS B 124 -23.94 -2.07 -27.00
N ASN B 125 -25.00 -2.82 -26.74
CA ASN B 125 -25.56 -2.88 -25.39
C ASN B 125 -25.78 -4.28 -24.86
N GLN B 126 -24.91 -5.20 -25.27
CA GLN B 126 -24.94 -6.59 -24.80
C GLN B 126 -23.53 -7.15 -24.69
N VAL B 127 -23.28 -7.92 -23.63
CA VAL B 127 -21.99 -8.56 -23.42
C VAL B 127 -22.27 -10.02 -23.09
N THR B 128 -21.51 -10.92 -23.71
CA THR B 128 -21.69 -12.34 -23.44
C THR B 128 -20.39 -12.99 -22.97
N ALA B 129 -20.51 -13.65 -21.81
CA ALA B 129 -19.39 -14.33 -21.18
C ALA B 129 -19.58 -15.85 -21.29
N THR B 130 -18.48 -16.57 -21.51
CA THR B 130 -18.55 -18.02 -21.63
C THR B 130 -17.60 -18.73 -20.68
N LYS B 131 -18.15 -19.64 -19.87
CA LYS B 131 -17.37 -20.40 -18.90
C LYS B 131 -16.53 -21.52 -19.50
N ALA B 132 -15.96 -22.34 -18.61
CA ALA B 132 -15.12 -23.47 -19.00
C ALA B 132 -15.98 -24.61 -19.56
N ASP B 133 -16.90 -25.10 -18.74
CA ASP B 133 -17.79 -26.19 -19.13
C ASP B 133 -18.44 -25.92 -20.49
N GLY B 134 -18.58 -24.64 -20.83
CA GLY B 134 -19.19 -24.28 -22.11
C GLY B 134 -20.38 -23.36 -21.93
N GLY B 135 -20.93 -23.33 -20.72
CA GLY B 135 -22.08 -22.49 -20.43
C GLY B 135 -21.87 -21.04 -20.83
N THR B 136 -22.90 -20.23 -20.68
CA THR B 136 -22.80 -18.83 -21.04
C THR B 136 -23.80 -17.94 -20.30
N GLN B 137 -23.43 -16.67 -20.16
CA GLN B 137 -24.27 -15.69 -19.48
C GLN B 137 -24.46 -14.48 -20.39
N VAL B 138 -25.71 -14.07 -20.58
CA VAL B 138 -26.01 -12.93 -21.42
C VAL B 138 -26.16 -11.72 -20.50
N ILE B 139 -25.53 -10.61 -20.86
CA ILE B 139 -25.63 -9.41 -20.03
C ILE B 139 -26.00 -8.18 -20.85
N ASP B 140 -27.22 -7.69 -20.65
CA ASP B 140 -27.68 -6.51 -21.37
C ASP B 140 -27.41 -5.29 -20.51
N THR B 141 -26.66 -4.35 -21.06
CA THR B 141 -26.31 -3.14 -20.32
C THR B 141 -26.29 -1.90 -21.19
N LYS B 142 -26.60 -0.78 -20.57
CA LYS B 142 -26.61 0.50 -21.24
C LYS B 142 -25.17 0.91 -21.46
N ASN B 143 -24.32 0.49 -20.54
CA ASN B 143 -22.89 0.79 -20.63
C ASN B 143 -22.01 -0.44 -20.47
N ILE B 144 -20.87 -0.40 -21.15
CA ILE B 144 -19.89 -1.47 -21.11
C ILE B 144 -18.54 -0.84 -20.85
N LEU B 145 -17.89 -1.30 -19.78
CA LEU B 145 -16.57 -0.80 -19.41
C LEU B 145 -15.53 -1.90 -19.60
N ILE B 146 -14.61 -1.70 -20.55
CA ILE B 146 -13.57 -2.68 -20.81
C ILE B 146 -12.24 -2.32 -20.15
N ALA B 147 -11.84 -3.19 -19.22
CA ALA B 147 -10.60 -3.04 -18.47
C ALA B 147 -9.97 -4.42 -18.51
N THR B 148 -9.67 -4.86 -19.73
CA THR B 148 -9.11 -6.17 -19.98
C THR B 148 -7.59 -6.26 -19.74
N GLY B 149 -7.00 -5.10 -19.43
CA GLY B 149 -5.58 -5.01 -19.11
C GLY B 149 -4.52 -5.40 -20.12
N SER B 150 -3.49 -6.09 -19.63
CA SER B 150 -2.38 -6.48 -20.47
C SER B 150 -1.90 -7.92 -20.31
N GLU B 151 -0.84 -8.22 -21.04
CA GLU B 151 -0.20 -9.53 -21.03
C GLU B 151 1.28 -9.30 -21.29
N VAL B 152 2.10 -10.30 -20.98
CA VAL B 152 3.54 -10.20 -21.21
C VAL B 152 3.82 -10.08 -22.71
N THR B 153 4.77 -9.23 -23.08
CA THR B 153 5.16 -9.07 -24.49
C THR B 153 6.19 -10.16 -24.84
N PRO B 154 5.85 -11.08 -25.74
CA PRO B 154 6.83 -12.12 -26.07
C PRO B 154 8.04 -11.65 -26.84
N PHE B 155 9.14 -12.39 -26.72
CA PHE B 155 10.38 -12.07 -27.40
C PHE B 155 10.48 -12.96 -28.64
N PRO B 156 10.72 -12.35 -29.82
CA PRO B 156 10.82 -13.07 -31.10
C PRO B 156 11.96 -14.07 -31.14
N GLY B 157 11.61 -15.34 -31.37
CA GLY B 157 12.63 -16.38 -31.46
C GLY B 157 12.83 -17.19 -30.19
N ILE B 158 12.40 -16.63 -29.07
CA ILE B 158 12.54 -17.31 -27.79
C ILE B 158 11.15 -17.57 -27.27
N THR B 159 10.88 -18.82 -26.93
CA THR B 159 9.57 -19.24 -26.44
C THR B 159 9.59 -19.45 -24.93
N ILE B 160 8.70 -18.73 -24.25
CA ILE B 160 8.58 -18.79 -22.79
C ILE B 160 7.82 -20.03 -22.40
N ASP B 161 8.42 -20.87 -21.54
CA ASP B 161 7.71 -22.06 -21.10
C ASP B 161 7.43 -22.06 -19.61
N GLU B 162 7.88 -21.02 -18.89
CA GLU B 162 7.68 -20.94 -17.44
C GLU B 162 8.36 -22.10 -16.71
N ASP B 163 9.48 -22.53 -17.27
CA ASP B 163 10.25 -23.60 -16.66
C ASP B 163 11.66 -23.02 -16.55
N THR B 164 12.47 -23.15 -17.60
CA THR B 164 13.82 -22.58 -17.57
C THR B 164 13.75 -21.21 -18.24
N ILE B 165 12.75 -21.05 -19.10
CA ILE B 165 12.55 -19.77 -19.76
C ILE B 165 11.20 -19.28 -19.24
N VAL B 166 11.28 -18.29 -18.35
CA VAL B 166 10.07 -17.76 -17.73
C VAL B 166 9.79 -16.29 -18.02
N SER B 167 8.57 -15.90 -17.74
CA SER B 167 8.18 -14.50 -17.83
C SER B 167 8.16 -14.11 -16.33
N SER B 168 7.77 -12.87 -16.03
CA SER B 168 7.69 -12.43 -14.64
C SER B 168 6.85 -13.43 -13.83
N THR B 169 5.79 -13.95 -14.43
CA THR B 169 4.92 -14.92 -13.74
C THR B 169 5.72 -16.14 -13.26
N GLY B 170 6.59 -16.65 -14.13
CA GLY B 170 7.39 -17.81 -13.76
C GLY B 170 8.48 -17.46 -12.76
N ALA B 171 9.06 -16.27 -12.91
CA ALA B 171 10.13 -15.81 -12.04
C ALA B 171 9.66 -15.65 -10.60
N LEU B 172 8.37 -15.37 -10.43
CA LEU B 172 7.77 -15.17 -9.12
C LEU B 172 7.47 -16.45 -8.39
N SER B 173 7.56 -17.58 -9.08
CA SER B 173 7.28 -18.86 -8.45
C SER B 173 8.38 -19.89 -8.67
N LEU B 174 9.60 -19.45 -8.93
CA LEU B 174 10.70 -20.39 -9.11
C LEU B 174 10.73 -21.38 -7.93
N LYS B 175 11.06 -22.63 -8.23
CA LYS B 175 11.11 -23.66 -7.19
C LYS B 175 12.44 -23.77 -6.46
N LYS B 176 13.47 -23.11 -6.96
CA LYS B 176 14.75 -23.16 -6.27
C LYS B 176 15.52 -21.96 -6.72
N VAL B 177 16.57 -21.62 -5.99
CA VAL B 177 17.36 -20.48 -6.38
C VAL B 177 18.28 -20.93 -7.51
N PRO B 178 18.16 -20.32 -8.70
CA PRO B 178 19.01 -20.71 -9.83
C PRO B 178 20.43 -20.28 -9.60
N GLU B 179 21.39 -21.10 -10.01
CA GLU B 179 22.75 -20.71 -9.79
C GLU B 179 23.04 -19.47 -10.62
N LYS B 180 22.46 -19.40 -11.80
CA LYS B 180 22.73 -18.24 -12.63
C LYS B 180 21.49 -17.85 -13.38
N MET B 181 21.27 -16.55 -13.51
CA MET B 181 20.08 -16.10 -14.19
C MET B 181 20.36 -14.96 -15.12
N VAL B 182 19.72 -15.00 -16.29
CA VAL B 182 19.88 -13.91 -17.23
C VAL B 182 18.53 -13.25 -17.37
N VAL B 183 18.52 -11.93 -17.30
CA VAL B 183 17.26 -11.19 -17.42
C VAL B 183 17.29 -10.37 -18.70
N ILE B 184 16.28 -10.54 -19.53
CA ILE B 184 16.18 -9.76 -20.77
C ILE B 184 15.26 -8.58 -20.50
N GLY B 185 15.84 -7.38 -20.44
CA GLY B 185 15.07 -6.18 -20.17
C GLY B 185 15.37 -5.63 -18.79
N ALA B 186 16.00 -4.46 -18.73
CA ALA B 186 16.35 -3.85 -17.44
C ALA B 186 15.36 -2.76 -17.03
N GLY B 187 14.08 -3.02 -17.22
CA GLY B 187 13.06 -2.06 -16.82
C GLY B 187 12.67 -2.33 -15.37
N VAL B 188 11.64 -1.65 -14.91
CA VAL B 188 11.17 -1.80 -13.55
C VAL B 188 10.99 -3.26 -13.15
N ILE B 189 10.12 -3.98 -13.84
CA ILE B 189 9.85 -5.37 -13.53
C ILE B 189 11.11 -6.24 -13.51
N GLY B 190 11.97 -6.06 -14.51
CA GLY B 190 13.18 -6.86 -14.58
C GLY B 190 14.16 -6.57 -13.46
N VAL B 191 14.32 -5.30 -13.12
CA VAL B 191 15.23 -4.92 -12.06
C VAL B 191 14.76 -5.42 -10.70
N GLU B 192 13.45 -5.37 -10.46
CA GLU B 192 12.90 -5.85 -9.19
C GLU B 192 13.06 -7.37 -9.08
N LEU B 193 12.62 -8.11 -10.10
CA LEU B 193 12.72 -9.56 -10.09
C LEU B 193 14.17 -10.04 -10.07
N GLY B 194 15.05 -9.38 -10.81
CA GLY B 194 16.43 -9.81 -10.80
C GLY B 194 17.08 -9.54 -9.45
N SER B 195 16.66 -8.47 -8.79
CA SER B 195 17.22 -8.11 -7.50
C SER B 195 16.76 -9.13 -6.48
N VAL B 196 15.51 -9.56 -6.60
CA VAL B 196 14.98 -10.54 -5.69
C VAL B 196 15.85 -11.79 -5.72
N TRP B 197 16.13 -12.30 -6.91
CA TRP B 197 16.93 -13.52 -7.01
C TRP B 197 18.39 -13.31 -6.73
N GLN B 198 18.91 -12.14 -7.06
CA GLN B 198 20.29 -11.87 -6.78
C GLN B 198 20.48 -11.92 -5.23
N ARG B 199 19.53 -11.36 -4.48
CA ARG B 199 19.61 -11.38 -3.00
C ARG B 199 19.50 -12.81 -2.46
N LEU B 200 18.66 -13.62 -3.07
CA LEU B 200 18.50 -14.98 -2.59
C LEU B 200 19.67 -15.88 -2.98
N GLY B 201 20.66 -15.34 -3.67
CA GLY B 201 21.82 -16.15 -4.01
C GLY B 201 22.14 -16.39 -5.48
N ALA B 202 21.29 -15.93 -6.39
CA ALA B 202 21.55 -16.15 -7.81
C ALA B 202 22.55 -15.15 -8.38
N ASP B 203 23.36 -15.64 -9.31
CA ASP B 203 24.34 -14.82 -10.02
C ASP B 203 23.45 -14.26 -11.15
N VAL B 204 23.13 -12.98 -11.06
CA VAL B 204 22.22 -12.34 -12.01
C VAL B 204 22.83 -11.31 -12.94
N THR B 205 22.37 -11.30 -14.18
CA THR B 205 22.83 -10.33 -15.17
C THR B 205 21.62 -9.94 -16.01
N ALA B 206 21.41 -8.63 -16.14
CA ALA B 206 20.31 -8.12 -16.95
C ALA B 206 20.85 -7.59 -18.28
N VAL B 207 20.21 -7.96 -19.38
CA VAL B 207 20.64 -7.49 -20.71
C VAL B 207 19.57 -6.51 -21.20
N GLU B 208 20.00 -5.28 -21.50
CA GLU B 208 19.09 -4.23 -21.94
C GLU B 208 19.53 -3.56 -23.23
N PHE B 209 18.60 -3.38 -24.16
CA PHE B 209 18.94 -2.75 -25.42
C PHE B 209 19.28 -1.29 -25.22
N LEU B 210 18.50 -0.60 -24.39
CA LEU B 210 18.74 0.81 -24.13
C LEU B 210 19.97 1.00 -23.25
N GLY B 211 20.33 2.25 -23.00
CA GLY B 211 21.52 2.53 -22.21
C GLY B 211 21.34 2.93 -20.74
N HIS B 212 20.21 2.59 -20.16
CA HIS B 212 19.93 2.92 -18.76
C HIS B 212 18.92 1.91 -18.22
N VAL B 213 18.95 1.72 -16.91
CA VAL B 213 18.02 0.80 -16.26
C VAL B 213 16.85 1.59 -15.69
N GLY B 214 15.68 0.97 -15.60
CA GLY B 214 14.56 1.67 -15.00
C GLY B 214 13.31 1.93 -15.80
N GLY B 215 13.41 1.82 -17.13
CA GLY B 215 12.23 2.06 -17.93
C GLY B 215 12.17 3.48 -18.45
N VAL B 216 10.99 3.86 -18.93
CA VAL B 216 10.76 5.18 -19.51
C VAL B 216 10.44 6.28 -18.52
N GLY B 217 10.96 7.47 -18.79
CA GLY B 217 10.68 8.61 -17.93
C GLY B 217 11.53 8.77 -16.70
N ILE B 218 12.23 7.73 -16.30
CA ILE B 218 13.07 7.85 -15.12
C ILE B 218 14.20 8.84 -15.42
N ASP B 219 14.48 9.72 -14.45
CA ASP B 219 15.53 10.71 -14.62
C ASP B 219 16.83 9.98 -14.88
N MET B 220 17.66 10.52 -15.77
CA MET B 220 18.90 9.85 -16.11
C MET B 220 19.93 9.80 -15.01
N GLU B 221 20.05 10.89 -14.26
CA GLU B 221 21.01 10.92 -13.17
C GLU B 221 20.56 9.91 -12.12
N ILE B 222 19.26 9.86 -11.89
CA ILE B 222 18.70 8.93 -10.93
C ILE B 222 18.97 7.50 -11.39
N SER B 223 18.70 7.25 -12.67
CA SER B 223 18.92 5.93 -13.26
C SER B 223 20.37 5.45 -13.15
N LYS B 224 21.34 6.33 -13.39
CA LYS B 224 22.74 5.93 -13.32
C LYS B 224 23.24 5.72 -11.90
N ASN B 225 22.76 6.52 -10.95
CA ASN B 225 23.17 6.35 -9.56
C ASN B 225 22.61 5.04 -9.08
N PHE B 226 21.37 4.77 -9.45
CA PHE B 226 20.65 3.55 -9.10
C PHE B 226 21.38 2.33 -9.61
N GLN B 227 21.79 2.39 -10.88
CA GLN B 227 22.51 1.30 -11.51
C GLN B 227 23.78 1.03 -10.73
N ARG B 228 24.50 2.10 -10.45
CA ARG B 228 25.76 2.01 -9.74
C ARG B 228 25.60 1.31 -8.40
N ILE B 229 24.50 1.59 -7.71
CA ILE B 229 24.25 0.95 -6.40
C ILE B 229 23.91 -0.53 -6.58
N LEU B 230 23.09 -0.85 -7.56
CA LEU B 230 22.74 -2.24 -7.79
C LEU B 230 23.96 -3.07 -8.16
N GLN B 231 24.86 -2.50 -8.96
CA GLN B 231 26.04 -3.25 -9.33
C GLN B 231 26.88 -3.49 -8.10
N LYS B 232 26.94 -2.51 -7.21
CA LYS B 232 27.70 -2.66 -5.97
C LYS B 232 27.10 -3.83 -5.20
N GLN B 233 25.78 -4.00 -5.32
CA GLN B 233 25.13 -5.11 -4.65
C GLN B 233 25.47 -6.46 -5.30
N GLY B 234 26.00 -6.41 -6.52
CA GLY B 234 26.37 -7.63 -7.23
C GLY B 234 25.51 -7.93 -8.45
N PHE B 235 24.51 -7.08 -8.69
CA PHE B 235 23.59 -7.23 -9.83
C PHE B 235 24.35 -6.69 -11.06
N LYS B 236 24.63 -7.56 -12.03
CA LYS B 236 25.37 -7.16 -13.23
C LYS B 236 24.47 -6.70 -14.39
N PHE B 237 24.98 -5.73 -15.16
CA PHE B 237 24.23 -5.22 -16.29
C PHE B 237 24.99 -5.23 -17.62
N LYS B 238 24.24 -5.48 -18.69
CA LYS B 238 24.76 -5.47 -20.07
C LYS B 238 23.84 -4.52 -20.80
N LEU B 239 24.18 -3.22 -20.77
CA LEU B 239 23.35 -2.20 -21.42
C LEU B 239 23.83 -1.99 -22.85
N ASN B 240 22.96 -1.44 -23.71
CA ASN B 240 23.34 -1.20 -25.10
C ASN B 240 23.72 -2.55 -25.67
N THR B 241 22.89 -3.54 -25.40
CA THR B 241 23.17 -4.89 -25.83
C THR B 241 21.89 -5.54 -26.30
N LYS B 242 22.01 -6.29 -27.39
CA LYS B 242 20.86 -6.98 -27.96
C LYS B 242 21.01 -8.49 -27.74
N VAL B 243 19.88 -9.17 -27.59
CA VAL B 243 19.88 -10.62 -27.43
C VAL B 243 19.51 -11.17 -28.81
N THR B 244 20.44 -11.88 -29.44
CA THR B 244 20.20 -12.43 -30.77
C THR B 244 19.50 -13.77 -30.73
N GLY B 245 19.57 -14.47 -29.61
CA GLY B 245 18.90 -15.76 -29.52
C GLY B 245 19.30 -16.53 -28.29
N ALA B 246 18.62 -17.65 -28.05
CA ALA B 246 18.91 -18.50 -26.91
C ALA B 246 18.68 -19.97 -27.28
N THR B 247 19.48 -20.87 -26.73
CA THR B 247 19.34 -22.28 -27.04
C THR B 247 19.41 -23.14 -25.80
N LYS B 248 18.48 -24.08 -25.69
CA LYS B 248 18.47 -24.98 -24.55
C LYS B 248 19.63 -25.96 -24.75
N LYS B 249 20.35 -26.25 -23.67
CA LYS B 249 21.51 -27.11 -23.73
C LYS B 249 21.32 -28.52 -23.23
N SER B 250 22.31 -29.35 -23.53
CA SER B 250 22.30 -30.75 -23.11
C SER B 250 21.95 -30.93 -21.63
N ASP B 251 22.52 -30.08 -20.77
CA ASP B 251 22.28 -30.18 -19.33
C ASP B 251 21.12 -29.33 -18.80
N GLY B 252 20.27 -28.82 -19.68
CA GLY B 252 19.14 -28.04 -19.22
C GLY B 252 19.42 -26.57 -19.04
N LYS B 253 20.68 -26.17 -19.19
CA LYS B 253 21.02 -24.77 -19.08
C LYS B 253 20.58 -24.08 -20.37
N ILE B 254 20.90 -22.80 -20.48
CA ILE B 254 20.51 -22.03 -21.65
C ILE B 254 21.61 -21.10 -22.09
N ASP B 255 21.96 -21.15 -23.38
CA ASP B 255 22.98 -20.26 -23.94
C ASP B 255 22.25 -19.10 -24.58
N VAL B 256 22.56 -17.90 -24.12
CA VAL B 256 21.94 -16.69 -24.64
C VAL B 256 22.98 -15.94 -25.44
N SER B 257 22.70 -15.65 -26.72
CA SER B 257 23.76 -15.01 -27.52
C SER B 257 23.45 -13.56 -27.67
N ILE B 258 24.47 -12.75 -27.41
CA ILE B 258 24.29 -11.30 -27.42
C ILE B 258 25.38 -10.60 -28.19
N GLU B 259 25.14 -9.33 -28.49
CA GLU B 259 26.12 -8.48 -29.17
C GLU B 259 25.74 -7.03 -28.93
N ALA B 260 26.70 -6.13 -29.10
CA ALA B 260 26.43 -4.72 -28.91
C ALA B 260 25.15 -4.36 -29.66
N ALA B 261 24.44 -3.36 -29.18
CA ALA B 261 23.18 -2.94 -29.82
C ALA B 261 23.48 -2.42 -31.22
N SER B 262 24.52 -1.62 -31.34
CA SER B 262 24.91 -1.06 -32.62
C SER B 262 25.59 -2.10 -33.52
N GLY B 263 26.05 -3.20 -32.92
CA GLY B 263 26.69 -4.24 -33.70
C GLY B 263 28.07 -4.68 -33.24
N GLY B 264 28.32 -5.99 -33.36
CA GLY B 264 29.62 -6.53 -32.97
C GLY B 264 29.78 -7.04 -31.56
N LYS B 265 31.02 -7.44 -31.26
CA LYS B 265 31.38 -7.98 -29.96
C LYS B 265 30.39 -9.03 -29.48
N ALA B 266 30.13 -10.02 -30.32
CA ALA B 266 29.19 -11.09 -29.99
C ALA B 266 29.73 -11.93 -28.85
N GLU B 267 28.84 -12.40 -27.97
CA GLU B 267 29.23 -13.21 -26.84
C GLU B 267 28.11 -14.17 -26.51
N VAL B 268 28.41 -15.12 -25.63
CA VAL B 268 27.40 -16.08 -25.20
C VAL B 268 27.43 -16.17 -23.69
N ILE B 269 26.25 -16.13 -23.08
CA ILE B 269 26.17 -16.23 -21.64
C ILE B 269 25.28 -17.40 -21.32
N THR B 270 25.78 -18.26 -20.45
CA THR B 270 25.04 -19.46 -20.07
C THR B 270 24.36 -19.21 -18.72
N CYS B 271 23.11 -19.64 -18.59
CA CYS B 271 22.38 -19.46 -17.33
C CYS B 271 21.49 -20.66 -17.08
N ASP B 272 20.90 -20.69 -15.90
CA ASP B 272 20.02 -21.79 -15.51
C ASP B 272 18.57 -21.38 -15.73
N VAL B 273 18.31 -20.08 -15.66
CA VAL B 273 16.97 -19.58 -15.88
C VAL B 273 17.09 -18.32 -16.70
N LEU B 274 16.17 -18.17 -17.64
CA LEU B 274 16.18 -17.00 -18.51
C LEU B 274 14.88 -16.30 -18.26
N LEU B 275 14.96 -15.07 -17.76
CA LEU B 275 13.73 -14.32 -17.48
C LEU B 275 13.54 -13.39 -18.64
N VAL B 276 12.41 -13.50 -19.31
CA VAL B 276 12.14 -12.64 -20.45
C VAL B 276 11.14 -11.57 -20.06
N CYS B 277 11.56 -10.32 -19.98
CA CYS B 277 10.62 -9.25 -19.65
C CYS B 277 11.03 -7.97 -20.35
N ILE B 278 10.84 -7.93 -21.68
CA ILE B 278 11.18 -6.74 -22.44
C ILE B 278 10.00 -5.78 -22.44
N GLY B 279 8.82 -6.26 -22.03
CA GLY B 279 7.66 -5.39 -21.98
C GLY B 279 6.33 -6.10 -21.80
N ARG B 280 5.27 -5.30 -21.69
CA ARG B 280 3.90 -5.80 -21.54
C ARG B 280 3.06 -5.05 -22.57
N ARG B 281 1.90 -5.59 -22.90
CA ARG B 281 1.08 -4.96 -23.92
C ARG B 281 -0.39 -5.20 -23.63
N PRO B 282 -1.26 -4.31 -24.14
CA PRO B 282 -2.71 -4.38 -23.96
C PRO B 282 -3.32 -5.67 -24.48
N PHE B 283 -4.17 -6.28 -23.67
CA PHE B 283 -4.83 -7.52 -24.04
C PHE B 283 -6.28 -7.29 -24.46
N THR B 284 -6.59 -7.53 -25.73
CA THR B 284 -7.94 -7.33 -26.27
C THR B 284 -8.43 -8.52 -27.11
N LYS B 285 -7.71 -9.64 -27.03
CA LYS B 285 -8.06 -10.84 -27.77
C LYS B 285 -9.51 -11.27 -27.63
N ASN B 286 -10.11 -11.54 -28.80
CA ASN B 286 -11.50 -11.99 -28.95
C ASN B 286 -12.55 -11.31 -28.05
N LEU B 287 -12.54 -9.99 -28.12
CA LEU B 287 -13.44 -9.14 -27.34
C LEU B 287 -14.65 -8.70 -28.17
N GLY B 288 -14.54 -8.78 -29.50
CA GLY B 288 -15.64 -8.39 -30.36
C GLY B 288 -15.43 -7.00 -30.94
N LEU B 289 -14.27 -6.40 -30.65
CA LEU B 289 -13.93 -5.07 -31.14
C LEU B 289 -13.76 -5.02 -32.66
N GLU B 290 -13.23 -6.11 -33.22
CA GLU B 290 -12.99 -6.19 -34.67
C GLU B 290 -14.30 -6.17 -35.43
N GLU B 291 -15.40 -6.45 -34.73
CA GLU B 291 -16.73 -6.47 -35.33
C GLU B 291 -17.50 -5.19 -35.08
N LEU B 292 -17.24 -4.57 -33.93
CA LEU B 292 -17.90 -3.32 -33.55
C LEU B 292 -17.30 -2.13 -34.29
N GLY B 293 -16.15 -2.34 -34.92
CA GLY B 293 -15.51 -1.26 -35.64
C GLY B 293 -14.51 -0.49 -34.80
N ILE B 294 -14.11 -1.08 -33.66
CA ILE B 294 -13.15 -0.46 -32.75
C ILE B 294 -11.73 -0.77 -33.22
N GLU B 295 -11.11 0.21 -33.88
CA GLU B 295 -9.77 0.03 -34.39
C GLU B 295 -8.67 0.41 -33.40
N LEU B 296 -7.91 -0.60 -32.95
CA LEU B 296 -6.82 -0.37 -32.02
C LEU B 296 -5.80 0.52 -32.70
N ASP B 297 -5.00 1.24 -31.91
CA ASP B 297 -3.96 2.07 -32.50
C ASP B 297 -2.82 1.11 -32.81
N PRO B 298 -1.72 1.62 -33.38
CA PRO B 298 -0.60 0.74 -33.71
C PRO B 298 -0.15 -0.21 -32.59
N ARG B 299 0.15 0.36 -31.42
CA ARG B 299 0.63 -0.42 -30.29
C ARG B 299 -0.38 -1.38 -29.67
N GLY B 300 -1.53 -1.55 -30.31
CA GLY B 300 -2.55 -2.48 -29.83
C GLY B 300 -3.49 -1.94 -28.76
N ARG B 301 -3.39 -0.64 -28.51
CA ARG B 301 -4.24 -0.02 -27.49
C ARG B 301 -5.55 0.53 -28.08
N ILE B 302 -6.57 0.62 -27.23
CA ILE B 302 -7.89 1.14 -27.61
C ILE B 302 -7.89 2.66 -27.50
N PRO B 303 -8.13 3.38 -28.61
CA PRO B 303 -8.16 4.84 -28.53
C PRO B 303 -9.39 5.42 -27.79
N VAL B 304 -9.20 6.19 -26.71
CA VAL B 304 -10.34 6.80 -25.98
C VAL B 304 -10.18 8.31 -25.92
N ASN B 305 -11.25 8.94 -25.45
CA ASN B 305 -11.26 10.38 -25.33
C ASN B 305 -11.19 10.73 -23.88
N THR B 306 -11.39 12.00 -23.56
CA THR B 306 -11.31 12.47 -22.17
C THR B 306 -12.26 11.79 -21.21
N ARG B 307 -13.37 11.27 -21.72
CA ARG B 307 -14.33 10.60 -20.86
C ARG B 307 -14.16 9.08 -20.93
N PHE B 308 -13.04 8.65 -21.52
CA PHE B 308 -12.74 7.23 -21.65
C PHE B 308 -13.76 6.51 -22.52
N GLN B 309 -14.28 7.26 -23.49
CA GLN B 309 -15.25 6.70 -24.42
C GLN B 309 -14.49 6.26 -25.67
N THR B 310 -15.03 5.26 -26.34
CA THR B 310 -14.45 4.72 -27.56
C THR B 310 -15.25 5.29 -28.74
N LYS B 311 -15.46 4.46 -29.76
CA LYS B 311 -16.27 4.90 -30.90
C LYS B 311 -17.69 4.95 -30.39
N ILE B 312 -18.18 3.82 -29.86
CA ILE B 312 -19.53 3.76 -29.31
C ILE B 312 -19.53 4.42 -27.93
N PRO B 313 -20.15 5.62 -27.82
CA PRO B 313 -20.24 6.40 -26.59
C PRO B 313 -20.72 5.69 -25.32
N ASN B 314 -21.27 4.49 -25.46
CA ASN B 314 -21.72 3.73 -24.30
C ASN B 314 -20.71 2.64 -23.93
N ILE B 315 -19.53 2.68 -24.56
CA ILE B 315 -18.44 1.71 -24.34
C ILE B 315 -17.16 2.43 -23.93
N TYR B 316 -16.69 2.15 -22.72
CA TYR B 316 -15.49 2.79 -22.19
C TYR B 316 -14.30 1.84 -21.95
N ALA B 317 -13.09 2.38 -22.12
CA ALA B 317 -11.88 1.61 -21.92
C ALA B 317 -10.95 2.34 -20.95
N ILE B 318 -10.40 1.59 -20.00
CA ILE B 318 -9.49 2.14 -18.98
C ILE B 318 -8.33 1.20 -18.66
N GLY B 319 -7.35 1.71 -17.94
CA GLY B 319 -6.23 0.89 -17.53
C GLY B 319 -5.18 0.53 -18.57
N ASP B 320 -4.64 -0.66 -18.43
CA ASP B 320 -3.59 -1.15 -19.33
C ASP B 320 -3.97 -1.19 -20.82
N VAL B 321 -5.25 -1.34 -21.15
CA VAL B 321 -5.66 -1.38 -22.56
C VAL B 321 -5.53 -0.05 -23.30
N VAL B 322 -5.56 1.06 -22.59
CA VAL B 322 -5.44 2.36 -23.23
C VAL B 322 -4.07 2.97 -22.97
N ALA B 323 -3.74 4.02 -23.69
CA ALA B 323 -2.46 4.70 -23.52
C ALA B 323 -2.28 5.16 -22.08
N GLY B 324 -1.07 5.62 -21.76
CA GLY B 324 -0.77 6.06 -20.41
C GLY B 324 0.14 5.05 -19.72
N PRO B 325 0.78 5.41 -18.59
CA PRO B 325 1.67 4.50 -17.88
C PRO B 325 0.90 3.25 -17.47
N MET B 326 1.47 2.10 -17.71
CA MET B 326 0.77 0.87 -17.35
C MET B 326 0.99 0.53 -15.87
N LEU B 327 0.44 1.38 -15.00
CA LEU B 327 0.55 1.20 -13.56
C LEU B 327 -0.81 0.89 -12.94
N ALA B 328 -0.79 0.19 -11.80
CA ALA B 328 -2.04 -0.16 -11.14
C ALA B 328 -2.84 1.06 -10.67
N HIS B 329 -2.17 2.08 -10.13
CA HIS B 329 -2.88 3.25 -9.65
C HIS B 329 -3.42 4.07 -10.80
N LYS B 330 -2.67 4.12 -11.91
CA LYS B 330 -3.13 4.84 -13.09
C LYS B 330 -4.45 4.18 -13.54
N ALA B 331 -4.45 2.85 -13.55
CA ALA B 331 -5.62 2.08 -13.96
C ALA B 331 -6.81 2.35 -13.04
N GLU B 332 -6.54 2.42 -11.73
CA GLU B 332 -7.60 2.66 -10.76
C GLU B 332 -8.20 4.07 -10.86
N ASP B 333 -7.34 5.08 -10.99
CA ASP B 333 -7.76 6.46 -11.12
C ASP B 333 -8.73 6.60 -12.29
N GLU B 334 -8.29 6.13 -13.46
CA GLU B 334 -9.10 6.17 -14.68
C GLU B 334 -10.44 5.46 -14.47
N GLY B 335 -10.40 4.28 -13.86
CA GLY B 335 -11.61 3.53 -13.62
C GLY B 335 -12.59 4.29 -12.71
N ILE B 336 -12.06 5.16 -11.85
CA ILE B 336 -12.93 5.93 -10.96
C ILE B 336 -13.50 7.16 -11.65
N ILE B 337 -12.63 7.97 -12.26
CA ILE B 337 -13.11 9.16 -12.93
C ILE B 337 -14.03 8.83 -14.09
N CYS B 338 -13.85 7.66 -14.69
CA CYS B 338 -14.71 7.23 -15.80
C CYS B 338 -16.11 6.98 -15.27
N VAL B 339 -16.22 6.17 -14.23
CA VAL B 339 -17.51 5.87 -13.64
C VAL B 339 -18.20 7.14 -13.17
N GLU B 340 -17.43 8.04 -12.57
CA GLU B 340 -17.98 9.31 -12.09
C GLU B 340 -18.52 10.12 -13.26
N GLY B 341 -17.77 10.18 -14.35
CA GLY B 341 -18.20 10.91 -15.53
C GLY B 341 -19.49 10.33 -16.04
N MET B 342 -19.60 9.01 -15.98
CA MET B 342 -20.80 8.32 -16.44
C MET B 342 -22.03 8.74 -15.65
N ALA B 343 -21.85 9.05 -14.37
CA ALA B 343 -22.96 9.48 -13.54
C ALA B 343 -23.11 10.99 -13.65
N GLY B 344 -22.58 11.55 -14.74
CA GLY B 344 -22.66 12.98 -14.98
C GLY B 344 -21.68 13.76 -14.15
N GLY B 345 -20.40 13.58 -14.42
CA GLY B 345 -19.39 14.31 -13.66
C GLY B 345 -18.20 14.65 -14.54
N ALA B 346 -17.50 15.72 -14.21
CA ALA B 346 -16.33 16.13 -14.97
C ALA B 346 -15.27 15.04 -14.82
N VAL B 347 -14.28 15.06 -15.71
CA VAL B 347 -13.23 14.06 -15.67
C VAL B 347 -11.88 14.61 -16.12
N HIS B 348 -10.93 14.66 -15.20
CA HIS B 348 -9.59 15.15 -15.51
C HIS B 348 -8.62 14.08 -15.00
N ILE B 349 -7.34 14.24 -15.35
CA ILE B 349 -6.30 13.32 -14.91
C ILE B 349 -4.98 13.72 -15.57
N ASP B 350 -4.22 14.55 -14.87
CA ASP B 350 -2.93 15.01 -15.36
C ASP B 350 -1.87 13.94 -15.13
N TYR B 351 -1.65 13.13 -16.16
CA TYR B 351 -0.67 12.04 -16.09
C TYR B 351 0.73 12.51 -15.68
N ASN B 352 0.88 13.79 -15.40
CA ASN B 352 2.18 14.32 -14.99
C ASN B 352 2.20 14.33 -13.45
N CYS B 353 1.15 13.78 -12.87
CA CYS B 353 1.03 13.71 -11.42
C CYS B 353 0.86 12.26 -10.97
N VAL B 354 0.88 11.34 -11.93
CA VAL B 354 0.77 9.91 -11.60
C VAL B 354 2.22 9.44 -11.38
N PRO B 355 2.56 9.12 -10.12
CA PRO B 355 3.89 8.65 -9.68
C PRO B 355 4.32 7.28 -10.18
N SER B 356 5.62 7.04 -10.07
CA SER B 356 6.21 5.75 -10.43
C SER B 356 7.14 5.31 -9.30
N VAL B 357 7.06 4.04 -8.93
CA VAL B 357 7.90 3.50 -7.86
C VAL B 357 8.61 2.22 -8.25
N ILE B 358 9.85 2.08 -7.81
CA ILE B 358 10.63 0.85 -8.03
C ILE B 358 10.94 0.33 -6.61
N TYR B 359 10.34 -0.81 -6.27
CA TYR B 359 10.48 -1.38 -4.94
C TYR B 359 11.72 -2.17 -4.58
N THR B 360 12.83 -1.84 -5.21
CA THR B 360 14.09 -2.48 -4.90
C THR B 360 14.56 -1.81 -3.61
N HIS B 361 15.81 -2.07 -3.22
CA HIS B 361 16.37 -1.43 -2.06
C HIS B 361 17.81 -1.11 -2.41
N PRO B 362 18.15 0.18 -2.57
CA PRO B 362 17.31 1.38 -2.42
C PRO B 362 16.11 1.44 -3.35
N GLU B 363 15.05 2.09 -2.87
CA GLU B 363 13.83 2.26 -3.67
C GLU B 363 14.07 3.45 -4.59
N VAL B 364 13.22 3.57 -5.60
CA VAL B 364 13.32 4.68 -6.54
C VAL B 364 11.87 5.11 -6.77
N ALA B 365 11.60 6.40 -6.80
CA ALA B 365 10.23 6.86 -7.01
C ALA B 365 10.22 8.27 -7.55
N TRP B 366 9.25 8.58 -8.41
CA TRP B 366 9.19 9.92 -8.99
C TRP B 366 7.83 10.30 -9.55
N VAL B 367 7.64 11.60 -9.71
CA VAL B 367 6.40 12.12 -10.26
C VAL B 367 6.71 13.45 -10.95
N GLY B 368 5.94 13.77 -11.99
CA GLY B 368 6.21 15.00 -12.72
C GLY B 368 7.23 14.74 -13.81
N LYS B 369 8.04 15.75 -14.13
CA LYS B 369 9.02 15.63 -15.21
C LYS B 369 10.48 15.47 -14.81
N SER B 370 11.22 14.76 -15.66
CA SER B 370 12.65 14.49 -15.47
C SER B 370 13.48 15.61 -16.09
N GLU B 371 14.78 15.62 -15.83
CA GLU B 371 15.64 16.66 -16.39
C GLU B 371 15.60 16.61 -17.91
N GLU B 372 15.54 15.40 -18.46
CA GLU B 372 15.51 15.23 -19.91
C GLU B 372 14.22 15.77 -20.52
N GLN B 373 13.09 15.48 -19.90
CA GLN B 373 11.82 15.96 -20.42
C GLN B 373 11.84 17.50 -20.46
N LEU B 374 12.41 18.09 -19.42
CA LEU B 374 12.49 19.55 -19.34
C LEU B 374 13.36 20.14 -20.46
N LYS B 375 14.57 19.60 -20.64
CA LYS B 375 15.47 20.08 -21.69
C LYS B 375 14.76 19.94 -23.04
N GLU B 376 14.13 18.78 -23.25
CA GLU B 376 13.39 18.48 -24.47
C GLU B 376 12.27 19.48 -24.70
N GLU B 377 11.56 19.83 -23.64
CA GLU B 377 10.46 20.77 -23.71
C GLU B 377 10.90 22.24 -23.73
N GLY B 378 12.20 22.47 -23.55
CA GLY B 378 12.71 23.82 -23.54
C GLY B 378 12.43 24.60 -22.28
N ILE B 379 11.91 23.91 -21.26
CA ILE B 379 11.59 24.53 -19.97
C ILE B 379 12.86 24.87 -19.20
N GLU B 380 12.99 26.11 -18.74
CA GLU B 380 14.17 26.48 -17.97
C GLU B 380 13.88 26.08 -16.54
N TYR B 381 14.88 25.51 -15.86
CA TYR B 381 14.68 25.03 -14.51
C TYR B 381 15.90 25.16 -13.62
N LYS B 382 15.71 24.83 -12.34
CA LYS B 382 16.79 24.85 -11.36
C LYS B 382 16.74 23.51 -10.60
N VAL B 383 17.87 23.11 -10.03
CA VAL B 383 17.96 21.82 -9.33
C VAL B 383 18.26 21.84 -7.83
N GLY B 384 17.47 21.10 -7.06
CA GLY B 384 17.66 21.01 -5.62
C GLY B 384 17.92 19.55 -5.26
N LYS B 385 19.08 19.29 -4.67
CA LYS B 385 19.42 17.92 -4.29
C LYS B 385 19.81 17.78 -2.83
N PHE B 386 19.35 16.71 -2.19
CA PHE B 386 19.72 16.42 -0.81
C PHE B 386 20.03 14.93 -0.66
N PRO B 387 21.26 14.60 -0.29
CA PRO B 387 21.65 13.19 -0.13
C PRO B 387 21.12 12.58 1.17
N PHE B 388 20.64 11.34 1.13
CA PHE B 388 20.14 10.69 2.33
C PHE B 388 21.24 10.48 3.33
N ALA B 389 22.47 10.58 2.84
CA ALA B 389 23.65 10.45 3.68
C ALA B 389 23.65 11.57 4.73
N ALA B 390 22.89 12.63 4.48
CA ALA B 390 22.83 13.76 5.43
C ALA B 390 21.49 13.80 6.15
N ASN B 391 20.61 12.84 5.89
CA ASN B 391 19.33 12.81 6.54
C ASN B 391 19.42 12.03 7.85
N SER B 392 19.06 12.70 8.93
CA SER B 392 19.12 12.11 10.27
C SER B 392 18.55 10.70 10.44
N ARG B 393 17.31 10.48 10.02
CA ARG B 393 16.75 9.14 10.18
C ARG B 393 17.54 8.14 9.35
N ALA B 394 17.79 8.48 8.08
CA ALA B 394 18.54 7.58 7.21
C ALA B 394 19.85 7.17 7.90
N LYS B 395 20.56 8.14 8.43
CA LYS B 395 21.83 7.86 9.09
C LYS B 395 21.72 7.08 10.39
N THR B 396 20.68 7.37 11.17
CA THR B 396 20.48 6.69 12.45
C THR B 396 20.18 5.22 12.15
N ASN B 397 19.47 4.99 11.04
CA ASN B 397 19.09 3.66 10.60
C ASN B 397 20.22 3.02 9.84
N ALA B 398 21.27 3.79 9.55
CA ALA B 398 22.42 3.28 8.81
C ALA B 398 22.00 2.75 7.42
N ASP B 399 21.10 3.47 6.75
CA ASP B 399 20.59 3.13 5.43
C ASP B 399 20.63 4.48 4.68
N THR B 400 21.81 4.81 4.15
CA THR B 400 22.03 6.11 3.51
C THR B 400 22.21 6.27 1.99
N ASP B 401 21.89 5.24 1.21
CA ASP B 401 22.02 5.35 -0.23
C ASP B 401 21.10 6.40 -0.86
N GLY B 402 21.60 7.12 -1.85
CA GLY B 402 20.73 8.02 -2.57
C GLY B 402 20.56 9.48 -2.25
N MET B 403 19.46 10.02 -2.77
CA MET B 403 19.17 11.43 -2.59
C MET B 403 17.77 11.73 -3.06
N VAL B 404 17.38 12.98 -2.86
CA VAL B 404 16.10 13.48 -3.34
C VAL B 404 16.54 14.61 -4.29
N LYS B 405 15.96 14.64 -5.50
CA LYS B 405 16.33 15.70 -6.43
C LYS B 405 15.04 16.37 -6.83
N ILE B 406 15.02 17.69 -6.67
CA ILE B 406 13.84 18.45 -7.01
C ILE B 406 14.13 19.37 -8.20
N LEU B 407 13.17 19.44 -9.12
CA LEU B 407 13.30 20.30 -10.30
C LEU B 407 12.21 21.37 -10.30
N GLY B 408 12.64 22.64 -10.32
CA GLY B 408 11.68 23.72 -10.32
C GLY B 408 12.00 24.77 -11.36
N GLN B 409 10.96 25.42 -11.87
CA GLN B 409 11.11 26.45 -12.89
C GLN B 409 12.04 27.55 -12.42
N LYS B 410 12.99 27.92 -13.28
CA LYS B 410 13.98 28.96 -12.97
C LYS B 410 13.38 30.25 -12.40
N SER B 411 12.15 30.58 -12.78
CA SER B 411 11.55 31.82 -12.30
C SER B 411 10.36 31.71 -11.34
N THR B 412 9.35 30.90 -11.67
CA THR B 412 8.19 30.77 -10.78
C THR B 412 8.42 29.88 -9.57
N ASP B 413 9.60 29.26 -9.52
CA ASP B 413 9.95 28.37 -8.41
C ASP B 413 8.94 27.24 -8.25
N ARG B 414 8.11 27.04 -9.28
CA ARG B 414 7.11 25.97 -9.20
C ARG B 414 7.78 24.60 -9.30
N VAL B 415 7.25 23.62 -8.56
CA VAL B 415 7.82 22.29 -8.60
C VAL B 415 7.40 21.61 -9.90
N LEU B 416 8.40 21.24 -10.70
CA LEU B 416 8.16 20.58 -11.98
C LEU B 416 8.22 19.05 -11.86
N GLY B 417 9.16 18.57 -11.04
CA GLY B 417 9.29 17.14 -10.83
C GLY B 417 10.12 16.79 -9.60
N ALA B 418 9.87 15.59 -9.05
CA ALA B 418 10.58 15.14 -7.86
C ALA B 418 11.06 13.70 -8.10
N HIS B 419 12.33 13.45 -7.82
CA HIS B 419 12.91 12.13 -8.02
C HIS B 419 13.62 11.68 -6.77
N ILE B 420 13.23 10.53 -6.26
CA ILE B 420 13.85 10.03 -5.03
C ILE B 420 14.46 8.65 -5.25
N LEU B 421 15.71 8.54 -4.83
CA LEU B 421 16.48 7.30 -4.87
C LEU B 421 16.98 7.07 -3.44
N GLY B 422 16.43 6.08 -2.74
CA GLY B 422 16.88 5.82 -1.38
C GLY B 422 15.79 5.23 -0.51
N PRO B 423 15.99 5.22 0.82
CA PRO B 423 14.97 4.66 1.70
C PRO B 423 13.69 5.47 1.70
N GLY B 424 12.56 4.77 1.80
CA GLY B 424 11.27 5.44 1.83
C GLY B 424 10.74 6.09 0.56
N ALA B 425 11.52 6.08 -0.52
CA ALA B 425 11.06 6.70 -1.76
C ALA B 425 9.59 6.41 -2.12
N GLY B 426 9.21 5.15 -2.10
CA GLY B 426 7.85 4.75 -2.44
C GLY B 426 6.72 5.49 -1.74
N GLU B 427 6.86 5.70 -0.43
CA GLU B 427 5.81 6.39 0.30
C GLU B 427 6.00 7.89 0.14
N MET B 428 7.25 8.32 0.13
CA MET B 428 7.59 9.72 0.02
C MET B 428 7.10 10.42 -1.26
N VAL B 429 7.02 9.69 -2.36
CA VAL B 429 6.59 10.27 -3.63
C VAL B 429 5.14 10.76 -3.58
N ASN B 430 4.33 10.16 -2.70
CA ASN B 430 2.96 10.57 -2.56
C ASN B 430 2.81 11.93 -1.90
N GLU B 431 3.83 12.36 -1.14
CA GLU B 431 3.78 13.69 -0.53
C GLU B 431 4.01 14.65 -1.69
N ALA B 432 4.81 14.21 -2.65
CA ALA B 432 5.11 15.00 -3.84
C ALA B 432 3.86 15.12 -4.71
N ALA B 433 3.14 14.02 -4.91
CA ALA B 433 1.94 14.04 -5.73
C ALA B 433 0.94 15.06 -5.17
N LEU B 434 0.79 15.09 -3.85
CA LEU B 434 -0.13 16.03 -3.21
C LEU B 434 0.36 17.44 -3.50
N ALA B 435 1.66 17.67 -3.30
CA ALA B 435 2.26 18.98 -3.55
C ALA B 435 2.05 19.50 -4.99
N LEU B 436 2.14 18.59 -5.97
CA LEU B 436 1.96 18.95 -7.37
C LEU B 436 0.52 19.28 -7.70
N GLU B 437 -0.41 18.59 -7.04
CA GLU B 437 -1.82 18.80 -7.26
C GLU B 437 -2.33 20.15 -6.72
N TYR B 438 -1.44 20.87 -6.05
CA TYR B 438 -1.76 22.19 -5.49
C TYR B 438 -0.87 23.20 -6.17
N GLY B 439 -0.17 22.77 -7.21
CA GLY B 439 0.72 23.66 -7.92
C GLY B 439 1.73 24.25 -6.97
N ALA B 440 2.20 23.44 -6.03
CA ALA B 440 3.18 23.91 -5.05
C ALA B 440 4.47 24.42 -5.68
N SER B 441 5.12 25.31 -4.95
CA SER B 441 6.40 25.86 -5.36
C SER B 441 7.38 25.22 -4.38
N CYS B 442 8.68 25.27 -4.67
CA CYS B 442 9.64 24.69 -3.77
C CYS B 442 9.54 25.30 -2.36
N GLU B 443 9.30 26.60 -2.30
CA GLU B 443 9.19 27.31 -1.03
C GLU B 443 8.04 26.78 -0.20
N ASP B 444 6.91 26.54 -0.86
CA ASP B 444 5.75 26.01 -0.17
C ASP B 444 6.17 24.80 0.66
N ILE B 445 6.72 23.79 -0.01
CA ILE B 445 7.14 22.58 0.68
C ILE B 445 8.18 22.83 1.76
N ALA B 446 9.20 23.61 1.44
CA ALA B 446 10.22 23.93 2.42
C ALA B 446 9.59 24.56 3.66
N ARG B 447 8.48 25.25 3.49
CA ARG B 447 7.85 25.88 4.64
C ARG B 447 6.85 25.00 5.40
N VAL B 448 6.70 23.76 4.95
CA VAL B 448 5.82 22.83 5.62
C VAL B 448 6.65 22.16 6.71
N CYS B 449 6.11 22.12 7.93
CA CYS B 449 6.83 21.51 9.03
C CYS B 449 6.87 19.99 8.89
N HIS B 450 8.07 19.44 8.83
CA HIS B 450 8.20 17.98 8.72
C HIS B 450 8.76 17.45 10.04
N ALA B 451 8.21 16.34 10.51
CA ALA B 451 8.65 15.72 11.75
C ALA B 451 10.14 15.35 11.68
N HIS B 452 10.83 15.43 12.82
CA HIS B 452 12.25 15.08 12.91
C HIS B 452 12.38 13.99 13.98
N PRO B 453 13.12 12.92 13.66
CA PRO B 453 13.79 12.72 12.38
C PRO B 453 12.97 11.83 11.45
N THR B 454 12.76 12.27 10.22
CA THR B 454 12.06 11.44 9.22
C THR B 454 12.79 11.56 7.88
N LEU B 455 12.66 10.52 7.06
CA LEU B 455 13.28 10.52 5.74
C LEU B 455 12.71 11.71 4.94
N SER B 456 11.44 12.05 5.17
CA SER B 456 10.81 13.15 4.45
C SER B 456 11.53 14.50 4.61
N GLU B 457 12.38 14.62 5.62
CA GLU B 457 13.12 15.87 5.79
C GLU B 457 14.05 16.07 4.59
N ALA B 458 14.46 14.98 3.97
CA ALA B 458 15.33 15.02 2.79
C ALA B 458 14.57 15.74 1.66
N PHE B 459 13.28 15.44 1.55
CA PHE B 459 12.40 16.03 0.54
C PHE B 459 12.20 17.52 0.86
N ARG B 460 11.98 17.82 2.14
CA ARG B 460 11.81 19.21 2.55
C ARG B 460 13.07 20.00 2.24
N GLU B 461 14.24 19.46 2.63
CA GLU B 461 15.52 20.13 2.42
C GLU B 461 15.90 20.25 0.94
N ALA B 462 15.43 19.33 0.11
CA ALA B 462 15.75 19.40 -1.31
C ALA B 462 14.96 20.56 -1.90
N ASN B 463 13.67 20.63 -1.56
CA ASN B 463 12.83 21.72 -2.04
C ASN B 463 13.35 23.07 -1.54
N LEU B 464 14.06 23.05 -0.41
CA LEU B 464 14.61 24.26 0.15
C LEU B 464 15.87 24.69 -0.59
N ALA B 465 16.76 23.74 -0.86
CA ALA B 465 17.99 24.06 -1.57
C ALA B 465 17.67 24.58 -2.96
N ALA B 466 16.57 24.13 -3.52
CA ALA B 466 16.12 24.54 -4.86
C ALA B 466 15.43 25.89 -4.83
N SER B 467 14.67 26.14 -3.76
CA SER B 467 13.96 27.39 -3.61
C SER B 467 14.84 28.54 -3.16
N PHE B 468 15.55 28.34 -2.05
CA PHE B 468 16.42 29.36 -1.44
C PHE B 468 17.88 29.33 -1.89
N GLY B 469 18.30 28.26 -2.56
CA GLY B 469 19.67 28.16 -3.03
C GLY B 469 20.51 27.18 -2.22
N LYS B 470 20.15 26.96 -0.96
CA LYS B 470 20.89 26.02 -0.14
C LYS B 470 20.04 25.46 0.99
N SER B 471 20.36 24.24 1.40
CA SER B 471 19.63 23.57 2.48
C SER B 471 20.32 23.87 3.81
N ILE B 472 19.79 23.36 4.91
CA ILE B 472 20.42 23.59 6.21
C ILE B 472 21.46 22.53 6.53
N ASN B 473 21.11 21.28 6.34
CA ASN B 473 22.00 20.20 6.72
C ASN B 473 23.01 19.64 5.72
N PHE B 474 23.13 20.30 4.58
CA PHE B 474 24.08 19.88 3.58
C PHE B 474 24.59 21.06 2.75
N GLN C 3 2.30 10.34 53.34
CA GLN C 3 2.46 11.50 54.27
C GLN C 3 1.26 12.45 54.20
N PRO C 4 0.05 11.92 54.47
CA PRO C 4 -1.19 12.67 54.45
C PRO C 4 -1.30 13.77 55.52
N ILE C 5 -2.02 14.85 55.26
CA ILE C 5 -2.20 15.87 56.28
C ILE C 5 -3.67 15.86 56.69
N ASP C 6 -3.93 16.28 57.92
CA ASP C 6 -5.28 16.33 58.45
C ASP C 6 -5.82 17.75 58.53
N ALA C 7 -7.12 17.88 58.29
CA ALA C 7 -7.75 19.19 58.32
C ALA C 7 -9.22 19.12 58.66
N ASP C 8 -9.73 20.20 59.22
CA ASP C 8 -11.15 20.32 59.55
C ASP C 8 -11.86 20.85 58.31
N VAL C 9 -11.23 21.82 57.65
CA VAL C 9 -11.82 22.41 56.47
C VAL C 9 -10.80 22.53 55.35
N THR C 10 -11.11 21.98 54.19
CA THR C 10 -10.19 22.11 53.09
C THR C 10 -10.92 22.91 52.01
N VAL C 11 -10.36 24.08 51.70
CA VAL C 11 -10.92 24.99 50.71
C VAL C 11 -10.22 24.78 49.38
N ILE C 12 -10.98 24.56 48.31
CA ILE C 12 -10.36 24.37 46.99
C ILE C 12 -10.53 25.65 46.18
N GLY C 13 -9.44 26.40 46.03
CA GLY C 13 -9.48 27.67 45.33
C GLY C 13 -9.12 28.80 46.30
N SER C 14 -8.28 29.73 45.85
CA SER C 14 -7.85 30.87 46.66
C SER C 14 -8.35 32.24 46.12
N GLY C 15 -9.47 32.24 45.43
CA GLY C 15 -10.04 33.48 44.92
C GLY C 15 -10.77 34.16 46.09
N PRO C 16 -11.49 35.28 45.87
CA PRO C 16 -12.20 36.01 46.92
C PRO C 16 -13.02 35.12 47.85
N GLY C 17 -13.74 34.16 47.28
CA GLY C 17 -14.53 33.28 48.12
C GLY C 17 -13.66 32.33 48.96
N GLY C 18 -12.73 31.64 48.32
CA GLY C 18 -11.88 30.72 49.03
C GLY C 18 -10.91 31.30 50.06
N TYR C 19 -10.08 32.25 49.63
CA TYR C 19 -9.11 32.81 50.57
C TYR C 19 -9.80 33.45 51.77
N VAL C 20 -10.94 34.11 51.57
CA VAL C 20 -11.65 34.71 52.71
C VAL C 20 -12.29 33.64 53.60
N ALA C 21 -12.86 32.61 53.00
CA ALA C 21 -13.48 31.52 53.75
C ALA C 21 -12.38 30.78 54.56
N ALA C 22 -11.23 30.60 53.92
CA ALA C 22 -10.09 29.92 54.57
C ALA C 22 -9.65 30.66 55.82
N ILE C 23 -9.48 31.98 55.68
CA ILE C 23 -9.06 32.81 56.80
C ILE C 23 -10.10 32.83 57.91
N LYS C 24 -11.37 32.99 57.55
CA LYS C 24 -12.45 33.04 58.55
C LYS C 24 -12.58 31.70 59.26
N ALA C 25 -12.46 30.63 58.49
CA ALA C 25 -12.55 29.27 59.05
C ALA C 25 -11.47 29.17 60.11
N ALA C 26 -10.24 29.54 59.76
CA ALA C 26 -9.14 29.49 60.73
C ALA C 26 -9.42 30.33 61.97
N GLN C 27 -9.96 31.53 61.76
CA GLN C 27 -10.26 32.42 62.89
C GLN C 27 -11.34 31.83 63.80
N LEU C 28 -12.18 30.96 63.24
CA LEU C 28 -13.22 30.32 64.05
C LEU C 28 -12.64 29.08 64.75
N GLY C 29 -11.39 28.76 64.48
CA GLY C 29 -10.77 27.61 65.13
C GLY C 29 -10.66 26.36 64.29
N PHE C 30 -11.04 26.41 63.03
CA PHE C 30 -10.93 25.21 62.21
C PHE C 30 -9.50 25.04 61.72
N LYS C 31 -9.04 23.80 61.69
CA LYS C 31 -7.70 23.52 61.17
C LYS C 31 -7.98 23.63 59.68
N THR C 32 -7.40 24.64 59.04
CA THR C 32 -7.69 24.93 57.63
C THR C 32 -6.61 24.77 56.59
N VAL C 33 -7.02 24.24 55.45
CA VAL C 33 -6.10 24.06 54.35
C VAL C 33 -6.74 24.71 53.13
N CYS C 34 -5.93 25.36 52.30
CA CYS C 34 -6.44 25.98 51.11
C CYS C 34 -5.59 25.56 49.94
N ILE C 35 -6.21 24.91 48.95
CA ILE C 35 -5.49 24.44 47.78
C ILE C 35 -5.65 25.39 46.58
N GLU C 36 -4.55 25.77 45.96
CA GLU C 36 -4.60 26.64 44.80
C GLU C 36 -3.67 26.09 43.75
N LYS C 37 -4.16 25.95 42.51
CA LYS C 37 -3.34 25.42 41.43
C LYS C 37 -2.41 26.45 40.80
N ASN C 38 -2.76 27.74 40.87
CA ASN C 38 -1.92 28.77 40.28
C ASN C 38 -0.79 29.16 41.22
N GLU C 39 0.27 29.72 40.66
CA GLU C 39 1.44 30.13 41.42
C GLU C 39 1.16 31.20 42.47
N THR C 40 0.09 31.97 42.30
CA THR C 40 -0.22 32.98 43.30
C THR C 40 -1.65 32.81 43.78
N LEU C 41 -1.92 33.30 44.99
CA LEU C 41 -3.26 33.24 45.58
C LEU C 41 -4.10 34.41 45.04
N GLY C 42 -5.39 34.44 45.42
CA GLY C 42 -6.23 35.54 44.99
C GLY C 42 -7.24 35.29 43.89
N GLY C 43 -7.04 34.24 43.11
CA GLY C 43 -8.00 33.93 42.09
C GLY C 43 -8.10 34.87 40.92
N THR C 44 -9.27 34.86 40.30
CA THR C 44 -9.56 35.66 39.13
C THR C 44 -9.50 37.14 39.45
N CYS C 45 -10.18 37.52 40.52
CA CYS C 45 -10.25 38.92 40.92
C CYS C 45 -8.91 39.60 40.96
N LEU C 46 -8.03 39.04 41.79
CA LEU C 46 -6.71 39.58 41.97
C LEU C 46 -5.77 39.42 40.80
N ASN C 47 -5.74 38.23 40.20
CA ASN C 47 -4.76 38.04 39.14
C ASN C 47 -5.04 38.47 37.73
N VAL C 48 -6.29 38.35 37.30
CA VAL C 48 -6.66 38.68 35.93
C VAL C 48 -8.06 39.30 35.86
N GLY C 49 -8.54 39.83 36.99
CA GLY C 49 -9.88 40.39 37.02
C GLY C 49 -10.01 41.79 37.60
N CYS C 50 -10.75 41.91 38.69
CA CYS C 50 -11.01 43.18 39.39
C CYS C 50 -9.80 44.13 39.50
N ILE C 51 -8.79 43.66 40.22
CA ILE C 51 -7.62 44.45 40.49
C ILE C 51 -6.87 45.02 39.29
N PRO C 52 -6.42 44.16 38.38
CA PRO C 52 -5.71 44.77 37.25
C PRO C 52 -6.62 45.64 36.37
N SER C 53 -7.88 45.26 36.23
CA SER C 53 -8.77 46.08 35.41
C SER C 53 -9.00 47.45 36.08
N LYS C 54 -9.16 47.47 37.40
CA LYS C 54 -9.35 48.73 38.11
C LYS C 54 -8.09 49.61 38.03
N ALA C 55 -6.91 49.00 38.08
CA ALA C 55 -5.65 49.75 37.97
C ALA C 55 -5.55 50.42 36.59
N LEU C 56 -5.86 49.67 35.54
CA LEU C 56 -5.80 50.26 34.20
C LEU C 56 -6.91 51.32 34.02
N LEU C 57 -8.07 51.10 34.65
CA LEU C 57 -9.17 52.04 34.55
C LEU C 57 -8.76 53.36 35.20
N ASN C 58 -8.12 53.24 36.36
CA ASN C 58 -7.64 54.40 37.11
C ASN C 58 -6.54 55.13 36.35
N ASN C 59 -5.56 54.39 35.84
CA ASN C 59 -4.47 55.03 35.13
C ASN C 59 -4.90 55.60 33.80
N SER C 60 -5.77 54.88 33.08
CA SER C 60 -6.20 55.40 31.78
C SER C 60 -7.05 56.67 31.95
N HIS C 61 -7.82 56.71 33.03
CA HIS C 61 -8.67 57.87 33.32
C HIS C 61 -7.79 59.10 33.50
N TYR C 62 -6.74 58.97 34.31
CA TYR C 62 -5.82 60.07 34.56
C TYR C 62 -5.14 60.45 33.26
N TYR C 63 -4.74 59.45 32.48
CA TYR C 63 -4.10 59.73 31.20
C TYR C 63 -5.04 60.58 30.37
N HIS C 64 -6.32 60.22 30.36
CA HIS C 64 -7.30 60.96 29.59
C HIS C 64 -7.43 62.40 30.08
N MET C 65 -7.42 62.59 31.40
CA MET C 65 -7.53 63.93 31.99
C MET C 65 -6.36 64.84 31.59
N ALA C 66 -5.16 64.28 31.59
CA ALA C 66 -3.94 65.01 31.26
C ALA C 66 -3.77 65.20 29.76
N HIS C 67 -4.12 64.18 28.99
CA HIS C 67 -3.97 64.22 27.54
C HIS C 67 -5.04 65.05 26.89
N GLY C 68 -6.27 64.92 27.36
CA GLY C 68 -7.38 65.67 26.81
C GLY C 68 -7.43 67.13 27.22
N THR C 69 -8.64 67.66 27.35
CA THR C 69 -8.85 69.05 27.70
C THR C 69 -9.01 69.34 29.22
N ASP C 70 -9.32 68.32 30.01
CA ASP C 70 -9.52 68.54 31.45
C ASP C 70 -8.42 69.30 32.20
N PHE C 71 -7.18 68.83 32.14
CA PHE C 71 -6.13 69.52 32.89
C PHE C 71 -5.86 70.95 32.42
N ALA C 72 -5.85 71.16 31.11
CA ALA C 72 -5.62 72.50 30.58
C ALA C 72 -6.65 73.44 31.20
N SER C 73 -7.89 72.98 31.32
CA SER C 73 -8.95 73.81 31.89
C SER C 73 -8.74 74.12 33.36
N ARG C 74 -7.82 73.42 34.00
CA ARG C 74 -7.56 73.65 35.42
C ARG C 74 -6.26 74.45 35.59
N GLY C 75 -5.67 74.85 34.47
CA GLY C 75 -4.43 75.62 34.56
C GLY C 75 -3.19 74.77 34.77
N ILE C 76 -3.28 73.48 34.43
CA ILE C 76 -2.14 72.57 34.56
C ILE C 76 -1.72 72.37 33.11
N GLU C 77 -0.65 73.05 32.71
CA GLU C 77 -0.22 72.94 31.33
C GLU C 77 1.06 72.17 31.11
N MET C 78 1.01 71.31 30.09
CA MET C 78 2.14 70.46 29.71
C MET C 78 2.36 70.46 28.20
N SER C 79 3.61 70.62 27.79
CA SER C 79 3.94 70.67 26.37
C SER C 79 3.38 69.46 25.63
N GLU C 80 3.72 68.26 26.08
CA GLU C 80 3.24 67.06 25.41
C GLU C 80 3.00 65.94 26.39
N VAL C 81 1.89 65.24 26.19
CA VAL C 81 1.52 64.15 27.04
C VAL C 81 1.75 62.88 26.25
N ARG C 82 2.62 62.03 26.76
CA ARG C 82 2.98 60.82 26.07
C ARG C 82 2.64 59.59 26.94
N LEU C 83 2.15 58.55 26.30
CA LEU C 83 1.83 57.33 27.01
C LEU C 83 3.02 56.37 27.02
N ASN C 84 3.34 55.84 28.19
CA ASN C 84 4.39 54.83 28.29
C ASN C 84 3.59 53.65 28.83
N LEU C 85 3.05 52.87 27.91
CA LEU C 85 2.22 51.73 28.25
C LEU C 85 2.94 50.71 29.13
N ASP C 86 4.22 50.51 28.89
CA ASP C 86 4.97 49.54 29.70
C ASP C 86 5.04 49.98 31.16
N LYS C 87 5.21 51.28 31.40
CA LYS C 87 5.26 51.78 32.75
C LYS C 87 3.86 51.71 33.38
N MET C 88 2.81 51.94 32.58
CA MET C 88 1.44 51.89 33.10
C MET C 88 1.09 50.44 33.48
N MET C 89 1.50 49.48 32.64
CA MET C 89 1.26 48.07 32.90
C MET C 89 2.02 47.67 34.17
N GLU C 90 3.19 48.26 34.33
CA GLU C 90 4.03 48.00 35.49
C GLU C 90 3.36 48.42 36.81
N GLN C 91 2.72 49.60 36.81
CA GLN C 91 2.03 50.05 38.02
C GLN C 91 0.94 49.03 38.33
N LYS C 92 0.28 48.56 37.27
CA LYS C 92 -0.78 47.57 37.40
C LYS C 92 -0.22 46.28 38.03
N SER C 93 0.91 45.79 37.50
CA SER C 93 1.55 44.56 37.99
C SER C 93 1.99 44.64 39.44
N THR C 94 2.60 45.76 39.80
CA THR C 94 3.08 46.03 41.16
C THR C 94 1.94 45.96 42.17
N ALA C 95 0.76 46.47 41.81
CA ALA C 95 -0.36 46.40 42.76
C ALA C 95 -0.79 44.94 42.96
N VAL C 96 -0.86 44.19 41.86
CA VAL C 96 -1.26 42.78 41.88
C VAL C 96 -0.31 41.96 42.75
N LYS C 97 0.99 42.09 42.50
CA LYS C 97 2.01 41.36 43.26
C LYS C 97 1.94 41.69 44.74
N ALA C 98 1.82 42.98 45.06
CA ALA C 98 1.72 43.39 46.46
C ALA C 98 0.49 42.77 47.11
N LEU C 99 -0.64 42.74 46.40
CA LEU C 99 -1.81 42.16 47.02
C LEU C 99 -1.73 40.61 47.08
N THR C 100 -1.10 39.96 46.09
CA THR C 100 -0.99 38.50 46.14
C THR C 100 -0.09 38.16 47.32
N GLY C 101 0.98 38.93 47.47
CA GLY C 101 1.86 38.69 48.61
C GLY C 101 1.10 38.94 49.91
N GLY C 102 0.21 39.92 49.86
CA GLY C 102 -0.55 40.23 51.05
C GLY C 102 -1.40 39.03 51.47
N ILE C 103 -2.00 38.32 50.52
CA ILE C 103 -2.82 37.17 50.90
C ILE C 103 -1.97 36.03 51.51
N ALA C 104 -0.81 35.79 50.92
CA ALA C 104 0.08 34.75 51.43
C ALA C 104 0.41 35.09 52.88
N HIS C 105 0.68 36.37 53.12
CA HIS C 105 0.97 36.82 54.46
C HIS C 105 -0.22 36.56 55.38
N LEU C 106 -1.43 36.86 54.92
CA LEU C 106 -2.60 36.64 55.76
C LEU C 106 -2.79 35.16 56.07
N PHE C 107 -2.52 34.30 55.11
CA PHE C 107 -2.65 32.87 55.37
C PHE C 107 -1.67 32.48 56.50
N LYS C 108 -0.41 32.89 56.36
CA LYS C 108 0.61 32.61 57.36
C LYS C 108 0.16 33.15 58.73
N GLN C 109 -0.30 34.39 58.74
CA GLN C 109 -0.75 35.07 59.93
C GLN C 109 -1.85 34.34 60.69
N ASN C 110 -2.79 33.77 59.93
CA ASN C 110 -3.93 33.07 60.48
C ASN C 110 -3.79 31.56 60.56
N LYS C 111 -2.59 31.05 60.25
CA LYS C 111 -2.35 29.62 60.35
C LYS C 111 -3.04 28.78 59.27
N VAL C 112 -3.25 29.36 58.11
CA VAL C 112 -3.88 28.61 57.04
C VAL C 112 -2.77 27.89 56.27
N VAL C 113 -2.93 26.59 56.08
CA VAL C 113 -1.94 25.82 55.35
C VAL C 113 -2.18 25.95 53.86
N HIS C 114 -1.19 26.44 53.15
CA HIS C 114 -1.29 26.61 51.72
C HIS C 114 -0.66 25.45 50.95
N VAL C 115 -1.49 24.73 50.18
CA VAL C 115 -1.02 23.62 49.36
C VAL C 115 -1.08 24.08 47.91
N ASN C 116 0.02 23.99 47.20
CA ASN C 116 0.04 24.40 45.81
C ASN C 116 -0.10 23.20 44.86
N GLY C 117 -1.22 23.15 44.13
CA GLY C 117 -1.48 22.08 43.19
C GLY C 117 -2.95 21.99 42.77
N TYR C 118 -3.25 21.08 41.86
CA TYR C 118 -4.59 20.89 41.36
C TYR C 118 -5.34 19.91 42.24
N GLY C 119 -6.34 20.41 42.95
CA GLY C 119 -7.09 19.55 43.84
C GLY C 119 -8.23 18.77 43.23
N LYS C 120 -8.31 17.49 43.59
CA LYS C 120 -9.40 16.64 43.10
C LYS C 120 -9.97 15.95 44.32
N ILE C 121 -11.29 15.99 44.47
CA ILE C 121 -11.93 15.34 45.59
C ILE C 121 -11.88 13.85 45.25
N THR C 122 -11.07 13.11 45.99
CA THR C 122 -10.90 11.68 45.76
C THR C 122 -11.61 10.79 46.76
N GLY C 123 -12.33 11.40 47.69
CA GLY C 123 -13.07 10.66 48.69
C GLY C 123 -14.00 11.63 49.39
N LYS C 124 -15.09 11.13 49.96
CA LYS C 124 -16.03 11.98 50.67
C LYS C 124 -15.31 12.92 51.63
N ASN C 125 -14.22 12.43 52.22
CA ASN C 125 -13.41 13.19 53.16
C ASN C 125 -11.96 13.28 52.77
N GLN C 126 -11.70 13.41 51.48
CA GLN C 126 -10.34 13.47 51.04
C GLN C 126 -10.16 14.17 49.72
N VAL C 127 -9.11 14.98 49.67
CA VAL C 127 -8.79 15.74 48.49
C VAL C 127 -7.36 15.48 48.13
N THR C 128 -7.12 15.22 46.86
CA THR C 128 -5.76 14.95 46.41
C THR C 128 -5.26 16.07 45.50
N ALA C 129 -4.12 16.66 45.86
CA ALA C 129 -3.51 17.74 45.08
C ALA C 129 -2.32 17.23 44.28
N THR C 130 -2.33 17.42 42.97
CA THR C 130 -1.20 16.97 42.17
C THR C 130 -0.37 18.17 41.72
N LYS C 131 0.94 17.99 41.59
CA LYS C 131 1.85 19.09 41.23
C LYS C 131 2.65 19.01 39.93
N ALA C 132 2.04 18.46 38.88
CA ALA C 132 2.68 18.35 37.55
C ALA C 132 3.93 17.49 37.42
N ASP C 133 4.84 17.60 38.38
CA ASP C 133 6.08 16.83 38.38
C ASP C 133 5.83 15.42 38.89
N GLY C 134 4.56 15.02 38.94
CA GLY C 134 4.23 13.69 39.42
C GLY C 134 4.03 13.71 40.93
N GLY C 135 4.34 14.86 41.55
CA GLY C 135 4.19 15.02 43.00
C GLY C 135 2.73 15.04 43.42
N THR C 136 2.42 14.41 44.55
CA THR C 136 1.04 14.32 45.04
C THR C 136 0.93 14.53 46.54
N GLN C 137 -0.17 15.14 46.98
CA GLN C 137 -0.42 15.42 48.41
C GLN C 137 -1.89 15.17 48.73
N VAL C 138 -2.13 14.35 49.74
CA VAL C 138 -3.47 13.98 50.17
C VAL C 138 -3.87 14.72 51.45
N ILE C 139 -5.11 15.18 51.51
CA ILE C 139 -5.61 15.83 52.70
C ILE C 139 -6.87 15.06 53.15
N ASP C 140 -6.85 14.58 54.38
CA ASP C 140 -8.00 13.89 54.92
C ASP C 140 -8.64 15.03 55.68
N THR C 141 -9.89 15.31 55.36
CA THR C 141 -10.58 16.46 55.94
C THR C 141 -12.06 16.22 56.28
N LYS C 142 -12.52 16.87 57.34
CA LYS C 142 -13.91 16.73 57.76
C LYS C 142 -14.85 17.40 56.73
N ASN C 143 -14.53 18.63 56.35
CA ASN C 143 -15.33 19.39 55.41
C ASN C 143 -14.55 19.81 54.19
N ILE C 144 -15.25 19.85 53.05
CA ILE C 144 -14.65 20.30 51.81
C ILE C 144 -15.45 21.51 51.30
N LEU C 145 -14.75 22.60 51.00
CA LEU C 145 -15.40 23.81 50.49
C LEU C 145 -14.92 24.03 49.07
N ILE C 146 -15.81 23.83 48.11
CA ILE C 146 -15.46 24.06 46.73
C ILE C 146 -15.62 25.55 46.43
N ALA C 147 -14.54 26.17 45.91
CA ALA C 147 -14.55 27.59 45.57
C ALA C 147 -13.66 27.71 44.36
N THR C 148 -13.95 26.88 43.38
CA THR C 148 -13.14 26.83 42.17
C THR C 148 -13.41 27.90 41.14
N GLY C 149 -14.34 28.78 41.47
CA GLY C 149 -14.64 29.92 40.63
C GLY C 149 -15.09 29.79 39.19
N SER C 150 -14.44 30.52 38.29
CA SER C 150 -14.92 30.56 36.91
C SER C 150 -13.84 30.72 35.88
N GLU C 151 -14.26 30.73 34.62
CA GLU C 151 -13.34 30.91 33.50
C GLU C 151 -14.08 31.66 32.41
N VAL C 152 -13.34 32.20 31.46
CA VAL C 152 -13.93 32.93 30.37
C VAL C 152 -14.76 31.99 29.51
N THR C 153 -15.95 32.43 29.12
CA THR C 153 -16.77 31.61 28.27
C THR C 153 -16.32 31.78 26.83
N PRO C 154 -15.92 30.67 26.19
CA PRO C 154 -15.48 30.76 24.80
C PRO C 154 -16.63 31.09 23.85
N PHE C 155 -16.30 31.70 22.73
CA PHE C 155 -17.30 32.04 21.73
C PHE C 155 -17.18 30.98 20.63
N PRO C 156 -18.27 30.24 20.36
CA PRO C 156 -18.34 29.17 19.34
C PRO C 156 -17.90 29.63 17.95
N GLY C 157 -16.82 29.05 17.45
CA GLY C 157 -16.34 29.41 16.13
C GLY C 157 -15.09 30.26 16.15
N ILE C 158 -14.93 31.04 17.22
CA ILE C 158 -13.75 31.90 17.33
C ILE C 158 -12.86 31.38 18.45
N THR C 159 -11.57 31.27 18.17
CA THR C 159 -10.67 30.79 19.19
C THR C 159 -9.68 31.85 19.65
N ILE C 160 -9.70 32.06 20.96
CA ILE C 160 -8.86 33.03 21.65
C ILE C 160 -7.40 32.63 21.67
N ASP C 161 -6.50 33.51 21.26
CA ASP C 161 -5.08 33.19 21.26
C ASP C 161 -4.29 34.14 22.17
N GLU C 162 -4.99 35.05 22.84
CA GLU C 162 -4.34 36.01 23.71
C GLU C 162 -3.23 36.79 23.02
N ASP C 163 -3.31 36.87 21.70
CA ASP C 163 -2.34 37.64 20.92
C ASP C 163 -3.13 38.76 20.25
N THR C 164 -3.95 38.42 19.26
CA THR C 164 -4.76 39.44 18.60
C THR C 164 -6.23 39.13 18.83
N ILE C 165 -6.53 37.90 19.19
CA ILE C 165 -7.90 37.56 19.54
C ILE C 165 -7.74 37.24 21.01
N VAL C 166 -8.18 38.15 21.87
CA VAL C 166 -8.00 37.97 23.30
C VAL C 166 -9.24 37.90 24.14
N SER C 167 -9.07 37.41 25.37
CA SER C 167 -10.15 37.38 26.33
C SER C 167 -9.75 38.52 27.27
N SER C 168 -10.47 38.70 28.39
CA SER C 168 -10.14 39.79 29.31
C SER C 168 -8.71 39.70 29.75
N THR C 169 -8.23 38.47 29.92
CA THR C 169 -6.86 38.28 30.37
C THR C 169 -5.88 38.85 29.37
N GLY C 170 -6.12 38.60 28.09
CA GLY C 170 -5.21 39.16 27.09
C GLY C 170 -5.42 40.67 26.98
N ALA C 171 -6.65 41.12 27.16
CA ALA C 171 -6.93 42.55 27.04
C ALA C 171 -6.22 43.33 28.16
N LEU C 172 -6.04 42.71 29.32
CA LEU C 172 -5.38 43.39 30.41
C LEU C 172 -3.86 43.54 30.25
N SER C 173 -3.28 42.88 29.25
CA SER C 173 -1.83 42.97 29.06
C SER C 173 -1.35 43.28 27.65
N LEU C 174 -2.20 43.86 26.81
CA LEU C 174 -1.78 44.21 25.45
C LEU C 174 -0.44 44.93 25.50
N LYS C 175 0.41 44.70 24.50
CA LYS C 175 1.74 45.30 24.47
C LYS C 175 1.77 46.64 23.80
N LYS C 176 0.69 46.96 23.10
CA LYS C 176 0.58 48.24 22.43
C LYS C 176 -0.89 48.57 22.33
N VAL C 177 -1.17 49.84 22.11
CA VAL C 177 -2.55 50.26 21.99
C VAL C 177 -3.04 49.86 20.61
N PRO C 178 -4.05 48.97 20.53
CA PRO C 178 -4.55 48.56 19.22
C PRO C 178 -5.13 49.78 18.49
N GLU C 179 -4.69 49.99 17.26
CA GLU C 179 -5.18 51.10 16.48
C GLU C 179 -6.70 51.04 16.42
N LYS C 180 -7.24 49.83 16.38
CA LYS C 180 -8.68 49.64 16.34
C LYS C 180 -9.03 48.32 17.03
N MET C 181 -10.07 48.34 17.86
CA MET C 181 -10.46 47.15 18.58
C MET C 181 -11.96 46.91 18.55
N VAL C 182 -12.35 45.65 18.50
CA VAL C 182 -13.76 45.28 18.55
C VAL C 182 -13.95 44.42 19.81
N VAL C 183 -15.01 44.70 20.55
CA VAL C 183 -15.29 43.96 21.77
C VAL C 183 -16.59 43.21 21.59
N ILE C 184 -16.55 41.88 21.77
CA ILE C 184 -17.77 41.12 21.66
C ILE C 184 -18.37 41.02 23.06
N GLY C 185 -19.51 41.69 23.25
CA GLY C 185 -20.17 41.67 24.54
C GLY C 185 -20.06 43.05 25.20
N ALA C 186 -21.20 43.64 25.59
CA ALA C 186 -21.18 44.96 26.23
C ALA C 186 -21.66 44.88 27.65
N GLY C 187 -21.25 43.81 28.31
CA GLY C 187 -21.56 43.64 29.71
C GLY C 187 -20.52 44.47 30.44
N VAL C 188 -20.52 44.38 31.77
CA VAL C 188 -19.62 45.13 32.60
C VAL C 188 -18.16 45.05 32.21
N ILE C 189 -17.63 43.84 32.10
CA ILE C 189 -16.23 43.66 31.75
C ILE C 189 -15.87 44.22 30.38
N GLY C 190 -16.70 43.99 29.38
CA GLY C 190 -16.41 44.51 28.05
C GLY C 190 -16.40 46.04 28.02
N VAL C 191 -17.38 46.63 28.69
CA VAL C 191 -17.47 48.08 28.74
C VAL C 191 -16.24 48.66 29.46
N GLU C 192 -15.86 48.09 30.59
CA GLU C 192 -14.69 48.56 31.31
C GLU C 192 -13.41 48.44 30.48
N LEU C 193 -13.20 47.29 29.84
CA LEU C 193 -11.96 47.11 29.06
C LEU C 193 -11.99 47.93 27.81
N GLY C 194 -13.14 47.99 27.15
CA GLY C 194 -13.20 48.80 25.96
C GLY C 194 -12.87 50.24 26.32
N SER C 195 -13.41 50.72 27.45
CA SER C 195 -13.18 52.10 27.86
C SER C 195 -11.70 52.35 28.17
N VAL C 196 -11.03 51.40 28.82
CA VAL C 196 -9.60 51.56 29.10
C VAL C 196 -8.85 51.88 27.80
N TRP C 197 -9.02 51.03 26.79
CA TRP C 197 -8.31 51.20 25.52
C TRP C 197 -8.82 52.36 24.68
N GLN C 198 -10.10 52.68 24.78
CA GLN C 198 -10.63 53.81 24.03
C GLN C 198 -9.85 55.05 24.54
N ARG C 199 -9.71 55.16 25.86
CA ARG C 199 -8.99 56.28 26.48
C ARG C 199 -7.53 56.36 26.06
N LEU C 200 -6.88 55.20 25.96
CA LEU C 200 -5.47 55.18 25.62
C LEU C 200 -5.16 55.41 24.15
N GLY C 201 -6.20 55.59 23.34
CA GLY C 201 -5.95 55.85 21.94
C GLY C 201 -6.63 54.97 20.92
N ALA C 202 -7.22 53.86 21.35
CA ALA C 202 -7.88 52.96 20.40
C ALA C 202 -9.23 53.41 19.92
N ASP C 203 -9.55 52.99 18.71
CA ASP C 203 -10.84 53.25 18.10
C ASP C 203 -11.55 51.97 18.52
N VAL C 204 -12.60 52.10 19.33
CA VAL C 204 -13.28 50.94 19.87
C VAL C 204 -14.77 50.81 19.55
N THR C 205 -15.19 49.57 19.35
CA THR C 205 -16.60 49.24 19.10
C THR C 205 -16.97 47.95 19.80
N ALA C 206 -18.06 47.98 20.56
CA ALA C 206 -18.52 46.79 21.25
C ALA C 206 -19.77 46.29 20.56
N VAL C 207 -19.82 44.99 20.30
CA VAL C 207 -20.95 44.38 19.63
C VAL C 207 -21.69 43.59 20.69
N GLU C 208 -22.98 43.85 20.80
CA GLU C 208 -23.78 43.20 21.81
C GLU C 208 -25.09 42.69 21.25
N PHE C 209 -25.41 41.46 21.60
CA PHE C 209 -26.63 40.83 21.13
C PHE C 209 -27.89 41.44 21.71
N LEU C 210 -27.86 41.78 23.00
CA LEU C 210 -29.05 42.38 23.65
C LEU C 210 -29.18 43.85 23.28
N GLY C 211 -30.26 44.47 23.71
CA GLY C 211 -30.48 45.87 23.40
C GLY C 211 -30.01 46.88 24.42
N HIS C 212 -29.06 46.52 25.27
CA HIS C 212 -28.56 47.46 26.25
C HIS C 212 -27.19 47.05 26.72
N VAL C 213 -26.52 48.00 27.36
CA VAL C 213 -25.17 47.85 27.87
C VAL C 213 -25.19 47.66 29.38
N GLY C 214 -24.14 47.05 29.92
CA GLY C 214 -24.04 46.89 31.35
C GLY C 214 -24.43 45.58 32.00
N GLY C 215 -24.83 44.60 31.20
CA GLY C 215 -25.20 43.31 31.76
C GLY C 215 -26.59 43.20 32.38
N VAL C 216 -26.81 42.11 33.11
CA VAL C 216 -28.11 41.85 33.71
C VAL C 216 -28.42 42.62 34.98
N GLY C 217 -29.70 42.96 35.13
CA GLY C 217 -30.16 43.66 36.31
C GLY C 217 -29.96 45.17 36.36
N ILE C 218 -29.19 45.72 35.43
CA ILE C 218 -28.99 47.16 35.40
C ILE C 218 -30.29 47.85 34.96
N ASP C 219 -30.68 48.90 35.68
CA ASP C 219 -31.89 49.66 35.34
C ASP C 219 -31.75 50.16 33.89
N MET C 220 -32.80 50.00 33.09
CA MET C 220 -32.74 50.41 31.67
C MET C 220 -32.48 51.91 31.45
N GLU C 221 -33.14 52.78 32.20
CA GLU C 221 -32.91 54.22 32.00
C GLU C 221 -31.43 54.51 32.30
N ILE C 222 -30.95 53.99 33.42
CA ILE C 222 -29.55 54.16 33.79
C ILE C 222 -28.69 53.60 32.66
N SER C 223 -29.07 52.44 32.15
CA SER C 223 -28.27 51.85 31.09
C SER C 223 -28.22 52.72 29.84
N LYS C 224 -29.36 53.30 29.46
CA LYS C 224 -29.35 54.15 28.25
C LYS C 224 -28.53 55.43 28.44
N ASN C 225 -28.68 56.07 29.60
CA ASN C 225 -27.94 57.30 29.87
C ASN C 225 -26.42 56.99 29.87
N PHE C 226 -26.06 55.85 30.45
CA PHE C 226 -24.65 55.47 30.52
C PHE C 226 -24.10 55.30 29.12
N GLN C 227 -24.83 54.53 28.29
CA GLN C 227 -24.43 54.28 26.91
C GLN C 227 -24.23 55.60 26.16
N ARG C 228 -25.16 56.53 26.37
CA ARG C 228 -25.11 57.83 25.69
C ARG C 228 -23.84 58.58 26.07
N ILE C 229 -23.52 58.57 27.36
CA ILE C 229 -22.32 59.26 27.82
C ILE C 229 -21.08 58.63 27.22
N LEU C 230 -21.01 57.30 27.22
CA LEU C 230 -19.84 56.61 26.66
C LEU C 230 -19.69 56.89 25.17
N GLN C 231 -20.80 56.95 24.45
CA GLN C 231 -20.73 57.24 23.03
C GLN C 231 -20.14 58.64 22.80
N LYS C 232 -20.51 59.59 23.66
CA LYS C 232 -19.96 60.93 23.52
C LYS C 232 -18.47 60.89 23.79
N GLN C 233 -18.01 59.90 24.55
CA GLN C 233 -16.57 59.80 24.81
C GLN C 233 -15.86 59.23 23.60
N GLY C 234 -16.63 58.59 22.72
CA GLY C 234 -16.05 58.02 21.52
C GLY C 234 -16.16 56.50 21.46
N PHE C 235 -16.75 55.93 22.51
CA PHE C 235 -16.95 54.47 22.62
C PHE C 235 -18.17 54.06 21.79
N LYS C 236 -17.98 53.39 20.65
CA LYS C 236 -19.11 52.97 19.81
C LYS C 236 -19.75 51.63 20.17
N PHE C 237 -21.06 51.55 19.98
CA PHE C 237 -21.79 50.33 20.27
C PHE C 237 -22.65 49.92 19.10
N LYS C 238 -22.90 48.62 19.01
CA LYS C 238 -23.76 48.04 17.99
C LYS C 238 -24.55 47.00 18.75
N LEU C 239 -25.69 47.44 19.27
CA LEU C 239 -26.58 46.59 20.06
C LEU C 239 -27.50 45.76 19.17
N ASN C 240 -28.22 44.83 19.77
CA ASN C 240 -29.11 43.97 18.99
C ASN C 240 -28.39 43.46 17.74
N THR C 241 -27.12 43.11 17.90
CA THR C 241 -26.30 42.61 16.81
C THR C 241 -25.64 41.32 17.25
N LYS C 242 -25.42 40.39 16.31
CA LYS C 242 -24.76 39.14 16.66
C LYS C 242 -23.54 38.96 15.77
N VAL C 243 -22.51 38.36 16.34
CA VAL C 243 -21.29 38.10 15.59
C VAL C 243 -21.45 36.72 14.97
N THR C 244 -21.18 36.58 13.68
CA THR C 244 -21.34 35.26 13.06
C THR C 244 -20.00 34.60 12.81
N GLY C 245 -18.92 35.32 13.10
CA GLY C 245 -17.61 34.74 12.90
C GLY C 245 -16.57 35.83 12.79
N ALA C 246 -15.31 35.43 12.93
CA ALA C 246 -14.19 36.35 12.82
C ALA C 246 -13.14 35.64 11.98
N THR C 247 -12.31 36.40 11.28
CA THR C 247 -11.30 35.77 10.45
C THR C 247 -10.02 36.56 10.40
N LYS C 248 -8.91 35.90 10.71
CA LYS C 248 -7.64 36.59 10.64
C LYS C 248 -7.29 36.60 9.15
N LYS C 249 -6.72 37.71 8.69
CA LYS C 249 -6.35 37.85 7.29
C LYS C 249 -4.84 37.88 7.18
N SER C 250 -4.32 37.63 5.97
CA SER C 250 -2.88 37.62 5.74
C SER C 250 -2.29 38.97 6.12
N ASP C 251 -3.19 39.92 6.29
CA ASP C 251 -2.90 41.30 6.67
C ASP C 251 -2.38 41.33 8.10
N GLY C 252 -2.96 40.45 8.92
CA GLY C 252 -2.63 40.39 10.33
C GLY C 252 -3.86 40.93 11.01
N LYS C 253 -4.67 41.65 10.24
CA LYS C 253 -5.90 42.26 10.74
C LYS C 253 -7.01 41.23 10.85
N ILE C 254 -8.09 41.59 11.53
CA ILE C 254 -9.19 40.67 11.72
C ILE C 254 -10.50 41.21 11.19
N ASP C 255 -11.29 40.32 10.61
CA ASP C 255 -12.58 40.70 10.07
C ASP C 255 -13.64 40.05 10.91
N VAL C 256 -14.57 40.86 11.38
CA VAL C 256 -15.64 40.34 12.20
C VAL C 256 -16.89 40.49 11.40
N SER C 257 -17.59 39.38 11.26
CA SER C 257 -18.80 39.43 10.46
C SER C 257 -19.96 39.38 11.42
N ILE C 258 -20.86 40.35 11.25
CA ILE C 258 -22.01 40.58 12.13
C ILE C 258 -23.30 40.80 11.36
N GLU C 259 -24.43 40.80 12.07
CA GLU C 259 -25.72 41.02 11.44
C GLU C 259 -26.73 41.29 12.55
N ALA C 260 -27.92 41.78 12.18
CA ALA C 260 -28.94 42.08 13.17
C ALA C 260 -29.33 40.85 13.96
N ALA C 261 -29.57 41.06 15.25
CA ALA C 261 -29.97 39.96 16.12
C ALA C 261 -31.15 39.24 15.46
N SER C 262 -32.13 40.02 14.99
CA SER C 262 -33.31 39.48 14.32
C SER C 262 -32.88 38.61 13.16
N GLY C 263 -32.00 39.14 12.31
CA GLY C 263 -31.52 38.36 11.19
C GLY C 263 -30.96 39.19 10.06
N GLY C 264 -31.50 40.40 9.90
CA GLY C 264 -31.08 41.28 8.83
C GLY C 264 -29.64 41.74 8.66
N LYS C 265 -29.53 42.76 7.81
CA LYS C 265 -28.28 43.40 7.44
C LYS C 265 -26.96 42.91 8.00
N ALA C 266 -26.28 42.12 7.18
CA ALA C 266 -24.99 41.57 7.52
C ALA C 266 -23.95 42.60 7.11
N GLU C 267 -22.79 42.57 7.77
CA GLU C 267 -21.71 43.48 7.44
C GLU C 267 -20.41 43.01 8.11
N VAL C 268 -19.31 43.66 7.76
CA VAL C 268 -18.01 43.26 8.29
C VAL C 268 -17.19 44.43 8.79
N ILE C 269 -16.71 44.35 10.04
CA ILE C 269 -15.87 45.40 10.56
C ILE C 269 -14.52 44.80 10.86
N THR C 270 -13.47 45.55 10.58
CA THR C 270 -12.12 45.06 10.79
C THR C 270 -11.56 45.68 12.04
N CYS C 271 -10.57 45.04 12.62
CA CYS C 271 -9.93 45.54 13.82
C CYS C 271 -8.55 44.90 13.91
N ASP C 272 -7.70 45.45 14.77
CA ASP C 272 -6.35 44.93 14.96
C ASP C 272 -6.35 43.99 16.17
N VAL C 273 -7.36 44.15 17.02
CA VAL C 273 -7.48 43.31 18.19
C VAL C 273 -8.94 43.03 18.44
N LEU C 274 -9.26 41.78 18.68
CA LEU C 274 -10.63 41.37 18.94
C LEU C 274 -10.70 40.87 20.39
N LEU C 275 -11.48 41.55 21.21
CA LEU C 275 -11.63 41.16 22.61
C LEU C 275 -12.90 40.33 22.76
N VAL C 276 -12.75 39.07 23.14
CA VAL C 276 -13.92 38.21 23.30
C VAL C 276 -14.37 38.11 24.75
N CYS C 277 -15.57 38.60 25.04
CA CYS C 277 -16.08 38.46 26.40
C CYS C 277 -17.58 38.54 26.49
N ILE C 278 -18.19 37.42 26.09
CA ILE C 278 -19.62 37.25 26.10
C ILE C 278 -20.08 36.73 27.44
N GLY C 279 -19.13 36.40 28.31
CA GLY C 279 -19.52 35.92 29.62
C GLY C 279 -18.45 35.08 30.30
N ARG C 280 -18.79 34.61 31.50
CA ARG C 280 -17.90 33.78 32.30
C ARG C 280 -18.76 32.63 32.78
N ARG C 281 -18.15 31.48 33.06
CA ARG C 281 -18.92 30.33 33.50
C ARG C 281 -18.19 29.59 34.61
N PRO C 282 -18.94 28.82 35.41
CA PRO C 282 -18.42 28.03 36.54
C PRO C 282 -17.29 27.11 36.09
N PHE C 283 -16.30 26.93 36.94
CA PHE C 283 -15.17 26.06 36.61
C PHE C 283 -15.08 24.96 37.65
N THR C 284 -15.26 23.72 37.21
CA THR C 284 -15.21 22.57 38.10
C THR C 284 -14.48 21.37 37.46
N LYS C 285 -13.72 21.63 36.38
CA LYS C 285 -13.01 20.59 35.67
C LYS C 285 -12.06 19.72 36.50
N ASN C 286 -12.16 18.40 36.30
CA ASN C 286 -11.31 17.40 36.98
C ASN C 286 -11.27 17.59 38.48
N LEU C 287 -12.41 17.93 39.06
CA LEU C 287 -12.53 18.18 40.48
C LEU C 287 -13.00 16.92 41.20
N GLY C 288 -13.51 15.97 40.41
CA GLY C 288 -14.01 14.72 40.95
C GLY C 288 -15.50 14.67 41.24
N LEU C 289 -16.23 15.68 40.78
CA LEU C 289 -17.67 15.74 41.04
C LEU C 289 -18.48 14.59 40.42
N GLU C 290 -18.17 14.22 39.17
CA GLU C 290 -18.91 13.14 38.54
C GLU C 290 -18.79 11.83 39.32
N GLU C 291 -17.57 11.45 39.70
CA GLU C 291 -17.37 10.22 40.46
C GLU C 291 -18.09 10.27 41.79
N LEU C 292 -18.27 11.47 42.34
CA LEU C 292 -18.96 11.62 43.63
C LEU C 292 -20.47 11.62 43.50
N GLY C 293 -20.96 11.75 42.27
CA GLY C 293 -22.40 11.79 42.05
C GLY C 293 -23.04 13.17 42.17
N ILE C 294 -22.19 14.20 42.26
CA ILE C 294 -22.67 15.58 42.35
C ILE C 294 -22.86 16.09 40.92
N GLU C 295 -24.12 16.20 40.51
CA GLU C 295 -24.40 16.69 39.16
C GLU C 295 -24.51 18.21 39.16
N LEU C 296 -24.08 18.80 38.06
CA LEU C 296 -24.10 20.24 37.89
C LEU C 296 -25.50 20.62 37.39
N ASP C 297 -25.77 21.91 37.27
CA ASP C 297 -27.07 22.35 36.76
C ASP C 297 -26.84 22.69 35.30
N PRO C 298 -27.90 22.99 34.56
CA PRO C 298 -27.68 23.30 33.14
C PRO C 298 -26.62 24.38 32.86
N ARG C 299 -26.48 25.34 33.75
CA ARG C 299 -25.51 26.41 33.58
C ARG C 299 -24.10 25.95 34.00
N GLY C 300 -24.00 24.76 34.57
CA GLY C 300 -22.69 24.27 34.96
C GLY C 300 -22.31 24.62 36.38
N ARG C 301 -23.29 25.11 37.15
CA ARG C 301 -23.05 25.44 38.52
C ARG C 301 -23.32 24.22 39.39
N ILE C 302 -22.85 24.31 40.62
CA ILE C 302 -23.02 23.25 41.58
C ILE C 302 -24.24 23.58 42.41
N PRO C 303 -25.24 22.70 42.40
CA PRO C 303 -26.45 22.92 43.17
C PRO C 303 -26.14 22.91 44.65
N VAL C 304 -26.57 23.92 45.39
CA VAL C 304 -26.32 23.92 46.83
C VAL C 304 -27.55 24.38 47.59
N ASN C 305 -27.67 23.97 48.84
CA ASN C 305 -28.83 24.37 49.61
C ASN C 305 -28.65 25.67 50.37
N THR C 306 -29.59 25.91 51.28
CA THR C 306 -29.63 27.10 52.12
C THR C 306 -28.35 27.35 52.89
N ARG C 307 -27.51 26.32 53.03
CA ARG C 307 -26.26 26.46 53.77
C ARG C 307 -25.05 26.26 52.89
N PHE C 308 -25.30 26.22 51.59
CA PHE C 308 -24.25 26.01 50.60
C PHE C 308 -23.68 24.59 50.60
N GLN C 309 -24.48 23.65 51.11
CA GLN C 309 -24.07 22.24 51.12
C GLN C 309 -24.47 21.63 49.78
N THR C 310 -23.60 20.80 49.21
CA THR C 310 -23.96 20.13 47.98
C THR C 310 -24.81 18.95 48.44
N LYS C 311 -25.09 18.05 47.51
CA LYS C 311 -25.86 16.83 47.78
C LYS C 311 -25.15 16.00 48.89
N ILE C 312 -23.82 16.06 48.92
CA ILE C 312 -23.06 15.37 49.96
C ILE C 312 -22.80 16.43 51.04
N PRO C 313 -23.50 16.32 52.19
CA PRO C 313 -23.50 17.16 53.39
C PRO C 313 -22.26 17.92 53.87
N ASN C 314 -21.10 17.28 53.86
CA ASN C 314 -19.87 17.95 54.35
C ASN C 314 -19.10 18.59 53.20
N ILE C 315 -19.67 18.51 51.99
CA ILE C 315 -19.03 19.10 50.84
C ILE C 315 -19.85 20.34 50.46
N TYR C 316 -19.24 21.53 50.62
CA TYR C 316 -19.92 22.80 50.33
C TYR C 316 -19.39 23.49 49.08
N ALA C 317 -20.09 24.54 48.63
CA ALA C 317 -19.66 25.29 47.45
C ALA C 317 -20.11 26.76 47.53
N ILE C 318 -19.25 27.68 47.10
CA ILE C 318 -19.59 29.10 47.16
C ILE C 318 -18.91 29.85 46.02
N GLY C 319 -19.30 31.11 45.84
CA GLY C 319 -18.67 31.93 44.81
C GLY C 319 -19.22 31.75 43.42
N ASP C 320 -18.38 32.01 42.43
CA ASP C 320 -18.78 31.91 41.04
C ASP C 320 -19.22 30.53 40.57
N VAL C 321 -19.10 29.50 41.41
CA VAL C 321 -19.50 28.16 40.98
C VAL C 321 -20.90 27.82 41.41
N VAL C 322 -21.51 28.69 42.22
CA VAL C 322 -22.89 28.47 42.64
C VAL C 322 -23.76 29.62 42.11
N ALA C 323 -25.06 29.53 42.34
CA ALA C 323 -26.03 30.51 41.89
C ALA C 323 -25.78 31.90 42.49
N GLY C 324 -26.24 32.94 41.79
CA GLY C 324 -26.09 34.29 42.32
C GLY C 324 -25.19 35.15 41.44
N PRO C 325 -25.15 36.47 41.67
CA PRO C 325 -24.29 37.31 40.83
C PRO C 325 -22.82 36.91 40.96
N MET C 326 -22.13 36.84 39.83
CA MET C 326 -20.72 36.48 39.78
C MET C 326 -19.83 37.68 40.15
N LEU C 327 -19.82 38.03 41.43
CA LEU C 327 -19.06 39.17 41.90
C LEU C 327 -18.17 38.77 43.08
N ALA C 328 -17.06 39.48 43.23
CA ALA C 328 -16.12 39.19 44.30
C ALA C 328 -16.72 39.29 45.69
N HIS C 329 -17.41 40.39 46.01
CA HIS C 329 -17.97 40.54 47.36
C HIS C 329 -19.10 39.56 47.62
N LYS C 330 -19.73 39.09 46.55
CA LYS C 330 -20.77 38.10 46.75
C LYS C 330 -20.07 36.78 47.21
N ALA C 331 -18.97 36.43 46.54
CA ALA C 331 -18.20 35.22 46.87
C ALA C 331 -17.69 35.31 48.30
N GLU C 332 -17.01 36.40 48.60
CA GLU C 332 -16.50 36.60 49.95
C GLU C 332 -17.60 36.44 50.98
N ASP C 333 -18.75 37.05 50.71
CA ASP C 333 -19.87 36.99 51.64
C ASP C 333 -20.33 35.54 51.84
N GLU C 334 -20.45 34.80 50.75
CA GLU C 334 -20.89 33.41 50.85
C GLU C 334 -19.84 32.59 51.63
N GLY C 335 -18.56 32.86 51.37
CA GLY C 335 -17.51 32.15 52.07
C GLY C 335 -17.62 32.32 53.57
N ILE C 336 -17.78 33.57 53.98
CA ILE C 336 -17.91 33.88 55.39
C ILE C 336 -19.10 33.25 56.05
N ILE C 337 -20.30 33.39 55.47
CA ILE C 337 -21.46 32.79 56.13
C ILE C 337 -21.46 31.27 56.02
N CYS C 338 -20.88 30.72 54.95
CA CYS C 338 -20.86 29.28 54.78
C CYS C 338 -20.04 28.62 55.88
N VAL C 339 -18.90 29.25 56.18
CA VAL C 339 -18.00 28.75 57.20
C VAL C 339 -18.57 29.01 58.60
N GLU C 340 -19.25 30.15 58.78
CA GLU C 340 -19.85 30.42 60.09
C GLU C 340 -20.97 29.39 60.31
N GLY C 341 -21.55 28.92 59.22
CA GLY C 341 -22.59 27.92 59.33
C GLY C 341 -21.97 26.62 59.83
N MET C 342 -20.81 26.26 59.29
CA MET C 342 -20.12 25.02 59.71
C MET C 342 -19.83 25.11 61.19
N ALA C 343 -19.62 26.34 61.68
CA ALA C 343 -19.32 26.58 63.08
C ALA C 343 -20.58 26.61 63.90
N GLY C 344 -21.72 26.34 63.27
CA GLY C 344 -22.96 26.34 64.01
C GLY C 344 -23.76 27.62 63.89
N GLY C 345 -23.29 28.57 63.12
CA GLY C 345 -24.02 29.82 62.98
C GLY C 345 -25.19 29.81 62.00
N ALA C 346 -25.94 30.91 61.97
CA ALA C 346 -27.06 31.02 61.05
C ALA C 346 -26.48 31.31 59.66
N VAL C 347 -27.16 30.83 58.63
CA VAL C 347 -26.70 31.08 57.26
C VAL C 347 -27.80 31.86 56.57
N HIS C 348 -27.53 33.13 56.31
CA HIS C 348 -28.51 33.97 55.66
C HIS C 348 -27.86 35.03 54.81
N ILE C 349 -28.32 35.11 53.56
CA ILE C 349 -27.82 36.12 52.66
C ILE C 349 -28.98 36.61 51.81
N ASP C 350 -29.04 37.91 51.60
CA ASP C 350 -30.09 38.53 50.81
C ASP C 350 -29.43 39.09 49.56
N TYR C 351 -29.56 38.39 48.44
CA TYR C 351 -28.95 38.86 47.21
C TYR C 351 -29.53 40.17 46.68
N ASN C 352 -30.64 40.63 47.25
CA ASN C 352 -31.23 41.90 46.85
C ASN C 352 -30.39 43.04 47.44
N CYS C 353 -29.63 42.75 48.49
CA CYS C 353 -28.78 43.77 49.10
C CYS C 353 -27.32 43.71 48.66
N VAL C 354 -27.05 42.98 47.59
CA VAL C 354 -25.69 42.86 47.08
C VAL C 354 -25.53 43.87 45.95
N PRO C 355 -24.65 44.86 46.13
CA PRO C 355 -24.47 45.88 45.09
C PRO C 355 -23.66 45.49 43.88
N SER C 356 -23.85 46.24 42.80
CA SER C 356 -23.08 46.05 41.55
C SER C 356 -22.41 47.38 41.24
N VAL C 357 -21.22 47.31 40.63
CA VAL C 357 -20.46 48.50 40.28
C VAL C 357 -19.75 48.34 38.95
N ILE C 358 -19.70 49.42 38.16
CA ILE C 358 -18.99 49.42 36.89
C ILE C 358 -17.98 50.58 37.10
N TYR C 359 -16.68 50.29 37.06
CA TYR C 359 -15.66 51.30 37.34
C TYR C 359 -15.18 52.21 36.23
N THR C 360 -16.06 52.50 35.30
CA THR C 360 -15.74 53.40 34.21
C THR C 360 -15.86 54.82 34.80
N HIS C 361 -15.69 55.81 33.94
CA HIS C 361 -15.86 57.19 34.36
C HIS C 361 -16.78 57.83 33.32
N PRO C 362 -18.03 58.15 33.70
CA PRO C 362 -18.66 57.95 35.02
C PRO C 362 -18.88 56.49 35.41
N GLU C 363 -18.91 56.26 36.71
CA GLU C 363 -19.14 54.97 37.29
C GLU C 363 -20.65 54.75 37.29
N VAL C 364 -21.02 53.49 37.43
CA VAL C 364 -22.42 53.12 37.55
C VAL C 364 -22.45 52.15 38.74
N ALA C 365 -23.41 52.32 39.63
CA ALA C 365 -23.52 51.42 40.76
C ALA C 365 -24.98 51.35 41.18
N TRP C 366 -25.41 50.15 41.59
CA TRP C 366 -26.79 50.01 42.03
C TRP C 366 -26.97 48.87 43.01
N VAL C 367 -28.05 48.94 43.77
CA VAL C 367 -28.35 47.89 44.72
C VAL C 367 -29.87 47.85 44.83
N GLY C 368 -30.41 46.67 45.07
CA GLY C 368 -31.87 46.55 45.15
C GLY C 368 -32.46 46.29 43.74
N LYS C 369 -33.69 46.71 43.54
CA LYS C 369 -34.41 46.46 42.27
C LYS C 369 -34.41 47.58 41.25
N SER C 370 -34.33 47.20 39.98
CA SER C 370 -34.40 48.14 38.87
C SER C 370 -35.92 48.43 38.63
N GLU C 371 -36.26 49.39 37.77
CA GLU C 371 -37.68 49.64 37.52
C GLU C 371 -38.33 48.44 36.80
N GLU C 372 -37.60 47.84 35.86
CA GLU C 372 -38.09 46.67 35.12
C GLU C 372 -38.46 45.55 36.10
N GLN C 373 -37.58 45.28 37.06
CA GLN C 373 -37.87 44.25 38.05
C GLN C 373 -39.11 44.58 38.86
N LEU C 374 -39.29 45.83 39.27
CA LEU C 374 -40.47 46.17 40.07
C LEU C 374 -41.77 46.04 39.25
N LYS C 375 -41.74 46.44 37.99
CA LYS C 375 -42.91 46.31 37.12
C LYS C 375 -43.28 44.83 36.96
N GLU C 376 -42.34 44.00 36.50
CA GLU C 376 -42.64 42.58 36.33
C GLU C 376 -43.10 41.91 37.63
N GLU C 377 -42.71 42.44 38.78
CA GLU C 377 -43.14 41.85 40.03
C GLU C 377 -44.48 42.36 40.54
N GLY C 378 -44.98 43.45 39.93
CA GLY C 378 -46.27 44.00 40.35
C GLY C 378 -46.18 44.89 41.57
N ILE C 379 -45.04 45.58 41.75
CA ILE C 379 -44.85 46.47 42.91
C ILE C 379 -45.11 47.92 42.49
N GLU C 380 -45.94 48.62 43.26
CA GLU C 380 -46.27 50.02 42.99
C GLU C 380 -45.16 50.88 43.58
N TYR C 381 -44.47 51.66 42.75
CA TYR C 381 -43.41 52.49 43.27
C TYR C 381 -43.43 53.94 42.76
N LYS C 382 -42.67 54.80 43.42
CA LYS C 382 -42.49 56.20 43.03
C LYS C 382 -40.99 56.40 42.74
N VAL C 383 -40.66 57.42 41.97
CA VAL C 383 -39.29 57.68 41.57
C VAL C 383 -38.75 59.03 42.04
N GLY C 384 -37.52 59.02 42.55
CA GLY C 384 -36.86 60.24 42.99
C GLY C 384 -35.54 60.34 42.22
N LYS C 385 -35.31 61.49 41.58
CA LYS C 385 -34.08 61.69 40.83
C LYS C 385 -33.31 62.95 41.19
N PHE C 386 -31.99 62.94 41.01
CA PHE C 386 -31.17 64.11 41.29
C PHE C 386 -29.93 64.05 40.43
N PRO C 387 -29.78 65.02 39.51
CA PRO C 387 -28.64 65.07 38.60
C PRO C 387 -27.42 65.63 39.30
N PHE C 388 -26.26 65.05 38.99
CA PHE C 388 -25.01 65.52 39.59
C PHE C 388 -24.70 66.93 39.13
N ALA C 389 -25.24 67.32 37.97
CA ALA C 389 -25.06 68.67 37.45
C ALA C 389 -25.54 69.69 38.50
N ALA C 390 -26.44 69.28 39.37
CA ALA C 390 -26.96 70.16 40.43
C ALA C 390 -26.29 69.87 41.78
N ASN C 391 -25.25 69.04 41.77
CA ASN C 391 -24.56 68.70 43.02
C ASN C 391 -23.35 69.62 43.16
N SER C 392 -23.21 70.24 44.33
CA SER C 392 -22.09 71.18 44.51
C SER C 392 -20.69 70.59 44.40
N ARG C 393 -20.43 69.45 45.04
CA ARG C 393 -19.09 68.93 44.94
C ARG C 393 -18.80 68.59 43.49
N ALA C 394 -19.76 67.94 42.85
CA ALA C 394 -19.63 67.52 41.46
C ALA C 394 -19.38 68.73 40.55
N LYS C 395 -20.19 69.78 40.72
CA LYS C 395 -20.02 70.99 39.91
C LYS C 395 -18.65 71.62 40.17
N THR C 396 -18.28 71.71 41.44
CA THR C 396 -16.99 72.27 41.81
C THR C 396 -15.83 71.54 41.12
N ASN C 397 -15.92 70.21 41.02
CA ASN C 397 -14.83 69.48 40.38
C ASN C 397 -15.01 69.43 38.85
N ALA C 398 -16.11 70.00 38.36
CA ALA C 398 -16.40 69.99 36.92
C ALA C 398 -16.49 68.54 36.44
N ASP C 399 -17.27 67.74 37.15
CA ASP C 399 -17.44 66.32 36.83
C ASP C 399 -18.90 66.11 37.16
N THR C 400 -19.78 66.45 36.22
CA THR C 400 -21.22 66.43 36.47
C THR C 400 -22.16 65.44 35.77
N ASP C 401 -21.61 64.51 35.02
CA ASP C 401 -22.42 63.51 34.32
C ASP C 401 -23.34 62.73 35.27
N GLY C 402 -24.53 62.39 34.77
CA GLY C 402 -25.42 61.52 35.51
C GLY C 402 -26.35 61.97 36.60
N MET C 403 -26.79 60.97 37.37
CA MET C 403 -27.75 61.23 38.42
C MET C 403 -27.83 60.08 39.39
N VAL C 404 -28.59 60.32 40.45
CA VAL C 404 -28.89 59.33 41.45
C VAL C 404 -30.39 59.12 41.27
N LYS C 405 -30.82 57.88 41.16
CA LYS C 405 -32.25 57.58 41.02
C LYS C 405 -32.67 56.58 42.10
N ILE C 406 -33.64 56.99 42.91
CA ILE C 406 -34.17 56.19 43.98
C ILE C 406 -35.59 55.69 43.63
N LEU C 407 -35.86 54.41 43.92
CA LEU C 407 -37.18 53.84 43.67
C LEU C 407 -37.73 53.50 45.05
N GLY C 408 -38.88 54.06 45.40
CA GLY C 408 -39.47 53.81 46.70
C GLY C 408 -40.86 53.24 46.57
N GLN C 409 -41.30 52.49 47.57
CA GLN C 409 -42.62 51.88 47.56
C GLN C 409 -43.63 53.04 47.64
N LYS C 410 -44.57 53.08 46.70
CA LYS C 410 -45.52 54.18 46.65
C LYS C 410 -46.24 54.53 47.95
N SER C 411 -46.63 53.53 48.73
CA SER C 411 -47.36 53.85 49.95
C SER C 411 -46.58 53.78 51.27
N THR C 412 -45.55 52.95 51.34
CA THR C 412 -44.79 52.87 52.60
C THR C 412 -43.54 53.75 52.59
N ASP C 413 -43.15 54.22 51.40
CA ASP C 413 -41.96 55.08 51.22
C ASP C 413 -40.65 54.28 51.39
N ARG C 414 -40.78 52.96 51.43
CA ARG C 414 -39.66 52.05 51.60
C ARG C 414 -38.72 52.11 50.41
N VAL C 415 -37.41 52.19 50.67
CA VAL C 415 -36.46 52.20 49.57
C VAL C 415 -36.39 50.81 48.91
N LEU C 416 -36.60 50.73 47.60
CA LEU C 416 -36.57 49.43 46.95
C LEU C 416 -35.39 49.27 46.04
N GLY C 417 -34.83 50.39 45.58
CA GLY C 417 -33.70 50.33 44.69
C GLY C 417 -33.00 51.68 44.58
N ALA C 418 -31.69 51.67 44.39
CA ALA C 418 -30.91 52.89 44.27
C ALA C 418 -29.97 52.67 43.10
N HIS C 419 -29.96 53.61 42.17
CA HIS C 419 -29.15 53.48 41.00
C HIS C 419 -28.39 54.78 40.83
N ILE C 420 -27.07 54.66 40.72
CA ILE C 420 -26.21 55.81 40.59
C ILE C 420 -25.37 55.77 39.35
N LEU C 421 -25.47 56.82 38.55
CA LEU C 421 -24.67 56.97 37.35
C LEU C 421 -23.92 58.30 37.57
N GLY C 422 -22.61 58.25 37.67
CA GLY C 422 -21.87 59.48 37.87
C GLY C 422 -20.67 59.32 38.78
N PRO C 423 -20.06 60.45 39.19
CA PRO C 423 -18.88 60.41 40.07
C PRO C 423 -19.16 59.75 41.41
N GLY C 424 -18.20 58.98 41.91
CA GLY C 424 -18.33 58.34 43.22
C GLY C 424 -19.41 57.28 43.40
N ALA C 425 -20.01 56.81 42.32
CA ALA C 425 -21.10 55.84 42.42
C ALA C 425 -20.66 54.59 43.20
N GLY C 426 -19.47 54.09 42.86
CA GLY C 426 -18.95 52.90 43.51
C GLY C 426 -18.93 52.93 45.01
N GLU C 427 -18.43 54.02 45.58
CA GLU C 427 -18.37 54.14 47.03
C GLU C 427 -19.75 54.48 47.55
N MET C 428 -20.47 55.35 46.82
CA MET C 428 -21.79 55.77 47.24
C MET C 428 -22.79 54.63 47.42
N VAL C 429 -22.78 53.65 46.53
CA VAL C 429 -23.73 52.53 46.63
C VAL C 429 -23.63 51.79 47.96
N ASN C 430 -22.51 51.91 48.66
CA ASN C 430 -22.40 51.21 49.94
C ASN C 430 -23.25 51.87 51.02
N GLU C 431 -23.44 53.18 50.92
CA GLU C 431 -24.33 53.82 51.89
C GLU C 431 -25.76 53.27 51.63
N ALA C 432 -26.09 53.10 50.36
CA ALA C 432 -27.39 52.60 49.94
C ALA C 432 -27.56 51.15 50.46
N ALA C 433 -26.52 50.33 50.31
CA ALA C 433 -26.64 48.94 50.76
C ALA C 433 -26.92 48.94 52.26
N LEU C 434 -26.24 49.81 52.99
CA LEU C 434 -26.48 49.83 54.41
C LEU C 434 -27.93 50.20 54.67
N ALA C 435 -28.43 51.15 53.87
CA ALA C 435 -29.80 51.63 54.02
C ALA C 435 -30.79 50.51 53.77
N LEU C 436 -30.61 49.79 52.68
CA LEU C 436 -31.52 48.70 52.35
C LEU C 436 -31.53 47.67 53.46
N GLU C 437 -30.35 47.32 53.97
CA GLU C 437 -30.18 46.35 55.04
C GLU C 437 -31.02 46.73 56.24
N TYR C 438 -31.17 48.01 56.48
CA TYR C 438 -31.96 48.44 57.61
C TYR C 438 -33.45 48.67 57.26
N GLY C 439 -33.85 48.38 56.04
CA GLY C 439 -35.26 48.58 55.71
C GLY C 439 -35.64 50.06 55.72
N ALA C 440 -34.66 50.91 55.41
CA ALA C 440 -34.85 52.35 55.37
C ALA C 440 -35.93 52.84 54.41
N SER C 441 -36.54 53.96 54.77
CA SER C 441 -37.54 54.60 53.90
C SER C 441 -36.76 55.77 53.27
N CYS C 442 -37.27 56.33 52.18
CA CYS C 442 -36.61 57.46 51.54
C CYS C 442 -36.49 58.60 52.55
N GLU C 443 -37.52 58.79 53.37
CA GLU C 443 -37.47 59.82 54.38
C GLU C 443 -36.38 59.60 55.45
N ASP C 444 -36.10 58.34 55.83
CA ASP C 444 -35.04 58.11 56.81
C ASP C 444 -33.74 58.67 56.24
N ILE C 445 -33.47 58.39 54.98
CA ILE C 445 -32.25 58.86 54.37
C ILE C 445 -32.21 60.39 54.21
N ALA C 446 -33.34 60.98 53.81
CA ALA C 446 -33.40 62.42 53.65
C ALA C 446 -33.14 63.12 54.98
N ARG C 447 -33.50 62.49 56.08
CA ARG C 447 -33.28 63.13 57.37
C ARG C 447 -31.89 62.96 58.01
N VAL C 448 -30.97 62.30 57.34
CA VAL C 448 -29.62 62.06 57.88
C VAL C 448 -28.77 63.22 57.36
N CYS C 449 -28.00 63.79 58.26
CA CYS C 449 -27.14 64.97 57.91
C CYS C 449 -25.97 64.55 57.06
N HIS C 450 -25.99 64.86 55.77
CA HIS C 450 -24.85 64.50 54.90
C HIS C 450 -23.93 65.74 54.83
N ALA C 451 -22.60 65.54 54.85
CA ALA C 451 -21.65 66.63 54.80
C ALA C 451 -21.79 67.40 53.49
N HIS C 452 -21.53 68.69 53.56
CA HIS C 452 -21.60 69.56 52.40
C HIS C 452 -20.23 70.22 52.26
N PRO C 453 -19.64 70.21 51.06
CA PRO C 453 -20.16 69.62 49.82
C PRO C 453 -19.67 68.18 49.61
N THR C 454 -20.57 67.25 49.32
CA THR C 454 -20.20 65.85 49.00
C THR C 454 -21.13 65.31 47.94
N LEU C 455 -20.61 64.36 47.16
CA LEU C 455 -21.40 63.74 46.13
C LEU C 455 -22.60 63.04 46.78
N SER C 456 -22.44 62.61 48.02
CA SER C 456 -23.54 61.89 48.67
C SER C 456 -24.82 62.71 48.85
N GLU C 457 -24.70 64.03 48.84
CA GLU C 457 -25.89 64.87 48.97
C GLU C 457 -26.83 64.59 47.80
N ALA C 458 -26.28 64.18 46.67
CA ALA C 458 -27.12 63.87 45.52
C ALA C 458 -28.01 62.67 45.88
N PHE C 459 -27.44 61.78 46.70
CA PHE C 459 -28.15 60.58 47.15
C PHE C 459 -29.21 60.99 48.15
N ARG C 460 -28.83 61.85 49.09
CA ARG C 460 -29.80 62.33 50.08
C ARG C 460 -30.98 63.07 49.38
N GLU C 461 -30.64 63.90 48.39
CA GLU C 461 -31.66 64.69 47.66
C GLU C 461 -32.57 63.82 46.79
N ALA C 462 -32.03 62.75 46.21
CA ALA C 462 -32.87 61.88 45.37
C ALA C 462 -33.90 61.25 46.29
N ASN C 463 -33.46 60.88 47.49
CA ASN C 463 -34.36 60.31 48.48
C ASN C 463 -35.37 61.35 48.96
N LEU C 464 -34.94 62.61 49.12
CA LEU C 464 -35.87 63.66 49.53
C LEU C 464 -36.95 63.81 48.43
N ALA C 465 -36.53 63.86 47.17
CA ALA C 465 -37.46 64.00 46.05
C ALA C 465 -38.45 62.85 46.00
N ALA C 466 -37.97 61.63 46.27
CA ALA C 466 -38.82 60.45 46.25
C ALA C 466 -39.81 60.49 47.42
N SER C 467 -39.35 60.95 48.55
CA SER C 467 -40.21 60.99 49.72
C SER C 467 -41.18 62.19 49.83
N PHE C 468 -40.67 63.40 49.60
CA PHE C 468 -41.46 64.61 49.74
C PHE C 468 -42.07 65.08 48.43
N GLY C 469 -41.51 64.63 47.31
CA GLY C 469 -41.99 65.04 46.01
C GLY C 469 -41.00 66.01 45.37
N LYS C 470 -40.25 66.75 46.19
CA LYS C 470 -39.27 67.70 45.65
C LYS C 470 -37.97 67.72 46.42
N SER C 471 -36.87 67.94 45.73
CA SER C 471 -35.60 68.07 46.43
C SER C 471 -35.44 69.59 46.68
N ILE C 472 -34.31 70.02 47.26
CA ILE C 472 -34.10 71.44 47.52
C ILE C 472 -33.35 72.09 46.36
N ASN C 473 -32.28 71.43 45.94
CA ASN C 473 -31.42 71.97 44.90
C ASN C 473 -31.73 71.62 43.48
N PHE C 474 -32.90 71.03 43.25
CA PHE C 474 -33.29 70.78 41.88
C PHE C 474 -34.81 70.88 41.79
N PRO D 4 -44.03 98.03 49.72
CA PRO D 4 -44.18 97.31 51.01
C PRO D 4 -44.73 95.91 50.82
N ILE D 5 -43.87 94.90 50.93
CA ILE D 5 -44.26 93.51 50.73
C ILE D 5 -44.76 92.85 52.00
N ASP D 6 -45.63 91.86 51.82
CA ASP D 6 -46.17 91.08 52.92
C ASP D 6 -45.63 89.65 52.73
N ALA D 7 -45.37 88.98 53.83
CA ALA D 7 -44.85 87.62 53.77
C ALA D 7 -45.11 86.84 55.06
N ASP D 8 -45.07 85.52 54.96
CA ASP D 8 -45.26 84.66 56.13
C ASP D 8 -43.90 84.44 56.76
N VAL D 9 -42.89 84.36 55.92
CA VAL D 9 -41.52 84.12 56.38
C VAL D 9 -40.49 84.99 55.66
N THR D 10 -39.78 85.81 56.42
CA THR D 10 -38.73 86.62 55.80
C THR D 10 -37.37 86.10 56.30
N VAL D 11 -36.56 85.66 55.34
CA VAL D 11 -35.24 85.13 55.67
C VAL D 11 -34.15 86.15 55.45
N ILE D 12 -33.38 86.45 56.48
CA ILE D 12 -32.29 87.40 56.33
C ILE D 12 -30.97 86.64 56.20
N GLY D 13 -30.46 86.64 54.96
CA GLY D 13 -29.23 85.99 54.62
C GLY D 13 -29.50 84.89 53.60
N SER D 14 -28.63 84.74 52.61
CA SER D 14 -28.81 83.67 51.60
C SER D 14 -27.70 82.59 51.58
N GLY D 15 -27.08 82.32 52.72
CA GLY D 15 -26.07 81.29 52.77
C GLY D 15 -26.74 79.93 52.82
N PRO D 16 -25.99 78.85 53.09
CA PRO D 16 -26.49 77.48 53.17
C PRO D 16 -27.75 77.42 54.03
N GLY D 17 -27.71 78.09 55.18
CA GLY D 17 -28.87 78.07 56.05
C GLY D 17 -30.06 78.84 55.50
N GLY D 18 -29.85 80.10 55.12
CA GLY D 18 -30.95 80.92 54.64
C GLY D 18 -31.59 80.55 53.30
N TYR D 19 -30.78 80.27 52.29
CA TYR D 19 -31.34 79.97 51.00
C TYR D 19 -32.09 78.64 51.02
N VAL D 20 -31.59 77.69 51.81
CA VAL D 20 -32.27 76.42 51.88
C VAL D 20 -33.57 76.52 52.67
N ALA D 21 -33.54 77.25 53.78
CA ALA D 21 -34.72 77.43 54.59
C ALA D 21 -35.80 78.19 53.79
N ALA D 22 -35.36 79.11 52.94
CA ALA D 22 -36.31 79.89 52.14
C ALA D 22 -37.00 78.98 51.12
N ILE D 23 -36.20 78.19 50.40
CA ILE D 23 -36.76 77.27 49.41
C ILE D 23 -37.71 76.33 50.12
N LYS D 24 -37.27 75.76 51.24
CA LYS D 24 -38.12 74.83 51.97
C LYS D 24 -39.43 75.50 52.40
N ALA D 25 -39.33 76.70 52.96
CA ALA D 25 -40.50 77.41 53.40
C ALA D 25 -41.47 77.62 52.23
N ALA D 26 -40.96 77.98 51.06
CA ALA D 26 -41.84 78.16 49.91
C ALA D 26 -42.51 76.80 49.55
N GLN D 27 -41.72 75.72 49.64
CA GLN D 27 -42.26 74.40 49.30
C GLN D 27 -43.32 73.96 50.31
N LEU D 28 -43.24 74.48 51.53
CA LEU D 28 -44.22 74.16 52.54
C LEU D 28 -45.46 75.05 52.38
N GLY D 29 -45.45 75.93 51.37
CA GLY D 29 -46.60 76.79 51.18
C GLY D 29 -46.54 78.18 51.78
N PHE D 30 -45.42 78.57 52.39
CA PHE D 30 -45.30 79.91 52.96
C PHE D 30 -44.97 80.96 51.90
N LYS D 31 -45.49 82.17 52.08
CA LYS D 31 -45.19 83.30 51.20
C LYS D 31 -43.79 83.65 51.73
N THR D 32 -42.78 83.47 50.89
CA THR D 32 -41.42 83.63 51.36
C THR D 32 -40.51 84.65 50.73
N VAL D 33 -39.84 85.39 51.61
CA VAL D 33 -38.87 86.39 51.17
C VAL D 33 -37.48 86.11 51.73
N CYS D 34 -36.48 86.28 50.88
CA CYS D 34 -35.11 86.11 51.27
C CYS D 34 -34.31 87.36 50.93
N ILE D 35 -33.73 87.97 51.96
CA ILE D 35 -32.93 89.19 51.83
C ILE D 35 -31.44 88.91 51.89
N GLU D 36 -30.69 89.44 50.93
CA GLU D 36 -29.24 89.27 50.86
C GLU D 36 -28.57 90.61 50.53
N LYS D 37 -27.60 91.02 51.34
CA LYS D 37 -26.91 92.28 51.07
C LYS D 37 -25.86 92.20 49.95
N ASN D 38 -25.23 91.06 49.75
CA ASN D 38 -24.20 90.92 48.72
C ASN D 38 -24.77 90.80 47.30
N GLU D 39 -23.90 90.90 46.30
CA GLU D 39 -24.33 90.85 44.90
C GLU D 39 -24.82 89.48 44.44
N THR D 40 -24.34 88.42 45.08
CA THR D 40 -24.77 87.07 44.72
C THR D 40 -25.33 86.37 45.93
N LEU D 41 -26.09 85.32 45.68
CA LEU D 41 -26.67 84.52 46.74
C LEU D 41 -25.64 83.46 47.12
N GLY D 42 -25.92 82.66 48.15
CA GLY D 42 -24.97 81.61 48.49
C GLY D 42 -24.15 81.80 49.74
N GLY D 43 -24.08 83.04 50.23
CA GLY D 43 -23.32 83.29 51.44
C GLY D 43 -21.82 82.98 51.39
N THR D 44 -21.29 82.71 52.57
CA THR D 44 -19.87 82.43 52.75
C THR D 44 -19.45 81.18 52.01
N CYS D 45 -20.20 80.11 52.23
CA CYS D 45 -19.88 78.82 51.64
C CYS D 45 -19.66 78.86 50.15
N LEU D 46 -20.64 79.40 49.43
CA LEU D 46 -20.54 79.46 47.99
C LEU D 46 -19.56 80.50 47.45
N ASN D 47 -19.55 81.70 48.02
CA ASN D 47 -18.67 82.77 47.49
C ASN D 47 -17.24 82.87 47.98
N VAL D 48 -17.00 82.59 49.26
CA VAL D 48 -15.65 82.70 49.75
C VAL D 48 -15.27 81.57 50.73
N GLY D 49 -15.98 80.46 50.66
CA GLY D 49 -15.72 79.36 51.59
C GLY D 49 -15.59 77.99 50.95
N CYS D 50 -16.48 77.08 51.37
CA CYS D 50 -16.50 75.70 50.87
C CYS D 50 -16.17 75.53 49.38
N ILE D 51 -17.01 76.09 48.52
CA ILE D 51 -16.86 75.95 47.09
C ILE D 51 -15.53 76.39 46.50
N PRO D 52 -15.12 77.66 46.73
CA PRO D 52 -13.83 77.99 46.10
C PRO D 52 -12.62 77.24 46.65
N SER D 53 -12.62 76.91 47.94
CA SER D 53 -11.50 76.17 48.49
C SER D 53 -11.51 74.70 47.99
N LYS D 54 -12.68 74.07 47.89
CA LYS D 54 -12.70 72.70 47.37
C LYS D 54 -12.20 72.70 45.94
N ALA D 55 -12.56 73.72 45.17
CA ALA D 55 -12.12 73.82 43.77
C ALA D 55 -10.59 73.93 43.70
N LEU D 56 -9.99 74.74 44.58
CA LEU D 56 -8.53 74.85 44.53
C LEU D 56 -7.85 73.62 45.12
N LEU D 57 -8.49 72.98 46.11
CA LEU D 57 -7.93 71.75 46.67
C LEU D 57 -7.93 70.71 45.52
N ASN D 58 -9.03 70.64 44.78
CA ASN D 58 -9.14 69.70 43.65
C ASN D 58 -8.06 69.97 42.58
N ASN D 59 -8.01 71.20 42.06
CA ASN D 59 -7.05 71.54 41.01
C ASN D 59 -5.61 71.46 41.51
N SER D 60 -5.43 71.82 42.77
CA SER D 60 -4.15 71.81 43.45
C SER D 60 -3.65 70.35 43.54
N HIS D 61 -4.54 69.46 43.91
CA HIS D 61 -4.16 68.06 44.02
C HIS D 61 -3.72 67.50 42.65
N TYR D 62 -4.48 67.79 41.60
CA TYR D 62 -4.11 67.30 40.28
C TYR D 62 -2.77 67.85 39.82
N TYR D 63 -2.55 69.13 40.09
CA TYR D 63 -1.28 69.73 39.73
C TYR D 63 -0.15 68.94 40.39
N HIS D 64 -0.28 68.67 41.68
CA HIS D 64 0.78 67.92 42.37
C HIS D 64 1.01 66.54 41.74
N MET D 65 -0.07 65.85 41.40
CA MET D 65 0.05 64.53 40.79
C MET D 65 0.81 64.60 39.47
N ALA D 66 0.47 65.60 38.67
CA ALA D 66 1.09 65.77 37.37
C ALA D 66 2.52 66.27 37.45
N HIS D 67 2.78 67.17 38.38
CA HIS D 67 4.08 67.77 38.54
C HIS D 67 5.07 66.93 39.31
N GLY D 68 4.57 66.14 40.26
CA GLY D 68 5.42 65.30 41.07
C GLY D 68 5.66 63.95 40.43
N THR D 69 5.81 62.90 41.24
CA THR D 69 6.08 61.59 40.67
C THR D 69 4.88 60.69 40.37
N ASP D 70 3.72 61.02 40.90
CA ASP D 70 2.54 60.18 40.68
C ASP D 70 2.21 59.81 39.22
N PHE D 71 2.03 60.80 38.35
CA PHE D 71 1.69 60.49 36.98
C PHE D 71 2.78 59.71 36.23
N ALA D 72 4.04 60.06 36.47
CA ALA D 72 5.12 59.37 35.79
C ALA D 72 5.09 57.90 36.21
N SER D 73 4.81 57.64 37.48
CA SER D 73 4.79 56.28 37.96
C SER D 73 3.66 55.47 37.31
N ARG D 74 2.72 56.15 36.66
CA ARG D 74 1.59 55.48 36.02
C ARG D 74 1.76 55.43 34.51
N GLY D 75 2.91 55.85 34.02
CA GLY D 75 3.14 55.84 32.58
C GLY D 75 2.61 57.04 31.82
N ILE D 76 2.29 58.12 32.53
CA ILE D 76 1.78 59.32 31.89
C ILE D 76 2.99 60.26 31.89
N GLU D 77 3.71 60.27 30.77
CA GLU D 77 4.92 61.07 30.63
C GLU D 77 4.62 62.44 30.07
N MET D 78 5.23 63.45 30.67
CA MET D 78 5.00 64.80 30.19
C MET D 78 6.27 65.63 30.12
N SER D 79 6.34 66.42 29.06
CA SER D 79 7.45 67.33 28.80
C SER D 79 7.77 68.17 30.05
N GLU D 80 7.07 69.27 30.21
CA GLU D 80 7.25 70.12 31.38
C GLU D 80 5.90 70.58 31.84
N VAL D 81 5.56 70.25 33.08
CA VAL D 81 4.28 70.63 33.61
C VAL D 81 4.43 72.01 34.25
N ARG D 82 3.57 72.94 33.84
CA ARG D 82 3.63 74.28 34.37
C ARG D 82 2.29 74.77 34.88
N LEU D 83 2.34 75.61 35.90
CA LEU D 83 1.14 76.19 36.51
C LEU D 83 0.71 77.47 35.82
N ASN D 84 -0.56 77.56 35.49
CA ASN D 84 -1.13 78.78 34.91
C ASN D 84 -2.16 79.17 35.98
N LEU D 85 -1.70 79.89 37.00
CA LEU D 85 -2.55 80.30 38.11
C LEU D 85 -3.85 81.01 37.74
N ASP D 86 -3.82 81.83 36.69
CA ASP D 86 -5.03 82.53 36.28
C ASP D 86 -6.09 81.54 35.79
N LYS D 87 -5.66 80.59 34.97
CA LYS D 87 -6.59 79.61 34.41
C LYS D 87 -7.16 78.76 35.55
N MET D 88 -6.32 78.39 36.51
CA MET D 88 -6.77 77.59 37.64
C MET D 88 -7.80 78.40 38.46
N MET D 89 -7.49 79.67 38.70
CA MET D 89 -8.41 80.56 39.42
C MET D 89 -9.71 80.72 38.63
N GLU D 90 -9.60 80.65 37.31
CA GLU D 90 -10.75 80.81 36.44
C GLU D 90 -11.73 79.63 36.60
N GLN D 91 -11.21 78.40 36.65
CA GLN D 91 -12.08 77.21 36.81
C GLN D 91 -12.82 77.37 38.15
N LYS D 92 -12.09 77.83 39.16
CA LYS D 92 -12.70 78.05 40.47
C LYS D 92 -13.85 79.04 40.31
N SER D 93 -13.56 80.18 39.69
CA SER D 93 -14.57 81.23 39.52
C SER D 93 -15.77 80.77 38.73
N THR D 94 -15.50 80.02 37.67
CA THR D 94 -16.57 79.51 36.84
C THR D 94 -17.54 78.64 37.65
N ALA D 95 -17.01 77.79 38.53
CA ALA D 95 -17.90 76.95 39.33
C ALA D 95 -18.71 77.82 40.30
N VAL D 96 -18.04 78.77 40.95
CA VAL D 96 -18.73 79.65 41.91
C VAL D 96 -19.89 80.38 41.19
N LYS D 97 -19.59 80.87 39.99
CA LYS D 97 -20.58 81.60 39.24
C LYS D 97 -21.77 80.75 38.85
N ALA D 98 -21.51 79.55 38.36
CA ALA D 98 -22.60 78.68 37.95
C ALA D 98 -23.49 78.36 39.13
N LEU D 99 -22.88 78.07 40.27
CA LEU D 99 -23.68 77.74 41.45
C LEU D 99 -24.47 78.94 41.97
N THR D 100 -23.89 80.14 41.89
CA THR D 100 -24.60 81.33 42.35
C THR D 100 -25.86 81.52 41.51
N GLY D 101 -25.70 81.43 40.18
CA GLY D 101 -26.86 81.56 39.34
C GLY D 101 -27.87 80.47 39.66
N GLY D 102 -27.37 79.30 40.06
CA GLY D 102 -28.28 78.20 40.35
C GLY D 102 -29.23 78.52 41.46
N ILE D 103 -28.75 79.19 42.51
CA ILE D 103 -29.62 79.51 43.62
C ILE D 103 -30.67 80.53 43.15
N ALA D 104 -30.25 81.47 42.30
CA ALA D 104 -31.18 82.47 41.79
C ALA D 104 -32.29 81.71 41.06
N HIS D 105 -31.90 80.77 40.21
CA HIS D 105 -32.88 79.94 39.47
C HIS D 105 -33.81 79.16 40.40
N LEU D 106 -33.25 78.56 41.46
CA LEU D 106 -34.09 77.80 42.41
C LEU D 106 -35.06 78.71 43.13
N PHE D 107 -34.65 79.94 43.41
CA PHE D 107 -35.52 80.90 44.11
C PHE D 107 -36.72 81.22 43.19
N LYS D 108 -36.43 81.49 41.93
CA LYS D 108 -37.46 81.78 40.95
C LYS D 108 -38.38 80.56 40.80
N GLN D 109 -37.77 79.39 40.61
CA GLN D 109 -38.53 78.15 40.45
C GLN D 109 -39.45 77.91 41.64
N ASN D 110 -38.99 78.22 42.84
CA ASN D 110 -39.85 77.99 44.00
C ASN D 110 -40.64 79.22 44.44
N LYS D 111 -40.57 80.28 43.65
CA LYS D 111 -41.29 81.53 43.98
C LYS D 111 -40.83 82.18 45.27
N VAL D 112 -39.52 82.18 45.51
CA VAL D 112 -39.00 82.86 46.70
C VAL D 112 -38.77 84.29 46.21
N VAL D 113 -39.26 85.29 46.95
CA VAL D 113 -39.03 86.67 46.53
C VAL D 113 -37.67 87.13 47.04
N HIS D 114 -36.77 87.44 46.12
CA HIS D 114 -35.43 87.89 46.48
C HIS D 114 -35.35 89.42 46.61
N VAL D 115 -35.01 89.93 47.79
CA VAL D 115 -34.84 91.36 48.01
C VAL D 115 -33.34 91.61 48.19
N ASN D 116 -32.77 92.51 47.38
CA ASN D 116 -31.36 92.82 47.53
C ASN D 116 -31.24 93.90 48.58
N GLY D 117 -30.30 93.78 49.50
CA GLY D 117 -30.16 94.83 50.50
C GLY D 117 -29.74 94.38 51.88
N TYR D 118 -29.40 95.35 52.73
CA TYR D 118 -28.98 95.08 54.09
C TYR D 118 -30.25 95.08 54.93
N GLY D 119 -30.59 93.93 55.50
CA GLY D 119 -31.80 93.83 56.29
C GLY D 119 -31.66 94.22 57.73
N LYS D 120 -32.65 94.93 58.25
CA LYS D 120 -32.65 95.29 59.66
C LYS D 120 -34.06 95.05 60.17
N ILE D 121 -34.17 94.39 61.32
CA ILE D 121 -35.47 94.11 61.87
C ILE D 121 -35.92 95.43 62.50
N THR D 122 -36.97 96.01 61.94
CA THR D 122 -37.47 97.30 62.41
C THR D 122 -38.74 97.21 63.23
N GLY D 123 -39.18 95.99 63.51
CA GLY D 123 -40.37 95.76 64.31
C GLY D 123 -40.48 94.26 64.47
N LYS D 124 -41.17 93.79 65.50
CA LYS D 124 -41.29 92.35 65.70
C LYS D 124 -41.89 91.67 64.49
N ASN D 125 -42.56 92.42 63.63
CA ASN D 125 -43.13 91.82 62.43
C ASN D 125 -42.77 92.56 61.15
N GLN D 126 -41.58 93.15 61.14
CA GLN D 126 -41.18 93.90 59.97
C GLN D 126 -39.68 93.97 59.78
N VAL D 127 -39.26 93.82 58.53
CA VAL D 127 -37.84 93.94 58.22
C VAL D 127 -37.70 95.01 57.14
N THR D 128 -36.66 95.83 57.25
CA THR D 128 -36.41 96.86 56.25
C THR D 128 -35.06 96.59 55.58
N ALA D 129 -35.09 96.48 54.26
CA ALA D 129 -33.88 96.23 53.48
C ALA D 129 -33.43 97.54 52.84
N THR D 130 -32.18 97.89 53.06
CA THR D 130 -31.66 99.12 52.51
C THR D 130 -30.59 98.79 51.51
N LYS D 131 -30.81 99.24 50.26
CA LYS D 131 -29.84 99.02 49.19
C LYS D 131 -28.66 99.96 49.32
N ALA D 132 -27.59 99.67 48.59
CA ALA D 132 -26.39 100.51 48.64
C ALA D 132 -26.71 101.94 48.19
N ASP D 133 -27.65 102.07 47.26
CA ASP D 133 -28.04 103.38 46.75
C ASP D 133 -29.02 104.12 47.67
N GLY D 134 -29.13 103.65 48.92
CA GLY D 134 -30.01 104.31 49.87
C GLY D 134 -31.47 103.93 49.80
N GLY D 135 -31.89 103.35 48.68
CA GLY D 135 -33.28 102.93 48.54
C GLY D 135 -33.67 101.88 49.58
N THR D 136 -34.95 101.86 49.95
CA THR D 136 -35.41 100.90 50.94
C THR D 136 -36.61 100.08 50.47
N GLN D 137 -36.81 98.95 51.15
CA GLN D 137 -37.92 98.06 50.88
C GLN D 137 -38.35 97.52 52.23
N VAL D 138 -39.61 97.76 52.60
CA VAL D 138 -40.12 97.27 53.88
C VAL D 138 -40.85 95.95 53.65
N ILE D 139 -40.70 95.05 54.61
CA ILE D 139 -41.38 93.76 54.52
C ILE D 139 -42.11 93.47 55.84
N ASP D 140 -43.43 93.31 55.77
CA ASP D 140 -44.22 92.99 56.94
C ASP D 140 -44.36 91.48 56.84
N THR D 141 -43.86 90.81 57.86
CA THR D 141 -43.87 89.36 57.84
C THR D 141 -44.38 88.72 59.18
N LYS D 142 -45.05 87.57 59.10
CA LYS D 142 -45.48 86.86 60.31
C LYS D 142 -44.22 86.36 61.02
N ASN D 143 -43.27 85.83 60.26
CA ASN D 143 -42.05 85.27 60.85
C ASN D 143 -40.75 85.80 60.27
N ILE D 144 -39.76 85.89 61.13
CA ILE D 144 -38.44 86.33 60.72
C ILE D 144 -37.40 85.23 61.00
N LEU D 145 -36.63 84.88 59.98
CA LEU D 145 -35.59 83.89 60.15
C LEU D 145 -34.20 84.52 59.95
N ILE D 146 -33.48 84.67 61.04
CA ILE D 146 -32.14 85.24 60.98
C ILE D 146 -31.12 84.17 60.58
N ALA D 147 -30.47 84.38 59.42
CA ALA D 147 -29.45 83.46 58.93
C ALA D 147 -28.31 84.35 58.45
N THR D 148 -27.85 85.24 59.33
CA THR D 148 -26.82 86.21 58.97
C THR D 148 -25.39 85.71 58.94
N GLY D 149 -25.21 84.46 59.31
CA GLY D 149 -23.89 83.85 59.21
C GLY D 149 -22.74 84.26 60.09
N SER D 150 -21.56 84.30 59.49
CA SER D 150 -20.38 84.57 60.27
C SER D 150 -19.43 85.42 59.46
N GLU D 151 -18.31 85.75 60.09
CA GLU D 151 -17.27 86.56 59.45
C GLU D 151 -15.93 86.08 60.05
N VAL D 152 -14.84 86.49 59.42
CA VAL D 152 -13.49 86.13 59.89
C VAL D 152 -13.21 86.77 61.25
N THR D 153 -12.62 85.99 62.16
CA THR D 153 -12.27 86.51 63.48
C THR D 153 -10.90 87.19 63.36
N PRO D 154 -10.82 88.51 63.62
CA PRO D 154 -9.55 89.22 63.52
C PRO D 154 -8.57 88.82 64.61
N PHE D 155 -7.27 88.93 64.31
CA PHE D 155 -6.22 88.62 65.26
C PHE D 155 -5.73 89.98 65.79
N PRO D 156 -5.76 90.17 67.11
CA PRO D 156 -5.31 91.45 67.72
C PRO D 156 -3.87 91.84 67.41
N GLY D 157 -3.69 93.11 67.02
CA GLY D 157 -2.36 93.59 66.68
C GLY D 157 -1.99 93.41 65.23
N ILE D 158 -2.83 92.69 64.50
CA ILE D 158 -2.58 92.45 63.08
C ILE D 158 -3.85 92.82 62.30
N THR D 159 -3.69 93.51 61.18
CA THR D 159 -4.87 93.90 60.41
C THR D 159 -4.82 93.33 59.01
N ILE D 160 -5.90 92.63 58.64
CA ILE D 160 -5.98 92.03 57.33
C ILE D 160 -6.27 93.11 56.31
N ASP D 161 -5.54 93.07 55.20
CA ASP D 161 -5.74 94.02 54.12
C ASP D 161 -6.04 93.29 52.82
N GLU D 162 -6.08 91.95 52.88
CA GLU D 162 -6.36 91.12 51.71
C GLU D 162 -5.37 91.34 50.57
N ASP D 163 -4.16 91.79 50.91
CA ASP D 163 -3.11 91.96 49.90
C ASP D 163 -1.97 91.02 50.31
N THR D 164 -1.20 91.39 51.32
CA THR D 164 -0.13 90.51 51.82
C THR D 164 -0.54 89.93 53.17
N ILE D 165 -1.49 90.55 53.86
CA ILE D 165 -1.96 89.98 55.12
C ILE D 165 -3.39 89.63 54.77
N VAL D 166 -3.65 88.34 54.52
CA VAL D 166 -4.97 87.92 54.07
C VAL D 166 -5.77 87.04 55.00
N SER D 167 -7.09 87.03 54.77
CA SER D 167 -7.98 86.13 55.50
C SER D 167 -8.18 85.04 54.44
N SER D 168 -9.01 84.04 54.75
CA SER D 168 -9.26 82.97 53.79
C SER D 168 -9.74 83.59 52.48
N THR D 169 -10.44 84.71 52.55
CA THR D 169 -10.95 85.31 51.32
C THR D 169 -9.81 85.74 50.41
N GLY D 170 -8.80 86.43 50.94
CA GLY D 170 -7.68 86.81 50.10
C GLY D 170 -6.85 85.59 49.67
N ALA D 171 -6.65 84.64 50.59
CA ALA D 171 -5.88 83.44 50.27
C ALA D 171 -6.49 82.68 49.07
N LEU D 172 -7.81 82.71 48.94
CA LEU D 172 -8.48 81.99 47.85
C LEU D 172 -8.27 82.67 46.52
N SER D 173 -7.65 83.85 46.54
CA SER D 173 -7.41 84.61 45.31
C SER D 173 -6.01 85.23 45.14
N LEU D 174 -4.96 84.70 45.79
CA LEU D 174 -3.62 85.26 45.62
C LEU D 174 -3.36 85.32 44.13
N LYS D 175 -2.79 86.41 43.66
CA LYS D 175 -2.53 86.58 42.24
C LYS D 175 -1.28 85.88 41.77
N LYS D 176 -0.52 85.37 42.73
CA LYS D 176 0.73 84.70 42.41
C LYS D 176 1.02 83.71 43.52
N VAL D 177 1.75 82.64 43.23
CA VAL D 177 2.09 81.70 44.30
C VAL D 177 3.13 82.36 45.17
N PRO D 178 2.85 82.53 46.47
CA PRO D 178 3.87 83.18 47.29
C PRO D 178 5.06 82.25 47.51
N GLU D 179 6.25 82.84 47.64
CA GLU D 179 7.45 82.07 47.85
C GLU D 179 7.44 81.45 49.24
N LYS D 180 6.99 82.25 50.20
CA LYS D 180 6.91 81.80 51.57
C LYS D 180 5.59 82.29 52.14
N MET D 181 4.88 81.41 52.83
CA MET D 181 3.63 81.79 53.42
C MET D 181 3.52 81.30 54.83
N VAL D 182 3.08 82.18 55.73
CA VAL D 182 2.84 81.77 57.09
C VAL D 182 1.32 81.77 57.32
N VAL D 183 0.84 80.72 57.97
CA VAL D 183 -0.58 80.58 58.26
C VAL D 183 -0.76 80.63 59.77
N ILE D 184 -1.59 81.55 60.26
CA ILE D 184 -1.84 81.60 61.68
C ILE D 184 -3.12 80.80 61.95
N GLY D 185 -2.96 79.66 62.62
CA GLY D 185 -4.09 78.79 62.94
C GLY D 185 -4.06 77.53 62.09
N ALA D 186 -3.95 76.37 62.73
CA ALA D 186 -3.90 75.11 61.96
C ALA D 186 -5.23 74.37 62.09
N GLY D 187 -6.32 75.11 61.93
CA GLY D 187 -7.64 74.51 62.00
C GLY D 187 -7.95 73.98 60.60
N VAL D 188 -9.18 73.51 60.41
CA VAL D 188 -9.57 72.96 59.13
C VAL D 188 -9.29 73.88 57.96
N ILE D 189 -9.69 75.14 58.07
CA ILE D 189 -9.49 76.09 56.99
C ILE D 189 -8.02 76.38 56.71
N GLY D 190 -7.24 76.61 57.76
CA GLY D 190 -5.83 76.92 57.58
C GLY D 190 -5.06 75.77 56.96
N VAL D 191 -5.38 74.56 57.41
CA VAL D 191 -4.73 73.36 56.89
C VAL D 191 -5.05 73.18 55.39
N GLU D 192 -6.32 73.41 55.00
CA GLU D 192 -6.70 73.28 53.61
C GLU D 192 -6.04 74.34 52.73
N LEU D 193 -6.12 75.60 53.15
CA LEU D 193 -5.56 76.67 52.33
C LEU D 193 -4.05 76.58 52.30
N GLY D 194 -3.48 76.16 53.42
CA GLY D 194 -2.05 76.01 53.48
C GLY D 194 -1.59 74.90 52.55
N SER D 195 -2.39 73.83 52.48
CA SER D 195 -2.01 72.71 51.63
C SER D 195 -2.09 73.08 50.16
N VAL D 196 -3.14 73.80 49.78
CA VAL D 196 -3.31 74.22 48.40
C VAL D 196 -2.04 74.96 47.91
N TRP D 197 -1.63 75.98 48.67
CA TRP D 197 -0.47 76.76 48.27
C TRP D 197 0.85 76.00 48.37
N GLN D 198 0.96 75.12 49.35
CA GLN D 198 2.16 74.31 49.50
C GLN D 198 2.31 73.50 48.20
N ARG D 199 1.21 72.90 47.73
CA ARG D 199 1.24 72.09 46.52
C ARG D 199 1.58 72.92 45.30
N LEU D 200 1.09 74.15 45.26
CA LEU D 200 1.37 74.99 44.12
C LEU D 200 2.81 75.54 44.15
N GLY D 201 3.58 75.19 45.17
CA GLY D 201 4.96 75.64 45.19
C GLY D 201 5.41 76.54 46.34
N ALA D 202 4.49 76.98 47.17
CA ALA D 202 4.85 77.84 48.28
C ALA D 202 5.48 77.02 49.38
N ASP D 203 6.36 77.67 50.13
CA ASP D 203 7.04 77.12 51.29
C ASP D 203 6.09 77.61 52.40
N VAL D 204 5.34 76.67 52.96
CA VAL D 204 4.33 76.98 53.96
C VAL D 204 4.57 76.52 55.38
N THR D 205 4.21 77.37 56.33
CA THR D 205 4.35 77.03 57.75
C THR D 205 3.08 77.51 58.46
N ALA D 206 2.47 76.65 59.28
CA ALA D 206 1.27 77.07 60.01
C ALA D 206 1.62 77.09 61.48
N VAL D 207 1.24 78.19 62.14
CA VAL D 207 1.51 78.35 63.56
C VAL D 207 0.20 78.19 64.33
N GLU D 208 0.24 77.39 65.38
CA GLU D 208 -0.96 77.08 66.13
C GLU D 208 -0.70 77.06 67.63
N PHE D 209 -1.58 77.71 68.37
CA PHE D 209 -1.42 77.78 69.81
C PHE D 209 -1.63 76.41 70.46
N LEU D 210 -2.62 75.65 69.96
CA LEU D 210 -2.89 74.33 70.53
C LEU D 210 -1.88 73.27 70.09
N GLY D 211 -1.97 72.10 70.71
CA GLY D 211 -1.06 71.01 70.40
C GLY D 211 -1.45 70.07 69.26
N HIS D 212 -2.37 70.45 68.40
CA HIS D 212 -2.76 69.54 67.31
C HIS D 212 -3.43 70.29 66.17
N VAL D 213 -3.41 69.73 64.98
CA VAL D 213 -4.04 70.37 63.83
C VAL D 213 -5.45 69.79 63.57
N GLY D 214 -6.25 70.50 62.80
CA GLY D 214 -7.58 70.02 62.48
C GLY D 214 -8.75 70.52 63.29
N GLY D 215 -8.51 71.41 64.26
CA GLY D 215 -9.59 71.98 65.02
C GLY D 215 -10.20 71.21 66.17
N VAL D 216 -11.34 71.72 66.64
CA VAL D 216 -12.01 71.09 67.77
C VAL D 216 -12.71 69.80 67.40
N GLY D 217 -12.63 68.82 68.28
CA GLY D 217 -13.34 67.57 68.03
C GLY D 217 -12.63 66.49 67.26
N ILE D 218 -11.56 66.85 66.56
CA ILE D 218 -10.87 65.84 65.80
C ILE D 218 -10.23 64.85 66.78
N ASP D 219 -10.22 63.57 66.41
CA ASP D 219 -9.61 62.56 67.26
C ASP D 219 -8.09 62.81 67.28
N MET D 220 -7.48 62.80 68.48
CA MET D 220 -6.05 63.07 68.61
C MET D 220 -5.14 62.14 67.80
N GLU D 221 -5.41 60.83 67.85
CA GLU D 221 -4.56 59.95 67.07
C GLU D 221 -4.72 60.29 65.59
N ILE D 222 -5.95 60.50 65.16
CA ILE D 222 -6.18 60.87 63.76
C ILE D 222 -5.40 62.17 63.44
N SER D 223 -5.51 63.16 64.33
CA SER D 223 -4.81 64.42 64.11
C SER D 223 -3.28 64.25 63.95
N LYS D 224 -2.67 63.49 64.86
CA LYS D 224 -1.21 63.26 64.80
C LYS D 224 -0.81 62.58 63.51
N ASN D 225 -1.51 61.51 63.14
CA ASN D 225 -1.19 60.82 61.90
C ASN D 225 -1.36 61.74 60.69
N PHE D 226 -2.39 62.59 60.74
CA PHE D 226 -2.69 63.52 59.65
C PHE D 226 -1.51 64.51 59.53
N GLN D 227 -1.12 65.07 60.66
CA GLN D 227 -0.03 66.04 60.69
C GLN D 227 1.27 65.46 60.09
N ARG D 228 1.58 64.23 60.48
CA ARG D 228 2.79 63.54 60.05
C ARG D 228 2.75 63.38 58.55
N ILE D 229 1.60 63.00 58.02
CA ILE D 229 1.51 62.85 56.59
C ILE D 229 1.68 64.20 55.89
N LEU D 230 1.02 65.23 56.39
CA LEU D 230 1.14 66.56 55.77
C LEU D 230 2.60 67.02 55.82
N GLN D 231 3.28 66.79 56.95
CA GLN D 231 4.68 67.19 57.06
C GLN D 231 5.57 66.50 56.03
N LYS D 232 5.29 65.24 55.74
CA LYS D 232 6.07 64.53 54.75
C LYS D 232 5.85 65.12 53.38
N GLN D 233 4.72 65.77 53.18
CA GLN D 233 4.42 66.42 51.90
C GLN D 233 5.13 67.79 51.77
N GLY D 234 5.66 68.30 52.88
CA GLY D 234 6.36 69.58 52.85
C GLY D 234 5.67 70.68 53.66
N PHE D 235 4.51 70.38 54.24
CA PHE D 235 3.75 71.36 55.02
C PHE D 235 4.32 71.38 56.45
N LYS D 236 4.89 72.52 56.87
CA LYS D 236 5.48 72.62 58.21
C LYS D 236 4.54 73.21 59.26
N PHE D 237 4.70 72.77 60.50
CA PHE D 237 3.86 73.24 61.56
C PHE D 237 4.65 73.64 62.78
N LYS D 238 4.13 74.63 63.48
CA LYS D 238 4.74 75.08 64.74
C LYS D 238 3.56 75.04 65.69
N LEU D 239 3.37 73.91 66.38
CA LEU D 239 2.27 73.75 67.35
C LEU D 239 2.68 74.28 68.71
N ASN D 240 1.72 74.44 69.64
CA ASN D 240 2.04 74.98 70.96
C ASN D 240 2.90 76.22 70.83
N THR D 241 2.56 77.04 69.84
CA THR D 241 3.29 78.25 69.56
C THR D 241 2.32 79.41 69.47
N LYS D 242 2.73 80.54 70.04
CA LYS D 242 1.92 81.74 70.03
C LYS D 242 2.55 82.79 69.12
N VAL D 243 1.73 83.48 68.33
CA VAL D 243 2.23 84.54 67.46
C VAL D 243 2.18 85.80 68.32
N THR D 244 3.31 86.49 68.46
CA THR D 244 3.36 87.70 69.30
C THR D 244 3.19 88.96 68.50
N GLY D 245 3.30 88.87 67.19
CA GLY D 245 3.11 90.05 66.39
C GLY D 245 3.56 89.83 64.98
N ALA D 246 3.29 90.81 64.12
CA ALA D 246 3.72 90.73 62.74
C ALA D 246 4.01 92.14 62.30
N THR D 247 5.00 92.28 61.43
CA THR D 247 5.39 93.59 60.95
C THR D 247 5.72 93.63 59.48
N LYS D 248 5.10 94.55 58.75
CA LYS D 248 5.42 94.68 57.33
C LYS D 248 6.78 95.36 57.29
N LYS D 249 7.61 94.98 56.33
CA LYS D 249 8.95 95.54 56.17
C LYS D 249 9.06 96.26 54.84
N SER D 250 10.02 97.17 54.72
CA SER D 250 10.22 97.96 53.50
C SER D 250 10.33 97.16 52.22
N ASP D 251 10.90 95.97 52.27
CA ASP D 251 10.99 95.17 51.05
C ASP D 251 9.64 94.52 50.74
N GLY D 252 8.66 94.73 51.61
CA GLY D 252 7.35 94.16 51.35
C GLY D 252 7.08 92.81 51.99
N LYS D 253 8.09 92.20 52.58
CA LYS D 253 7.90 90.93 53.24
C LYS D 253 7.38 91.21 54.64
N ILE D 254 6.95 90.17 55.34
CA ILE D 254 6.38 90.32 56.67
C ILE D 254 7.14 89.49 57.70
N ASP D 255 7.47 90.10 58.83
CA ASP D 255 8.18 89.39 59.89
C ASP D 255 7.15 89.00 60.92
N VAL D 256 7.02 87.70 61.17
CA VAL D 256 6.08 87.22 62.17
C VAL D 256 6.87 86.80 63.36
N SER D 257 6.50 87.31 64.50
CA SER D 257 7.27 86.97 65.66
C SER D 257 6.47 86.01 66.53
N ILE D 258 7.14 84.93 66.95
CA ILE D 258 6.49 83.86 67.68
C ILE D 258 7.25 83.42 68.91
N GLU D 259 6.54 82.70 69.79
CA GLU D 259 7.07 82.16 71.04
C GLU D 259 6.33 80.86 71.32
N ALA D 260 6.86 80.07 72.25
CA ALA D 260 6.22 78.83 72.64
C ALA D 260 5.06 79.30 73.48
N ALA D 261 3.93 78.60 73.39
CA ALA D 261 2.76 78.98 74.17
C ALA D 261 3.13 79.04 75.66
N SER D 262 4.01 78.15 76.11
CA SER D 262 4.39 78.13 77.51
C SER D 262 5.41 79.22 77.85
N GLY D 263 5.91 79.91 76.83
CA GLY D 263 6.87 80.98 77.05
C GLY D 263 8.27 80.64 76.59
N GLY D 264 8.96 81.65 76.03
CA GLY D 264 10.32 81.45 75.56
C GLY D 264 10.44 81.01 74.11
N LYS D 265 11.64 80.65 73.72
CA LYS D 265 11.93 80.20 72.36
C LYS D 265 11.44 81.21 71.33
N ALA D 266 11.59 82.49 71.65
CA ALA D 266 11.17 83.55 70.75
C ALA D 266 11.94 83.45 69.44
N GLU D 267 11.26 83.62 68.31
CA GLU D 267 11.88 83.55 66.99
C GLU D 267 11.11 84.45 66.05
N VAL D 268 11.61 84.58 64.82
CA VAL D 268 10.96 85.40 63.82
C VAL D 268 10.97 84.68 62.48
N ILE D 269 9.78 84.47 61.94
CA ILE D 269 9.65 83.82 60.63
C ILE D 269 9.29 84.94 59.67
N THR D 270 9.80 84.85 58.45
CA THR D 270 9.50 85.88 57.46
C THR D 270 8.74 85.26 56.29
N CYS D 271 7.79 86.00 55.74
CA CYS D 271 7.00 85.48 54.63
C CYS D 271 6.55 86.55 53.67
N ASP D 272 6.05 86.13 52.51
CA ASP D 272 5.54 87.07 51.52
C ASP D 272 4.03 87.28 51.72
N VAL D 273 3.36 86.26 52.24
CA VAL D 273 1.93 86.38 52.48
C VAL D 273 1.66 85.75 53.84
N LEU D 274 0.88 86.45 54.65
CA LEU D 274 0.51 85.99 55.98
C LEU D 274 -1.01 85.73 55.96
N LEU D 275 -1.39 84.49 56.22
CA LEU D 275 -2.80 84.12 56.24
C LEU D 275 -3.24 84.06 57.69
N VAL D 276 -4.22 84.88 58.02
CA VAL D 276 -4.73 84.92 59.37
C VAL D 276 -6.06 84.16 59.46
N CYS D 277 -6.05 82.96 60.03
CA CYS D 277 -7.34 82.27 60.17
C CYS D 277 -7.40 81.51 61.45
N ILE D 278 -7.52 82.28 62.53
CA ILE D 278 -7.61 81.73 63.86
C ILE D 278 -9.06 81.43 64.19
N GLY D 279 -9.97 81.73 63.27
CA GLY D 279 -11.37 81.46 63.53
C GLY D 279 -12.38 82.29 62.75
N ARG D 280 -13.65 82.05 63.05
CA ARG D 280 -14.78 82.75 62.45
C ARG D 280 -15.75 82.97 63.60
N ARG D 281 -16.56 84.03 63.51
CA ARG D 281 -17.48 84.31 64.59
C ARG D 281 -18.80 84.78 63.97
N PRO D 282 -19.88 84.69 64.75
CA PRO D 282 -21.20 85.10 64.25
C PRO D 282 -21.28 86.56 63.86
N PHE D 283 -22.02 86.82 62.79
CA PHE D 283 -22.20 88.17 62.30
C PHE D 283 -23.64 88.60 62.44
N THR D 284 -23.87 89.64 63.24
CA THR D 284 -25.22 90.16 63.46
C THR D 284 -25.17 91.69 63.50
N LYS D 285 -24.15 92.26 62.88
CA LYS D 285 -23.99 93.70 62.90
C LYS D 285 -25.21 94.49 62.37
N ASN D 286 -25.70 95.41 63.19
CA ASN D 286 -26.83 96.30 62.81
C ASN D 286 -28.09 95.58 62.31
N LEU D 287 -28.46 94.52 63.02
CA LEU D 287 -29.59 93.70 62.64
C LEU D 287 -30.81 94.27 63.33
N GLY D 288 -30.56 95.06 64.38
CA GLY D 288 -31.62 95.68 65.14
C GLY D 288 -31.91 94.83 66.36
N LEU D 289 -30.96 93.95 66.70
CA LEU D 289 -31.17 93.06 67.84
C LEU D 289 -31.21 93.76 69.19
N GLU D 290 -30.30 94.70 69.43
CA GLU D 290 -30.31 95.39 70.72
C GLU D 290 -31.59 96.20 70.89
N GLU D 291 -31.95 96.96 69.86
CA GLU D 291 -33.16 97.76 69.91
C GLU D 291 -34.32 96.84 70.27
N LEU D 292 -34.27 95.63 69.73
CA LEU D 292 -35.31 94.63 69.90
C LEU D 292 -35.27 93.92 71.25
N GLY D 293 -34.13 93.98 71.94
CA GLY D 293 -34.03 93.32 73.24
C GLY D 293 -33.51 91.89 73.17
N ILE D 294 -33.02 91.48 71.99
CA ILE D 294 -32.47 90.14 71.85
C ILE D 294 -30.99 90.19 72.23
N GLU D 295 -30.66 89.65 73.39
CA GLU D 295 -29.29 89.62 73.89
C GLU D 295 -28.47 88.53 73.21
N LEU D 296 -27.19 88.80 72.95
CA LEU D 296 -26.30 87.79 72.37
C LEU D 296 -25.57 87.05 73.49
N ASP D 297 -25.12 85.82 73.24
CA ASP D 297 -24.38 85.12 74.29
C ASP D 297 -22.93 85.64 74.25
N PRO D 298 -22.10 85.24 75.21
CA PRO D 298 -20.72 85.76 75.19
C PRO D 298 -19.88 85.53 73.94
N ARG D 299 -20.23 84.55 73.12
CA ARG D 299 -19.46 84.34 71.90
C ARG D 299 -20.12 85.05 70.73
N GLY D 300 -21.13 85.87 71.03
CA GLY D 300 -21.81 86.60 69.97
C GLY D 300 -22.88 85.83 69.22
N ARG D 301 -23.24 84.64 69.68
CA ARG D 301 -24.31 83.88 69.02
C ARG D 301 -25.68 84.38 69.51
N ILE D 302 -26.72 84.10 68.74
CA ILE D 302 -28.07 84.46 69.17
C ILE D 302 -28.65 83.27 69.94
N PRO D 303 -29.03 83.46 71.22
CA PRO D 303 -29.62 82.38 72.02
C PRO D 303 -30.96 81.93 71.43
N VAL D 304 -31.09 80.66 71.10
CA VAL D 304 -32.35 80.14 70.58
C VAL D 304 -32.74 78.87 71.30
N ASN D 305 -34.04 78.57 71.30
CA ASN D 305 -34.56 77.40 72.00
C ASN D 305 -34.63 76.16 71.13
N THR D 306 -35.26 75.10 71.65
CA THR D 306 -35.32 73.86 70.91
C THR D 306 -35.98 73.98 69.54
N ARG D 307 -36.72 75.06 69.29
CA ARG D 307 -37.36 75.23 67.96
C ARG D 307 -36.65 76.32 67.14
N PHE D 308 -35.55 76.83 67.69
CA PHE D 308 -34.72 77.87 67.07
C PHE D 308 -35.33 79.24 67.11
N GLN D 309 -36.20 79.45 68.10
CA GLN D 309 -36.83 80.74 68.29
C GLN D 309 -35.98 81.55 69.24
N THR D 310 -35.88 82.84 68.98
CA THR D 310 -35.14 83.70 69.87
C THR D 310 -36.11 83.96 71.00
N LYS D 311 -35.78 84.88 71.90
CA LYS D 311 -36.70 85.18 72.98
C LYS D 311 -38.00 85.85 72.45
N ILE D 312 -37.99 86.35 71.22
CA ILE D 312 -39.19 86.95 70.62
C ILE D 312 -39.68 85.82 69.70
N PRO D 313 -40.69 85.07 70.17
CA PRO D 313 -41.33 83.93 69.53
C PRO D 313 -41.48 83.80 68.02
N ASN D 314 -41.70 84.89 67.30
CA ASN D 314 -41.85 84.75 65.85
C ASN D 314 -40.52 85.06 65.15
N ILE D 315 -39.49 85.31 65.95
CA ILE D 315 -38.16 85.61 65.41
C ILE D 315 -37.22 84.43 65.71
N TYR D 316 -36.74 83.81 64.64
CA TYR D 316 -35.86 82.66 64.68
C TYR D 316 -34.44 82.93 64.16
N ALA D 317 -33.51 82.02 64.47
CA ALA D 317 -32.14 82.12 64.00
C ALA D 317 -31.56 80.72 63.82
N ILE D 318 -30.77 80.54 62.76
CA ILE D 318 -30.14 79.27 62.47
C ILE D 318 -28.75 79.51 61.86
N GLY D 319 -27.98 78.44 61.69
CA GLY D 319 -26.67 78.54 61.05
C GLY D 319 -25.49 79.00 61.88
N ASP D 320 -24.50 79.55 61.20
CA ASP D 320 -23.29 80.02 61.91
C ASP D 320 -23.59 81.04 62.99
N VAL D 321 -24.79 81.60 62.97
CA VAL D 321 -25.14 82.60 63.94
C VAL D 321 -25.63 82.01 65.27
N VAL D 322 -25.87 80.70 65.29
CA VAL D 322 -26.30 80.07 66.54
C VAL D 322 -25.32 78.98 66.97
N ALA D 323 -25.54 78.43 68.15
CA ALA D 323 -24.71 77.37 68.70
C ALA D 323 -24.54 76.18 67.77
N GLY D 324 -23.44 75.46 67.98
CA GLY D 324 -23.16 74.28 67.20
C GLY D 324 -22.02 74.45 66.22
N PRO D 325 -21.66 73.38 65.51
CA PRO D 325 -20.58 73.33 64.51
C PRO D 325 -20.82 74.34 63.39
N MET D 326 -19.84 75.19 63.13
CA MET D 326 -19.98 76.18 62.08
C MET D 326 -19.73 75.52 60.73
N LEU D 327 -20.72 74.77 60.29
CA LEU D 327 -20.60 74.02 59.04
C LEU D 327 -21.84 74.24 58.16
N ALA D 328 -21.65 74.17 56.84
CA ALA D 328 -22.73 74.38 55.88
C ALA D 328 -23.88 73.40 56.05
N HIS D 329 -23.59 72.11 56.01
CA HIS D 329 -24.66 71.12 56.15
C HIS D 329 -25.37 71.28 57.47
N LYS D 330 -24.66 71.77 58.49
CA LYS D 330 -25.32 71.99 59.77
C LYS D 330 -26.33 73.15 59.58
N ALA D 331 -25.90 74.24 58.97
CA ALA D 331 -26.74 75.41 58.72
C ALA D 331 -27.99 75.00 57.91
N GLU D 332 -27.78 74.20 56.85
CA GLU D 332 -28.90 73.74 56.02
C GLU D 332 -29.91 72.90 56.78
N ASP D 333 -29.43 71.93 57.56
CA ASP D 333 -30.31 71.09 58.33
C ASP D 333 -31.14 71.94 59.29
N GLU D 334 -30.49 72.91 59.93
CA GLU D 334 -31.21 73.77 60.86
C GLU D 334 -32.27 74.60 60.13
N GLY D 335 -31.95 75.09 58.93
CA GLY D 335 -32.92 75.87 58.17
C GLY D 335 -34.16 75.03 57.84
N ILE D 336 -33.94 73.78 57.43
CA ILE D 336 -35.05 72.90 57.10
C ILE D 336 -35.97 72.56 58.28
N ILE D 337 -35.41 72.13 59.40
CA ILE D 337 -36.24 71.78 60.53
C ILE D 337 -36.85 72.99 61.17
N CYS D 338 -36.16 74.12 61.05
CA CYS D 338 -36.69 75.32 61.64
C CYS D 338 -38.01 75.71 60.92
N VAL D 339 -38.01 75.69 59.60
CA VAL D 339 -39.23 76.07 58.93
C VAL D 339 -40.28 74.95 58.99
N GLU D 340 -39.84 73.69 59.02
CA GLU D 340 -40.81 72.60 59.16
C GLU D 340 -41.50 72.85 60.50
N GLY D 341 -40.73 73.29 61.49
CA GLY D 341 -41.31 73.59 62.79
C GLY D 341 -42.34 74.73 62.72
N MET D 342 -42.03 75.78 61.95
CA MET D 342 -42.97 76.90 61.80
C MET D 342 -44.27 76.35 61.21
N ALA D 343 -44.16 75.31 60.41
CA ALA D 343 -45.32 74.70 59.81
C ALA D 343 -45.95 73.70 60.76
N GLY D 344 -45.60 73.78 62.03
CA GLY D 344 -46.18 72.87 63.01
C GLY D 344 -45.47 71.54 63.16
N GLY D 345 -44.40 71.31 62.38
CA GLY D 345 -43.69 70.05 62.47
C GLY D 345 -42.81 69.81 63.69
N ALA D 346 -42.21 68.64 63.75
CA ALA D 346 -41.32 68.31 64.84
C ALA D 346 -39.98 68.97 64.53
N VAL D 347 -39.25 69.33 65.58
CA VAL D 347 -37.94 69.94 65.44
C VAL D 347 -36.95 69.10 66.24
N HIS D 348 -36.13 68.34 65.55
CA HIS D 348 -35.15 67.51 66.24
C HIS D 348 -33.85 67.47 65.47
N ILE D 349 -32.76 67.75 66.14
CA ILE D 349 -31.46 67.71 65.47
C ILE D 349 -30.52 67.07 66.48
N ASP D 350 -29.72 66.11 66.04
CA ASP D 350 -28.74 65.46 66.93
C ASP D 350 -27.37 65.89 66.42
N TYR D 351 -26.74 66.84 67.09
CA TYR D 351 -25.44 67.30 66.61
C TYR D 351 -24.35 66.23 66.68
N ASN D 352 -24.58 65.18 67.47
CA ASN D 352 -23.59 64.12 67.55
C ASN D 352 -23.55 63.37 66.23
N CYS D 353 -24.57 63.56 65.39
CA CYS D 353 -24.56 62.89 64.10
C CYS D 353 -24.18 63.80 62.92
N VAL D 354 -23.67 65.02 63.17
CA VAL D 354 -23.30 65.81 62.00
C VAL D 354 -21.81 65.57 61.76
N PRO D 355 -21.46 65.18 60.55
CA PRO D 355 -20.05 64.91 60.24
C PRO D 355 -19.15 66.12 59.99
N SER D 356 -17.84 65.89 60.04
CA SER D 356 -16.85 66.92 59.74
C SER D 356 -15.94 66.35 58.67
N VAL D 357 -15.50 67.20 57.75
CA VAL D 357 -14.61 66.77 56.68
C VAL D 357 -13.50 67.82 56.46
N ILE D 358 -12.32 67.35 56.08
CA ILE D 358 -11.17 68.20 55.78
C ILE D 358 -10.81 67.66 54.40
N TYR D 359 -10.87 68.52 53.38
CA TYR D 359 -10.64 68.13 52.00
C TYR D 359 -9.24 68.15 51.44
N THR D 360 -8.27 67.97 52.32
CA THR D 360 -6.89 67.87 51.92
C THR D 360 -6.77 66.49 51.27
N HIS D 361 -5.56 66.11 50.91
CA HIS D 361 -5.32 64.78 50.37
C HIS D 361 -4.09 64.34 51.13
N PRO D 362 -4.21 63.32 51.98
CA PRO D 362 -5.42 62.56 52.29
C PRO D 362 -6.49 63.39 52.95
N GLU D 363 -7.74 62.93 52.80
CA GLU D 363 -8.89 63.58 53.41
C GLU D 363 -8.99 63.08 54.84
N VAL D 364 -9.78 63.77 55.64
CA VAL D 364 -10.00 63.41 57.03
C VAL D 364 -11.50 63.63 57.23
N ALA D 365 -12.17 62.72 57.91
CA ALA D 365 -13.60 62.88 58.13
C ALA D 365 -14.01 62.06 59.31
N TRP D 366 -14.96 62.59 60.07
CA TRP D 366 -15.44 61.90 61.26
C TRP D 366 -16.85 62.32 61.67
N VAL D 367 -17.47 61.46 62.47
CA VAL D 367 -18.80 61.73 62.99
C VAL D 367 -18.90 60.99 64.30
N GLY D 368 -19.60 61.57 65.27
CA GLY D 368 -19.73 60.93 66.56
C GLY D 368 -18.66 61.43 67.53
N LYS D 369 -18.22 60.58 68.45
CA LYS D 369 -17.23 60.95 69.45
C LYS D 369 -15.80 60.49 69.18
N SER D 370 -14.86 61.30 69.62
CA SER D 370 -13.44 60.98 69.50
C SER D 370 -13.10 60.22 70.79
N GLU D 371 -11.90 59.66 70.87
CA GLU D 371 -11.53 58.96 72.11
C GLU D 371 -11.45 59.95 73.24
N GLU D 372 -10.93 61.14 72.99
CA GLU D 372 -10.83 62.13 74.06
C GLU D 372 -12.22 62.49 74.65
N GLN D 373 -13.23 62.62 73.79
CA GLN D 373 -14.57 62.95 74.30
C GLN D 373 -15.13 61.80 75.12
N LEU D 374 -14.95 60.57 74.64
CA LEU D 374 -15.46 59.42 75.39
C LEU D 374 -14.79 59.33 76.74
N LYS D 375 -13.48 59.54 76.79
CA LYS D 375 -12.77 59.49 78.06
C LYS D 375 -13.25 60.57 79.03
N GLU D 376 -13.37 61.81 78.57
CA GLU D 376 -13.81 62.84 79.49
C GLU D 376 -15.26 62.62 79.91
N GLU D 377 -16.05 61.94 79.08
CA GLU D 377 -17.44 61.68 79.44
C GLU D 377 -17.58 60.47 80.36
N GLY D 378 -16.53 59.66 80.43
CA GLY D 378 -16.57 58.50 81.30
C GLY D 378 -17.16 57.27 80.65
N ILE D 379 -17.07 57.18 79.33
CA ILE D 379 -17.64 56.07 78.57
C ILE D 379 -16.59 54.97 78.26
N GLU D 380 -16.94 53.70 78.50
CA GLU D 380 -16.01 52.60 78.23
C GLU D 380 -16.16 52.19 76.78
N TYR D 381 -15.05 52.09 76.05
CA TYR D 381 -15.17 51.74 74.65
C TYR D 381 -14.06 50.84 74.16
N LYS D 382 -14.26 50.30 72.96
CA LYS D 382 -13.27 49.45 72.34
C LYS D 382 -12.94 50.12 71.01
N VAL D 383 -11.80 49.75 70.44
CA VAL D 383 -11.31 50.33 69.20
C VAL D 383 -11.11 49.30 68.10
N GLY D 384 -11.45 49.68 66.89
CA GLY D 384 -11.26 48.81 65.74
C GLY D 384 -10.58 49.67 64.67
N LYS D 385 -9.54 49.15 64.05
CA LYS D 385 -8.84 49.93 63.05
C LYS D 385 -8.53 49.12 61.81
N PHE D 386 -8.48 49.78 60.67
CA PHE D 386 -8.12 49.12 59.43
C PHE D 386 -7.37 50.12 58.60
N PRO D 387 -6.13 49.80 58.20
CA PRO D 387 -5.34 50.74 57.39
C PRO D 387 -5.66 50.66 55.91
N PHE D 388 -5.64 51.80 55.23
CA PHE D 388 -5.89 51.77 53.80
C PHE D 388 -4.78 51.03 53.07
N ALA D 389 -3.63 50.82 53.72
CA ALA D 389 -2.54 50.10 53.06
C ALA D 389 -2.99 48.67 52.77
N ALA D 390 -3.99 48.20 53.52
CA ALA D 390 -4.52 46.85 53.31
C ALA D 390 -5.85 46.88 52.53
N ASN D 391 -6.26 48.04 52.03
CA ASN D 391 -7.52 48.08 51.27
C ASN D 391 -7.20 47.86 49.79
N SER D 392 -7.91 46.93 49.16
CA SER D 392 -7.65 46.61 47.75
C SER D 392 -7.76 47.77 46.79
N ARG D 393 -8.85 48.54 46.87
CA ARG D 393 -9.01 49.64 45.94
C ARG D 393 -7.92 50.68 46.13
N ALA D 394 -7.64 51.00 47.39
CA ALA D 394 -6.59 51.98 47.72
C ALA D 394 -5.23 51.56 47.14
N LYS D 395 -4.84 50.31 47.39
CA LYS D 395 -3.56 49.77 46.94
C LYS D 395 -3.47 49.76 45.43
N THR D 396 -4.56 49.36 44.81
CA THR D 396 -4.64 49.26 43.34
C THR D 396 -4.45 50.66 42.71
N ASN D 397 -4.94 51.67 43.43
CA ASN D 397 -4.86 53.05 42.94
C ASN D 397 -3.55 53.66 43.33
N ALA D 398 -2.85 53.00 44.26
CA ALA D 398 -1.56 53.46 44.80
C ALA D 398 -1.75 54.68 45.70
N ASP D 399 -2.82 54.69 46.48
CA ASP D 399 -3.09 55.81 47.37
C ASP D 399 -3.53 55.16 48.67
N THR D 400 -2.54 54.85 49.50
CA THR D 400 -2.74 54.09 50.74
C THR D 400 -2.52 54.68 52.14
N ASP D 401 -2.35 55.99 52.26
CA ASP D 401 -2.17 56.59 53.58
C ASP D 401 -3.43 56.43 54.42
N GLY D 402 -3.25 56.41 55.74
CA GLY D 402 -4.36 56.39 56.65
C GLY D 402 -5.02 55.12 57.10
N MET D 403 -6.17 55.34 57.72
CA MET D 403 -6.92 54.25 58.27
C MET D 403 -8.34 54.68 58.59
N VAL D 404 -9.15 53.69 58.94
CA VAL D 404 -10.50 53.97 59.39
C VAL D 404 -10.39 53.50 60.85
N LYS D 405 -10.86 54.33 61.77
CA LYS D 405 -10.86 54.00 63.20
C LYS D 405 -12.29 54.08 63.74
N ILE D 406 -12.77 52.98 64.29
CA ILE D 406 -14.09 52.90 64.84
C ILE D 406 -14.03 52.76 66.34
N LEU D 407 -14.85 53.54 67.04
CA LEU D 407 -14.93 53.48 68.49
C LEU D 407 -16.29 52.87 68.82
N GLY D 408 -16.30 51.75 69.54
CA GLY D 408 -17.55 51.10 69.88
C GLY D 408 -17.73 50.99 71.38
N GLN D 409 -18.98 51.02 71.83
CA GLN D 409 -19.23 50.91 73.26
C GLN D 409 -18.76 49.49 73.63
N LYS D 410 -17.97 49.41 74.70
CA LYS D 410 -17.39 48.14 75.13
C LYS D 410 -18.34 46.96 75.30
N SER D 411 -19.54 47.20 75.81
CA SER D 411 -20.48 46.09 76.04
C SER D 411 -21.57 45.90 75.00
N THR D 412 -22.15 47.00 74.52
CA THR D 412 -23.24 46.91 73.56
C THR D 412 -22.84 46.85 72.09
N ASP D 413 -21.56 47.09 71.79
CA ASP D 413 -21.09 47.09 70.40
C ASP D 413 -21.67 48.28 69.60
N ARG D 414 -22.27 49.22 70.31
CA ARG D 414 -22.85 50.42 69.69
C ARG D 414 -21.75 51.32 69.09
N VAL D 415 -21.89 51.72 67.81
CA VAL D 415 -20.89 52.62 67.23
C VAL D 415 -21.02 53.98 67.92
N LEU D 416 -19.92 54.50 68.45
CA LEU D 416 -19.92 55.79 69.15
C LEU D 416 -19.19 56.84 68.32
N GLY D 417 -18.31 56.40 67.44
CA GLY D 417 -17.58 57.34 66.60
C GLY D 417 -16.87 56.62 65.48
N ALA D 418 -16.75 57.29 64.34
CA ALA D 418 -16.06 56.74 63.19
C ALA D 418 -15.13 57.86 62.75
N HIS D 419 -13.87 57.53 62.53
CA HIS D 419 -12.84 58.49 62.16
C HIS D 419 -12.05 57.94 60.97
N ILE D 420 -12.04 58.70 59.88
CA ILE D 420 -11.39 58.28 58.64
C ILE D 420 -10.30 59.26 58.20
N LEU D 421 -9.12 58.71 57.93
CA LEU D 421 -7.98 59.46 57.44
C LEU D 421 -7.52 58.69 56.22
N GLY D 422 -7.69 59.28 55.04
CA GLY D 422 -7.27 58.59 53.84
C GLY D 422 -8.12 58.87 52.62
N PRO D 423 -7.96 58.10 51.54
CA PRO D 423 -8.77 58.34 50.34
C PRO D 423 -10.30 58.18 50.58
N GLY D 424 -11.09 59.04 49.92
CA GLY D 424 -12.54 58.98 50.01
C GLY D 424 -13.20 59.19 51.34
N ALA D 425 -12.45 59.70 52.30
CA ALA D 425 -12.97 59.93 53.62
C ALA D 425 -14.23 60.81 53.65
N GLY D 426 -14.24 61.91 52.89
CA GLY D 426 -15.40 62.79 52.89
C GLY D 426 -16.72 62.13 52.48
N GLU D 427 -16.69 61.29 51.46
CA GLU D 427 -17.89 60.60 51.02
C GLU D 427 -18.22 59.48 52.01
N MET D 428 -17.19 58.75 52.45
CA MET D 428 -17.35 57.61 53.35
C MET D 428 -17.99 57.93 54.67
N VAL D 429 -17.73 59.12 55.20
CA VAL D 429 -18.28 59.48 56.49
C VAL D 429 -19.81 59.55 56.46
N ASN D 430 -20.40 59.66 55.28
CA ASN D 430 -21.88 59.71 55.21
C ASN D 430 -22.52 58.36 55.48
N GLU D 431 -21.84 57.28 55.08
CA GLU D 431 -22.32 55.93 55.37
C GLU D 431 -22.32 55.86 56.90
N ALA D 432 -21.23 56.34 57.50
CA ALA D 432 -21.10 56.33 58.95
C ALA D 432 -22.18 57.17 59.62
N ALA D 433 -22.49 58.34 59.09
CA ALA D 433 -23.54 59.16 59.69
C ALA D 433 -24.91 58.43 59.60
N LEU D 434 -25.17 57.80 58.46
CA LEU D 434 -26.42 57.04 58.33
C LEU D 434 -26.43 55.96 59.44
N ALA D 435 -25.30 55.29 59.64
CA ALA D 435 -25.20 54.24 60.65
C ALA D 435 -25.51 54.76 62.05
N LEU D 436 -24.90 55.87 62.44
CA LEU D 436 -25.15 56.42 63.79
C LEU D 436 -26.57 56.90 63.98
N GLU D 437 -27.18 57.40 62.90
CA GLU D 437 -28.56 57.90 62.98
C GLU D 437 -29.47 56.71 63.29
N TYR D 438 -29.04 55.53 62.83
CA TYR D 438 -29.79 54.32 63.07
C TYR D 438 -29.38 53.60 64.35
N GLY D 439 -28.49 54.22 65.13
CA GLY D 439 -28.01 53.60 66.36
C GLY D 439 -27.35 52.26 66.07
N ALA D 440 -26.66 52.17 64.94
CA ALA D 440 -25.99 50.93 64.54
C ALA D 440 -24.93 50.40 65.50
N SER D 441 -24.75 49.08 65.47
CA SER D 441 -23.72 48.41 66.28
C SER D 441 -22.60 48.13 65.27
N CYS D 442 -21.39 47.83 65.73
CA CYS D 442 -20.32 47.52 64.78
C CYS D 442 -20.67 46.29 63.93
N GLU D 443 -21.33 45.31 64.55
CA GLU D 443 -21.72 44.09 63.83
C GLU D 443 -22.72 44.39 62.69
N ASP D 444 -23.67 45.29 62.92
CA ASP D 444 -24.65 45.65 61.87
C ASP D 444 -23.88 46.04 60.62
N ILE D 445 -22.86 46.87 60.81
CA ILE D 445 -22.09 47.35 59.68
C ILE D 445 -21.25 46.26 59.05
N ALA D 446 -20.61 45.43 59.89
CA ALA D 446 -19.79 44.34 59.35
C ALA D 446 -20.66 43.34 58.56
N ARG D 447 -21.95 43.23 58.89
CA ARG D 447 -22.80 42.28 58.18
C ARG D 447 -23.24 42.77 56.82
N VAL D 448 -23.21 44.07 56.59
CA VAL D 448 -23.66 44.57 55.30
C VAL D 448 -22.64 44.29 54.24
N CYS D 449 -23.11 43.81 53.10
CA CYS D 449 -22.23 43.49 51.98
C CYS D 449 -21.75 44.74 51.26
N HIS D 450 -20.45 45.04 51.35
CA HIS D 450 -19.91 46.18 50.65
C HIS D 450 -19.28 45.71 49.34
N ALA D 451 -19.38 46.53 48.29
CA ALA D 451 -18.83 46.15 46.99
C ALA D 451 -17.32 46.01 47.02
N HIS D 452 -16.80 45.16 46.15
CA HIS D 452 -15.38 44.93 46.12
C HIS D 452 -14.93 45.07 44.71
N PRO D 453 -13.85 45.82 44.49
CA PRO D 453 -13.08 46.48 45.54
C PRO D 453 -13.50 47.96 45.73
N THR D 454 -13.76 48.37 46.97
CA THR D 454 -14.06 49.78 47.27
C THR D 454 -13.38 50.20 48.58
N LEU D 455 -13.16 51.51 48.71
CA LEU D 455 -12.54 52.07 49.90
C LEU D 455 -13.43 51.82 51.11
N SER D 456 -14.75 51.73 50.87
CA SER D 456 -15.68 51.51 51.98
C SER D 456 -15.45 50.15 52.67
N GLU D 457 -14.78 49.22 51.98
CA GLU D 457 -14.51 47.92 52.61
C GLU D 457 -13.66 48.15 53.89
N ALA D 458 -12.86 49.21 53.90
CA ALA D 458 -12.03 49.51 55.08
C ALA D 458 -12.92 49.89 56.25
N PHE D 459 -14.01 50.56 55.94
CA PHE D 459 -14.96 50.96 56.97
C PHE D 459 -15.65 49.70 57.49
N ARG D 460 -16.01 48.80 56.57
CA ARG D 460 -16.66 47.56 56.98
C ARG D 460 -15.68 46.71 57.82
N GLU D 461 -14.44 46.62 57.38
CA GLU D 461 -13.43 45.83 58.11
C GLU D 461 -13.09 46.41 59.47
N ALA D 462 -13.04 47.73 59.58
CA ALA D 462 -12.73 48.32 60.88
C ALA D 462 -13.87 48.00 61.86
N ASN D 463 -15.11 47.99 61.38
CA ASN D 463 -16.22 47.68 62.29
C ASN D 463 -16.15 46.20 62.68
N LEU D 464 -15.76 45.34 61.74
CA LEU D 464 -15.62 43.92 62.02
C LEU D 464 -14.54 43.74 63.10
N ALA D 465 -13.38 44.36 62.90
CA ALA D 465 -12.32 44.26 63.89
C ALA D 465 -12.82 44.70 65.25
N ALA D 466 -13.62 45.76 65.29
CA ALA D 466 -14.15 46.29 66.55
C ALA D 466 -15.16 45.35 67.22
N SER D 467 -15.99 44.69 66.41
CA SER D 467 -16.99 43.78 66.94
C SER D 467 -16.45 42.38 67.27
N PHE D 468 -15.78 41.77 66.29
CA PHE D 468 -15.27 40.41 66.36
C PHE D 468 -13.87 40.32 66.99
N GLY D 469 -13.06 41.36 66.80
CA GLY D 469 -11.73 41.35 67.36
C GLY D 469 -10.69 41.35 66.26
N LYS D 470 -11.04 40.85 65.10
CA LYS D 470 -10.12 40.84 63.99
C LYS D 470 -10.85 40.98 62.68
N SER D 471 -10.21 41.61 61.71
CA SER D 471 -10.79 41.79 60.40
C SER D 471 -10.29 40.61 59.56
N ILE D 472 -10.69 40.59 58.30
CA ILE D 472 -10.28 39.51 57.44
C ILE D 472 -8.97 39.84 56.76
N ASN D 473 -8.87 41.06 56.26
CA ASN D 473 -7.69 41.45 55.50
C ASN D 473 -6.55 42.15 56.22
N PHE D 474 -6.59 42.15 57.54
CA PHE D 474 -5.50 42.74 58.30
C PHE D 474 -5.41 42.10 59.68
N GLN E 3 -73.06 27.38 82.53
CA GLN E 3 -73.84 28.24 81.56
C GLN E 3 -73.93 27.60 80.16
N PRO E 4 -74.35 26.31 80.09
CA PRO E 4 -74.51 25.53 78.86
C PRO E 4 -75.80 25.91 78.17
N ILE E 5 -75.86 25.70 76.85
CA ILE E 5 -77.07 26.03 76.10
C ILE E 5 -77.64 24.81 75.38
N ASP E 6 -78.92 24.87 75.04
CA ASP E 6 -79.58 23.75 74.36
C ASP E 6 -80.05 24.12 72.96
N ALA E 7 -80.00 23.14 72.06
CA ALA E 7 -80.42 23.33 70.69
C ALA E 7 -81.08 22.08 70.13
N ASP E 8 -81.80 22.25 69.02
CA ASP E 8 -82.46 21.14 68.34
C ASP E 8 -81.46 20.63 67.31
N VAL E 9 -80.65 21.55 66.80
CA VAL E 9 -79.65 21.21 65.79
C VAL E 9 -78.38 22.00 66.02
N THR E 10 -77.27 21.27 66.14
CA THR E 10 -75.97 21.88 66.32
C THR E 10 -75.11 21.51 65.12
N VAL E 11 -74.72 22.53 64.37
CA VAL E 11 -73.91 22.35 63.17
C VAL E 11 -72.45 22.65 63.50
N ILE E 12 -71.56 21.74 63.11
CA ILE E 12 -70.15 21.94 63.37
C ILE E 12 -69.47 22.26 62.05
N GLY E 13 -69.13 23.53 61.88
CA GLY E 13 -68.52 23.99 60.63
C GLY E 13 -69.41 25.07 60.02
N SER E 14 -68.81 26.13 59.47
CA SER E 14 -69.61 27.20 58.87
C SER E 14 -69.26 27.43 57.42
N GLY E 15 -68.86 26.37 56.72
CA GLY E 15 -68.54 26.50 55.31
C GLY E 15 -69.84 26.40 54.55
N PRO E 16 -69.81 26.38 53.21
CA PRO E 16 -71.01 26.28 52.37
C PRO E 16 -72.02 25.27 52.92
N GLY E 17 -71.55 24.08 53.27
CA GLY E 17 -72.46 23.09 53.79
C GLY E 17 -73.07 23.46 55.14
N GLY E 18 -72.22 23.76 56.12
CA GLY E 18 -72.70 24.11 57.45
C GLY E 18 -73.48 25.42 57.63
N TYR E 19 -72.99 26.52 57.06
CA TYR E 19 -73.71 27.78 57.26
C TYR E 19 -75.10 27.77 56.57
N VAL E 20 -75.19 27.16 55.40
CA VAL E 20 -76.48 27.04 54.71
C VAL E 20 -77.43 26.09 55.46
N ALA E 21 -76.90 24.96 55.94
CA ALA E 21 -77.71 24.00 56.70
C ALA E 21 -78.26 24.69 57.96
N ALA E 22 -77.40 25.48 58.61
CA ALA E 22 -77.81 26.19 59.82
C ALA E 22 -78.95 27.16 59.51
N ILE E 23 -78.80 27.96 58.46
CA ILE E 23 -79.84 28.93 58.11
C ILE E 23 -81.16 28.22 57.79
N LYS E 24 -81.10 27.19 56.95
CA LYS E 24 -82.31 26.47 56.57
C LYS E 24 -82.94 25.82 57.79
N ALA E 25 -82.10 25.28 58.68
CA ALA E 25 -82.63 24.63 59.87
C ALA E 25 -83.41 25.64 60.68
N ALA E 26 -82.83 26.82 60.88
CA ALA E 26 -83.51 27.87 61.64
C ALA E 26 -84.82 28.26 60.96
N GLN E 27 -84.80 28.38 59.62
CA GLN E 27 -86.01 28.77 58.90
C GLN E 27 -87.08 27.71 59.02
N LEU E 28 -86.66 26.46 59.11
CA LEU E 28 -87.57 25.35 59.24
C LEU E 28 -88.12 25.29 60.67
N GLY E 29 -87.67 26.19 61.55
CA GLY E 29 -88.18 26.18 62.91
C GLY E 29 -87.31 25.49 63.96
N PHE E 30 -86.09 25.11 63.60
CA PHE E 30 -85.20 24.44 64.54
C PHE E 30 -84.37 25.44 65.34
N LYS E 31 -84.31 25.29 66.66
CA LYS E 31 -83.46 26.17 67.47
C LYS E 31 -82.09 25.67 67.02
N THR E 32 -81.38 26.54 66.31
CA THR E 32 -80.12 26.19 65.70
C THR E 32 -78.84 26.88 66.18
N VAL E 33 -77.79 26.08 66.34
CA VAL E 33 -76.48 26.56 66.77
C VAL E 33 -75.43 26.14 65.75
N CYS E 34 -74.51 27.05 65.45
CA CYS E 34 -73.43 26.78 64.51
C CYS E 34 -72.09 27.08 65.18
N ILE E 35 -71.18 26.11 65.12
CA ILE E 35 -69.86 26.23 65.73
C ILE E 35 -68.79 26.37 64.68
N GLU E 36 -67.92 27.37 64.86
CA GLU E 36 -66.82 27.57 63.91
C GLU E 36 -65.56 27.88 64.69
N LYS E 37 -64.47 27.22 64.33
CA LYS E 37 -63.20 27.41 65.01
C LYS E 37 -62.40 28.62 64.52
N ASN E 38 -62.55 28.97 63.25
CA ASN E 38 -61.85 30.09 62.64
C ASN E 38 -62.47 31.45 63.02
N GLU E 39 -61.74 32.54 62.76
CA GLU E 39 -62.21 33.88 63.11
C GLU E 39 -63.39 34.39 62.28
N THR E 40 -63.58 33.84 61.09
CA THR E 40 -64.71 34.26 60.25
C THR E 40 -65.49 33.03 59.83
N LEU E 41 -66.73 33.24 59.40
CA LEU E 41 -67.60 32.17 58.92
C LEU E 41 -67.36 31.96 57.42
N GLY E 42 -67.94 30.90 56.86
CA GLY E 42 -67.77 30.72 55.43
C GLY E 42 -66.89 29.58 54.98
N GLY E 43 -66.16 29.00 55.92
CA GLY E 43 -65.31 27.86 55.60
C GLY E 43 -64.23 28.07 54.57
N THR E 44 -63.91 26.99 53.88
CA THR E 44 -62.87 26.99 52.85
C THR E 44 -63.23 27.82 51.63
N CYS E 45 -64.46 27.63 51.15
CA CYS E 45 -64.88 28.35 49.96
C CYS E 45 -64.71 29.87 50.07
N LEU E 46 -65.30 30.44 51.11
CA LEU E 46 -65.24 31.87 51.29
C LEU E 46 -63.85 32.42 51.61
N ASN E 47 -63.23 31.88 52.64
CA ASN E 47 -61.95 32.39 53.09
C ASN E 47 -60.69 32.07 52.33
N VAL E 48 -60.55 30.84 51.82
CA VAL E 48 -59.34 30.49 51.11
C VAL E 48 -59.62 29.62 49.89
N GLY E 49 -60.85 29.64 49.40
CA GLY E 49 -61.17 28.81 48.26
C GLY E 49 -61.76 29.45 47.03
N CYS E 50 -63.02 29.12 46.74
CA CYS E 50 -63.73 29.62 45.58
C CYS E 50 -63.73 31.16 45.43
N ILE E 51 -64.10 31.87 46.49
CA ILE E 51 -64.17 33.32 46.44
C ILE E 51 -62.86 34.01 46.08
N PRO E 52 -61.82 33.83 46.91
CA PRO E 52 -60.53 34.47 46.61
C PRO E 52 -60.02 34.08 45.24
N SER E 53 -60.15 32.79 44.90
CA SER E 53 -59.64 32.36 43.60
C SER E 53 -60.41 32.97 42.44
N LYS E 54 -61.74 33.03 42.57
CA LYS E 54 -62.53 33.60 41.49
C LYS E 54 -62.22 35.11 41.32
N ALA E 55 -61.97 35.80 42.42
CA ALA E 55 -61.61 37.22 42.35
C ALA E 55 -60.33 37.41 41.52
N LEU E 56 -59.29 36.62 41.84
CA LEU E 56 -58.01 36.71 41.13
C LEU E 56 -58.10 36.26 39.69
N LEU E 57 -58.98 35.30 39.42
CA LEU E 57 -59.14 34.84 38.05
C LEU E 57 -59.82 35.99 37.26
N ASN E 58 -60.84 36.59 37.87
CA ASN E 58 -61.53 37.70 37.19
C ASN E 58 -60.54 38.85 36.93
N ASN E 59 -59.80 39.25 37.96
CA ASN E 59 -58.84 40.35 37.80
C ASN E 59 -57.68 40.06 36.86
N SER E 60 -57.08 38.89 36.97
CA SER E 60 -55.97 38.56 36.10
C SER E 60 -56.43 38.43 34.68
N HIS E 61 -57.69 38.00 34.48
CA HIS E 61 -58.18 37.93 33.09
C HIS E 61 -58.26 39.36 32.49
N TYR E 62 -58.80 40.31 33.26
CA TYR E 62 -58.87 41.70 32.76
C TYR E 62 -57.47 42.27 32.53
N TYR E 63 -56.53 41.92 33.40
CA TYR E 63 -55.15 42.41 33.26
C TYR E 63 -54.61 41.90 31.95
N HIS E 64 -54.89 40.64 31.67
CA HIS E 64 -54.40 40.03 30.45
C HIS E 64 -55.00 40.66 29.19
N MET E 65 -56.29 40.99 29.24
CA MET E 65 -56.91 41.62 28.06
C MET E 65 -56.29 43.01 27.85
N ALA E 66 -56.02 43.72 28.93
CA ALA E 66 -55.47 45.06 28.83
C ALA E 66 -54.02 45.02 28.41
N HIS E 67 -53.26 44.15 29.06
CA HIS E 67 -51.83 44.04 28.82
C HIS E 67 -51.49 43.35 27.51
N GLY E 68 -52.35 42.44 27.08
CA GLY E 68 -52.12 41.72 25.85
C GLY E 68 -52.55 42.49 24.60
N THR E 69 -52.99 41.76 23.59
CA THR E 69 -53.39 42.41 22.36
C THR E 69 -54.91 42.65 22.26
N ASP E 70 -55.69 42.04 23.16
CA ASP E 70 -57.14 42.20 23.10
C ASP E 70 -57.68 43.65 23.09
N PHE E 71 -57.44 44.40 24.16
CA PHE E 71 -57.93 45.78 24.21
C PHE E 71 -57.46 46.61 23.03
N ALA E 72 -56.20 46.45 22.62
CA ALA E 72 -55.71 47.21 21.49
C ALA E 72 -56.55 46.87 20.26
N SER E 73 -56.96 45.62 20.11
CA SER E 73 -57.75 45.23 18.94
C SER E 73 -59.17 45.81 18.96
N ARG E 74 -59.59 46.36 20.10
CA ARG E 74 -60.91 46.94 20.23
C ARG E 74 -60.86 48.47 20.17
N GLY E 75 -59.68 49.03 19.94
CA GLY E 75 -59.59 50.49 19.90
C GLY E 75 -59.40 51.08 21.29
N ILE E 76 -59.02 50.24 22.25
CA ILE E 76 -58.80 50.76 23.61
C ILE E 76 -57.28 50.85 23.75
N GLU E 77 -56.74 52.03 23.53
CA GLU E 77 -55.30 52.25 23.54
C GLU E 77 -54.71 52.77 24.84
N MET E 78 -53.72 52.07 25.37
CA MET E 78 -53.04 52.49 26.60
C MET E 78 -51.53 52.55 26.37
N SER E 79 -50.86 53.50 27.01
CA SER E 79 -49.42 53.64 26.85
C SER E 79 -48.68 52.47 27.49
N GLU E 80 -48.91 52.27 28.77
CA GLU E 80 -48.29 51.17 29.48
C GLU E 80 -49.30 50.61 30.46
N VAL E 81 -49.35 49.30 30.57
CA VAL E 81 -50.27 48.68 31.51
C VAL E 81 -49.39 48.09 32.59
N ARG E 82 -49.64 48.47 33.83
CA ARG E 82 -48.84 47.97 34.91
C ARG E 82 -49.73 47.27 35.91
N LEU E 83 -49.15 46.29 36.59
CA LEU E 83 -49.86 45.54 37.61
C LEU E 83 -49.49 46.10 38.98
N ASN E 84 -50.49 46.34 39.80
CA ASN E 84 -50.31 46.82 41.16
C ASN E 84 -50.89 45.63 41.96
N LEU E 85 -50.07 44.59 42.14
CA LEU E 85 -50.47 43.35 42.79
C LEU E 85 -51.17 43.54 44.11
N ASP E 86 -50.64 44.44 44.92
CA ASP E 86 -51.26 44.67 46.20
C ASP E 86 -52.69 45.21 46.08
N LYS E 87 -52.96 46.03 45.06
CA LYS E 87 -54.30 46.58 44.89
C LYS E 87 -55.20 45.44 44.39
N MET E 88 -54.66 44.62 43.49
CA MET E 88 -55.42 43.47 43.01
C MET E 88 -55.83 42.55 44.17
N MET E 89 -54.93 42.35 45.13
CA MET E 89 -55.20 41.49 46.30
C MET E 89 -56.23 42.16 47.20
N GLU E 90 -56.19 43.48 47.21
CA GLU E 90 -57.12 44.24 48.03
C GLU E 90 -58.58 44.06 47.57
N GLN E 91 -58.78 44.09 46.27
CA GLN E 91 -60.11 43.89 45.68
C GLN E 91 -60.56 42.48 46.12
N LYS E 92 -59.65 41.52 46.03
CA LYS E 92 -59.94 40.14 46.46
C LYS E 92 -60.36 40.15 47.94
N SER E 93 -59.51 40.72 48.80
CA SER E 93 -59.78 40.77 50.25
C SER E 93 -61.05 41.50 50.65
N THR E 94 -61.37 42.55 49.91
CA THR E 94 -62.56 43.35 50.17
C THR E 94 -63.83 42.53 49.94
N ALA E 95 -63.83 41.79 48.85
CA ALA E 95 -64.97 40.95 48.52
C ALA E 95 -65.15 39.86 49.58
N VAL E 96 -64.03 39.23 49.98
CA VAL E 96 -64.05 38.17 50.99
C VAL E 96 -64.60 38.71 52.31
N LYS E 97 -64.08 39.86 52.74
CA LYS E 97 -64.52 40.44 54.00
C LYS E 97 -66.01 40.78 53.98
N ALA E 98 -66.49 41.34 52.87
CA ALA E 98 -67.91 41.68 52.76
C ALA E 98 -68.79 40.42 52.89
N LEU E 99 -68.41 39.34 52.21
CA LEU E 99 -69.19 38.10 52.27
C LEU E 99 -69.14 37.41 53.63
N THR E 100 -68.00 37.43 54.31
CA THR E 100 -67.93 36.79 55.63
C THR E 100 -68.83 37.60 56.57
N GLY E 101 -68.81 38.92 56.43
CA GLY E 101 -69.67 39.75 57.25
C GLY E 101 -71.12 39.42 56.92
N GLY E 102 -71.37 39.14 55.64
CA GLY E 102 -72.72 38.80 55.20
C GLY E 102 -73.27 37.56 55.88
N ILE E 103 -72.45 36.54 56.06
CA ILE E 103 -72.92 35.32 56.71
C ILE E 103 -73.27 35.64 58.17
N ALA E 104 -72.44 36.42 58.84
CA ALA E 104 -72.70 36.79 60.22
C ALA E 104 -74.06 37.47 60.30
N HIS E 105 -74.31 38.38 59.36
CA HIS E 105 -75.60 39.07 59.37
C HIS E 105 -76.76 38.10 59.10
N LEU E 106 -76.58 37.15 58.17
CA LEU E 106 -77.65 36.19 57.88
C LEU E 106 -77.93 35.32 59.08
N PHE E 107 -76.89 34.95 59.83
CA PHE E 107 -77.07 34.15 61.04
C PHE E 107 -77.92 34.94 62.04
N LYS E 108 -77.59 36.22 62.24
CA LYS E 108 -78.38 37.01 63.19
C LYS E 108 -79.82 37.17 62.70
N GLN E 109 -79.98 37.40 61.39
CA GLN E 109 -81.31 37.57 60.78
C GLN E 109 -82.19 36.35 60.96
N ASN E 110 -81.58 35.17 60.86
CA ASN E 110 -82.32 33.91 60.99
C ASN E 110 -82.23 33.33 62.40
N LYS E 111 -81.64 34.10 63.30
CA LYS E 111 -81.45 33.71 64.69
C LYS E 111 -80.68 32.42 64.91
N VAL E 112 -79.65 32.24 64.09
CA VAL E 112 -78.78 31.07 64.19
C VAL E 112 -77.80 31.48 65.28
N VAL E 113 -77.65 30.63 66.29
CA VAL E 113 -76.73 30.96 67.39
C VAL E 113 -75.33 30.60 66.95
N HIS E 114 -74.47 31.60 66.97
CA HIS E 114 -73.09 31.42 66.55
C HIS E 114 -72.18 31.18 67.76
N VAL E 115 -71.50 30.05 67.78
CA VAL E 115 -70.58 29.76 68.87
C VAL E 115 -69.18 29.67 68.30
N ASN E 116 -68.24 30.42 68.86
CA ASN E 116 -66.89 30.35 68.35
C ASN E 116 -66.06 29.38 69.18
N GLY E 117 -65.35 28.48 68.51
CA GLY E 117 -64.53 27.51 69.20
C GLY E 117 -64.39 26.21 68.42
N TYR E 118 -63.49 25.34 68.87
CA TYR E 118 -63.25 24.05 68.24
C TYR E 118 -64.29 23.09 68.78
N GLY E 119 -65.12 22.56 67.90
CA GLY E 119 -66.18 21.67 68.35
C GLY E 119 -65.77 20.22 68.47
N LYS E 120 -66.14 19.62 69.59
CA LYS E 120 -65.85 18.20 69.84
C LYS E 120 -67.14 17.55 70.34
N ILE E 121 -67.57 16.48 69.70
CA ILE E 121 -68.77 15.79 70.14
C ILE E 121 -68.45 15.05 71.45
N THR E 122 -68.94 15.57 72.57
CA THR E 122 -68.67 14.95 73.87
C THR E 122 -69.71 13.94 74.31
N GLY E 123 -70.87 13.93 73.67
CA GLY E 123 -71.93 13.00 74.01
C GLY E 123 -72.78 12.73 72.78
N LYS E 124 -73.70 11.77 72.86
CA LYS E 124 -74.55 11.49 71.71
C LYS E 124 -75.48 12.66 71.46
N ASN E 125 -75.67 13.49 72.49
CA ASN E 125 -76.52 14.66 72.39
C ASN E 125 -75.83 15.84 73.02
N GLN E 126 -74.54 15.95 72.77
CA GLN E 126 -73.80 17.06 73.32
C GLN E 126 -72.52 17.38 72.56
N VAL E 127 -72.30 18.67 72.38
CA VAL E 127 -71.10 19.14 71.71
C VAL E 127 -70.48 20.17 72.62
N THR E 128 -69.16 20.13 72.73
CA THR E 128 -68.46 21.07 73.58
C THR E 128 -67.53 21.85 72.66
N ALA E 129 -67.61 23.17 72.76
CA ALA E 129 -66.78 24.05 71.95
C ALA E 129 -65.76 24.76 72.85
N THR E 130 -64.48 24.64 72.47
CA THR E 130 -63.39 25.21 73.23
C THR E 130 -62.71 26.37 72.51
N LYS E 131 -62.73 27.55 73.13
CA LYS E 131 -62.09 28.72 72.52
C LYS E 131 -60.57 28.68 72.62
N ALA E 132 -59.92 29.69 72.06
CA ALA E 132 -58.47 29.76 72.09
C ALA E 132 -57.98 29.90 73.53
N ASP E 133 -58.63 30.76 74.31
CA ASP E 133 -58.24 30.99 75.70
C ASP E 133 -58.68 29.84 76.59
N GLY E 134 -59.03 28.72 75.98
CA GLY E 134 -59.46 27.56 76.75
C GLY E 134 -60.88 27.65 77.27
N GLY E 135 -61.58 28.73 76.92
CA GLY E 135 -62.95 28.90 77.35
C GLY E 135 -63.78 27.72 76.89
N THR E 136 -64.87 27.42 77.60
CA THR E 136 -65.68 26.28 77.22
C THR E 136 -67.18 26.54 77.12
N GLN E 137 -67.77 26.09 76.02
CA GLN E 137 -69.21 26.22 75.80
C GLN E 137 -69.78 24.85 75.46
N VAL E 138 -70.74 24.40 76.26
CA VAL E 138 -71.37 23.12 76.05
C VAL E 138 -72.75 23.30 75.44
N ILE E 139 -73.08 22.48 74.46
CA ILE E 139 -74.39 22.55 73.83
C ILE E 139 -75.06 21.18 73.89
N ASP E 140 -76.20 21.12 74.54
CA ASP E 140 -76.96 19.89 74.63
C ASP E 140 -77.91 20.00 73.47
N THR E 141 -77.82 19.08 72.53
CA THR E 141 -78.60 19.14 71.31
C THR E 141 -79.27 17.84 70.92
N LYS E 142 -80.40 17.94 70.24
CA LYS E 142 -81.13 16.76 69.79
C LYS E 142 -80.40 16.11 68.63
N ASN E 143 -79.96 16.92 67.68
CA ASN E 143 -79.21 16.43 66.53
C ASN E 143 -77.89 17.13 66.40
N ILE E 144 -76.95 16.45 65.74
CA ILE E 144 -75.64 17.03 65.50
C ILE E 144 -75.37 16.91 64.03
N LEU E 145 -74.96 18.02 63.40
CA LEU E 145 -74.63 17.99 61.98
C LEU E 145 -73.15 18.28 61.82
N ILE E 146 -72.43 17.29 61.31
CA ILE E 146 -70.99 17.42 61.09
C ILE E 146 -70.76 17.98 59.71
N ALA E 147 -70.07 19.12 59.65
CA ALA E 147 -69.77 19.77 58.37
C ALA E 147 -68.38 20.37 58.52
N THR E 148 -67.46 19.54 58.97
CA THR E 148 -66.09 19.98 59.22
C THR E 148 -65.20 20.12 58.01
N GLY E 149 -65.79 19.87 56.84
CA GLY E 149 -65.09 20.07 55.59
C GLY E 149 -63.79 19.34 55.25
N SER E 150 -62.86 20.10 54.65
CA SER E 150 -61.60 19.54 54.21
C SER E 150 -60.37 20.41 54.52
N GLU E 151 -59.23 19.91 54.06
CA GLU E 151 -57.96 20.57 54.27
C GLU E 151 -57.11 20.11 53.12
N VAL E 152 -56.01 20.83 52.93
CA VAL E 152 -55.04 20.52 51.89
C VAL E 152 -54.42 19.14 52.15
N THR E 153 -54.17 18.40 51.07
CA THR E 153 -53.55 17.09 51.21
C THR E 153 -52.05 17.32 51.08
N PRO E 154 -51.29 17.02 52.14
CA PRO E 154 -49.84 17.21 52.14
C PRO E 154 -49.16 16.32 51.12
N PHE E 155 -47.99 16.74 50.65
CA PHE E 155 -47.22 15.94 49.72
C PHE E 155 -46.03 15.43 50.55
N PRO E 156 -45.99 14.12 50.84
CA PRO E 156 -44.91 13.51 51.64
C PRO E 156 -43.49 13.87 51.23
N GLY E 157 -42.73 14.43 52.17
CA GLY E 157 -41.36 14.80 51.88
C GLY E 157 -41.17 16.24 51.47
N ILE E 158 -42.28 16.96 51.27
CA ILE E 158 -42.22 18.37 50.90
C ILE E 158 -43.08 19.10 51.91
N THR E 159 -42.46 19.97 52.69
CA THR E 159 -43.15 20.70 53.73
C THR E 159 -43.58 22.07 53.25
N ILE E 160 -44.89 22.31 53.25
CA ILE E 160 -45.45 23.59 52.83
C ILE E 160 -45.18 24.64 53.90
N ASP E 161 -44.62 25.79 53.53
CA ASP E 161 -44.38 26.84 54.52
C ASP E 161 -45.22 28.10 54.26
N GLU E 162 -45.97 28.08 53.16
CA GLU E 162 -46.80 29.20 52.72
C GLU E 162 -45.93 30.42 52.43
N ASP E 163 -44.70 30.17 52.01
CA ASP E 163 -43.79 31.25 51.67
C ASP E 163 -43.29 30.98 50.26
N THR E 164 -42.29 30.12 50.11
CA THR E 164 -41.81 29.77 48.78
C THR E 164 -42.42 28.40 48.35
N ILE E 165 -42.90 27.63 49.31
CA ILE E 165 -43.54 26.34 49.01
C ILE E 165 -44.91 26.55 49.61
N VAL E 166 -45.88 26.75 48.72
CA VAL E 166 -47.22 27.08 49.18
C VAL E 166 -48.33 26.11 48.83
N SER E 167 -49.40 26.15 49.62
CA SER E 167 -50.61 25.42 49.33
C SER E 167 -51.46 26.48 48.57
N SER E 168 -52.69 26.13 48.19
CA SER E 168 -53.53 27.07 47.47
C SER E 168 -53.72 28.34 48.31
N THR E 169 -53.71 28.21 49.62
CA THR E 169 -53.88 29.38 50.48
C THR E 169 -52.76 30.39 50.25
N GLY E 170 -51.53 29.89 50.21
CA GLY E 170 -50.39 30.75 49.99
C GLY E 170 -50.33 31.31 48.59
N ALA E 171 -50.72 30.51 47.60
CA ALA E 171 -50.68 30.95 46.22
C ALA E 171 -51.68 32.09 45.96
N LEU E 172 -52.73 32.17 46.76
CA LEU E 172 -53.74 33.21 46.59
C LEU E 172 -53.31 34.53 47.25
N SER E 173 -52.16 34.52 47.92
CA SER E 173 -51.70 35.72 48.61
C SER E 173 -50.23 36.07 48.41
N LEU E 174 -49.64 35.67 47.30
CA LEU E 174 -48.24 35.95 47.01
C LEU E 174 -48.05 37.48 47.03
N LYS E 175 -46.88 37.90 47.50
CA LYS E 175 -46.54 39.32 47.61
C LYS E 175 -45.93 39.94 46.36
N LYS E 176 -45.60 39.11 45.39
CA LYS E 176 -45.04 39.60 44.13
C LYS E 176 -45.25 38.50 43.12
N VAL E 177 -45.16 38.83 41.84
CA VAL E 177 -45.34 37.85 40.81
C VAL E 177 -44.06 37.03 40.71
N PRO E 178 -44.15 35.71 40.96
CA PRO E 178 -42.94 34.91 40.87
C PRO E 178 -42.49 34.82 39.42
N GLU E 179 -41.18 34.81 39.22
CA GLU E 179 -40.64 34.72 37.88
C GLU E 179 -40.89 33.33 37.29
N LYS E 180 -40.73 32.31 38.12
CA LYS E 180 -40.95 30.95 37.68
C LYS E 180 -41.72 30.18 38.77
N MET E 181 -42.77 29.48 38.33
CA MET E 181 -43.56 28.72 39.29
C MET E 181 -43.89 27.34 38.75
N VAL E 182 -43.79 26.35 39.62
CA VAL E 182 -44.13 25.00 39.25
C VAL E 182 -45.31 24.61 40.12
N VAL E 183 -46.33 24.02 39.49
CA VAL E 183 -47.52 23.58 40.22
C VAL E 183 -47.55 22.05 40.24
N ILE E 184 -47.68 21.48 41.44
CA ILE E 184 -47.77 20.03 41.53
C ILE E 184 -49.25 19.72 41.54
N GLY E 185 -49.75 19.15 40.45
CA GLY E 185 -51.18 18.82 40.37
C GLY E 185 -51.86 19.69 39.31
N ALA E 186 -52.42 19.06 38.29
CA ALA E 186 -53.12 19.79 37.23
C ALA E 186 -54.62 19.53 37.30
N GLY E 187 -55.14 19.42 38.52
CA GLY E 187 -56.57 19.28 38.71
C GLY E 187 -57.15 20.71 38.57
N VAL E 188 -58.40 20.90 38.98
CA VAL E 188 -59.07 22.20 38.87
C VAL E 188 -58.38 23.36 39.62
N ILE E 189 -58.08 23.16 40.89
CA ILE E 189 -57.43 24.18 41.70
C ILE E 189 -56.09 24.58 41.11
N GLY E 190 -55.25 23.59 40.80
CA GLY E 190 -53.96 23.86 40.21
C GLY E 190 -53.97 24.59 38.86
N VAL E 191 -54.91 24.24 37.98
CA VAL E 191 -54.98 24.92 36.70
C VAL E 191 -55.47 26.39 36.87
N GLU E 192 -56.41 26.61 37.78
CA GLU E 192 -56.93 27.96 38.01
C GLU E 192 -55.85 28.86 38.61
N LEU E 193 -55.19 28.41 39.67
CA LEU E 193 -54.14 29.18 40.33
C LEU E 193 -52.93 29.36 39.42
N GLY E 194 -52.58 28.31 38.69
CA GLY E 194 -51.45 28.40 37.77
C GLY E 194 -51.75 29.40 36.68
N SER E 195 -53.00 29.42 36.24
CA SER E 195 -53.39 30.34 35.17
C SER E 195 -53.36 31.81 35.65
N VAL E 196 -53.87 32.05 36.85
CA VAL E 196 -53.87 33.38 37.44
C VAL E 196 -52.47 33.95 37.36
N TRP E 197 -51.50 33.22 37.93
CA TRP E 197 -50.12 33.69 37.97
C TRP E 197 -49.43 33.73 36.61
N GLN E 198 -49.79 32.82 35.72
CA GLN E 198 -49.19 32.84 34.40
C GLN E 198 -49.66 34.13 33.70
N ARG E 199 -50.92 34.52 33.90
CA ARG E 199 -51.47 35.74 33.28
C ARG E 199 -50.75 36.99 33.80
N LEU E 200 -50.44 36.99 35.09
CA LEU E 200 -49.78 38.11 35.72
C LEU E 200 -48.28 38.19 35.37
N GLY E 201 -47.75 37.25 34.59
CA GLY E 201 -46.36 37.33 34.19
C GLY E 201 -45.44 36.19 34.54
N ALA E 202 -45.91 35.26 35.36
CA ALA E 202 -45.08 34.13 35.79
C ALA E 202 -44.91 33.06 34.72
N ASP E 203 -43.73 32.41 34.74
CA ASP E 203 -43.41 31.30 33.83
C ASP E 203 -43.93 30.13 34.66
N VAL E 204 -45.02 29.54 34.21
CA VAL E 204 -45.68 28.48 34.96
C VAL E 204 -45.67 27.10 34.28
N THR E 205 -45.44 26.08 35.10
CA THR E 205 -45.42 24.69 34.66
C THR E 205 -46.20 23.85 35.68
N ALA E 206 -47.19 23.10 35.20
CA ALA E 206 -47.93 22.24 36.10
C ALA E 206 -47.38 20.81 35.90
N VAL E 207 -47.11 20.10 36.99
CA VAL E 207 -46.61 18.72 36.90
C VAL E 207 -47.74 17.80 37.41
N GLU E 208 -48.17 16.88 36.56
CA GLU E 208 -49.29 15.96 36.89
C GLU E 208 -48.98 14.48 36.70
N PHE E 209 -49.30 13.67 37.70
CA PHE E 209 -49.07 12.24 37.58
C PHE E 209 -49.91 11.64 36.46
N LEU E 210 -51.21 11.95 36.46
CA LEU E 210 -52.16 11.45 35.45
C LEU E 210 -51.88 12.00 34.08
N GLY E 211 -52.59 11.48 33.08
CA GLY E 211 -52.38 11.91 31.71
C GLY E 211 -53.30 12.98 31.15
N HIS E 212 -54.06 13.65 32.02
CA HIS E 212 -54.97 14.70 31.54
C HIS E 212 -55.08 15.79 32.60
N VAL E 213 -55.46 17.00 32.16
CA VAL E 213 -55.61 18.10 33.11
C VAL E 213 -57.10 18.28 33.41
N GLY E 214 -57.41 18.82 34.58
CA GLY E 214 -58.81 19.06 34.87
C GLY E 214 -59.42 18.22 35.96
N GLY E 215 -58.67 17.26 36.49
CA GLY E 215 -59.22 16.46 37.56
C GLY E 215 -60.12 15.32 37.11
N VAL E 216 -60.79 14.69 38.06
CA VAL E 216 -61.65 13.55 37.78
C VAL E 216 -63.02 13.86 37.21
N GLY E 217 -63.42 13.05 36.22
CA GLY E 217 -64.74 13.21 35.63
C GLY E 217 -64.82 14.05 34.38
N ILE E 218 -63.79 14.86 34.12
CA ILE E 218 -63.83 15.71 32.96
C ILE E 218 -63.73 14.84 31.72
N ASP E 219 -64.47 15.22 30.68
CA ASP E 219 -64.48 14.51 29.42
C ASP E 219 -63.09 14.68 28.81
N MET E 220 -62.53 13.59 28.28
CA MET E 220 -61.19 13.62 27.69
C MET E 220 -61.03 14.52 26.49
N GLU E 221 -62.00 14.54 25.60
CA GLU E 221 -61.87 15.42 24.45
C GLU E 221 -61.84 16.89 24.93
N ILE E 222 -62.65 17.20 25.94
CA ILE E 222 -62.69 18.54 26.50
C ILE E 222 -61.34 18.85 27.17
N SER E 223 -60.86 17.91 27.97
CA SER E 223 -59.60 18.08 28.66
C SER E 223 -58.47 18.37 27.70
N LYS E 224 -58.38 17.61 26.62
CA LYS E 224 -57.31 17.82 25.67
C LYS E 224 -57.45 19.13 24.90
N ASN E 225 -58.67 19.54 24.60
CA ASN E 225 -58.83 20.79 23.87
C ASN E 225 -58.47 21.94 24.81
N PHE E 226 -58.89 21.79 26.06
CA PHE E 226 -58.65 22.77 27.08
C PHE E 226 -57.12 22.94 27.25
N GLN E 227 -56.43 21.83 27.50
CA GLN E 227 -54.97 21.83 27.67
C GLN E 227 -54.30 22.51 26.48
N ARG E 228 -54.77 22.17 25.29
CA ARG E 228 -54.19 22.75 24.09
C ARG E 228 -54.30 24.29 24.17
N ILE E 229 -55.49 24.76 24.51
CA ILE E 229 -55.72 26.20 24.59
C ILE E 229 -54.85 26.85 25.67
N LEU E 230 -54.77 26.23 26.83
CA LEU E 230 -53.94 26.75 27.91
C LEU E 230 -52.46 26.77 27.51
N GLN E 231 -52.04 25.84 26.67
CA GLN E 231 -50.64 25.81 26.26
C GLN E 231 -50.39 26.96 25.31
N LYS E 232 -51.37 27.27 24.46
CA LYS E 232 -51.21 28.38 23.54
C LYS E 232 -51.11 29.71 24.31
N GLN E 233 -51.70 29.78 25.50
CA GLN E 233 -51.63 30.99 26.33
C GLN E 233 -50.27 31.08 27.04
N GLY E 234 -49.54 29.97 27.07
CA GLY E 234 -48.23 29.96 27.71
C GLY E 234 -48.11 29.08 28.94
N PHE E 235 -49.23 28.49 29.35
CA PHE E 235 -49.27 27.58 30.51
C PHE E 235 -48.57 26.27 30.06
N LYS E 236 -47.53 25.85 30.76
CA LYS E 236 -46.83 24.62 30.38
C LYS E 236 -47.24 23.42 31.22
N PHE E 237 -47.22 22.23 30.62
CA PHE E 237 -47.61 21.02 31.33
C PHE E 237 -46.66 19.84 31.21
N LYS E 238 -46.41 19.16 32.33
CA LYS E 238 -45.62 17.93 32.30
C LYS E 238 -46.57 16.86 32.85
N LEU E 239 -47.22 16.14 31.95
CA LEU E 239 -48.18 15.10 32.35
C LEU E 239 -47.50 13.73 32.49
N ASN E 240 -48.18 12.81 33.16
CA ASN E 240 -47.64 11.46 33.35
C ASN E 240 -46.26 11.62 34.01
N THR E 241 -46.17 12.56 34.96
CA THR E 241 -44.92 12.85 35.63
C THR E 241 -45.12 12.88 37.13
N LYS E 242 -44.15 12.36 37.87
CA LYS E 242 -44.27 12.37 39.31
C LYS E 242 -43.19 13.24 39.92
N VAL E 243 -43.46 13.76 41.09
CA VAL E 243 -42.47 14.57 41.75
C VAL E 243 -41.82 13.69 42.78
N THR E 244 -40.50 13.54 42.68
CA THR E 244 -39.78 12.71 43.63
C THR E 244 -39.22 13.52 44.79
N GLY E 245 -39.23 14.85 44.65
CA GLY E 245 -38.71 15.69 45.72
C GLY E 245 -38.45 17.14 45.39
N ALA E 246 -38.24 17.92 46.44
CA ALA E 246 -37.97 19.34 46.27
C ALA E 246 -37.09 19.84 47.40
N THR E 247 -36.13 20.70 47.08
CA THR E 247 -35.26 21.25 48.11
C THR E 247 -34.98 22.76 47.97
N LYS E 248 -34.90 23.43 49.09
CA LYS E 248 -34.64 24.86 49.08
C LYS E 248 -33.18 25.09 48.72
N LYS E 249 -32.92 26.09 47.89
CA LYS E 249 -31.57 26.39 47.49
C LYS E 249 -30.94 27.63 48.13
N SER E 250 -29.64 27.80 47.89
CA SER E 250 -28.88 28.92 48.44
C SER E 250 -29.44 30.32 48.09
N ASP E 251 -29.92 30.51 46.86
CA ASP E 251 -30.46 31.82 46.47
C ASP E 251 -31.97 31.84 46.70
N GLY E 252 -32.46 30.99 47.60
CA GLY E 252 -33.89 30.95 47.87
C GLY E 252 -34.80 30.24 46.86
N LYS E 253 -34.25 29.86 45.71
CA LYS E 253 -35.08 29.15 44.73
C LYS E 253 -35.35 27.69 45.19
N ILE E 254 -36.12 26.96 44.40
CA ILE E 254 -36.46 25.58 44.74
C ILE E 254 -36.21 24.65 43.56
N ASP E 255 -35.47 23.57 43.84
CA ASP E 255 -35.14 22.55 42.84
C ASP E 255 -36.16 21.43 43.03
N VAL E 256 -36.92 21.15 41.98
CA VAL E 256 -37.93 20.11 42.05
C VAL E 256 -37.50 18.95 41.17
N SER E 257 -37.43 17.77 41.78
CA SER E 257 -37.02 16.56 41.08
C SER E 257 -38.24 15.83 40.52
N ILE E 258 -38.17 15.47 39.25
CA ILE E 258 -39.27 14.77 38.60
C ILE E 258 -38.72 13.67 37.71
N GLU E 259 -39.63 12.81 37.24
CA GLU E 259 -39.35 11.71 36.32
C GLU E 259 -40.69 11.17 35.85
N ALA E 260 -40.68 10.44 34.75
CA ALA E 260 -41.91 9.83 34.21
C ALA E 260 -42.62 9.08 35.36
N ALA E 261 -43.95 9.08 35.33
CA ALA E 261 -44.72 8.43 36.39
C ALA E 261 -44.28 6.96 36.52
N SER E 262 -44.00 6.36 35.38
CA SER E 262 -43.53 4.99 35.34
C SER E 262 -42.26 5.04 34.51
N GLY E 263 -41.12 5.11 35.17
CA GLY E 263 -39.90 5.15 34.41
C GLY E 263 -38.82 6.01 35.01
N GLY E 264 -37.95 6.48 34.12
CA GLY E 264 -36.86 7.31 34.57
C GLY E 264 -37.08 8.71 34.04
N LYS E 265 -36.28 9.09 33.06
CA LYS E 265 -36.37 10.42 32.50
C LYS E 265 -36.33 11.36 33.71
N ALA E 266 -35.44 11.05 34.66
CA ALA E 266 -35.27 11.85 35.87
C ALA E 266 -34.82 13.24 35.43
N GLU E 267 -35.29 14.27 36.11
CA GLU E 267 -34.94 15.61 35.69
C GLU E 267 -35.16 16.57 36.86
N VAL E 268 -34.55 17.75 36.80
CA VAL E 268 -34.72 18.76 37.84
C VAL E 268 -35.16 20.08 37.21
N ILE E 269 -36.16 20.72 37.81
CA ILE E 269 -36.62 22.02 37.32
C ILE E 269 -36.59 22.96 38.51
N THR E 270 -36.06 24.17 38.29
CA THR E 270 -35.96 25.14 39.37
C THR E 270 -37.04 26.22 39.23
N CYS E 271 -37.58 26.66 40.35
CA CYS E 271 -38.62 27.68 40.34
C CYS E 271 -38.48 28.54 41.59
N ASP E 272 -39.19 29.67 41.61
CA ASP E 272 -39.16 30.59 42.74
C ASP E 272 -40.23 30.26 43.74
N VAL E 273 -41.33 29.72 43.24
CA VAL E 273 -42.45 29.35 44.09
C VAL E 273 -42.95 28.00 43.66
N LEU E 274 -43.24 27.16 44.65
CA LEU E 274 -43.71 25.81 44.37
C LEU E 274 -45.09 25.71 44.98
N LEU E 275 -46.08 25.49 44.12
CA LEU E 275 -47.47 25.35 44.58
C LEU E 275 -47.81 23.83 44.68
N VAL E 276 -48.20 23.39 45.86
CA VAL E 276 -48.54 21.99 46.06
C VAL E 276 -50.04 21.83 46.17
N CYS E 277 -50.69 21.33 45.12
CA CYS E 277 -52.10 21.10 45.25
C CYS E 277 -52.40 19.78 44.53
N ILE E 278 -52.04 18.69 45.20
CA ILE E 278 -52.26 17.36 44.66
C ILE E 278 -53.68 16.95 45.03
N GLY E 279 -54.24 17.59 46.04
CA GLY E 279 -55.59 17.27 46.45
C GLY E 279 -55.99 17.82 47.79
N ARG E 280 -57.20 17.50 48.21
CA ARG E 280 -57.75 17.92 49.49
C ARG E 280 -58.39 16.67 50.10
N ARG E 281 -58.58 16.66 51.42
CA ARG E 281 -59.13 15.50 52.10
C ARG E 281 -60.07 15.91 53.21
N PRO E 282 -61.01 15.02 53.57
CA PRO E 282 -61.98 15.28 54.64
C PRO E 282 -61.27 15.59 55.94
N PHE E 283 -61.81 16.52 56.69
CA PHE E 283 -61.20 16.92 57.96
C PHE E 283 -62.11 16.54 59.12
N THR E 284 -61.62 15.70 60.03
CA THR E 284 -62.41 15.26 61.18
C THR E 284 -61.62 15.27 62.49
N LYS E 285 -60.39 15.75 62.42
CA LYS E 285 -59.51 15.81 63.56
C LYS E 285 -60.15 16.27 64.87
N ASN E 286 -59.94 15.45 65.90
CA ASN E 286 -60.44 15.69 67.26
C ASN E 286 -61.92 16.00 67.39
N LEU E 287 -62.72 15.39 66.53
CA LEU E 287 -64.17 15.61 66.57
C LEU E 287 -64.80 14.72 67.65
N GLY E 288 -64.12 13.61 67.98
CA GLY E 288 -64.62 12.67 68.97
C GLY E 288 -65.31 11.47 68.33
N LEU E 289 -65.13 11.31 67.02
CA LEU E 289 -65.73 10.19 66.29
C LEU E 289 -65.23 8.86 66.84
N GLU E 290 -63.92 8.82 67.07
CA GLU E 290 -63.23 7.65 67.60
C GLU E 290 -64.02 7.11 68.79
N GLU E 291 -64.10 7.91 69.86
CA GLU E 291 -64.81 7.50 71.07
C GLU E 291 -66.31 7.27 70.89
N LEU E 292 -66.80 7.39 69.65
CA LEU E 292 -68.23 7.20 69.41
C LEU E 292 -68.52 5.96 68.57
N GLY E 293 -67.49 5.41 67.93
CA GLY E 293 -67.70 4.23 67.11
C GLY E 293 -68.06 4.60 65.69
N ILE E 294 -67.89 5.86 65.34
CA ILE E 294 -68.17 6.28 63.98
C ILE E 294 -66.85 6.07 63.25
N GLU E 295 -66.81 5.06 62.40
CA GLU E 295 -65.58 4.71 61.68
C GLU E 295 -65.47 5.39 60.32
N LEU E 296 -64.28 5.89 60.02
CA LEU E 296 -64.02 6.56 58.75
C LEU E 296 -63.75 5.55 57.66
N ASP E 297 -64.09 5.88 56.42
CA ASP E 297 -63.79 4.96 55.34
C ASP E 297 -62.28 5.05 55.11
N PRO E 298 -61.74 4.23 54.20
CA PRO E 298 -60.30 4.26 53.93
C PRO E 298 -59.72 5.64 53.61
N ARG E 299 -60.42 6.45 52.83
CA ARG E 299 -59.87 7.77 52.55
C ARG E 299 -60.31 8.89 53.48
N GLY E 300 -60.72 8.51 54.69
CA GLY E 300 -61.10 9.46 55.72
C GLY E 300 -62.46 10.11 55.76
N ARG E 301 -63.36 9.70 54.89
CA ARG E 301 -64.67 10.28 54.88
C ARG E 301 -65.59 9.60 55.89
N ILE E 302 -66.60 10.33 56.33
CA ILE E 302 -67.56 9.79 57.26
C ILE E 302 -68.65 9.09 56.46
N PRO E 303 -68.90 7.80 56.73
CA PRO E 303 -69.94 7.13 55.96
C PRO E 303 -71.35 7.52 56.48
N VAL E 304 -72.26 7.76 55.55
CA VAL E 304 -73.62 8.15 55.90
C VAL E 304 -74.57 7.48 54.94
N ASN E 305 -75.84 7.43 55.33
CA ASN E 305 -76.84 6.84 54.46
C ASN E 305 -77.46 7.96 53.60
N THR E 306 -78.56 7.66 52.91
CA THR E 306 -79.19 8.65 52.06
C THR E 306 -79.83 9.83 52.80
N ARG E 307 -79.97 9.73 54.11
CA ARG E 307 -80.52 10.84 54.86
C ARG E 307 -79.37 11.60 55.52
N PHE E 308 -78.15 11.25 55.12
CA PHE E 308 -76.92 11.84 55.63
C PHE E 308 -76.64 11.53 57.12
N GLN E 309 -77.29 10.47 57.60
CA GLN E 309 -77.08 10.01 58.98
C GLN E 309 -75.84 9.13 59.07
N THR E 310 -75.10 9.27 60.18
CA THR E 310 -73.94 8.42 60.41
C THR E 310 -74.52 7.16 61.07
N LYS E 311 -73.66 6.25 61.54
CA LYS E 311 -74.14 5.02 62.18
C LYS E 311 -74.94 5.38 63.45
N ILE E 312 -74.73 6.59 63.98
CA ILE E 312 -75.50 7.03 65.14
C ILE E 312 -76.57 7.92 64.51
N PRO E 313 -77.83 7.44 64.48
CA PRO E 313 -79.05 8.06 63.92
C PRO E 313 -79.31 9.56 64.05
N ASN E 314 -78.85 10.18 65.13
CA ASN E 314 -79.11 11.60 65.32
C ASN E 314 -77.88 12.45 65.00
N ILE E 315 -76.83 11.81 64.50
CA ILE E 315 -75.59 12.48 64.14
C ILE E 315 -75.45 12.37 62.63
N TYR E 316 -75.45 13.53 61.96
CA TYR E 316 -75.37 13.60 60.50
C TYR E 316 -74.05 14.19 60.03
N ALA E 317 -73.78 14.05 58.73
CA ALA E 317 -72.57 14.60 58.15
C ALA E 317 -72.80 14.96 56.68
N ILE E 318 -72.23 16.08 56.26
CA ILE E 318 -72.42 16.53 54.87
C ILE E 318 -71.17 17.22 54.35
N GLY E 319 -71.15 17.52 53.07
CA GLY E 319 -70.04 18.25 52.51
C GLY E 319 -68.79 17.53 52.13
N ASP E 320 -67.66 18.25 52.23
CA ASP E 320 -66.37 17.69 51.89
C ASP E 320 -66.00 16.54 52.81
N VAL E 321 -66.64 16.46 53.97
CA VAL E 321 -66.32 15.38 54.89
C VAL E 321 -67.04 14.05 54.58
N VAL E 322 -67.89 14.03 53.52
CA VAL E 322 -68.53 12.80 53.12
C VAL E 322 -68.16 12.57 51.66
N ALA E 323 -68.57 11.42 51.11
CA ALA E 323 -68.24 11.08 49.74
C ALA E 323 -68.99 11.96 48.73
N GLY E 324 -68.56 11.89 47.47
CA GLY E 324 -69.18 12.68 46.43
C GLY E 324 -68.24 13.81 46.04
N PRO E 325 -68.49 14.52 44.93
CA PRO E 325 -67.59 15.62 44.55
C PRO E 325 -67.41 16.68 45.64
N MET E 326 -66.18 17.09 45.89
CA MET E 326 -65.93 18.07 46.95
C MET E 326 -66.09 19.47 46.37
N LEU E 327 -67.34 19.87 46.18
CA LEU E 327 -67.72 21.16 45.60
C LEU E 327 -68.62 21.91 46.56
N ALA E 328 -68.63 23.24 46.45
CA ALA E 328 -69.44 24.05 47.35
C ALA E 328 -70.95 23.85 47.18
N HIS E 329 -71.42 23.83 45.94
CA HIS E 329 -72.86 23.66 45.75
C HIS E 329 -73.29 22.27 46.22
N LYS E 330 -72.41 21.28 46.04
CA LYS E 330 -72.69 19.91 46.48
C LYS E 330 -72.91 19.96 47.97
N ALA E 331 -71.97 20.58 48.67
CA ALA E 331 -72.07 20.71 50.12
C ALA E 331 -73.35 21.45 50.58
N GLU E 332 -73.70 22.53 49.88
CA GLU E 332 -74.89 23.30 50.26
C GLU E 332 -76.17 22.50 50.05
N ASP E 333 -76.27 21.77 48.93
CA ASP E 333 -77.47 20.99 48.68
C ASP E 333 -77.64 19.90 49.71
N GLU E 334 -76.54 19.23 50.08
CA GLU E 334 -76.61 18.16 51.07
C GLU E 334 -77.02 18.76 52.39
N GLY E 335 -76.48 19.95 52.68
CA GLY E 335 -76.83 20.61 53.92
C GLY E 335 -78.33 20.91 53.96
N ILE E 336 -78.88 21.35 52.83
CA ILE E 336 -80.29 21.67 52.79
C ILE E 336 -81.18 20.43 52.82
N ILE E 337 -80.91 19.46 51.98
CA ILE E 337 -81.75 18.26 51.99
C ILE E 337 -81.63 17.50 53.30
N CYS E 338 -80.46 17.55 53.94
CA CYS E 338 -80.27 16.88 55.22
C CYS E 338 -81.15 17.50 56.31
N VAL E 339 -81.12 18.83 56.41
CA VAL E 339 -81.92 19.54 57.40
C VAL E 339 -83.40 19.37 57.09
N GLU E 340 -83.78 19.37 55.81
CA GLU E 340 -85.19 19.18 55.47
C GLU E 340 -85.58 17.74 55.86
N GLY E 341 -84.64 16.81 55.74
CA GLY E 341 -84.90 15.44 56.12
C GLY E 341 -85.26 15.37 57.60
N MET E 342 -84.49 16.07 58.43
CA MET E 342 -84.73 16.12 59.87
C MET E 342 -86.14 16.63 60.19
N ALA E 343 -86.71 17.44 59.30
CA ALA E 343 -88.04 17.97 59.55
C ALA E 343 -89.10 17.06 58.92
N GLY E 344 -88.67 15.88 58.49
CA GLY E 344 -89.59 14.93 57.91
C GLY E 344 -89.69 14.90 56.40
N GLY E 345 -88.90 15.72 55.73
CA GLY E 345 -88.97 15.75 54.29
C GLY E 345 -88.19 14.65 53.59
N ALA E 346 -88.45 14.51 52.29
CA ALA E 346 -87.75 13.51 51.51
C ALA E 346 -86.33 14.02 51.34
N VAL E 347 -85.40 13.13 50.99
CA VAL E 347 -84.03 13.55 50.81
C VAL E 347 -83.65 13.36 49.33
N HIS E 348 -82.84 12.37 49.03
CA HIS E 348 -82.43 12.10 47.64
C HIS E 348 -81.80 13.29 46.90
N ILE E 349 -80.76 13.01 46.14
CA ILE E 349 -80.12 14.09 45.44
C ILE E 349 -79.74 13.83 43.98
N ASP E 350 -79.09 12.70 43.68
CA ASP E 350 -78.67 12.44 42.30
C ASP E 350 -77.45 13.28 41.92
N TYR E 351 -76.28 12.76 42.30
CA TYR E 351 -75.03 13.43 42.04
C TYR E 351 -74.70 13.53 40.59
N ASN E 352 -75.52 12.89 39.76
CA ASN E 352 -75.28 12.96 38.34
C ASN E 352 -75.80 14.28 37.76
N CYS E 353 -76.50 15.05 38.57
CA CYS E 353 -77.00 16.33 38.10
C CYS E 353 -76.20 17.46 38.76
N VAL E 354 -75.11 17.10 39.43
CA VAL E 354 -74.24 18.06 40.09
C VAL E 354 -73.18 18.55 39.12
N PRO E 355 -73.27 19.82 38.74
CA PRO E 355 -72.31 20.39 37.78
C PRO E 355 -70.89 20.67 38.35
N SER E 356 -69.93 20.77 37.44
CA SER E 356 -68.55 21.07 37.78
C SER E 356 -68.14 22.24 36.90
N VAL E 357 -67.32 23.15 37.42
CA VAL E 357 -66.87 24.29 36.63
C VAL E 357 -65.40 24.65 36.88
N ILE E 358 -64.73 25.06 35.81
CA ILE E 358 -63.34 25.53 35.93
C ILE E 358 -63.41 26.99 35.45
N TYR E 359 -63.06 27.93 36.31
CA TYR E 359 -63.18 29.36 36.00
C TYR E 359 -62.06 30.08 35.29
N THR E 360 -61.33 29.34 34.48
CA THR E 360 -60.25 29.91 33.70
C THR E 360 -60.91 30.62 32.54
N HIS E 361 -60.09 31.03 31.58
CA HIS E 361 -60.61 31.64 30.38
C HIS E 361 -59.76 31.03 29.27
N PRO E 362 -60.38 30.19 28.42
CA PRO E 362 -61.79 29.83 28.45
C PRO E 362 -62.22 29.03 29.68
N GLU E 363 -63.50 29.15 30.01
CA GLU E 363 -64.04 28.43 31.15
C GLU E 363 -64.37 26.99 30.69
N VAL E 364 -64.53 26.10 31.66
CA VAL E 364 -64.89 24.72 31.37
C VAL E 364 -66.01 24.37 32.33
N ALA E 365 -67.02 23.66 31.83
CA ALA E 365 -68.12 23.27 32.71
C ALA E 365 -68.85 22.05 32.16
N TRP E 366 -69.28 21.18 33.06
CA TRP E 366 -70.00 20.00 32.60
C TRP E 366 -70.89 19.44 33.69
N VAL E 367 -71.87 18.66 33.26
CA VAL E 367 -72.79 18.00 34.17
C VAL E 367 -73.24 16.72 33.46
N GLY E 368 -73.53 15.68 34.22
CA GLY E 368 -73.93 14.44 33.60
C GLY E 368 -72.73 13.52 33.44
N LYS E 369 -72.68 12.81 32.33
CA LYS E 369 -71.60 11.87 32.08
C LYS E 369 -70.69 12.18 30.92
N SER E 370 -69.43 11.78 31.07
CA SER E 370 -68.43 11.97 30.03
C SER E 370 -68.53 10.83 29.03
N GLU E 371 -67.87 10.99 27.88
CA GLU E 371 -67.83 9.98 26.86
C GLU E 371 -67.21 8.72 27.44
N GLU E 372 -66.13 8.91 28.18
CA GLU E 372 -65.45 7.78 28.79
C GLU E 372 -66.40 7.00 29.70
N GLN E 373 -67.10 7.72 30.57
CA GLN E 373 -68.06 7.11 31.49
C GLN E 373 -69.11 6.29 30.77
N LEU E 374 -69.69 6.86 29.71
CA LEU E 374 -70.73 6.14 28.99
C LEU E 374 -70.16 4.87 28.39
N LYS E 375 -68.93 4.92 27.90
CA LYS E 375 -68.30 3.76 27.33
C LYS E 375 -68.11 2.68 28.39
N GLU E 376 -67.49 3.01 29.50
CA GLU E 376 -67.30 2.00 30.55
C GLU E 376 -68.63 1.54 31.19
N GLU E 377 -69.75 2.08 30.70
CA GLU E 377 -71.07 1.68 31.22
C GLU E 377 -71.84 0.97 30.11
N GLY E 378 -71.22 0.92 28.93
CA GLY E 378 -71.85 0.29 27.81
C GLY E 378 -73.11 0.98 27.32
N ILE E 379 -73.24 2.27 27.55
CA ILE E 379 -74.41 3.02 27.10
C ILE E 379 -74.21 3.46 25.65
N GLU E 380 -75.15 3.15 24.76
CA GLU E 380 -75.02 3.60 23.38
C GLU E 380 -75.44 5.08 23.33
N TYR E 381 -74.62 5.92 22.71
CA TYR E 381 -74.93 7.33 22.70
C TYR E 381 -74.55 8.01 21.40
N LYS E 382 -75.11 9.19 21.17
CA LYS E 382 -74.80 9.95 19.98
C LYS E 382 -74.16 11.27 20.46
N VAL E 383 -73.51 11.98 19.54
CA VAL E 383 -72.81 13.21 19.91
C VAL E 383 -73.21 14.40 19.07
N GLY E 384 -73.43 15.52 19.75
CA GLY E 384 -73.76 16.75 19.06
C GLY E 384 -72.71 17.77 19.49
N LYS E 385 -72.15 18.49 18.53
CA LYS E 385 -71.12 19.48 18.82
C LYS E 385 -71.37 20.77 18.11
N PHE E 386 -71.14 21.88 18.83
CA PHE E 386 -71.28 23.20 18.22
C PHE E 386 -70.11 24.04 18.74
N PRO E 387 -69.28 24.57 17.83
CA PRO E 387 -68.14 25.37 18.24
C PRO E 387 -68.51 26.86 18.46
N PHE E 388 -67.89 27.49 19.47
CA PHE E 388 -68.21 28.88 19.74
C PHE E 388 -67.81 29.80 18.62
N ALA E 389 -66.93 29.29 17.76
CA ALA E 389 -66.49 30.06 16.60
C ALA E 389 -67.66 30.24 15.66
N ALA E 390 -68.69 29.43 15.81
CA ALA E 390 -69.85 29.54 14.94
C ALA E 390 -71.00 30.26 15.65
N ASN E 391 -70.78 30.64 16.91
CA ASN E 391 -71.80 31.33 17.70
C ASN E 391 -71.74 32.85 17.48
N SER E 392 -72.87 33.47 17.15
CA SER E 392 -72.91 34.90 16.91
C SER E 392 -72.44 35.79 18.08
N ARG E 393 -72.86 35.49 19.30
CA ARG E 393 -72.41 36.36 20.38
C ARG E 393 -70.92 36.21 20.63
N ALA E 394 -70.42 34.99 20.55
CA ALA E 394 -69.02 34.72 20.79
C ALA E 394 -68.16 35.40 19.72
N LYS E 395 -68.64 35.34 18.48
CA LYS E 395 -67.91 35.94 17.38
C LYS E 395 -67.96 37.48 17.47
N THR E 396 -69.10 38.03 17.84
CA THR E 396 -69.25 39.47 17.96
C THR E 396 -68.31 40.00 19.03
N ASN E 397 -68.17 39.25 20.12
CA ASN E 397 -67.29 39.61 21.23
C ASN E 397 -65.82 39.25 20.96
N ALA E 398 -65.55 38.62 19.82
CA ALA E 398 -64.19 38.19 19.46
C ALA E 398 -63.63 37.31 20.60
N ASP E 399 -64.42 36.32 21.02
CA ASP E 399 -64.05 35.42 22.11
C ASP E 399 -64.62 34.08 21.66
N THR E 400 -63.90 33.38 20.79
CA THR E 400 -64.42 32.16 20.19
C THR E 400 -63.85 30.76 20.47
N ASP E 401 -63.05 30.60 21.51
CA ASP E 401 -62.48 29.31 21.85
C ASP E 401 -63.50 28.24 22.27
N GLY E 402 -63.20 26.99 21.91
CA GLY E 402 -64.03 25.89 22.35
C GLY E 402 -65.33 25.50 21.70
N MET E 403 -66.14 24.80 22.48
CA MET E 403 -67.40 24.30 21.96
C MET E 403 -68.31 23.77 23.04
N VAL E 404 -69.52 23.44 22.61
CA VAL E 404 -70.47 22.77 23.48
C VAL E 404 -70.58 21.34 22.90
N LYS E 405 -70.47 20.35 23.76
CA LYS E 405 -70.59 18.97 23.33
C LYS E 405 -71.72 18.33 24.12
N ILE E 406 -72.67 17.77 23.37
CA ILE E 406 -73.83 17.11 23.96
C ILE E 406 -73.83 15.60 23.71
N LEU E 407 -74.01 14.82 24.76
CA LEU E 407 -74.08 13.37 24.65
C LEU E 407 -75.52 12.91 24.97
N GLY E 408 -76.18 12.33 23.97
CA GLY E 408 -77.55 11.85 24.16
C GLY E 408 -77.70 10.34 23.95
N GLN E 409 -78.65 9.74 24.67
CA GLN E 409 -78.90 8.31 24.56
C GLN E 409 -79.24 7.98 23.08
N LYS E 410 -78.55 6.98 22.55
CA LYS E 410 -78.70 6.55 21.16
C LYS E 410 -80.12 6.40 20.63
N SER E 411 -81.01 5.86 21.45
CA SER E 411 -82.37 5.66 20.96
C SER E 411 -83.43 6.58 21.56
N THR E 412 -83.26 6.99 22.80
CA THR E 412 -84.24 7.85 23.46
C THR E 412 -84.07 9.36 23.26
N ASP E 413 -82.90 9.77 22.75
CA ASP E 413 -82.59 11.18 22.55
C ASP E 413 -82.50 11.89 23.92
N ARG E 414 -82.41 11.09 24.98
CA ARG E 414 -82.28 11.64 26.33
C ARG E 414 -80.89 12.25 26.48
N VAL E 415 -80.81 13.43 27.09
CA VAL E 415 -79.52 14.09 27.29
C VAL E 415 -78.78 13.36 28.39
N LEU E 416 -77.61 12.83 28.07
CA LEU E 416 -76.85 12.08 29.06
C LEU E 416 -75.69 12.86 29.67
N GLY E 417 -75.21 13.85 28.92
CA GLY E 417 -74.10 14.67 29.37
C GLY E 417 -73.92 15.93 28.55
N ALA E 418 -73.53 17.01 29.22
CA ALA E 418 -73.32 18.30 28.55
C ALA E 418 -71.98 18.79 29.04
N HIS E 419 -71.10 19.09 28.10
CA HIS E 419 -69.75 19.55 28.40
C HIS E 419 -69.49 20.82 27.60
N ILE E 420 -69.08 21.87 28.30
CA ILE E 420 -68.85 23.17 27.67
C ILE E 420 -67.44 23.68 27.89
N LEU E 421 -66.80 24.09 26.81
CA LEU E 421 -65.45 24.65 26.89
C LEU E 421 -65.55 25.96 26.12
N GLY E 422 -65.36 27.07 26.81
CA GLY E 422 -65.45 28.35 26.14
C GLY E 422 -66.08 29.47 26.95
N PRO E 423 -66.43 30.57 26.30
CA PRO E 423 -67.05 31.68 27.05
C PRO E 423 -68.39 31.33 27.70
N GLY E 424 -68.60 31.80 28.93
CA GLY E 424 -69.85 31.58 29.63
C GLY E 424 -70.15 30.18 30.15
N ALA E 425 -69.22 29.26 29.99
CA ALA E 425 -69.43 27.87 30.41
C ALA E 425 -70.03 27.73 31.79
N GLY E 426 -69.47 28.47 32.76
CA GLY E 426 -69.94 28.40 34.14
C GLY E 426 -71.41 28.69 34.36
N GLU E 427 -71.92 29.76 33.71
CA GLU E 427 -73.32 30.10 33.88
C GLU E 427 -74.18 29.16 33.04
N MET E 428 -73.69 28.83 31.85
CA MET E 428 -74.42 27.99 30.91
C MET E 428 -74.69 26.58 31.43
N VAL E 429 -73.75 26.02 32.18
CA VAL E 429 -73.95 24.66 32.65
C VAL E 429 -75.22 24.54 33.50
N ASN E 430 -75.71 25.66 34.03
CA ASN E 430 -76.88 25.60 34.89
C ASN E 430 -78.18 25.39 34.14
N GLU E 431 -78.24 25.86 32.91
CA GLU E 431 -79.40 25.60 32.09
C GLU E 431 -79.36 24.07 31.83
N ALA E 432 -78.15 23.52 31.66
CA ALA E 432 -78.00 22.10 31.41
C ALA E 432 -78.43 21.31 32.65
N ALA E 433 -77.98 21.72 33.84
CA ALA E 433 -78.39 21.01 35.04
C ALA E 433 -79.91 21.00 35.20
N LEU E 434 -80.56 22.10 34.81
CA LEU E 434 -82.01 22.15 34.92
C LEU E 434 -82.61 21.16 33.91
N ALA E 435 -82.04 21.11 32.72
CA ALA E 435 -82.54 20.20 31.70
C ALA E 435 -82.38 18.74 32.20
N LEU E 436 -81.19 18.39 32.68
CA LEU E 436 -80.95 17.04 33.17
C LEU E 436 -81.88 16.69 34.31
N GLU E 437 -82.19 17.69 35.14
CA GLU E 437 -83.09 17.44 36.27
C GLU E 437 -84.51 17.09 35.78
N TYR E 438 -84.88 17.59 34.61
CA TYR E 438 -86.20 17.32 34.04
C TYR E 438 -86.21 16.12 33.08
N GLY E 439 -85.11 15.38 33.00
CA GLY E 439 -85.04 14.23 32.10
C GLY E 439 -85.21 14.65 30.65
N ALA E 440 -84.72 15.84 30.33
CA ALA E 440 -84.84 16.38 28.98
C ALA E 440 -84.17 15.56 27.88
N SER E 441 -84.74 15.66 26.70
CA SER E 441 -84.22 15.02 25.49
C SER E 441 -83.48 16.16 24.79
N CYS E 442 -82.63 15.84 23.83
CA CYS E 442 -81.92 16.88 23.09
C CYS E 442 -82.92 17.74 22.34
N GLU E 443 -83.99 17.10 21.88
CA GLU E 443 -85.03 17.78 21.12
C GLU E 443 -85.78 18.81 21.98
N ASP E 444 -86.05 18.46 23.25
CA ASP E 444 -86.72 19.37 24.18
C ASP E 444 -85.96 20.72 24.24
N ILE E 445 -84.65 20.65 24.44
CA ILE E 445 -83.82 21.85 24.53
C ILE E 445 -83.79 22.58 23.20
N ALA E 446 -83.66 21.83 22.11
CA ALA E 446 -83.62 22.41 20.78
C ALA E 446 -84.87 23.20 20.46
N ARG E 447 -86.00 22.80 21.06
CA ARG E 447 -87.23 23.52 20.78
C ARG E 447 -87.47 24.74 21.66
N VAL E 448 -86.57 24.98 22.61
CA VAL E 448 -86.75 26.14 23.47
C VAL E 448 -86.15 27.36 22.76
N CYS E 449 -86.94 28.41 22.67
CA CYS E 449 -86.50 29.66 22.04
C CYS E 449 -85.43 30.36 22.90
N HIS E 450 -84.18 30.35 22.43
CA HIS E 450 -83.09 30.99 23.17
C HIS E 450 -82.87 32.38 22.58
N ALA E 451 -82.63 33.35 23.43
CA ALA E 451 -82.38 34.72 22.97
C ALA E 451 -81.20 34.77 21.99
N HIS E 452 -81.34 35.60 20.96
CA HIS E 452 -80.28 35.80 19.99
C HIS E 452 -79.89 37.28 20.07
N PRO E 453 -78.59 37.59 20.15
CA PRO E 453 -77.49 36.63 20.18
C PRO E 453 -77.06 36.31 21.61
N THR E 454 -76.87 35.02 21.90
CA THR E 454 -76.40 34.60 23.23
C THR E 454 -75.52 33.38 23.05
N LEU E 455 -74.60 33.20 23.98
CA LEU E 455 -73.70 32.06 23.99
C LEU E 455 -74.54 30.78 24.12
N SER E 456 -75.65 30.87 24.85
CA SER E 456 -76.54 29.73 25.09
C SER E 456 -77.06 29.13 23.79
N GLU E 457 -77.12 29.94 22.74
CA GLU E 457 -77.55 29.41 21.45
C GLU E 457 -76.65 28.24 21.02
N ALA E 458 -75.38 28.24 21.44
CA ALA E 458 -74.46 27.16 21.11
C ALA E 458 -74.92 25.88 21.80
N PHE E 459 -75.51 26.03 22.98
CA PHE E 459 -76.00 24.90 23.74
C PHE E 459 -77.25 24.34 23.03
N ARG E 460 -78.08 25.23 22.50
CA ARG E 460 -79.27 24.83 21.80
C ARG E 460 -78.90 24.11 20.51
N GLU E 461 -77.96 24.68 19.77
CA GLU E 461 -77.53 24.09 18.50
C GLU E 461 -76.85 22.73 18.65
N ALA E 462 -76.07 22.56 19.71
CA ALA E 462 -75.40 21.29 19.92
C ALA E 462 -76.43 20.22 20.26
N ASN E 463 -77.54 20.63 20.87
CA ASN E 463 -78.59 19.69 21.21
C ASN E 463 -79.40 19.35 19.96
N LEU E 464 -79.56 20.34 19.09
CA LEU E 464 -80.28 20.15 17.85
C LEU E 464 -79.45 19.21 16.98
N ALA E 465 -78.15 19.44 16.93
CA ALA E 465 -77.27 18.62 16.12
C ALA E 465 -77.33 17.17 16.59
N ALA E 466 -77.37 16.98 17.90
CA ALA E 466 -77.44 15.64 18.50
C ALA E 466 -78.78 14.96 18.30
N SER E 467 -79.83 15.75 18.17
CA SER E 467 -81.17 15.21 18.00
C SER E 467 -81.56 15.00 16.55
N PHE E 468 -81.42 16.05 15.74
CA PHE E 468 -81.79 16.04 14.35
C PHE E 468 -80.66 15.59 13.42
N GLY E 469 -79.41 15.73 13.87
CA GLY E 469 -78.28 15.34 13.05
C GLY E 469 -77.49 16.52 12.53
N LYS E 470 -78.16 17.65 12.38
CA LYS E 470 -77.52 18.86 11.90
C LYS E 470 -78.02 20.05 12.71
N SER E 471 -77.15 21.05 12.86
CA SER E 471 -77.53 22.28 13.56
C SER E 471 -77.80 23.25 12.41
N ILE E 472 -78.26 24.46 12.69
CA ILE E 472 -78.50 25.39 11.60
C ILE E 472 -77.26 26.18 11.22
N ASN E 473 -76.53 26.66 12.23
CA ASN E 473 -75.37 27.49 11.94
C ASN E 473 -73.99 26.86 11.81
N PHE E 474 -73.93 25.54 11.79
CA PHE E 474 -72.65 24.88 11.59
C PHE E 474 -72.84 23.61 10.77
N PRO F 4 -84.84 30.89 -15.71
CA PRO F 4 -86.16 30.53 -15.15
C PRO F 4 -86.05 29.23 -14.33
N ILE F 5 -85.70 29.36 -13.05
CA ILE F 5 -85.51 28.21 -12.16
C ILE F 5 -86.79 27.74 -11.42
N ASP F 6 -86.73 26.55 -10.83
CA ASP F 6 -87.89 26.01 -10.13
C ASP F 6 -87.56 25.53 -8.71
N ALA F 7 -88.51 25.63 -7.80
CA ALA F 7 -88.26 25.20 -6.43
C ALA F 7 -89.49 24.83 -5.62
N ASP F 8 -89.24 24.16 -4.50
CA ASP F 8 -90.30 23.76 -3.59
C ASP F 8 -90.60 24.93 -2.67
N VAL F 9 -89.56 25.57 -2.19
CA VAL F 9 -89.70 26.70 -1.28
C VAL F 9 -88.86 27.92 -1.65
N THR F 10 -89.52 29.02 -1.93
CA THR F 10 -88.82 30.25 -2.24
C THR F 10 -89.03 31.23 -1.08
N VAL F 11 -87.94 31.53 -0.43
CA VAL F 11 -87.93 32.42 0.76
C VAL F 11 -87.50 33.80 0.32
N ILE F 12 -88.21 34.85 0.74
CA ILE F 12 -87.85 36.21 0.30
C ILE F 12 -87.26 37.00 1.44
N GLY F 13 -85.94 37.11 1.49
CA GLY F 13 -85.26 37.85 2.55
C GLY F 13 -84.24 36.94 3.24
N SER F 14 -83.07 37.46 3.59
CA SER F 14 -82.05 36.61 4.25
C SER F 14 -81.73 37.05 5.67
N GLY F 15 -82.72 37.59 6.36
CA GLY F 15 -82.51 37.98 7.73
C GLY F 15 -82.58 36.75 8.61
N PRO F 16 -82.50 36.91 9.94
CA PRO F 16 -82.55 35.78 10.88
C PRO F 16 -83.71 34.82 10.52
N GLY F 17 -84.85 35.39 10.17
CA GLY F 17 -86.00 34.57 9.81
C GLY F 17 -85.82 33.83 8.48
N GLY F 18 -85.49 34.57 7.44
CA GLY F 18 -85.32 33.94 6.15
C GLY F 18 -84.18 32.94 5.97
N TYR F 19 -82.97 33.35 6.32
CA TYR F 19 -81.84 32.48 6.12
C TYR F 19 -81.93 31.21 6.94
N VAL F 20 -82.46 31.29 8.16
CA VAL F 20 -82.59 30.10 8.96
C VAL F 20 -83.70 29.21 8.39
N ALA F 21 -84.79 29.81 7.94
CA ALA F 21 -85.89 29.05 7.36
C ALA F 21 -85.38 28.34 6.09
N ALA F 22 -84.53 29.03 5.31
CA ALA F 22 -83.99 28.47 4.07
C ALA F 22 -83.08 27.29 4.35
N ILE F 23 -82.17 27.44 5.31
CA ILE F 23 -81.30 26.34 5.63
C ILE F 23 -82.12 25.14 6.11
N LYS F 24 -83.09 25.41 6.97
CA LYS F 24 -83.94 24.34 7.49
C LYS F 24 -84.78 23.68 6.38
N ALA F 25 -85.35 24.47 5.47
CA ALA F 25 -86.15 23.90 4.40
C ALA F 25 -85.23 22.94 3.62
N ALA F 26 -84.02 23.40 3.32
CA ALA F 26 -83.08 22.57 2.57
C ALA F 26 -82.71 21.31 3.34
N GLN F 27 -82.54 21.41 4.65
CA GLN F 27 -82.17 20.22 5.42
C GLN F 27 -83.34 19.25 5.48
N LEU F 28 -84.54 19.74 5.20
CA LEU F 28 -85.72 18.88 5.23
C LEU F 28 -86.01 18.19 3.89
N GLY F 29 -85.25 18.54 2.85
CA GLY F 29 -85.46 17.92 1.56
C GLY F 29 -86.04 18.85 0.53
N PHE F 30 -86.48 20.02 0.94
CA PHE F 30 -87.04 20.99 -0.01
C PHE F 30 -85.96 21.60 -0.91
N LYS F 31 -86.28 21.76 -2.18
CA LYS F 31 -85.35 22.38 -3.13
C LYS F 31 -85.60 23.83 -2.73
N THR F 32 -84.56 24.51 -2.26
CA THR F 32 -84.72 25.85 -1.70
C THR F 32 -83.96 27.04 -2.24
N VAL F 33 -84.66 28.12 -2.57
CA VAL F 33 -83.95 29.32 -2.97
C VAL F 33 -84.26 30.43 -1.96
N CYS F 34 -83.26 31.29 -1.76
CA CYS F 34 -83.40 32.44 -0.88
C CYS F 34 -83.02 33.68 -1.66
N ILE F 35 -83.96 34.62 -1.77
CA ILE F 35 -83.77 35.87 -2.50
C ILE F 35 -83.41 37.03 -1.57
N GLU F 36 -82.25 37.67 -1.79
CA GLU F 36 -81.83 38.82 -0.98
C GLU F 36 -81.50 40.00 -1.85
N LYS F 37 -82.09 41.15 -1.56
CA LYS F 37 -81.83 42.36 -2.35
C LYS F 37 -80.59 43.17 -1.96
N ASN F 38 -80.01 42.90 -0.79
CA ASN F 38 -78.83 43.63 -0.35
C ASN F 38 -77.58 42.87 -0.79
N GLU F 39 -76.43 43.54 -0.66
CA GLU F 39 -75.15 42.97 -1.04
C GLU F 39 -74.73 41.79 -0.19
N THR F 40 -75.14 41.79 1.07
CA THR F 40 -74.78 40.70 1.97
C THR F 40 -76.04 40.07 2.55
N LEU F 41 -75.90 38.83 3.03
CA LEU F 41 -77.00 38.10 3.64
C LEU F 41 -77.05 38.52 5.11
N GLY F 42 -78.00 37.97 5.86
CA GLY F 42 -78.08 38.28 7.27
C GLY F 42 -79.10 39.32 7.71
N GLY F 43 -79.62 40.08 6.75
CA GLY F 43 -80.63 41.09 7.06
C GLY F 43 -80.29 42.20 8.05
N THR F 44 -81.34 42.72 8.71
CA THR F 44 -81.19 43.79 9.69
C THR F 44 -80.25 43.43 10.83
N CYS F 45 -80.54 42.31 11.48
CA CYS F 45 -79.75 41.87 12.61
C CYS F 45 -78.24 41.81 12.40
N LEU F 46 -77.82 41.12 11.35
CA LEU F 46 -76.40 41.00 11.14
C LEU F 46 -75.73 42.26 10.59
N ASN F 47 -76.40 42.95 9.69
CA ASN F 47 -75.78 44.12 9.08
C ASN F 47 -75.90 45.48 9.74
N VAL F 48 -77.05 45.77 10.34
CA VAL F 48 -77.22 47.09 10.95
C VAL F 48 -78.05 46.98 12.24
N GLY F 49 -77.95 45.84 12.90
CA GLY F 49 -78.73 45.66 14.11
C GLY F 49 -78.02 44.98 15.26
N CYS F 50 -78.51 43.79 15.64
CA CYS F 50 -77.97 43.01 16.75
C CYS F 50 -76.44 42.95 16.80
N ILE F 51 -75.84 42.37 15.75
CA ILE F 51 -74.41 42.17 15.73
C ILE F 51 -73.56 43.43 15.90
N PRO F 52 -73.75 44.46 15.04
CA PRO F 52 -72.91 45.65 15.25
C PRO F 52 -73.20 46.36 16.57
N SER F 53 -74.44 46.38 17.03
CA SER F 53 -74.73 47.04 18.29
C SER F 53 -74.07 46.29 19.45
N LYS F 54 -74.22 44.95 19.51
CA LYS F 54 -73.59 44.22 20.60
C LYS F 54 -72.05 44.39 20.56
N ALA F 55 -71.46 44.51 19.38
CA ALA F 55 -70.01 44.67 19.29
C ALA F 55 -69.59 45.99 19.96
N LEU F 56 -70.27 47.09 19.62
CA LEU F 56 -69.96 48.37 20.21
C LEU F 56 -70.28 48.36 21.72
N LEU F 57 -71.36 47.71 22.11
CA LEU F 57 -71.70 47.66 23.53
C LEU F 57 -70.60 46.92 24.29
N ASN F 58 -70.09 45.82 23.71
CA ASN F 58 -69.02 45.04 24.35
C ASN F 58 -67.75 45.94 24.44
N ASN F 59 -67.36 46.52 23.31
CA ASN F 59 -66.15 47.35 23.27
C ASN F 59 -66.22 48.62 24.13
N SER F 60 -67.35 49.33 24.06
CA SER F 60 -67.49 50.56 24.84
C SER F 60 -67.53 50.22 26.31
N HIS F 61 -68.06 49.05 26.66
CA HIS F 61 -68.11 48.66 28.07
C HIS F 61 -66.68 48.44 28.58
N TYR F 62 -65.86 47.74 27.80
CA TYR F 62 -64.47 47.53 28.19
C TYR F 62 -63.74 48.90 28.25
N TYR F 63 -63.98 49.76 27.25
CA TYR F 63 -63.36 51.07 27.26
C TYR F 63 -63.68 51.79 28.58
N HIS F 64 -64.95 51.71 28.99
CA HIS F 64 -65.35 52.38 30.21
C HIS F 64 -64.71 51.79 31.46
N MET F 65 -64.47 50.49 31.44
CA MET F 65 -63.83 49.84 32.58
C MET F 65 -62.38 50.30 32.69
N ALA F 66 -61.69 50.37 31.54
CA ALA F 66 -60.29 50.77 31.52
C ALA F 66 -60.11 52.25 31.82
N HIS F 67 -60.94 53.07 31.18
CA HIS F 67 -60.92 54.54 31.31
C HIS F 67 -61.44 55.07 32.64
N GLY F 68 -62.43 54.40 33.24
CA GLY F 68 -62.99 54.87 34.50
C GLY F 68 -62.28 54.32 35.72
N THR F 69 -62.97 54.16 36.84
CA THR F 69 -62.30 53.67 38.02
C THR F 69 -62.26 52.14 38.18
N ASP F 70 -62.95 51.40 37.31
CA ASP F 70 -62.99 49.97 37.50
C ASP F 70 -61.64 49.25 37.43
N PHE F 71 -60.91 49.41 36.34
CA PHE F 71 -59.64 48.71 36.28
C PHE F 71 -58.68 49.14 37.39
N ALA F 72 -58.74 50.41 37.80
CA ALA F 72 -57.85 50.90 38.86
C ALA F 72 -58.15 50.19 40.17
N SER F 73 -59.42 49.96 40.47
CA SER F 73 -59.79 49.28 41.72
C SER F 73 -59.31 47.81 41.73
N ARG F 74 -58.84 47.32 40.58
CA ARG F 74 -58.40 45.94 40.51
C ARG F 74 -56.89 45.86 40.35
N GLY F 75 -56.21 47.00 40.49
CA GLY F 75 -54.76 46.99 40.38
C GLY F 75 -54.26 46.91 38.96
N ILE F 76 -55.11 47.25 37.99
CA ILE F 76 -54.70 47.24 36.59
C ILE F 76 -54.50 48.74 36.31
N GLU F 77 -53.23 49.17 36.28
CA GLU F 77 -52.96 50.58 36.10
C GLU F 77 -52.44 51.01 34.76
N MET F 78 -53.07 52.05 34.23
CA MET F 78 -52.70 52.57 32.92
C MET F 78 -52.33 54.05 32.97
N SER F 79 -51.24 54.38 32.29
CA SER F 79 -50.77 55.75 32.21
C SER F 79 -51.90 56.64 31.69
N GLU F 80 -52.31 56.36 30.45
CA GLU F 80 -53.38 57.09 29.78
C GLU F 80 -54.19 56.10 28.95
N VAL F 81 -55.51 56.25 28.99
CA VAL F 81 -56.37 55.37 28.22
C VAL F 81 -57.01 56.23 27.14
N ARG F 82 -56.77 55.87 25.89
CA ARG F 82 -57.25 56.64 24.75
C ARG F 82 -58.21 55.81 23.93
N LEU F 83 -59.16 56.47 23.30
CA LEU F 83 -60.10 55.78 22.44
C LEU F 83 -59.65 55.89 20.99
N ASN F 84 -59.57 54.78 20.29
CA ASN F 84 -59.24 54.83 18.88
C ASN F 84 -60.54 54.37 18.22
N LEU F 85 -61.43 55.32 17.91
CA LEU F 85 -62.72 54.98 17.34
C LEU F 85 -62.66 54.21 16.03
N ASP F 86 -61.67 54.47 15.20
CA ASP F 86 -61.57 53.72 13.94
C ASP F 86 -61.29 52.25 14.19
N LYS F 87 -60.37 51.97 15.09
CA LYS F 87 -60.05 50.58 15.38
C LYS F 87 -61.24 49.91 16.08
N MET F 88 -61.91 50.63 16.98
CA MET F 88 -63.05 50.03 17.66
C MET F 88 -64.10 49.69 16.62
N MET F 89 -64.28 50.56 15.65
CA MET F 89 -65.26 50.30 14.60
C MET F 89 -64.85 49.15 13.68
N GLU F 90 -63.55 49.00 13.45
CA GLU F 90 -63.11 47.91 12.57
C GLU F 90 -63.29 46.55 13.26
N GLN F 91 -63.20 46.50 14.58
CA GLN F 91 -63.42 45.22 15.27
C GLN F 91 -64.89 44.84 14.99
N LYS F 92 -65.77 45.84 15.01
CA LYS F 92 -67.20 45.65 14.74
C LYS F 92 -67.43 45.13 13.32
N SER F 93 -66.88 45.86 12.36
CA SER F 93 -67.00 45.53 10.94
C SER F 93 -66.44 44.17 10.57
N THR F 94 -65.36 43.79 11.24
CA THR F 94 -64.72 42.49 11.01
C THR F 94 -65.63 41.37 11.48
N ALA F 95 -66.28 41.56 12.62
CA ALA F 95 -67.18 40.54 13.12
C ALA F 95 -68.38 40.40 12.17
N VAL F 96 -68.92 41.52 11.71
CA VAL F 96 -70.06 41.49 10.81
C VAL F 96 -69.71 40.81 9.48
N LYS F 97 -68.55 41.15 8.94
CA LYS F 97 -68.12 40.58 7.66
C LYS F 97 -67.90 39.08 7.79
N ALA F 98 -67.33 38.65 8.90
CA ALA F 98 -67.11 37.22 9.08
C ALA F 98 -68.45 36.47 9.13
N LEU F 99 -69.41 37.01 9.88
CA LEU F 99 -70.72 36.34 9.96
C LEU F 99 -71.51 36.35 8.65
N THR F 100 -71.45 37.43 7.89
CA THR F 100 -72.17 37.49 6.62
C THR F 100 -71.55 36.45 5.68
N GLY F 101 -70.23 36.30 5.76
CA GLY F 101 -69.58 35.31 4.94
C GLY F 101 -70.01 33.93 5.44
N GLY F 102 -70.19 33.81 6.75
CA GLY F 102 -70.60 32.54 7.32
C GLY F 102 -71.93 32.07 6.77
N ILE F 103 -72.86 32.99 6.58
CA ILE F 103 -74.17 32.60 6.06
C ILE F 103 -74.07 32.13 4.61
N ALA F 104 -73.27 32.84 3.82
CA ALA F 104 -73.06 32.46 2.42
C ALA F 104 -72.54 31.02 2.43
N HIS F 105 -71.57 30.76 3.29
CA HIS F 105 -70.99 29.42 3.41
C HIS F 105 -72.02 28.37 3.81
N LEU F 106 -72.91 28.71 4.75
CA LEU F 106 -73.94 27.75 5.17
C LEU F 106 -74.93 27.46 4.05
N PHE F 107 -75.22 28.46 3.23
CA PHE F 107 -76.14 28.26 2.12
C PHE F 107 -75.54 27.24 1.14
N LYS F 108 -74.30 27.47 0.72
CA LYS F 108 -73.66 26.55 -0.21
C LYS F 108 -73.58 25.17 0.42
N GLN F 109 -73.21 25.12 1.70
CA GLN F 109 -73.11 23.84 2.40
C GLN F 109 -74.44 23.07 2.39
N ASN F 110 -75.55 23.78 2.54
CA ASN F 110 -76.86 23.14 2.58
C ASN F 110 -77.57 23.16 1.23
N LYS F 111 -76.86 23.58 0.20
CA LYS F 111 -77.39 23.65 -1.16
C LYS F 111 -78.57 24.59 -1.36
N VAL F 112 -78.57 25.65 -0.59
CA VAL F 112 -79.61 26.67 -0.69
C VAL F 112 -79.14 27.53 -1.86
N VAL F 113 -80.01 27.76 -2.84
CA VAL F 113 -79.59 28.60 -3.95
C VAL F 113 -79.90 30.05 -3.66
N HIS F 114 -78.85 30.85 -3.61
CA HIS F 114 -78.94 32.28 -3.32
C HIS F 114 -79.14 33.09 -4.60
N VAL F 115 -80.26 33.82 -4.66
CA VAL F 115 -80.58 34.66 -5.78
C VAL F 115 -80.53 36.12 -5.31
N ASN F 116 -79.66 36.92 -5.93
CA ASN F 116 -79.54 38.31 -5.55
C ASN F 116 -80.50 39.22 -6.32
N GLY F 117 -81.24 40.05 -5.60
CA GLY F 117 -82.17 40.95 -6.27
C GLY F 117 -83.41 41.24 -5.46
N TYR F 118 -84.20 42.19 -5.96
CA TYR F 118 -85.42 42.58 -5.29
C TYR F 118 -86.50 41.60 -5.70
N GLY F 119 -86.95 40.79 -4.75
CA GLY F 119 -87.96 39.80 -5.07
C GLY F 119 -89.39 40.33 -5.08
N LYS F 120 -90.16 39.86 -6.04
CA LYS F 120 -91.57 40.24 -6.12
C LYS F 120 -92.42 39.01 -6.47
N ILE F 121 -93.57 38.88 -5.83
CA ILE F 121 -94.44 37.76 -6.10
C ILE F 121 -95.21 38.12 -7.36
N THR F 122 -94.86 37.45 -8.45
CA THR F 122 -95.46 37.72 -9.74
C THR F 122 -96.58 36.73 -10.07
N GLY F 123 -96.84 35.83 -9.13
CA GLY F 123 -97.90 34.84 -9.31
C GLY F 123 -97.97 33.91 -8.12
N LYS F 124 -99.16 33.38 -7.85
CA LYS F 124 -99.38 32.48 -6.72
C LYS F 124 -98.23 31.50 -6.53
N ASN F 125 -97.58 31.10 -7.61
CA ASN F 125 -96.45 30.18 -7.53
C ASN F 125 -95.24 30.71 -8.28
N GLN F 126 -95.13 32.01 -8.34
CA GLN F 126 -94.01 32.60 -9.03
C GLN F 126 -93.46 33.85 -8.33
N VAL F 127 -92.13 33.95 -8.31
CA VAL F 127 -91.43 35.09 -7.73
C VAL F 127 -90.39 35.56 -8.75
N THR F 128 -90.37 36.86 -9.02
CA THR F 128 -89.43 37.45 -9.95
C THR F 128 -88.49 38.38 -9.20
N ALA F 129 -87.21 38.03 -9.21
CA ALA F 129 -86.18 38.81 -8.52
C ALA F 129 -85.42 39.68 -9.51
N THR F 130 -85.55 40.99 -9.38
CA THR F 130 -84.88 41.93 -10.28
C THR F 130 -83.57 42.48 -9.72
N LYS F 131 -82.47 42.26 -10.45
CA LYS F 131 -81.19 42.77 -10.01
C LYS F 131 -81.06 44.27 -10.23
N ALA F 132 -80.00 44.83 -9.69
CA ALA F 132 -79.74 46.27 -9.79
C ALA F 132 -79.76 46.77 -11.23
N ASP F 133 -79.12 46.03 -12.13
CA ASP F 133 -79.06 46.41 -13.53
C ASP F 133 -80.30 46.03 -14.32
N GLY F 134 -81.28 45.42 -13.68
CA GLY F 134 -82.50 45.05 -14.37
C GLY F 134 -82.56 43.60 -14.80
N GLY F 135 -81.43 42.89 -14.69
CA GLY F 135 -81.40 41.49 -15.09
C GLY F 135 -82.21 40.60 -14.17
N THR F 136 -83.46 40.34 -14.56
CA THR F 136 -84.36 39.53 -13.75
C THR F 136 -84.15 38.03 -13.78
N GLN F 137 -84.63 37.36 -12.74
CA GLN F 137 -84.54 35.92 -12.59
C GLN F 137 -85.91 35.45 -12.11
N VAL F 138 -86.48 34.47 -12.79
CA VAL F 138 -87.80 33.97 -12.44
C VAL F 138 -87.77 32.63 -11.70
N ILE F 139 -88.58 32.52 -10.64
CA ILE F 139 -88.66 31.28 -9.88
C ILE F 139 -90.10 30.77 -9.76
N ASP F 140 -90.31 29.50 -10.12
CA ASP F 140 -91.62 28.87 -10.03
C ASP F 140 -91.47 28.03 -8.81
N THR F 141 -92.32 28.29 -7.85
CA THR F 141 -92.23 27.53 -6.64
C THR F 141 -93.58 27.10 -6.02
N LYS F 142 -93.63 25.88 -5.45
CA LYS F 142 -94.80 25.40 -4.74
C LYS F 142 -95.12 26.40 -3.61
N ASN F 143 -94.16 26.67 -2.74
CA ASN F 143 -94.36 27.58 -1.62
C ASN F 143 -93.57 28.89 -1.65
N ILE F 144 -94.15 29.92 -1.05
CA ILE F 144 -93.47 31.20 -0.95
C ILE F 144 -93.46 31.63 0.53
N LEU F 145 -92.27 31.87 1.06
CA LEU F 145 -92.11 32.30 2.44
C LEU F 145 -91.64 33.76 2.50
N ILE F 146 -92.54 34.65 2.88
CA ILE F 146 -92.19 36.05 3.00
C ILE F 146 -91.46 36.31 4.33
N ALA F 147 -90.28 36.91 4.25
CA ALA F 147 -89.46 37.25 5.44
C ALA F 147 -88.72 38.53 5.13
N THR F 148 -89.46 39.53 4.67
CA THR F 148 -88.88 40.80 4.26
C THR F 148 -88.54 41.78 5.39
N GLY F 149 -88.75 41.34 6.63
CA GLY F 149 -88.36 42.11 7.80
C GLY F 149 -88.94 43.48 8.07
N SER F 150 -88.08 44.38 8.57
CA SER F 150 -88.54 45.72 8.92
C SER F 150 -87.61 46.81 8.45
N GLU F 151 -88.00 48.04 8.77
CA GLU F 151 -87.22 49.22 8.45
C GLU F 151 -87.47 50.19 9.63
N VAL F 152 -86.62 51.20 9.71
CA VAL F 152 -86.72 52.23 10.73
C VAL F 152 -88.01 53.00 10.53
N THR F 153 -88.69 53.36 11.60
CA THR F 153 -89.92 54.10 11.46
C THR F 153 -89.53 55.59 11.43
N PRO F 154 -89.92 56.31 10.38
CA PRO F 154 -89.57 57.73 10.31
C PRO F 154 -90.28 58.62 11.31
N PHE F 155 -89.65 59.73 11.68
CA PHE F 155 -90.30 60.67 12.59
C PHE F 155 -90.81 61.81 11.70
N PRO F 156 -92.13 62.06 11.71
CA PRO F 156 -92.66 63.13 10.87
C PRO F 156 -92.06 64.52 11.12
N GLY F 157 -91.50 65.11 10.06
CA GLY F 157 -90.93 66.45 10.18
C GLY F 157 -89.44 66.50 10.46
N ILE F 158 -88.84 65.34 10.67
CA ILE F 158 -87.42 65.31 10.93
C ILE F 158 -86.90 64.32 9.89
N THR F 159 -86.02 64.78 9.03
CA THR F 159 -85.48 63.92 7.98
C THR F 159 -84.14 63.35 8.38
N ILE F 160 -84.05 62.03 8.37
CA ILE F 160 -82.83 61.37 8.72
C ILE F 160 -81.86 61.48 7.54
N ASP F 161 -80.64 61.93 7.80
CA ASP F 161 -79.65 62.02 6.74
C ASP F 161 -78.46 61.10 6.95
N GLU F 162 -78.45 60.38 8.09
CA GLU F 162 -77.36 59.47 8.46
C GLU F 162 -76.01 60.18 8.53
N ASP F 163 -76.08 61.47 8.85
CA ASP F 163 -74.89 62.28 9.00
C ASP F 163 -74.94 62.81 10.44
N THR F 164 -75.76 63.83 10.69
CA THR F 164 -75.92 64.35 12.05
C THR F 164 -77.33 64.03 12.62
N ILE F 165 -78.29 63.75 11.75
CA ILE F 165 -79.62 63.32 12.19
C ILE F 165 -79.59 61.88 11.66
N VAL F 166 -79.36 60.94 12.56
CA VAL F 166 -79.20 59.56 12.16
C VAL F 166 -80.26 58.59 12.69
N SER F 167 -80.32 57.42 12.07
CA SER F 167 -81.18 56.33 12.49
C SER F 167 -80.17 55.41 13.20
N SER F 168 -80.62 54.25 13.68
CA SER F 168 -79.70 53.35 14.38
C SER F 168 -78.54 52.94 13.44
N THR F 169 -78.82 52.87 12.14
CA THR F 169 -77.78 52.49 11.20
C THR F 169 -76.67 53.55 11.23
N GLY F 170 -77.06 54.82 11.11
CA GLY F 170 -76.05 55.88 11.17
C GLY F 170 -75.35 55.91 12.53
N ALA F 171 -76.12 55.74 13.62
CA ALA F 171 -75.52 55.76 14.96
C ALA F 171 -74.46 54.68 15.19
N LEU F 172 -74.53 53.56 14.45
CA LEU F 172 -73.58 52.48 14.60
C LEU F 172 -72.25 52.76 13.90
N SER F 173 -72.19 53.81 13.09
CA SER F 173 -70.96 54.16 12.40
C SER F 173 -70.57 55.63 12.52
N LEU F 174 -70.90 56.30 13.61
CA LEU F 174 -70.51 57.71 13.72
C LEU F 174 -68.98 57.75 13.55
N LYS F 175 -68.47 58.83 12.98
CA LYS F 175 -67.03 58.98 12.74
C LYS F 175 -66.27 59.53 13.91
N LYS F 176 -66.98 60.10 14.87
CA LYS F 176 -66.33 60.62 16.05
C LYS F 176 -67.36 60.62 17.15
N VAL F 177 -66.88 60.71 18.38
CA VAL F 177 -67.77 60.73 19.52
C VAL F 177 -68.45 62.09 19.54
N PRO F 178 -69.78 62.12 19.42
CA PRO F 178 -70.42 63.44 19.44
C PRO F 178 -70.31 63.99 20.85
N GLU F 179 -70.08 65.29 20.96
CA GLU F 179 -69.96 65.91 22.26
C GLU F 179 -71.30 65.81 23.00
N LYS F 180 -72.38 66.01 22.28
CA LYS F 180 -73.70 65.93 22.90
C LYS F 180 -74.63 65.20 21.93
N MET F 181 -75.37 64.23 22.44
CA MET F 181 -76.27 63.47 21.60
C MET F 181 -77.65 63.45 22.20
N VAL F 182 -78.67 63.56 21.38
CA VAL F 182 -80.04 63.44 21.90
C VAL F 182 -80.61 62.20 21.19
N VAL F 183 -81.27 61.34 21.96
CA VAL F 183 -81.89 60.13 21.43
C VAL F 183 -83.41 60.28 21.54
N ILE F 184 -84.12 60.12 20.43
CA ILE F 184 -85.58 60.23 20.44
C ILE F 184 -86.06 58.79 20.54
N GLY F 185 -86.56 58.43 21.72
CA GLY F 185 -87.02 57.08 21.97
C GLY F 185 -86.16 56.38 23.02
N ALA F 186 -86.74 55.95 24.13
CA ALA F 186 -85.97 55.24 25.14
C ALA F 186 -86.35 53.76 25.17
N GLY F 187 -86.55 53.20 23.98
CA GLY F 187 -86.89 51.79 23.85
C GLY F 187 -85.55 51.06 23.96
N VAL F 188 -85.55 49.75 23.72
CA VAL F 188 -84.35 48.94 23.81
C VAL F 188 -83.20 49.45 22.91
N ILE F 189 -83.52 49.73 21.65
CA ILE F 189 -82.50 50.18 20.71
C ILE F 189 -81.89 51.52 21.11
N GLY F 190 -82.74 52.49 21.39
CA GLY F 190 -82.24 53.79 21.79
C GLY F 190 -81.41 53.76 23.08
N VAL F 191 -81.82 52.92 24.02
CA VAL F 191 -81.09 52.85 25.27
C VAL F 191 -79.70 52.21 25.06
N GLU F 192 -79.63 51.17 24.25
CA GLU F 192 -78.35 50.52 24.01
C GLU F 192 -77.36 51.47 23.29
N LEU F 193 -77.82 52.07 22.18
CA LEU F 193 -77.00 52.95 21.39
C LEU F 193 -76.60 54.18 22.19
N GLY F 194 -77.55 54.69 22.95
CA GLY F 194 -77.26 55.85 23.77
C GLY F 194 -76.21 55.52 24.81
N SER F 195 -76.27 54.31 25.34
CA SER F 195 -75.31 53.91 26.36
C SER F 195 -73.93 53.73 25.70
N VAL F 196 -73.89 53.18 24.51
CA VAL F 196 -72.61 53.02 23.84
C VAL F 196 -71.89 54.37 23.75
N TRP F 197 -72.56 55.39 23.20
CA TRP F 197 -71.94 56.69 23.04
C TRP F 197 -71.70 57.44 24.33
N GLN F 198 -72.59 57.28 25.31
CA GLN F 198 -72.41 57.92 26.59
C GLN F 198 -71.06 57.43 27.16
N ARG F 199 -70.80 56.12 27.04
CA ARG F 199 -69.55 55.51 27.52
C ARG F 199 -68.33 56.03 26.79
N LEU F 200 -68.43 56.18 25.49
CA LEU F 200 -67.31 56.69 24.73
C LEU F 200 -67.07 58.19 24.95
N GLY F 201 -67.85 58.82 25.82
CA GLY F 201 -67.63 60.25 26.11
C GLY F 201 -68.73 61.27 25.79
N ALA F 202 -69.76 60.86 25.09
CA ALA F 202 -70.84 61.77 24.74
C ALA F 202 -71.74 62.13 25.95
N ASP F 203 -72.27 63.33 25.94
CA ASP F 203 -73.22 63.79 26.94
C ASP F 203 -74.56 63.38 26.26
N VAL F 204 -75.22 62.37 26.82
CA VAL F 204 -76.43 61.84 26.21
C VAL F 204 -77.74 62.01 26.94
N THR F 205 -78.78 62.34 26.19
CA THR F 205 -80.14 62.49 26.73
C THR F 205 -81.13 61.77 25.81
N ALA F 206 -81.98 60.95 26.40
CA ALA F 206 -83.00 60.28 25.62
C ALA F 206 -84.33 60.95 25.97
N VAL F 207 -85.13 61.26 24.95
CA VAL F 207 -86.43 61.90 25.14
C VAL F 207 -87.46 60.85 24.75
N GLU F 208 -88.39 60.57 25.65
CA GLU F 208 -89.37 59.52 25.43
C GLU F 208 -90.79 59.98 25.73
N PHE F 209 -91.70 59.67 24.81
CA PHE F 209 -93.08 60.08 24.99
C PHE F 209 -93.73 59.38 26.19
N LEU F 210 -93.47 58.08 26.30
CA LEU F 210 -94.01 57.26 27.40
C LEU F 210 -93.33 57.53 28.75
N GLY F 211 -93.86 56.92 29.80
CA GLY F 211 -93.32 57.14 31.15
C GLY F 211 -92.27 56.17 31.67
N HIS F 212 -91.69 55.33 30.81
CA HIS F 212 -90.67 54.38 31.30
C HIS F 212 -89.71 54.07 30.17
N VAL F 213 -88.56 53.50 30.50
CA VAL F 213 -87.61 53.11 29.44
C VAL F 213 -87.64 51.58 29.26
N GLY F 214 -87.23 51.12 28.09
CA GLY F 214 -87.16 49.68 27.89
C GLY F 214 -88.13 49.04 26.94
N GLY F 215 -89.07 49.81 26.44
CA GLY F 215 -90.00 49.24 25.49
C GLY F 215 -91.22 48.59 26.07
N VAL F 216 -91.92 47.88 25.20
CA VAL F 216 -93.14 47.20 25.58
C VAL F 216 -92.88 45.91 26.32
N GLY F 217 -93.67 45.65 27.35
CA GLY F 217 -93.57 44.41 28.10
C GLY F 217 -92.63 44.37 29.28
N ILE F 218 -91.71 45.34 29.37
CA ILE F 218 -90.75 45.34 30.47
C ILE F 218 -91.51 45.57 31.77
N ASP F 219 -91.12 44.83 32.81
CA ASP F 219 -91.76 44.97 34.12
C ASP F 219 -91.48 46.40 34.62
N MET F 220 -92.46 47.08 35.22
CA MET F 220 -92.23 48.46 35.64
C MET F 220 -91.18 48.66 36.74
N GLU F 221 -91.13 47.79 37.73
CA GLU F 221 -90.15 47.93 38.78
C GLU F 221 -88.77 47.78 38.16
N ILE F 222 -88.61 46.75 37.36
CA ILE F 222 -87.35 46.52 36.66
C ILE F 222 -86.97 47.78 35.85
N SER F 223 -87.92 48.28 35.06
CA SER F 223 -87.72 49.46 34.23
C SER F 223 -87.23 50.67 35.03
N LYS F 224 -87.85 50.90 36.18
CA LYS F 224 -87.47 52.03 37.03
C LYS F 224 -86.09 51.86 37.63
N ASN F 225 -85.82 50.67 38.17
CA ASN F 225 -84.52 50.43 38.77
C ASN F 225 -83.45 50.54 37.69
N PHE F 226 -83.76 50.03 36.50
CA PHE F 226 -82.82 50.08 35.38
C PHE F 226 -82.50 51.56 35.05
N GLN F 227 -83.55 52.36 34.95
CA GLN F 227 -83.40 53.78 34.63
C GLN F 227 -82.53 54.51 35.66
N ARG F 228 -82.78 54.24 36.94
CA ARG F 228 -81.99 54.88 37.98
C ARG F 228 -80.50 54.54 37.86
N ILE F 229 -80.20 53.30 37.51
CA ILE F 229 -78.81 52.90 37.36
C ILE F 229 -78.19 53.60 36.13
N LEU F 230 -78.91 53.67 35.03
CA LEU F 230 -78.35 54.34 33.84
C LEU F 230 -78.13 55.84 34.11
N GLN F 231 -79.02 56.43 34.90
CA GLN F 231 -78.88 57.82 35.24
C GLN F 231 -77.62 58.03 36.08
N LYS F 232 -77.37 57.12 37.02
CA LYS F 232 -76.16 57.22 37.85
C LYS F 232 -74.91 57.10 36.99
N GLN F 233 -75.01 56.46 35.83
CA GLN F 233 -73.87 56.35 34.92
C GLN F 233 -73.69 57.65 34.10
N GLY F 234 -74.71 58.52 34.10
CA GLY F 234 -74.62 59.77 33.37
C GLY F 234 -75.57 59.84 32.17
N PHE F 235 -76.37 58.79 31.95
CA PHE F 235 -77.34 58.74 30.84
C PHE F 235 -78.57 59.53 31.32
N LYS F 236 -78.89 60.63 30.65
CA LYS F 236 -80.07 61.40 31.09
C LYS F 236 -81.35 61.04 30.35
N PHE F 237 -82.49 61.18 31.02
CA PHE F 237 -83.77 60.87 30.39
C PHE F 237 -84.81 61.96 30.58
N LYS F 238 -85.56 62.21 29.52
CA LYS F 238 -86.69 63.14 29.61
C LYS F 238 -87.88 62.27 29.21
N LEU F 239 -88.54 61.71 30.22
CA LEU F 239 -89.70 60.85 30.02
C LEU F 239 -90.97 61.70 29.95
N ASN F 240 -92.06 61.14 29.42
CA ASN F 240 -93.32 61.87 29.31
C ASN F 240 -93.09 63.18 28.54
N THR F 241 -92.25 63.10 27.52
CA THR F 241 -91.88 64.27 26.74
C THR F 241 -92.05 64.00 25.26
N LYS F 242 -92.58 65.00 24.58
CA LYS F 242 -92.83 64.93 23.16
C LYS F 242 -91.78 65.76 22.42
N VAL F 243 -91.34 65.29 21.27
CA VAL F 243 -90.41 66.05 20.46
C VAL F 243 -91.31 66.75 19.46
N THR F 244 -91.24 68.09 19.38
CA THR F 244 -92.10 68.76 18.40
C THR F 244 -91.40 69.12 17.08
N GLY F 245 -90.08 69.01 17.03
CA GLY F 245 -89.34 69.36 15.83
C GLY F 245 -87.83 69.46 16.05
N ALA F 246 -87.06 69.45 14.98
CA ALA F 246 -85.60 69.59 15.13
C ALA F 246 -85.11 70.35 13.91
N THR F 247 -84.14 71.22 14.14
CA THR F 247 -83.58 72.04 13.07
C THR F 247 -82.06 72.00 13.10
N LYS F 248 -81.47 71.80 11.93
CA LYS F 248 -80.01 71.78 11.79
C LYS F 248 -79.63 73.28 11.64
N LYS F 249 -78.79 73.80 12.54
CA LYS F 249 -78.39 75.21 12.49
C LYS F 249 -77.16 75.46 11.66
N SER F 250 -76.93 76.74 11.29
CA SER F 250 -75.77 77.09 10.48
C SER F 250 -74.44 76.67 11.13
N ASP F 251 -74.39 76.62 12.46
CA ASP F 251 -73.15 76.23 13.10
C ASP F 251 -72.99 74.69 13.09
N GLY F 252 -73.88 73.98 12.40
CA GLY F 252 -73.78 72.53 12.33
C GLY F 252 -74.42 71.75 13.48
N LYS F 253 -74.79 72.44 14.54
CA LYS F 253 -75.44 71.77 15.66
C LYS F 253 -76.96 71.68 15.39
N ILE F 254 -77.67 70.89 16.19
CA ILE F 254 -79.09 70.70 16.01
C ILE F 254 -79.91 71.14 17.22
N ASP F 255 -80.95 71.93 16.98
CA ASP F 255 -81.84 72.32 18.07
C ASP F 255 -83.08 71.40 18.00
N VAL F 256 -83.42 70.77 19.11
CA VAL F 256 -84.56 69.88 19.17
C VAL F 256 -85.58 70.55 20.06
N SER F 257 -86.79 70.77 19.56
CA SER F 257 -87.79 71.38 20.39
C SER F 257 -88.61 70.26 21.07
N ILE F 258 -88.89 70.43 22.36
CA ILE F 258 -89.63 69.43 23.10
C ILE F 258 -90.66 70.04 24.02
N GLU F 259 -91.59 69.21 24.47
CA GLU F 259 -92.67 69.63 25.38
C GLU F 259 -93.12 68.45 26.23
N ALA F 260 -93.79 68.76 27.33
CA ALA F 260 -94.34 67.69 28.17
C ALA F 260 -95.37 67.03 27.24
N ALA F 261 -95.44 65.70 27.28
CA ALA F 261 -96.39 64.97 26.45
C ALA F 261 -97.82 65.51 26.65
N SER F 262 -98.12 66.01 27.84
CA SER F 262 -99.44 66.54 28.10
C SER F 262 -99.47 68.06 27.93
N GLY F 263 -98.70 68.56 26.96
CA GLY F 263 -98.66 69.99 26.71
C GLY F 263 -97.94 70.85 27.73
N GLY F 264 -97.33 71.94 27.25
CA GLY F 264 -96.60 72.84 28.15
C GLY F 264 -95.12 72.53 28.25
N LYS F 265 -94.43 73.30 29.09
CA LYS F 265 -93.00 73.12 29.30
C LYS F 265 -92.24 72.98 27.99
N ALA F 266 -92.36 73.96 27.13
CA ALA F 266 -91.65 73.93 25.86
C ALA F 266 -90.19 74.28 26.12
N GLU F 267 -89.28 73.51 25.54
CA GLU F 267 -87.86 73.77 25.71
C GLU F 267 -87.20 73.37 24.42
N VAL F 268 -85.95 73.77 24.28
CA VAL F 268 -85.15 73.41 23.12
C VAL F 268 -83.86 72.80 23.68
N ILE F 269 -83.45 71.66 23.13
CA ILE F 269 -82.21 71.01 23.57
C ILE F 269 -81.33 71.11 22.34
N THR F 270 -80.05 71.37 22.55
CA THR F 270 -79.12 71.46 21.43
C THR F 270 -78.14 70.30 21.47
N CYS F 271 -77.83 69.73 20.32
CA CYS F 271 -76.93 68.60 20.28
C CYS F 271 -76.16 68.55 18.98
N ASP F 272 -75.12 67.73 18.97
CA ASP F 272 -74.29 67.53 17.79
C ASP F 272 -74.82 66.40 16.93
N VAL F 273 -75.43 65.41 17.55
CA VAL F 273 -75.98 64.30 16.78
C VAL F 273 -77.35 63.98 17.32
N LEU F 274 -78.31 63.80 16.41
CA LEU F 274 -79.67 63.48 16.80
C LEU F 274 -79.96 62.06 16.32
N LEU F 275 -80.23 61.16 17.27
CA LEU F 275 -80.53 59.76 16.96
C LEU F 275 -82.07 59.58 17.02
N VAL F 276 -82.65 59.21 15.89
CA VAL F 276 -84.10 59.04 15.81
C VAL F 276 -84.40 57.56 15.80
N CYS F 277 -84.92 57.04 16.90
CA CYS F 277 -85.32 55.65 16.92
C CYS F 277 -86.58 55.51 17.75
N ILE F 278 -87.68 56.00 17.17
CA ILE F 278 -88.97 55.90 17.84
C ILE F 278 -89.58 54.50 17.63
N GLY F 279 -89.02 53.72 16.71
CA GLY F 279 -89.54 52.39 16.48
C GLY F 279 -89.15 51.84 15.12
N ARG F 280 -89.60 50.62 14.83
CA ARG F 280 -89.33 49.97 13.56
C ARG F 280 -90.68 49.45 13.05
N ARG F 281 -90.82 49.26 11.76
CA ARG F 281 -92.10 48.82 11.21
C ARG F 281 -91.88 47.79 10.10
N PRO F 282 -92.87 46.90 9.88
CA PRO F 282 -92.74 45.87 8.84
C PRO F 282 -92.44 46.41 7.45
N PHE F 283 -91.59 45.72 6.71
CA PHE F 283 -91.27 46.16 5.36
C PHE F 283 -91.85 45.19 4.35
N THR F 284 -92.73 45.66 3.47
CA THR F 284 -93.35 44.77 2.46
C THR F 284 -93.48 45.51 1.14
N LYS F 285 -92.69 46.56 0.96
CA LYS F 285 -92.78 47.37 -0.25
C LYS F 285 -92.56 46.64 -1.58
N ASN F 286 -93.46 46.92 -2.53
CA ASN F 286 -93.44 46.35 -3.87
C ASN F 286 -93.19 44.86 -3.90
N LEU F 287 -93.86 44.16 -2.99
CA LEU F 287 -93.70 42.73 -2.89
C LEU F 287 -94.77 42.06 -3.75
N GLY F 288 -95.76 42.85 -4.15
CA GLY F 288 -96.84 42.33 -4.97
C GLY F 288 -98.02 41.83 -4.15
N LEU F 289 -98.06 42.22 -2.88
CA LEU F 289 -99.12 41.79 -1.99
C LEU F 289 -100.47 42.34 -2.43
N GLU F 290 -100.49 43.63 -2.76
CA GLU F 290 -101.73 44.28 -3.16
C GLU F 290 -102.33 43.65 -4.41
N GLU F 291 -101.50 43.24 -5.36
CA GLU F 291 -102.05 42.65 -6.56
C GLU F 291 -102.60 41.28 -6.20
N LEU F 292 -101.85 40.56 -5.39
CA LEU F 292 -102.18 39.22 -4.95
C LEU F 292 -103.44 39.18 -4.08
N GLY F 293 -103.87 40.34 -3.59
CA GLY F 293 -105.06 40.38 -2.75
C GLY F 293 -104.79 40.21 -1.25
N ILE F 294 -103.53 40.21 -0.86
CA ILE F 294 -103.19 40.07 0.55
C ILE F 294 -103.20 41.44 1.23
N GLU F 295 -104.16 41.61 2.10
CA GLU F 295 -104.37 42.82 2.87
C GLU F 295 -103.47 42.85 4.10
N LEU F 296 -102.99 44.05 4.43
CA LEU F 296 -102.12 44.26 5.58
C LEU F 296 -102.98 44.66 6.76
N ASP F 297 -102.50 44.40 7.99
CA ASP F 297 -103.25 44.83 9.15
C ASP F 297 -102.93 46.33 9.35
N PRO F 298 -103.59 47.02 10.29
CA PRO F 298 -103.34 48.45 10.50
C PRO F 298 -101.91 48.87 10.81
N ARG F 299 -101.09 47.95 11.29
CA ARG F 299 -99.71 48.27 11.61
C ARG F 299 -98.78 47.86 10.49
N GLY F 300 -99.33 47.43 9.35
CA GLY F 300 -98.47 47.06 8.23
C GLY F 300 -98.01 45.61 8.23
N ARG F 301 -98.46 44.83 9.19
CA ARG F 301 -98.05 43.43 9.22
C ARG F 301 -98.89 42.55 8.30
N ILE F 302 -98.35 41.41 7.92
CA ILE F 302 -99.08 40.47 7.08
C ILE F 302 -99.89 39.52 7.99
N PRO F 303 -101.23 39.58 7.93
CA PRO F 303 -102.07 38.70 8.75
C PRO F 303 -101.73 37.26 8.39
N VAL F 304 -101.42 36.43 9.37
CA VAL F 304 -101.11 35.03 9.12
C VAL F 304 -101.85 34.16 10.15
N ASN F 305 -102.10 32.93 9.77
CA ASN F 305 -102.77 32.02 10.66
C ASN F 305 -101.81 31.17 11.53
N THR F 306 -102.37 30.18 12.18
CA THR F 306 -101.60 29.29 13.05
C THR F 306 -100.36 28.64 12.42
N ARG F 307 -100.39 28.43 11.11
CA ARG F 307 -99.25 27.80 10.43
C ARG F 307 -98.42 28.84 9.68
N PHE F 308 -98.71 30.11 9.94
CA PHE F 308 -98.04 31.24 9.33
C PHE F 308 -98.38 31.41 7.84
N GLN F 309 -99.59 30.98 7.47
CA GLN F 309 -100.07 31.10 6.10
C GLN F 309 -100.85 32.37 5.93
N THR F 310 -100.65 33.04 4.81
CA THR F 310 -101.40 34.25 4.53
C THR F 310 -102.75 33.70 3.98
N LYS F 311 -103.63 34.61 3.56
CA LYS F 311 -104.92 34.20 2.98
C LYS F 311 -104.71 33.25 1.77
N ILE F 312 -103.53 33.27 1.16
CA ILE F 312 -103.23 32.38 0.04
C ILE F 312 -102.40 31.27 0.63
N PRO F 313 -103.00 30.08 0.81
CA PRO F 313 -102.47 28.83 1.37
C PRO F 313 -100.99 28.47 1.24
N ASN F 314 -100.41 28.66 0.06
CA ASN F 314 -99.00 28.29 -0.12
C ASN F 314 -98.06 29.49 0.07
N ILE F 315 -98.61 30.65 0.44
CA ILE F 315 -97.80 31.83 0.70
C ILE F 315 -97.81 32.08 2.22
N TYR F 316 -96.62 31.97 2.80
CA TYR F 316 -96.39 32.13 4.23
C TYR F 316 -95.59 33.41 4.54
N ALA F 317 -95.57 33.80 5.81
CA ALA F 317 -94.83 34.98 6.26
C ALA F 317 -94.41 34.79 7.72
N ILE F 318 -93.18 35.19 8.03
CA ILE F 318 -92.65 35.08 9.39
C ILE F 318 -91.79 36.32 9.70
N GLY F 319 -91.25 36.38 10.92
CA GLY F 319 -90.35 37.45 11.31
C GLY F 319 -90.96 38.80 11.65
N ASP F 320 -90.14 39.84 11.52
CA ASP F 320 -90.60 41.19 11.81
C ASP F 320 -91.79 41.60 10.97
N VAL F 321 -92.12 40.83 9.92
CA VAL F 321 -93.26 41.21 9.08
C VAL F 321 -94.64 40.72 9.62
N VAL F 322 -94.64 39.85 10.63
CA VAL F 322 -95.90 39.39 11.23
C VAL F 322 -95.99 39.74 12.71
N ALA F 323 -97.12 39.45 13.34
CA ALA F 323 -97.36 39.77 14.74
C ALA F 323 -96.29 39.15 15.67
N GLY F 324 -96.13 39.77 16.84
CA GLY F 324 -95.17 39.29 17.81
C GLY F 324 -94.03 40.26 18.03
N PRO F 325 -93.21 40.04 19.07
CA PRO F 325 -92.09 40.94 19.33
C PRO F 325 -91.10 40.92 18.15
N MET F 326 -90.66 42.09 17.71
CA MET F 326 -89.71 42.14 16.60
C MET F 326 -88.32 41.82 17.11
N LEU F 327 -88.03 40.54 17.21
CA LEU F 327 -86.74 40.07 17.72
C LEU F 327 -86.21 38.98 16.79
N ALA F 328 -84.88 38.86 16.74
CA ALA F 328 -84.24 37.89 15.86
C ALA F 328 -84.54 36.43 16.19
N HIS F 329 -84.50 36.07 17.47
CA HIS F 329 -84.78 34.68 17.85
C HIS F 329 -86.22 34.34 17.58
N LYS F 330 -87.09 35.33 17.68
CA LYS F 330 -88.50 35.12 17.39
C LYS F 330 -88.62 34.76 15.89
N ALA F 331 -87.98 35.55 15.05
CA ALA F 331 -88.04 35.33 13.60
C ALA F 331 -87.44 33.98 13.22
N GLU F 332 -86.28 33.67 13.79
CA GLU F 332 -85.66 32.40 13.49
C GLU F 332 -86.58 31.24 13.85
N ASP F 333 -87.16 31.32 15.04
CA ASP F 333 -88.05 30.29 15.53
C ASP F 333 -89.25 30.14 14.60
N GLU F 334 -89.86 31.26 14.21
CA GLU F 334 -90.99 31.22 13.32
C GLU F 334 -90.59 30.57 12.00
N GLY F 335 -89.44 30.97 11.46
CA GLY F 335 -89.00 30.40 10.21
C GLY F 335 -88.89 28.90 10.27
N ILE F 336 -88.29 28.39 11.34
CA ILE F 336 -88.12 26.98 11.53
C ILE F 336 -89.42 26.19 11.66
N ILE F 337 -90.30 26.59 12.56
CA ILE F 337 -91.55 25.85 12.73
C ILE F 337 -92.45 25.98 11.50
N CYS F 338 -92.32 27.09 10.77
CA CYS F 338 -93.12 27.30 9.56
C CYS F 338 -92.76 26.28 8.49
N VAL F 339 -91.46 26.16 8.20
CA VAL F 339 -91.03 25.21 7.18
C VAL F 339 -91.22 23.78 7.64
N GLU F 340 -91.08 23.52 8.94
CA GLU F 340 -91.33 22.16 9.42
C GLU F 340 -92.80 21.83 9.15
N GLY F 341 -93.65 22.84 9.25
CA GLY F 341 -95.06 22.66 9.02
C GLY F 341 -95.31 22.41 7.54
N MET F 342 -94.59 23.11 6.68
CA MET F 342 -94.73 22.92 5.24
C MET F 342 -94.49 21.45 4.95
N ALA F 343 -93.54 20.90 5.69
CA ALA F 343 -93.14 19.51 5.55
C ALA F 343 -94.11 18.59 6.27
N GLY F 344 -95.22 19.14 6.74
CA GLY F 344 -96.20 18.33 7.42
C GLY F 344 -96.12 18.21 8.94
N GLY F 345 -95.15 18.84 9.56
CA GLY F 345 -95.04 18.74 11.01
C GLY F 345 -96.02 19.67 11.73
N ALA F 346 -96.08 19.54 13.05
CA ALA F 346 -96.95 20.40 13.88
C ALA F 346 -96.32 21.80 13.94
N VAL F 347 -97.15 22.80 14.16
CA VAL F 347 -96.66 24.18 14.24
C VAL F 347 -97.11 24.78 15.57
N HIS F 348 -96.15 25.01 16.45
CA HIS F 348 -96.49 25.58 17.72
C HIS F 348 -95.41 26.50 18.28
N ILE F 349 -95.85 27.64 18.82
CA ILE F 349 -94.94 28.60 19.42
C ILE F 349 -95.72 29.36 20.50
N ASP F 350 -95.14 29.41 21.69
CA ASP F 350 -95.75 30.11 22.81
C ASP F 350 -94.95 31.40 22.99
N TYR F 351 -95.53 32.54 22.61
CA TYR F 351 -94.83 33.81 22.71
C TYR F 351 -94.55 34.23 24.16
N ASN F 352 -95.26 33.61 25.10
CA ASN F 352 -95.07 33.91 26.51
C ASN F 352 -93.72 33.32 26.92
N CYS F 353 -93.15 32.47 26.07
CA CYS F 353 -91.86 31.87 26.38
C CYS F 353 -90.70 32.43 25.57
N VAL F 354 -90.91 33.50 24.81
CA VAL F 354 -89.75 34.01 24.09
C VAL F 354 -89.17 35.15 24.94
N PRO F 355 -87.88 35.05 25.24
CA PRO F 355 -87.29 36.12 26.05
C PRO F 355 -86.94 37.40 25.31
N SER F 356 -86.67 38.45 26.08
CA SER F 356 -86.26 39.79 25.60
C SER F 356 -84.98 40.12 26.40
N VAL F 357 -84.02 40.76 25.73
CA VAL F 357 -82.75 41.12 26.37
C VAL F 357 -82.32 42.54 25.99
N ILE F 358 -81.75 43.26 26.95
CA ILE F 358 -81.21 44.59 26.67
C ILE F 358 -79.73 44.42 27.07
N TYR F 359 -78.82 44.59 26.11
CA TYR F 359 -77.40 44.34 26.36
C TYR F 359 -76.53 45.49 26.90
N THR F 360 -77.15 46.36 27.66
CA THR F 360 -76.42 47.42 28.30
C THR F 360 -75.67 46.73 29.45
N HIS F 361 -75.10 47.52 30.33
CA HIS F 361 -74.42 46.97 31.47
C HIS F 361 -74.82 47.93 32.58
N PRO F 362 -75.65 47.48 33.53
CA PRO F 362 -76.23 46.14 33.63
C PRO F 362 -77.16 45.76 32.51
N GLU F 363 -77.18 44.46 32.21
CA GLU F 363 -78.08 43.90 31.21
C GLU F 363 -79.47 43.76 31.83
N VAL F 364 -80.48 43.60 30.98
CA VAL F 364 -81.86 43.39 31.43
C VAL F 364 -82.36 42.28 30.52
N ALA F 365 -83.11 41.34 31.10
CA ALA F 365 -83.65 40.22 30.32
C ALA F 365 -84.86 39.70 31.06
N TRP F 366 -85.86 39.27 30.32
CA TRP F 366 -87.04 38.75 30.96
C TRP F 366 -87.81 37.81 30.02
N VAL F 367 -88.72 37.05 30.61
CA VAL F 367 -89.53 36.13 29.83
C VAL F 367 -90.77 35.85 30.66
N GLY F 368 -91.91 35.71 29.99
CA GLY F 368 -93.14 35.48 30.72
C GLY F 368 -93.83 36.81 30.98
N LYS F 369 -94.66 36.86 32.01
CA LYS F 369 -95.42 38.06 32.37
C LYS F 369 -94.80 39.05 33.35
N SER F 370 -95.11 40.33 33.15
CA SER F 370 -94.68 41.39 34.05
C SER F 370 -95.75 41.49 35.13
N GLU F 371 -95.48 42.19 36.23
CA GLU F 371 -96.51 42.32 37.25
C GLU F 371 -97.72 43.09 36.71
N GLU F 372 -97.48 44.09 35.87
CA GLU F 372 -98.60 44.85 35.33
C GLU F 372 -99.54 43.93 34.51
N GLN F 373 -98.97 42.97 33.78
CA GLN F 373 -99.78 42.05 33.01
C GLN F 373 -100.60 41.12 33.90
N LEU F 374 -99.96 40.55 34.92
CA LEU F 374 -100.67 39.67 35.84
C LEU F 374 -101.82 40.39 36.51
N LYS F 375 -101.59 41.64 36.95
CA LYS F 375 -102.64 42.39 37.60
C LYS F 375 -103.83 42.69 36.69
N GLU F 376 -103.59 43.11 35.45
CA GLU F 376 -104.70 43.41 34.58
C GLU F 376 -105.41 42.12 34.14
N GLU F 377 -104.72 40.98 34.14
CA GLU F 377 -105.38 39.71 33.77
C GLU F 377 -106.17 39.11 34.92
N GLY F 378 -105.97 39.63 36.14
CA GLY F 378 -106.70 39.14 37.30
C GLY F 378 -106.06 37.94 37.96
N ILE F 379 -104.76 37.76 37.72
CA ILE F 379 -104.02 36.62 38.26
C ILE F 379 -103.43 36.95 39.62
N GLU F 380 -103.57 36.02 40.57
CA GLU F 380 -103.04 36.18 41.93
C GLU F 380 -101.64 35.60 41.90
N TYR F 381 -100.66 36.37 42.33
CA TYR F 381 -99.30 35.86 42.29
C TYR F 381 -98.51 36.25 43.52
N LYS F 382 -97.30 35.71 43.63
CA LYS F 382 -96.43 36.05 44.73
C LYS F 382 -95.12 36.48 44.08
N VAL F 383 -94.33 37.27 44.80
CA VAL F 383 -93.07 37.76 44.26
C VAL F 383 -91.84 37.25 45.04
N GLY F 384 -90.82 36.81 44.31
CA GLY F 384 -89.58 36.37 44.94
C GLY F 384 -88.47 37.27 44.38
N LYS F 385 -87.69 37.92 45.25
CA LYS F 385 -86.61 38.77 44.79
C LYS F 385 -85.25 38.43 45.40
N PHE F 386 -84.19 38.53 44.59
CA PHE F 386 -82.86 38.29 45.12
C PHE F 386 -81.90 39.29 44.44
N PRO F 387 -81.27 40.16 45.25
CA PRO F 387 -80.32 41.17 44.75
C PRO F 387 -78.97 40.58 44.43
N PHE F 388 -78.36 41.05 43.34
CA PHE F 388 -77.05 40.56 42.99
C PHE F 388 -76.00 40.98 44.03
N ALA F 389 -76.33 41.98 44.83
CA ALA F 389 -75.44 42.45 45.89
C ALA F 389 -75.22 41.29 46.88
N ALA F 390 -76.19 40.38 46.98
CA ALA F 390 -76.04 39.22 47.86
C ALA F 390 -75.59 37.96 47.07
N ASN F 391 -75.24 38.11 45.80
CA ASN F 391 -74.78 36.95 45.04
C ASN F 391 -73.24 36.87 45.09
N SER F 392 -72.74 35.71 45.49
CA SER F 392 -71.30 35.51 45.65
C SER F 392 -70.44 35.81 44.42
N ARG F 393 -70.83 35.34 43.24
CA ARG F 393 -70.01 35.62 42.08
C ARG F 393 -70.05 37.11 41.71
N ALA F 394 -71.24 37.71 41.80
CA ALA F 394 -71.41 39.12 41.48
C ALA F 394 -70.51 39.95 42.42
N LYS F 395 -70.59 39.65 43.72
CA LYS F 395 -69.80 40.35 44.72
C LYS F 395 -68.30 40.15 44.51
N THR F 396 -67.88 38.91 44.26
CA THR F 396 -66.47 38.57 44.03
C THR F 396 -65.90 39.33 42.82
N ASN F 397 -66.75 39.55 41.82
CA ASN F 397 -66.36 40.27 40.60
C ASN F 397 -66.54 41.79 40.75
N ALA F 398 -67.18 42.22 41.83
CA ALA F 398 -67.44 43.65 42.07
C ALA F 398 -68.35 44.22 40.97
N ASP F 399 -69.40 43.48 40.64
CA ASP F 399 -70.38 43.86 39.61
C ASP F 399 -71.73 43.48 40.21
N THR F 400 -72.27 44.34 41.07
CA THR F 400 -73.48 44.02 41.81
C THR F 400 -74.83 44.71 41.64
N ASP F 401 -75.03 45.43 40.54
CA ASP F 401 -76.30 46.09 40.29
C ASP F 401 -77.48 45.12 40.12
N GLY F 402 -78.65 45.54 40.57
CA GLY F 402 -79.83 44.77 40.31
C GLY F 402 -80.28 43.58 41.08
N MET F 403 -81.13 42.82 40.42
CA MET F 403 -81.75 41.68 41.04
C MET F 403 -82.43 40.77 40.06
N VAL F 404 -82.87 39.64 40.59
CA VAL F 404 -83.67 38.69 39.84
C VAL F 404 -85.04 38.80 40.55
N LYS F 405 -86.11 38.95 39.78
CA LYS F 405 -87.44 39.00 40.36
C LYS F 405 -88.25 37.90 39.67
N ILE F 406 -88.86 37.03 40.49
CA ILE F 406 -89.68 35.93 39.97
C ILE F 406 -91.13 36.14 40.38
N LEU F 407 -92.05 35.94 39.44
CA LEU F 407 -93.48 36.07 39.73
C LEU F 407 -94.06 34.66 39.67
N GLY F 408 -94.67 34.22 40.76
CA GLY F 408 -95.22 32.88 40.79
C GLY F 408 -96.70 32.86 41.16
N GLN F 409 -97.46 31.90 40.63
CA GLN F 409 -98.89 31.80 40.93
C GLN F 409 -99.02 31.45 42.41
N LYS F 410 -99.78 32.27 43.15
CA LYS F 410 -99.94 32.10 44.60
C LYS F 410 -100.26 30.71 45.10
N SER F 411 -101.14 30.00 44.41
CA SER F 411 -101.54 28.67 44.85
C SER F 411 -100.81 27.48 44.23
N THR F 412 -100.42 27.58 42.96
CA THR F 412 -99.76 26.47 42.28
C THR F 412 -98.24 26.54 42.25
N ASP F 413 -97.69 27.70 42.61
CA ASP F 413 -96.24 27.89 42.60
C ASP F 413 -95.66 27.87 41.18
N ARG F 414 -96.54 27.98 40.20
CA ARG F 414 -96.18 28.02 38.79
C ARG F 414 -95.44 29.32 38.48
N VAL F 415 -94.28 29.22 37.82
CA VAL F 415 -93.50 30.39 37.45
C VAL F 415 -94.23 31.14 36.31
N LEU F 416 -94.68 32.37 36.59
CA LEU F 416 -95.42 33.19 35.60
C LEU F 416 -94.49 34.16 34.86
N GLY F 417 -93.41 34.58 35.50
CA GLY F 417 -92.48 35.47 34.84
C GLY F 417 -91.15 35.55 35.56
N ALA F 418 -90.09 35.78 34.81
CA ALA F 418 -88.76 35.93 35.38
C ALA F 418 -88.17 37.22 34.79
N HIS F 419 -87.72 38.09 35.67
CA HIS F 419 -87.16 39.37 35.28
C HIS F 419 -85.78 39.56 35.92
N ILE F 420 -84.79 39.77 35.07
CA ILE F 420 -83.42 39.91 35.52
C ILE F 420 -82.80 41.26 35.13
N LEU F 421 -82.27 41.94 36.14
CA LEU F 421 -81.59 43.21 35.96
C LEU F 421 -80.23 43.02 36.64
N GLY F 422 -79.18 43.00 35.85
CA GLY F 422 -77.86 42.83 36.46
C GLY F 422 -76.88 42.07 35.59
N PRO F 423 -75.73 41.68 36.11
CA PRO F 423 -74.77 40.95 35.27
C PRO F 423 -75.30 39.58 34.80
N GLY F 424 -74.94 39.21 33.58
CA GLY F 424 -75.31 37.92 33.02
C GLY F 424 -76.77 37.68 32.69
N ALA F 425 -77.59 38.74 32.75
CA ALA F 425 -79.03 38.63 32.51
C ALA F 425 -79.35 37.97 31.18
N GLY F 426 -78.64 38.39 30.15
CA GLY F 426 -78.86 37.86 28.82
C GLY F 426 -78.76 36.35 28.70
N GLU F 427 -77.69 35.77 29.22
CA GLU F 427 -77.51 34.34 29.16
C GLU F 427 -78.44 33.66 30.16
N MET F 428 -78.61 34.30 31.31
CA MET F 428 -79.45 33.74 32.38
C MET F 428 -80.91 33.53 32.02
N VAL F 429 -81.46 34.40 31.18
CA VAL F 429 -82.86 34.30 30.84
C VAL F 429 -83.19 33.03 30.04
N ASN F 430 -82.16 32.41 29.47
CA ASN F 430 -82.36 31.19 28.69
C ASN F 430 -82.65 30.02 29.62
N GLU F 431 -82.09 30.02 30.82
CA GLU F 431 -82.44 28.97 31.77
C GLU F 431 -83.92 29.22 32.14
N ALA F 432 -84.29 30.48 32.25
CA ALA F 432 -85.69 30.81 32.59
C ALA F 432 -86.66 30.38 31.47
N ALA F 433 -86.28 30.59 30.22
CA ALA F 433 -87.15 30.22 29.11
C ALA F 433 -87.33 28.68 29.10
N LEU F 434 -86.24 27.95 29.29
CA LEU F 434 -86.32 26.50 29.32
C LEU F 434 -87.31 26.10 30.42
N ALA F 435 -87.23 26.77 31.56
CA ALA F 435 -88.11 26.47 32.68
C ALA F 435 -89.60 26.75 32.37
N LEU F 436 -89.89 27.89 31.77
CA LEU F 436 -91.27 28.20 31.45
C LEU F 436 -91.83 27.21 30.43
N GLU F 437 -90.98 26.80 29.51
CA GLU F 437 -91.35 25.85 28.46
C GLU F 437 -91.74 24.50 29.07
N TYR F 438 -91.20 24.20 30.25
CA TYR F 438 -91.55 22.96 30.97
C TYR F 438 -92.64 23.19 32.04
N GLY F 439 -93.30 24.34 31.99
CA GLY F 439 -94.32 24.62 32.99
C GLY F 439 -93.77 24.53 34.40
N ALA F 440 -92.50 24.90 34.57
CA ALA F 440 -91.86 24.81 35.88
C ALA F 440 -92.52 25.63 37.00
N SER F 441 -92.38 25.12 38.23
CA SER F 441 -92.88 25.78 39.43
C SER F 441 -91.63 26.42 40.05
N CYS F 442 -91.81 27.37 40.95
CA CYS F 442 -90.64 28.00 41.58
C CYS F 442 -89.82 26.90 42.30
N GLU F 443 -90.51 26.00 42.97
CA GLU F 443 -89.85 24.93 43.69
C GLU F 443 -88.93 24.06 42.78
N ASP F 444 -89.41 23.73 41.58
CA ASP F 444 -88.60 22.94 40.66
C ASP F 444 -87.21 23.57 40.47
N ILE F 445 -87.20 24.88 40.22
CA ILE F 445 -85.95 25.59 39.99
C ILE F 445 -85.13 25.61 41.28
N ALA F 446 -85.80 25.90 42.39
CA ALA F 446 -85.11 25.95 43.67
C ALA F 446 -84.36 24.64 43.97
N ARG F 447 -84.92 23.51 43.54
CA ARG F 447 -84.27 22.23 43.80
C ARG F 447 -83.19 21.82 42.80
N VAL F 448 -82.99 22.55 41.72
CA VAL F 448 -81.91 22.21 40.81
C VAL F 448 -80.60 22.71 41.41
N CYS F 449 -79.60 21.82 41.43
CA CYS F 449 -78.29 22.15 41.97
C CYS F 449 -77.56 23.12 41.03
N HIS F 450 -77.44 24.37 41.43
CA HIS F 450 -76.74 25.35 40.60
C HIS F 450 -75.32 25.42 41.11
N ALA F 451 -74.37 25.54 40.19
CA ALA F 451 -72.95 25.61 40.52
C ALA F 451 -72.66 26.87 41.36
N HIS F 452 -71.76 26.73 42.32
CA HIS F 452 -71.35 27.84 43.20
C HIS F 452 -69.86 28.08 43.00
N PRO F 453 -69.45 29.34 42.80
CA PRO F 453 -70.36 30.49 42.75
C PRO F 453 -70.73 30.87 41.34
N THR F 454 -72.01 31.13 41.08
CA THR F 454 -72.39 31.58 39.74
C THR F 454 -73.51 32.60 39.87
N LEU F 455 -73.64 33.42 38.84
CA LEU F 455 -74.70 34.44 38.83
C LEU F 455 -76.04 33.73 38.88
N SER F 456 -76.13 32.54 38.25
CA SER F 456 -77.40 31.78 38.19
C SER F 456 -77.95 31.45 39.57
N GLU F 457 -77.12 31.52 40.59
CA GLU F 457 -77.61 31.25 41.93
C GLU F 457 -78.63 32.29 42.40
N ALA F 458 -78.57 33.51 41.85
CA ALA F 458 -79.53 34.54 42.25
C ALA F 458 -80.89 34.11 41.69
N PHE F 459 -80.84 33.55 40.49
CA PHE F 459 -82.05 33.04 39.84
C PHE F 459 -82.63 31.90 40.71
N ARG F 460 -81.78 31.00 41.18
CA ARG F 460 -82.24 29.89 42.01
C ARG F 460 -82.84 30.42 43.31
N GLU F 461 -82.14 31.37 43.91
CA GLU F 461 -82.56 31.97 45.17
C GLU F 461 -83.86 32.75 45.05
N ALA F 462 -84.06 33.43 43.93
CA ALA F 462 -85.29 34.20 43.78
C ALA F 462 -86.48 33.22 43.69
N ASN F 463 -86.26 32.07 43.04
CA ASN F 463 -87.30 31.09 42.94
C ASN F 463 -87.56 30.48 44.33
N LEU F 464 -86.50 30.25 45.09
CA LEU F 464 -86.67 29.71 46.44
C LEU F 464 -87.50 30.68 47.27
N ALA F 465 -87.19 31.97 47.18
CA ALA F 465 -87.95 32.95 47.96
C ALA F 465 -89.43 32.98 47.55
N ALA F 466 -89.71 32.93 46.26
CA ALA F 466 -91.09 32.94 45.79
C ALA F 466 -91.81 31.66 46.27
N SER F 467 -91.10 30.54 46.22
CA SER F 467 -91.66 29.25 46.61
C SER F 467 -91.81 29.03 48.13
N PHE F 468 -90.71 29.14 48.87
CA PHE F 468 -90.68 28.94 50.33
C PHE F 468 -90.97 30.22 51.14
N GLY F 469 -90.79 31.38 50.51
CA GLY F 469 -91.00 32.65 51.19
C GLY F 469 -89.68 33.31 51.64
N LYS F 470 -88.60 32.55 51.67
CA LYS F 470 -87.30 33.09 52.06
C LYS F 470 -86.19 32.39 51.28
N SER F 471 -85.16 33.12 50.92
CA SER F 471 -84.03 32.48 50.25
C SER F 471 -83.02 32.20 51.38
N ILE F 472 -81.86 31.65 51.05
CA ILE F 472 -80.86 31.38 52.05
C ILE F 472 -79.96 32.60 52.28
N ASN F 473 -79.47 33.16 51.18
CA ASN F 473 -78.54 34.27 51.27
C ASN F 473 -79.02 35.73 51.31
N PHE F 474 -80.31 35.94 51.55
CA PHE F 474 -80.82 37.31 51.67
C PHE F 474 -82.06 37.34 52.57
N GLN G 3 107.97 -68.63 -78.93
CA GLN G 3 106.82 -69.02 -78.06
C GLN G 3 105.45 -68.61 -78.68
N PRO G 4 104.89 -69.47 -79.56
CA PRO G 4 103.62 -69.26 -80.25
C PRO G 4 102.48 -69.45 -79.28
N ILE G 5 101.27 -69.21 -79.76
CA ILE G 5 100.08 -69.38 -78.93
C ILE G 5 98.98 -70.05 -79.75
N ASP G 6 98.09 -70.76 -79.07
CA ASP G 6 97.01 -71.45 -79.74
C ASP G 6 95.66 -70.81 -79.43
N ALA G 7 94.70 -70.98 -80.33
CA ALA G 7 93.39 -70.40 -80.15
C ALA G 7 92.40 -71.04 -81.07
N ASP G 8 91.12 -70.95 -80.69
CA ASP G 8 90.06 -71.50 -81.51
C ASP G 8 89.75 -70.48 -82.60
N VAL G 9 89.77 -69.21 -82.22
CA VAL G 9 89.44 -68.11 -83.12
C VAL G 9 90.40 -66.94 -83.00
N THR G 10 90.93 -66.52 -84.14
CA THR G 10 91.87 -65.40 -84.18
C THR G 10 91.27 -64.33 -85.08
N VAL G 11 90.97 -63.18 -84.47
CA VAL G 11 90.39 -62.06 -85.19
C VAL G 11 91.48 -61.09 -85.55
N ILE G 12 91.52 -60.66 -86.81
CA ILE G 12 92.53 -59.71 -87.25
C ILE G 12 91.84 -58.37 -87.45
N GLY G 13 92.17 -57.41 -86.59
CA GLY G 13 91.53 -56.11 -86.66
C GLY G 13 90.61 -55.97 -85.45
N SER G 14 90.65 -54.81 -84.81
CA SER G 14 89.83 -54.56 -83.62
C SER G 14 88.83 -53.40 -83.80
N GLY G 15 88.30 -53.23 -85.00
CA GLY G 15 87.31 -52.19 -85.24
C GLY G 15 85.96 -52.77 -84.84
N PRO G 16 84.85 -52.04 -85.06
CA PRO G 16 83.51 -52.50 -84.70
C PRO G 16 83.28 -53.98 -84.99
N GLY G 17 83.69 -54.42 -86.18
CA GLY G 17 83.48 -55.80 -86.51
C GLY G 17 84.35 -56.74 -85.69
N GLY G 18 85.65 -56.50 -85.71
CA GLY G 18 86.57 -57.35 -84.98
C GLY G 18 86.45 -57.46 -83.48
N TYR G 19 86.52 -56.33 -82.79
CA TYR G 19 86.46 -56.35 -81.33
C TYR G 19 85.19 -56.99 -80.77
N VAL G 20 84.05 -56.71 -81.41
CA VAL G 20 82.79 -57.28 -80.97
C VAL G 20 82.74 -58.78 -81.28
N ALA G 21 83.27 -59.17 -82.43
CA ALA G 21 83.28 -60.59 -82.79
C ALA G 21 84.17 -61.33 -81.78
N ALA G 22 85.30 -60.71 -81.42
CA ALA G 22 86.24 -61.31 -80.48
C ALA G 22 85.58 -61.53 -79.09
N ILE G 23 84.91 -60.51 -78.57
CA ILE G 23 84.24 -60.61 -77.27
C ILE G 23 83.15 -61.66 -77.34
N LYS G 24 82.38 -61.66 -78.44
CA LYS G 24 81.32 -62.65 -78.56
C LYS G 24 81.90 -64.06 -78.64
N ALA G 25 82.97 -64.22 -79.40
CA ALA G 25 83.61 -65.52 -79.52
C ALA G 25 84.01 -66.04 -78.12
N ALA G 26 84.71 -65.19 -77.36
CA ALA G 26 85.16 -65.50 -76.00
C ALA G 26 83.96 -65.91 -75.15
N GLN G 27 82.94 -65.04 -75.14
CA GLN G 27 81.73 -65.29 -74.36
C GLN G 27 81.06 -66.58 -74.78
N LEU G 28 81.35 -67.02 -76.01
CA LEU G 28 80.76 -68.26 -76.51
C LEU G 28 81.59 -69.46 -76.11
N GLY G 29 82.77 -69.22 -75.56
CA GLY G 29 83.61 -70.33 -75.14
C GLY G 29 84.81 -70.61 -76.03
N PHE G 30 85.05 -69.79 -77.04
CA PHE G 30 86.20 -69.98 -77.92
C PHE G 30 87.41 -69.29 -77.29
N LYS G 31 88.56 -69.95 -77.29
CA LYS G 31 89.76 -69.30 -76.76
C LYS G 31 90.00 -68.30 -77.89
N THR G 32 89.94 -67.02 -77.57
CA THR G 32 90.03 -65.98 -78.60
C THR G 32 91.21 -65.01 -78.56
N VAL G 33 91.75 -64.74 -79.74
CA VAL G 33 92.85 -63.79 -79.86
C VAL G 33 92.38 -62.69 -80.83
N CYS G 34 92.86 -61.48 -80.62
CA CYS G 34 92.51 -60.39 -81.52
C CYS G 34 93.79 -59.64 -81.79
N ILE G 35 94.14 -59.51 -83.06
CA ILE G 35 95.37 -58.82 -83.47
C ILE G 35 95.02 -57.44 -84.00
N GLU G 36 95.79 -56.42 -83.63
CA GLU G 36 95.55 -55.06 -84.09
C GLU G 36 96.89 -54.41 -84.33
N LYS G 37 97.03 -53.73 -85.47
CA LYS G 37 98.29 -53.09 -85.81
C LYS G 37 98.47 -51.69 -85.22
N ASN G 38 97.38 -50.94 -85.06
CA ASN G 38 97.49 -49.61 -84.51
C ASN G 38 97.71 -49.67 -82.99
N GLU G 39 98.11 -48.56 -82.38
CA GLU G 39 98.36 -48.58 -80.95
C GLU G 39 97.12 -48.63 -80.03
N THR G 40 95.94 -48.35 -80.56
CA THR G 40 94.73 -48.43 -79.75
C THR G 40 93.71 -49.29 -80.47
N LEU G 41 92.83 -49.93 -79.71
CA LEU G 41 91.80 -50.76 -80.28
C LEU G 41 90.64 -49.88 -80.81
N GLY G 42 89.64 -50.50 -81.42
CA GLY G 42 88.50 -49.72 -81.89
C GLY G 42 88.40 -49.43 -83.37
N GLY G 43 89.50 -49.57 -84.10
CA GLY G 43 89.46 -49.36 -85.54
C GLY G 43 89.14 -47.96 -86.03
N THR G 44 88.58 -47.89 -87.23
CA THR G 44 88.23 -46.63 -87.86
C THR G 44 87.15 -45.85 -87.09
N CYS G 45 86.04 -46.53 -86.78
CA CYS G 45 84.93 -45.90 -86.07
C CYS G 45 85.35 -45.13 -84.83
N LEU G 46 85.94 -45.84 -83.89
CA LEU G 46 86.37 -45.20 -82.67
C LEU G 46 87.49 -44.19 -82.82
N ASN G 47 88.54 -44.53 -83.56
CA ASN G 47 89.70 -43.65 -83.67
C ASN G 47 89.70 -42.50 -84.65
N VAL G 48 89.12 -42.69 -85.84
CA VAL G 48 89.14 -41.62 -86.83
C VAL G 48 87.81 -41.49 -87.58
N GLY G 49 86.78 -42.18 -87.08
CA GLY G 49 85.50 -42.14 -87.75
C GLY G 49 84.27 -41.60 -87.02
N CYS G 50 83.34 -42.52 -86.78
CA CYS G 50 82.07 -42.22 -86.13
C CYS G 50 82.18 -41.39 -84.88
N ILE G 51 82.90 -41.94 -83.89
CA ILE G 51 83.04 -41.28 -82.60
C ILE G 51 83.57 -39.87 -82.64
N PRO G 52 84.79 -39.67 -83.18
CA PRO G 52 85.24 -38.27 -83.19
C PRO G 52 84.39 -37.33 -84.04
N SER G 53 83.80 -37.81 -85.14
CA SER G 53 82.95 -36.91 -85.94
C SER G 53 81.65 -36.57 -85.18
N LYS G 54 81.06 -37.53 -84.50
CA LYS G 54 79.84 -37.21 -83.73
C LYS G 54 80.12 -36.21 -82.62
N ALA G 55 81.29 -36.31 -81.99
CA ALA G 55 81.64 -35.39 -80.92
C ALA G 55 81.73 -33.98 -81.47
N LEU G 56 82.38 -33.82 -82.62
CA LEU G 56 82.50 -32.50 -83.24
C LEU G 56 81.14 -32.01 -83.75
N LEU G 57 80.32 -32.93 -84.26
CA LEU G 57 78.96 -32.58 -84.71
C LEU G 57 78.19 -32.06 -83.50
N ASN G 58 78.26 -32.81 -82.39
CA ASN G 58 77.56 -32.41 -81.17
C ASN G 58 78.04 -31.04 -80.66
N ASN G 59 79.35 -30.88 -80.53
CA ASN G 59 79.89 -29.61 -80.04
C ASN G 59 79.66 -28.40 -80.96
N SER G 60 79.84 -28.58 -82.28
CA SER G 60 79.63 -27.48 -83.23
C SER G 60 78.13 -27.12 -83.27
N HIS G 61 77.26 -28.10 -83.07
CA HIS G 61 75.83 -27.80 -83.07
C HIS G 61 75.56 -26.88 -81.87
N TYR G 62 76.12 -27.21 -80.70
CA TYR G 62 75.90 -26.37 -79.52
C TYR G 62 76.52 -24.98 -79.70
N TYR G 63 77.70 -24.94 -80.30
CA TYR G 63 78.35 -23.66 -80.54
C TYR G 63 77.41 -22.78 -81.39
N HIS G 64 76.84 -23.36 -82.45
CA HIS G 64 75.91 -22.63 -83.34
C HIS G 64 74.67 -22.14 -82.58
N MET G 65 74.11 -22.98 -81.70
CA MET G 65 72.93 -22.56 -80.92
C MET G 65 73.26 -21.36 -80.06
N ALA G 66 74.43 -21.39 -79.46
CA ALA G 66 74.88 -20.32 -78.58
C ALA G 66 75.33 -19.07 -79.32
N HIS G 67 76.09 -19.27 -80.38
CA HIS G 67 76.61 -18.14 -81.17
C HIS G 67 75.54 -17.49 -82.04
N GLY G 68 74.66 -18.31 -82.62
CA GLY G 68 73.61 -17.79 -83.46
C GLY G 68 72.49 -17.13 -82.69
N THR G 69 71.26 -17.25 -83.19
CA THR G 69 70.13 -16.64 -82.52
C THR G 69 69.29 -17.53 -81.61
N ASP G 70 69.51 -18.84 -81.65
CA ASP G 70 68.69 -19.74 -80.85
C ASP G 70 68.67 -19.47 -79.33
N PHE G 71 69.82 -19.44 -78.68
CA PHE G 71 69.84 -19.20 -77.24
C PHE G 71 69.23 -17.88 -76.84
N ALA G 72 69.51 -16.85 -77.62
CA ALA G 72 68.95 -15.55 -77.34
C ALA G 72 67.41 -15.61 -77.39
N SER G 73 66.86 -16.36 -78.35
CA SER G 73 65.40 -16.41 -78.43
C SER G 73 64.84 -17.11 -77.18
N ARG G 74 65.68 -17.82 -76.46
CA ARG G 74 65.21 -18.51 -75.25
C ARG G 74 65.51 -17.76 -73.96
N GLY G 75 65.99 -16.52 -74.08
CA GLY G 75 66.31 -15.77 -72.88
C GLY G 75 67.67 -16.13 -72.30
N ILE G 76 68.50 -16.84 -73.05
CA ILE G 76 69.82 -17.15 -72.53
C ILE G 76 70.73 -16.09 -73.17
N GLU G 77 71.09 -15.07 -72.40
CA GLU G 77 71.87 -13.97 -72.94
C GLU G 77 73.33 -13.88 -72.52
N MET G 78 74.18 -13.65 -73.50
CA MET G 78 75.63 -13.54 -73.26
C MET G 78 76.19 -12.42 -74.13
N SER G 79 77.25 -11.75 -73.67
CA SER G 79 77.81 -10.65 -74.47
C SER G 79 78.57 -11.12 -75.71
N GLU G 80 79.39 -12.15 -75.57
CA GLU G 80 80.12 -12.65 -76.72
C GLU G 80 80.26 -14.15 -76.55
N VAL G 81 80.22 -14.89 -77.64
CA VAL G 81 80.38 -16.32 -77.57
C VAL G 81 81.60 -16.61 -78.42
N ARG G 82 82.61 -17.21 -77.79
CA ARG G 82 83.86 -17.48 -78.47
C ARG G 82 84.14 -18.93 -78.60
N LEU G 83 84.89 -19.27 -79.64
CA LEU G 83 85.25 -20.63 -79.90
C LEU G 83 86.69 -20.90 -79.46
N ASN G 84 86.87 -21.92 -78.63
CA ASN G 84 88.21 -22.33 -78.21
C ASN G 84 88.30 -23.70 -78.87
N LEU G 85 88.82 -23.71 -80.10
CA LEU G 85 88.93 -24.92 -80.90
C LEU G 85 89.68 -26.08 -80.23
N ASP G 86 90.80 -25.75 -79.59
CA ASP G 86 91.61 -26.74 -78.87
C ASP G 86 90.81 -27.46 -77.80
N LYS G 87 90.04 -26.69 -77.02
CA LYS G 87 89.22 -27.28 -75.97
C LYS G 87 88.17 -28.16 -76.61
N MET G 88 87.56 -27.68 -77.70
CA MET G 88 86.55 -28.49 -78.39
C MET G 88 87.17 -29.82 -78.87
N MET G 89 88.41 -29.78 -79.37
CA MET G 89 89.10 -31.01 -79.85
C MET G 89 89.41 -31.90 -78.66
N GLU G 90 89.80 -31.26 -77.57
CA GLU G 90 90.12 -31.99 -76.36
C GLU G 90 88.92 -32.85 -75.90
N GLN G 91 87.72 -32.25 -75.85
CA GLN G 91 86.51 -33.00 -75.45
C GLN G 91 86.38 -34.20 -76.41
N LYS G 92 86.61 -33.96 -77.70
CA LYS G 92 86.55 -35.05 -78.68
C LYS G 92 87.58 -36.13 -78.31
N SER G 93 88.85 -35.72 -78.17
CA SER G 93 89.94 -36.64 -77.83
C SER G 93 89.70 -37.39 -76.54
N THR G 94 89.15 -36.69 -75.56
CA THR G 94 88.88 -37.32 -74.27
C THR G 94 87.89 -38.45 -74.40
N ALA G 95 86.85 -38.25 -75.21
CA ALA G 95 85.85 -39.30 -75.41
C ALA G 95 86.49 -40.51 -76.08
N VAL G 96 87.25 -40.27 -77.14
CA VAL G 96 87.89 -41.35 -77.87
C VAL G 96 88.81 -42.18 -76.95
N LYS G 97 89.62 -41.47 -76.15
CA LYS G 97 90.55 -42.16 -75.23
C LYS G 97 89.80 -43.05 -74.23
N ALA G 98 88.73 -42.51 -73.64
CA ALA G 98 87.95 -43.28 -72.70
C ALA G 98 87.37 -44.50 -73.41
N LEU G 99 86.87 -44.33 -74.64
CA LEU G 99 86.29 -45.48 -75.32
C LEU G 99 87.34 -46.52 -75.74
N THR G 100 88.52 -46.09 -76.15
CA THR G 100 89.53 -47.08 -76.53
C THR G 100 89.96 -47.83 -75.27
N GLY G 101 90.10 -47.11 -74.17
CA GLY G 101 90.47 -47.78 -72.94
C GLY G 101 89.39 -48.77 -72.59
N GLY G 102 88.15 -48.44 -72.95
CA GLY G 102 87.07 -49.38 -72.64
C GLY G 102 87.14 -50.70 -73.37
N ILE G 103 87.58 -50.71 -74.62
CA ILE G 103 87.64 -51.96 -75.35
C ILE G 103 88.74 -52.83 -74.73
N ALA G 104 89.84 -52.19 -74.37
CA ALA G 104 90.95 -52.91 -73.75
C ALA G 104 90.40 -53.58 -72.49
N HIS G 105 89.73 -52.80 -71.65
CA HIS G 105 89.16 -53.35 -70.43
C HIS G 105 88.23 -54.53 -70.76
N LEU G 106 87.33 -54.33 -71.73
CA LEU G 106 86.40 -55.40 -72.09
C LEU G 106 87.11 -56.68 -72.56
N PHE G 107 88.26 -56.54 -73.22
CA PHE G 107 89.02 -57.71 -73.68
C PHE G 107 89.51 -58.46 -72.43
N LYS G 108 90.11 -57.73 -71.47
CA LYS G 108 90.59 -58.33 -70.23
C LYS G 108 89.44 -59.06 -69.53
N GLN G 109 88.35 -58.33 -69.31
CA GLN G 109 87.18 -58.87 -68.65
C GLN G 109 86.69 -60.15 -69.32
N ASN G 110 86.74 -60.19 -70.64
CA ASN G 110 86.26 -61.37 -71.37
C ASN G 110 87.34 -62.39 -71.73
N LYS G 111 88.57 -62.09 -71.32
CA LYS G 111 89.73 -62.96 -71.57
C LYS G 111 90.04 -63.17 -73.06
N VAL G 112 90.00 -62.07 -73.79
CA VAL G 112 90.34 -62.07 -75.20
C VAL G 112 91.80 -61.70 -75.15
N VAL G 113 92.66 -62.44 -75.86
CA VAL G 113 94.08 -62.11 -75.87
C VAL G 113 94.38 -61.07 -76.94
N HIS G 114 94.93 -59.95 -76.51
CA HIS G 114 95.25 -58.87 -77.43
C HIS G 114 96.70 -58.95 -77.88
N VAL G 115 96.91 -59.14 -79.18
CA VAL G 115 98.26 -59.18 -79.74
C VAL G 115 98.46 -57.92 -80.55
N ASN G 116 99.52 -57.18 -80.25
CA ASN G 116 99.78 -55.96 -80.99
C ASN G 116 100.71 -56.30 -82.15
N GLY G 117 100.47 -55.68 -83.31
CA GLY G 117 101.30 -55.95 -84.46
C GLY G 117 100.53 -56.12 -85.75
N TYR G 118 101.24 -56.11 -86.87
CA TYR G 118 100.62 -56.26 -88.17
C TYR G 118 100.43 -57.75 -88.46
N GLY G 119 99.18 -58.19 -88.57
CA GLY G 119 98.89 -59.59 -88.81
C GLY G 119 98.97 -60.01 -90.27
N LYS G 120 99.31 -61.29 -90.49
CA LYS G 120 99.41 -61.86 -91.84
C LYS G 120 99.12 -63.34 -91.73
N ILE G 121 98.23 -63.85 -92.58
CA ILE G 121 97.94 -65.28 -92.53
C ILE G 121 99.15 -65.99 -93.14
N THR G 122 99.77 -66.85 -92.35
CA THR G 122 100.96 -67.58 -92.78
C THR G 122 100.69 -69.08 -92.87
N GLY G 123 99.41 -69.43 -92.99
CA GLY G 123 99.01 -70.83 -93.10
C GLY G 123 97.52 -70.99 -92.95
N LYS G 124 96.99 -72.09 -93.46
CA LYS G 124 95.56 -72.37 -93.38
C LYS G 124 95.10 -72.11 -91.94
N ASN G 125 95.89 -72.58 -90.98
CA ASN G 125 95.55 -72.42 -89.58
C ASN G 125 96.60 -71.62 -88.82
N GLN G 126 97.13 -70.58 -89.43
CA GLN G 126 98.14 -69.81 -88.74
C GLN G 126 98.25 -68.34 -89.11
N VAL G 127 98.47 -67.50 -88.11
CA VAL G 127 98.62 -66.07 -88.31
C VAL G 127 99.86 -65.59 -87.60
N THR G 128 100.62 -64.73 -88.26
CA THR G 128 101.84 -64.18 -87.68
C THR G 128 101.71 -62.67 -87.57
N ALA G 129 101.84 -62.17 -86.34
CA ALA G 129 101.77 -60.74 -86.12
C ALA G 129 103.16 -60.17 -85.96
N THR G 130 103.48 -59.16 -86.76
CA THR G 130 104.79 -58.53 -86.71
C THR G 130 104.76 -57.11 -86.15
N LYS G 131 105.43 -56.92 -85.02
CA LYS G 131 105.50 -55.61 -84.37
C LYS G 131 106.40 -54.67 -85.14
N ALA G 132 106.37 -53.40 -84.75
CA ALA G 132 107.18 -52.37 -85.39
C ALA G 132 108.65 -52.66 -85.19
N ASP G 133 109.00 -53.07 -83.97
CA ASP G 133 110.38 -53.38 -83.62
C ASP G 133 110.81 -54.73 -84.18
N GLY G 134 110.08 -55.24 -85.18
CA GLY G 134 110.44 -56.51 -85.77
C GLY G 134 109.98 -57.74 -85.02
N GLY G 135 109.57 -57.54 -83.76
CA GLY G 135 109.10 -58.66 -82.95
C GLY G 135 108.06 -59.48 -83.69
N THR G 136 108.00 -60.77 -83.38
CA THR G 136 107.06 -61.67 -84.04
C THR G 136 106.28 -62.52 -83.05
N GLN G 137 105.03 -62.81 -83.38
CA GLN G 137 104.18 -63.64 -82.55
C GLN G 137 103.31 -64.48 -83.47
N VAL G 138 103.47 -65.80 -83.36
CA VAL G 138 102.71 -66.73 -84.18
C VAL G 138 101.48 -67.22 -83.45
N ILE G 139 100.41 -67.44 -84.21
CA ILE G 139 99.18 -67.94 -83.62
C ILE G 139 98.69 -69.12 -84.42
N ASP G 140 98.61 -70.28 -83.78
CA ASP G 140 98.11 -71.46 -84.45
C ASP G 140 96.66 -71.50 -84.04
N THR G 141 95.77 -71.29 -85.01
CA THR G 141 94.36 -71.24 -84.70
C THR G 141 93.49 -72.09 -85.63
N LYS G 142 92.36 -72.56 -85.08
CA LYS G 142 91.39 -73.36 -85.82
C LYS G 142 90.62 -72.52 -86.82
N ASN G 143 90.18 -71.33 -86.39
CA ASN G 143 89.43 -70.43 -87.26
C ASN G 143 90.09 -69.06 -87.31
N ILE G 144 89.98 -68.43 -88.47
CA ILE G 144 90.53 -67.09 -88.62
C ILE G 144 89.42 -66.19 -89.11
N LEU G 145 89.38 -64.97 -88.57
CA LEU G 145 88.37 -63.98 -88.92
C LEU G 145 89.07 -62.70 -89.34
N ILE G 146 88.86 -62.34 -90.59
CA ILE G 146 89.44 -61.13 -91.16
C ILE G 146 88.44 -60.00 -90.94
N ALA G 147 88.89 -58.97 -90.22
CA ALA G 147 88.06 -57.80 -89.94
C ALA G 147 89.01 -56.63 -90.07
N THR G 148 89.71 -56.62 -91.20
CA THR G 148 90.73 -55.63 -91.52
C THR G 148 90.22 -54.29 -91.98
N GLY G 149 88.91 -54.23 -92.17
CA GLY G 149 88.26 -52.98 -92.50
C GLY G 149 88.46 -52.23 -93.78
N SER G 150 88.69 -50.93 -93.65
CA SER G 150 88.80 -50.06 -94.79
C SER G 150 89.81 -48.97 -94.57
N GLU G 151 90.01 -48.18 -95.62
CA GLU G 151 90.90 -47.04 -95.63
C GLU G 151 90.27 -46.04 -96.56
N VAL G 152 90.81 -44.83 -96.55
CA VAL G 152 90.33 -43.74 -97.39
C VAL G 152 90.64 -44.04 -98.86
N THR G 153 89.71 -43.72 -99.75
CA THR G 153 89.93 -43.93 -101.18
C THR G 153 90.59 -42.66 -101.72
N PRO G 154 91.83 -42.79 -102.22
CA PRO G 154 92.51 -41.59 -102.74
C PRO G 154 91.91 -41.03 -104.02
N PHE G 155 92.12 -39.73 -104.23
CA PHE G 155 91.64 -39.07 -105.43
C PHE G 155 92.84 -38.94 -106.38
N PRO G 156 92.85 -39.71 -107.50
CA PRO G 156 93.94 -39.69 -108.49
C PRO G 156 94.34 -38.28 -108.93
N GLY G 157 95.64 -37.97 -108.80
CA GLY G 157 96.09 -36.65 -109.17
C GLY G 157 96.21 -35.71 -107.99
N ILE G 158 95.50 -36.00 -106.89
CA ILE G 158 95.55 -35.16 -105.71
C ILE G 158 96.13 -36.01 -104.57
N THR G 159 97.15 -35.49 -103.91
CA THR G 159 97.79 -36.21 -102.83
C THR G 159 97.47 -35.57 -101.49
N ILE G 160 96.82 -36.34 -100.63
CA ILE G 160 96.48 -35.84 -99.31
C ILE G 160 97.74 -35.84 -98.45
N ASP G 161 98.00 -34.75 -97.75
CA ASP G 161 99.17 -34.67 -96.87
C ASP G 161 98.70 -34.39 -95.44
N GLU G 162 97.39 -34.39 -95.25
CA GLU G 162 96.76 -34.14 -93.94
C GLU G 162 97.16 -32.80 -93.35
N ASP G 163 97.48 -31.85 -94.22
CA ASP G 163 97.82 -30.50 -93.77
C ASP G 163 96.80 -29.53 -94.38
N THR G 164 96.97 -29.17 -95.66
CA THR G 164 95.99 -28.30 -96.30
C THR G 164 95.09 -29.13 -97.19
N ILE G 165 95.57 -30.33 -97.53
CA ILE G 165 94.80 -31.27 -98.35
C ILE G 165 94.59 -32.42 -97.40
N VAL G 166 93.35 -32.58 -96.93
CA VAL G 166 93.14 -33.60 -95.94
C VAL G 166 92.11 -34.64 -96.25
N SER G 167 92.23 -35.78 -95.58
CA SER G 167 91.22 -36.82 -95.68
C SER G 167 90.32 -36.49 -94.46
N SER G 168 89.37 -37.36 -94.14
CA SER G 168 88.49 -37.12 -93.00
C SER G 168 89.30 -37.08 -91.70
N THR G 169 90.38 -37.85 -91.67
CA THR G 169 91.23 -37.87 -90.49
C THR G 169 91.81 -36.49 -90.19
N GLY G 170 92.33 -35.83 -91.22
CA GLY G 170 92.90 -34.50 -91.04
C GLY G 170 91.82 -33.47 -90.75
N ALA G 171 90.66 -33.62 -91.39
CA ALA G 171 89.56 -32.69 -91.18
C ALA G 171 89.07 -32.75 -89.71
N LEU G 172 89.21 -33.89 -89.07
CA LEU G 172 88.78 -34.06 -87.68
C LEU G 172 89.71 -33.40 -86.66
N SER G 173 90.89 -32.93 -87.11
CA SER G 173 91.84 -32.32 -86.20
C SER G 173 92.46 -31.01 -86.70
N LEU G 174 91.74 -30.28 -87.54
CA LEU G 174 92.25 -29.01 -88.02
C LEU G 174 92.64 -28.20 -86.76
N LYS G 175 93.70 -27.40 -86.88
CA LYS G 175 94.20 -26.62 -85.75
C LYS G 175 93.63 -25.21 -85.66
N LYS G 176 92.84 -24.81 -86.66
CA LYS G 176 92.20 -23.51 -86.65
C LYS G 176 91.05 -23.65 -87.61
N VAL G 177 90.09 -22.74 -87.53
CA VAL G 177 88.97 -22.77 -88.44
C VAL G 177 89.43 -22.18 -89.78
N PRO G 178 89.35 -22.96 -90.88
CA PRO G 178 89.78 -22.45 -92.18
C PRO G 178 88.79 -21.40 -92.65
N GLU G 179 89.29 -20.39 -93.36
CA GLU G 179 88.41 -19.34 -93.83
C GLU G 179 87.48 -19.91 -94.91
N LYS G 180 88.06 -20.70 -95.80
CA LYS G 180 87.30 -21.29 -96.89
C LYS G 180 87.70 -22.73 -97.01
N MET G 181 86.72 -23.61 -97.20
CA MET G 181 87.01 -25.02 -97.33
C MET G 181 86.24 -25.62 -98.47
N VAL G 182 86.86 -26.54 -99.19
CA VAL G 182 86.16 -27.20 -100.27
C VAL G 182 86.16 -28.65 -99.94
N VAL G 183 85.00 -29.29 -100.09
CA VAL G 183 84.86 -30.71 -99.82
C VAL G 183 84.57 -31.47 -101.12
N ILE G 184 85.41 -32.46 -101.45
CA ILE G 184 85.18 -33.26 -102.64
C ILE G 184 84.37 -34.48 -102.21
N GLY G 185 83.11 -34.55 -102.61
CA GLY G 185 82.29 -35.69 -102.23
C GLY G 185 81.23 -35.22 -101.26
N ALA G 186 79.96 -35.37 -101.63
CA ALA G 186 78.87 -34.92 -100.77
C ALA G 186 78.13 -36.10 -100.18
N GLY G 187 78.88 -37.17 -99.89
CA GLY G 187 78.27 -38.33 -99.25
C GLY G 187 78.07 -38.00 -97.76
N VAL G 188 77.73 -39.01 -96.98
CA VAL G 188 77.50 -38.83 -95.56
C VAL G 188 78.67 -38.18 -94.82
N ILE G 189 79.86 -38.74 -94.96
CA ILE G 189 81.05 -38.21 -94.30
C ILE G 189 81.31 -36.78 -94.71
N GLY G 190 81.20 -36.52 -96.00
CA GLY G 190 81.41 -35.18 -96.50
C GLY G 190 80.46 -34.12 -95.95
N VAL G 191 79.15 -34.39 -95.91
CA VAL G 191 78.25 -33.36 -95.38
C VAL G 191 78.45 -33.16 -93.86
N GLU G 192 78.66 -34.26 -93.13
CA GLU G 192 78.89 -34.14 -91.69
C GLU G 192 80.09 -33.25 -91.43
N LEU G 193 81.24 -33.64 -91.97
CA LEU G 193 82.46 -32.88 -91.74
C LEU G 193 82.34 -31.47 -92.25
N GLY G 194 81.69 -31.30 -93.41
CA GLY G 194 81.52 -29.97 -93.97
C GLY G 194 80.62 -29.12 -93.11
N SER G 195 79.59 -29.73 -92.55
CA SER G 195 78.65 -29.00 -91.71
C SER G 195 79.36 -28.56 -90.40
N VAL G 196 80.18 -29.44 -89.83
CA VAL G 196 80.92 -29.11 -88.61
C VAL G 196 81.66 -27.78 -88.76
N TRP G 197 82.52 -27.69 -89.77
CA TRP G 197 83.34 -26.50 -90.03
C TRP G 197 82.54 -25.30 -90.51
N GLN G 198 81.43 -25.55 -91.20
CA GLN G 198 80.60 -24.42 -91.62
C GLN G 198 80.05 -23.76 -90.32
N ARG G 199 79.66 -24.57 -89.34
CA ARG G 199 79.13 -24.01 -88.08
C ARG G 199 80.21 -23.24 -87.32
N LEU G 200 81.45 -23.75 -87.37
CA LEU G 200 82.53 -23.10 -86.66
C LEU G 200 82.98 -21.81 -87.34
N GLY G 201 82.37 -21.49 -88.47
CA GLY G 201 82.71 -20.25 -89.17
C GLY G 201 83.33 -20.33 -90.56
N ALA G 202 83.55 -21.54 -91.05
CA ALA G 202 84.15 -21.70 -92.37
C ALA G 202 83.14 -21.52 -93.50
N ASP G 203 83.61 -20.97 -94.61
CA ASP G 203 82.82 -20.77 -95.84
C ASP G 203 83.12 -22.11 -96.52
N VAL G 204 82.11 -22.99 -96.55
CA VAL G 204 82.26 -24.33 -97.07
C VAL G 204 81.47 -24.65 -98.35
N THR G 205 82.09 -25.38 -99.27
CA THR G 205 81.42 -25.78 -100.51
C THR G 205 81.75 -27.24 -100.81
N ALA G 206 80.73 -28.06 -101.00
CA ALA G 206 80.99 -29.46 -101.33
C ALA G 206 80.78 -29.62 -102.84
N VAL G 207 81.70 -30.34 -103.47
CA VAL G 207 81.64 -30.61 -104.91
C VAL G 207 81.35 -32.09 -105.04
N GLU G 208 80.32 -32.41 -105.81
CA GLU G 208 79.93 -33.81 -105.97
C GLU G 208 79.59 -34.17 -107.42
N PHE G 209 80.12 -35.29 -107.87
CA PHE G 209 79.88 -35.76 -109.23
C PHE G 209 78.38 -36.07 -109.50
N LEU G 210 77.75 -36.81 -108.58
CA LEU G 210 76.34 -37.20 -108.70
C LEU G 210 75.38 -36.02 -108.50
N GLY G 211 74.09 -36.28 -108.70
CA GLY G 211 73.10 -35.20 -108.57
C GLY G 211 72.40 -35.04 -107.22
N HIS G 212 72.92 -35.66 -106.17
CA HIS G 212 72.27 -35.52 -104.87
C HIS G 212 73.27 -35.63 -103.74
N VAL G 213 72.89 -35.12 -102.56
CA VAL G 213 73.77 -35.23 -101.41
C VAL G 213 73.28 -36.39 -100.52
N GLY G 214 74.20 -36.98 -99.77
CA GLY G 214 73.79 -38.06 -98.88
C GLY G 214 74.19 -39.47 -99.21
N GLY G 215 74.93 -39.69 -100.30
CA GLY G 215 75.38 -41.04 -100.63
C GLY G 215 74.36 -42.00 -101.19
N VAL G 216 74.74 -43.28 -101.24
CA VAL G 216 73.91 -44.34 -101.77
C VAL G 216 72.66 -44.65 -100.98
N GLY G 217 71.58 -45.00 -101.69
CA GLY G 217 70.33 -45.38 -101.04
C GLY G 217 69.45 -44.31 -100.40
N ILE G 218 69.94 -43.09 -100.21
CA ILE G 218 69.10 -42.08 -99.60
C ILE G 218 67.95 -41.78 -100.56
N ASP G 219 66.78 -41.47 -99.99
CA ASP G 219 65.57 -41.16 -100.75
C ASP G 219 65.78 -39.80 -101.38
N MET G 220 65.51 -39.70 -102.69
CA MET G 220 65.72 -38.43 -103.39
C MET G 220 64.96 -37.27 -102.81
N GLU G 221 63.70 -37.46 -102.46
CA GLU G 221 62.94 -36.35 -101.90
C GLU G 221 63.60 -35.95 -100.57
N ILE G 222 63.97 -36.95 -99.79
CA ILE G 222 64.64 -36.69 -98.53
C ILE G 222 65.95 -35.94 -98.83
N SER G 223 66.74 -36.48 -99.76
CA SER G 223 68.02 -35.87 -100.11
C SER G 223 67.84 -34.42 -100.52
N LYS G 224 66.86 -34.18 -101.38
CA LYS G 224 66.61 -32.82 -101.86
C LYS G 224 66.17 -31.87 -100.74
N ASN G 225 65.30 -32.34 -99.86
CA ASN G 225 64.85 -31.46 -98.76
C ASN G 225 66.03 -31.16 -97.82
N PHE G 226 66.83 -32.18 -97.58
CA PHE G 226 68.02 -32.06 -96.74
C PHE G 226 68.96 -30.99 -97.31
N GLN G 227 69.31 -31.14 -98.59
CA GLN G 227 70.20 -30.18 -99.25
C GLN G 227 69.73 -28.76 -99.07
N ARG G 228 68.44 -28.57 -99.36
CA ARG G 228 67.84 -27.27 -99.25
C ARG G 228 68.01 -26.74 -97.83
N ILE G 229 67.83 -27.59 -96.83
CA ILE G 229 67.99 -27.09 -95.48
C ILE G 229 69.44 -26.72 -95.20
N LEU G 230 70.38 -27.53 -95.66
CA LEU G 230 71.79 -27.24 -95.44
C LEU G 230 72.21 -25.94 -96.15
N GLN G 231 71.65 -25.70 -97.34
CA GLN G 231 72.01 -24.51 -98.10
C GLN G 231 71.53 -23.29 -97.33
N LYS G 232 70.34 -23.40 -96.73
CA LYS G 232 69.85 -22.28 -95.94
C LYS G 232 70.76 -22.04 -94.70
N GLN G 233 71.43 -23.08 -94.21
CA GLN G 233 72.34 -22.91 -93.07
C GLN G 233 73.61 -22.20 -93.56
N GLY G 234 73.85 -22.25 -94.86
CA GLY G 234 75.02 -21.60 -95.43
C GLY G 234 76.02 -22.54 -96.06
N PHE G 235 75.68 -23.83 -96.07
CA PHE G 235 76.51 -24.87 -96.66
C PHE G 235 76.18 -24.88 -98.17
N LYS G 236 77.17 -24.55 -99.01
CA LYS G 236 76.98 -24.51 -100.47
C LYS G 236 77.39 -25.79 -101.18
N PHE G 237 76.67 -26.11 -102.26
CA PHE G 237 76.94 -27.32 -103.04
C PHE G 237 77.10 -27.12 -104.55
N LYS G 238 77.89 -27.98 -105.16
CA LYS G 238 78.08 -27.97 -106.60
C LYS G 238 77.89 -29.42 -107.02
N LEU G 239 76.64 -29.82 -107.28
CA LEU G 239 76.36 -31.19 -107.71
C LEU G 239 76.60 -31.35 -109.22
N ASN G 240 76.59 -32.58 -109.70
CA ASN G 240 76.81 -32.84 -111.11
C ASN G 240 78.06 -32.06 -111.55
N THR G 241 79.07 -32.10 -110.71
CA THR G 241 80.31 -31.40 -110.97
C THR G 241 81.48 -32.33 -110.72
N LYS G 242 82.47 -32.22 -111.59
CA LYS G 242 83.68 -33.03 -111.53
C LYS G 242 84.87 -32.15 -111.12
N VAL G 243 85.81 -32.73 -110.39
CA VAL G 243 86.98 -32.01 -110.00
C VAL G 243 88.07 -32.50 -110.94
N THR G 244 88.77 -31.59 -111.61
CA THR G 244 89.83 -32.01 -112.54
C THR G 244 91.22 -31.98 -111.94
N GLY G 245 91.39 -31.22 -110.87
CA GLY G 245 92.70 -31.15 -110.25
C GLY G 245 92.77 -30.06 -109.19
N ALA G 246 93.90 -30.04 -108.48
CA ALA G 246 94.12 -29.06 -107.42
C ALA G 246 95.59 -28.66 -107.43
N THR G 247 95.88 -27.41 -107.11
CA THR G 247 97.27 -26.96 -107.08
C THR G 247 97.53 -26.00 -105.92
N LYS G 248 98.61 -26.25 -105.19
CA LYS G 248 98.97 -25.40 -104.07
C LYS G 248 99.44 -24.04 -104.60
N LYS G 249 99.00 -22.97 -103.95
CA LYS G 249 99.33 -21.63 -104.41
C LYS G 249 100.50 -21.00 -103.65
N SER G 250 100.96 -19.87 -104.15
CA SER G 250 102.07 -19.16 -103.55
C SER G 250 101.83 -18.83 -102.08
N ASP G 251 100.57 -18.56 -101.72
CA ASP G 251 100.25 -18.20 -100.35
C ASP G 251 99.67 -19.34 -99.51
N GLY G 252 99.87 -20.58 -99.95
CA GLY G 252 99.38 -21.71 -99.21
C GLY G 252 97.96 -22.12 -99.53
N LYS G 253 97.20 -21.24 -100.19
CA LYS G 253 95.83 -21.60 -100.55
C LYS G 253 95.83 -22.71 -101.61
N ILE G 254 94.64 -23.15 -102.02
CA ILE G 254 94.51 -24.20 -103.03
C ILE G 254 93.49 -23.86 -104.11
N ASP G 255 93.90 -24.03 -105.37
CA ASP G 255 92.99 -23.77 -106.48
C ASP G 255 92.50 -25.14 -106.90
N VAL G 256 91.19 -25.29 -106.98
CA VAL G 256 90.57 -26.56 -107.37
C VAL G 256 89.86 -26.30 -108.67
N SER G 257 90.20 -27.08 -109.68
CA SER G 257 89.55 -26.82 -110.97
C SER G 257 88.41 -27.82 -111.16
N ILE G 258 87.26 -27.30 -111.55
CA ILE G 258 86.08 -28.14 -111.70
C ILE G 258 85.38 -27.84 -113.01
N GLU G 259 84.49 -28.75 -113.41
CA GLU G 259 83.70 -28.57 -114.63
C GLU G 259 82.50 -29.47 -114.48
N ALA G 260 81.42 -29.16 -115.19
CA ALA G 260 80.22 -29.98 -115.14
C ALA G 260 80.59 -31.44 -115.39
N ALA G 261 79.86 -32.35 -114.77
CA ALA G 261 80.13 -33.78 -114.94
C ALA G 261 79.95 -34.14 -116.40
N SER G 262 79.02 -33.45 -117.07
CA SER G 262 78.73 -33.69 -118.48
C SER G 262 79.92 -33.28 -119.33
N GLY G 263 80.79 -32.45 -118.77
CA GLY G 263 81.96 -32.00 -119.51
C GLY G 263 82.03 -30.50 -119.70
N GLY G 264 80.87 -29.86 -119.81
CA GLY G 264 80.87 -28.41 -120.02
C GLY G 264 81.44 -27.58 -118.87
N LYS G 265 81.23 -26.27 -118.97
CA LYS G 265 81.67 -25.30 -117.98
C LYS G 265 83.10 -25.61 -117.55
N ALA G 266 83.59 -24.84 -116.59
CA ALA G 266 84.94 -25.02 -116.09
C ALA G 266 85.28 -23.81 -115.27
N GLU G 267 85.72 -24.05 -114.05
CA GLU G 267 86.08 -22.94 -113.20
C GLU G 267 87.05 -23.34 -112.12
N VAL G 268 87.44 -22.37 -111.31
CA VAL G 268 88.40 -22.62 -110.25
C VAL G 268 87.87 -22.09 -108.94
N ILE G 269 87.84 -22.93 -107.91
CA ILE G 269 87.41 -22.43 -106.61
C ILE G 269 88.65 -22.48 -105.73
N THR G 270 88.89 -21.39 -105.02
CA THR G 270 90.06 -21.30 -104.17
C THR G 270 89.62 -21.54 -102.72
N CYS G 271 90.43 -22.28 -101.98
CA CYS G 271 90.14 -22.58 -100.58
C CYS G 271 91.41 -22.65 -99.75
N ASP G 272 91.24 -22.64 -98.43
CA ASP G 272 92.37 -22.73 -97.53
C ASP G 272 92.58 -24.17 -97.19
N VAL G 273 91.51 -24.94 -97.16
CA VAL G 273 91.64 -26.37 -96.86
C VAL G 273 90.80 -27.13 -97.85
N LEU G 274 91.34 -28.25 -98.29
CA LEU G 274 90.66 -29.11 -99.26
C LEU G 274 90.46 -30.48 -98.64
N LEU G 275 89.20 -30.86 -98.44
CA LEU G 275 88.88 -32.15 -97.85
C LEU G 275 88.50 -33.14 -98.93
N VAL G 276 89.24 -34.24 -98.99
CA VAL G 276 88.99 -35.25 -100.00
C VAL G 276 88.31 -36.46 -99.38
N CYS G 277 87.01 -36.57 -99.57
CA CYS G 277 86.30 -37.73 -99.06
C CYS G 277 85.34 -38.24 -100.11
N ILE G 278 85.90 -38.81 -101.17
CA ILE G 278 85.10 -39.35 -102.25
C ILE G 278 84.71 -40.76 -101.94
N GLY G 279 85.32 -41.35 -100.92
CA GLY G 279 84.95 -42.72 -100.57
C GLY G 279 85.96 -43.45 -99.70
N ARG G 280 85.65 -44.69 -99.39
CA ARG G 280 86.50 -45.56 -98.59
C ARG G 280 86.47 -46.92 -99.29
N ARG G 281 87.52 -47.72 -99.12
CA ARG G 281 87.58 -49.02 -99.76
C ARG G 281 88.11 -50.11 -98.81
N PRO G 282 87.82 -51.38 -99.10
CA PRO G 282 88.31 -52.45 -98.22
C PRO G 282 89.83 -52.44 -98.11
N PHE G 283 90.34 -52.82 -96.94
CA PHE G 283 91.79 -52.86 -96.71
C PHE G 283 92.19 -54.30 -96.43
N THR G 284 93.06 -54.85 -97.27
CA THR G 284 93.52 -56.22 -97.09
C THR G 284 95.01 -56.34 -97.40
N LYS G 285 95.70 -55.21 -97.43
CA LYS G 285 97.12 -55.16 -97.75
C LYS G 285 98.02 -56.13 -96.98
N ASN G 286 98.91 -56.78 -97.71
CA ASN G 286 99.87 -57.73 -97.12
C ASN G 286 99.30 -58.63 -96.04
N LEU G 287 98.12 -59.19 -96.33
CA LEU G 287 97.44 -60.06 -95.39
C LEU G 287 97.68 -61.54 -95.71
N GLY G 288 98.32 -61.78 -96.85
CA GLY G 288 98.59 -63.14 -97.28
C GLY G 288 97.45 -63.83 -98.03
N LEU G 289 96.55 -63.07 -98.64
CA LEU G 289 95.43 -63.68 -99.36
C LEU G 289 95.88 -64.25 -100.73
N GLU G 290 96.92 -63.64 -101.28
CA GLU G 290 97.50 -64.06 -102.54
C GLU G 290 97.99 -65.51 -102.38
N GLU G 291 98.92 -65.70 -101.45
CA GLU G 291 99.49 -67.02 -101.17
C GLU G 291 98.44 -68.06 -100.82
N LEU G 292 97.34 -67.65 -100.23
CA LEU G 292 96.28 -68.58 -99.84
C LEU G 292 95.36 -68.97 -100.98
N GLY G 293 95.28 -68.11 -101.98
CA GLY G 293 94.39 -68.39 -103.09
C GLY G 293 92.99 -67.86 -102.81
N ILE G 294 92.90 -66.76 -102.09
CA ILE G 294 91.62 -66.13 -101.79
C ILE G 294 91.68 -64.91 -102.68
N GLU G 295 90.84 -64.86 -103.71
CA GLU G 295 90.82 -63.73 -104.63
C GLU G 295 89.81 -62.65 -104.26
N LEU G 296 90.21 -61.39 -104.42
CA LEU G 296 89.34 -60.26 -104.14
C LEU G 296 88.39 -60.04 -105.31
N ASP G 297 87.21 -59.49 -105.04
CA ASP G 297 86.29 -59.20 -106.13
C ASP G 297 86.77 -57.91 -106.81
N PRO G 298 86.15 -57.52 -107.93
CA PRO G 298 86.56 -56.30 -108.65
C PRO G 298 86.64 -55.01 -107.80
N ARG G 299 85.89 -54.98 -106.70
CA ARG G 299 85.85 -53.82 -105.81
C ARG G 299 86.88 -53.91 -104.68
N GLY G 300 87.62 -55.02 -104.61
CA GLY G 300 88.60 -55.16 -103.55
C GLY G 300 88.07 -55.85 -102.30
N ARG G 301 86.81 -56.25 -102.33
CA ARG G 301 86.24 -56.94 -101.18
C ARG G 301 86.56 -58.43 -101.23
N ILE G 302 86.50 -59.08 -100.07
CA ILE G 302 86.73 -60.50 -99.97
C ILE G 302 85.38 -61.19 -100.09
N PRO G 303 85.20 -62.06 -101.09
CA PRO G 303 83.90 -62.70 -101.19
C PRO G 303 83.71 -63.79 -100.14
N VAL G 304 82.50 -63.88 -99.59
CA VAL G 304 82.20 -64.87 -98.57
C VAL G 304 80.79 -65.34 -98.81
N ASN G 305 80.45 -66.51 -98.26
CA ASN G 305 79.10 -67.04 -98.38
C ASN G 305 78.26 -66.48 -97.22
N THR G 306 77.05 -67.02 -97.00
CA THR G 306 76.17 -66.50 -95.93
C THR G 306 76.63 -66.76 -94.51
N ARG G 307 77.58 -67.66 -94.34
CA ARG G 307 78.09 -67.93 -93.00
C ARG G 307 79.39 -67.13 -92.84
N PHE G 308 79.64 -66.25 -93.80
CA PHE G 308 80.84 -65.41 -93.84
C PHE G 308 82.19 -66.14 -94.04
N GLN G 309 82.14 -67.36 -94.59
CA GLN G 309 83.36 -68.12 -94.87
C GLN G 309 83.94 -67.70 -96.21
N THR G 310 85.25 -67.61 -96.29
CA THR G 310 85.91 -67.29 -97.56
C THR G 310 85.95 -68.61 -98.31
N LYS G 311 86.68 -68.62 -99.43
CA LYS G 311 86.85 -69.83 -100.25
C LYS G 311 87.38 -70.98 -99.36
N ILE G 312 88.26 -70.63 -98.42
CA ILE G 312 88.85 -71.55 -97.45
C ILE G 312 87.92 -71.57 -96.24
N PRO G 313 87.13 -72.64 -96.08
CA PRO G 313 86.12 -72.91 -95.04
C PRO G 313 86.36 -72.54 -93.58
N ASN G 314 87.61 -72.33 -93.17
CA ASN G 314 87.90 -71.99 -91.78
C ASN G 314 88.40 -70.55 -91.65
N ILE G 315 88.41 -69.83 -92.76
CA ILE G 315 88.85 -68.43 -92.76
C ILE G 315 87.63 -67.59 -93.14
N TYR G 316 87.22 -66.72 -92.23
CA TYR G 316 86.05 -65.88 -92.43
C TYR G 316 86.43 -64.42 -92.55
N ALA G 317 85.49 -63.62 -93.06
CA ALA G 317 85.69 -62.17 -93.22
C ALA G 317 84.38 -61.43 -92.99
N ILE G 318 84.46 -60.25 -92.38
CA ILE G 318 83.29 -59.43 -92.06
C ILE G 318 83.61 -57.96 -92.06
N GLY G 319 82.57 -57.14 -91.94
CA GLY G 319 82.75 -55.69 -91.88
C GLY G 319 83.05 -55.01 -93.20
N ASP G 320 83.76 -53.89 -93.11
CA ASP G 320 84.09 -53.11 -94.29
C ASP G 320 84.87 -53.87 -95.37
N VAL G 321 85.45 -55.02 -95.03
CA VAL G 321 86.18 -55.77 -96.07
C VAL G 321 85.30 -56.66 -96.93
N VAL G 322 84.04 -56.84 -96.55
CA VAL G 322 83.16 -57.64 -97.40
C VAL G 322 82.10 -56.71 -97.94
N ALA G 323 81.26 -57.23 -98.84
CA ALA G 323 80.19 -56.45 -99.47
C ALA G 323 79.16 -55.94 -98.45
N GLY G 324 78.28 -55.05 -98.90
CA GLY G 324 77.25 -54.51 -98.03
C GLY G 324 77.53 -53.11 -97.53
N PRO G 325 76.59 -52.53 -96.78
CA PRO G 325 76.80 -51.17 -96.27
C PRO G 325 78.06 -51.10 -95.42
N MET G 326 78.92 -50.14 -95.71
CA MET G 326 80.13 -49.99 -94.91
C MET G 326 79.75 -49.14 -93.68
N LEU G 327 79.09 -49.79 -92.74
CA LEU G 327 78.63 -49.11 -91.52
C LEU G 327 79.08 -49.91 -90.30
N ALA G 328 79.33 -49.20 -89.21
CA ALA G 328 79.79 -49.84 -87.97
C ALA G 328 78.81 -50.89 -87.47
N HIS G 329 77.53 -50.54 -87.37
CA HIS G 329 76.57 -51.54 -86.88
C HIS G 329 76.43 -52.73 -87.83
N LYS G 330 76.71 -52.52 -89.09
CA LYS G 330 76.63 -53.62 -90.05
C LYS G 330 77.81 -54.56 -89.72
N ALA G 331 79.00 -53.97 -89.54
CA ALA G 331 80.17 -54.78 -89.21
C ALA G 331 79.98 -55.57 -87.88
N GLU G 332 79.46 -54.90 -86.85
CA GLU G 332 79.24 -55.55 -85.56
C GLU G 332 78.26 -56.70 -85.64
N ASP G 333 77.19 -56.51 -86.40
CA ASP G 333 76.20 -57.58 -86.52
C ASP G 333 76.75 -58.79 -87.28
N GLU G 334 77.61 -58.54 -88.28
CA GLU G 334 78.21 -59.62 -89.06
C GLU G 334 79.21 -60.35 -88.18
N GLY G 335 79.97 -59.58 -87.40
CA GLY G 335 80.94 -60.21 -86.52
C GLY G 335 80.24 -61.13 -85.53
N ILE G 336 79.16 -60.62 -84.94
CA ILE G 336 78.39 -61.39 -83.98
C ILE G 336 77.83 -62.69 -84.58
N ILE G 337 77.11 -62.60 -85.69
CA ILE G 337 76.51 -63.81 -86.24
C ILE G 337 77.52 -64.74 -86.91
N CYS G 338 78.64 -64.19 -87.36
CA CYS G 338 79.68 -65.02 -87.97
C CYS G 338 80.13 -65.98 -86.86
N VAL G 339 80.56 -65.40 -85.76
CA VAL G 339 81.03 -66.15 -84.62
C VAL G 339 79.97 -67.12 -84.08
N GLU G 340 78.71 -66.68 -83.99
CA GLU G 340 77.66 -67.58 -83.52
C GLU G 340 77.52 -68.71 -84.53
N GLY G 341 77.77 -68.41 -85.80
CA GLY G 341 77.69 -69.46 -86.82
C GLY G 341 78.80 -70.47 -86.54
N MET G 342 79.99 -69.97 -86.18
CA MET G 342 81.11 -70.84 -85.88
C MET G 342 80.70 -71.84 -84.79
N ALA G 343 79.87 -71.39 -83.87
CA ALA G 343 79.39 -72.23 -82.78
C ALA G 343 78.13 -72.99 -83.16
N GLY G 344 77.88 -73.09 -84.46
CA GLY G 344 76.70 -73.84 -84.91
C GLY G 344 75.38 -73.08 -84.93
N GLY G 345 75.42 -71.76 -84.83
CA GLY G 345 74.18 -71.00 -84.84
C GLY G 345 73.69 -70.61 -86.22
N ALA G 346 72.46 -70.12 -86.29
CA ALA G 346 71.86 -69.68 -87.54
C ALA G 346 72.65 -68.44 -87.98
N VAL G 347 72.71 -68.17 -89.28
CA VAL G 347 73.49 -67.04 -89.75
C VAL G 347 72.78 -66.02 -90.64
N HIS G 348 71.45 -65.97 -90.58
CA HIS G 348 70.73 -65.03 -91.43
C HIS G 348 70.85 -63.54 -91.07
N ILE G 349 70.96 -62.71 -92.10
CA ILE G 349 71.03 -61.26 -91.93
C ILE G 349 70.34 -60.56 -93.09
N ASP G 350 69.34 -59.77 -92.76
CA ASP G 350 68.57 -59.03 -93.77
C ASP G 350 69.09 -57.59 -93.88
N TYR G 351 69.91 -57.31 -94.89
CA TYR G 351 70.47 -55.97 -95.05
C TYR G 351 69.46 -54.87 -95.34
N ASN G 352 68.24 -55.27 -95.67
CA ASN G 352 67.17 -54.32 -95.92
C ASN G 352 66.75 -53.70 -94.57
N CYS G 353 67.09 -54.38 -93.47
CA CYS G 353 66.76 -53.88 -92.13
C CYS G 353 67.92 -53.12 -91.43
N VAL G 354 69.02 -52.89 -92.15
CA VAL G 354 70.16 -52.17 -91.60
C VAL G 354 69.91 -50.69 -91.83
N PRO G 355 69.85 -49.90 -90.76
CA PRO G 355 69.59 -48.47 -90.90
C PRO G 355 70.82 -47.62 -91.25
N SER G 356 70.58 -46.41 -91.75
CA SER G 356 71.67 -45.48 -92.10
C SER G 356 71.30 -44.17 -91.42
N VAL G 357 72.31 -43.43 -90.96
CA VAL G 357 72.09 -42.17 -90.25
C VAL G 357 73.12 -41.13 -90.60
N ILE G 358 72.69 -39.88 -90.66
CA ILE G 358 73.59 -38.78 -90.94
C ILE G 358 73.39 -37.88 -89.72
N TYR G 359 74.45 -37.65 -88.96
CA TYR G 359 74.37 -36.87 -87.71
C TYR G 359 74.47 -35.35 -87.74
N THR G 360 74.02 -34.77 -88.84
CA THR G 360 73.99 -33.32 -89.01
C THR G 360 72.76 -32.85 -88.21
N HIS G 361 72.47 -31.56 -88.27
CA HIS G 361 71.28 -31.04 -87.64
C HIS G 361 70.64 -30.13 -88.69
N PRO G 362 69.49 -30.55 -89.26
CA PRO G 362 68.72 -31.76 -89.00
C PRO G 362 69.42 -33.06 -89.30
N GLU G 363 69.04 -34.09 -88.58
CA GLU G 363 69.59 -35.43 -88.79
C GLU G 363 68.80 -36.06 -89.90
N VAL G 364 69.35 -37.13 -90.46
CA VAL G 364 68.69 -37.86 -91.51
C VAL G 364 68.88 -39.32 -91.19
N ALA G 365 67.82 -40.12 -91.30
CA ALA G 365 67.95 -41.53 -91.02
C ALA G 365 66.90 -42.29 -91.81
N TRP G 366 67.23 -43.52 -92.19
CA TRP G 366 66.27 -44.31 -92.95
C TRP G 366 66.62 -45.77 -92.87
N VAL G 367 65.65 -46.61 -93.19
CA VAL G 367 65.90 -48.02 -93.19
C VAL G 367 64.85 -48.57 -94.16
N GLY G 368 65.16 -49.66 -94.83
CA GLY G 368 64.20 -50.22 -95.76
C GLY G 368 64.42 -49.63 -97.14
N LYS G 369 63.37 -49.52 -97.94
CA LYS G 369 63.56 -49.02 -99.29
C LYS G 369 63.16 -47.58 -99.56
N SER G 370 63.85 -46.94 -100.50
CA SER G 370 63.54 -45.57 -100.91
C SER G 370 62.47 -45.64 -102.02
N GLU G 371 61.92 -44.50 -102.40
CA GLU G 371 60.92 -44.51 -103.45
C GLU G 371 61.55 -44.96 -104.77
N GLU G 372 62.78 -44.57 -105.02
CA GLU G 372 63.42 -44.97 -106.26
C GLU G 372 63.64 -46.47 -106.32
N GLN G 373 63.93 -47.09 -105.18
CA GLN G 373 64.14 -48.53 -105.18
C GLN G 373 62.85 -49.27 -105.50
N LEU G 374 61.77 -48.84 -104.87
CA LEU G 374 60.48 -49.48 -105.09
C LEU G 374 60.03 -49.29 -106.54
N LYS G 375 60.18 -48.07 -107.05
CA LYS G 375 59.78 -47.78 -108.42
C LYS G 375 60.54 -48.70 -109.35
N GLU G 376 61.86 -48.77 -109.18
CA GLU G 376 62.66 -49.63 -110.03
C GLU G 376 62.29 -51.10 -109.91
N GLU G 377 61.97 -51.54 -108.70
CA GLU G 377 61.60 -52.93 -108.49
C GLU G 377 60.16 -53.16 -108.91
N GLY G 378 59.52 -52.10 -109.38
CA GLY G 378 58.14 -52.21 -109.80
C GLY G 378 57.19 -52.62 -108.68
N ILE G 379 57.39 -52.08 -107.49
CA ILE G 379 56.51 -52.41 -106.36
C ILE G 379 55.46 -51.34 -106.20
N GLU G 380 54.19 -51.73 -106.10
CA GLU G 380 53.16 -50.72 -105.93
C GLU G 380 53.11 -50.30 -104.46
N TYR G 381 53.20 -48.99 -104.21
CA TYR G 381 53.22 -48.52 -102.84
C TYR G 381 52.48 -47.19 -102.63
N LYS G 382 52.22 -46.87 -101.36
CA LYS G 382 51.57 -45.62 -101.00
C LYS G 382 52.52 -44.83 -100.08
N VAL G 383 52.26 -43.54 -99.93
CA VAL G 383 53.10 -42.67 -99.12
C VAL G 383 52.35 -41.97 -98.00
N GLY G 384 52.96 -41.90 -96.82
CA GLY G 384 52.34 -41.20 -95.70
C GLY G 384 53.44 -40.27 -95.19
N LYS G 385 53.13 -38.98 -95.08
CA LYS G 385 54.13 -38.02 -94.61
C LYS G 385 53.63 -37.20 -93.45
N PHE G 386 54.52 -36.90 -92.51
CA PHE G 386 54.13 -36.05 -91.39
C PHE G 386 55.29 -35.11 -91.13
N PRO G 387 55.04 -33.81 -91.21
CA PRO G 387 56.09 -32.80 -90.98
C PRO G 387 56.32 -32.47 -89.48
N PHE G 388 57.60 -32.35 -89.09
CA PHE G 388 57.91 -32.05 -87.71
C PHE G 388 57.36 -30.71 -87.28
N ALA G 389 57.13 -29.82 -88.24
CA ALA G 389 56.53 -28.53 -87.94
C ALA G 389 55.17 -28.76 -87.26
N ALA G 390 54.59 -29.96 -87.45
CA ALA G 390 53.30 -30.26 -86.85
C ALA G 390 53.43 -31.14 -85.60
N ASN G 391 54.64 -31.54 -85.26
CA ASN G 391 54.87 -32.39 -84.08
C ASN G 391 54.98 -31.49 -82.84
N SER G 392 54.23 -31.82 -81.78
CA SER G 392 54.26 -30.99 -80.58
C SER G 392 55.63 -30.86 -79.89
N ARG G 393 56.39 -31.95 -79.81
CA ARG G 393 57.67 -31.82 -79.14
C ARG G 393 58.62 -30.93 -79.92
N ALA G 394 58.71 -31.19 -81.21
CA ALA G 394 59.57 -30.42 -82.12
C ALA G 394 59.22 -28.94 -82.04
N LYS G 395 57.91 -28.63 -82.03
CA LYS G 395 57.48 -27.24 -82.01
C LYS G 395 57.73 -26.58 -80.64
N THR G 396 57.54 -27.34 -79.57
CA THR G 396 57.76 -26.80 -78.25
C THR G 396 59.26 -26.47 -78.09
N ASN G 397 60.11 -27.23 -78.79
CA ASN G 397 61.56 -27.04 -78.74
C ASN G 397 62.01 -26.05 -79.81
N ALA G 398 61.08 -25.65 -80.68
CA ALA G 398 61.39 -24.73 -81.78
C ALA G 398 62.50 -25.33 -82.63
N ASP G 399 62.33 -26.60 -83.00
CA ASP G 399 63.30 -27.35 -83.79
C ASP G 399 62.39 -28.13 -84.74
N THR G 400 61.94 -27.45 -85.80
CA THR G 400 60.93 -28.03 -86.70
C THR G 400 61.15 -28.43 -88.16
N ASP G 401 62.39 -28.49 -88.62
CA ASP G 401 62.65 -28.89 -90.01
C ASP G 401 62.34 -30.35 -90.27
N GLY G 402 62.08 -30.65 -91.53
CA GLY G 402 61.87 -32.02 -91.94
C GLY G 402 60.54 -32.70 -91.79
N MET G 403 60.59 -34.01 -91.94
CA MET G 403 59.40 -34.81 -91.87
C MET G 403 59.77 -36.27 -91.72
N VAL G 404 58.74 -37.07 -91.55
CA VAL G 404 58.89 -38.51 -91.50
C VAL G 404 58.12 -38.94 -92.77
N LYS G 405 58.71 -39.82 -93.57
CA LYS G 405 58.05 -40.31 -94.76
C LYS G 405 58.01 -41.83 -94.69
N ILE G 406 56.82 -42.40 -94.74
CA ILE G 406 56.67 -43.84 -94.66
C ILE G 406 56.23 -44.38 -96.04
N LEU G 407 56.81 -45.50 -96.44
CA LEU G 407 56.41 -46.08 -97.72
C LEU G 407 55.77 -47.41 -97.40
N GLY G 408 54.49 -47.54 -97.73
CA GLY G 408 53.80 -48.80 -97.45
C GLY G 408 53.37 -49.53 -98.72
N GLN G 409 53.31 -50.85 -98.63
CA GLN G 409 52.88 -51.71 -99.74
C GLN G 409 51.42 -51.37 -100.04
N LYS G 410 51.16 -51.03 -101.30
CA LYS G 410 49.83 -50.64 -101.74
C LYS G 410 48.67 -51.52 -101.24
N SER G 411 48.84 -52.84 -101.22
CA SER G 411 47.75 -53.71 -100.81
C SER G 411 47.82 -54.36 -99.44
N THR G 412 49.00 -54.73 -98.99
CA THR G 412 49.13 -55.37 -97.68
C THR G 412 49.33 -54.38 -96.51
N ASP G 413 49.59 -53.12 -96.84
CA ASP G 413 49.84 -52.06 -95.87
C ASP G 413 51.18 -52.31 -95.14
N ARG G 414 52.00 -53.19 -95.71
CA ARG G 414 53.29 -53.49 -95.09
C ARG G 414 54.27 -52.32 -95.23
N VAL G 415 54.97 -52.00 -94.14
CA VAL G 415 55.95 -50.90 -94.19
C VAL G 415 57.15 -51.40 -95.01
N LEU G 416 57.49 -50.64 -96.06
CA LEU G 416 58.58 -51.01 -96.94
C LEU G 416 59.82 -50.14 -96.71
N GLY G 417 59.58 -48.92 -96.26
CA GLY G 417 60.68 -48.01 -95.99
C GLY G 417 60.26 -46.88 -95.06
N ALA G 418 61.19 -46.46 -94.20
CA ALA G 418 60.95 -45.35 -93.28
C ALA G 418 62.11 -44.38 -93.47
N HIS G 419 61.77 -43.13 -93.73
CA HIS G 419 62.77 -42.09 -93.99
C HIS G 419 62.45 -40.92 -93.08
N ILE G 420 63.46 -40.47 -92.35
CA ILE G 420 63.27 -39.40 -91.40
C ILE G 420 64.29 -38.29 -91.60
N LEU G 421 63.78 -37.07 -91.74
CA LEU G 421 64.65 -35.93 -91.91
C LEU G 421 64.20 -34.98 -90.80
N GLY G 422 65.09 -34.72 -89.84
CA GLY G 422 64.75 -33.83 -88.74
C GLY G 422 65.29 -34.20 -87.35
N PRO G 423 64.79 -33.53 -86.31
CA PRO G 423 65.26 -33.83 -84.95
C PRO G 423 65.04 -35.29 -84.53
N GLY G 424 66.06 -35.87 -83.89
CA GLY G 424 65.97 -37.23 -83.38
C GLY G 424 65.89 -38.36 -84.38
N ALA G 425 66.16 -38.07 -85.64
CA ALA G 425 66.09 -39.09 -86.69
C ALA G 425 66.94 -40.31 -86.37
N GLY G 426 68.17 -40.07 -85.90
CA GLY G 426 69.05 -41.18 -85.59
C GLY G 426 68.51 -42.17 -84.56
N GLU G 427 67.90 -41.68 -83.48
CA GLU G 427 67.37 -42.64 -82.51
C GLU G 427 66.06 -43.21 -83.02
N MET G 428 65.26 -42.38 -83.68
CA MET G 428 63.96 -42.78 -84.18
C MET G 428 64.02 -43.93 -85.18
N VAL G 429 65.05 -43.95 -86.02
CA VAL G 429 65.16 -45.00 -87.02
C VAL G 429 65.24 -46.39 -86.37
N ASN G 430 65.63 -46.45 -85.11
CA ASN G 430 65.72 -47.76 -84.49
C ASN G 430 64.34 -48.34 -84.20
N GLU G 431 63.37 -47.47 -83.96
CA GLU G 431 62.01 -47.95 -83.75
C GLU G 431 61.56 -48.52 -85.11
N ALA G 432 61.89 -47.81 -86.18
CA ALA G 432 61.54 -48.23 -87.53
C ALA G 432 62.19 -49.60 -87.80
N ALA G 433 63.48 -49.72 -87.50
CA ALA G 433 64.17 -50.98 -87.71
C ALA G 433 63.46 -52.12 -86.98
N LEU G 434 63.05 -51.90 -85.74
CA LEU G 434 62.37 -52.97 -85.01
C LEU G 434 61.08 -53.36 -85.71
N ALA G 435 60.33 -52.36 -86.16
CA ALA G 435 59.08 -52.61 -86.85
C ALA G 435 59.31 -53.43 -88.13
N LEU G 436 60.32 -53.06 -88.93
CA LEU G 436 60.60 -53.79 -90.17
C LEU G 436 61.04 -55.21 -89.90
N GLU G 437 61.74 -55.42 -88.80
CA GLU G 437 62.21 -56.75 -88.45
C GLU G 437 61.02 -57.66 -88.13
N TYR G 438 59.91 -57.06 -87.73
CA TYR G 438 58.69 -57.79 -87.40
C TYR G 438 57.70 -57.83 -88.57
N GLY G 439 58.11 -57.34 -89.72
CA GLY G 439 57.22 -57.32 -90.88
C GLY G 439 55.98 -56.47 -90.60
N ALA G 440 56.19 -55.42 -89.80
CA ALA G 440 55.08 -54.57 -89.41
C ALA G 440 54.33 -53.90 -90.55
N SER G 441 53.05 -53.65 -90.32
CA SER G 441 52.22 -52.93 -91.27
C SER G 441 52.18 -51.50 -90.72
N CYS G 442 51.80 -50.54 -91.56
CA CYS G 442 51.68 -49.15 -91.15
C CYS G 442 50.69 -49.02 -90.01
N GLU G 443 49.60 -49.78 -90.10
CA GLU G 443 48.55 -49.80 -89.08
C GLU G 443 49.07 -50.30 -87.73
N ASP G 444 49.91 -51.34 -87.74
CA ASP G 444 50.49 -51.85 -86.50
C ASP G 444 51.15 -50.71 -85.73
N ILE G 445 51.94 -49.92 -86.44
CA ILE G 445 52.65 -48.84 -85.77
C ILE G 445 51.67 -47.79 -85.32
N ALA G 446 50.68 -47.47 -86.16
CA ALA G 446 49.70 -46.46 -85.82
C ALA G 446 48.93 -46.78 -84.53
N ARG G 447 48.72 -48.06 -84.23
CA ARG G 447 47.99 -48.43 -83.04
C ARG G 447 48.78 -48.45 -81.74
N VAL G 448 50.09 -48.46 -81.85
CA VAL G 448 50.95 -48.47 -80.66
C VAL G 448 50.86 -47.10 -80.00
N CYS G 449 50.64 -47.07 -78.71
CA CYS G 449 50.54 -45.81 -77.93
C CYS G 449 51.93 -45.18 -77.79
N HIS G 450 52.19 -44.07 -78.47
CA HIS G 450 53.49 -43.39 -78.34
C HIS G 450 53.30 -42.26 -77.32
N ALA G 451 54.31 -42.03 -76.49
CA ALA G 451 54.21 -41.01 -75.45
C ALA G 451 54.01 -39.64 -76.06
N HIS G 452 53.28 -38.78 -75.35
CA HIS G 452 53.06 -37.44 -75.84
C HIS G 452 53.57 -36.50 -74.77
N PRO G 453 54.38 -35.49 -75.14
CA PRO G 453 54.80 -35.19 -76.50
C PRO G 453 56.19 -35.76 -76.79
N THR G 454 56.32 -36.47 -77.91
CA THR G 454 57.60 -37.00 -78.35
C THR G 454 57.72 -36.84 -79.86
N LEU G 455 58.96 -36.76 -80.31
CA LEU G 455 59.25 -36.66 -81.72
C LEU G 455 58.69 -37.90 -82.39
N SER G 456 58.72 -39.02 -81.67
CA SER G 456 58.26 -40.32 -82.20
C SER G 456 56.80 -40.29 -82.69
N GLU G 457 56.03 -39.33 -82.19
CA GLU G 457 54.64 -39.24 -82.62
C GLU G 457 54.62 -38.94 -84.12
N ALA G 458 55.63 -38.25 -84.64
CA ALA G 458 55.67 -37.95 -86.08
C ALA G 458 55.76 -39.29 -86.84
N PHE G 459 56.51 -40.23 -86.31
CA PHE G 459 56.67 -41.54 -86.92
C PHE G 459 55.33 -42.28 -86.89
N ARG G 460 54.66 -42.19 -85.76
CA ARG G 460 53.38 -42.85 -85.57
C ARG G 460 52.36 -42.23 -86.55
N GLU G 461 52.31 -40.90 -86.61
CA GLU G 461 51.37 -40.23 -87.49
C GLU G 461 51.64 -40.44 -88.99
N ALA G 462 52.91 -40.60 -89.36
CA ALA G 462 53.22 -40.82 -90.76
C ALA G 462 52.70 -42.21 -91.13
N ASN G 463 52.75 -43.12 -90.17
CA ASN G 463 52.28 -44.47 -90.43
C ASN G 463 50.76 -44.44 -90.51
N LEU G 464 50.12 -43.60 -89.70
CA LEU G 464 48.66 -43.49 -89.68
C LEU G 464 48.21 -42.96 -91.05
N ALA G 465 48.84 -41.88 -91.51
CA ALA G 465 48.51 -41.30 -92.82
C ALA G 465 48.63 -42.32 -93.96
N ALA G 466 49.69 -43.13 -93.94
CA ALA G 466 49.88 -44.12 -94.99
C ALA G 466 48.87 -45.28 -94.87
N SER G 467 48.43 -45.58 -93.68
CA SER G 467 47.48 -46.67 -93.46
C SER G 467 46.02 -46.27 -93.68
N PHE G 468 45.61 -45.19 -93.03
CA PHE G 468 44.24 -44.70 -93.07
C PHE G 468 44.01 -43.59 -94.11
N GLY G 469 45.10 -42.99 -94.60
CA GLY G 469 44.97 -41.92 -95.58
C GLY G 469 45.11 -40.53 -94.96
N LYS G 470 44.85 -40.41 -93.67
CA LYS G 470 44.99 -39.12 -93.00
C LYS G 470 45.56 -39.31 -91.60
N SER G 471 46.35 -38.36 -91.14
CA SER G 471 46.86 -38.43 -89.79
C SER G 471 45.91 -37.55 -88.99
N ILE G 472 46.14 -37.43 -87.70
CA ILE G 472 45.31 -36.61 -86.85
C ILE G 472 45.75 -35.16 -86.85
N ASN G 473 47.04 -34.95 -86.67
CA ASN G 473 47.57 -33.62 -86.54
C ASN G 473 48.12 -32.86 -87.75
N PHE G 474 47.83 -33.32 -88.95
CA PHE G 474 48.25 -32.61 -90.15
C PHE G 474 47.28 -33.00 -91.30
N GLN H 3 18.30 -22.32 -84.94
CA GLN H 3 19.16 -22.06 -83.75
C GLN H 3 19.94 -23.32 -83.31
N PRO H 4 19.23 -24.42 -83.02
CA PRO H 4 19.91 -25.66 -82.61
C PRO H 4 20.75 -26.27 -83.71
N ILE H 5 21.93 -26.75 -83.33
CA ILE H 5 22.83 -27.41 -84.26
C ILE H 5 22.55 -28.90 -84.14
N ASP H 6 22.69 -29.63 -85.24
CA ASP H 6 22.49 -31.08 -85.22
C ASP H 6 23.83 -31.75 -85.36
N ALA H 7 24.05 -32.80 -84.60
CA ALA H 7 25.33 -33.49 -84.69
C ALA H 7 25.22 -34.99 -84.46
N ASP H 8 26.19 -35.73 -84.99
CA ASP H 8 26.24 -37.17 -84.78
C ASP H 8 26.99 -37.38 -83.48
N VAL H 9 28.09 -36.64 -83.30
CA VAL H 9 28.94 -36.74 -82.11
C VAL H 9 29.26 -35.36 -81.56
N THR H 10 28.96 -35.14 -80.29
CA THR H 10 29.27 -33.88 -79.65
C THR H 10 30.30 -34.14 -78.55
N VAL H 11 31.53 -33.67 -78.72
CA VAL H 11 32.51 -33.88 -77.67
C VAL H 11 32.64 -32.64 -76.77
N ILE H 12 32.57 -32.85 -75.45
CA ILE H 12 32.67 -31.75 -74.50
C ILE H 12 34.11 -31.77 -73.96
N GLY H 13 34.86 -30.74 -74.32
CA GLY H 13 36.25 -30.64 -73.90
C GLY H 13 37.17 -30.73 -75.11
N SER H 14 38.14 -29.82 -75.24
CA SER H 14 39.07 -29.85 -76.37
C SER H 14 40.55 -30.18 -76.00
N GLY H 15 40.78 -30.94 -74.94
CA GLY H 15 42.15 -31.31 -74.59
C GLY H 15 42.62 -32.49 -75.46
N PRO H 16 43.77 -33.11 -75.15
CA PRO H 16 44.32 -34.25 -75.90
C PRO H 16 43.24 -35.31 -76.27
N GLY H 17 42.43 -35.72 -75.31
CA GLY H 17 41.42 -36.71 -75.65
C GLY H 17 40.28 -36.14 -76.52
N GLY H 18 39.68 -35.04 -76.09
CA GLY H 18 38.59 -34.46 -76.87
C GLY H 18 38.87 -33.99 -78.30
N TYR H 19 39.86 -33.12 -78.48
CA TYR H 19 40.17 -32.61 -79.80
C TYR H 19 40.61 -33.70 -80.77
N VAL H 20 41.33 -34.69 -80.26
CA VAL H 20 41.75 -35.78 -81.10
C VAL H 20 40.53 -36.62 -81.51
N ALA H 21 39.65 -36.93 -80.56
CA ALA H 21 38.44 -37.73 -80.84
C ALA H 21 37.53 -36.99 -81.83
N ALA H 22 37.44 -35.66 -81.69
CA ALA H 22 36.62 -34.84 -82.57
C ALA H 22 37.12 -34.92 -84.00
N ILE H 23 38.43 -34.81 -84.17
CA ILE H 23 39.02 -34.90 -85.49
C ILE H 23 38.82 -36.29 -86.09
N LYS H 24 39.05 -37.33 -85.31
CA LYS H 24 38.88 -38.68 -85.80
C LYS H 24 37.41 -38.96 -86.12
N ALA H 25 36.50 -38.50 -85.27
CA ALA H 25 35.07 -38.67 -85.50
C ALA H 25 34.73 -38.06 -86.86
N ALA H 26 35.15 -36.82 -87.09
CA ALA H 26 34.89 -36.17 -88.35
C ALA H 26 35.50 -36.96 -89.51
N GLN H 27 36.69 -37.51 -89.32
CA GLN H 27 37.31 -38.27 -90.39
C GLN H 27 36.58 -39.57 -90.65
N LEU H 28 35.85 -40.05 -89.66
CA LEU H 28 35.13 -41.31 -89.81
C LEU H 28 33.78 -41.02 -90.44
N GLY H 29 33.48 -39.75 -90.70
CA GLY H 29 32.22 -39.42 -91.34
C GLY H 29 31.13 -38.87 -90.45
N PHE H 30 31.39 -38.78 -89.16
CA PHE H 30 30.41 -38.23 -88.25
C PHE H 30 30.35 -36.71 -88.32
N LYS H 31 29.16 -36.15 -88.18
CA LYS H 31 28.99 -34.70 -88.14
C LYS H 31 29.41 -34.41 -86.69
N THR H 32 30.50 -33.66 -86.54
CA THR H 32 31.06 -33.45 -85.21
C THR H 32 31.13 -32.03 -84.66
N VAL H 33 30.84 -31.92 -83.38
CA VAL H 33 30.89 -30.65 -82.69
C VAL H 33 31.78 -30.84 -81.47
N CYS H 34 32.65 -29.87 -81.21
CA CYS H 34 33.51 -29.87 -80.04
C CYS H 34 33.20 -28.57 -79.26
N ILE H 35 32.85 -28.71 -77.99
CA ILE H 35 32.52 -27.60 -77.11
C ILE H 35 33.72 -27.41 -76.15
N GLU H 36 34.18 -26.16 -76.00
CA GLU H 36 35.29 -25.86 -75.11
C GLU H 36 34.94 -24.56 -74.42
N LYS H 37 35.08 -24.53 -73.09
CA LYS H 37 34.76 -23.34 -72.31
C LYS H 37 35.89 -22.30 -72.27
N ASN H 38 37.12 -22.74 -72.51
CA ASN H 38 38.26 -21.83 -72.50
C ASN H 38 38.45 -21.11 -73.84
N GLU H 39 39.22 -20.03 -73.81
CA GLU H 39 39.47 -19.23 -75.01
C GLU H 39 40.21 -19.95 -76.12
N THR H 40 41.08 -20.88 -75.75
CA THR H 40 41.82 -21.63 -76.75
C THR H 40 41.51 -23.09 -76.54
N LEU H 41 41.79 -23.86 -77.59
CA LEU H 41 41.63 -25.29 -77.61
C LEU H 41 42.91 -25.93 -77.07
N GLY H 42 42.88 -27.25 -76.90
CA GLY H 42 44.08 -27.95 -76.44
C GLY H 42 44.09 -28.44 -75.01
N GLY H 43 43.15 -27.97 -74.19
CA GLY H 43 43.07 -28.42 -72.82
C GLY H 43 44.24 -28.13 -71.89
N THR H 44 44.35 -28.97 -70.86
CA THR H 44 45.38 -28.82 -69.86
C THR H 44 46.77 -28.99 -70.47
N CYS H 45 46.93 -30.02 -71.30
CA CYS H 45 48.22 -30.31 -71.89
C CYS H 45 48.85 -29.16 -72.63
N LEU H 46 48.10 -28.61 -73.58
CA LEU H 46 48.63 -27.53 -74.37
C LEU H 46 48.78 -26.21 -73.67
N ASN H 47 47.76 -25.83 -72.91
CA ASN H 47 47.75 -24.53 -72.26
C ASN H 47 48.43 -24.34 -70.91
N VAL H 48 48.38 -25.33 -70.03
CA VAL H 48 48.98 -25.16 -68.71
C VAL H 48 49.66 -26.43 -68.24
N GLY H 49 50.03 -27.28 -69.18
CA GLY H 49 50.62 -28.55 -68.78
C GLY H 49 51.83 -29.01 -69.52
N CYS H 50 51.73 -30.16 -70.19
CA CYS H 50 52.84 -30.74 -70.95
C CYS H 50 53.67 -29.75 -71.76
N ILE H 51 52.98 -29.05 -72.66
CA ILE H 51 53.66 -28.14 -73.57
C ILE H 51 54.46 -27.01 -72.89
N PRO H 52 53.80 -26.16 -72.10
CA PRO H 52 54.63 -25.11 -71.49
C PRO H 52 55.71 -25.66 -70.56
N SER H 53 55.41 -26.76 -69.87
CA SER H 53 56.41 -27.34 -68.99
C SER H 53 57.60 -27.90 -69.79
N LYS H 54 57.36 -28.58 -70.92
CA LYS H 54 58.48 -29.11 -71.72
C LYS H 54 59.25 -27.90 -72.31
N ALA H 55 58.55 -26.81 -72.65
CA ALA H 55 59.25 -25.63 -73.17
C ALA H 55 60.23 -25.11 -72.12
N LEU H 56 59.78 -24.94 -70.87
CA LEU H 56 60.66 -24.43 -69.83
C LEU H 56 61.74 -25.45 -69.44
N LEU H 57 61.43 -26.75 -69.49
CA LEU H 57 62.47 -27.72 -69.16
C LEU H 57 63.56 -27.64 -70.24
N ASN H 58 63.15 -27.46 -71.49
CA ASN H 58 64.12 -27.36 -72.60
C ASN H 58 64.99 -26.10 -72.40
N ASN H 59 64.36 -24.96 -72.18
CA ASN H 59 65.12 -23.74 -72.04
C ASN H 59 66.03 -23.66 -70.79
N SER H 60 65.52 -24.11 -69.66
CA SER H 60 66.32 -24.08 -68.45
C SER H 60 67.46 -25.10 -68.58
N HIS H 61 67.26 -26.18 -69.33
CA HIS H 61 68.34 -27.12 -69.49
C HIS H 61 69.49 -26.46 -70.29
N TYR H 62 69.13 -25.76 -71.36
CA TYR H 62 70.13 -25.07 -72.18
C TYR H 62 70.76 -23.96 -71.35
N TYR H 63 69.97 -23.29 -70.52
CA TYR H 63 70.54 -22.25 -69.69
C TYR H 63 71.62 -22.87 -68.79
N HIS H 64 71.29 -23.98 -68.15
CA HIS H 64 72.24 -24.67 -67.28
C HIS H 64 73.53 -25.08 -68.05
N MET H 65 73.37 -25.58 -69.28
CA MET H 65 74.52 -26.00 -70.06
C MET H 65 75.46 -24.83 -70.30
N ALA H 66 74.89 -23.67 -70.63
CA ALA H 66 75.67 -22.49 -70.91
C ALA H 66 76.23 -21.85 -69.65
N HIS H 67 75.38 -21.74 -68.63
CA HIS H 67 75.76 -21.09 -67.37
C HIS H 67 76.73 -21.90 -66.52
N GLY H 68 76.60 -23.21 -66.57
CA GLY H 68 77.45 -24.10 -65.81
C GLY H 68 78.76 -24.45 -66.51
N THR H 69 79.29 -25.63 -66.25
CA THR H 69 80.56 -26.04 -66.86
C THR H 69 80.42 -26.83 -68.17
N ASP H 70 79.21 -27.23 -68.56
CA ASP H 70 79.11 -28.00 -69.77
C ASP H 70 79.66 -27.34 -71.07
N PHE H 71 79.21 -26.13 -71.39
CA PHE H 71 79.68 -25.48 -72.61
C PHE H 71 81.17 -25.14 -72.58
N ALA H 72 81.65 -24.65 -71.43
CA ALA H 72 83.06 -24.32 -71.29
C ALA H 72 83.88 -25.56 -71.62
N SER H 73 83.41 -26.72 -71.20
CA SER H 73 84.15 -27.94 -71.46
C SER H 73 84.14 -28.36 -72.93
N ARG H 74 83.28 -27.75 -73.74
CA ARG H 74 83.20 -28.08 -75.17
C ARG H 74 83.89 -27.01 -76.03
N GLY H 75 84.53 -26.04 -75.37
CA GLY H 75 85.24 -24.99 -76.08
C GLY H 75 84.34 -23.84 -76.49
N ILE H 76 83.15 -23.79 -75.90
CA ILE H 76 82.18 -22.74 -76.19
C ILE H 76 82.28 -21.84 -74.98
N GLU H 77 83.02 -20.75 -75.14
CA GLU H 77 83.32 -19.86 -74.04
C GLU H 77 82.57 -18.56 -74.10
N MET H 78 82.00 -18.19 -72.98
CA MET H 78 81.21 -16.98 -72.98
C MET H 78 81.52 -16.04 -71.86
N SER H 79 81.31 -14.77 -72.16
CA SER H 79 81.54 -13.69 -71.23
C SER H 79 80.74 -13.93 -69.94
N GLU H 80 79.50 -13.48 -69.97
CA GLU H 80 78.58 -13.64 -68.86
C GLU H 80 77.39 -14.31 -69.48
N VAL H 81 76.75 -15.19 -68.72
CA VAL H 81 75.56 -15.85 -69.21
C VAL H 81 74.47 -15.32 -68.29
N ARG H 82 73.57 -14.53 -68.84
CA ARG H 82 72.51 -13.97 -68.02
C ARG H 82 71.14 -14.54 -68.40
N LEU H 83 70.25 -14.59 -67.42
CA LEU H 83 68.90 -15.07 -67.63
C LEU H 83 67.95 -13.91 -67.90
N ASN H 84 67.21 -13.95 -69.02
CA ASN H 84 66.20 -12.91 -69.28
C ASN H 84 64.94 -13.77 -69.15
N LEU H 85 64.40 -13.86 -67.94
CA LEU H 85 63.22 -14.72 -67.69
C LEU H 85 62.05 -14.39 -68.61
N ASP H 86 61.77 -13.11 -68.77
CA ASP H 86 60.69 -12.67 -69.63
C ASP H 86 60.75 -13.28 -71.02
N LYS H 87 61.94 -13.24 -71.62
CA LYS H 87 62.17 -13.79 -72.94
C LYS H 87 62.05 -15.33 -72.92
N MET H 88 62.52 -15.98 -71.86
CA MET H 88 62.40 -17.44 -71.82
C MET H 88 60.89 -17.80 -71.76
N MET H 89 60.11 -16.99 -71.05
CA MET H 89 58.66 -17.20 -70.93
C MET H 89 57.98 -16.97 -72.27
N GLU H 90 58.49 -15.98 -73.01
CA GLU H 90 57.96 -15.64 -74.33
C GLU H 90 58.12 -16.80 -75.34
N GLN H 91 59.27 -17.46 -75.32
CA GLN H 91 59.51 -18.59 -76.23
C GLN H 91 58.47 -19.67 -75.89
N LYS H 92 58.22 -19.85 -74.60
CA LYS H 92 57.22 -20.82 -74.13
C LYS H 92 55.84 -20.44 -74.68
N SER H 93 55.43 -19.21 -74.42
CA SER H 93 54.12 -18.71 -74.87
C SER H 93 53.93 -18.76 -76.38
N THR H 94 55.00 -18.52 -77.11
CA THR H 94 54.98 -18.53 -78.56
C THR H 94 54.66 -19.91 -79.05
N ALA H 95 55.31 -20.90 -78.45
CA ALA H 95 55.06 -22.28 -78.82
C ALA H 95 53.60 -22.67 -78.51
N VAL H 96 53.13 -22.33 -77.34
CA VAL H 96 51.76 -22.64 -76.95
C VAL H 96 50.72 -22.01 -77.89
N LYS H 97 50.92 -20.73 -78.21
CA LYS H 97 50.02 -20.01 -79.12
C LYS H 97 50.00 -20.64 -80.52
N ALA H 98 51.17 -21.00 -81.04
CA ALA H 98 51.19 -21.59 -82.37
C ALA H 98 50.43 -22.93 -82.37
N LEU H 99 50.58 -23.70 -81.30
CA LEU H 99 49.91 -24.99 -81.26
C LEU H 99 48.39 -24.90 -81.02
N THR H 100 47.94 -23.89 -80.27
CA THR H 100 46.52 -23.72 -80.03
C THR H 100 45.93 -23.27 -81.38
N GLY H 101 46.70 -22.47 -82.13
CA GLY H 101 46.24 -22.03 -83.44
C GLY H 101 46.18 -23.23 -84.37
N GLY H 102 47.12 -24.15 -84.21
CA GLY H 102 47.13 -25.30 -85.07
C GLY H 102 45.90 -26.18 -84.85
N ILE H 103 45.45 -26.31 -83.61
CA ILE H 103 44.29 -27.14 -83.40
C ILE H 103 43.05 -26.52 -84.04
N ALA H 104 42.88 -25.21 -83.87
CA ALA H 104 41.72 -24.51 -84.46
C ALA H 104 41.76 -24.75 -85.97
N HIS H 105 42.96 -24.74 -86.54
CA HIS H 105 43.12 -24.96 -87.97
C HIS H 105 42.76 -26.40 -88.36
N LEU H 106 43.08 -27.37 -87.51
CA LEU H 106 42.75 -28.74 -87.85
C LEU H 106 41.25 -28.98 -87.72
N PHE H 107 40.59 -28.26 -86.84
CA PHE H 107 39.15 -28.44 -86.68
C PHE H 107 38.54 -27.95 -87.99
N LYS H 108 38.98 -26.78 -88.43
CA LYS H 108 38.48 -26.19 -89.65
C LYS H 108 38.72 -27.15 -90.82
N GLN H 109 39.94 -27.65 -90.94
CA GLN H 109 40.29 -28.55 -92.03
C GLN H 109 39.44 -29.82 -92.10
N ASN H 110 39.06 -30.35 -90.94
CA ASN H 110 38.28 -31.58 -90.84
C ASN H 110 36.77 -31.34 -90.64
N LYS H 111 36.35 -30.08 -90.63
CA LYS H 111 34.92 -29.77 -90.48
C LYS H 111 34.30 -30.05 -89.13
N VAL H 112 35.12 -29.92 -88.09
CA VAL H 112 34.65 -30.09 -86.74
C VAL H 112 34.13 -28.69 -86.41
N VAL H 113 32.93 -28.61 -85.89
CA VAL H 113 32.31 -27.30 -85.55
C VAL H 113 32.75 -27.00 -84.13
N HIS H 114 33.27 -25.81 -83.93
CA HIS H 114 33.84 -25.42 -82.62
C HIS H 114 32.87 -24.54 -81.92
N VAL H 115 32.38 -24.97 -80.77
CA VAL H 115 31.43 -24.12 -80.05
C VAL H 115 32.12 -23.67 -78.78
N ASN H 116 32.10 -22.38 -78.54
CA ASN H 116 32.73 -21.83 -77.36
C ASN H 116 31.67 -21.66 -76.30
N GLY H 117 31.91 -22.24 -75.13
CA GLY H 117 30.97 -22.11 -74.03
C GLY H 117 31.09 -23.24 -73.03
N TYR H 118 30.41 -23.12 -71.91
CA TYR H 118 30.46 -24.16 -70.89
C TYR H 118 29.38 -25.21 -71.26
N GLY H 119 29.80 -26.45 -71.47
CA GLY H 119 28.89 -27.49 -71.88
C GLY H 119 28.20 -28.21 -70.75
N LYS H 120 26.88 -28.34 -70.86
CA LYS H 120 26.09 -29.06 -69.86
C LYS H 120 25.19 -30.01 -70.66
N ILE H 121 25.12 -31.27 -70.24
CA ILE H 121 24.27 -32.24 -70.92
C ILE H 121 22.86 -31.95 -70.40
N THR H 122 22.01 -31.41 -71.25
CA THR H 122 20.68 -31.05 -70.77
C THR H 122 19.59 -32.05 -71.15
N GLY H 123 19.99 -33.18 -71.69
CA GLY H 123 19.07 -34.24 -72.08
C GLY H 123 19.91 -35.36 -72.70
N LYS H 124 19.38 -36.59 -72.75
CA LYS H 124 20.13 -37.72 -73.32
C LYS H 124 20.70 -37.44 -74.71
N ASN H 125 20.06 -36.56 -75.46
CA ASN H 125 20.57 -36.25 -76.79
C ASN H 125 20.70 -34.75 -76.95
N GLN H 126 20.97 -34.08 -75.86
CA GLN H 126 21.06 -32.65 -75.90
C GLN H 126 22.13 -32.03 -75.03
N VAL H 127 22.92 -31.13 -75.62
CA VAL H 127 23.97 -30.45 -74.87
C VAL H 127 23.77 -28.94 -75.00
N THR H 128 23.79 -28.25 -73.87
CA THR H 128 23.66 -26.81 -73.89
C THR H 128 25.00 -26.13 -73.51
N ALA H 129 25.53 -25.35 -74.44
CA ALA H 129 26.79 -24.62 -74.26
C ALA H 129 26.46 -23.18 -73.91
N THR H 130 26.78 -22.78 -72.68
CA THR H 130 26.51 -21.44 -72.23
C THR H 130 27.75 -20.56 -72.31
N LYS H 131 27.61 -19.46 -73.06
CA LYS H 131 28.70 -18.51 -73.19
C LYS H 131 28.75 -17.63 -71.95
N ALA H 132 29.88 -16.98 -71.72
CA ALA H 132 30.06 -16.13 -70.54
C ALA H 132 29.06 -15.00 -70.46
N ASP H 133 28.70 -14.46 -71.62
CA ASP H 133 27.75 -13.37 -71.67
C ASP H 133 26.33 -13.82 -71.37
N GLY H 134 26.14 -15.11 -71.13
CA GLY H 134 24.81 -15.60 -70.83
C GLY H 134 24.09 -16.24 -72.00
N GLY H 135 24.57 -16.03 -73.22
CA GLY H 135 23.93 -16.65 -74.37
C GLY H 135 24.17 -18.17 -74.39
N THR H 136 23.32 -18.92 -75.08
CA THR H 136 23.48 -20.37 -75.18
C THR H 136 23.35 -20.87 -76.61
N GLN H 137 23.94 -22.05 -76.86
CA GLN H 137 23.90 -22.73 -78.13
C GLN H 137 23.54 -24.15 -77.72
N VAL H 138 22.45 -24.68 -78.29
CA VAL H 138 22.01 -26.03 -77.96
C VAL H 138 22.44 -26.98 -79.08
N ILE H 139 22.86 -28.19 -78.71
CA ILE H 139 23.25 -29.18 -79.71
C ILE H 139 22.39 -30.45 -79.53
N ASP H 140 21.75 -30.88 -80.62
CA ASP H 140 20.91 -32.08 -80.64
C ASP H 140 21.84 -33.11 -81.25
N THR H 141 22.24 -34.06 -80.44
CA THR H 141 23.21 -35.01 -80.94
C THR H 141 22.86 -36.48 -80.64
N LYS H 142 23.23 -37.38 -81.56
CA LYS H 142 23.04 -38.80 -81.30
C LYS H 142 23.93 -39.26 -80.11
N ASN H 143 25.22 -38.92 -80.18
CA ASN H 143 26.19 -39.31 -79.16
C ASN H 143 26.86 -38.14 -78.47
N ILE H 144 27.16 -38.32 -77.19
CA ILE H 144 27.85 -37.31 -76.42
C ILE H 144 29.15 -37.94 -75.92
N LEU H 145 30.27 -37.26 -76.15
CA LEU H 145 31.57 -37.76 -75.66
C LEU H 145 32.11 -36.76 -74.65
N ILE H 146 32.20 -37.20 -73.41
CA ILE H 146 32.69 -36.39 -72.30
C ILE H 146 34.20 -36.53 -72.21
N ALA H 147 34.92 -35.40 -72.31
CA ALA H 147 36.38 -35.40 -72.23
C ALA H 147 36.69 -34.12 -71.47
N THR H 148 36.03 -33.93 -70.32
CA THR H 148 36.19 -32.70 -69.55
C THR H 148 37.45 -32.63 -68.70
N GLY H 149 38.26 -33.68 -68.81
CA GLY H 149 39.55 -33.72 -68.14
C GLY H 149 39.73 -33.60 -66.64
N SER H 150 40.71 -32.80 -66.25
CA SER H 150 41.11 -32.66 -64.85
C SER H 150 41.44 -31.26 -64.39
N GLU H 151 41.68 -31.14 -63.08
CA GLU H 151 42.05 -29.89 -62.46
C GLU H 151 43.03 -30.23 -61.36
N VAL H 152 43.66 -29.20 -60.80
CA VAL H 152 44.61 -29.36 -59.71
C VAL H 152 43.89 -29.84 -58.43
N THR H 153 44.49 -30.81 -57.75
CA THR H 153 43.92 -31.30 -56.50
C THR H 153 44.37 -30.33 -55.40
N PRO H 154 43.42 -29.63 -54.77
CA PRO H 154 43.85 -28.69 -53.73
C PRO H 154 44.41 -29.38 -52.49
N PHE H 155 45.17 -28.63 -51.69
CA PHE H 155 45.75 -29.17 -50.46
C PHE H 155 44.89 -28.56 -49.34
N PRO H 156 44.25 -29.40 -48.54
CA PRO H 156 43.37 -28.95 -47.43
C PRO H 156 44.03 -27.92 -46.52
N GLY H 157 43.42 -26.75 -46.38
CA GLY H 157 43.99 -25.75 -45.49
C GLY H 157 44.99 -24.79 -46.11
N ILE H 158 45.43 -25.07 -47.34
CA ILE H 158 46.37 -24.18 -48.00
C ILE H 158 45.62 -23.70 -49.24
N THR H 159 45.49 -22.39 -49.36
CA THR H 159 44.78 -21.81 -50.48
C THR H 159 45.70 -21.27 -51.60
N ILE H 160 45.64 -21.91 -52.76
CA ILE H 160 46.40 -21.52 -53.93
C ILE H 160 45.89 -20.19 -54.43
N ASP H 161 46.76 -19.21 -54.64
CA ASP H 161 46.28 -17.93 -55.16
C ASP H 161 47.06 -17.56 -56.41
N GLU H 162 47.91 -18.48 -56.87
CA GLU H 162 48.74 -18.26 -58.05
C GLU H 162 49.63 -17.01 -57.98
N ASP H 163 50.00 -16.61 -56.77
CA ASP H 163 50.92 -15.49 -56.57
C ASP H 163 52.11 -16.09 -55.82
N THR H 164 52.03 -16.19 -54.48
CA THR H 164 53.14 -16.84 -53.77
C THR H 164 52.81 -18.31 -53.50
N ILE H 165 51.53 -18.66 -53.52
CA ILE H 165 51.15 -20.07 -53.33
C ILE H 165 50.54 -20.46 -54.66
N VAL H 166 51.33 -21.22 -55.43
CA VAL H 166 50.97 -21.58 -56.80
C VAL H 166 50.67 -23.04 -57.07
N SER H 167 49.92 -23.28 -58.13
CA SER H 167 49.68 -24.64 -58.59
C SER H 167 50.67 -24.71 -59.77
N SER H 168 50.70 -25.83 -60.49
CA SER H 168 51.58 -25.92 -61.64
C SER H 168 51.35 -24.75 -62.61
N THR H 169 50.13 -24.22 -62.68
CA THR H 169 49.85 -23.13 -63.60
C THR H 169 50.61 -21.86 -63.22
N GLY H 170 50.56 -21.49 -61.95
CA GLY H 170 51.31 -20.31 -61.50
C GLY H 170 52.81 -20.53 -61.64
N ALA H 171 53.29 -21.73 -61.32
CA ALA H 171 54.70 -22.06 -61.42
C ALA H 171 55.26 -21.95 -62.84
N LEU H 172 54.43 -22.18 -63.86
CA LEU H 172 54.86 -22.08 -65.25
C LEU H 172 55.01 -20.64 -65.75
N SER H 173 54.53 -19.69 -64.94
CA SER H 173 54.58 -18.28 -65.33
C SER H 173 55.10 -17.33 -64.26
N LEU H 174 55.96 -17.81 -63.35
CA LEU H 174 56.52 -16.91 -62.30
C LEU H 174 57.16 -15.69 -62.97
N LYS H 175 57.13 -14.55 -62.30
CA LYS H 175 57.68 -13.31 -62.89
C LYS H 175 59.16 -13.06 -62.54
N LYS H 176 59.70 -13.90 -61.66
CA LYS H 176 61.11 -13.81 -61.30
C LYS H 176 61.50 -15.12 -60.67
N VAL H 177 62.79 -15.38 -60.66
CA VAL H 177 63.30 -16.59 -60.06
C VAL H 177 63.14 -16.41 -58.55
N PRO H 178 62.39 -17.29 -57.89
CA PRO H 178 62.26 -17.10 -56.45
C PRO H 178 63.57 -17.53 -55.82
N GLU H 179 63.92 -16.92 -54.71
CA GLU H 179 65.15 -17.27 -54.03
C GLU H 179 65.01 -18.69 -53.46
N LYS H 180 63.88 -18.97 -52.79
CA LYS H 180 63.64 -20.29 -52.23
C LYS H 180 62.26 -20.77 -52.63
N MET H 181 62.17 -22.03 -53.00
CA MET H 181 60.88 -22.53 -53.38
C MET H 181 60.67 -23.88 -52.74
N VAL H 182 59.50 -24.10 -52.19
CA VAL H 182 59.21 -25.41 -51.66
C VAL H 182 58.16 -26.04 -52.58
N VAL H 183 58.33 -27.31 -52.89
CA VAL H 183 57.37 -28.02 -53.70
C VAL H 183 56.65 -29.11 -52.86
N ILE H 184 55.33 -29.10 -52.83
CA ILE H 184 54.65 -30.17 -52.10
C ILE H 184 54.28 -31.22 -53.12
N GLY H 185 54.94 -32.36 -53.05
CA GLY H 185 54.67 -33.45 -53.98
C GLY H 185 55.89 -33.65 -54.88
N ALA H 186 56.48 -34.84 -54.81
CA ALA H 186 57.65 -35.14 -55.62
C ALA H 186 57.30 -36.11 -56.73
N GLY H 187 56.08 -35.96 -57.26
CA GLY H 187 55.63 -36.77 -58.37
C GLY H 187 56.23 -36.17 -59.65
N VAL H 188 55.83 -36.69 -60.80
CA VAL H 188 56.36 -36.23 -62.08
C VAL H 188 56.29 -34.71 -62.31
N ILE H 189 55.12 -34.14 -62.09
CA ILE H 189 54.93 -32.71 -62.29
C ILE H 189 55.78 -31.87 -61.34
N GLY H 190 55.76 -32.23 -60.04
CA GLY H 190 56.55 -31.47 -59.09
C GLY H 190 58.05 -31.56 -59.29
N VAL H 191 58.54 -32.72 -59.74
CA VAL H 191 59.97 -32.88 -59.97
C VAL H 191 60.39 -32.07 -61.21
N GLU H 192 59.59 -32.12 -62.26
CA GLU H 192 59.87 -31.36 -63.47
C GLU H 192 59.91 -29.87 -63.21
N LEU H 193 58.87 -29.35 -62.58
CA LEU H 193 58.81 -27.91 -62.29
C LEU H 193 59.90 -27.49 -61.30
N GLY H 194 60.15 -28.33 -60.31
CA GLY H 194 61.18 -28.01 -59.33
C GLY H 194 62.54 -27.91 -60.03
N SER H 195 62.81 -28.86 -60.92
CA SER H 195 64.07 -28.88 -61.64
C SER H 195 64.20 -27.61 -62.48
N VAL H 196 63.12 -27.23 -63.15
CA VAL H 196 63.16 -26.01 -63.94
C VAL H 196 63.66 -24.83 -63.10
N TRP H 197 63.01 -24.60 -61.96
CA TRP H 197 63.40 -23.47 -61.17
C TRP H 197 64.75 -23.60 -60.49
N GLN H 198 65.12 -24.83 -60.12
CA GLN H 198 66.41 -25.06 -59.50
C GLN H 198 67.49 -24.65 -60.51
N ARG H 199 67.33 -25.04 -61.77
CA ARG H 199 68.25 -24.72 -62.85
C ARG H 199 68.39 -23.20 -63.06
N LEU H 200 67.30 -22.46 -62.92
CA LEU H 200 67.35 -21.03 -63.14
C LEU H 200 67.87 -20.27 -61.93
N GLY H 201 68.25 -20.99 -60.87
CA GLY H 201 68.82 -20.31 -59.72
C GLY H 201 68.07 -20.39 -58.40
N ALA H 202 66.90 -21.02 -58.37
CA ALA H 202 66.17 -21.11 -57.11
C ALA H 202 66.74 -22.19 -56.21
N ASP H 203 66.58 -21.98 -54.91
CA ASP H 203 66.97 -22.95 -53.87
C ASP H 203 65.65 -23.74 -53.72
N VAL H 204 65.63 -24.97 -54.21
CA VAL H 204 64.43 -25.78 -54.25
C VAL H 204 64.46 -27.03 -53.42
N THR H 205 63.36 -27.25 -52.71
CA THR H 205 63.16 -28.47 -51.90
C THR H 205 61.75 -29.03 -52.18
N ALA H 206 61.67 -30.32 -52.50
CA ALA H 206 60.36 -30.95 -52.70
C ALA H 206 60.09 -31.82 -51.45
N VAL H 207 58.87 -31.70 -50.92
CA VAL H 207 58.44 -32.46 -49.73
C VAL H 207 57.45 -33.50 -50.23
N GLU H 208 57.71 -34.76 -49.91
CA GLU H 208 56.87 -35.84 -50.38
C GLU H 208 56.52 -36.83 -49.29
N PHE H 209 55.24 -37.19 -49.20
CA PHE H 209 54.78 -38.17 -48.20
C PHE H 209 55.40 -39.55 -48.44
N LEU H 210 55.49 -39.95 -49.69
CA LEU H 210 56.05 -41.26 -50.03
C LEU H 210 57.57 -41.32 -49.90
N GLY H 211 58.10 -42.54 -49.94
CA GLY H 211 59.53 -42.72 -49.82
C GLY H 211 60.35 -42.70 -51.10
N HIS H 212 59.78 -42.23 -52.21
CA HIS H 212 60.54 -42.16 -53.48
C HIS H 212 59.95 -41.04 -54.33
N VAL H 213 60.69 -40.61 -55.35
CA VAL H 213 60.21 -39.54 -56.24
C VAL H 213 59.75 -40.14 -57.58
N GLY H 214 58.93 -39.40 -58.30
CA GLY H 214 58.52 -39.90 -59.60
C GLY H 214 57.11 -40.45 -59.73
N GLY H 215 56.37 -40.48 -58.62
CA GLY H 215 55.01 -40.93 -58.71
C GLY H 215 54.79 -42.44 -58.81
N VAL H 216 53.56 -42.78 -59.13
CA VAL H 216 53.13 -44.17 -59.21
C VAL H 216 53.68 -45.00 -60.35
N GLY H 217 54.05 -46.23 -60.01
CA GLY H 217 54.54 -47.15 -61.01
C GLY H 217 55.98 -47.01 -61.42
N ILE H 218 56.70 -46.00 -60.96
CA ILE H 218 58.09 -45.89 -61.34
C ILE H 218 58.84 -47.04 -60.64
N ASP H 219 59.81 -47.63 -61.33
CA ASP H 219 60.62 -48.72 -60.74
C ASP H 219 61.43 -48.14 -59.57
N MET H 220 61.52 -48.84 -58.44
CA MET H 220 62.24 -48.28 -57.28
C MET H 220 63.72 -47.98 -57.48
N GLU H 221 64.45 -48.89 -58.12
CA GLU H 221 65.88 -48.67 -58.34
C GLU H 221 66.09 -47.42 -59.23
N ILE H 222 65.29 -47.34 -60.29
CA ILE H 222 65.36 -46.21 -61.20
C ILE H 222 65.11 -44.93 -60.40
N SER H 223 64.05 -44.97 -59.61
CA SER H 223 63.66 -43.81 -58.81
C SER H 223 64.76 -43.35 -57.87
N LYS H 224 65.41 -44.30 -57.21
CA LYS H 224 66.47 -43.91 -56.28
C LYS H 224 67.70 -43.39 -57.01
N ASN H 225 68.07 -43.99 -58.14
CA ASN H 225 69.25 -43.46 -58.86
C ASN H 225 68.89 -42.07 -59.41
N PHE H 226 67.65 -41.92 -59.86
CA PHE H 226 67.19 -40.62 -60.41
C PHE H 226 67.29 -39.57 -59.31
N GLN H 227 66.75 -39.88 -58.14
CA GLN H 227 66.80 -38.94 -57.01
C GLN H 227 68.25 -38.57 -56.67
N ARG H 228 69.12 -39.58 -56.63
CA ARG H 228 70.51 -39.29 -56.31
C ARG H 228 71.14 -38.31 -57.32
N ILE H 229 70.80 -38.47 -58.60
CA ILE H 229 71.32 -37.58 -59.62
C ILE H 229 70.79 -36.16 -59.45
N LEU H 230 69.49 -36.03 -59.19
CA LEU H 230 68.89 -34.71 -59.03
C LEU H 230 69.48 -34.02 -57.79
N GLN H 231 69.77 -34.81 -56.75
CA GLN H 231 70.33 -34.25 -55.53
C GLN H 231 71.72 -33.68 -55.82
N LYS H 232 72.50 -34.36 -56.66
CA LYS H 232 73.83 -33.85 -57.00
C LYS H 232 73.70 -32.55 -57.82
N GLN H 233 72.61 -32.41 -58.55
CA GLN H 233 72.39 -31.18 -59.30
C GLN H 233 72.02 -30.05 -58.32
N GLY H 234 71.57 -30.38 -57.10
CA GLY H 234 71.20 -29.33 -56.14
C GLY H 234 69.71 -29.31 -55.74
N PHE H 235 68.93 -30.22 -56.29
CA PHE H 235 67.49 -30.33 -56.00
C PHE H 235 67.36 -31.07 -54.67
N LYS H 236 66.80 -30.45 -53.61
CA LYS H 236 66.66 -31.18 -52.35
C LYS H 236 65.28 -31.83 -52.14
N PHE H 237 65.29 -32.96 -51.44
CA PHE H 237 64.06 -33.68 -51.16
C PHE H 237 63.89 -34.04 -49.69
N LYS H 238 62.64 -34.00 -49.23
CA LYS H 238 62.32 -34.45 -47.87
C LYS H 238 61.23 -35.49 -48.10
N LEU H 239 61.66 -36.75 -48.22
CA LEU H 239 60.74 -37.86 -48.46
C LEU H 239 60.14 -38.35 -47.13
N ASN H 240 59.10 -39.18 -47.19
CA ASN H 240 58.45 -39.69 -45.97
C ASN H 240 58.19 -38.52 -45.05
N THR H 241 57.67 -37.45 -45.62
CA THR H 241 57.40 -36.23 -44.86
C THR H 241 56.04 -35.70 -45.27
N LYS H 242 55.31 -35.13 -44.30
CA LYS H 242 54.00 -34.55 -44.57
C LYS H 242 54.03 -33.07 -44.26
N VAL H 243 53.18 -32.32 -44.94
CA VAL H 243 53.07 -30.88 -44.69
C VAL H 243 51.87 -30.75 -43.76
N THR H 244 52.03 -30.11 -42.61
CA THR H 244 50.88 -29.96 -41.72
C THR H 244 50.21 -28.64 -41.93
N GLY H 245 50.85 -27.74 -42.69
CA GLY H 245 50.24 -26.45 -42.96
C GLY H 245 51.19 -25.42 -43.55
N ALA H 246 50.68 -24.25 -43.92
CA ALA H 246 51.49 -23.19 -44.46
C ALA H 246 50.86 -21.88 -44.08
N THR H 247 51.68 -20.87 -43.83
CA THR H 247 51.14 -19.58 -43.46
C THR H 247 51.91 -18.42 -44.11
N LYS H 248 51.19 -17.43 -44.61
CA LYS H 248 51.81 -16.26 -45.23
C LYS H 248 52.38 -15.34 -44.14
N LYS H 249 53.57 -14.81 -44.38
CA LYS H 249 54.23 -13.99 -43.38
C LYS H 249 54.16 -12.51 -43.62
N SER H 250 54.47 -11.74 -42.57
CA SER H 250 54.47 -10.29 -42.64
C SER H 250 55.27 -9.78 -43.86
N ASP H 251 56.36 -10.46 -44.20
CA ASP H 251 57.14 -10.01 -45.34
C ASP H 251 56.83 -10.74 -46.66
N GLY H 252 55.71 -11.45 -46.73
CA GLY H 252 55.35 -12.10 -47.99
C GLY H 252 55.88 -13.51 -48.21
N LYS H 253 56.76 -13.96 -47.33
CA LYS H 253 57.29 -15.31 -47.44
C LYS H 253 56.26 -16.26 -46.89
N ILE H 254 56.54 -17.55 -46.98
CA ILE H 254 55.62 -18.55 -46.50
C ILE H 254 56.32 -19.52 -45.60
N ASP H 255 55.76 -19.77 -44.42
CA ASP H 255 56.32 -20.76 -43.49
C ASP H 255 55.53 -22.05 -43.73
N VAL H 256 56.22 -23.11 -44.04
CA VAL H 256 55.62 -24.40 -44.29
C VAL H 256 55.96 -25.34 -43.14
N SER H 257 54.95 -25.84 -42.44
CA SER H 257 55.22 -26.77 -41.33
C SER H 257 55.23 -28.19 -41.87
N ILE H 258 56.25 -28.94 -41.48
CA ILE H 258 56.36 -30.32 -41.91
C ILE H 258 56.66 -31.26 -40.74
N GLU H 259 56.40 -32.55 -40.97
CA GLU H 259 56.66 -33.59 -39.97
C GLU H 259 56.99 -34.87 -40.70
N ALA H 260 57.64 -35.81 -40.02
CA ALA H 260 57.88 -37.10 -40.62
C ALA H 260 56.47 -37.63 -40.90
N ALA H 261 56.32 -38.47 -41.93
CA ALA H 261 54.99 -39.00 -42.25
C ALA H 261 54.35 -39.73 -41.06
N SER H 262 55.15 -40.46 -40.29
CA SER H 262 54.61 -41.21 -39.17
C SER H 262 54.57 -40.41 -37.88
N GLY H 263 54.73 -39.09 -37.98
CA GLY H 263 54.67 -38.25 -36.80
C GLY H 263 55.96 -37.78 -36.17
N GLY H 264 55.91 -36.56 -35.64
CA GLY H 264 57.07 -36.01 -34.98
C GLY H 264 58.05 -35.35 -35.92
N LYS H 265 59.23 -35.01 -35.39
CA LYS H 265 60.27 -34.35 -36.16
C LYS H 265 59.72 -33.10 -36.85
N ALA H 266 58.89 -32.37 -36.13
CA ALA H 266 58.28 -31.16 -36.65
C ALA H 266 59.35 -30.12 -36.99
N GLU H 267 59.13 -29.38 -38.06
CA GLU H 267 60.02 -28.30 -38.43
C GLU H 267 59.37 -27.33 -39.38
N VAL H 268 59.90 -26.12 -39.45
CA VAL H 268 59.37 -25.11 -40.33
C VAL H 268 60.42 -24.75 -41.39
N ILE H 269 59.98 -24.72 -42.66
CA ILE H 269 60.82 -24.34 -43.79
C ILE H 269 60.17 -23.09 -44.37
N THR H 270 60.94 -22.04 -44.57
CA THR H 270 60.41 -20.78 -45.10
C THR H 270 60.80 -20.67 -46.56
N CYS H 271 59.91 -20.14 -47.38
CA CYS H 271 60.20 -20.01 -48.80
C CYS H 271 59.50 -18.80 -49.37
N ASP H 272 59.87 -18.44 -50.60
CA ASP H 272 59.26 -17.30 -51.26
C ASP H 272 58.09 -17.76 -52.11
N VAL H 273 58.21 -18.97 -52.64
CA VAL H 273 57.15 -19.53 -53.46
C VAL H 273 56.90 -20.96 -53.02
N LEU H 274 55.64 -21.28 -52.86
CA LEU H 274 55.18 -22.60 -52.46
C LEU H 274 54.37 -23.15 -53.63
N LEU H 275 54.85 -24.26 -54.19
CA LEU H 275 54.17 -24.90 -55.30
C LEU H 275 53.45 -26.13 -54.75
N VAL H 276 52.14 -26.13 -54.88
CA VAL H 276 51.34 -27.25 -54.38
C VAL H 276 51.03 -28.17 -55.55
N CYS H 277 51.64 -29.33 -55.61
CA CYS H 277 51.28 -30.25 -56.66
C CYS H 277 51.22 -31.66 -56.14
N ILE H 278 50.24 -31.91 -55.28
CA ILE H 278 50.03 -33.22 -54.70
C ILE H 278 49.25 -34.16 -55.63
N GLY H 279 48.66 -33.61 -56.68
CA GLY H 279 47.95 -34.47 -57.62
C GLY H 279 46.98 -33.70 -58.47
N ARG H 280 46.25 -34.44 -59.29
CA ARG H 280 45.24 -33.88 -60.18
C ARG H 280 44.02 -34.81 -60.07
N ARG H 281 42.84 -34.27 -60.34
CA ARG H 281 41.63 -35.05 -60.22
C ARG H 281 40.63 -34.76 -61.35
N PRO H 282 39.76 -35.73 -61.65
CA PRO H 282 38.74 -35.62 -62.70
C PRO H 282 37.92 -34.37 -62.53
N PHE H 283 37.65 -33.67 -63.62
CA PHE H 283 36.82 -32.47 -63.55
C PHE H 283 35.46 -32.73 -64.25
N THR H 284 34.36 -32.62 -63.53
CA THR H 284 33.02 -32.83 -64.11
C THR H 284 31.99 -31.82 -63.59
N LYS H 285 32.46 -30.72 -63.01
CA LYS H 285 31.56 -29.74 -62.41
C LYS H 285 30.49 -29.18 -63.36
N ASN H 286 29.24 -29.25 -62.90
CA ASN H 286 28.06 -28.78 -63.62
C ASN H 286 27.93 -29.28 -65.05
N LEU H 287 28.16 -30.56 -65.23
CA LEU H 287 28.06 -31.19 -66.53
C LEU H 287 26.67 -31.79 -66.71
N GLY H 288 25.92 -31.83 -65.61
CA GLY H 288 24.58 -32.38 -65.62
C GLY H 288 24.54 -33.87 -65.31
N LEU H 289 25.66 -34.42 -64.84
CA LEU H 289 25.70 -35.85 -64.56
C LEU H 289 24.70 -36.34 -63.51
N GLU H 290 24.57 -35.59 -62.42
CA GLU H 290 23.66 -36.01 -61.35
C GLU H 290 22.24 -36.17 -61.89
N GLU H 291 21.75 -35.16 -62.61
CA GLU H 291 20.42 -35.20 -63.21
C GLU H 291 20.22 -36.40 -64.12
N LEU H 292 21.24 -36.75 -64.90
CA LEU H 292 21.16 -37.92 -65.80
C LEU H 292 21.26 -39.24 -65.05
N GLY H 293 21.64 -39.20 -63.79
CA GLY H 293 21.77 -40.46 -63.07
C GLY H 293 23.14 -41.09 -63.27
N ILE H 294 24.11 -40.37 -63.81
CA ILE H 294 25.46 -40.94 -64.00
C ILE H 294 26.26 -40.63 -62.74
N GLU H 295 26.44 -41.64 -61.91
CA GLU H 295 27.16 -41.50 -60.65
C GLU H 295 28.67 -41.65 -60.83
N LEU H 296 29.40 -40.91 -60.03
CA LEU H 296 30.86 -40.93 -60.09
C LEU H 296 31.44 -41.98 -59.13
N ASP H 297 32.63 -42.47 -59.43
CA ASP H 297 33.26 -43.43 -58.52
C ASP H 297 33.79 -42.61 -57.33
N PRO H 298 34.28 -43.27 -56.28
CA PRO H 298 34.80 -42.58 -55.09
C PRO H 298 35.89 -41.55 -55.37
N ARG H 299 36.60 -41.68 -56.50
CA ARG H 299 37.63 -40.70 -56.79
C ARG H 299 37.14 -39.58 -57.70
N GLY H 300 35.85 -39.58 -58.04
CA GLY H 300 35.34 -38.50 -58.90
C GLY H 300 35.35 -38.80 -60.39
N ARG H 301 35.79 -39.99 -60.76
CA ARG H 301 35.83 -40.37 -62.16
C ARG H 301 34.48 -40.92 -62.63
N ILE H 302 34.27 -40.87 -63.94
CA ILE H 302 33.07 -41.36 -64.58
C ILE H 302 33.25 -42.83 -64.95
N PRO H 303 32.42 -43.71 -64.39
CA PRO H 303 32.50 -45.15 -64.69
C PRO H 303 32.09 -45.44 -66.15
N VAL H 304 32.92 -46.15 -66.89
CA VAL H 304 32.58 -46.48 -68.27
C VAL H 304 32.93 -47.94 -68.53
N ASN H 305 32.33 -48.52 -69.56
CA ASN H 305 32.60 -49.93 -69.89
C ASN H 305 33.75 -50.02 -70.88
N THR H 306 33.95 -51.22 -71.46
CA THR H 306 35.08 -51.42 -72.36
C THR H 306 35.02 -50.67 -73.69
N ARG H 307 33.87 -50.06 -73.98
CA ARG H 307 33.72 -49.26 -75.19
C ARG H 307 33.68 -47.77 -74.80
N PHE H 308 33.92 -47.52 -73.51
CA PHE H 308 33.91 -46.18 -72.91
C PHE H 308 32.53 -45.55 -72.80
N GLN H 309 31.51 -46.40 -72.82
CA GLN H 309 30.15 -45.92 -72.64
C GLN H 309 29.87 -45.80 -71.16
N THR H 310 29.13 -44.75 -70.76
CA THR H 310 28.73 -44.59 -69.36
C THR H 310 27.46 -45.49 -69.24
N LYS H 311 26.74 -45.33 -68.14
CA LYS H 311 25.50 -46.08 -67.91
C LYS H 311 24.40 -45.69 -68.95
N ILE H 312 24.51 -44.52 -69.58
CA ILE H 312 23.56 -44.10 -70.62
C ILE H 312 24.34 -44.41 -71.88
N PRO H 313 23.91 -45.45 -72.62
CA PRO H 313 24.56 -45.94 -73.84
C PRO H 313 25.08 -45.02 -74.95
N ASN H 314 24.46 -43.87 -75.16
CA ASN H 314 24.98 -42.99 -76.22
C ASN H 314 25.86 -41.86 -75.64
N ILE H 315 26.14 -41.93 -74.34
CA ILE H 315 26.98 -40.95 -73.67
C ILE H 315 28.28 -41.67 -73.22
N TYR H 316 29.40 -41.20 -73.75
CA TYR H 316 30.72 -41.78 -73.49
C TYR H 316 31.64 -40.84 -72.69
N ALA H 317 32.77 -41.36 -72.21
CA ALA H 317 33.74 -40.55 -71.47
C ALA H 317 35.12 -41.16 -71.69
N ILE H 318 36.13 -40.30 -71.88
CA ILE H 318 37.49 -40.77 -72.10
C ILE H 318 38.46 -39.79 -71.45
N GLY H 319 39.74 -40.15 -71.37
CA GLY H 319 40.74 -39.25 -70.81
C GLY H 319 40.89 -39.18 -69.31
N ASP H 320 41.40 -38.03 -68.86
CA ASP H 320 41.66 -37.80 -67.44
C ASP H 320 40.41 -37.93 -66.60
N VAL H 321 39.23 -37.82 -67.21
CA VAL H 321 37.99 -37.88 -66.44
C VAL H 321 37.58 -39.35 -66.12
N VAL H 322 38.28 -40.33 -66.72
CA VAL H 322 38.01 -41.77 -66.51
C VAL H 322 39.23 -42.48 -65.93
N ALA H 323 39.04 -43.69 -65.47
CA ALA H 323 40.13 -44.43 -64.88
C ALA H 323 41.31 -44.64 -65.82
N GLY H 324 42.44 -44.98 -65.22
CA GLY H 324 43.63 -45.24 -66.00
C GLY H 324 44.60 -44.10 -65.78
N PRO H 325 45.85 -44.21 -66.25
CA PRO H 325 46.86 -43.16 -66.10
C PRO H 325 46.46 -41.82 -66.72
N MET H 326 46.56 -40.77 -65.90
CA MET H 326 46.23 -39.42 -66.34
C MET H 326 47.36 -38.86 -67.20
N LEU H 327 47.42 -39.31 -68.45
CA LEU H 327 48.48 -38.91 -69.36
C LEU H 327 47.83 -38.54 -70.67
N ALA H 328 48.46 -37.61 -71.38
CA ALA H 328 47.92 -37.11 -72.64
C ALA H 328 47.75 -38.17 -73.72
N HIS H 329 48.78 -38.99 -73.96
CA HIS H 329 48.68 -40.00 -75.00
C HIS H 329 47.65 -41.08 -74.65
N LYS H 330 47.37 -41.22 -73.36
CA LYS H 330 46.37 -42.18 -72.93
C LYS H 330 45.00 -41.59 -73.33
N ALA H 331 44.79 -40.31 -73.06
CA ALA H 331 43.53 -39.67 -73.42
C ALA H 331 43.33 -39.75 -74.91
N GLU H 332 44.38 -39.44 -75.66
CA GLU H 332 44.27 -39.47 -77.12
C GLU H 332 43.88 -40.83 -77.66
N ASP H 333 44.54 -41.87 -77.15
CA ASP H 333 44.24 -43.19 -77.61
C ASP H 333 42.82 -43.60 -77.29
N GLU H 334 42.37 -43.27 -76.09
CA GLU H 334 40.99 -43.58 -75.67
C GLU H 334 40.02 -42.85 -76.57
N GLY H 335 40.31 -41.58 -76.89
CA GLY H 335 39.44 -40.80 -77.76
C GLY H 335 39.33 -41.47 -79.13
N ILE H 336 40.47 -41.89 -79.68
CA ILE H 336 40.47 -42.54 -80.98
C ILE H 336 39.73 -43.88 -80.99
N ILE H 337 40.02 -44.77 -80.05
CA ILE H 337 39.32 -46.04 -80.07
C ILE H 337 37.84 -45.89 -79.70
N CYS H 338 37.51 -44.89 -78.90
CA CYS H 338 36.11 -44.68 -78.53
C CYS H 338 35.27 -44.34 -79.77
N VAL H 339 35.69 -43.36 -80.57
CA VAL H 339 34.91 -42.99 -81.75
C VAL H 339 35.01 -44.07 -82.84
N GLU H 340 36.11 -44.81 -82.88
CA GLU H 340 36.20 -45.89 -83.85
C GLU H 340 35.13 -46.91 -83.45
N GLY H 341 34.92 -47.08 -82.14
CA GLY H 341 33.93 -48.00 -81.65
C GLY H 341 32.54 -47.49 -82.03
N MET H 342 32.29 -46.19 -81.85
CA MET H 342 30.99 -45.62 -82.20
C MET H 342 30.66 -45.97 -83.65
N ALA H 343 31.69 -46.06 -84.49
CA ALA H 343 31.54 -46.40 -85.88
C ALA H 343 31.55 -47.94 -86.12
N GLY H 344 31.30 -48.74 -85.10
CA GLY H 344 31.27 -50.18 -85.29
C GLY H 344 32.60 -50.92 -85.21
N GLY H 345 33.65 -50.23 -84.82
CA GLY H 345 34.95 -50.86 -84.75
C GLY H 345 35.22 -51.58 -83.43
N ALA H 346 36.35 -52.26 -83.36
CA ALA H 346 36.72 -52.96 -82.13
C ALA H 346 37.21 -51.89 -81.17
N VAL H 347 37.14 -52.17 -79.87
CA VAL H 347 37.63 -51.20 -78.90
C VAL H 347 38.56 -51.88 -77.89
N HIS H 348 39.86 -51.67 -78.05
CA HIS H 348 40.78 -52.27 -77.12
C HIS H 348 42.02 -51.44 -76.87
N ILE H 349 42.38 -51.35 -75.60
CA ILE H 349 43.58 -50.64 -75.20
C ILE H 349 44.19 -51.41 -74.05
N ASP H 350 45.50 -51.59 -74.12
CA ASP H 350 46.21 -52.31 -73.08
C ASP H 350 47.01 -51.27 -72.27
N TYR H 351 46.53 -50.94 -71.08
CA TYR H 351 47.20 -49.93 -70.27
C TYR H 351 48.61 -50.34 -69.87
N ASN H 352 48.92 -51.63 -69.97
CA ASN H 352 50.25 -52.08 -69.61
C ASN H 352 51.24 -51.59 -70.66
N CYS H 353 50.73 -51.24 -71.84
CA CYS H 353 51.59 -50.73 -72.90
C CYS H 353 51.58 -49.20 -73.05
N VAL H 354 51.07 -48.47 -72.05
CA VAL H 354 51.09 -47.02 -72.14
C VAL H 354 52.36 -46.53 -71.42
N PRO H 355 53.24 -45.84 -72.16
CA PRO H 355 54.49 -45.34 -71.55
C PRO H 355 54.34 -44.15 -70.63
N SER H 356 55.38 -43.91 -69.82
CA SER H 356 55.43 -42.78 -68.89
C SER H 356 56.77 -42.09 -69.12
N VAL H 357 56.80 -40.77 -69.08
CA VAL H 357 58.06 -40.05 -69.31
C VAL H 357 58.20 -38.89 -68.36
N ILE H 358 59.43 -38.63 -67.92
CA ILE H 358 59.68 -37.48 -67.06
C ILE H 358 60.71 -36.70 -67.87
N TYR H 359 60.42 -35.44 -68.18
CA TYR H 359 61.30 -34.68 -69.05
C TYR H 359 62.44 -33.85 -68.44
N THR H 360 62.92 -34.32 -67.32
CA THR H 360 64.03 -33.72 -66.63
C THR H 360 65.28 -34.09 -67.43
N HIS H 361 66.44 -33.70 -66.94
CA HIS H 361 67.67 -34.12 -67.56
C HIS H 361 68.54 -34.55 -66.37
N PRO H 362 68.82 -35.85 -66.23
CA PRO H 362 68.44 -36.96 -67.13
C PRO H 362 66.93 -37.19 -67.18
N GLU H 363 66.48 -37.73 -68.32
CA GLU H 363 65.08 -38.07 -68.54
C GLU H 363 64.84 -39.44 -67.93
N VAL H 364 63.58 -39.74 -67.72
CA VAL H 364 63.19 -41.04 -67.20
C VAL H 364 62.00 -41.46 -68.03
N ALA H 365 61.92 -42.74 -68.37
CA ALA H 365 60.80 -43.22 -69.14
C ALA H 365 60.67 -44.72 -68.89
N TRP H 366 59.43 -45.23 -68.88
CA TRP H 366 59.23 -46.67 -68.68
C TRP H 366 57.88 -47.12 -69.24
N VAL H 367 57.77 -48.42 -69.51
CA VAL H 367 56.54 -48.98 -70.01
C VAL H 367 56.53 -50.43 -69.52
N GLY H 368 55.35 -50.97 -69.25
CA GLY H 368 55.26 -52.32 -68.74
C GLY H 368 55.32 -52.31 -67.22
N LYS H 369 55.91 -53.35 -66.64
CA LYS H 369 55.94 -53.46 -65.18
C LYS H 369 57.28 -53.15 -64.50
N SER H 370 57.21 -52.69 -63.26
CA SER H 370 58.41 -52.42 -62.48
C SER H 370 58.75 -53.72 -61.71
N GLU H 371 59.89 -53.73 -61.04
CA GLU H 371 60.31 -54.90 -60.26
C GLU H 371 59.32 -55.15 -59.13
N GLU H 372 58.86 -54.08 -58.50
CA GLU H 372 57.89 -54.19 -57.41
C GLU H 372 56.56 -54.77 -57.90
N GLN H 373 56.11 -54.39 -59.09
CA GLN H 373 54.83 -54.94 -59.55
C GLN H 373 54.98 -56.41 -59.89
N LEU H 374 56.14 -56.79 -60.46
CA LEU H 374 56.37 -58.18 -60.78
C LEU H 374 56.42 -59.00 -59.48
N LYS H 375 57.02 -58.45 -58.43
CA LYS H 375 57.08 -59.19 -57.16
C LYS H 375 55.67 -59.38 -56.62
N GLU H 376 54.91 -58.29 -56.48
CA GLU H 376 53.56 -58.39 -55.96
C GLU H 376 52.75 -59.41 -56.74
N GLU H 377 53.03 -59.52 -58.03
CA GLU H 377 52.29 -60.42 -58.88
C GLU H 377 52.81 -61.85 -58.86
N GLY H 378 53.90 -62.05 -58.15
CA GLY H 378 54.48 -63.37 -58.09
C GLY H 378 54.96 -63.87 -59.45
N ILE H 379 55.59 -63.01 -60.23
CA ILE H 379 56.11 -63.43 -61.54
C ILE H 379 57.62 -63.64 -61.45
N GLU H 380 58.12 -64.72 -62.03
CA GLU H 380 59.56 -65.00 -62.02
C GLU H 380 60.18 -64.20 -63.15
N TYR H 381 61.19 -63.40 -62.85
CA TYR H 381 61.82 -62.59 -63.89
C TYR H 381 63.31 -62.48 -63.77
N LYS H 382 63.95 -62.08 -64.86
CA LYS H 382 65.39 -61.87 -64.87
C LYS H 382 65.59 -60.39 -65.23
N VAL H 383 66.75 -59.86 -64.89
CA VAL H 383 67.09 -58.46 -65.10
C VAL H 383 68.32 -58.26 -65.96
N GLY H 384 68.21 -57.33 -66.92
CA GLY H 384 69.32 -56.97 -67.79
C GLY H 384 69.50 -55.46 -67.65
N LYS H 385 70.71 -55.02 -67.35
CA LYS H 385 70.98 -53.60 -67.17
C LYS H 385 72.16 -53.18 -68.00
N PHE H 386 72.10 -51.98 -68.56
CA PHE H 386 73.21 -51.45 -69.35
C PHE H 386 73.33 -49.97 -69.05
N PRO H 387 74.47 -49.55 -68.50
CA PRO H 387 74.71 -48.14 -68.15
C PRO H 387 75.08 -47.26 -69.34
N PHE H 388 74.53 -46.05 -69.39
CA PHE H 388 74.87 -45.18 -70.49
C PHE H 388 76.36 -44.83 -70.49
N ALA H 389 77.04 -44.99 -69.35
CA ALA H 389 78.48 -44.69 -69.30
C ALA H 389 79.21 -45.62 -70.27
N ALA H 390 78.60 -46.75 -70.62
CA ALA H 390 79.21 -47.68 -71.55
C ALA H 390 78.61 -47.61 -72.96
N ASN H 391 77.77 -46.60 -73.19
CA ASN H 391 77.14 -46.39 -74.50
C ASN H 391 78.00 -45.40 -75.27
N SER H 392 78.37 -45.75 -76.49
CA SER H 392 79.23 -44.89 -77.31
C SER H 392 78.68 -43.51 -77.61
N ARG H 393 77.41 -43.41 -77.98
CA ARG H 393 76.90 -42.07 -78.29
C ARG H 393 76.84 -41.20 -77.02
N ALA H 394 76.35 -41.78 -75.93
CA ALA H 394 76.26 -41.04 -74.67
C ALA H 394 77.66 -40.57 -74.24
N LYS H 395 78.65 -41.45 -74.33
CA LYS H 395 80.01 -41.08 -73.95
C LYS H 395 80.57 -40.00 -74.89
N THR H 396 80.30 -40.13 -76.19
CA THR H 396 80.79 -39.15 -77.15
C THR H 396 80.17 -37.78 -76.86
N ASN H 397 78.91 -37.75 -76.41
CA ASN H 397 78.26 -36.46 -76.08
C ASN H 397 78.61 -35.99 -74.66
N ALA H 398 79.28 -36.84 -73.89
CA ALA H 398 79.65 -36.51 -72.51
C ALA H 398 78.37 -36.26 -71.71
N ASP H 399 77.42 -37.18 -71.82
CA ASP H 399 76.13 -37.09 -71.14
C ASP H 399 75.83 -38.54 -70.87
N THR H 400 76.42 -39.04 -69.79
CA THR H 400 76.38 -40.46 -69.40
C THR H 400 75.61 -40.98 -68.19
N ASP H 401 74.88 -40.13 -67.48
CA ASP H 401 74.08 -40.60 -66.33
C ASP H 401 73.10 -41.70 -66.72
N GLY H 402 72.86 -42.63 -65.80
CA GLY H 402 71.83 -43.63 -65.99
C GLY H 402 72.08 -44.99 -66.61
N MET H 403 70.98 -45.59 -67.01
CA MET H 403 70.98 -46.91 -67.58
C MET H 403 69.64 -47.28 -68.15
N VAL H 404 69.65 -48.42 -68.84
CA VAL H 404 68.45 -49.02 -69.36
C VAL H 404 68.35 -50.31 -68.54
N LYS H 405 67.18 -50.58 -67.98
CA LYS H 405 66.93 -51.78 -67.20
C LYS H 405 65.78 -52.52 -67.82
N ILE H 406 66.02 -53.78 -68.16
CA ILE H 406 65.00 -54.61 -68.78
C ILE H 406 64.60 -55.74 -67.85
N LEU H 407 63.30 -56.03 -67.79
CA LEU H 407 62.80 -57.12 -67.00
C LEU H 407 62.15 -58.12 -67.95
N GLY H 408 62.62 -59.36 -67.93
CA GLY H 408 62.06 -60.40 -68.78
C GLY H 408 61.56 -61.61 -67.97
N GLN H 409 60.58 -62.34 -68.51
CA GLN H 409 60.06 -63.49 -67.80
C GLN H 409 61.17 -64.56 -67.76
N LYS H 410 61.42 -65.07 -66.56
CA LYS H 410 62.45 -66.06 -66.26
C LYS H 410 62.67 -67.15 -67.30
N SER H 411 61.59 -67.74 -67.80
CA SER H 411 61.72 -68.81 -68.77
C SER H 411 61.28 -68.53 -70.22
N THR H 412 60.32 -67.65 -70.43
CA THR H 412 59.88 -67.36 -71.79
C THR H 412 60.69 -66.23 -72.41
N ASP H 413 61.47 -65.54 -71.58
CA ASP H 413 62.31 -64.43 -72.04
C ASP H 413 61.45 -63.26 -72.55
N ARG H 414 60.17 -63.30 -72.22
CA ARG H 414 59.19 -62.29 -72.62
C ARG H 414 59.54 -60.99 -71.86
N VAL H 415 59.60 -59.88 -72.57
CA VAL H 415 59.96 -58.59 -71.95
C VAL H 415 58.72 -58.17 -71.18
N LEU H 416 58.88 -57.85 -69.91
CA LEU H 416 57.74 -57.48 -69.03
C LEU H 416 57.78 -56.03 -68.64
N GLY H 417 58.97 -55.44 -68.74
CA GLY H 417 59.12 -54.04 -68.41
C GLY H 417 60.41 -53.46 -68.98
N ALA H 418 60.36 -52.18 -69.36
CA ALA H 418 61.54 -51.51 -69.88
C ALA H 418 61.61 -50.20 -69.11
N HIS H 419 62.75 -49.95 -68.49
CA HIS H 419 62.97 -48.78 -67.65
C HIS H 419 64.24 -48.06 -68.07
N ILE H 420 64.11 -46.76 -68.35
CA ILE H 420 65.23 -45.96 -68.84
C ILE H 420 65.45 -44.68 -68.07
N LEU H 421 66.68 -44.49 -67.60
CA LEU H 421 67.10 -43.31 -66.89
C LEU H 421 68.34 -42.81 -67.62
N GLY H 422 68.27 -41.61 -68.18
CA GLY H 422 69.41 -41.08 -68.91
C GLY H 422 69.08 -40.36 -70.20
N PRO H 423 70.09 -40.06 -71.04
CA PRO H 423 69.81 -39.35 -72.30
C PRO H 423 68.84 -40.07 -73.23
N GLY H 424 67.92 -39.31 -73.84
CA GLY H 424 66.97 -39.85 -74.81
C GLY H 424 65.91 -40.84 -74.36
N ALA H 425 65.63 -40.89 -73.05
CA ALA H 425 64.67 -41.86 -72.51
C ALA H 425 63.27 -41.68 -73.09
N GLY H 426 62.82 -40.44 -73.17
CA GLY H 426 61.48 -40.18 -73.68
C GLY H 426 61.24 -40.73 -75.07
N GLU H 427 62.20 -40.57 -75.98
CA GLU H 427 62.04 -41.09 -77.33
C GLU H 427 62.23 -42.59 -77.35
N MET H 428 63.26 -43.05 -76.65
CA MET H 428 63.60 -44.46 -76.61
C MET H 428 62.46 -45.37 -76.09
N VAL H 429 61.69 -44.89 -75.11
CA VAL H 429 60.61 -45.72 -74.57
C VAL H 429 59.57 -46.11 -75.64
N ASN H 430 59.54 -45.40 -76.76
CA ASN H 430 58.55 -45.74 -77.78
C ASN H 430 58.96 -46.98 -78.55
N GLU H 431 60.26 -47.23 -78.64
CA GLU H 431 60.71 -48.43 -79.33
C GLU H 431 60.26 -49.59 -78.41
N ALA H 432 60.44 -49.37 -77.10
CA ALA H 432 60.06 -50.37 -76.12
C ALA H 432 58.54 -50.61 -76.17
N ALA H 433 57.74 -49.56 -76.32
CA ALA H 433 56.30 -49.72 -76.40
C ALA H 433 55.94 -50.57 -77.63
N LEU H 434 56.58 -50.30 -78.76
CA LEU H 434 56.29 -51.08 -79.97
C LEU H 434 56.66 -52.55 -79.71
N ALA H 435 57.78 -52.78 -79.03
CA ALA H 435 58.18 -54.14 -78.73
C ALA H 435 57.15 -54.84 -77.83
N LEU H 436 56.69 -54.17 -76.80
CA LEU H 436 55.71 -54.82 -75.94
C LEU H 436 54.43 -55.15 -76.68
N GLU H 437 54.02 -54.23 -77.55
CA GLU H 437 52.79 -54.42 -78.31
C GLU H 437 52.89 -55.69 -79.14
N TYR H 438 54.11 -56.03 -79.54
CA TYR H 438 54.35 -57.23 -80.33
C TYR H 438 54.66 -58.46 -79.48
N GLY H 439 54.54 -58.36 -78.17
CA GLY H 439 54.85 -59.49 -77.31
C GLY H 439 56.30 -59.94 -77.48
N ALA H 440 57.20 -58.99 -77.68
CA ALA H 440 58.61 -59.30 -77.88
C ALA H 440 59.29 -59.93 -76.69
N SER H 441 60.33 -60.68 -77.00
CA SER H 441 61.17 -61.31 -76.01
C SER H 441 62.43 -60.48 -76.06
N CYS H 442 63.28 -60.63 -75.06
CA CYS H 442 64.52 -59.87 -75.03
C CYS H 442 65.41 -60.20 -76.24
N GLU H 443 65.40 -61.46 -76.67
CA GLU H 443 66.21 -61.88 -77.81
C GLU H 443 65.75 -61.19 -79.09
N ASP H 444 64.44 -61.06 -79.26
CA ASP H 444 63.90 -60.39 -80.45
C ASP H 444 64.56 -59.01 -80.58
N ILE H 445 64.56 -58.27 -79.48
CA ILE H 445 65.14 -56.95 -79.51
C ILE H 445 66.63 -57.00 -79.75
N ALA H 446 67.32 -57.90 -79.04
CA ALA H 446 68.77 -58.04 -79.19
C ALA H 446 69.19 -58.38 -80.63
N ARG H 447 68.31 -59.03 -81.39
CA ARG H 447 68.66 -59.39 -82.75
C ARG H 447 68.37 -58.29 -83.77
N VAL H 448 67.67 -57.25 -83.36
CA VAL H 448 67.40 -56.18 -84.31
C VAL H 448 68.65 -55.31 -84.41
N CYS H 449 69.04 -54.96 -85.63
CA CYS H 449 70.21 -54.14 -85.87
C CYS H 449 69.89 -52.70 -85.52
N HIS H 450 70.58 -52.13 -84.54
CA HIS H 450 70.38 -50.74 -84.15
C HIS H 450 71.58 -49.97 -84.71
N ALA H 451 71.34 -48.77 -85.23
CA ALA H 451 72.41 -47.95 -85.78
C ALA H 451 73.48 -47.65 -84.73
N HIS H 452 74.73 -47.53 -85.16
CA HIS H 452 75.82 -47.21 -84.26
C HIS H 452 76.50 -45.96 -84.80
N PRO H 453 76.73 -44.96 -83.95
CA PRO H 453 76.46 -44.93 -82.51
C PRO H 453 75.11 -44.31 -82.13
N THR H 454 74.28 -45.01 -81.36
CA THR H 454 73.02 -44.41 -80.89
C THR H 454 72.73 -44.81 -79.45
N LEU H 455 71.98 -43.94 -78.75
CA LEU H 455 71.60 -44.23 -77.37
C LEU H 455 70.80 -45.55 -77.32
N SER H 456 70.07 -45.83 -78.40
CA SER H 456 69.23 -47.03 -78.48
C SER H 456 70.03 -48.30 -78.36
N GLU H 457 71.32 -48.23 -78.62
CA GLU H 457 72.15 -49.43 -78.48
C GLU H 457 72.14 -49.91 -77.03
N ALA H 458 71.97 -48.98 -76.10
CA ALA H 458 71.95 -49.33 -74.68
C ALA H 458 70.69 -50.15 -74.41
N PHE H 459 69.62 -49.85 -75.16
CA PHE H 459 68.35 -50.56 -75.03
C PHE H 459 68.55 -51.96 -75.59
N ARG H 460 69.24 -52.04 -76.72
CA ARG H 460 69.51 -53.33 -77.34
C ARG H 460 70.42 -54.19 -76.42
N GLU H 461 71.48 -53.58 -75.89
CA GLU H 461 72.43 -54.29 -75.02
C GLU H 461 71.79 -54.77 -73.71
N ALA H 462 70.92 -53.94 -73.11
CA ALA H 462 70.25 -54.36 -71.88
C ALA H 462 69.36 -55.58 -72.20
N ASN H 463 68.77 -55.60 -73.38
CA ASN H 463 67.96 -56.77 -73.73
C ASN H 463 68.87 -57.97 -73.98
N LEU H 464 70.04 -57.74 -74.56
CA LEU H 464 70.94 -58.87 -74.82
C LEU H 464 71.36 -59.47 -73.48
N ALA H 465 71.74 -58.61 -72.54
CA ALA H 465 72.14 -59.05 -71.20
C ALA H 465 71.02 -59.88 -70.55
N ALA H 466 69.77 -59.41 -70.65
CA ALA H 466 68.65 -60.14 -70.08
C ALA H 466 68.42 -61.49 -70.75
N SER H 467 68.59 -61.53 -72.07
CA SER H 467 68.37 -62.76 -72.83
C SER H 467 69.53 -63.75 -72.75
N PHE H 468 70.72 -63.28 -73.12
CA PHE H 468 71.93 -64.09 -73.17
C PHE H 468 72.69 -64.18 -71.84
N GLY H 469 72.51 -63.20 -70.96
CA GLY H 469 73.22 -63.22 -69.69
C GLY H 469 74.25 -62.11 -69.59
N LYS H 470 74.76 -61.67 -70.73
CA LYS H 470 75.72 -60.58 -70.74
C LYS H 470 75.63 -59.81 -72.07
N SER H 471 76.03 -58.55 -72.00
CA SER H 471 76.02 -57.69 -73.16
C SER H 471 77.43 -57.75 -73.78
N ILE H 472 77.65 -56.98 -74.83
CA ILE H 472 78.95 -56.97 -75.47
C ILE H 472 79.81 -55.87 -74.85
N ASN H 473 79.23 -54.70 -74.66
CA ASN H 473 80.02 -53.59 -74.15
C ASN H 473 80.04 -53.27 -72.67
N PHE H 474 79.55 -54.16 -71.82
CA PHE H 474 79.64 -53.91 -70.38
C PHE H 474 79.86 -55.24 -69.65
N GLN I 3 0.57 -59.66 40.41
CA GLN I 3 1.56 -58.87 39.60
C GLN I 3 1.26 -58.90 38.10
N PRO I 4 -0.01 -58.84 37.69
CA PRO I 4 -0.34 -58.85 36.26
C PRO I 4 -0.05 -57.52 35.60
N ILE I 5 0.62 -57.56 34.46
CA ILE I 5 0.96 -56.35 33.70
C ILE I 5 -0.02 -56.26 32.54
N ASP I 6 -0.55 -55.07 32.27
CA ASP I 6 -1.48 -54.93 31.16
C ASP I 6 -0.83 -54.27 29.93
N ALA I 7 -1.30 -54.63 28.74
CA ALA I 7 -0.74 -54.08 27.51
C ALA I 7 -1.77 -53.86 26.41
N ASP I 8 -1.35 -53.12 25.40
CA ASP I 8 -2.19 -52.85 24.25
C ASP I 8 -1.94 -54.01 23.27
N VAL I 9 -0.66 -54.29 23.06
CA VAL I 9 -0.23 -55.35 22.17
C VAL I 9 0.78 -56.27 22.83
N THR I 10 0.46 -57.55 22.87
CA THR I 10 1.38 -58.53 23.45
C THR I 10 1.86 -59.43 22.32
N VAL I 11 3.19 -59.48 22.13
CA VAL I 11 3.80 -60.27 21.07
C VAL I 11 4.46 -61.55 21.58
N ILE I 12 4.05 -62.71 21.05
CA ILE I 12 4.64 -63.97 21.47
C ILE I 12 5.70 -64.45 20.46
N GLY I 13 6.95 -64.15 20.75
CA GLY I 13 8.07 -64.53 19.91
C GLY I 13 8.93 -63.31 19.63
N SER I 14 10.25 -63.45 19.60
CA SER I 14 11.11 -62.30 19.35
C SER I 14 12.00 -62.52 18.12
N GLY I 15 11.50 -63.29 17.16
CA GLY I 15 12.25 -63.53 15.93
C GLY I 15 12.04 -62.33 15.02
N PRO I 16 12.48 -62.40 13.75
CA PRO I 16 12.31 -61.29 12.82
C PRO I 16 10.90 -60.70 12.84
N GLY I 17 9.89 -61.57 12.85
CA GLY I 17 8.53 -61.09 12.89
C GLY I 17 8.15 -60.41 14.20
N GLY I 18 8.35 -61.09 15.32
CA GLY I 18 7.98 -60.53 16.62
C GLY I 18 8.66 -59.26 17.11
N TYR I 19 9.97 -59.27 17.18
CA TYR I 19 10.69 -58.10 17.67
C TYR I 19 10.42 -56.85 16.83
N VAL I 20 10.38 -56.99 15.51
CA VAL I 20 10.11 -55.84 14.65
C VAL I 20 8.70 -55.31 14.90
N ALA I 21 7.74 -56.22 15.00
CA ALA I 21 6.35 -55.82 15.24
C ALA I 21 6.20 -55.12 16.60
N ALA I 22 6.91 -55.62 17.62
CA ALA I 22 6.85 -55.04 18.97
C ALA I 22 7.38 -53.61 18.92
N ILE I 23 8.59 -53.46 18.38
CA ILE I 23 9.21 -52.16 18.24
C ILE I 23 8.26 -51.23 17.49
N LYS I 24 7.79 -51.68 16.33
CA LYS I 24 6.89 -50.83 15.56
C LYS I 24 5.61 -50.50 16.35
N ALA I 25 5.09 -51.49 17.08
CA ALA I 25 3.89 -51.29 17.91
C ALA I 25 4.18 -50.21 18.95
N ALA I 26 5.35 -50.29 19.57
CA ALA I 26 5.74 -49.30 20.55
C ALA I 26 5.88 -47.93 19.92
N GLN I 27 6.54 -47.86 18.77
CA GLN I 27 6.73 -46.58 18.10
C GLN I 27 5.41 -46.00 17.65
N LEU I 28 4.39 -46.83 17.55
CA LEU I 28 3.07 -46.33 17.12
C LEU I 28 2.28 -45.84 18.32
N GLY I 29 2.80 -46.09 19.52
CA GLY I 29 2.12 -45.62 20.71
C GLY I 29 1.35 -46.69 21.44
N PHE I 30 1.68 -47.95 21.19
CA PHE I 30 1.00 -49.05 21.86
C PHE I 30 1.83 -49.48 23.06
N LYS I 31 1.16 -49.71 24.18
CA LYS I 31 1.85 -50.20 25.35
C LYS I 31 2.16 -51.61 24.88
N THR I 32 3.43 -51.89 24.63
CA THR I 32 3.81 -53.18 24.07
C THR I 32 4.60 -54.17 24.89
N VAL I 33 4.19 -55.44 24.80
CA VAL I 33 4.88 -56.51 25.50
C VAL I 33 5.32 -57.59 24.51
N CYS I 34 6.54 -58.09 24.71
CA CYS I 34 7.07 -59.16 23.87
C CYS I 34 7.63 -60.29 24.73
N ILE I 35 7.04 -61.48 24.58
CA ILE I 35 7.39 -62.69 25.33
C ILE I 35 8.27 -63.64 24.54
N GLU I 36 9.43 -64.01 25.10
CA GLU I 36 10.36 -64.92 24.44
C GLU I 36 10.80 -66.00 25.41
N LYS I 37 10.57 -67.25 25.03
CA LYS I 37 10.93 -68.38 25.86
C LYS I 37 12.43 -68.66 25.93
N ASN I 38 13.16 -68.32 24.87
CA ASN I 38 14.60 -68.56 24.79
C ASN I 38 15.38 -67.49 25.57
N GLU I 39 16.63 -67.79 25.90
CA GLU I 39 17.47 -66.86 26.67
C GLU I 39 17.72 -65.55 25.96
N THR I 40 18.00 -65.62 24.67
CA THR I 40 18.27 -64.44 23.88
C THR I 40 17.12 -64.12 22.94
N LEU I 41 17.08 -62.89 22.45
CA LEU I 41 16.05 -62.45 21.52
C LEU I 41 16.57 -62.73 20.12
N GLY I 42 15.74 -62.50 19.10
CA GLY I 42 16.20 -62.72 17.73
C GLY I 42 15.65 -63.93 17.02
N GLY I 43 15.03 -64.84 17.76
CA GLY I 43 14.46 -66.03 17.16
C GLY I 43 15.42 -66.91 16.37
N THR I 44 14.88 -67.59 15.35
CA THR I 44 15.67 -68.49 14.50
C THR I 44 16.76 -67.80 13.69
N CYS I 45 16.36 -66.75 12.98
CA CYS I 45 17.28 -66.02 12.10
C CYS I 45 18.59 -65.65 12.74
N LEU I 46 18.49 -64.98 13.88
CA LEU I 46 19.66 -64.51 14.59
C LEU I 46 20.44 -65.59 15.34
N ASN I 47 19.70 -66.47 16.01
CA ASN I 47 20.38 -67.49 16.80
C ASN I 47 20.80 -68.77 16.10
N VAL I 48 19.91 -69.38 15.31
CA VAL I 48 20.26 -70.63 14.64
C VAL I 48 19.96 -70.63 13.13
N GLY I 49 19.93 -69.46 12.52
CA GLY I 49 19.62 -69.40 11.10
C GLY I 49 20.43 -68.49 10.21
N CYS I 50 19.78 -67.45 9.68
CA CYS I 50 20.40 -66.50 8.79
C CYS I 50 21.82 -66.09 9.14
N ILE I 51 21.92 -65.32 10.23
CA ILE I 51 23.18 -64.77 10.71
C ILE I 51 24.34 -65.74 10.88
N PRO I 52 24.18 -66.79 11.69
CA PRO I 52 25.28 -67.74 11.87
C PRO I 52 25.70 -68.28 10.51
N SER I 53 24.70 -68.62 9.69
CA SER I 53 24.92 -69.15 8.35
C SER I 53 25.74 -68.22 7.48
N LYS I 54 25.27 -66.98 7.34
CA LYS I 54 25.98 -66.01 6.50
C LYS I 54 27.41 -65.81 6.98
N ALA I 55 27.64 -65.77 8.29
CA ALA I 55 28.99 -65.58 8.80
C ALA I 55 29.92 -66.71 8.30
N LEU I 56 29.46 -67.94 8.44
CA LEU I 56 30.25 -69.09 7.99
C LEU I 56 30.37 -69.06 6.46
N LEU I 57 29.28 -68.68 5.78
CA LEU I 57 29.30 -68.59 4.32
C LEU I 57 30.38 -67.60 3.91
N ASN I 58 30.40 -66.45 4.59
CA ASN I 58 31.36 -65.39 4.31
C ASN I 58 32.78 -65.80 4.67
N ASN I 59 32.97 -66.41 5.83
CA ASN I 59 34.30 -66.85 6.24
C ASN I 59 34.80 -68.01 5.38
N SER I 60 33.94 -69.00 5.14
CA SER I 60 34.35 -70.14 4.33
C SER I 60 34.74 -69.69 2.94
N HIS I 61 34.01 -68.71 2.41
CA HIS I 61 34.30 -68.20 1.08
C HIS I 61 35.69 -67.55 1.05
N TYR I 62 36.04 -66.81 2.09
CA TYR I 62 37.36 -66.17 2.13
C TYR I 62 38.45 -67.23 2.26
N TYR I 63 38.20 -68.25 3.08
CA TYR I 63 39.17 -69.32 3.27
C TYR I 63 39.48 -69.93 1.92
N HIS I 64 38.41 -70.22 1.16
CA HIS I 64 38.58 -70.81 -0.15
C HIS I 64 39.41 -69.93 -1.07
N MET I 65 39.16 -68.62 -1.05
CA MET I 65 39.94 -67.73 -1.90
C MET I 65 41.43 -67.78 -1.57
N ALA I 66 41.74 -67.89 -0.28
CA ALA I 66 43.13 -67.92 0.17
C ALA I 66 43.72 -69.29 -0.06
N HIS I 67 43.02 -70.30 0.43
CA HIS I 67 43.48 -71.67 0.30
C HIS I 67 43.63 -72.01 -1.18
N GLY I 68 42.54 -71.83 -1.94
CA GLY I 68 42.54 -72.12 -3.37
C GLY I 68 43.52 -71.29 -4.18
N THR I 69 43.23 -71.11 -5.47
CA THR I 69 44.11 -70.37 -6.36
C THR I 69 43.85 -68.86 -6.53
N ASP I 70 42.65 -68.41 -6.17
CA ASP I 70 42.31 -67.00 -6.31
C ASP I 70 43.39 -66.01 -5.89
N PHE I 71 43.73 -66.00 -4.61
CA PHE I 71 44.75 -65.06 -4.13
C PHE I 71 46.05 -65.17 -4.91
N ALA I 72 46.51 -66.40 -5.10
CA ALA I 72 47.73 -66.64 -5.86
C ALA I 72 47.69 -65.84 -7.17
N SER I 73 46.57 -65.93 -7.87
CA SER I 73 46.42 -65.23 -9.14
C SER I 73 46.42 -63.70 -9.03
N ARG I 74 46.13 -63.17 -7.84
CA ARG I 74 46.14 -61.73 -7.66
C ARG I 74 47.50 -61.18 -7.21
N GLY I 75 48.48 -62.06 -7.06
CA GLY I 75 49.80 -61.63 -6.61
C GLY I 75 49.93 -61.63 -5.09
N ILE I 76 49.00 -62.31 -4.43
CA ILE I 76 48.98 -62.41 -2.98
C ILE I 76 49.54 -63.78 -2.58
N GLU I 77 50.87 -63.84 -2.44
CA GLU I 77 51.56 -65.08 -2.11
C GLU I 77 51.59 -65.43 -0.62
N MET I 78 51.18 -66.66 -0.29
CA MET I 78 51.17 -67.14 1.08
C MET I 78 51.75 -68.54 1.15
N SER I 79 52.75 -68.73 2.00
CA SER I 79 53.43 -70.02 2.17
C SER I 79 52.44 -71.16 2.45
N GLU I 80 51.77 -71.07 3.59
CA GLU I 80 50.78 -72.08 3.97
C GLU I 80 49.50 -71.35 4.30
N VAL I 81 48.40 -72.09 4.33
CA VAL I 81 47.10 -71.53 4.66
C VAL I 81 46.37 -72.62 5.42
N ARG I 82 46.22 -72.43 6.72
CA ARG I 82 45.55 -73.42 7.55
C ARG I 82 44.25 -72.89 8.12
N LEU I 83 43.33 -73.80 8.40
CA LEU I 83 42.05 -73.43 8.98
C LEU I 83 42.06 -73.54 10.50
N ASN I 84 41.57 -72.49 11.16
CA ASN I 84 41.44 -72.48 12.62
C ASN I 84 39.95 -72.43 12.84
N LEU I 85 39.30 -73.59 12.79
CA LEU I 85 37.85 -73.65 12.93
C LEU I 85 37.31 -73.05 14.21
N ASP I 86 38.12 -73.01 15.27
CA ASP I 86 37.70 -72.45 16.54
C ASP I 86 37.52 -70.93 16.39
N LYS I 87 38.54 -70.28 15.83
CA LYS I 87 38.52 -68.83 15.61
C LYS I 87 37.38 -68.45 14.66
N MET I 88 37.21 -69.23 13.59
CA MET I 88 36.15 -68.96 12.61
C MET I 88 34.78 -69.05 13.27
N MET I 89 34.59 -70.09 14.09
CA MET I 89 33.33 -70.28 14.81
C MET I 89 33.14 -69.15 15.80
N GLU I 90 34.24 -68.60 16.25
CA GLU I 90 34.20 -67.53 17.22
C GLU I 90 33.72 -66.24 16.58
N GLN I 91 34.20 -65.97 15.36
CA GLN I 91 33.80 -64.76 14.63
C GLN I 91 32.29 -64.80 14.44
N LYS I 92 31.78 -65.99 14.13
CA LYS I 92 30.36 -66.21 13.93
C LYS I 92 29.64 -65.87 15.24
N SER I 93 30.09 -66.51 16.31
CA SER I 93 29.51 -66.34 17.63
C SER I 93 29.50 -64.91 18.14
N THR I 94 30.61 -64.18 17.99
CA THR I 94 30.64 -62.80 18.46
C THR I 94 29.65 -61.96 17.66
N ALA I 95 29.39 -62.35 16.41
CA ALA I 95 28.45 -61.62 15.57
C ALA I 95 27.03 -61.83 16.11
N VAL I 96 26.71 -63.05 16.50
CA VAL I 96 25.38 -63.32 17.01
C VAL I 96 25.19 -62.64 18.35
N LYS I 97 26.24 -62.70 19.17
CA LYS I 97 26.25 -62.10 20.48
C LYS I 97 25.89 -60.62 20.36
N ALA I 98 26.62 -59.91 19.50
CA ALA I 98 26.38 -58.49 19.30
C ALA I 98 24.98 -58.17 18.85
N LEU I 99 24.46 -58.91 17.86
CA LEU I 99 23.14 -58.61 17.39
C LEU I 99 22.04 -58.91 18.40
N THR I 100 22.15 -60.03 19.12
CA THR I 100 21.13 -60.36 20.13
C THR I 100 21.06 -59.27 21.20
N GLY I 101 22.22 -58.72 21.54
CA GLY I 101 22.24 -57.65 22.53
C GLY I 101 21.54 -56.44 21.94
N GLY I 102 21.83 -56.18 20.66
CA GLY I 102 21.23 -55.05 19.98
C GLY I 102 19.72 -55.04 20.13
N ILE I 103 19.09 -56.19 19.92
CA ILE I 103 17.65 -56.24 20.03
C ILE I 103 17.24 -55.90 21.45
N ALA I 104 18.04 -56.32 22.42
CA ALA I 104 17.73 -56.03 23.81
C ALA I 104 17.77 -54.51 23.98
N HIS I 105 18.86 -53.92 23.50
CA HIS I 105 19.01 -52.48 23.61
C HIS I 105 17.87 -51.77 22.89
N LEU I 106 17.44 -52.31 21.75
CA LEU I 106 16.36 -51.70 20.99
C LEU I 106 15.02 -51.74 21.71
N PHE I 107 14.74 -52.85 22.40
CA PHE I 107 13.49 -52.97 23.17
C PHE I 107 13.47 -51.91 24.28
N LYS I 108 14.59 -51.73 24.96
CA LYS I 108 14.69 -50.74 26.04
C LYS I 108 14.43 -49.36 25.48
N GLN I 109 15.15 -49.06 24.39
CA GLN I 109 15.05 -47.78 23.72
C GLN I 109 13.62 -47.44 23.35
N ASN I 110 12.89 -48.41 22.80
CA ASN I 110 11.51 -48.16 22.39
C ASN I 110 10.51 -48.46 23.49
N LYS I 111 11.03 -48.72 24.68
CA LYS I 111 10.19 -49.02 25.83
C LYS I 111 9.31 -50.23 25.62
N VAL I 112 9.88 -51.27 25.04
CA VAL I 112 9.14 -52.51 24.83
C VAL I 112 9.37 -53.38 26.07
N VAL I 113 8.29 -53.79 26.71
CA VAL I 113 8.42 -54.63 27.90
C VAL I 113 8.80 -56.06 27.53
N HIS I 114 10.01 -56.45 27.91
CA HIS I 114 10.50 -57.79 27.63
C HIS I 114 10.14 -58.75 28.77
N VAL I 115 9.53 -59.88 28.43
CA VAL I 115 9.13 -60.86 29.42
C VAL I 115 9.71 -62.21 28.99
N ASN I 116 10.55 -62.80 29.82
CA ASN I 116 11.10 -64.09 29.46
C ASN I 116 10.06 -65.14 29.85
N GLY I 117 10.09 -66.29 29.18
CA GLY I 117 9.13 -67.33 29.51
C GLY I 117 8.37 -67.88 28.31
N TYR I 118 7.70 -69.00 28.52
CA TYR I 118 6.93 -69.68 27.48
C TYR I 118 5.51 -69.12 27.52
N GLY I 119 5.12 -68.44 26.44
CA GLY I 119 3.79 -67.87 26.40
C GLY I 119 2.70 -68.81 25.95
N LYS I 120 1.53 -68.69 26.59
CA LYS I 120 0.37 -69.50 26.27
C LYS I 120 -0.82 -68.58 26.41
N ILE I 121 -1.70 -68.57 25.40
CA ILE I 121 -2.87 -67.71 25.46
C ILE I 121 -3.85 -68.32 26.44
N THR I 122 -4.07 -67.63 27.54
CA THR I 122 -4.95 -68.11 28.58
C THR I 122 -6.37 -67.61 28.41
N GLY I 123 -6.53 -66.57 27.59
CA GLY I 123 -7.85 -66.02 27.37
C GLY I 123 -7.88 -65.11 26.17
N LYS I 124 -9.07 -64.80 25.68
CA LYS I 124 -9.24 -63.94 24.53
C LYS I 124 -8.43 -62.65 24.68
N ASN I 125 -8.22 -62.23 25.93
CA ASN I 125 -7.44 -61.03 26.19
C ASN I 125 -6.39 -61.25 27.25
N GLN I 126 -5.81 -62.44 27.26
CA GLN I 126 -4.81 -62.71 28.26
C GLN I 126 -3.82 -63.78 27.88
N VAL I 127 -2.56 -63.41 28.07
CA VAL I 127 -1.42 -64.26 27.80
C VAL I 127 -0.73 -64.54 29.14
N THR I 128 -0.24 -65.76 29.30
CA THR I 128 0.42 -66.17 30.54
C THR I 128 1.77 -66.82 30.24
N ALA I 129 2.85 -66.13 30.65
CA ALA I 129 4.20 -66.65 30.43
C ALA I 129 4.58 -67.54 31.60
N THR I 130 5.52 -68.44 31.39
CA THR I 130 5.95 -69.33 32.45
C THR I 130 7.44 -69.63 32.35
N LYS I 131 8.20 -69.08 33.29
CA LYS I 131 9.64 -69.26 33.32
C LYS I 131 9.98 -70.72 33.62
N ALA I 132 11.27 -71.02 33.66
CA ALA I 132 11.73 -72.38 33.93
C ALA I 132 11.37 -72.75 35.37
N ASP I 133 11.59 -71.81 36.28
CA ASP I 133 11.30 -72.03 37.70
C ASP I 133 9.82 -71.89 38.01
N GLY I 134 8.98 -72.38 37.12
CA GLY I 134 7.54 -72.32 37.35
C GLY I 134 6.99 -70.92 37.54
N GLY I 135 7.85 -69.90 37.46
CA GLY I 135 7.40 -68.53 37.63
C GLY I 135 6.31 -68.19 36.63
N THR I 136 5.32 -67.41 37.07
CA THR I 136 4.20 -67.06 36.21
C THR I 136 3.94 -65.55 36.07
N GLN I 137 3.93 -65.07 34.84
CA GLN I 137 3.63 -63.66 34.60
C GLN I 137 2.39 -63.55 33.72
N VAL I 138 1.31 -63.04 34.29
CA VAL I 138 0.08 -62.89 33.53
C VAL I 138 0.07 -61.52 32.86
N ILE I 139 -0.34 -61.50 31.59
CA ILE I 139 -0.43 -60.26 30.85
C ILE I 139 -1.82 -60.12 30.26
N ASP I 140 -2.54 -59.10 30.67
CA ASP I 140 -3.88 -58.87 30.15
C ASP I 140 -3.67 -57.82 29.06
N THR I 141 -4.06 -58.17 27.84
CA THR I 141 -3.81 -57.28 26.74
C THR I 141 -4.97 -57.12 25.76
N LYS I 142 -5.02 -55.95 25.12
CA LYS I 142 -6.06 -55.62 24.14
C LYS I 142 -5.93 -56.52 22.89
N ASN I 143 -4.70 -56.74 22.45
CA ASN I 143 -4.43 -57.56 21.26
C ASN I 143 -3.29 -58.53 21.48
N ILE I 144 -3.34 -59.64 20.73
CA ILE I 144 -2.30 -60.65 20.81
C ILE I 144 -1.76 -60.88 19.40
N LEU I 145 -0.44 -60.85 19.27
CA LEU I 145 0.19 -61.08 17.99
C LEU I 145 1.06 -62.31 18.15
N ILE I 146 0.67 -63.39 17.47
CA ILE I 146 1.39 -64.65 17.51
C ILE I 146 2.52 -64.60 16.51
N ALA I 147 3.72 -64.92 16.95
CA ALA I 147 4.87 -64.88 16.06
C ALA I 147 5.83 -65.92 16.55
N THR I 148 5.27 -67.11 16.78
CA THR I 148 6.00 -68.22 17.34
C THR I 148 6.99 -68.95 16.44
N GLY I 149 7.14 -68.47 15.21
CA GLY I 149 8.09 -69.05 14.29
C GLY I 149 7.92 -70.47 13.76
N SER I 150 9.06 -71.14 13.59
CA SER I 150 9.09 -72.49 13.05
C SER I 150 10.16 -73.33 13.72
N GLU I 151 10.26 -74.58 13.28
CA GLU I 151 11.25 -75.53 13.81
C GLU I 151 11.62 -76.49 12.68
N VAL I 152 12.73 -77.23 12.86
CA VAL I 152 13.16 -78.17 11.85
C VAL I 152 12.15 -79.30 11.70
N THR I 153 11.89 -79.71 10.47
CA THR I 153 10.95 -80.78 10.23
C THR I 153 11.75 -82.08 10.34
N PRO I 154 11.35 -82.97 11.26
CA PRO I 154 12.07 -84.24 11.42
C PRO I 154 11.87 -85.20 10.26
N PHE I 155 12.87 -86.05 10.05
CA PHE I 155 12.81 -87.05 9.00
C PHE I 155 12.39 -88.32 9.72
N PRO I 156 11.21 -88.87 9.38
CA PRO I 156 10.72 -90.10 10.01
C PRO I 156 11.68 -91.27 9.88
N GLY I 157 12.04 -91.86 11.01
CA GLY I 157 12.94 -93.00 10.97
C GLY I 157 14.39 -92.62 11.19
N ILE I 158 14.65 -91.31 11.25
CA ILE I 158 15.99 -90.81 11.48
C ILE I 158 15.88 -89.80 12.60
N THR I 159 16.68 -89.98 13.64
CA THR I 159 16.63 -89.11 14.79
C THR I 159 17.89 -88.26 14.93
N ILE I 160 17.73 -86.94 14.88
CA ILE I 160 18.87 -86.04 15.01
C ILE I 160 19.29 -86.02 16.47
N ASP I 161 20.60 -85.97 16.70
CA ASP I 161 21.12 -85.95 18.06
C ASP I 161 22.01 -84.72 18.18
N GLU I 162 22.07 -83.94 17.11
CA GLU I 162 22.87 -82.73 17.08
C GLU I 162 24.33 -83.05 17.41
N ASP I 163 24.72 -84.27 17.12
CA ASP I 163 26.08 -84.72 17.37
C ASP I 163 26.73 -85.15 16.07
N THR I 164 26.30 -86.29 15.53
CA THR I 164 26.83 -86.80 14.26
C THR I 164 25.73 -86.79 13.22
N ILE I 165 24.50 -86.81 13.70
CA ILE I 165 23.32 -86.75 12.84
C ILE I 165 22.65 -85.46 13.31
N VAL I 166 23.17 -84.35 12.81
CA VAL I 166 22.73 -83.00 13.18
C VAL I 166 21.65 -82.34 12.33
N SER I 167 21.07 -81.28 12.88
CA SER I 167 20.07 -80.48 12.17
C SER I 167 20.88 -79.27 11.69
N SER I 168 20.22 -78.28 11.12
CA SER I 168 20.94 -77.10 10.66
C SER I 168 21.63 -76.43 11.84
N THR I 169 21.01 -76.49 13.01
CA THR I 169 21.60 -75.91 14.22
C THR I 169 22.95 -76.57 14.55
N GLY I 170 22.96 -77.89 14.59
CA GLY I 170 24.19 -78.60 14.90
C GLY I 170 25.24 -78.36 13.84
N ALA I 171 24.80 -78.30 12.58
CA ALA I 171 25.70 -78.09 11.45
C ALA I 171 26.43 -76.76 11.56
N LEU I 172 25.77 -75.77 12.15
CA LEU I 172 26.37 -74.45 12.29
C LEU I 172 27.49 -74.43 13.33
N SER I 173 27.57 -75.49 14.13
CA SER I 173 28.58 -75.57 15.17
C SER I 173 29.47 -76.81 15.21
N LEU I 174 29.44 -77.64 14.15
CA LEU I 174 30.29 -78.82 14.13
C LEU I 174 31.66 -78.42 14.67
N LYS I 175 32.27 -79.31 15.46
CA LYS I 175 33.56 -79.02 16.10
C LYS I 175 34.81 -79.23 15.23
N LYS I 176 34.67 -79.94 14.13
CA LYS I 176 35.78 -80.18 13.20
C LYS I 176 35.20 -80.45 11.82
N VAL I 177 35.99 -80.25 10.78
CA VAL I 177 35.52 -80.49 9.43
C VAL I 177 35.29 -81.97 9.20
N PRO I 178 34.02 -82.38 9.05
CA PRO I 178 33.75 -83.80 8.81
C PRO I 178 34.36 -84.24 7.48
N GLU I 179 35.16 -85.31 7.52
CA GLU I 179 35.81 -85.84 6.34
C GLU I 179 34.80 -86.05 5.22
N LYS I 180 33.69 -86.68 5.56
CA LYS I 180 32.64 -86.93 4.58
C LYS I 180 31.33 -86.53 5.23
N MET I 181 30.49 -85.86 4.45
CA MET I 181 29.19 -85.40 4.95
C MET I 181 28.11 -85.54 3.90
N VAL I 182 26.97 -86.06 4.31
CA VAL I 182 25.85 -86.23 3.40
C VAL I 182 24.73 -85.31 3.92
N VAL I 183 24.13 -84.55 3.02
CA VAL I 183 23.05 -83.64 3.41
C VAL I 183 21.73 -84.15 2.83
N ILE I 184 20.73 -84.34 3.67
CA ILE I 184 19.44 -84.77 3.14
C ILE I 184 18.67 -83.48 2.89
N GLY I 185 18.36 -83.23 1.63
CA GLY I 185 17.66 -82.02 1.24
C GLY I 185 18.60 -81.09 0.46
N ALA I 186 18.20 -80.69 -0.74
CA ALA I 186 19.04 -79.80 -1.54
C ALA I 186 18.39 -78.44 -1.69
N GLY I 187 17.73 -77.98 -0.62
CA GLY I 187 17.10 -76.68 -0.62
C GLY I 187 18.09 -75.57 -0.27
N VAL I 188 17.59 -74.36 -0.15
CA VAL I 188 18.44 -73.22 0.18
C VAL I 188 19.40 -73.50 1.33
N ILE I 189 18.84 -73.94 2.46
CA ILE I 189 19.63 -74.23 3.66
C ILE I 189 20.65 -75.34 3.46
N GLY I 190 20.19 -76.49 2.93
CA GLY I 190 21.10 -77.58 2.69
C GLY I 190 22.23 -77.20 1.76
N VAL I 191 21.91 -76.48 0.69
CA VAL I 191 22.95 -76.09 -0.26
C VAL I 191 23.95 -75.15 0.39
N GLU I 192 23.46 -74.20 1.18
CA GLU I 192 24.31 -73.23 1.86
C GLU I 192 25.22 -73.89 2.91
N LEU I 193 24.62 -74.70 3.77
CA LEU I 193 25.41 -75.36 4.79
C LEU I 193 26.34 -76.36 4.14
N GLY I 194 25.81 -77.13 3.19
CA GLY I 194 26.63 -78.11 2.50
C GLY I 194 27.84 -77.46 1.84
N SER I 195 27.63 -76.30 1.24
CA SER I 195 28.70 -75.59 0.57
C SER I 195 29.76 -75.07 1.53
N VAL I 196 29.34 -74.58 2.69
CA VAL I 196 30.32 -74.07 3.67
C VAL I 196 31.36 -75.14 4.01
N TRP I 197 30.89 -76.30 4.41
CA TRP I 197 31.78 -77.39 4.80
C TRP I 197 32.59 -77.97 3.64
N GLN I 198 32.07 -77.85 2.43
CA GLN I 198 32.78 -78.33 1.26
C GLN I 198 34.00 -77.44 1.08
N ARG I 199 33.82 -76.15 1.30
CA ARG I 199 34.90 -75.18 1.16
C ARG I 199 36.00 -75.39 2.19
N LEU I 200 35.61 -75.77 3.39
CA LEU I 200 36.58 -76.00 4.44
C LEU I 200 37.37 -77.31 4.23
N GLY I 201 36.73 -78.33 3.65
CA GLY I 201 37.44 -79.58 3.41
C GLY I 201 36.58 -80.82 3.38
N ALA I 202 35.33 -80.69 3.78
CA ALA I 202 34.43 -81.81 3.78
C ALA I 202 34.08 -82.30 2.38
N ASP I 203 33.79 -83.59 2.29
CA ASP I 203 33.39 -84.22 1.03
C ASP I 203 31.88 -84.26 1.20
N VAL I 204 31.19 -83.42 0.44
CA VAL I 204 29.74 -83.32 0.58
C VAL I 204 28.93 -83.83 -0.60
N THR I 205 27.81 -84.47 -0.26
CA THR I 205 26.90 -85.01 -1.24
C THR I 205 25.52 -84.71 -0.68
N ALA I 206 24.68 -84.06 -1.47
CA ALA I 206 23.33 -83.76 -1.00
C ALA I 206 22.41 -84.70 -1.72
N VAL I 207 21.42 -85.22 -1.00
CA VAL I 207 20.46 -86.11 -1.60
C VAL I 207 19.10 -85.43 -1.60
N GLU I 208 18.51 -85.25 -2.79
CA GLU I 208 17.24 -84.58 -2.91
C GLU I 208 16.22 -85.43 -3.64
N PHE I 209 15.01 -85.47 -3.10
CA PHE I 209 13.94 -86.23 -3.70
C PHE I 209 13.51 -85.63 -5.04
N LEU I 210 13.59 -84.30 -5.13
CA LEU I 210 13.20 -83.60 -6.35
C LEU I 210 14.35 -83.53 -7.36
N GLY I 211 14.05 -83.05 -8.57
CA GLY I 211 15.07 -82.99 -9.60
C GLY I 211 15.90 -81.73 -9.69
N HIS I 212 15.73 -80.82 -8.74
CA HIS I 212 16.49 -79.58 -8.78
C HIS I 212 16.89 -79.11 -7.39
N VAL I 213 17.92 -78.26 -7.32
CA VAL I 213 18.35 -77.74 -6.03
C VAL I 213 17.89 -76.30 -5.94
N GLY I 214 17.80 -75.77 -4.73
CA GLY I 214 17.38 -74.39 -4.61
C GLY I 214 16.04 -74.19 -3.95
N GLY I 215 15.24 -75.25 -3.87
CA GLY I 215 13.94 -75.12 -3.23
C GLY I 215 12.85 -74.72 -4.18
N VAL I 216 11.68 -74.41 -3.63
CA VAL I 216 10.53 -74.03 -4.44
C VAL I 216 10.55 -72.61 -5.00
N GLY I 217 10.03 -72.46 -6.21
CA GLY I 217 9.96 -71.15 -6.82
C GLY I 217 11.17 -70.73 -7.62
N ILE I 218 12.31 -71.38 -7.41
CA ILE I 218 13.48 -70.99 -8.16
C ILE I 218 13.32 -71.35 -9.66
N ASP I 219 13.79 -70.49 -10.54
CA ASP I 219 13.69 -70.73 -11.98
C ASP I 219 14.48 -72.00 -12.35
N MET I 220 13.91 -72.87 -13.18
CA MET I 220 14.62 -74.11 -13.51
C MET I 220 15.97 -73.91 -14.14
N GLU I 221 16.04 -73.07 -15.16
CA GLU I 221 17.32 -72.85 -15.83
C GLU I 221 18.36 -72.36 -14.82
N ILE I 222 17.95 -71.45 -13.94
CA ILE I 222 18.80 -70.89 -12.88
C ILE I 222 19.27 -72.01 -11.96
N SER I 223 18.34 -72.83 -11.51
CA SER I 223 18.66 -73.94 -10.62
C SER I 223 19.71 -74.88 -11.23
N LYS I 224 19.51 -75.29 -12.49
CA LYS I 224 20.45 -76.16 -13.19
C LYS I 224 21.84 -75.52 -13.37
N ASN I 225 21.88 -74.27 -13.84
CA ASN I 225 23.16 -73.56 -14.01
C ASN I 225 23.88 -73.52 -12.66
N PHE I 226 23.10 -73.24 -11.61
CA PHE I 226 23.61 -73.13 -10.25
C PHE I 226 24.23 -74.46 -9.85
N GLN I 227 23.46 -75.53 -10.05
CA GLN I 227 23.89 -76.88 -9.72
C GLN I 227 25.21 -77.25 -10.42
N ARG I 228 25.30 -76.91 -11.71
CA ARG I 228 26.51 -77.23 -12.45
C ARG I 228 27.70 -76.49 -11.88
N ILE I 229 27.49 -75.24 -11.47
CA ILE I 229 28.59 -74.48 -10.92
C ILE I 229 29.03 -75.05 -9.58
N LEU I 230 28.09 -75.48 -8.75
CA LEU I 230 28.42 -76.04 -7.45
C LEU I 230 29.17 -77.36 -7.63
N GLN I 231 28.65 -78.23 -8.48
CA GLN I 231 29.31 -79.52 -8.73
C GLN I 231 30.73 -79.31 -9.19
N LYS I 232 30.94 -78.27 -9.99
CA LYS I 232 32.27 -77.96 -10.48
C LYS I 232 33.14 -77.47 -9.32
N GLN I 233 32.51 -77.08 -8.22
CA GLN I 233 33.24 -76.63 -7.04
C GLN I 233 33.60 -77.84 -6.17
N GLY I 234 33.00 -78.99 -6.48
CA GLY I 234 33.27 -80.20 -5.73
C GLY I 234 32.09 -80.65 -4.90
N PHE I 235 31.00 -79.87 -4.95
CA PHE I 235 29.81 -80.21 -4.20
C PHE I 235 29.08 -81.26 -5.04
N LYS I 236 28.76 -82.42 -4.47
CA LYS I 236 28.07 -83.40 -5.27
C LYS I 236 26.61 -83.59 -4.90
N PHE I 237 25.80 -83.86 -5.92
CA PHE I 237 24.37 -84.02 -5.72
C PHE I 237 23.81 -85.33 -6.23
N LYS I 238 22.78 -85.82 -5.57
CA LYS I 238 22.11 -87.03 -6.00
C LYS I 238 20.63 -86.73 -5.99
N LEU I 239 20.20 -86.11 -7.09
CA LEU I 239 18.82 -85.70 -7.29
C LEU I 239 17.88 -86.85 -7.64
N ASN I 240 16.58 -86.59 -7.50
CA ASN I 240 15.57 -87.60 -7.77
C ASN I 240 15.90 -88.87 -6.99
N THR I 241 16.31 -88.67 -5.74
CA THR I 241 16.68 -89.79 -4.88
C THR I 241 15.98 -89.72 -3.54
N LYS I 242 15.51 -90.86 -3.06
CA LYS I 242 14.85 -90.95 -1.78
C LYS I 242 15.78 -91.61 -0.75
N VAL I 243 15.62 -91.21 0.51
CA VAL I 243 16.40 -91.78 1.59
C VAL I 243 15.47 -92.78 2.27
N THR I 244 15.85 -94.06 2.23
CA THR I 244 15.06 -95.14 2.83
C THR I 244 15.35 -95.20 4.32
N GLY I 245 16.53 -94.73 4.72
CA GLY I 245 16.89 -94.73 6.12
C GLY I 245 18.36 -94.55 6.35
N ALA I 246 18.76 -94.59 7.61
CA ALA I 246 20.15 -94.45 7.98
C ALA I 246 20.34 -95.15 9.32
N THR I 247 21.55 -95.63 9.56
CA THR I 247 21.84 -96.31 10.81
C THR I 247 23.27 -95.97 11.21
N LYS I 248 23.46 -95.64 12.49
CA LYS I 248 24.78 -95.30 12.98
C LYS I 248 25.61 -96.55 13.17
N LYS I 249 26.66 -96.70 12.36
CA LYS I 249 27.56 -97.84 12.46
C LYS I 249 28.41 -97.67 13.73
N SER I 250 28.56 -98.74 14.50
CA SER I 250 29.35 -98.68 15.73
C SER I 250 30.80 -98.26 15.47
N ASP I 251 31.23 -98.34 14.22
CA ASP I 251 32.59 -97.96 13.91
C ASP I 251 32.73 -96.43 13.84
N GLY I 252 31.66 -95.76 14.25
CA GLY I 252 31.64 -94.30 14.28
C GLY I 252 30.90 -93.62 13.16
N LYS I 253 31.28 -93.92 11.93
CA LYS I 253 30.68 -93.34 10.75
C LYS I 253 29.24 -93.82 10.58
N ILE I 254 28.50 -93.17 9.70
CA ILE I 254 27.11 -93.54 9.47
C ILE I 254 26.76 -93.92 8.03
N ASP I 255 26.00 -95.00 7.91
CA ASP I 255 25.56 -95.52 6.62
C ASP I 255 24.15 -95.05 6.30
N VAL I 256 24.00 -94.42 5.14
CA VAL I 256 22.70 -93.91 4.72
C VAL I 256 22.25 -94.76 3.55
N SER I 257 20.98 -95.17 3.53
CA SER I 257 20.54 -95.99 2.42
C SER I 257 19.54 -95.26 1.56
N ILE I 258 19.89 -95.17 0.28
CA ILE I 258 19.12 -94.41 -0.70
C ILE I 258 18.71 -95.21 -1.92
N GLU I 259 17.99 -94.57 -2.84
CA GLU I 259 17.51 -95.22 -4.07
C GLU I 259 16.70 -94.23 -4.91
N ALA I 260 16.50 -94.55 -6.19
CA ALA I 260 15.75 -93.69 -7.08
C ALA I 260 14.38 -93.38 -6.50
N ALA I 261 13.83 -92.23 -6.88
CA ALA I 261 12.51 -91.81 -6.41
C ALA I 261 11.51 -92.90 -6.80
N SER I 262 11.91 -93.72 -7.77
CA SER I 262 11.08 -94.83 -8.25
C SER I 262 11.76 -96.16 -7.91
N LYS I 265 16.37 -98.26 -7.30
CA LYS I 265 17.71 -98.94 -7.31
C LYS I 265 18.59 -98.48 -6.13
N ALA I 266 18.49 -99.23 -5.03
CA ALA I 266 19.21 -98.91 -3.80
C ALA I 266 20.74 -98.90 -3.84
N GLU I 267 21.29 -98.13 -2.91
CA GLU I 267 22.74 -97.97 -2.72
C GLU I 267 22.92 -97.59 -1.24
N VAL I 268 24.15 -97.27 -0.88
CA VAL I 268 24.46 -96.88 0.49
C VAL I 268 25.59 -95.85 0.50
N ILE I 269 25.42 -94.79 1.27
CA ILE I 269 26.45 -93.76 1.37
C ILE I 269 26.89 -93.69 2.81
N THR I 270 28.19 -93.74 3.03
CA THR I 270 28.71 -93.68 4.37
C THR I 270 29.42 -92.35 4.57
N CYS I 271 29.01 -91.64 5.61
CA CYS I 271 29.57 -90.34 5.94
C CYS I 271 29.88 -90.28 7.42
N ASP I 272 30.55 -89.21 7.83
CA ASP I 272 30.91 -89.02 9.22
C ASP I 272 29.84 -88.16 9.89
N VAL I 273 29.13 -87.36 9.10
CA VAL I 273 28.07 -86.49 9.60
C VAL I 273 26.87 -86.47 8.65
N LEU I 274 25.67 -86.56 9.21
CA LEU I 274 24.45 -86.53 8.42
C LEU I 274 23.63 -85.30 8.77
N LEU I 275 23.61 -84.32 7.87
CA LEU I 275 22.85 -83.10 8.10
C LEU I 275 21.42 -83.36 7.62
N VAL I 276 20.46 -83.18 8.53
CA VAL I 276 19.06 -83.41 8.21
C VAL I 276 18.23 -82.14 8.07
N CYS I 277 18.08 -81.67 6.84
CA CYS I 277 17.28 -80.47 6.59
C CYS I 277 16.38 -80.64 5.38
N ILE I 278 15.29 -81.36 5.59
CA ILE I 278 14.33 -81.61 4.54
C ILE I 278 13.30 -80.49 4.56
N GLY I 279 13.41 -79.61 5.55
CA GLY I 279 12.47 -78.51 5.63
C GLY I 279 12.24 -77.99 7.04
N ARG I 280 11.26 -77.10 7.18
CA ARG I 280 10.90 -76.49 8.47
C ARG I 280 9.39 -76.36 8.49
N ARG I 281 8.81 -76.36 9.68
CA ARG I 281 7.36 -76.25 9.81
C ARG I 281 6.98 -75.26 10.88
N PRO I 282 5.74 -74.81 10.85
CA PRO I 282 5.23 -73.85 11.84
C PRO I 282 5.34 -74.42 13.24
N PHE I 283 5.70 -73.57 14.21
CA PHE I 283 5.81 -73.98 15.61
C PHE I 283 4.75 -73.26 16.45
N THR I 284 3.78 -74.01 16.97
CA THR I 284 2.71 -73.41 17.79
C THR I 284 2.34 -74.32 18.96
N LYS I 285 3.25 -75.21 19.35
CA LYS I 285 2.99 -76.18 20.43
C LYS I 285 2.58 -75.58 21.79
N ASN I 286 1.48 -76.10 22.33
CA ASN I 286 0.93 -75.68 23.61
C ASN I 286 0.83 -74.16 23.77
N LEU I 287 0.35 -73.48 22.73
CA LEU I 287 0.19 -72.04 22.73
C LEU I 287 -1.22 -71.77 23.25
N GLY I 288 -2.01 -72.83 23.40
CA GLY I 288 -3.38 -72.70 23.87
C GLY I 288 -4.33 -72.52 22.69
N LEU I 289 -3.74 -72.52 21.50
CA LEU I 289 -4.50 -72.34 20.27
C LEU I 289 -5.65 -73.34 20.18
N GLU I 290 -5.36 -74.58 20.54
CA GLU I 290 -6.37 -75.63 20.47
C GLU I 290 -7.59 -75.29 21.37
N GLU I 291 -7.33 -74.70 22.52
CA GLU I 291 -8.37 -74.35 23.47
C GLU I 291 -9.21 -73.13 23.05
N LEU I 292 -8.62 -72.23 22.28
CA LEU I 292 -9.31 -71.02 21.82
C LEU I 292 -10.35 -71.28 20.72
N GLY I 293 -10.18 -72.37 19.99
CA GLY I 293 -11.11 -72.66 18.92
C GLY I 293 -10.51 -72.26 17.58
N ILE I 294 -9.24 -71.89 17.62
CA ILE I 294 -8.52 -71.50 16.41
C ILE I 294 -7.83 -72.74 15.89
N GLU I 295 -8.30 -73.30 14.78
CA GLU I 295 -7.63 -74.48 14.27
C GLU I 295 -6.67 -74.20 13.11
N LEU I 296 -5.62 -75.02 13.03
CA LEU I 296 -4.59 -74.92 12.02
C LEU I 296 -5.03 -75.37 10.60
N ASP I 297 -4.18 -75.10 9.61
CA ASP I 297 -4.49 -75.54 8.27
C ASP I 297 -3.71 -76.85 8.11
N PRO I 298 -4.03 -77.64 7.07
CA PRO I 298 -3.34 -78.92 6.84
C PRO I 298 -1.82 -78.91 6.97
N ARG I 299 -1.19 -77.76 6.74
CA ARG I 299 0.27 -77.65 6.81
C ARG I 299 0.80 -77.30 8.21
N GLY I 300 -0.10 -76.92 9.11
CA GLY I 300 0.30 -76.56 10.46
C GLY I 300 0.40 -75.06 10.65
N ARG I 301 -0.21 -74.32 9.73
CA ARG I 301 -0.19 -72.87 9.80
C ARG I 301 -1.47 -72.31 10.35
N ILE I 302 -1.37 -71.12 10.93
CA ILE I 302 -2.52 -70.46 11.50
C ILE I 302 -3.26 -69.71 10.43
N PRO I 303 -4.50 -70.12 10.17
CA PRO I 303 -5.27 -69.42 9.15
C PRO I 303 -5.49 -67.96 9.52
N VAL I 304 -5.11 -67.03 8.64
CA VAL I 304 -5.27 -65.60 8.96
C VAL I 304 -5.81 -64.85 7.78
N ASN I 305 -6.62 -63.85 8.07
CA ASN I 305 -7.25 -63.07 7.02
C ASN I 305 -6.38 -61.97 6.43
N THR I 306 -7.02 -61.07 5.72
CA THR I 306 -6.32 -59.96 5.08
C THR I 306 -5.47 -59.06 5.98
N ARG I 307 -5.92 -58.85 7.22
CA ARG I 307 -5.20 -58.01 8.16
C ARG I 307 -4.37 -58.82 9.12
N PHE I 308 -4.26 -60.11 8.81
CA PHE I 308 -3.53 -61.10 9.59
C PHE I 308 -4.22 -61.45 10.90
N GLN I 309 -5.56 -61.39 10.91
CA GLN I 309 -6.35 -61.76 12.09
C GLN I 309 -6.77 -63.21 11.96
N THR I 310 -6.80 -63.90 13.09
CA THR I 310 -7.22 -65.29 13.13
C THR I 310 -8.74 -65.27 13.25
N LYS I 311 -9.37 -66.43 13.45
CA LYS I 311 -10.82 -66.51 13.61
C LYS I 311 -11.25 -65.56 14.75
N ILE I 312 -10.39 -65.38 15.73
CA ILE I 312 -10.67 -64.49 16.86
C ILE I 312 -9.98 -63.14 16.57
N PRO I 313 -10.80 -62.12 16.26
CA PRO I 313 -10.51 -60.71 15.90
C PRO I 313 -9.33 -59.96 16.51
N ASN I 314 -9.03 -60.17 17.78
CA ASN I 314 -7.93 -59.42 18.36
C ASN I 314 -6.68 -60.26 18.49
N ILE I 315 -6.74 -61.49 18.02
CA ILE I 315 -5.58 -62.36 18.06
C ILE I 315 -5.05 -62.47 16.62
N TYR I 316 -3.78 -62.13 16.42
CA TYR I 316 -3.16 -62.14 15.09
C TYR I 316 -2.01 -63.12 15.00
N ALA I 317 -1.47 -63.28 13.79
CA ALA I 317 -0.34 -64.18 13.54
C ALA I 317 0.42 -63.73 12.29
N ILE I 318 1.74 -63.80 12.35
CA ILE I 318 2.58 -63.37 11.25
C ILE I 318 3.79 -64.26 11.22
N GLY I 319 4.62 -64.12 10.18
CA GLY I 319 5.83 -64.93 10.08
C GLY I 319 5.71 -66.39 9.64
N ASP I 320 6.69 -67.19 10.07
CA ASP I 320 6.72 -68.61 9.71
C ASP I 320 5.52 -69.44 10.15
N VAL I 321 4.61 -68.86 10.91
CA VAL I 321 3.41 -69.61 11.32
C VAL I 321 2.22 -69.34 10.42
N VAL I 322 2.38 -68.39 9.49
CA VAL I 322 1.30 -68.08 8.55
C VAL I 322 1.76 -68.36 7.11
N ALA I 323 0.81 -68.34 6.19
CA ALA I 323 1.06 -68.61 4.79
C ALA I 323 2.13 -67.69 4.17
N GLY I 324 2.78 -68.18 3.13
CA GLY I 324 3.79 -67.39 2.46
C GLY I 324 5.16 -67.97 2.63
N PRO I 325 6.18 -67.46 1.93
CA PRO I 325 7.54 -68.00 2.06
C PRO I 325 8.10 -67.79 3.47
N MET I 326 8.78 -68.80 3.98
CA MET I 326 9.36 -68.76 5.32
C MET I 326 10.71 -68.05 5.30
N LEU I 327 10.64 -66.72 5.27
CA LEU I 327 11.81 -65.87 5.21
C LEU I 327 11.76 -64.80 6.27
N ALA I 328 12.93 -64.31 6.68
CA ALA I 328 13.00 -63.28 7.70
C ALA I 328 12.33 -61.99 7.26
N HIS I 329 12.74 -61.44 6.10
CA HIS I 329 12.16 -60.19 5.65
C HIS I 329 10.67 -60.28 5.45
N LYS I 330 10.19 -61.49 5.21
CA LYS I 330 8.76 -61.70 5.03
C LYS I 330 8.08 -61.57 6.40
N ALA I 331 8.68 -62.16 7.42
CA ALA I 331 8.12 -62.07 8.76
C ALA I 331 8.10 -60.60 9.21
N GLU I 332 9.21 -59.88 9.00
CA GLU I 332 9.28 -58.48 9.41
C GLU I 332 8.23 -57.59 8.77
N ASP I 333 8.06 -57.76 7.46
CA ASP I 333 7.09 -56.96 6.73
C ASP I 333 5.70 -57.21 7.26
N GLU I 334 5.37 -58.48 7.46
CA GLU I 334 4.05 -58.82 7.96
C GLU I 334 3.88 -58.20 9.36
N GLY I 335 4.90 -58.34 10.21
CA GLY I 335 4.83 -57.76 11.55
C GLY I 335 4.54 -56.27 11.50
N ILE I 336 5.32 -55.54 10.69
CA ILE I 336 5.13 -54.12 10.56
C ILE I 336 3.73 -53.73 10.08
N ILE I 337 3.30 -54.26 8.94
CA ILE I 337 1.97 -53.90 8.43
C ILE I 337 0.84 -54.43 9.30
N CYS I 338 1.06 -55.57 9.95
CA CYS I 338 0.03 -56.10 10.84
C CYS I 338 -0.19 -55.07 11.95
N VAL I 339 0.91 -54.64 12.55
CA VAL I 339 0.87 -53.66 13.62
C VAL I 339 0.28 -52.33 13.15
N GLU I 340 0.66 -51.86 11.96
CA GLU I 340 0.09 -50.61 11.44
C GLU I 340 -1.42 -50.80 11.24
N GLY I 341 -1.83 -52.02 10.93
CA GLY I 341 -3.25 -52.28 10.77
C GLY I 341 -3.98 -52.11 12.10
N MET I 342 -3.41 -52.69 13.17
CA MET I 342 -4.00 -52.56 14.51
C MET I 342 -4.27 -51.09 14.80
N ALA I 343 -3.35 -50.23 14.37
CA ALA I 343 -3.47 -48.80 14.57
C ALA I 343 -4.43 -48.12 13.61
N GLY I 344 -5.24 -48.90 12.90
CA GLY I 344 -6.19 -48.32 11.96
C GLY I 344 -5.65 -48.02 10.57
N GLY I 345 -4.44 -48.47 10.28
CA GLY I 345 -3.87 -48.21 8.97
C GLY I 345 -4.24 -49.28 7.94
N ALA I 346 -3.77 -49.10 6.71
CA ALA I 346 -4.06 -50.05 5.65
C ALA I 346 -3.14 -51.26 5.77
N VAL I 347 -3.60 -52.43 5.35
CA VAL I 347 -2.76 -53.60 5.41
C VAL I 347 -2.59 -54.18 4.00
N HIS I 348 -1.37 -54.13 3.47
CA HIS I 348 -1.17 -54.65 2.14
C HIS I 348 0.21 -55.19 1.91
N ILE I 349 0.27 -56.37 1.35
CA ILE I 349 1.54 -57.00 1.04
C ILE I 349 1.39 -57.82 -0.24
N ASP I 350 2.35 -57.68 -1.13
CA ASP I 350 2.30 -58.43 -2.38
C ASP I 350 3.45 -59.42 -2.33
N TYR I 351 3.11 -60.69 -2.16
CA TYR I 351 4.16 -61.70 -2.07
C TYR I 351 4.91 -61.93 -3.34
N ASN I 352 4.39 -61.42 -4.47
CA ASN I 352 5.10 -61.57 -5.74
C ASN I 352 6.30 -60.63 -5.74
N CYS I 353 6.36 -59.68 -4.79
CA CYS I 353 7.50 -58.77 -4.74
C CYS I 353 8.45 -59.09 -3.57
N VAL I 354 8.27 -60.27 -2.98
CA VAL I 354 9.14 -60.70 -1.89
C VAL I 354 10.32 -61.46 -2.46
N PRO I 355 11.53 -60.91 -2.33
CA PRO I 355 12.69 -61.61 -2.88
C PRO I 355 13.18 -62.84 -2.11
N SER I 356 14.07 -63.60 -2.74
CA SER I 356 14.68 -64.78 -2.15
C SER I 356 16.14 -64.72 -2.52
N VAL I 357 17.00 -65.18 -1.62
CA VAL I 357 18.43 -65.16 -1.83
C VAL I 357 19.07 -66.45 -1.31
N ILE I 358 20.15 -66.87 -1.96
CA ILE I 358 20.89 -68.03 -1.54
C ILE I 358 22.28 -67.45 -1.46
N TYR I 359 22.85 -67.48 -0.26
CA TYR I 359 24.14 -66.87 -0.02
C TYR I 359 25.39 -67.66 -0.33
N THR I 360 25.25 -68.59 -1.26
CA THR I 360 26.39 -69.37 -1.72
C THR I 360 27.19 -68.39 -2.56
N HIS I 361 28.25 -68.88 -3.20
CA HIS I 361 29.06 -68.07 -4.07
C HIS I 361 29.36 -68.94 -5.30
N PRO I 362 28.78 -68.59 -6.46
CA PRO I 362 27.89 -67.47 -6.72
C PRO I 362 26.62 -67.50 -5.90
N GLU I 363 26.05 -66.33 -5.71
CA GLU I 363 24.82 -66.18 -4.97
C GLU I 363 23.70 -66.38 -5.96
N VAL I 364 22.49 -66.56 -5.46
CA VAL I 364 21.33 -66.74 -6.29
C VAL I 364 20.24 -65.90 -5.64
N ALA I 365 19.53 -65.12 -6.45
CA ALA I 365 18.47 -64.29 -5.91
C ALA I 365 17.42 -64.07 -7.00
N TRP I 366 16.16 -63.97 -6.61
CA TRP I 366 15.12 -63.74 -7.60
C TRP I 366 13.88 -63.16 -6.93
N VAL I 367 13.02 -62.55 -7.73
CA VAL I 367 11.80 -61.96 -7.19
C VAL I 367 10.81 -61.98 -8.35
N GLY I 368 9.53 -62.15 -8.04
CA GLY I 368 8.55 -62.21 -9.09
C GLY I 368 8.40 -63.66 -9.54
N LYS I 369 8.13 -63.86 -10.82
CA LYS I 369 7.91 -65.21 -11.31
C LYS I 369 8.98 -65.92 -12.14
N SER I 370 8.97 -67.24 -12.07
CA SER I 370 9.90 -68.07 -12.81
C SER I 370 9.26 -68.40 -14.17
N GLU I 371 10.03 -68.95 -15.10
CA GLU I 371 9.45 -69.32 -16.40
C GLU I 371 8.40 -70.41 -16.20
N GLU I 372 8.65 -71.35 -15.31
CA GLU I 372 7.67 -72.41 -15.07
C GLU I 372 6.34 -71.86 -14.59
N GLN I 373 6.38 -70.87 -13.69
CA GLN I 373 5.15 -70.31 -13.17
C GLN I 373 4.39 -69.57 -14.24
N LEU I 374 5.11 -68.83 -15.05
CA LEU I 374 4.48 -68.06 -16.11
C LEU I 374 3.82 -69.01 -17.14
N LYS I 375 4.49 -70.11 -17.45
CA LYS I 375 3.90 -71.06 -18.40
C LYS I 375 2.65 -71.67 -17.80
N GLU I 376 2.77 -72.20 -16.58
CA GLU I 376 1.58 -72.81 -15.99
C GLU I 376 0.43 -71.82 -15.83
N GLU I 377 0.74 -70.52 -15.71
CA GLU I 377 -0.35 -69.53 -15.57
C GLU I 377 -0.91 -69.09 -16.91
N GLY I 378 -0.20 -69.46 -17.98
CA GLY I 378 -0.64 -69.12 -19.33
C GLY I 378 -0.23 -67.73 -19.75
N ILE I 379 0.89 -67.24 -19.24
CA ILE I 379 1.33 -65.87 -19.58
C ILE I 379 2.35 -65.87 -20.69
N GLU I 380 2.15 -64.99 -21.66
CA GLU I 380 3.04 -64.86 -22.82
C GLU I 380 4.20 -63.92 -22.39
N TYR I 381 5.43 -64.39 -22.46
CA TYR I 381 6.54 -63.56 -22.03
C TYR I 381 7.76 -63.63 -22.93
N LYS I 382 8.69 -62.69 -22.76
CA LYS I 382 9.95 -62.67 -23.51
C LYS I 382 11.10 -62.76 -22.50
N VAL I 383 12.28 -63.11 -22.99
CA VAL I 383 13.45 -63.30 -22.13
C VAL I 383 14.67 -62.48 -22.50
N GLY I 384 15.24 -61.83 -21.50
CA GLY I 384 16.45 -61.03 -21.68
C GLY I 384 17.51 -61.63 -20.77
N LYS I 385 18.68 -61.92 -21.33
CA LYS I 385 19.77 -62.53 -20.58
C LYS I 385 21.08 -61.77 -20.79
N PHE I 386 21.86 -61.62 -19.71
CA PHE I 386 23.18 -60.97 -19.77
C PHE I 386 24.06 -61.73 -18.81
N PRO I 387 25.16 -62.30 -19.32
CA PRO I 387 26.10 -63.08 -18.50
C PRO I 387 27.12 -62.18 -17.81
N PHE I 388 27.47 -62.53 -16.58
CA PHE I 388 28.44 -61.73 -15.85
C PHE I 388 29.80 -61.74 -16.51
N ALA I 389 30.05 -62.79 -17.28
CA ALA I 389 31.31 -62.90 -18.00
C ALA I 389 31.48 -61.68 -18.90
N ALA I 390 30.37 -61.05 -19.26
CA ALA I 390 30.40 -59.87 -20.11
C ALA I 390 30.28 -58.57 -19.31
N ASN I 391 30.14 -58.67 -17.99
CA ASN I 391 30.02 -57.48 -17.14
C ASN I 391 31.42 -56.98 -16.73
N SER I 392 31.71 -55.71 -17.00
CA SER I 392 33.02 -55.15 -16.65
C SER I 392 33.48 -55.30 -15.18
N ARG I 393 32.58 -55.09 -14.23
CA ARG I 393 33.02 -55.19 -12.85
C ARG I 393 33.34 -56.62 -12.48
N ALA I 394 32.47 -57.55 -12.88
CA ALA I 394 32.70 -58.95 -12.60
C ALA I 394 34.01 -59.40 -13.26
N LYS I 395 34.24 -58.95 -14.49
CA LYS I 395 35.44 -59.35 -15.21
C LYS I 395 36.70 -58.80 -14.55
N THR I 396 36.66 -57.52 -14.17
CA THR I 396 37.80 -56.90 -13.53
C THR I 396 38.13 -57.60 -12.22
N ASN I 397 37.12 -58.11 -11.53
CA ASN I 397 37.37 -58.81 -10.26
C ASN I 397 37.62 -60.28 -10.47
N ALA I 398 37.56 -60.75 -11.71
CA ALA I 398 37.76 -62.16 -11.99
C ALA I 398 36.73 -62.99 -11.26
N ASP I 399 35.48 -62.54 -11.29
CA ASP I 399 34.37 -63.22 -10.63
C ASP I 399 33.23 -63.14 -11.64
N THR I 400 33.31 -63.98 -12.67
CA THR I 400 32.34 -63.96 -13.77
C THR I 400 31.26 -65.04 -13.95
N ASP I 401 31.05 -65.91 -12.98
CA ASP I 401 30.03 -66.93 -13.16
C ASP I 401 28.59 -66.39 -13.25
N GLY I 402 27.72 -67.14 -13.92
CA GLY I 402 26.32 -66.78 -13.99
C GLY I 402 25.82 -65.69 -14.91
N MET I 403 24.59 -65.26 -14.64
CA MET I 403 23.91 -64.26 -15.47
C MET I 403 22.71 -63.65 -14.79
N VAL I 404 22.15 -62.62 -15.43
CA VAL I 404 20.91 -62.04 -14.97
C VAL I 404 19.91 -62.46 -16.04
N LYS I 405 18.73 -62.87 -15.61
CA LYS I 405 17.67 -63.28 -16.52
C LYS I 405 16.41 -62.52 -16.19
N ILE I 406 15.92 -61.74 -17.15
CA ILE I 406 14.70 -60.97 -16.99
C ILE I 406 13.55 -61.54 -17.82
N LEU I 407 12.39 -61.65 -17.20
CA LEU I 407 11.22 -62.13 -17.91
C LEU I 407 10.22 -60.96 -17.95
N GLY I 408 9.90 -60.52 -19.17
CA GLY I 408 8.96 -59.43 -19.35
C GLY I 408 7.74 -59.87 -20.14
N GLN I 409 6.60 -59.25 -19.88
CA GLN I 409 5.37 -59.57 -20.59
C GLN I 409 5.56 -59.21 -22.07
N LYS I 410 5.28 -60.19 -22.94
CA LYS I 410 5.47 -60.05 -24.39
C LYS I 410 4.92 -58.77 -25.03
N SER I 411 3.77 -58.31 -24.58
CA SER I 411 3.20 -57.12 -25.21
C SER I 411 3.31 -55.81 -24.43
N THR I 412 3.32 -55.87 -23.10
CA THR I 412 3.40 -54.65 -22.28
C THR I 412 4.83 -54.31 -21.85
N ASP I 413 5.73 -55.30 -21.92
CA ASP I 413 7.13 -55.09 -21.54
C ASP I 413 7.24 -54.99 -20.03
N ARG I 414 6.15 -55.30 -19.35
CA ARG I 414 6.07 -55.30 -17.89
C ARG I 414 7.04 -56.31 -17.28
N VAL I 415 7.90 -55.91 -16.34
CA VAL I 415 8.81 -56.89 -15.75
C VAL I 415 8.00 -57.88 -14.91
N LEU I 416 8.13 -59.17 -15.22
CA LEU I 416 7.39 -60.23 -14.53
C LEU I 416 8.25 -61.03 -13.56
N GLY I 417 9.56 -61.05 -13.79
CA GLY I 417 10.44 -61.78 -12.92
C GLY I 417 11.88 -61.41 -13.21
N ALA I 418 12.71 -61.48 -12.17
CA ALA I 418 14.12 -61.14 -12.29
C ALA I 418 14.86 -62.25 -11.57
N HIS I 419 15.86 -62.83 -12.22
CA HIS I 419 16.59 -63.94 -11.63
C HIS I 419 18.06 -63.71 -11.81
N ILE I 420 18.78 -63.77 -10.71
CA ILE I 420 20.19 -63.52 -10.72
C ILE I 420 21.02 -64.67 -10.15
N LEU I 421 22.05 -65.06 -10.90
CA LEU I 421 22.95 -66.12 -10.47
C LEU I 421 24.31 -65.49 -10.69
N GLY I 422 25.05 -65.25 -9.63
CA GLY I 422 26.35 -64.62 -9.80
C GLY I 422 26.73 -63.72 -8.65
N PRO I 423 27.84 -62.99 -8.79
CA PRO I 423 28.27 -62.10 -7.71
C PRO I 423 27.27 -60.96 -7.44
N GLY I 424 27.07 -60.65 -6.17
CA GLY I 424 26.18 -59.56 -5.79
C GLY I 424 24.69 -59.75 -6.03
N ALA I 425 24.26 -60.99 -6.29
CA ALA I 425 22.84 -61.26 -6.51
C ALA I 425 21.98 -60.82 -5.32
N GLY I 426 22.44 -61.12 -4.11
CA GLY I 426 21.70 -60.77 -2.91
C GLY I 426 21.25 -59.32 -2.81
N GLU I 427 22.21 -58.41 -2.99
CA GLU I 427 21.95 -56.97 -2.95
C GLU I 427 21.20 -56.54 -4.20
N MET I 428 21.65 -57.06 -5.35
CA MET I 428 21.05 -56.71 -6.63
C MET I 428 19.55 -56.98 -6.69
N VAL I 429 19.10 -58.06 -6.10
CA VAL I 429 17.68 -58.36 -6.18
C VAL I 429 16.81 -57.28 -5.54
N ASN I 430 17.40 -56.41 -4.73
CA ASN I 430 16.58 -55.38 -4.10
C ASN I 430 16.24 -54.24 -5.06
N GLU I 431 17.12 -53.99 -6.03
CA GLU I 431 16.82 -52.98 -7.04
C GLU I 431 15.61 -53.56 -7.80
N ALA I 432 15.65 -54.87 -8.06
CA ALA I 432 14.58 -55.56 -8.77
C ALA I 432 13.24 -55.48 -8.02
N ALA I 433 13.28 -55.78 -6.73
CA ALA I 433 12.07 -55.72 -5.91
C ALA I 433 11.50 -54.31 -5.96
N LEU I 434 12.36 -53.30 -5.93
CA LEU I 434 11.86 -51.92 -6.00
C LEU I 434 11.14 -51.73 -7.34
N ALA I 435 11.77 -52.17 -8.43
CA ALA I 435 11.17 -52.03 -9.75
C ALA I 435 9.83 -52.75 -9.83
N LEU I 436 9.77 -53.98 -9.34
CA LEU I 436 8.48 -54.69 -9.42
C LEU I 436 7.39 -53.94 -8.66
N GLU I 437 7.72 -53.45 -7.46
CA GLU I 437 6.73 -52.74 -6.64
C GLU I 437 6.18 -51.52 -7.38
N TYR I 438 6.97 -50.94 -8.27
CA TYR I 438 6.54 -49.80 -9.07
C TYR I 438 5.92 -50.24 -10.42
N GLY I 439 5.79 -51.55 -10.63
CA GLY I 439 5.21 -52.06 -11.88
C GLY I 439 6.05 -51.64 -13.07
N ALA I 440 7.36 -51.61 -12.87
CA ALA I 440 8.27 -51.19 -13.93
C ALA I 440 8.22 -52.10 -15.17
N SER I 441 8.59 -51.51 -16.30
CA SER I 441 8.70 -52.23 -17.56
C SER I 441 10.21 -52.43 -17.75
N CYS I 442 10.61 -53.39 -18.56
CA CYS I 442 12.04 -53.62 -18.82
C CYS I 442 12.69 -52.33 -19.31
N GLU I 443 11.96 -51.61 -20.16
CA GLU I 443 12.49 -50.37 -20.71
C GLU I 443 12.75 -49.35 -19.60
N ASP I 444 11.85 -49.24 -18.62
CA ASP I 444 12.03 -48.32 -17.50
C ASP I 444 13.40 -48.54 -16.87
N ILE I 445 13.69 -49.78 -16.50
CA ILE I 445 14.97 -50.11 -15.89
C ILE I 445 16.13 -49.80 -16.82
N ALA I 446 15.97 -50.15 -18.10
CA ALA I 446 17.01 -49.91 -19.08
C ALA I 446 17.37 -48.44 -19.20
N ARG I 447 16.42 -47.55 -18.95
CA ARG I 447 16.69 -46.15 -19.12
C ARG I 447 17.30 -45.44 -17.90
N VAL I 448 17.44 -46.17 -16.83
CA VAL I 448 18.01 -45.62 -15.59
C VAL I 448 19.52 -45.70 -15.70
N CYS I 449 20.20 -44.63 -15.33
CA CYS I 449 21.68 -44.56 -15.47
C CYS I 449 22.34 -45.36 -14.35
N HIS I 450 22.83 -46.55 -14.66
CA HIS I 450 23.52 -47.37 -13.64
C HIS I 450 25.01 -47.01 -13.63
N ALA I 451 25.63 -47.01 -12.45
CA ALA I 451 27.05 -46.66 -12.34
C ALA I 451 27.98 -47.65 -13.08
N HIS I 452 29.03 -47.13 -13.69
CA HIS I 452 29.98 -47.99 -14.40
C HIS I 452 31.35 -47.81 -13.75
N PRO I 453 32.01 -48.91 -13.38
CA PRO I 453 31.57 -50.30 -13.54
C PRO I 453 30.93 -50.91 -12.31
N THR I 454 29.73 -51.47 -12.47
CA THR I 454 29.05 -52.13 -11.35
C THR I 454 28.38 -53.38 -11.86
N LEU I 455 28.21 -54.34 -10.95
CA LEU I 455 27.56 -55.57 -11.27
C LEU I 455 26.15 -55.27 -11.75
N SER I 456 25.56 -54.24 -11.15
CA SER I 456 24.21 -53.85 -11.48
C SER I 456 24.00 -53.57 -12.98
N GLU I 457 25.06 -53.24 -13.72
CA GLU I 457 24.88 -53.01 -15.15
C GLU I 457 24.37 -54.29 -15.85
N ALA I 458 24.68 -55.46 -15.30
CA ALA I 458 24.21 -56.71 -15.89
C ALA I 458 22.67 -56.76 -15.84
N PHE I 459 22.12 -56.31 -14.72
CA PHE I 459 20.68 -56.26 -14.51
C PHE I 459 20.11 -55.27 -15.52
N ARG I 460 20.77 -54.13 -15.67
CA ARG I 460 20.29 -53.15 -16.61
C ARG I 460 20.33 -53.67 -18.06
N GLU I 461 21.43 -54.33 -18.43
CA GLU I 461 21.59 -54.84 -19.82
C GLU I 461 20.61 -55.96 -20.14
N ALA I 462 20.31 -56.80 -19.14
CA ALA I 462 19.37 -57.90 -19.32
C ALA I 462 18.00 -57.32 -19.58
N ASN I 463 17.67 -56.23 -18.88
CA ASN I 463 16.39 -55.57 -19.08
C ASN I 463 16.36 -54.96 -20.48
N LEU I 464 17.49 -54.42 -20.91
CA LEU I 464 17.57 -53.84 -22.25
C LEU I 464 17.36 -54.96 -23.29
N ALA I 465 18.01 -56.11 -23.11
CA ALA I 465 17.87 -57.20 -24.07
C ALA I 465 16.41 -57.65 -24.17
N ALA I 466 15.74 -57.80 -23.03
CA ALA I 466 14.34 -58.19 -23.00
C ALA I 466 13.42 -57.13 -23.61
N SER I 467 13.73 -55.87 -23.39
CA SER I 467 12.91 -54.79 -23.92
C SER I 467 13.12 -54.53 -25.40
N PHE I 468 14.37 -54.31 -25.78
CA PHE I 468 14.76 -53.98 -27.15
C PHE I 468 15.12 -55.19 -28.00
N GLY I 469 15.46 -56.31 -27.38
CA GLY I 469 15.85 -57.48 -28.15
C GLY I 469 17.35 -57.73 -28.09
N LYS I 470 18.14 -56.68 -27.85
CA LYS I 470 19.60 -56.81 -27.75
C LYS I 470 20.19 -55.86 -26.69
N SER I 471 21.26 -56.29 -26.06
CA SER I 471 21.95 -55.46 -25.09
C SER I 471 23.09 -54.79 -25.85
N ILE I 472 23.88 -53.98 -25.15
CA ILE I 472 25.01 -53.33 -25.79
C ILE I 472 26.25 -54.20 -25.72
N ASN I 473 26.52 -54.78 -24.56
CA ASN I 473 27.73 -55.53 -24.35
C ASN I 473 27.71 -57.01 -24.51
N PHE I 474 26.68 -57.54 -25.12
CA PHE I 474 26.64 -58.95 -25.37
C PHE I 474 25.81 -59.22 -26.62
N GLN J 3 39.25 -45.66 -52.12
CA GLN J 3 39.63 -45.63 -50.68
C GLN J 3 38.55 -44.93 -49.87
N PRO J 4 38.12 -43.73 -50.29
CA PRO J 4 37.09 -43.04 -49.52
C PRO J 4 35.89 -43.91 -49.26
N ILE J 5 35.49 -44.03 -48.00
CA ILE J 5 34.32 -44.83 -47.66
C ILE J 5 33.21 -43.89 -47.20
N ASP J 6 32.04 -44.44 -46.87
CA ASP J 6 30.95 -43.57 -46.46
C ASP J 6 30.09 -44.21 -45.40
N ALA J 7 29.30 -43.38 -44.72
CA ALA J 7 28.47 -43.90 -43.66
C ALA J 7 27.41 -42.93 -43.21
N ASP J 8 26.51 -43.45 -42.40
CA ASP J 8 25.43 -42.64 -41.84
C ASP J 8 25.95 -41.90 -40.61
N VAL J 9 26.66 -42.65 -39.75
CA VAL J 9 27.18 -42.13 -38.50
C VAL J 9 28.66 -42.48 -38.28
N THR J 10 29.48 -41.45 -38.12
CA THR J 10 30.91 -41.67 -37.85
C THR J 10 31.21 -41.13 -36.44
N VAL J 11 31.59 -42.02 -35.53
CA VAL J 11 31.91 -41.53 -34.21
C VAL J 11 33.43 -41.51 -34.00
N ILE J 12 33.92 -40.37 -33.51
CA ILE J 12 35.35 -40.20 -33.29
C ILE J 12 35.64 -40.47 -31.80
N GLY J 13 36.26 -41.60 -31.54
CA GLY J 13 36.61 -42.00 -30.19
C GLY J 13 35.90 -43.28 -29.80
N SER J 14 36.61 -44.19 -29.15
CA SER J 14 35.98 -45.44 -28.76
C SER J 14 35.92 -45.64 -27.23
N GLY J 15 35.80 -44.54 -26.48
CA GLY J 15 35.69 -44.66 -25.03
C GLY J 15 34.26 -45.10 -24.69
N PRO J 16 33.88 -45.11 -23.39
CA PRO J 16 32.53 -45.52 -22.99
C PRO J 16 31.48 -44.81 -23.84
N GLY J 17 31.72 -43.55 -24.15
CA GLY J 17 30.77 -42.81 -24.95
C GLY J 17 30.72 -43.27 -26.41
N GLY J 18 31.84 -43.16 -27.12
CA GLY J 18 31.88 -43.55 -28.52
C GLY J 18 31.60 -44.99 -28.88
N TYR J 19 32.22 -45.96 -28.20
CA TYR J 19 32.02 -47.34 -28.57
C TYR J 19 30.59 -47.79 -28.31
N VAL J 20 29.97 -47.22 -27.28
CA VAL J 20 28.61 -47.59 -26.98
C VAL J 20 27.66 -46.98 -28.00
N ALA J 21 27.91 -45.73 -28.36
CA ALA J 21 27.06 -45.05 -29.33
C ALA J 21 27.20 -45.69 -30.72
N ALA J 22 28.37 -46.25 -31.02
CA ALA J 22 28.61 -46.90 -32.31
C ALA J 22 27.81 -48.19 -32.36
N ILE J 23 27.94 -49.00 -31.32
CA ILE J 23 27.21 -50.24 -31.24
C ILE J 23 25.72 -50.00 -31.36
N LYS J 24 25.24 -48.99 -30.62
CA LYS J 24 23.82 -48.67 -30.64
C LYS J 24 23.40 -48.11 -32.00
N ALA J 25 24.24 -47.28 -32.61
CA ALA J 25 23.91 -46.70 -33.89
C ALA J 25 23.68 -47.82 -34.89
N ALA J 26 24.59 -48.80 -34.90
CA ALA J 26 24.46 -49.92 -35.80
C ALA J 26 23.20 -50.74 -35.50
N GLN J 27 22.92 -51.00 -34.23
CA GLN J 27 21.75 -51.78 -33.89
C GLN J 27 20.50 -51.06 -34.32
N LEU J 28 20.60 -49.75 -34.52
CA LEU J 28 19.48 -48.94 -34.94
C LEU J 28 19.38 -48.94 -36.46
N GLY J 29 20.35 -49.58 -37.13
CA GLY J 29 20.32 -49.64 -38.58
C GLY J 29 21.18 -48.61 -39.32
N PHE J 30 21.87 -47.76 -38.59
CA PHE J 30 22.75 -46.80 -39.21
C PHE J 30 24.02 -47.51 -39.68
N LYS J 31 24.58 -47.06 -40.81
CA LYS J 31 25.84 -47.59 -41.36
C LYS J 31 26.86 -46.84 -40.49
N THR J 32 27.50 -47.56 -39.58
CA THR J 32 28.39 -46.98 -38.59
C THR J 32 29.89 -47.19 -38.63
N VAL J 33 30.62 -46.08 -38.50
CA VAL J 33 32.08 -46.10 -38.48
C VAL J 33 32.55 -45.50 -37.14
N CYS J 34 33.58 -46.10 -36.55
CA CYS J 34 34.14 -45.60 -35.30
C CYS J 34 35.64 -45.48 -35.47
N ILE J 35 36.14 -44.26 -35.25
CA ILE J 35 37.57 -43.97 -35.38
C ILE J 35 38.25 -43.87 -34.01
N GLU J 36 39.38 -44.56 -33.86
CA GLU J 36 40.16 -44.57 -32.61
C GLU J 36 41.66 -44.49 -32.91
N LYS J 37 42.34 -43.52 -32.30
CA LYS J 37 43.77 -43.34 -32.51
C LYS J 37 44.65 -44.28 -31.73
N ASN J 38 44.18 -44.79 -30.60
CA ASN J 38 45.00 -45.70 -29.80
C ASN J 38 44.95 -47.11 -30.36
N GLU J 39 45.90 -47.93 -29.96
CA GLU J 39 46.01 -49.31 -30.45
C GLU J 39 44.88 -50.22 -29.99
N THR J 40 44.17 -49.85 -28.93
CA THR J 40 43.05 -50.65 -28.48
C THR J 40 41.85 -49.74 -28.35
N LEU J 41 40.68 -50.35 -28.22
CA LEU J 41 39.43 -49.64 -28.08
C LEU J 41 39.08 -49.54 -26.58
N GLY J 42 38.05 -48.76 -26.24
CA GLY J 42 37.65 -48.67 -24.85
C GLY J 42 37.99 -47.36 -24.19
N GLY J 43 38.83 -46.56 -24.83
CA GLY J 43 39.19 -45.28 -24.27
C GLY J 43 39.87 -45.24 -22.90
N THR J 44 39.69 -44.12 -22.21
CA THR J 44 40.29 -43.86 -20.91
C THR J 44 39.91 -44.87 -19.88
N CYS J 45 38.60 -45.00 -19.70
CA CYS J 45 38.06 -45.93 -18.74
C CYS J 45 38.67 -47.31 -18.75
N LEU J 46 38.62 -47.97 -19.91
CA LEU J 46 39.11 -49.32 -20.02
C LEU J 46 40.64 -49.48 -19.97
N ASN J 47 41.36 -48.61 -20.67
CA ASN J 47 42.81 -48.75 -20.73
C ASN J 47 43.66 -48.16 -19.60
N VAL J 48 43.36 -46.93 -19.21
CA VAL J 48 44.10 -46.26 -18.14
C VAL J 48 43.17 -45.62 -17.09
N GLY J 49 41.98 -46.19 -16.91
CA GLY J 49 41.06 -45.58 -15.97
C GLY J 49 40.27 -46.49 -15.06
N CYS J 50 38.95 -46.44 -15.19
CA CYS J 50 38.06 -47.23 -14.34
C CYS J 50 38.51 -48.66 -14.10
N ILE J 51 38.75 -49.39 -15.19
CA ILE J 51 39.09 -50.80 -15.11
C ILE J 51 40.41 -51.13 -14.40
N PRO J 52 41.52 -50.55 -14.85
CA PRO J 52 42.82 -50.83 -14.21
C PRO J 52 42.78 -50.46 -12.71
N SER J 53 42.24 -49.29 -12.40
CA SER J 53 42.14 -48.85 -11.00
C SER J 53 41.22 -49.77 -10.18
N LYS J 54 40.06 -50.13 -10.70
CA LYS J 54 39.19 -50.99 -9.93
C LYS J 54 39.86 -52.36 -9.68
N ALA J 55 40.64 -52.81 -10.65
CA ALA J 55 41.34 -54.10 -10.47
C ALA J 55 42.38 -53.98 -9.33
N LEU J 56 43.18 -52.93 -9.37
CA LEU J 56 44.19 -52.75 -8.32
C LEU J 56 43.50 -52.53 -6.97
N LEU J 57 42.38 -51.81 -6.97
CA LEU J 57 41.66 -51.57 -5.73
C LEU J 57 41.13 -52.89 -5.20
N ASN J 58 40.59 -53.74 -6.08
CA ASN J 58 40.08 -55.04 -5.65
C ASN J 58 41.24 -55.93 -5.12
N ASN J 59 42.33 -56.03 -5.87
CA ASN J 59 43.44 -56.87 -5.44
C ASN J 59 44.11 -56.37 -4.18
N SER J 60 44.34 -55.06 -4.11
CA SER J 60 44.99 -54.46 -2.95
C SER J 60 44.14 -54.59 -1.70
N HIS J 61 42.82 -54.54 -1.85
CA HIS J 61 41.94 -54.67 -0.71
C HIS J 61 42.08 -56.07 -0.16
N TYR J 62 42.12 -57.06 -1.05
CA TYR J 62 42.26 -58.45 -0.63
C TYR J 62 43.62 -58.65 0.03
N TYR J 63 44.65 -58.02 -0.53
CA TYR J 63 45.98 -58.15 0.02
C TYR J 63 45.97 -57.71 1.49
N HIS J 64 45.43 -56.54 1.72
CA HIS J 64 45.37 -55.98 3.06
C HIS J 64 44.55 -56.86 4.02
N MET J 65 43.53 -57.56 3.51
CA MET J 65 42.73 -58.44 4.36
C MET J 65 43.52 -59.67 4.82
N ALA J 66 44.39 -60.16 3.95
CA ALA J 66 45.18 -61.34 4.26
C ALA J 66 46.40 -60.99 5.08
N HIS J 67 47.06 -59.90 4.72
CA HIS J 67 48.26 -59.43 5.37
C HIS J 67 48.02 -58.71 6.70
N GLY J 68 46.76 -58.32 6.94
CA GLY J 68 46.42 -57.64 8.17
C GLY J 68 45.74 -58.59 9.12
N THR J 69 44.96 -58.07 10.06
CA THR J 69 44.29 -58.93 11.04
C THR J 69 42.94 -59.49 10.63
N ASP J 70 42.41 -59.06 9.48
CA ASP J 70 41.09 -59.54 9.08
C ASP J 70 40.97 -61.05 8.94
N PHE J 71 41.77 -61.63 8.05
CA PHE J 71 41.68 -63.06 7.85
C PHE J 71 41.95 -63.85 9.11
N ALA J 72 43.03 -63.50 9.80
CA ALA J 72 43.37 -64.19 11.03
C ALA J 72 42.17 -64.15 11.99
N SER J 73 41.48 -63.02 12.01
CA SER J 73 40.33 -62.90 12.90
C SER J 73 39.19 -63.81 12.46
N ARG J 74 39.26 -64.32 11.23
CA ARG J 74 38.20 -65.19 10.74
C ARG J 74 38.53 -66.67 10.83
N GLY J 75 39.75 -66.99 11.21
CA GLY J 75 40.15 -68.38 11.31
C GLY J 75 40.96 -68.77 10.10
N ILE J 76 41.44 -67.77 9.37
CA ILE J 76 42.26 -68.00 8.17
C ILE J 76 43.68 -67.58 8.54
N GLU J 77 44.44 -68.55 9.02
CA GLU J 77 45.81 -68.29 9.45
C GLU J 77 46.79 -68.45 8.29
N MET J 78 47.59 -67.40 8.09
CA MET J 78 48.58 -67.35 7.02
C MET J 78 50.01 -67.39 7.55
N SER J 79 50.83 -68.19 6.90
CA SER J 79 52.23 -68.31 7.26
C SER J 79 52.85 -66.92 7.12
N GLU J 80 53.13 -66.54 5.88
CA GLU J 80 53.70 -65.25 5.55
C GLU J 80 53.02 -64.72 4.29
N VAL J 81 52.39 -63.56 4.40
CA VAL J 81 51.71 -62.96 3.28
C VAL J 81 52.68 -62.01 2.58
N ARG J 82 53.00 -62.32 1.33
CA ARG J 82 53.93 -61.49 0.57
C ARG J 82 53.28 -60.97 -0.69
N LEU J 83 53.72 -59.80 -1.12
CA LEU J 83 53.20 -59.16 -2.31
C LEU J 83 54.00 -59.41 -3.57
N ASN J 84 53.39 -60.07 -4.55
CA ASN J 84 54.07 -60.26 -5.82
C ASN J 84 53.42 -59.20 -6.70
N LEU J 85 54.01 -58.02 -6.71
CA LEU J 85 53.47 -56.92 -7.49
C LEU J 85 53.36 -57.19 -8.99
N ASP J 86 54.31 -57.91 -9.56
CA ASP J 86 54.25 -58.18 -10.99
C ASP J 86 53.03 -59.01 -11.33
N LYS J 87 52.71 -59.97 -10.47
CA LYS J 87 51.55 -60.81 -10.69
C LYS J 87 50.26 -60.01 -10.50
N MET J 88 50.20 -59.17 -9.47
CA MET J 88 49.01 -58.36 -9.24
C MET J 88 48.79 -57.45 -10.46
N MET J 89 49.88 -56.88 -10.97
CA MET J 89 49.82 -56.01 -12.14
C MET J 89 49.40 -56.80 -13.37
N GLU J 90 49.67 -58.11 -13.36
CA GLU J 90 49.31 -58.94 -14.49
C GLU J 90 47.83 -59.32 -14.44
N GLN J 91 47.29 -59.52 -13.25
CA GLN J 91 45.88 -59.85 -13.16
C GLN J 91 45.12 -58.65 -13.71
N LYS J 92 45.63 -57.46 -13.40
CA LYS J 92 45.03 -56.23 -13.88
C LYS J 92 45.10 -56.18 -15.41
N SER J 93 46.30 -56.41 -15.94
CA SER J 93 46.55 -56.39 -17.38
C SER J 93 45.69 -57.34 -18.18
N THR J 94 45.51 -58.54 -17.65
CA THR J 94 44.73 -59.57 -18.31
C THR J 94 43.27 -59.18 -18.39
N ALA J 95 42.75 -58.55 -17.34
CA ALA J 95 41.36 -58.12 -17.36
C ALA J 95 41.21 -57.04 -18.43
N VAL J 96 42.11 -56.06 -18.44
CA VAL J 96 42.01 -54.99 -19.42
C VAL J 96 42.12 -55.54 -20.85
N LYS J 97 43.01 -56.50 -21.06
CA LYS J 97 43.18 -57.09 -22.38
C LYS J 97 41.92 -57.83 -22.83
N ALA J 98 41.33 -58.63 -21.96
CA ALA J 98 40.11 -59.35 -22.32
C ALA J 98 39.00 -58.38 -22.71
N LEU J 99 38.81 -57.33 -21.91
CA LEU J 99 37.75 -56.35 -22.21
C LEU J 99 38.01 -55.56 -23.49
N THR J 100 39.26 -55.25 -23.82
CA THR J 100 39.54 -54.51 -25.05
C THR J 100 39.20 -55.39 -26.25
N GLY J 101 39.55 -56.67 -26.14
CA GLY J 101 39.25 -57.59 -27.23
C GLY J 101 37.74 -57.76 -27.28
N GLY J 102 37.11 -57.65 -26.10
CA GLY J 102 35.67 -57.79 -26.02
C GLY J 102 34.95 -56.74 -26.84
N ILE J 103 35.44 -55.50 -26.82
CA ILE J 103 34.80 -54.43 -27.58
C ILE J 103 35.02 -54.66 -29.08
N ALA J 104 36.24 -55.09 -29.43
CA ALA J 104 36.57 -55.36 -30.82
C ALA J 104 35.55 -56.38 -31.36
N HIS J 105 35.27 -57.39 -30.54
CA HIS J 105 34.32 -58.42 -30.90
C HIS J 105 32.88 -57.91 -31.05
N LEU J 106 32.49 -56.99 -30.16
CA LEU J 106 31.16 -56.42 -30.22
C LEU J 106 31.03 -55.56 -31.48
N PHE J 107 32.09 -54.88 -31.87
CA PHE J 107 32.06 -54.05 -33.08
C PHE J 107 31.85 -54.97 -34.30
N LYS J 108 32.58 -56.08 -34.33
CA LYS J 108 32.48 -57.04 -35.43
C LYS J 108 31.05 -57.59 -35.42
N GLN J 109 30.64 -58.11 -34.27
CA GLN J 109 29.30 -58.66 -34.12
C GLN J 109 28.21 -57.69 -34.57
N ASN J 110 28.38 -56.39 -34.33
CA ASN J 110 27.35 -55.43 -34.72
C ASN J 110 27.65 -54.72 -36.03
N LYS J 111 28.72 -55.16 -36.70
CA LYS J 111 29.11 -54.59 -37.98
C LYS J 111 29.54 -53.14 -37.98
N VAL J 112 30.21 -52.74 -36.91
CA VAL J 112 30.72 -51.37 -36.83
C VAL J 112 32.04 -51.37 -37.60
N VAL J 113 32.27 -50.43 -38.50
CA VAL J 113 33.55 -50.41 -39.19
C VAL J 113 34.52 -49.65 -38.27
N HIS J 114 35.61 -50.31 -37.91
CA HIS J 114 36.61 -49.73 -37.04
C HIS J 114 37.79 -49.20 -37.83
N VAL J 115 38.00 -47.90 -37.78
CA VAL J 115 39.11 -47.25 -38.46
C VAL J 115 40.16 -46.82 -37.41
N ASN J 116 41.34 -47.40 -37.48
CA ASN J 116 42.41 -47.05 -36.57
C ASN J 116 43.15 -45.82 -37.10
N GLY J 117 42.94 -44.68 -36.46
CA GLY J 117 43.60 -43.47 -36.90
C GLY J 117 43.14 -42.24 -36.11
N TYR J 118 43.85 -41.12 -36.29
CA TYR J 118 43.54 -39.87 -35.62
C TYR J 118 42.49 -39.14 -36.45
N GLY J 119 41.29 -39.00 -35.88
CA GLY J 119 40.21 -38.37 -36.61
C GLY J 119 40.17 -36.85 -36.67
N LYS J 120 39.88 -36.33 -37.84
CA LYS J 120 39.77 -34.89 -37.98
C LYS J 120 38.63 -34.56 -38.92
N ILE J 121 37.74 -33.72 -38.43
CA ILE J 121 36.59 -33.32 -39.23
C ILE J 121 37.11 -32.36 -40.28
N THR J 122 37.08 -32.80 -41.53
CA THR J 122 37.58 -31.97 -42.62
C THR J 122 36.46 -31.34 -43.43
N GLY J 123 35.22 -31.69 -43.09
CA GLY J 123 34.08 -31.11 -43.78
C GLY J 123 32.81 -31.38 -43.01
N LYS J 124 31.76 -30.59 -43.24
CA LYS J 124 30.52 -30.79 -42.52
C LYS J 124 30.02 -32.22 -42.60
N ASN J 125 30.40 -32.92 -43.68
CA ASN J 125 30.00 -34.32 -43.82
C ASN J 125 31.20 -35.20 -44.11
N GLN J 126 32.36 -34.76 -43.65
CA GLN J 126 33.57 -35.51 -43.90
C GLN J 126 34.56 -35.52 -42.75
N VAL J 127 35.01 -36.72 -42.41
CA VAL J 127 35.98 -36.94 -41.36
C VAL J 127 37.20 -37.63 -42.02
N THR J 128 38.40 -37.10 -41.79
CA THR J 128 39.61 -37.71 -42.34
C THR J 128 40.43 -38.36 -41.23
N ALA J 129 40.62 -39.67 -41.31
CA ALA J 129 41.40 -40.37 -40.32
C ALA J 129 42.84 -40.53 -40.82
N THR J 130 43.81 -40.13 -40.02
CA THR J 130 45.20 -40.26 -40.40
C THR J 130 45.83 -41.38 -39.57
N LYS J 131 46.20 -42.48 -40.24
CA LYS J 131 46.80 -43.64 -39.60
C LYS J 131 48.20 -43.35 -39.06
N ALA J 132 48.70 -44.29 -38.26
CA ALA J 132 50.02 -44.14 -37.64
C ALA J 132 51.14 -43.83 -38.65
N ASP J 133 51.07 -44.44 -39.82
CA ASP J 133 52.10 -44.20 -40.82
C ASP J 133 51.88 -42.95 -41.66
N GLY J 134 50.83 -42.19 -41.36
CA GLY J 134 50.57 -40.96 -42.09
C GLY J 134 49.60 -41.12 -43.24
N GLY J 135 49.26 -42.37 -43.54
CA GLY J 135 48.31 -42.64 -44.60
C GLY J 135 46.92 -42.24 -44.11
N THR J 136 46.13 -41.69 -45.01
CA THR J 136 44.79 -41.23 -44.69
C THR J 136 43.61 -42.01 -45.25
N GLN J 137 42.51 -42.00 -44.50
CA GLN J 137 41.24 -42.65 -44.86
C GLN J 137 40.11 -41.64 -44.71
N VAL J 138 39.49 -41.28 -45.83
CA VAL J 138 38.39 -40.33 -45.82
C VAL J 138 37.06 -41.03 -45.63
N ILE J 139 36.20 -40.46 -44.78
CA ILE J 139 34.88 -41.02 -44.55
C ILE J 139 33.86 -39.90 -44.75
N ASP J 140 32.91 -40.11 -45.66
CA ASP J 140 31.88 -39.14 -45.95
C ASP J 140 30.72 -39.71 -45.20
N THR J 141 30.25 -38.91 -44.27
CA THR J 141 29.16 -39.34 -43.42
C THR J 141 27.99 -38.30 -43.29
N LYS J 142 26.76 -38.80 -43.09
CA LYS J 142 25.63 -37.91 -42.83
C LYS J 142 25.86 -37.23 -41.44
N ASN J 143 26.15 -38.03 -40.42
CA ASN J 143 26.37 -37.48 -39.09
C ASN J 143 27.74 -37.77 -38.50
N ILE J 144 28.22 -36.82 -37.69
CA ILE J 144 29.48 -36.92 -36.99
C ILE J 144 29.21 -36.85 -35.50
N LEU J 145 29.67 -37.85 -34.75
CA LEU J 145 29.51 -37.88 -33.30
C LEU J 145 30.90 -37.77 -32.68
N ILE J 146 31.16 -36.65 -32.02
CA ILE J 146 32.44 -36.40 -31.36
C ILE J 146 32.37 -37.02 -29.97
N ALA J 147 33.33 -37.88 -29.66
CA ALA J 147 33.37 -38.54 -28.36
C ALA J 147 34.86 -38.69 -28.01
N THR J 148 35.59 -37.61 -28.18
CA THR J 148 37.02 -37.62 -27.95
C THR J 148 37.53 -37.62 -26.50
N GLY J 149 36.59 -37.62 -25.56
CA GLY J 149 36.92 -37.72 -24.15
C GLY J 149 37.79 -36.68 -23.44
N SER J 150 38.71 -37.18 -22.63
CA SER J 150 39.55 -36.28 -21.84
C SER J 150 41.00 -36.72 -21.73
N GLU J 151 41.80 -35.86 -21.11
CA GLU J 151 43.23 -36.09 -20.84
C GLU J 151 43.52 -35.53 -19.44
N VAL J 152 44.66 -35.90 -18.86
CA VAL J 152 45.05 -35.43 -17.54
C VAL J 152 45.25 -33.91 -17.59
N THR J 153 44.83 -33.21 -16.55
CA THR J 153 45.04 -31.75 -16.50
C THR J 153 46.45 -31.58 -15.93
N PRO J 154 47.36 -30.91 -16.66
CA PRO J 154 48.70 -30.77 -16.08
C PRO J 154 48.80 -29.70 -14.98
N PHE J 155 49.77 -29.89 -14.10
CA PHE J 155 50.02 -28.97 -12.99
C PHE J 155 51.14 -28.03 -13.45
N PRO J 156 50.85 -26.72 -13.57
CA PRO J 156 51.86 -25.77 -14.00
C PRO J 156 53.12 -25.80 -13.12
N GLY J 157 54.28 -25.84 -13.77
CA GLY J 157 55.55 -25.88 -13.06
C GLY J 157 56.04 -27.30 -12.80
N ILE J 158 55.17 -28.29 -12.92
CA ILE J 158 55.58 -29.67 -12.68
C ILE J 158 55.39 -30.47 -13.97
N THR J 159 56.39 -31.26 -14.35
CA THR J 159 56.29 -32.03 -15.56
C THR J 159 56.21 -33.54 -15.33
N ILE J 160 55.08 -34.12 -15.72
CA ILE J 160 54.89 -35.56 -15.57
C ILE J 160 55.79 -36.28 -16.56
N ASP J 161 56.41 -37.36 -16.10
CA ASP J 161 57.29 -38.16 -16.92
C ASP J 161 56.92 -39.61 -16.80
N GLU J 162 55.82 -39.88 -16.11
CA GLU J 162 55.34 -41.25 -15.94
C GLU J 162 56.42 -42.22 -15.47
N ASP J 163 57.46 -41.70 -14.83
CA ASP J 163 58.52 -42.52 -14.28
C ASP J 163 58.52 -42.20 -12.75
N THR J 164 58.91 -40.98 -12.31
CA THR J 164 58.93 -40.72 -10.88
C THR J 164 57.79 -39.74 -10.67
N ILE J 165 57.61 -38.81 -11.60
CA ILE J 165 56.47 -37.86 -11.48
C ILE J 165 55.39 -38.40 -12.44
N VAL J 166 54.45 -39.15 -11.89
CA VAL J 166 53.40 -39.78 -12.70
C VAL J 166 52.01 -39.15 -12.64
N SER J 167 51.18 -39.58 -13.59
CA SER J 167 49.76 -39.20 -13.60
C SER J 167 49.10 -40.51 -13.22
N SER J 168 47.77 -40.56 -13.24
CA SER J 168 47.07 -41.80 -12.91
C SER J 168 47.55 -42.94 -13.83
N THR J 169 47.89 -42.62 -15.07
CA THR J 169 48.37 -43.64 -16.00
C THR J 169 49.64 -44.29 -15.44
N GLY J 170 50.63 -43.46 -15.10
CA GLY J 170 51.87 -43.98 -14.52
C GLY J 170 51.62 -44.72 -13.22
N ALA J 171 50.79 -44.13 -12.37
CA ALA J 171 50.46 -44.71 -11.07
C ALA J 171 49.81 -46.09 -11.15
N LEU J 172 49.09 -46.34 -12.23
CA LEU J 172 48.44 -47.63 -12.40
C LEU J 172 49.42 -48.76 -12.76
N SER J 173 50.65 -48.41 -13.11
CA SER J 173 51.64 -49.42 -13.49
C SER J 173 53.00 -49.39 -12.80
N LEU J 174 53.11 -48.72 -11.65
CA LEU J 174 54.37 -48.65 -10.92
C LEU J 174 55.05 -50.02 -10.85
N LYS J 175 56.36 -50.03 -11.06
CA LYS J 175 57.12 -51.27 -11.03
C LYS J 175 57.35 -51.84 -9.64
N LYS J 176 57.31 -50.97 -8.63
CA LYS J 176 57.50 -51.41 -7.25
C LYS J 176 56.75 -50.46 -6.33
N VAL J 177 56.35 -50.96 -5.15
CA VAL J 177 55.65 -50.13 -4.18
C VAL J 177 56.57 -49.00 -3.77
N PRO J 178 56.20 -47.75 -4.05
CA PRO J 178 57.09 -46.66 -3.64
C PRO J 178 57.15 -46.60 -2.12
N GLU J 179 58.29 -46.20 -1.56
CA GLU J 179 58.42 -46.11 -0.11
C GLU J 179 57.56 -44.97 0.41
N LYS J 180 57.64 -43.82 -0.25
CA LYS J 180 56.84 -42.69 0.16
C LYS J 180 56.25 -42.04 -1.08
N MET J 181 54.93 -41.89 -1.07
CA MET J 181 54.24 -41.28 -2.19
C MET J 181 53.36 -40.11 -1.82
N VAL J 182 53.48 -39.05 -2.59
CA VAL J 182 52.68 -37.86 -2.42
C VAL J 182 51.68 -37.77 -3.60
N VAL J 183 50.45 -37.47 -3.26
CA VAL J 183 49.38 -37.34 -4.24
C VAL J 183 48.88 -35.91 -4.26
N ILE J 184 48.98 -35.25 -5.41
CA ILE J 184 48.47 -33.90 -5.50
C ILE J 184 47.04 -34.03 -6.02
N GLY J 185 46.08 -33.75 -5.15
CA GLY J 185 44.68 -33.82 -5.51
C GLY J 185 44.01 -34.89 -4.69
N ALA J 186 43.03 -34.51 -3.86
CA ALA J 186 42.32 -35.51 -3.05
C ALA J 186 40.94 -35.79 -3.63
N GLY J 187 40.83 -35.71 -4.96
CA GLY J 187 39.56 -36.00 -5.61
C GLY J 187 39.33 -37.50 -5.66
N VAL J 188 38.35 -37.95 -6.43
CA VAL J 188 38.04 -39.37 -6.49
C VAL J 188 39.24 -40.24 -6.95
N ILE J 189 39.89 -39.84 -8.03
CA ILE J 189 41.01 -40.57 -8.60
C ILE J 189 42.21 -40.62 -7.65
N GLY J 190 42.59 -39.44 -7.14
CA GLY J 190 43.70 -39.36 -6.21
C GLY J 190 43.47 -40.19 -4.96
N VAL J 191 42.27 -40.12 -4.41
CA VAL J 191 42.04 -40.90 -3.22
C VAL J 191 42.09 -42.40 -3.52
N GLU J 192 41.54 -42.82 -4.67
CA GLU J 192 41.56 -44.24 -4.99
C GLU J 192 42.99 -44.75 -5.22
N LEU J 193 43.77 -44.02 -6.02
CA LEU J 193 45.14 -44.49 -6.28
C LEU J 193 45.98 -44.43 -4.99
N GLY J 194 45.85 -43.33 -4.26
CA GLY J 194 46.61 -43.21 -3.03
C GLY J 194 46.35 -44.38 -2.10
N SER J 195 45.09 -44.80 -2.03
CA SER J 195 44.72 -45.89 -1.15
C SER J 195 45.29 -47.23 -1.62
N VAL J 196 45.28 -47.44 -2.92
CA VAL J 196 45.82 -48.67 -3.48
C VAL J 196 47.27 -48.84 -2.99
N TRP J 197 48.09 -47.83 -3.20
CA TRP J 197 49.48 -47.92 -2.78
C TRP J 197 49.64 -47.92 -1.27
N GLN J 198 48.87 -47.09 -0.59
CA GLN J 198 48.91 -47.08 0.86
C GLN J 198 48.74 -48.53 1.29
N ARG J 199 47.79 -49.23 0.67
CA ARG J 199 47.52 -50.62 1.02
C ARG J 199 48.66 -51.57 0.72
N LEU J 200 49.39 -51.31 -0.36
CA LEU J 200 50.46 -52.21 -0.73
C LEU J 200 51.76 -51.93 0.04
N GLY J 201 51.75 -50.90 0.87
CA GLY J 201 52.92 -50.60 1.66
C GLY J 201 53.50 -49.21 1.56
N ALA J 202 53.02 -48.41 0.63
CA ALA J 202 53.57 -47.08 0.50
C ALA J 202 53.15 -46.18 1.65
N ASP J 203 53.97 -45.17 1.92
CA ASP J 203 53.70 -44.19 2.94
C ASP J 203 53.05 -43.13 2.07
N VAL J 204 51.73 -42.96 2.21
CA VAL J 204 50.99 -42.02 1.36
C VAL J 204 50.39 -40.76 1.98
N THR J 205 50.56 -39.63 1.30
CA THR J 205 50.00 -38.38 1.76
C THR J 205 49.39 -37.63 0.57
N ALA J 206 48.12 -37.24 0.66
CA ALA J 206 47.48 -36.49 -0.41
C ALA J 206 47.39 -35.03 0.02
N VAL J 207 47.72 -34.13 -0.89
CA VAL J 207 47.70 -32.70 -0.61
C VAL J 207 46.59 -32.11 -1.44
N GLU J 208 45.66 -31.42 -0.79
CA GLU J 208 44.50 -30.87 -1.49
C GLU J 208 44.23 -29.42 -1.15
N PHE J 209 44.06 -28.61 -2.19
CA PHE J 209 43.78 -27.20 -2.00
C PHE J 209 42.43 -26.92 -1.32
N LEU J 210 41.46 -27.79 -1.50
CA LEU J 210 40.15 -27.59 -0.91
C LEU J 210 40.08 -28.19 0.48
N GLY J 211 38.98 -27.92 1.17
CA GLY J 211 38.79 -28.42 2.52
C GLY J 211 38.17 -29.80 2.65
N HIS J 212 37.98 -30.54 1.57
CA HIS J 212 37.39 -31.88 1.70
C HIS J 212 37.94 -32.83 0.65
N VAL J 213 37.77 -34.13 0.87
CA VAL J 213 38.24 -35.14 -0.08
C VAL J 213 37.01 -35.68 -0.80
N GLY J 214 37.20 -36.21 -2.01
CA GLY J 214 36.08 -36.79 -2.73
C GLY J 214 35.55 -35.99 -3.91
N GLY J 215 36.11 -34.83 -4.18
CA GLY J 215 35.66 -34.05 -5.33
C GLY J 215 34.33 -33.32 -5.15
N VAL J 216 33.91 -32.68 -6.25
CA VAL J 216 32.69 -31.89 -6.30
C VAL J 216 31.40 -32.70 -6.10
N GLY J 217 30.45 -32.10 -5.40
CA GLY J 217 29.16 -32.74 -5.18
C GLY J 217 29.06 -33.69 -4.00
N ILE J 218 30.18 -34.21 -3.51
CA ILE J 218 30.14 -35.13 -2.39
C ILE J 218 29.53 -34.41 -1.18
N ASP J 219 28.71 -35.12 -0.43
CA ASP J 219 28.10 -34.50 0.74
C ASP J 219 29.21 -34.22 1.78
N MET J 220 29.23 -33.01 2.33
CA MET J 220 30.28 -32.67 3.31
C MET J 220 30.40 -33.63 4.49
N GLU J 221 29.28 -33.98 5.11
CA GLU J 221 29.35 -34.90 6.25
C GLU J 221 29.94 -36.25 5.83
N ILE J 222 29.46 -36.78 4.72
CA ILE J 222 29.98 -38.05 4.20
C ILE J 222 31.48 -37.92 3.94
N SER J 223 31.87 -36.81 3.33
CA SER J 223 33.27 -36.56 3.01
C SER J 223 34.16 -36.58 4.26
N LYS J 224 33.70 -35.90 5.30
CA LYS J 224 34.40 -35.83 6.57
C LYS J 224 34.56 -37.21 7.17
N ASN J 225 33.46 -37.95 7.28
CA ASN J 225 33.52 -39.30 7.86
C ASN J 225 34.42 -40.22 6.99
N PHE J 226 34.39 -40.01 5.68
CA PHE J 226 35.20 -40.83 4.79
C PHE J 226 36.69 -40.56 5.08
N GLN J 227 37.06 -39.28 5.10
CA GLN J 227 38.42 -38.89 5.39
C GLN J 227 38.93 -39.52 6.70
N ARG J 228 38.13 -39.42 7.77
CA ARG J 228 38.53 -39.98 9.06
C ARG J 228 38.83 -41.46 8.98
N ILE J 229 37.96 -42.19 8.28
CA ILE J 229 38.16 -43.63 8.14
C ILE J 229 39.44 -43.89 7.34
N LEU J 230 39.66 -43.09 6.31
CA LEU J 230 40.86 -43.27 5.50
C LEU J 230 42.10 -42.95 6.35
N GLN J 231 42.02 -41.91 7.17
CA GLN J 231 43.15 -41.54 8.04
C GLN J 231 43.47 -42.67 9.01
N LYS J 232 42.46 -43.27 9.61
CA LYS J 232 42.66 -44.38 10.52
C LYS J 232 43.35 -45.56 9.80
N GLN J 233 43.15 -45.67 8.48
CA GLN J 233 43.78 -46.73 7.69
C GLN J 233 45.25 -46.43 7.48
N GLY J 234 45.61 -45.16 7.66
CA GLY J 234 46.98 -44.76 7.49
C GLY J 234 47.19 -43.81 6.33
N PHE J 235 46.09 -43.39 5.71
CA PHE J 235 46.15 -42.48 4.57
C PHE J 235 46.16 -41.06 5.16
N LYS J 236 47.23 -40.31 4.92
CA LYS J 236 47.35 -38.96 5.46
C LYS J 236 46.95 -37.92 4.45
N PHE J 237 46.37 -36.81 4.93
CA PHE J 237 45.94 -35.72 4.06
C PHE J 237 46.36 -34.39 4.62
N LYS J 238 46.65 -33.47 3.70
CA LYS J 238 46.99 -32.11 4.04
C LYS J 238 46.04 -31.28 3.20
N LEU J 239 44.85 -31.05 3.74
CA LEU J 239 43.83 -30.27 3.05
C LEU J 239 44.18 -28.80 3.11
N ASN J 240 43.39 -27.96 2.45
CA ASN J 240 43.64 -26.53 2.45
C ASN J 240 45.14 -26.29 2.31
N THR J 241 45.75 -26.91 1.31
CA THR J 241 47.18 -26.76 1.11
C THR J 241 47.48 -26.57 -0.36
N LYS J 242 48.38 -25.64 -0.66
CA LYS J 242 48.77 -25.34 -2.03
C LYS J 242 50.15 -25.93 -2.32
N VAL J 243 50.31 -26.59 -3.46
CA VAL J 243 51.63 -27.11 -3.82
C VAL J 243 52.22 -26.00 -4.66
N THR J 244 53.38 -25.48 -4.25
CA THR J 244 54.01 -24.38 -4.95
C THR J 244 55.05 -24.83 -5.95
N GLY J 245 55.48 -26.08 -5.86
CA GLY J 245 56.47 -26.59 -6.79
C GLY J 245 57.02 -27.93 -6.36
N ALA J 246 57.82 -28.53 -7.24
CA ALA J 246 58.44 -29.81 -6.97
C ALA J 246 59.74 -29.84 -7.75
N THR J 247 60.70 -30.64 -7.30
CA THR J 247 61.98 -30.73 -7.99
C THR J 247 62.67 -32.06 -7.76
N LYS J 248 63.30 -32.57 -8.81
CA LYS J 248 64.02 -33.84 -8.74
C LYS J 248 65.34 -33.63 -8.02
N LYS J 249 65.60 -34.43 -6.99
CA LYS J 249 66.86 -34.32 -6.25
C LYS J 249 67.92 -35.16 -6.96
N SER J 250 69.18 -35.00 -6.58
CA SER J 250 70.27 -35.75 -7.20
C SER J 250 70.17 -37.24 -6.94
N ASP J 251 69.64 -37.60 -5.78
CA ASP J 251 69.42 -39.00 -5.49
C ASP J 251 68.03 -39.22 -6.12
N GLY J 252 67.43 -40.37 -5.91
CA GLY J 252 66.11 -40.59 -6.50
C GLY J 252 65.04 -39.55 -6.14
N LYS J 253 64.80 -39.40 -4.84
CA LYS J 253 63.81 -38.48 -4.27
C LYS J 253 63.37 -37.20 -5.00
N ILE J 254 62.18 -36.74 -4.62
CA ILE J 254 61.57 -35.53 -5.18
C ILE J 254 61.08 -34.67 -4.01
N ASP J 255 61.38 -33.38 -4.06
CA ASP J 255 60.95 -32.47 -3.02
C ASP J 255 59.73 -31.66 -3.45
N VAL J 256 58.65 -31.79 -2.70
CA VAL J 256 57.43 -31.05 -3.01
C VAL J 256 57.29 -29.94 -1.97
N SER J 257 57.34 -28.71 -2.42
CA SER J 257 57.19 -27.61 -1.50
C SER J 257 55.72 -27.22 -1.40
N ILE J 258 55.20 -27.19 -0.18
CA ILE J 258 53.80 -26.84 0.04
C ILE J 258 53.62 -25.65 0.97
N GLU J 259 52.42 -25.07 0.93
CA GLU J 259 52.04 -23.91 1.74
C GLU J 259 50.56 -24.02 2.09
N ALA J 260 50.14 -23.34 3.16
CA ALA J 260 48.72 -23.35 3.50
C ALA J 260 48.06 -22.50 2.41
N ALA J 261 46.84 -22.86 2.03
CA ALA J 261 46.12 -22.13 0.98
C ALA J 261 45.97 -20.65 1.30
N SER J 262 45.90 -20.33 2.59
CA SER J 262 45.76 -18.95 3.05
C SER J 262 47.10 -18.24 3.19
N GLY J 263 48.16 -18.87 2.68
CA GLY J 263 49.49 -18.28 2.76
C GLY J 263 50.28 -18.72 3.98
N GLY J 264 51.60 -18.85 3.81
CA GLY J 264 52.46 -19.23 4.89
C GLY J 264 52.42 -20.70 5.25
N LYS J 265 53.05 -21.04 6.36
CA LYS J 265 53.10 -22.42 6.82
C LYS J 265 53.79 -23.27 5.74
N ALA J 266 54.78 -22.67 5.09
CA ALA J 266 55.55 -23.33 4.05
C ALA J 266 56.36 -24.50 4.59
N GLU J 267 56.26 -25.65 3.93
CA GLU J 267 56.99 -26.84 4.31
C GLU J 267 57.53 -27.44 3.03
N VAL J 268 58.06 -28.65 3.14
CA VAL J 268 58.59 -29.36 2.00
C VAL J 268 58.49 -30.84 2.30
N ILE J 269 57.80 -31.58 1.43
CA ILE J 269 57.67 -33.02 1.62
C ILE J 269 58.53 -33.74 0.58
N THR J 270 59.10 -34.88 0.98
CA THR J 270 59.93 -35.66 0.09
C THR J 270 59.26 -37.00 -0.18
N CYS J 271 59.36 -37.45 -1.43
CA CYS J 271 58.76 -38.73 -1.80
C CYS J 271 59.55 -39.40 -2.92
N ASP J 272 59.30 -40.69 -3.08
CA ASP J 272 59.97 -41.44 -4.13
C ASP J 272 59.15 -41.25 -5.40
N VAL J 273 57.83 -41.22 -5.24
CA VAL J 273 56.93 -41.03 -6.36
C VAL J 273 55.96 -39.90 -6.08
N LEU J 274 55.75 -39.06 -7.08
CA LEU J 274 54.84 -37.96 -6.95
C LEU J 274 53.70 -38.22 -7.96
N LEU J 275 52.48 -38.41 -7.47
CA LEU J 275 51.33 -38.64 -8.35
C LEU J 275 50.59 -37.31 -8.54
N VAL J 276 50.51 -36.82 -9.79
CA VAL J 276 49.82 -35.56 -10.07
C VAL J 276 48.39 -35.77 -10.60
N CYS J 277 47.38 -35.46 -9.81
CA CYS J 277 46.01 -35.61 -10.28
C CYS J 277 45.06 -34.60 -9.71
N ILE J 278 45.21 -33.37 -10.20
CA ILE J 278 44.40 -32.26 -9.79
C ILE J 278 43.15 -32.15 -10.69
N GLY J 279 43.00 -33.09 -11.63
CA GLY J 279 41.85 -33.05 -12.53
C GLY J 279 42.07 -33.59 -13.93
N ARG J 280 40.99 -33.61 -14.69
CA ARG J 280 40.99 -34.09 -16.09
C ARG J 280 40.20 -33.04 -16.85
N ARG J 281 40.47 -32.89 -18.14
CA ARG J 281 39.79 -31.89 -18.96
C ARG J 281 39.47 -32.39 -20.37
N PRO J 282 38.51 -31.75 -21.03
CA PRO J 282 38.12 -32.13 -22.40
C PRO J 282 39.27 -32.13 -23.42
N PHE J 283 39.33 -33.18 -24.23
CA PHE J 283 40.34 -33.30 -25.25
C PHE J 283 39.70 -33.13 -26.63
N THR J 284 40.07 -32.09 -27.35
CA THR J 284 39.53 -31.84 -28.69
C THR J 284 40.62 -31.31 -29.65
N LYS J 285 41.87 -31.57 -29.33
CA LYS J 285 42.99 -31.11 -30.12
C LYS J 285 43.02 -31.60 -31.58
N ASN J 286 43.16 -30.66 -32.50
CA ASN J 286 43.24 -30.96 -33.93
C ASN J 286 42.05 -31.74 -34.46
N LEU J 287 40.87 -31.47 -33.92
CA LEU J 287 39.69 -32.17 -34.40
C LEU J 287 39.11 -31.34 -35.52
N GLY J 288 39.57 -30.11 -35.68
CA GLY J 288 39.06 -29.22 -36.73
C GLY J 288 37.91 -28.29 -36.36
N LEU J 289 37.59 -28.26 -35.07
CA LEU J 289 36.49 -27.44 -34.60
C LEU J 289 36.66 -25.96 -34.96
N GLU J 290 37.86 -25.46 -34.73
CA GLU J 290 38.21 -24.06 -35.02
C GLU J 290 37.83 -23.69 -36.46
N GLU J 291 38.18 -24.53 -37.43
CA GLU J 291 37.85 -24.22 -38.82
C GLU J 291 36.34 -24.31 -39.11
N LEU J 292 35.65 -25.22 -38.44
CA LEU J 292 34.22 -25.39 -38.63
C LEU J 292 33.38 -24.34 -37.91
N GLY J 293 34.00 -23.54 -37.06
CA GLY J 293 33.24 -22.53 -36.35
C GLY J 293 32.59 -23.00 -35.05
N ILE J 294 33.02 -24.15 -34.54
CA ILE J 294 32.48 -24.67 -33.30
C ILE J 294 33.36 -24.18 -32.16
N GLU J 295 32.94 -23.10 -31.52
CA GLU J 295 33.70 -22.53 -30.42
C GLU J 295 33.46 -23.35 -29.15
N LEU J 296 34.52 -23.50 -28.35
CA LEU J 296 34.47 -24.24 -27.09
C LEU J 296 34.05 -23.31 -25.95
N ASP J 297 33.56 -23.87 -24.85
CA ASP J 297 33.18 -23.02 -23.72
C ASP J 297 34.45 -22.72 -22.93
N PRO J 298 34.38 -21.80 -21.96
CA PRO J 298 35.54 -21.45 -21.14
C PRO J 298 36.34 -22.62 -20.58
N ARG J 299 35.66 -23.72 -20.27
CA ARG J 299 36.33 -24.88 -19.72
C ARG J 299 36.78 -25.91 -20.77
N GLY J 300 36.70 -25.55 -22.04
CA GLY J 300 37.13 -26.47 -23.08
C GLY J 300 36.12 -27.51 -23.54
N ARG J 301 34.85 -27.36 -23.13
CA ARG J 301 33.82 -28.29 -23.55
C ARG J 301 33.17 -27.80 -24.83
N ILE J 302 32.57 -28.74 -25.56
CA ILE J 302 31.86 -28.41 -26.78
C ILE J 302 30.41 -28.10 -26.43
N PRO J 303 29.96 -26.87 -26.72
CA PRO J 303 28.57 -26.51 -26.42
C PRO J 303 27.58 -27.40 -27.21
N VAL J 304 26.58 -27.99 -26.54
CA VAL J 304 25.63 -28.90 -27.23
C VAL J 304 24.26 -28.67 -26.67
N ASN J 305 23.28 -28.80 -27.58
CA ASN J 305 21.92 -28.58 -27.20
C ASN J 305 21.26 -29.80 -26.62
N THR J 306 19.95 -29.73 -26.48
CA THR J 306 19.18 -30.84 -25.91
C THR J 306 19.38 -32.20 -26.54
N ARG J 307 19.66 -32.21 -27.85
CA ARG J 307 19.83 -33.47 -28.56
C ARG J 307 21.33 -33.77 -28.72
N PHE J 308 22.17 -33.01 -28.03
CA PHE J 308 23.62 -33.19 -28.09
C PHE J 308 24.23 -32.77 -29.42
N GLN J 309 23.55 -31.86 -30.12
CA GLN J 309 24.00 -31.33 -31.39
C GLN J 309 24.82 -30.08 -31.11
N THR J 310 25.85 -29.87 -31.91
CA THR J 310 26.70 -28.71 -31.80
C THR J 310 26.01 -27.65 -32.64
N LYS J 311 26.70 -26.55 -32.83
CA LYS J 311 26.19 -25.44 -33.65
C LYS J 311 25.97 -25.91 -35.13
N ILE J 312 26.54 -27.06 -35.48
CA ILE J 312 26.40 -27.65 -36.82
C ILE J 312 25.49 -28.83 -36.56
N PRO J 313 24.21 -28.68 -36.91
CA PRO J 313 23.14 -29.66 -36.71
C PRO J 313 23.44 -31.13 -36.85
N ASN J 314 24.29 -31.49 -37.81
CA ASN J 314 24.59 -32.89 -38.03
C ASN J 314 25.87 -33.31 -37.30
N ILE J 315 26.51 -32.37 -36.62
CA ILE J 315 27.70 -32.72 -35.85
C ILE J 315 27.31 -32.73 -34.36
N TYR J 316 27.48 -33.87 -33.71
CA TYR J 316 27.14 -34.04 -32.30
C TYR J 316 28.38 -34.27 -31.38
N ALA J 317 28.18 -34.16 -30.06
CA ALA J 317 29.25 -34.39 -29.07
C ALA J 317 28.65 -34.95 -27.78
N ILE J 318 29.33 -35.93 -27.20
CA ILE J 318 28.87 -36.56 -25.96
C ILE J 318 30.07 -36.86 -25.03
N GLY J 319 29.79 -37.36 -23.84
CA GLY J 319 30.85 -37.71 -22.88
C GLY J 319 31.66 -36.58 -22.23
N ASP J 320 32.89 -36.92 -21.83
CA ASP J 320 33.78 -35.97 -21.18
C ASP J 320 34.01 -34.68 -21.92
N VAL J 321 33.73 -34.62 -23.23
CA VAL J 321 33.95 -33.36 -23.94
C VAL J 321 32.78 -32.38 -23.82
N VAL J 322 31.67 -32.82 -23.22
CA VAL J 322 30.54 -31.91 -23.02
C VAL J 322 30.20 -31.78 -21.51
N ALA J 323 29.30 -30.87 -21.18
CA ALA J 323 28.89 -30.63 -19.79
C ALA J 323 28.41 -31.86 -19.07
N GLY J 324 28.42 -31.79 -17.74
CA GLY J 324 27.95 -32.91 -16.94
C GLY J 324 29.09 -33.60 -16.22
N PRO J 325 28.81 -34.49 -15.27
CA PRO J 325 29.92 -35.17 -14.59
C PRO J 325 30.75 -36.07 -15.51
N MET J 326 32.08 -35.99 -15.36
CA MET J 326 33.00 -36.75 -16.17
C MET J 326 33.08 -38.19 -15.71
N LEU J 327 32.03 -38.94 -16.02
CA LEU J 327 31.92 -40.34 -15.64
C LEU J 327 31.58 -41.22 -16.84
N ALA J 328 32.00 -42.47 -16.76
CA ALA J 328 31.78 -43.44 -17.82
C ALA J 328 30.30 -43.67 -18.12
N HIS J 329 29.53 -44.07 -17.12
CA HIS J 329 28.10 -44.31 -17.35
C HIS J 329 27.44 -43.07 -17.88
N LYS J 330 27.97 -41.91 -17.51
CA LYS J 330 27.40 -40.69 -18.04
C LYS J 330 27.67 -40.66 -19.56
N ALA J 331 28.90 -40.94 -19.98
CA ALA J 331 29.23 -40.94 -21.40
C ALA J 331 28.36 -41.94 -22.17
N GLU J 332 28.22 -43.15 -21.65
CA GLU J 332 27.41 -44.18 -22.29
C GLU J 332 25.95 -43.75 -22.54
N ASP J 333 25.29 -43.27 -21.48
CA ASP J 333 23.92 -42.79 -21.55
C ASP J 333 23.76 -41.73 -22.62
N GLU J 334 24.66 -40.76 -22.61
CA GLU J 334 24.59 -39.70 -23.60
C GLU J 334 24.79 -40.27 -25.01
N GLY J 335 25.67 -41.26 -25.14
CA GLY J 335 25.91 -41.88 -26.43
C GLY J 335 24.62 -42.52 -26.92
N ILE J 336 24.03 -43.37 -26.07
CA ILE J 336 22.78 -44.03 -26.42
C ILE J 336 21.65 -43.09 -26.79
N ILE J 337 21.30 -42.16 -25.90
CA ILE J 337 20.21 -41.27 -26.25
C ILE J 337 20.56 -40.34 -27.40
N CYS J 338 21.84 -40.08 -27.63
CA CYS J 338 22.20 -39.20 -28.73
C CYS J 338 21.89 -39.88 -30.09
N VAL J 339 22.28 -41.16 -30.23
CA VAL J 339 22.01 -41.84 -31.49
C VAL J 339 20.53 -42.18 -31.63
N GLU J 340 19.85 -42.49 -30.51
CA GLU J 340 18.41 -42.77 -30.58
C GLU J 340 17.74 -41.52 -31.10
N GLY J 341 18.23 -40.37 -30.69
CA GLY J 341 17.67 -39.12 -31.18
C GLY J 341 17.92 -38.95 -32.69
N MET J 342 19.12 -39.31 -33.15
CA MET J 342 19.45 -39.21 -34.57
C MET J 342 18.39 -39.95 -35.38
N ALA J 343 17.99 -41.11 -34.85
CA ALA J 343 16.98 -41.97 -35.43
C ALA J 343 15.55 -41.46 -35.19
N GLY J 344 15.42 -40.17 -34.90
CA GLY J 344 14.10 -39.60 -34.66
C GLY J 344 13.51 -39.76 -33.26
N GLY J 345 14.18 -40.48 -32.37
CA GLY J 345 13.65 -40.67 -31.03
C GLY J 345 13.74 -39.46 -30.09
N ALA J 346 13.16 -39.63 -28.90
CA ALA J 346 13.18 -38.58 -27.89
C ALA J 346 14.53 -38.58 -27.16
N VAL J 347 14.97 -37.42 -26.72
CA VAL J 347 16.23 -37.33 -26.00
C VAL J 347 15.99 -36.71 -24.64
N HIS J 348 16.29 -37.47 -23.61
CA HIS J 348 16.11 -36.97 -22.26
C HIS J 348 17.07 -37.65 -21.30
N ILE J 349 17.72 -36.84 -20.49
CA ILE J 349 18.63 -37.38 -19.49
C ILE J 349 18.53 -36.46 -18.29
N ASP J 350 18.46 -37.06 -17.11
CA ASP J 350 18.37 -36.31 -15.85
C ASP J 350 19.67 -36.47 -15.05
N TYR J 351 20.55 -35.47 -15.15
CA TYR J 351 21.83 -35.53 -14.45
C TYR J 351 21.69 -35.63 -12.93
N ASN J 352 20.53 -35.23 -12.40
CA ASN J 352 20.30 -35.32 -10.97
C ASN J 352 20.19 -36.79 -10.59
N CYS J 353 20.01 -37.65 -11.59
CA CYS J 353 19.88 -39.07 -11.31
C CYS J 353 21.11 -39.86 -11.73
N VAL J 354 22.21 -39.18 -11.98
CA VAL J 354 23.43 -39.89 -12.36
C VAL J 354 24.28 -40.10 -11.10
N PRO J 355 24.51 -41.34 -10.74
CA PRO J 355 25.31 -41.60 -9.55
C PRO J 355 26.81 -41.36 -9.68
N SER J 356 27.49 -41.37 -8.53
CA SER J 356 28.94 -41.21 -8.46
C SER J 356 29.34 -42.27 -7.48
N VAL J 357 30.50 -42.89 -7.70
CA VAL J 357 31.01 -43.96 -6.84
C VAL J 357 32.50 -43.82 -6.62
N ILE J 358 32.96 -44.17 -5.42
CA ILE J 358 34.39 -44.14 -5.11
C ILE J 358 34.66 -45.58 -4.69
N TYR J 359 35.59 -46.24 -5.36
CA TYR J 359 35.80 -47.66 -5.08
C TYR J 359 36.83 -48.07 -4.03
N THR J 360 36.99 -47.20 -3.04
CA THR J 360 37.88 -47.46 -1.95
C THR J 360 37.14 -48.44 -1.08
N HIS J 361 37.64 -48.65 0.13
CA HIS J 361 36.99 -49.54 1.06
C HIS J 361 37.25 -48.92 2.43
N PRO J 362 36.20 -48.38 3.06
CA PRO J 362 34.81 -48.31 2.60
C PRO J 362 34.57 -47.58 1.27
N GLU J 363 33.51 -47.98 0.58
CA GLU J 363 33.12 -47.37 -0.69
C GLU J 363 32.23 -46.18 -0.39
N VAL J 364 32.15 -45.26 -1.35
CA VAL J 364 31.31 -44.08 -1.23
C VAL J 364 30.49 -43.99 -2.51
N ALA J 365 29.19 -43.74 -2.38
CA ALA J 365 28.32 -43.62 -3.55
C ALA J 365 27.14 -42.70 -3.25
N TRP J 366 26.83 -41.81 -4.18
CA TRP J 366 25.70 -40.96 -3.97
C TRP J 366 24.99 -40.63 -5.29
N VAL J 367 23.78 -40.10 -5.17
CA VAL J 367 22.98 -39.69 -6.30
C VAL J 367 21.98 -38.65 -5.79
N GLY J 368 21.75 -37.64 -6.61
CA GLY J 368 20.86 -36.56 -6.21
C GLY J 368 21.68 -35.43 -5.58
N LYS J 369 21.07 -34.73 -4.63
CA LYS J 369 21.71 -33.58 -3.99
C LYS J 369 22.34 -33.81 -2.62
N SER J 370 23.38 -33.06 -2.32
CA SER J 370 24.05 -33.14 -1.02
C SER J 370 23.35 -32.10 -0.14
N GLU J 371 23.62 -32.09 1.16
CA GLU J 371 22.97 -31.11 2.03
C GLU J 371 23.36 -29.71 1.62
N GLU J 372 24.63 -29.54 1.22
CA GLU J 372 25.12 -28.23 0.82
C GLU J 372 24.43 -27.68 -0.41
N GLN J 373 24.11 -28.55 -1.38
CA GLN J 373 23.42 -28.11 -2.59
C GLN J 373 21.97 -27.73 -2.27
N LEU J 374 21.31 -28.51 -1.41
CA LEU J 374 19.92 -28.17 -1.05
C LEU J 374 19.88 -26.86 -0.26
N LYS J 375 20.84 -26.67 0.64
CA LYS J 375 20.85 -25.41 1.40
C LYS J 375 21.02 -24.22 0.46
N GLU J 376 21.95 -24.33 -0.51
CA GLU J 376 22.18 -23.24 -1.46
C GLU J 376 20.98 -22.96 -2.36
N GLU J 377 20.26 -24.01 -2.74
CA GLU J 377 19.09 -23.82 -3.61
C GLU J 377 17.85 -23.36 -2.86
N GLY J 378 17.90 -23.44 -1.52
CA GLY J 378 16.78 -23.01 -0.70
C GLY J 378 15.73 -24.07 -0.49
N ILE J 379 16.10 -25.33 -0.67
CA ILE J 379 15.14 -26.41 -0.51
C ILE J 379 15.11 -26.91 0.93
N GLU J 380 13.93 -26.95 1.54
CA GLU J 380 13.80 -27.43 2.90
C GLU J 380 13.76 -28.97 2.87
N TYR J 381 14.54 -29.62 3.73
CA TYR J 381 14.58 -31.07 3.76
C TYR J 381 14.73 -31.66 5.15
N LYS J 382 14.53 -32.97 5.25
CA LYS J 382 14.69 -33.72 6.48
C LYS J 382 15.75 -34.79 6.19
N VAL J 383 16.36 -35.31 7.25
CA VAL J 383 17.46 -36.25 7.14
C VAL J 383 17.14 -37.57 7.80
N GLY J 384 17.51 -38.66 7.14
CA GLY J 384 17.33 -40.00 7.71
C GLY J 384 18.69 -40.67 7.65
N LYS J 385 19.15 -41.26 8.75
CA LYS J 385 20.44 -41.93 8.78
C LYS J 385 20.34 -43.30 9.41
N PHE J 386 21.16 -44.22 8.92
CA PHE J 386 21.20 -45.57 9.48
C PHE J 386 22.64 -46.02 9.26
N PRO J 387 23.35 -46.32 10.35
CA PRO J 387 24.75 -46.76 10.31
C PRO J 387 24.84 -48.24 10.01
N PHE J 388 25.84 -48.63 9.23
CA PHE J 388 26.01 -50.04 8.92
C PHE J 388 26.30 -50.84 10.18
N ALA J 389 26.84 -50.19 11.22
CA ALA J 389 27.11 -50.92 12.47
C ALA J 389 25.80 -51.55 12.95
N ALA J 390 24.67 -50.94 12.60
CA ALA J 390 23.38 -51.51 12.99
C ALA J 390 22.77 -52.41 11.89
N ASN J 391 23.49 -52.64 10.79
CA ASN J 391 22.95 -53.50 9.73
C ASN J 391 23.40 -54.96 9.98
N SER J 392 22.47 -55.89 9.93
CA SER J 392 22.78 -57.30 10.19
C SER J 392 23.83 -57.93 9.27
N ARG J 393 23.70 -57.70 7.98
CA ARG J 393 24.67 -58.31 7.09
C ARG J 393 26.05 -57.74 7.33
N ALA J 394 26.12 -56.43 7.45
CA ALA J 394 27.39 -55.78 7.68
C ALA J 394 28.03 -56.34 8.98
N LYS J 395 27.23 -56.41 10.04
CA LYS J 395 27.71 -56.91 11.32
C LYS J 395 28.17 -58.38 11.20
N THR J 396 27.35 -59.22 10.58
CA THR J 396 27.69 -60.62 10.40
C THR J 396 28.99 -60.78 9.62
N ASN J 397 29.27 -59.79 8.78
CA ASN J 397 30.45 -59.77 7.93
C ASN J 397 31.61 -59.08 8.62
N ALA J 398 31.31 -58.40 9.73
CA ALA J 398 32.33 -57.66 10.48
C ALA J 398 32.98 -56.65 9.57
N ASP J 399 32.15 -55.82 8.94
CA ASP J 399 32.55 -54.78 7.99
C ASP J 399 31.43 -53.78 8.23
N THR J 400 31.62 -52.93 9.23
CA THR J 400 30.56 -52.01 9.66
C THR J 400 30.76 -50.50 9.60
N ASP J 401 31.81 -50.03 8.95
CA ASP J 401 32.03 -48.59 8.87
C ASP J 401 30.95 -47.92 8.02
N GLY J 402 30.72 -46.64 8.32
CA GLY J 402 29.76 -45.84 7.59
C GLY J 402 28.27 -45.85 7.88
N MET J 403 27.55 -45.25 6.95
CA MET J 403 26.10 -45.11 7.07
C MET J 403 25.46 -44.82 5.72
N VAL J 404 24.13 -44.87 5.73
CA VAL J 404 23.36 -44.48 4.56
C VAL J 404 22.69 -43.21 5.08
N LYS J 405 22.71 -42.19 4.24
CA LYS J 405 22.09 -40.92 4.57
C LYS J 405 21.14 -40.53 3.45
N ILE J 406 19.88 -40.31 3.83
CA ILE J 406 18.83 -39.93 2.93
C ILE J 406 18.31 -38.52 3.23
N LEU J 407 18.20 -37.71 2.18
CA LEU J 407 17.68 -36.36 2.27
C LEU J 407 16.32 -36.33 1.57
N GLY J 408 15.26 -35.98 2.29
CA GLY J 408 13.93 -35.93 1.71
C GLY J 408 13.33 -34.54 1.83
N GLN J 409 12.53 -34.12 0.85
CA GLN J 409 11.90 -32.80 0.88
C GLN J 409 10.94 -32.78 2.09
N LYS J 410 11.04 -31.74 2.90
CA LYS J 410 10.22 -31.64 4.10
C LYS J 410 8.72 -31.86 3.98
N SER J 411 8.07 -31.28 2.98
CA SER J 411 6.65 -31.45 2.87
C SER J 411 6.15 -32.63 2.03
N THR J 412 6.78 -32.89 0.88
CA THR J 412 6.38 -33.99 0.01
C THR J 412 6.96 -35.38 0.31
N ASP J 413 8.05 -35.43 1.06
CA ASP J 413 8.71 -36.70 1.41
C ASP J 413 9.49 -37.28 0.20
N ARG J 414 9.65 -36.45 -0.82
CA ARG J 414 10.34 -36.81 -2.05
C ARG J 414 11.82 -37.07 -1.73
N VAL J 415 12.41 -38.16 -2.24
CA VAL J 415 13.83 -38.40 -1.97
C VAL J 415 14.63 -37.41 -2.82
N LEU J 416 15.45 -36.59 -2.18
CA LEU J 416 16.24 -35.58 -2.88
C LEU J 416 17.70 -35.99 -3.02
N GLY J 417 18.14 -36.91 -2.16
CA GLY J 417 19.53 -37.33 -2.25
C GLY J 417 19.71 -38.57 -1.42
N ALA J 418 20.65 -39.42 -1.83
CA ALA J 418 20.93 -40.65 -1.10
C ALA J 418 22.44 -40.67 -1.09
N HIS J 419 23.03 -40.82 0.09
CA HIS J 419 24.48 -40.82 0.24
C HIS J 419 24.90 -42.04 1.04
N ILE J 420 25.78 -42.83 0.44
CA ILE J 420 26.20 -44.05 1.08
C ILE J 420 27.72 -44.10 1.30
N LEU J 421 28.11 -44.48 2.51
CA LEU J 421 29.51 -44.63 2.87
C LEU J 421 29.54 -45.96 3.59
N GLY J 422 30.24 -46.94 3.04
CA GLY J 422 30.26 -48.23 3.70
C GLY J 422 30.26 -49.40 2.73
N PRO J 423 30.10 -50.63 3.21
CA PRO J 423 30.09 -51.79 2.33
C PRO J 423 28.97 -51.77 1.28
N GLY J 424 29.31 -52.18 0.06
CA GLY J 424 28.34 -52.26 -1.03
C GLY J 424 27.73 -50.96 -1.54
N ALA J 425 28.36 -49.82 -1.23
CA ALA J 425 27.84 -48.52 -1.67
C ALA J 425 27.71 -48.44 -3.19
N GLY J 426 28.77 -48.86 -3.89
CA GLY J 426 28.74 -48.83 -5.34
C GLY J 426 27.53 -49.48 -5.99
N GLU J 427 27.19 -50.70 -5.55
CA GLU J 427 26.04 -51.41 -6.12
C GLU J 427 24.74 -50.84 -5.58
N MET J 428 24.75 -50.50 -4.29
CA MET J 428 23.55 -50.00 -3.64
C MET J 428 22.98 -48.71 -4.22
N VAL J 429 23.87 -47.83 -4.68
CA VAL J 429 23.44 -46.54 -5.23
C VAL J 429 22.57 -46.67 -6.49
N ASN J 430 22.63 -47.82 -7.16
CA ASN J 430 21.83 -48.01 -8.36
C ASN J 430 20.36 -48.20 -8.00
N GLU J 431 20.08 -48.81 -6.86
CA GLU J 431 18.69 -48.95 -6.45
C GLU J 431 18.21 -47.53 -6.13
N ALA J 432 19.13 -46.68 -5.69
CA ALA J 432 18.77 -45.31 -5.35
C ALA J 432 18.45 -44.55 -6.64
N ALA J 433 19.31 -44.71 -7.66
CA ALA J 433 19.12 -44.04 -8.94
C ALA J 433 17.75 -44.40 -9.51
N LEU J 434 17.41 -45.68 -9.44
CA LEU J 434 16.11 -46.15 -9.94
C LEU J 434 14.98 -45.43 -9.21
N ALA J 435 15.12 -45.31 -7.88
CA ALA J 435 14.14 -44.63 -7.04
C ALA J 435 13.95 -43.19 -7.49
N LEU J 436 15.06 -42.47 -7.65
CA LEU J 436 14.97 -41.08 -8.07
C LEU J 436 14.35 -40.92 -9.45
N GLU J 437 14.70 -41.81 -10.36
CA GLU J 437 14.17 -41.75 -11.71
C GLU J 437 12.63 -41.89 -11.66
N TYR J 438 12.15 -42.65 -10.70
CA TYR J 438 10.73 -42.81 -10.51
C TYR J 438 10.17 -41.71 -9.59
N GLY J 439 11.02 -40.76 -9.17
CA GLY J 439 10.55 -39.72 -8.28
C GLY J 439 10.00 -40.25 -6.96
N ALA J 440 10.61 -41.31 -6.44
CA ALA J 440 10.18 -41.92 -5.19
C ALA J 440 10.19 -40.96 -4.00
N SER J 441 9.37 -41.32 -3.01
CA SER J 441 9.28 -40.58 -1.77
C SER J 441 10.03 -41.52 -0.83
N CYS J 442 10.39 -41.04 0.36
CA CYS J 442 11.10 -41.92 1.30
C CYS J 442 10.19 -43.10 1.68
N GLU J 443 8.90 -42.84 1.80
CA GLU J 443 7.97 -43.90 2.16
C GLU J 443 7.87 -45.00 1.09
N ASP J 444 7.92 -44.61 -0.19
CA ASP J 444 7.88 -45.62 -1.25
C ASP J 444 8.94 -46.68 -1.01
N ILE J 445 10.16 -46.23 -0.74
CA ILE J 445 11.28 -47.14 -0.53
C ILE J 445 11.13 -47.94 0.74
N ALA J 446 10.67 -47.29 1.81
CA ALA J 446 10.48 -47.96 3.09
C ALA J 446 9.47 -49.09 2.94
N ARG J 447 8.48 -48.92 2.06
CA ARG J 447 7.46 -49.94 1.86
C ARG J 447 7.93 -51.13 1.05
N VAL J 448 9.06 -51.00 0.36
CA VAL J 448 9.55 -52.12 -0.45
C VAL J 448 10.23 -53.16 0.42
N CYS J 449 9.84 -54.41 0.26
CA CYS J 449 10.42 -55.48 1.04
C CYS J 449 11.82 -55.78 0.52
N HIS J 450 12.86 -55.51 1.33
CA HIS J 450 14.24 -55.79 0.97
C HIS J 450 14.59 -57.12 1.63
N ALA J 451 15.46 -57.90 1.00
CA ALA J 451 15.81 -59.20 1.57
C ALA J 451 16.58 -59.05 2.87
N HIS J 452 16.45 -60.05 3.73
CA HIS J 452 17.17 -60.07 5.01
C HIS J 452 17.98 -61.36 5.00
N PRO J 453 19.27 -61.28 5.30
CA PRO J 453 20.00 -60.06 5.66
C PRO J 453 20.81 -59.42 4.52
N THR J 454 20.53 -58.17 4.20
CA THR J 454 21.31 -57.49 3.16
C THR J 454 21.71 -56.07 3.55
N LEU J 455 22.77 -55.60 2.92
CA LEU J 455 23.26 -54.26 3.15
C LEU J 455 22.18 -53.25 2.76
N SER J 456 21.41 -53.60 1.73
CA SER J 456 20.35 -52.71 1.21
C SER J 456 19.33 -52.39 2.28
N GLU J 457 19.24 -53.23 3.30
CA GLU J 457 18.30 -52.95 4.38
C GLU J 457 18.66 -51.62 5.03
N ALA J 458 19.94 -51.30 5.05
CA ALA J 458 20.38 -50.04 5.65
C ALA J 458 19.77 -48.89 4.83
N PHE J 459 19.69 -49.08 3.53
CA PHE J 459 19.11 -48.08 2.64
C PHE J 459 17.60 -47.94 2.91
N ARG J 460 16.91 -49.06 3.11
CA ARG J 460 15.48 -49.04 3.38
C ARG J 460 15.21 -48.35 4.75
N GLU J 461 16.01 -48.69 5.75
CA GLU J 461 15.84 -48.11 7.08
C GLU J 461 16.09 -46.60 7.13
N ALA J 462 17.09 -46.11 6.39
CA ALA J 462 17.36 -44.67 6.38
C ALA J 462 16.16 -43.94 5.81
N ASN J 463 15.56 -44.51 4.76
CA ASN J 463 14.39 -43.90 4.13
C ASN J 463 13.22 -43.91 5.13
N LEU J 464 13.10 -44.98 5.91
CA LEU J 464 12.05 -45.07 6.92
C LEU J 464 12.32 -43.96 7.96
N ALA J 465 13.58 -43.82 8.37
CA ALA J 465 13.94 -42.79 9.35
C ALA J 465 13.54 -41.42 8.86
N ALA J 466 13.81 -41.13 7.59
CA ALA J 466 13.49 -39.83 7.02
C ALA J 466 11.98 -39.64 6.87
N SER J 467 11.30 -40.71 6.50
CA SER J 467 9.87 -40.63 6.29
C SER J 467 9.06 -40.66 7.56
N PHE J 468 9.35 -41.66 8.41
CA PHE J 468 8.60 -41.84 9.65
C PHE J 468 9.20 -41.12 10.85
N GLY J 469 10.49 -40.81 10.80
CA GLY J 469 11.12 -40.13 11.92
C GLY J 469 12.02 -41.12 12.66
N LYS J 470 11.64 -42.39 12.65
CA LYS J 470 12.40 -43.44 13.31
C LYS J 470 12.52 -44.68 12.44
N SER J 471 13.62 -45.39 12.57
CA SER J 471 13.80 -46.64 11.84
C SER J 471 13.50 -47.74 12.87
N ILE J 472 13.57 -49.00 12.45
CA ILE J 472 13.31 -50.09 13.37
C ILE J 472 14.55 -50.48 14.15
N ASN J 473 15.65 -50.70 13.46
CA ASN J 473 16.86 -51.18 14.12
C ASN J 473 17.88 -50.18 14.62
N PHE J 474 17.49 -48.91 14.75
CA PHE J 474 18.37 -47.88 15.25
C PHE J 474 17.60 -46.66 15.77
N ARG K 11 -8.01 30.48 0.48
CA ARG K 11 -6.96 29.50 0.89
C ARG K 11 -5.57 29.89 0.39
N LEU K 12 -4.76 30.43 1.26
CA LEU K 12 -3.42 30.82 0.88
C LEU K 12 -2.52 29.60 0.94
N SER K 13 -1.54 29.53 0.05
CA SER K 13 -0.63 28.41 0.05
C SER K 13 0.44 28.77 1.06
N PRO K 14 1.09 27.76 1.67
CA PRO K 14 2.13 28.20 2.61
C PRO K 14 3.07 29.02 1.74
N ALA K 15 3.90 29.87 2.33
CA ALA K 15 4.81 30.68 1.52
C ALA K 15 4.05 31.84 0.87
N ALA K 16 2.85 31.56 0.33
CA ALA K 16 2.04 32.63 -0.24
C ALA K 16 1.62 33.41 1.00
N ARG K 17 1.33 32.65 2.06
CA ARG K 17 0.93 33.19 3.34
C ARG K 17 2.15 33.87 3.94
N ASN K 18 3.33 33.26 3.76
CA ASN K 18 4.55 33.84 4.28
C ASN K 18 4.89 35.15 3.56
N ILE K 19 4.75 35.14 2.23
CA ILE K 19 5.06 36.31 1.42
C ILE K 19 4.12 37.49 1.71
N LEU K 20 2.83 37.19 1.86
CA LEU K 20 1.86 38.22 2.15
C LEU K 20 2.10 38.87 3.52
N GLU K 21 2.50 38.08 4.52
CA GLU K 21 2.77 38.62 5.85
C GLU K 21 3.99 39.52 5.84
N LYS K 22 5.05 39.07 5.17
CA LYS K 22 6.29 39.84 5.09
C LYS K 22 6.10 41.24 4.50
N HIS K 23 5.17 41.36 3.57
CA HIS K 23 4.88 42.64 2.91
C HIS K 23 3.53 43.25 3.32
N SER K 24 3.03 42.83 4.48
CA SER K 24 1.75 43.32 5.01
C SER K 24 0.65 43.48 3.96
N LEU K 25 0.42 42.46 3.15
CA LEU K 25 -0.62 42.53 2.13
C LEU K 25 -1.78 41.60 2.43
N ASP K 26 -2.98 42.02 2.02
CA ASP K 26 -4.19 41.23 2.21
C ASP K 26 -4.56 40.57 0.88
N ALA K 27 -4.49 39.24 0.84
CA ALA K 27 -4.78 38.45 -0.35
C ALA K 27 -6.09 38.83 -1.04
N SER K 28 -7.00 39.45 -0.30
CA SER K 28 -8.27 39.87 -0.89
C SER K 28 -7.97 40.82 -2.05
N GLN K 29 -6.91 41.62 -1.89
CA GLN K 29 -6.51 42.60 -2.90
C GLN K 29 -6.24 41.96 -4.27
N GLY K 30 -5.81 40.70 -4.29
CA GLY K 30 -5.54 40.03 -5.55
C GLY K 30 -6.60 39.00 -5.96
N THR K 31 -6.18 38.02 -6.75
CA THR K 31 -7.09 36.96 -7.19
C THR K 31 -6.30 35.64 -7.26
N ALA K 32 -6.89 34.60 -6.68
CA ALA K 32 -6.26 33.28 -6.63
C ALA K 32 -6.21 32.57 -7.98
N THR K 33 -4.99 32.35 -8.46
CA THR K 33 -4.72 31.69 -9.74
C THR K 33 -3.94 30.40 -9.47
N GLY K 34 -4.62 29.42 -8.88
CA GLY K 34 -3.98 28.15 -8.58
C GLY K 34 -4.98 27.02 -8.45
N PRO K 35 -4.52 25.76 -8.56
CA PRO K 35 -5.36 24.57 -8.47
C PRO K 35 -6.38 24.63 -7.31
N ARG K 36 -7.58 24.17 -7.59
CA ARG K 36 -8.68 24.16 -6.62
C ARG K 36 -8.79 25.34 -5.64
N GLY K 37 -8.84 26.55 -6.18
CA GLY K 37 -8.98 27.75 -5.35
C GLY K 37 -7.86 28.12 -4.40
N ILE K 38 -6.61 27.94 -4.83
CA ILE K 38 -5.47 28.26 -3.99
C ILE K 38 -4.84 29.59 -4.38
N PHE K 39 -4.43 30.37 -3.38
CA PHE K 39 -3.75 31.62 -3.65
C PHE K 39 -2.27 31.26 -3.53
N THR K 40 -1.67 30.99 -4.68
CA THR K 40 -0.29 30.54 -4.78
C THR K 40 0.80 31.56 -4.53
N LYS K 41 2.04 31.07 -4.53
CA LYS K 41 3.22 31.89 -4.33
C LYS K 41 3.34 32.89 -5.49
N GLU K 42 2.74 32.53 -6.63
CA GLU K 42 2.78 33.40 -7.80
C GLU K 42 1.80 34.55 -7.58
N ASP K 43 0.61 34.23 -7.08
CA ASP K 43 -0.40 35.24 -6.79
C ASP K 43 0.14 36.22 -5.75
N ALA K 44 0.72 35.68 -4.69
CA ALA K 44 1.28 36.52 -3.65
C ALA K 44 2.28 37.50 -4.27
N LEU K 45 3.17 36.99 -5.11
CA LEU K 45 4.18 37.84 -5.74
C LEU K 45 3.62 38.83 -6.76
N LYS K 46 2.50 38.49 -7.38
CA LYS K 46 1.86 39.37 -8.36
C LYS K 46 1.30 40.59 -7.62
N LEU K 47 1.01 40.42 -6.33
CA LEU K 47 0.49 41.52 -5.52
C LEU K 47 1.62 42.37 -4.97
N VAL K 48 2.75 41.74 -4.66
CA VAL K 48 3.89 42.49 -4.14
C VAL K 48 4.44 43.32 -5.29
N GLN K 49 4.24 42.81 -6.50
CA GLN K 49 4.70 43.50 -7.72
C GLN K 49 3.63 44.49 -8.14
N LEU K 50 2.42 43.98 -8.38
CA LEU K 50 1.31 44.83 -8.78
C LEU K 50 0.84 45.70 -7.64
N LYS K 51 1.80 46.27 -6.92
CA LYS K 51 1.55 47.17 -5.79
C LYS K 51 2.78 48.05 -5.65
N GLN K 52 3.92 47.41 -5.44
CA GLN K 52 5.19 48.12 -5.32
C GLN K 52 5.63 48.43 -6.76
N THR K 53 4.76 48.10 -7.71
CA THR K 53 5.03 48.31 -9.13
C THR K 53 5.36 49.77 -9.40
N ARG L 11 -38.92 46.19 61.18
N ARG L 11 -34.46 50.26 68.97
CA ARG L 11 -38.14 45.95 59.92
CA ARG L 11 -33.99 51.58 68.49
C ARG L 11 -36.87 45.15 60.21
C ARG L 11 -35.14 52.44 67.99
N LEU L 12 -36.54 45.02 61.50
N LEU L 12 -34.88 53.24 66.96
CA LEU L 12 -35.36 44.30 61.97
CA LEU L 12 -35.87 54.14 66.37
C LEU L 12 -34.05 45.10 61.80
C LEU L 12 -35.29 54.70 65.07
N SER L 13 -32.96 44.40 61.53
N SER L 13 -36.00 54.56 63.95
CA SER L 13 -31.65 45.03 61.39
CA SER L 13 -35.50 55.07 62.67
C SER L 13 -30.56 43.97 61.21
C SER L 13 -35.65 56.59 62.59
N PRO L 14 -29.48 44.28 60.46
N PRO L 14 -34.80 57.26 61.78
CA PRO L 14 -28.44 43.26 60.30
CA PRO L 14 -34.85 58.72 61.62
C PRO L 14 -27.88 43.00 61.69
C PRO L 14 -36.25 59.26 61.32
N ALA L 15 -27.10 41.94 61.87
N ALA L 15 -36.91 58.65 60.35
CA ALA L 15 -26.56 41.63 63.19
CA ALA L 15 -38.26 59.10 59.98
C ALA L 15 -27.66 41.03 64.06
C ALA L 15 -39.28 58.82 61.09
N ALA L 16 -28.63 41.86 64.41
N ALA L 16 -39.14 57.66 61.72
CA ALA L 16 -29.76 41.41 65.25
CA ALA L 16 -40.05 57.25 62.78
C ALA L 16 -30.46 40.24 64.59
C ALA L 16 -40.04 58.23 63.95
N ARG L 17 -30.67 40.34 63.28
N ARG L 17 -38.86 58.64 64.38
CA ARG L 17 -31.33 39.29 62.51
CA ARG L 17 -38.74 59.57 65.50
C ARG L 17 -30.47 38.05 62.62
C ARG L 17 -39.47 60.86 65.16
N ASN L 18 -29.18 38.20 62.31
N ASN L 18 -39.17 61.39 63.97
CA ASN L 18 -28.24 37.09 62.38
CA ASN L 18 -39.77 62.64 63.51
C ASN L 18 -28.32 36.39 63.73
C ASN L 18 -41.30 62.54 63.44
N ILE L 19 -28.00 37.12 64.79
N ILE L 19 -41.78 61.46 62.83
CA ILE L 19 -28.03 36.55 66.13
CA ILE L 19 -43.21 61.23 62.69
C ILE L 19 -29.38 35.92 66.48
C ILE L 19 -43.90 61.10 64.05
N LEU L 20 -30.48 36.53 66.05
N LEU L 20 -43.25 60.42 64.98
CA LEU L 20 -31.79 35.95 66.34
CA LEU L 20 -43.82 60.25 66.30
C LEU L 20 -32.04 34.69 65.54
C LEU L 20 -44.01 61.60 66.98
N GLU L 21 -31.41 34.60 64.37
N GLU L 21 -42.96 62.43 66.97
CA GLU L 21 -31.57 33.42 63.54
CA GLU L 21 -43.03 63.76 67.58
C GLU L 21 -30.67 32.31 64.06
C GLU L 21 -44.14 64.60 66.97
N LYS L 22 -29.46 32.68 64.48
N LYS L 22 -44.26 64.57 65.64
CA LYS L 22 -28.50 31.71 65.01
CA LYS L 22 -45.28 65.35 64.95
C LYS L 22 -28.95 31.17 66.36
C LYS L 22 -46.71 64.96 65.34
N HIS L 23 -30.19 31.47 66.71
N HIS L 23 -46.87 63.82 65.99
CA HIS L 23 -30.76 31.01 67.98
CA HIS L 23 -48.20 63.35 66.38
C HIS L 23 -32.24 30.71 67.79
C HIS L 23 -48.29 63.01 67.86
N SER L 24 -32.68 30.72 66.54
N SER L 24 -47.31 63.48 68.62
CA SER L 24 -34.07 30.46 66.20
CA SER L 24 -47.27 63.22 70.05
C SER L 24 -35.00 31.02 67.27
C SER L 24 -47.59 61.77 70.36
N LEU L 25 -34.90 32.33 67.47
N LEU L 25 -47.08 60.86 69.54
CA LEU L 25 -35.69 33.05 68.44
CA LEU L 25 -47.29 59.43 69.76
C LEU L 25 -36.31 34.22 67.68
C LEU L 25 -46.02 58.85 70.36
N ASP L 26 -37.64 34.32 67.73
N ASP L 26 -46.19 57.94 71.32
CA ASP L 26 -38.32 35.39 67.00
CA ASP L 26 -45.06 57.33 71.99
C ASP L 26 -38.28 36.74 67.71
C ASP L 26 -44.87 55.88 71.57
N ALA L 27 -38.27 37.80 66.89
N ALA L 27 -43.66 55.54 71.15
CA ALA L 27 -38.21 39.17 67.39
CA ALA L 27 -43.35 54.18 70.74
C ALA L 27 -39.49 39.61 68.10
C ALA L 27 -43.43 53.29 71.99
N SER L 28 -40.61 39.00 67.73
N SER L 28 -44.63 52.78 72.23
CA SER L 28 -41.91 39.34 68.33
CA SER L 28 -44.92 51.90 73.35
C SER L 28 -41.91 39.12 69.83
C SER L 28 -46.33 51.48 73.03
N GLN L 29 -40.89 38.43 70.33
N GLN L 29 -46.95 52.27 72.16
CA GLN L 29 -40.78 38.15 71.76
CA GLN L 29 -48.30 52.04 71.69
C GLN L 29 -39.97 39.26 72.42
C GLN L 29 -48.16 51.51 70.27
N GLY L 30 -39.60 40.27 71.63
N GLY L 30 -47.02 50.90 70.01
CA GLY L 30 -38.84 41.38 72.16
CA GLY L 30 -46.77 50.35 68.69
C GLY L 30 -39.58 42.68 71.89
C GLY L 30 -45.85 49.15 68.76
N THR L 31 -38.98 43.80 72.28
N THR L 31 -45.53 48.58 67.59
CA THR L 31 -39.62 45.10 72.09
CA THR L 31 -44.66 47.43 67.51
C THR L 31 -38.82 46.01 71.15
C THR L 31 -43.52 47.68 66.52
N ALA L 32 -39.29 47.25 71.03
N ALA L 32 -42.29 47.40 66.94
CA ALA L 32 -38.68 48.26 70.17
CA ALA L 32 -41.12 47.57 66.09
C ALA L 32 -37.34 48.76 70.65
C ALA L 32 -41.00 46.32 65.23
N THR L 33 -37.33 49.98 71.19
N THR L 33 -41.03 46.49 63.92
CA THR L 33 -36.11 50.60 71.69
CA THR L 33 -40.94 45.36 63.01
C THR L 33 -35.27 50.83 70.44
C THR L 33 -39.75 45.47 62.05
N GLY L 34 -34.42 51.85 70.47
N GLY L 34 -38.93 46.50 62.23
CA GLY L 34 -33.58 52.11 69.31
CA GLY L 34 -37.78 46.72 61.38
C GLY L 34 -34.11 53.18 68.36
C GLY L 34 -36.72 45.65 61.52
N PRO L 35 -33.23 53.81 67.55
N PRO L 35 -35.78 45.51 60.55
CA PRO L 35 -33.65 54.85 66.61
CA PRO L 35 -34.71 44.49 60.57
C PRO L 35 -34.82 54.40 65.71
C PRO L 35 -34.12 44.13 61.93
N ARG L 36 -35.67 55.36 65.35
N ARG L 36 -32.94 44.65 62.22
CA ARG L 36 -36.84 55.07 64.53
CA ARG L 36 -32.29 44.35 63.49
C ARG L 36 -37.70 54.09 65.31
C ARG L 36 -32.98 45.16 64.57
N GLY L 37 -37.79 52.86 64.82
N GLY L 37 -34.31 45.17 64.52
CA GLY L 37 -38.57 51.84 65.51
CA GLY L 37 -35.11 45.93 65.46
C GLY L 37 -38.10 50.42 65.22
C GLY L 37 -35.37 47.27 64.81
N ILE L 38 -36.79 50.25 65.00
N ILE L 38 -34.99 48.36 65.49
CA ILE L 38 -36.25 48.93 64.71
CA ILE L 38 -35.13 49.73 64.96
C ILE L 38 -35.84 48.12 65.94
C ILE L 38 -36.44 50.49 65.23
N PHE L 39 -35.84 46.81 65.77
N PHE L 39 -37.55 49.99 64.71
CA PHE L 39 -35.46 45.87 66.81
CA PHE L 39 -38.88 50.62 64.81
C PHE L 39 -33.93 45.78 66.68
C PHE L 39 -38.94 51.61 63.64
N THR L 40 -33.22 46.35 67.64
N THR L 40 -39.60 51.18 62.58
CA THR L 40 -31.77 46.38 67.60
CA THR L 40 -39.69 51.94 61.36
C THR L 40 -31.02 45.13 68.08
C THR L 40 -40.76 53.02 61.30
N LYS L 41 -29.73 45.08 67.74
N LYS L 41 -40.76 53.79 60.21
CA LYS L 41 -28.87 43.97 68.14
CA LYS L 41 -41.76 54.84 60.04
C LYS L 41 -28.94 43.85 69.65
C LYS L 41 -43.07 54.18 59.70
N GLU L 42 -28.91 44.99 70.32
N GLU L 42 -43.00 53.00 59.09
CA GLU L 42 -28.99 45.03 71.77
CA GLU L 42 -44.21 52.26 58.79
C GLU L 42 -30.31 44.38 72.18
C GLU L 42 -44.82 51.94 60.16
N ASP L 43 -31.35 44.59 71.36
N ASP L 43 -43.95 51.56 61.10
CA ASP L 43 -32.66 44.01 71.62
CA ASP L 43 -44.38 51.27 62.46
C ASP L 43 -32.60 42.50 71.34
C ASP L 43 -44.95 52.55 63.06
N ALA L 44 -31.88 42.14 70.28
N ALA L 44 -44.46 53.70 62.60
CA ALA L 44 -31.74 40.74 69.88
CA ALA L 44 -44.95 54.99 63.07
C ALA L 44 -30.63 40.05 70.68
C ALA L 44 -46.27 55.32 62.36
N LEU L 45 -30.54 40.37 71.96
N LEU L 45 -46.29 55.13 61.04
CA LEU L 45 -29.54 39.79 72.85
CA LEU L 45 -47.50 55.39 60.26
C LEU L 45 -30.18 39.74 74.25
C LEU L 45 -48.65 54.58 60.85
N LYS L 46 -30.84 40.83 74.62
N LYS L 46 -48.40 53.29 61.07
CA LYS L 46 -31.53 40.88 75.91
CA LYS L 46 -49.43 52.43 61.63
C LYS L 46 -32.63 39.84 75.79
C LYS L 46 -49.84 52.92 63.01
N LEU L 47 -32.97 39.52 74.55
N LEU L 47 -48.92 53.60 63.69
CA LEU L 47 -34.00 38.54 74.24
CA LEU L 47 -49.18 54.12 65.03
C LEU L 47 -33.41 37.14 74.34
C LEU L 47 -50.00 55.41 64.98
N VAL L 48 -32.18 36.98 73.88
N VAL L 48 -49.92 56.16 63.88
CA VAL L 48 -31.53 35.68 73.95
CA VAL L 48 -50.69 57.38 63.77
C VAL L 48 -31.21 35.39 75.41
C VAL L 48 -52.10 56.99 63.39
N GLN L 49 -30.98 36.44 76.18
N GLN L 49 -52.23 56.00 62.50
CA GLN L 49 -30.70 36.29 77.60
CA GLN L 49 -53.54 55.52 62.10
C GLN L 49 -32.00 35.80 78.21
C GLN L 49 -54.17 55.03 63.40
N LEU L 50 -33.10 36.42 77.80
N LEU L 50 -53.35 54.39 64.24
CA LEU L 50 -34.41 36.04 78.29
CA LEU L 50 -53.83 53.90 65.52
C LEU L 50 -34.73 34.64 77.81
C LEU L 50 -54.23 55.07 66.39
N LYS L 51 -34.10 34.23 76.72
N LYS L 51 -53.62 56.23 66.12
CA LYS L 51 -34.30 32.90 76.17
CA LYS L 51 -53.93 57.45 66.87
C LYS L 51 -33.20 31.97 76.69
C LYS L 51 -55.20 58.05 66.26
N GLN L 52 -32.45 32.47 77.67
N GLN L 52 -55.51 57.62 65.04
CA GLN L 52 -31.36 31.71 78.28
CA GLN L 52 -56.69 58.09 64.34
C GLN L 52 -31.61 31.69 79.79
C GLN L 52 -57.75 56.99 64.44
N THR L 53 -31.02 32.65 80.50
N THR L 53 -57.59 56.11 65.43
CA THR L 53 -31.18 32.73 81.95
CA THR L 53 -58.54 55.03 65.65
C THR L 53 -32.39 33.59 82.33
C THR L 53 -59.91 55.64 65.86
N ARG M 11 -91.46 11.13 33.21
N ARG M 11 -97.77 17.79 32.81
CA ARG M 11 -90.49 11.84 34.10
CA ARG M 11 -97.39 18.77 31.75
C ARG M 11 -91.24 12.67 35.13
C ARG M 11 -96.56 18.13 30.67
N LEU M 12 -90.63 12.87 36.29
N LEU M 12 -96.59 18.73 29.49
CA LEU M 12 -91.21 13.69 37.36
CA LEU M 12 -95.84 18.22 28.36
C LEU M 12 -90.48 15.02 37.37
C LEU M 12 -94.48 18.89 28.25
N SER M 13 -91.12 16.08 37.82
N SER M 13 -93.45 18.11 27.97
CA SER M 13 -90.45 17.38 37.88
CA SER M 13 -92.14 18.71 27.78
C SER M 13 -89.62 17.31 39.16
C SER M 13 -92.29 19.28 26.38
N PRO M 14 -88.45 17.98 39.21
N PRO M 14 -91.49 20.29 26.01
CA PRO M 14 -87.67 17.90 40.44
CA PRO M 14 -91.72 20.75 24.64
C PRO M 14 -88.46 18.18 41.72
C PRO M 14 -91.29 19.60 23.75
N ALA M 15 -89.56 18.91 41.62
N ALA M 15 -91.71 19.56 22.50
CA ALA M 15 -90.37 19.20 42.80
CA ALA M 15 -91.32 18.46 21.61
C ALA M 15 -91.39 18.06 43.03
C ALA M 15 -92.23 17.24 21.79
N ALA M 16 -91.80 17.41 41.95
N ALA M 16 -92.62 16.97 23.04
CA ALA M 16 -92.77 16.31 42.04
CA ALA M 16 -93.54 15.87 23.29
C ALA M 16 -92.18 15.10 42.78
C ALA M 16 -94.87 16.51 22.88
N ARG M 17 -90.92 14.76 42.51
N ARG M 17 -95.00 17.80 23.18
CA ARG M 17 -90.26 13.63 43.17
CA ARG M 17 -96.20 18.53 22.79
C ARG M 17 -90.17 13.87 44.67
C ARG M 17 -96.16 18.62 21.27
N ASN M 18 -89.82 15.10 45.03
N ASN M 18 -94.95 18.60 20.73
CA ASN M 18 -89.64 15.52 46.40
CA ASN M 18 -94.73 18.68 19.29
C ASN M 18 -90.87 15.33 47.27
C ASN M 18 -95.00 17.39 18.52
N ILE M 19 -92.01 15.87 46.85
N ILE M 19 -94.51 16.26 19.02
CA ILE M 19 -93.20 15.73 47.67
CA ILE M 19 -94.76 15.01 18.30
C ILE M 19 -93.77 14.32 47.57
C ILE M 19 -96.23 14.58 18.41
N LEU M 20 -93.61 13.68 46.41
N LEU M 20 -96.81 14.70 19.61
CA LEU M 20 -94.12 12.33 46.22
CA LEU M 20 -98.21 14.36 19.81
C LEU M 20 -93.38 11.38 47.16
C LEU M 20 -99.08 15.21 18.88
N GLU M 21 -92.12 11.71 47.43
N GLU M 21 -98.77 16.50 18.83
CA GLU M 21 -91.29 10.90 48.31
CA GLU M 21 -99.50 17.44 17.99
C GLU M 21 -91.56 11.28 49.77
C GLU M 21 -99.24 17.13 16.51
N LYS M 22 -91.71 12.57 50.03
N LYS M 22 -98.06 16.58 16.22
CA LYS M 22 -91.97 13.06 51.39
CA LYS M 22 -97.69 16.25 14.85
C LYS M 22 -93.28 12.48 51.92
C LYS M 22 -98.31 14.92 14.40
N HIS M 23 -94.38 12.72 51.20
N HIS M 23 -98.98 14.25 15.33
CA HIS M 23 -95.67 12.20 51.64
CA HIS M 23 -99.64 12.98 15.04
C HIS M 23 -95.72 10.70 51.38
C HIS M 23 -101.08 13.03 15.54
N SER M 24 -94.67 10.20 50.76
N SER M 24 -101.49 14.23 15.96
CA SER M 24 -94.55 8.77 50.46
CA SER M 24 -102.83 14.43 16.46
C SER M 24 -95.61 8.27 49.50
C SER M 24 -103.21 13.35 17.46
N LEU M 25 -95.18 7.95 48.28
N LEU M 25 -102.37 13.19 18.47
CA LEU M 25 -96.02 7.43 47.21
CA LEU M 25 -102.60 12.22 19.53
C LEU M 25 -95.38 7.68 45.86
C LEU M 25 -102.87 13.02 20.80
N ASP M 26 -95.77 6.91 44.85
N ASP M 26 -102.92 12.36 21.95
CA ASP M 26 -95.20 7.06 43.51
CA ASP M 26 -103.21 13.08 23.19
C ASP M 26 -96.20 7.56 42.49
C ASP M 26 -102.57 12.42 24.41
N ALA M 27 -95.68 8.17 41.43
N ALA M 27 -101.93 13.24 25.23
CA ALA M 27 -96.48 8.74 40.36
CA ALA M 27 -101.27 12.77 26.45
C ALA M 27 -97.36 7.73 39.63
C ALA M 27 -102.23 11.96 27.34
N SER M 28 -97.62 6.59 40.25
N SER M 28 -103.49 12.35 27.35
CA SER M 28 -98.45 5.57 39.64
CA SER M 28 -104.51 11.67 28.14
C SER M 28 -99.92 5.88 39.88
C SER M 28 -104.57 10.20 27.76
N GLN M 29 -100.22 6.30 41.11
N GLN M 29 -104.34 9.94 26.47
CA GLN M 29 -101.57 6.64 41.52
CA GLN M 29 -104.36 8.58 25.94
C GLN M 29 -102.15 7.83 40.77
C GLN M 29 -103.11 7.81 26.32
N GLY M 30 -101.32 8.84 40.51
N GLY M 30 -102.25 8.43 27.12
CA GLY M 30 -101.79 10.01 39.80
CA GLY M 30 -101.02 7.77 27.52
C GLY M 30 -101.45 10.00 38.33
C GLY M 30 -100.68 8.11 28.96
N THR M 31 -101.91 11.02 37.61
N THR M 31 -99.53 7.65 29.42
CA THR M 31 -101.65 11.14 36.17
CA THR M 31 -99.09 7.90 30.78
C THR M 31 -100.84 12.39 35.87
C THR M 31 -97.80 8.73 30.79
N ALA M 32 -99.95 12.30 34.87
N ALA M 32 -97.52 9.38 31.92
CA ALA M 32 -99.11 13.42 34.49
CA ALA M 32 -96.32 10.19 32.05
C ALA M 32 -99.79 14.40 33.55
C ALA M 32 -95.44 9.64 33.16
N THR M 33 -99.84 15.66 33.97
N THR M 33 -94.15 9.54 32.91
CA THR M 33 -100.46 16.74 33.21
CA THR M 33 -93.21 9.03 33.93
C THR M 33 -99.38 17.80 33.04
C THR M 33 -91.87 9.73 33.85
N GLY M 34 -99.36 18.46 31.90
N GLY M 34 -90.82 9.03 34.28
CA GLY M 34 -98.34 19.46 31.67
CA GLY M 34 -89.48 9.58 34.25
C GLY M 34 -97.52 19.20 30.42
C GLY M 34 -89.16 10.41 35.47
N PRO M 35 -96.75 20.19 29.94
N PRO M 35 -88.40 11.51 35.32
CA PRO M 35 -95.93 20.03 28.73
CA PRO M 35 -88.06 12.39 36.45
C PRO M 35 -95.03 18.78 28.63
C PRO M 35 -89.32 13.07 36.93
N ARG M 36 -94.86 18.31 27.40
N ARG M 36 -90.02 12.37 37.84
CA ARG M 36 -94.06 17.13 27.08
CA ARG M 36 -91.28 12.85 38.39
C ARG M 36 -94.29 15.93 27.99
C ARG M 36 -92.28 13.11 37.26
N GLY M 37 -95.43 15.91 28.67
N GLY M 37 -93.40 13.75 37.60
CA GLY M 37 -95.76 14.79 29.55
CA GLY M 37 -94.41 14.04 36.60
C GLY M 37 -95.14 14.75 30.94
C GLY M 37 -93.97 15.12 35.65
N ILE M 38 -94.87 15.91 31.53
N ILE M 38 -93.99 14.79 34.35
CA ILE M 38 -94.28 15.95 32.86
CA ILE M 38 -93.60 15.72 33.29
C ILE M 38 -95.37 15.70 33.90
C ILE M 38 -93.75 15.18 31.86
N PHE M 39 -94.96 15.23 35.08
N PHE M 39 -94.58 14.15 31.69
CA PHE M 39 -95.89 14.96 36.17
CA PHE M 39 -94.83 13.52 30.37
C PHE M 39 -96.13 16.22 37.02
C PHE M 39 -93.75 13.85 29.33
N THR M 40 -95.22 17.18 36.93
N THR M 40 -92.78 12.95 29.23
CA THR M 40 -95.34 18.45 37.65
CA THR M 40 -91.64 13.11 28.35
C THR M 40 -95.71 18.40 39.12
C THR M 40 -91.87 12.81 26.87
N LYS M 41 -95.43 19.52 39.78
N LYS M 41 -90.82 13.08 26.08
CA LYS M 41 -95.71 19.72 41.19
CA LYS M 41 -90.82 12.82 24.66
C LYS M 41 -97.23 19.77 41.43
C LYS M 41 -91.02 11.31 24.50
N GLU M 42 -97.97 20.09 40.38
N GLU M 42 -90.29 10.55 25.31
CA GLU M 42 -99.41 20.20 40.47
CA GLU M 42 -90.39 9.10 25.30
C GLU M 42 -100.06 18.81 40.58
C GLU M 42 -91.82 8.67 25.63
N ASP M 43 -99.62 17.89 39.73
N ASP M 43 -92.45 9.35 26.58
CA ASP M 43 -100.17 16.53 39.77
CA ASP M 43 -93.83 9.03 26.95
C ASP M 43 -99.73 15.88 41.08
C ASP M 43 -94.73 9.20 25.73
N ALA M 44 -98.50 16.17 41.48
N ALA M 44 -94.44 10.22 24.93
CA ALA M 44 -97.97 15.61 42.72
CA ALA M 44 -95.21 10.49 23.73
C ALA M 44 -98.84 16.07 43.88
C ALA M 44 -94.83 9.51 22.62
N LEU M 45 -99.11 17.38 43.92
N LEU M 45 -93.56 9.13 22.61
CA LEU M 45 -99.92 17.98 44.96
CA LEU M 45 -93.05 8.21 21.61
C LEU M 45 -101.35 17.49 44.92
C LEU M 45 -93.71 6.84 21.77
N LYS M 46 -101.86 17.27 43.71
N LYS M 46 -94.12 6.53 23.01
CA LYS M 46 -103.22 16.78 43.56
CA LYS M 46 -94.76 5.25 23.26
C LYS M 46 -103.30 15.37 44.13
C LYS M 46 -96.14 5.32 22.63
N LEU M 47 -102.27 14.57 43.86
N LEU M 47 -96.79 6.47 22.80
CA LEU M 47 -102.21 13.20 44.31
CA LEU M 47 -98.13 6.66 22.26
C LEU M 47 -102.17 13.01 45.82
C LEU M 47 -98.15 6.70 20.73
N VAL M 48 -101.74 14.04 46.54
N VAL M 48 -96.97 6.86 20.12
CA VAL M 48 -101.69 13.97 47.99
CA VAL M 48 -96.90 6.90 18.66
C VAL M 48 -102.97 14.54 48.61
C VAL M 48 -96.57 5.50 18.15
N GLN M 49 -103.64 15.40 47.85
N GLN M 49 -95.55 4.87 18.74
CA GLN M 49 -104.88 16.02 48.31
CA GLN M 49 -95.18 3.52 18.34
C GLN M 49 -105.97 14.97 48.43
C GLN M 49 -96.45 2.71 18.54
N LEU M 50 -106.24 14.26 47.33
N LEU M 50 -97.15 3.02 19.63
CA LEU M 50 -107.26 13.23 47.34
CA LEU M 50 -98.40 2.36 19.92
C LEU M 50 -106.90 12.07 48.26
C LEU M 50 -99.49 3.11 19.18
N LYS M 51 -105.64 11.66 48.19
N LYS M 51 -99.30 3.24 17.87
CA LYS M 51 -105.16 10.56 49.03
CA LYS M 51 -100.26 3.93 17.01
C LYS M 51 -105.26 10.91 50.51
C LYS M 51 -100.07 3.39 15.60
N GLN M 52 -105.32 12.20 50.82
N GLN M 52 -98.82 3.34 15.15
CA GLN M 52 -105.40 12.65 52.20
CA GLN M 52 -98.48 2.83 13.83
C GLN M 52 -106.80 13.10 52.59
C GLN M 52 -98.54 1.31 13.87
N THR M 53 -107.72 13.09 51.63
N THR M 53 -99.10 0.79 14.96
CA THR M 53 -109.10 13.49 51.87
CA THR M 53 -99.24 -0.65 15.15
C THR M 53 -109.93 12.31 52.39
C THR M 53 -100.71 -1.04 15.17
N ARG N 11 53.88 -64.48 -90.02
N ARG N 11 51.38 -65.56 -82.09
CA ARG N 11 55.00 -63.56 -89.63
CA ARG N 11 51.58 -64.16 -81.59
C ARG N 11 55.83 -64.13 -88.48
C ARG N 11 50.83 -63.16 -82.46
N LEU N 12 57.14 -64.20 -88.66
N LEU N 12 49.81 -62.54 -81.88
CA LEU N 12 58.00 -64.70 -87.59
CA LEU N 12 48.97 -61.57 -82.57
C LEU N 12 58.67 -63.47 -86.94
C LEU N 12 49.61 -60.18 -82.52
N SER N 13 59.17 -63.62 -85.71
N SER N 13 49.62 -59.49 -83.65
CA SER N 13 59.83 -62.52 -85.03
CA SER N 13 50.19 -58.15 -83.74
C SER N 13 61.35 -62.67 -85.20
C SER N 13 49.09 -57.12 -83.68
N PRO N 14 62.14 -61.68 -84.76
N PRO N 14 49.44 -55.84 -83.48
CA PRO N 14 63.61 -61.83 -84.93
CA PRO N 14 48.38 -54.82 -83.43
C PRO N 14 64.15 -63.12 -84.32
C PRO N 14 47.68 -54.87 -84.79
N ALA N 15 63.81 -63.37 -83.06
N ALA N 15 46.64 -54.08 -84.98
CA ALA N 15 64.26 -64.56 -82.33
CA ALA N 15 45.93 -54.12 -86.26
C ALA N 15 63.76 -65.91 -82.89
C ALA N 15 45.20 -55.46 -86.41
N ALA N 16 62.46 -66.00 -83.15
N ALA N 16 45.96 -56.55 -86.42
CA ALA N 16 61.86 -67.24 -83.68
CA ALA N 16 45.36 -57.87 -86.55
C ALA N 16 62.50 -67.66 -85.01
C ALA N 16 44.52 -58.15 -85.31
N ARG N 17 62.75 -66.70 -85.87
N ARG N 17 44.99 -57.67 -84.18
CA ARG N 17 63.36 -66.98 -87.16
CA ARG N 17 44.31 -57.85 -82.89
C ARG N 17 64.74 -67.55 -86.94
C ARG N 17 43.20 -56.81 -82.76
N ASN N 18 65.56 -66.81 -86.21
N ASN N 18 43.03 -56.03 -83.81
CA ASN N 18 66.91 -67.26 -85.91
CA ASN N 18 42.00 -55.01 -83.84
C ASN N 18 66.93 -68.71 -85.44
C ASN N 18 40.91 -55.45 -84.80
N ILE N 19 66.30 -68.97 -84.30
N ILE N 19 41.30 -55.84 -86.01
CA ILE N 19 66.31 -70.32 -83.76
CA ILE N 19 40.33 -56.27 -87.00
C ILE N 19 65.64 -71.35 -84.66
C ILE N 19 39.75 -57.64 -86.71
N LEU N 20 64.77 -70.88 -85.56
N LEU N 20 40.49 -58.48 -85.98
CA LEU N 20 64.10 -71.77 -86.48
CA LEU N 20 39.98 -59.80 -85.62
C LEU N 20 65.16 -72.26 -87.47
C LEU N 20 38.92 -59.60 -84.55
N GLU N 21 66.02 -71.33 -87.90
N GLU N 21 39.07 -58.52 -83.78
CA GLU N 21 67.08 -71.66 -88.84
CA GLU N 21 38.12 -58.21 -82.72
C GLU N 21 68.10 -72.58 -88.16
C GLU N 21 36.89 -57.55 -83.34
N LYS N 22 68.47 -72.24 -86.92
N LYS N 22 37.12 -56.68 -84.33
CA LYS N 22 69.43 -73.02 -86.17
CA LYS N 22 36.03 -55.98 -85.00
C LYS N 22 69.02 -74.48 -86.06
C LYS N 22 35.34 -56.92 -85.98
N HIS N 23 67.74 -74.72 -85.82
N HIS N 23 35.69 -58.20 -85.90
CA HIS N 23 67.22 -76.08 -85.66
CA HIS N 23 35.13 -59.25 -86.74
C HIS N 23 66.63 -76.67 -86.93
C HIS N 23 34.81 -60.45 -85.87
N SER N 24 66.77 -75.94 -88.04
N SER N 24 35.23 -60.36 -84.61
CA SER N 24 66.27 -76.40 -89.33
CA SER N 24 35.01 -61.41 -83.61
C SER N 24 64.76 -76.61 -89.45
C SER N 24 35.67 -62.74 -83.97
N LEU N 25 63.97 -76.01 -88.57
N LEU N 25 36.40 -62.75 -85.07
CA LEU N 25 62.51 -76.15 -88.66
CA LEU N 25 37.08 -63.98 -85.52
C LEU N 25 61.93 -75.16 -89.65
C LEU N 25 38.07 -64.47 -84.51
N ASP N 26 60.66 -75.36 -90.02
N ASP N 26 38.43 -65.75 -84.65
CA ASP N 26 60.01 -74.47 -90.98
CA ASP N 26 39.38 -66.39 -83.76
C ASP N 26 58.98 -73.52 -90.40
C ASP N 26 40.70 -66.60 -84.48
N ALA N 27 58.41 -73.87 -89.26
N ALA N 27 41.78 -66.08 -83.89
CA ALA N 27 57.38 -73.04 -88.62
CA ALA N 27 43.10 -66.23 -84.47
C ALA N 27 56.06 -73.30 -89.29
C ALA N 27 43.37 -67.72 -84.61
N SER N 28 56.12 -73.60 -90.59
N SER N 28 42.97 -68.47 -83.59
CA SER N 28 54.94 -73.90 -91.38
CA SER N 28 43.14 -69.92 -83.59
C SER N 28 54.50 -75.30 -90.97
C SER N 28 42.20 -70.49 -84.64
N GLN N 29 54.60 -75.58 -89.67
N GLN N 29 42.59 -70.32 -85.89
CA GLN N 29 54.23 -76.86 -89.10
CA GLN N 29 41.81 -70.79 -87.05
C GLN N 29 53.93 -76.65 -87.63
C GLN N 29 42.54 -70.34 -88.31
N GLY N 30 54.17 -75.43 -87.16
N GLY N 30 43.62 -69.58 -88.12
CA GLY N 30 53.90 -75.08 -85.78
CA GLY N 30 44.41 -69.08 -89.23
C GLY N 30 52.71 -74.14 -85.74
C GLY N 30 45.79 -69.72 -89.25
N THR N 31 52.46 -73.50 -84.61
N THR N 31 46.82 -68.95 -89.59
CA THR N 31 51.33 -72.58 -84.48
CA THR N 31 48.18 -69.47 -89.65
C THR N 31 51.77 -71.17 -84.10
C THR N 31 49.26 -68.51 -89.12
N ALA N 32 51.02 -70.17 -84.56
N ALA N 32 50.47 -68.63 -89.64
CA ALA N 32 51.32 -68.77 -84.27
CA ALA N 32 51.60 -67.79 -89.25
C ALA N 32 50.34 -68.24 -83.23
C ALA N 32 51.92 -66.75 -90.31
N THR N 33 50.78 -68.10 -81.99
N THR N 33 52.66 -67.17 -91.32
CA THR N 33 49.92 -67.63 -80.91
CA THR N 33 53.04 -66.31 -92.43
C THR N 33 50.31 -66.24 -80.43
C THR N 33 53.70 -65.02 -91.95
N GLY N 34 51.38 -65.69 -80.97
N GLY N 34 54.85 -65.14 -91.30
CA GLY N 34 51.84 -64.38 -80.57
CA GLY N 34 55.53 -63.96 -90.81
C GLY N 34 50.89 -63.26 -80.92
C GLY N 34 56.95 -64.20 -90.30
N PRO N 35 51.15 -62.03 -80.44
N PRO N 35 57.57 -63.20 -89.66
CA PRO N 35 50.30 -60.87 -80.70
CA PRO N 35 58.93 -63.34 -89.14
C PRO N 35 49.89 -60.70 -82.17
C PRO N 35 59.11 -64.41 -88.04
N ARG N 36 48.58 -60.52 -82.38
N ARG N 36 58.52 -64.18 -86.87
CA ARG N 36 47.97 -60.36 -83.69
CA ARG N 36 58.66 -65.15 -85.78
C ARG N 36 48.82 -60.80 -84.89
C ARG N 36 57.34 -65.66 -85.22
N GLY N 37 49.22 -62.07 -84.88
N GLY N 37 56.55 -66.32 -86.07
CA GLY N 37 50.02 -62.58 -85.99
CA GLY N 37 55.27 -66.86 -85.66
C GLY N 37 51.29 -63.35 -85.74
C GLY N 37 54.23 -65.81 -85.34
N ILE N 38 52.39 -62.64 -85.50
N ILE N 38 54.36 -64.65 -85.98
CA ILE N 38 53.71 -63.26 -85.32
CA ILE N 38 53.45 -63.55 -85.76
C ILE N 38 53.81 -64.59 -84.59
C ILE N 38 52.26 -63.61 -86.74
N PHE N 39 54.89 -65.29 -84.92
N PHE N 39 51.05 -63.59 -86.19
CA PHE N 39 55.23 -66.60 -84.39
CA PHE N 39 49.83 -63.59 -86.98
C PHE N 39 55.87 -66.53 -83.01
C PHE N 39 49.74 -62.15 -87.49
N THR N 40 56.70 -65.52 -82.78
N THR N 40 50.05 -61.95 -88.76
CA THR N 40 57.35 -65.35 -81.49
CA THR N 40 50.08 -60.62 -89.36
C THR N 40 58.34 -66.46 -81.18
C THR N 40 48.74 -59.99 -89.70
N LYS N 41 59.28 -66.11 -80.30
N LYS N 41 48.82 -58.71 -90.06
CA LYS N 41 60.32 -67.02 -79.86
CA LYS N 41 47.66 -57.95 -90.46
C LYS N 41 59.69 -68.24 -79.19
C LYS N 41 47.05 -58.69 -91.66
N GLU N 42 58.61 -68.00 -78.45
N GLU N 42 47.89 -59.03 -92.63
CA GLU N 42 57.89 -69.05 -77.72
CA GLU N 42 47.41 -59.74 -93.81
C GLU N 42 57.28 -70.13 -78.60
C GLU N 42 46.90 -61.11 -93.39
N ASP N 43 56.78 -69.74 -79.77
N ASP N 43 47.47 -61.65 -92.32
CA ASP N 43 56.19 -70.74 -80.65
CA ASP N 43 47.05 -62.94 -91.78
C ASP N 43 57.30 -71.56 -81.29
C ASP N 43 45.60 -62.82 -91.32
N ALA N 44 58.44 -70.92 -81.55
N ALA N 44 45.32 -61.72 -90.63
CA ALA N 44 59.57 -71.60 -82.16
CA ALA N 44 43.99 -61.44 -90.11
C ALA N 44 60.14 -72.66 -81.22
C ALA N 44 42.98 -61.27 -91.24
N LEU N 45 60.26 -72.32 -79.94
N LEU N 45 43.41 -60.64 -92.32
CA LEU N 45 60.81 -73.23 -78.94
CA LEU N 45 42.55 -60.43 -93.47
C LEU N 45 59.89 -74.41 -78.68
C LEU N 45 42.16 -61.76 -94.09
N LYS N 46 58.59 -74.15 -78.65
N LYS N 46 43.15 -62.63 -94.29
CA LYS N 46 57.62 -75.20 -78.43
CA LYS N 46 42.89 -63.93 -94.89
C LYS N 46 57.64 -76.11 -79.65
C LYS N 46 41.76 -64.67 -94.18
N LEU N 47 58.07 -75.56 -80.78
N LEU N 47 41.55 -64.39 -92.90
CA LEU N 47 58.13 -76.28 -82.04
CA LEU N 47 40.49 -65.06 -92.16
C LEU N 47 59.38 -77.14 -82.19
C LEU N 47 39.16 -64.33 -92.25
N VAL N 48 60.33 -77.00 -81.27
N VAL N 48 39.19 -63.00 -92.34
CA VAL N 48 61.55 -77.80 -81.31
CA VAL N 48 37.96 -62.23 -92.43
C VAL N 48 61.54 -78.81 -80.18
C VAL N 48 37.33 -62.37 -93.82
N GLN N 49 60.57 -78.66 -79.28
N GLN N 49 38.15 -62.29 -94.86
CA GLN N 49 60.43 -79.56 -78.16
CA GLN N 49 37.69 -62.42 -96.23
C GLN N 49 59.67 -80.81 -78.62
C GLN N 49 37.39 -63.90 -96.46
N LEU N 50 60.13 -81.97 -78.19
N LEU N 50 38.31 -64.74 -96.02
CA LEU N 50 59.49 -83.21 -78.59
CA LEU N 50 38.13 -66.17 -96.16
C LEU N 50 60.12 -83.63 -79.90
C LEU N 50 37.17 -66.68 -95.11
N LYS N 51 60.52 -82.64 -80.69
N LYS N 51 36.04 -65.99 -94.98
CA LYS N 51 61.16 -82.90 -81.97
CA LYS N 51 34.99 -66.33 -94.02
C LYS N 51 62.40 -83.71 -81.62
C LYS N 51 33.74 -65.51 -94.33
N GLN N 52 63.25 -83.13 -80.78
N GLN N 52 33.91 -64.48 -95.14
CA GLN N 52 64.47 -83.78 -80.33
CA GLN N 52 32.80 -63.62 -95.54
C GLN N 52 64.15 -85.16 -79.74
C GLN N 52 32.56 -63.81 -97.04
N THR N 53 63.36 -85.16 -78.68
N THR N 53 33.37 -64.66 -97.65
CA THR N 53 62.95 -86.40 -78.02
CA THR N 53 33.27 -64.95 -99.08
C THR N 53 61.48 -86.30 -77.60
C THR N 53 32.29 -66.10 -99.30
N ARG O 11 -1.21 -47.16 -12.52
N ARG O 11 3.90 -37.26 -12.51
CA ARG O 11 -0.03 -47.66 -11.77
CA ARG O 11 4.46 -38.54 -11.98
C ARG O 11 0.33 -46.72 -10.65
C ARG O 11 4.62 -39.63 -13.06
N LEU O 12 0.22 -47.20 -9.41
N LEU O 12 5.56 -39.43 -13.98
CA LEU O 12 0.53 -46.37 -8.25
CA LEU O 12 5.79 -40.38 -15.06
C LEU O 12 1.82 -46.80 -7.56
C LEU O 12 6.97 -41.31 -14.78
N SER O 13 2.45 -45.85 -6.88
N SER O 13 6.92 -42.52 -15.35
CA SER O 13 3.69 -46.16 -6.17
CA SER O 13 8.01 -43.47 -15.17
C SER O 13 3.34 -46.68 -4.78
C SER O 13 9.01 -43.22 -16.30
N PRO O 14 4.30 -47.33 -4.09
N PRO O 14 10.26 -43.68 -16.14
CA PRO O 14 3.95 -47.81 -2.75
CA PRO O 14 11.20 -43.42 -17.24
C PRO O 14 3.63 -46.53 -2.00
C PRO O 14 10.60 -44.11 -18.46
N ALA O 15 3.16 -46.63 -0.76
N ALA O 15 10.99 -43.71 -19.66
CA ALA O 15 2.85 -45.42 -0.03
CA ALA O 15 10.44 -44.39 -20.84
C ALA O 15 1.60 -44.79 -0.64
C ALA O 15 9.03 -43.92 -21.17
N ALA O 16 1.61 -44.63 -1.96
N ALA O 16 8.19 -43.77 -20.17
CA ALA O 16 0.47 -44.06 -2.67
CA ALA O 16 6.83 -43.30 -20.39
C ALA O 16 -0.73 -44.98 -2.50
C ALA O 16 7.00 -41.86 -20.84
N ARG O 17 -0.51 -46.27 -2.71
N ARG O 17 7.89 -41.12 -20.19
CA ARG O 17 -1.58 -47.24 -2.54
CA ARG O 17 8.11 -39.75 -20.59
C ARG O 17 -1.89 -47.36 -1.06
C ARG O 17 8.96 -39.79 -21.85
N ASN O 18 -0.90 -47.02 -0.24
N ASN O 18 9.67 -40.89 -22.05
CA ASN O 18 -1.06 -47.05 1.20
CA ASN O 18 10.49 -41.05 -23.25
C ASN O 18 -2.04 -45.98 1.58
C ASN O 18 9.55 -41.14 -24.44
N ILE O 19 -1.69 -44.75 1.26
N ILE O 19 8.78 -42.22 -24.48
CA ILE O 19 -2.51 -43.58 1.57
CA ILE O 19 7.86 -42.44 -25.57
C ILE O 19 -3.81 -43.62 0.77
C ILE O 19 6.85 -41.30 -25.73
N LEU O 20 -3.78 -44.22 -0.40
N LEU O 20 6.43 -40.72 -24.62
CA LEU O 20 -4.96 -44.33 -1.24
CA LEU O 20 5.47 -39.63 -24.68
C LEU O 20 -5.94 -45.21 -0.46
C LEU O 20 6.11 -38.45 -25.40
N GLU O 21 -5.43 -46.32 0.07
N GLU O 21 7.29 -38.06 -24.90
CA GLU O 21 -6.25 -47.20 0.88
CA GLU O 21 8.04 -36.94 -25.48
C GLU O 21 -6.29 -46.47 2.21
C GLU O 21 8.32 -37.19 -26.96
N LYS O 22 -6.88 -47.07 3.24
N LYS O 22 8.55 -38.45 -27.31
CA LYS O 22 -6.96 -46.43 4.55
CA LYS O 22 8.84 -38.84 -28.69
C LYS O 22 -7.98 -45.31 4.45
C LYS O 22 7.65 -38.65 -29.62
N HIS O 23 -7.70 -44.33 3.60
N HIS O 23 6.49 -38.35 -29.06
CA HIS O 23 -8.61 -43.21 3.40
CA HIS O 23 5.26 -38.12 -29.83
C HIS O 23 -9.79 -43.68 2.55
C HIS O 23 4.65 -36.82 -29.32
N SER O 24 -9.74 -44.96 2.17
N SER O 24 5.43 -36.10 -28.50
CA SER O 24 -10.78 -45.57 1.35
CA SER O 24 5.02 -34.84 -27.92
C SER O 24 -11.15 -44.64 0.20
C SER O 24 3.69 -34.91 -27.17
N LEU O 25 -10.21 -44.41 -0.70
N LEU O 25 3.07 -36.09 -27.12
CA LEU O 25 -10.43 -43.55 -1.85
CA LEU O 25 1.81 -36.27 -26.43
C LEU O 25 -10.05 -44.27 -3.14
C LEU O 25 1.99 -35.78 -24.99
N ASP O 26 -10.23 -43.60 -4.27
N ASP O 26 0.88 -35.36 -24.37
CA ASP O 26 -9.92 -44.18 -5.58
CA ASP O 26 0.91 -34.87 -23.00
C ASP O 26 -8.85 -43.37 -6.30
C ASP O 26 0.23 -35.84 -22.04
N ALA O 27 -7.83 -44.05 -6.81
N ALA O 27 0.91 -36.17 -20.94
CA ALA O 27 -6.76 -43.39 -7.54
CA ALA O 27 0.36 -37.10 -19.96
C ALA O 27 -7.35 -42.60 -8.70
C ALA O 27 -1.04 -36.65 -19.54
N SER O 28 -8.32 -43.19 -9.38
N SER O 28 -1.26 -35.35 -19.60
CA SER O 28 -8.98 -42.57 -10.52
CA SER O 28 -2.53 -34.74 -19.25
C SER O 28 -9.46 -41.15 -10.24
C SER O 28 -3.67 -35.27 -20.13
N GLN O 29 -9.69 -40.83 -8.98
N GLN O 29 -3.31 -35.90 -21.24
CA GLN O 29 -10.16 -39.49 -8.61
CA GLN O 29 -4.31 -36.41 -22.18
C GLN O 29 -9.02 -38.47 -8.69
C GLN O 29 -4.77 -37.84 -21.87
N GLY O 30 -7.78 -38.94 -8.65
N GLY O 30 -4.04 -38.53 -21.00
CA GLY O 30 -6.64 -38.03 -8.70
CA GLY O 30 -4.40 -39.89 -20.66
C GLY O 30 -6.22 -37.66 -10.11
C GLY O 30 -4.76 -40.07 -19.19
N THR O 31 -4.92 -37.43 -10.30
N THR O 31 -4.54 -41.28 -18.67
CA THR O 31 -4.38 -37.08 -11.61
CA THR O 31 -4.84 -41.57 -17.27
C THR O 31 -3.07 -37.81 -11.93
C THR O 31 -3.68 -42.33 -16.62
N ALA O 32 -2.55 -37.60 -13.15
N ALA O 32 -3.41 -42.06 -15.35
CA ALA O 32 -1.31 -38.24 -13.59
CA ALA O 32 -2.33 -42.72 -14.61
C ALA O 32 -0.18 -37.85 -12.66
C ALA O 32 -2.88 -43.88 -13.78
N THR O 33 0.69 -36.97 -13.13
N THR O 33 -2.50 -45.09 -14.14
CA THR O 33 1.81 -36.50 -12.33
CA THR O 33 -2.96 -46.27 -13.41
C THR O 33 2.79 -37.64 -12.09
C THR O 33 -1.79 -47.10 -12.91
N GLY O 34 4.06 -37.40 -12.36
N GLY O 34 -2.09 -48.26 -12.35
CA GLY O 34 5.06 -38.44 -12.17
CA GLY O 34 -1.02 -49.13 -11.86
C GLY O 34 5.90 -38.64 -13.41
C GLY O 34 -0.78 -49.23 -10.37
N PRO O 35 7.06 -39.30 -13.30
N PRO O 35 0.50 -49.25 -9.94
CA PRO O 35 7.96 -39.56 -14.44
CA PRO O 35 0.91 -49.36 -8.53
C PRO O 35 7.37 -40.41 -15.58
C PRO O 35 0.60 -48.16 -7.64
N ARG O 36 6.88 -41.59 -15.24
N ARG O 36 1.38 -47.08 -7.73
CA ARG O 36 6.32 -42.52 -16.22
CA ARG O 36 1.10 -45.93 -6.86
C ARG O 36 4.81 -42.66 -15.99
C ARG O 36 1.17 -44.55 -7.52
N GLY O 37 4.20 -41.60 -15.46
N GLY O 37 0.30 -44.33 -8.50
CA GLY O 37 2.78 -41.63 -15.17
CA GLY O 37 0.22 -43.05 -9.18
C GLY O 37 2.48 -42.34 -13.87
C GLY O 37 1.12 -42.89 -10.40
N ILE O 38 3.42 -42.31 -12.92
N ILE O 38 1.92 -43.91 -10.70
CA ILE O 38 3.21 -42.96 -11.64
CA ILE O 38 2.82 -43.84 -11.85
C ILE O 38 2.42 -42.08 -10.67
C ILE O 38 2.01 -43.85 -13.13
N PHE O 39 1.30 -42.62 -10.17
N PHE O 39 2.44 -43.08 -14.12
CA PHE O 39 0.49 -41.90 -9.19
CA PHE O 39 1.75 -43.03 -15.41
C PHE O 39 1.31 -42.07 -7.91
C PHE O 39 2.08 -44.26 -16.27
N THR O 40 2.19 -41.13 -7.62
N THR O 40 3.04 -45.04 -15.80
CA THR O 40 3.05 -41.22 -6.44
CA THR O 40 3.48 -46.27 -16.48
C THR O 40 2.44 -40.72 -5.13
C THR O 40 3.67 -46.24 -18.01
N LYS O 41 3.25 -40.61 -4.08
N LYS O 41 4.39 -47.25 -18.48
CA LYS O 41 2.81 -40.19 -2.75
CA LYS O 41 4.67 -47.44 -19.91
C LYS O 41 2.12 -38.82 -2.74
C LYS O 41 3.36 -47.78 -20.60
N GLU O 42 2.63 -37.90 -3.55
N GLU O 42 2.57 -48.62 -19.94
CA GLU O 42 2.11 -36.56 -3.66
CA GLU O 42 1.29 -49.03 -20.50
C GLU O 42 0.70 -36.51 -4.30
C GLU O 42 0.36 -47.83 -20.72
N ASP O 43 0.48 -37.29 -5.35
N ASP O 43 0.25 -46.95 -19.73
CA ASP O 43 -0.83 -37.33 -6.01
CA ASP O 43 -0.64 -45.80 -19.88
C ASP O 43 -1.84 -37.87 -5.02
C ASP O 43 -0.23 -44.91 -21.03
N ALA O 44 -1.37 -38.67 -4.08
N ALA O 44 1.07 -44.85 -21.29
CA ALA O 44 -2.23 -39.26 -3.06
CA ALA O 44 1.59 -44.04 -22.39
C ALA O 44 -2.58 -38.19 -2.02
C ALA O 44 1.26 -44.70 -23.72
N LEU O 45 -1.57 -37.52 -1.50
N LEU O 45 1.39 -46.03 -23.78
CA LEU O 45 -1.75 -36.46 -0.50
CA LEU O 45 1.10 -46.78 -24.99
C LEU O 45 -2.77 -35.42 -0.97
C LEU O 45 -0.36 -46.62 -25.38
N LYS O 46 -2.80 -35.17 -2.27
N LYS O 46 -1.26 -46.98 -24.46
CA LYS O 46 -3.72 -34.18 -2.83
CA LYS O 46 -2.69 -46.88 -24.71
C LYS O 46 -5.14 -34.71 -2.94
C LYS O 46 -3.00 -45.50 -25.28
N LEU O 47 -5.29 -36.02 -3.02
N LEU O 47 -2.28 -44.50 -24.80
CA LEU O 47 -6.60 -36.64 -3.16
CA LEU O 47 -2.46 -43.13 -25.24
C LEU O 47 -7.30 -36.81 -1.81
C LEU O 47 -2.07 -42.97 -26.71
N VAL O 48 -6.55 -36.55 -0.73
N VAL O 48 -0.97 -43.60 -27.10
CA VAL O 48 -7.11 -36.68 0.61
CA VAL O 48 -0.50 -43.50 -28.48
C VAL O 48 -7.36 -35.34 1.27
C VAL O 48 -1.56 -44.08 -29.43
N GLN O 49 -6.41 -34.41 1.13
N GLN O 49 -2.19 -45.17 -29.00
CA GLN O 49 -6.51 -33.09 1.72
CA GLN O 49 -3.25 -45.79 -29.79
C GLN O 49 -7.29 -32.10 0.86
C GLN O 49 -4.39 -44.78 -29.80
N LEU O 50 -8.52 -31.81 1.27
N LEU O 50 -4.54 -44.06 -28.69
CA LEU O 50 -9.33 -30.88 0.51
CA LEU O 50 -5.57 -43.06 -28.57
C LEU O 50 -10.19 -31.61 -0.51
C LEU O 50 -5.25 -41.85 -29.44
N LYS O 51 -9.72 -32.79 -0.91
N LYS O 51 -4.18 -41.96 -30.22
CA LYS O 51 -10.43 -33.62 -1.88
CA LYS O 51 -3.77 -40.89 -31.10
C LYS O 51 -11.43 -34.45 -1.12
C LYS O 51 -3.67 -41.53 -32.48
N GLN O 52 -11.39 -34.34 0.20
N GLN O 52 -3.61 -42.85 -32.49
CA GLN O 52 -12.28 -35.04 1.10
CA GLN O 52 -3.53 -43.62 -33.73
C GLN O 52 -12.34 -34.18 2.35
C GLN O 52 -4.82 -43.43 -34.49
N THR O 53 -12.39 -32.87 2.13
N THR O 53 -5.90 -44.02 -33.99
CA THR O 53 -12.43 -31.90 3.21
CA THR O 53 -7.20 -43.91 -34.63
C THR O 53 -13.51 -30.84 2.96
C THR O 53 -7.72 -42.49 -34.45
S SO4 P . 2.40 24.84 26.36
O1 SO4 P . 1.60 26.07 26.04
O2 SO4 P . 3.87 25.16 26.27
O3 SO4 P . 2.04 23.76 25.39
O4 SO4 P . 2.07 24.38 27.74
S SO4 Q . 6.60 -12.75 17.86
O1 SO4 Q . 5.88 -11.84 16.92
O2 SO4 Q . 7.95 -12.19 18.17
O3 SO4 Q . 6.77 -14.10 17.23
O4 SO4 Q . 5.82 -12.89 19.13
S SO4 R . -7.01 10.41 30.98
O1 SO4 R . -7.51 11.59 30.22
O2 SO4 R . -5.58 10.67 31.40
O3 SO4 R . -7.07 9.20 30.10
O4 SO4 R . -7.85 10.19 32.19
S SO4 S . 20.06 33.60 36.17
O1 SO4 S . 20.06 35.11 36.10
O2 SO4 S . 21.44 33.12 36.49
O3 SO4 S . 19.63 33.04 34.85
O4 SO4 S . 19.11 33.15 37.25
PA FAD T . 18.29 21.00 23.49
O1A FAD T . 18.66 20.20 22.23
O2A FAD T . 17.80 20.26 24.75
O5B FAD T . 19.46 21.85 23.89
C5B FAD T . 20.22 22.69 23.06
C4B FAD T . 21.63 22.88 23.72
O4B FAD T . 21.63 23.97 24.66
C3B FAD T . 22.22 21.69 24.53
O3B FAD T . 23.22 21.02 23.78
C2B FAD T . 22.74 22.34 25.80
O2B FAD T . 23.94 21.81 26.34
C1B FAD T . 22.85 23.81 25.37
N9A FAD T . 22.92 24.78 26.46
C8A FAD T . 22.00 24.99 27.47
N7A FAD T . 22.37 25.98 28.29
C5A FAD T . 23.58 26.43 27.80
C6A FAD T . 24.48 27.46 28.23
N6A FAD T . 24.26 28.22 29.27
N1A FAD T . 25.63 27.65 27.49
C2A FAD T . 25.89 26.87 26.39
N3A FAD T . 25.07 25.86 25.93
C4A FAD T . 23.94 25.70 26.66
N1 FAD T . 11.79 15.12 19.72
C2 FAD T . 11.26 14.84 18.47
O2 FAD T . 10.77 15.72 17.76
N3 FAD T . 11.27 13.49 18.03
C4 FAD T . 11.79 12.43 18.79
O4 FAD T . 11.78 11.27 18.34
C4X FAD T . 12.32 12.74 20.06
N5 FAD T . 12.86 11.74 20.88
C5X FAD T . 13.41 12.04 22.13
C6 FAD T . 13.93 11.02 22.94
C7 FAD T . 14.52 11.31 24.21
C7M FAD T . 15.09 10.19 25.06
C8 FAD T . 14.55 12.69 24.65
C8M FAD T . 15.16 13.10 25.98
C9 FAD T . 14.01 13.70 23.84
C9A FAD T . 13.42 13.42 22.59
N10 FAD T . 12.86 14.43 21.75
C10 FAD T . 12.31 14.11 20.50
C1' FAD T . 12.86 15.86 22.20
C2' FAD T . 13.94 16.66 21.48
O2' FAD T . 15.19 16.08 21.77
C3' FAD T . 13.91 18.14 21.96
O3' FAD T . 12.62 18.73 21.66
C4' FAD T . 14.93 19.04 21.25
O4' FAD T . 16.29 18.65 21.49
C5' FAD T . 14.73 20.50 21.66
O5' FAD T . 15.74 21.24 20.97
P FAD T . 16.49 22.50 21.59
O1P FAD T . 17.45 22.92 20.54
O2P FAD T . 15.49 23.53 22.01
O3P FAD T . 17.17 22.06 22.95
S SO4 U . 1.73 6.54 -24.24
O1 SO4 U . 0.99 7.76 -24.71
O2 SO4 U . 2.89 6.95 -23.38
O3 SO4 U . 2.22 5.77 -25.42
O4 SO4 U . 0.79 5.67 -23.45
S SO4 V . 26.19 -7.17 2.44
O1 SO4 V . 26.47 -5.83 1.82
O2 SO4 V . 27.23 -7.45 3.48
O3 SO4 V . 26.24 -8.22 1.39
O4 SO4 V . 24.83 -7.15 3.06
S SO4 W . 19.69 5.67 -23.30
O1 SO4 W . 18.68 6.72 -23.65
O2 SO4 W . 21.06 6.28 -23.29
O3 SO4 W . 19.63 4.56 -24.30
O4 SO4 W . 19.38 5.12 -21.93
S SO4 X . -11.87 -9.25 -31.86
O1 SO4 X . -11.73 -7.76 -32.01
O2 SO4 X . -11.29 -9.66 -30.52
O3 SO4 X . -11.12 -9.93 -32.96
O4 SO4 X . -13.32 -9.63 -31.92
PA FAD Y . -5.01 -6.28 -15.60
O1A FAD Y . -5.07 -6.29 -14.07
O2A FAD Y . -3.73 -6.73 -16.33
O5B FAD Y . -6.14 -7.11 -16.15
C5B FAD Y . -7.49 -6.99 -15.71
C4B FAD Y . -8.24 -8.32 -15.91
O4B FAD Y . -8.83 -8.38 -17.19
C3B FAD Y . -7.44 -9.63 -15.80
O3B FAD Y . -7.70 -10.28 -14.58
C2B FAD Y . -7.90 -10.42 -17.02
O2B FAD Y . -8.00 -11.82 -16.85
C1B FAD Y . -9.20 -9.72 -17.35
N9A FAD Y . -9.73 -9.94 -18.70
C8A FAD Y . -9.15 -9.56 -19.89
N7A FAD Y . -9.89 -9.89 -20.94
C5A FAD Y . -11.02 -10.49 -20.42
C6A FAD Y . -12.17 -11.04 -21.03
N6A FAD Y . -12.39 -11.06 -22.33
N1A FAD Y . -13.13 -11.59 -20.19
C2A FAD Y . -12.94 -11.58 -18.82
N3A FAD Y . -11.85 -11.07 -18.18
C4A FAD Y . -10.92 -10.53 -19.02
N1 FAD Y . 2.04 -1.66 -11.39
C2 FAD Y . 2.24 -0.71 -10.42
O2 FAD Y . 1.61 0.33 -10.42
N3 FAD Y . 3.18 -0.96 -9.40
C4 FAD Y . 3.94 -2.11 -9.31
O4 FAD Y . 4.76 -2.26 -8.37
C4X FAD Y . 3.74 -3.10 -10.32
N5 FAD Y . 4.45 -4.31 -10.32
C5X FAD Y . 4.22 -5.28 -11.30
C6 FAD Y . 4.93 -6.49 -11.27
C7 FAD Y . 4.72 -7.51 -12.24
C7M FAD Y . 5.52 -8.78 -12.14
C8 FAD Y . 3.75 -7.28 -13.28
C8M FAD Y . 3.47 -8.30 -14.34
C9 FAD Y . 3.04 -6.05 -13.32
C9A FAD Y . 3.25 -5.03 -12.34
N10 FAD Y . 2.53 -3.78 -12.35
C10 FAD Y . 2.77 -2.82 -11.35
C1' FAD Y . 1.52 -3.48 -13.41
C2' FAD Y . 0.09 -3.67 -12.92
O2' FAD Y . -0.09 -5.03 -12.57
C3' FAD Y . -0.88 -3.25 -14.05
O3' FAD Y . -0.67 -1.88 -14.39
C4' FAD Y . -2.37 -3.37 -13.68
O4' FAD Y . -2.75 -4.71 -13.39
C5' FAD Y . -3.26 -2.81 -14.79
O5' FAD Y . -4.60 -3.01 -14.33
P FAD Y . -5.81 -3.39 -15.27
O1P FAD Y . -6.98 -3.51 -14.38
O2P FAD Y . -5.97 -2.38 -16.37
O3P FAD Y . -5.41 -4.75 -16.00
S SO4 Z . -28.48 33.30 38.78
O1 SO4 Z . -29.61 34.14 39.30
O2 SO4 Z . -27.17 33.96 39.08
O3 SO4 Z . -28.61 33.14 37.29
O4 SO4 Z . -28.53 31.95 39.44
S SO4 AA . -11.82 65.58 26.58
O1 SO4 AA . -12.98 66.45 26.20
O2 SO4 AA . -10.85 66.35 27.42
O3 SO4 AA . -11.13 65.08 25.34
O4 SO4 AA . -12.34 64.40 27.37
S SO4 BA . -32.89 44.03 26.25
O1 SO4 BA . -32.51 45.48 26.16
O2 SO4 BA . -31.97 43.22 25.39
O3 SO4 BA . -34.30 43.85 25.79
O4 SO4 BA . -32.77 43.57 27.68
S SO4 CA . -15.43 15.83 37.24
O1 SO4 CA . -15.41 16.89 36.17
O2 SO4 CA . -14.08 15.16 37.30
O3 SO4 CA . -16.47 14.81 36.92
O4 SO4 CA . -15.73 16.47 38.56
PA FAD DA . -12.11 32.65 41.28
O1A FAD DA . -11.46 33.86 41.96
O2A FAD DA . -12.39 32.69 39.77
O5B FAD DA . -11.26 31.40 41.55
C5B FAD DA . -10.74 30.90 42.76
C4B FAD DA . -9.50 29.98 42.44
O4B FAD DA . -9.83 28.61 42.26
C3B FAD DA . -8.65 30.33 41.17
O3B FAD DA . -7.45 30.95 41.58
C2B FAD DA . -8.43 28.99 40.49
O2B FAD DA . -7.16 28.82 39.86
C1B FAD DA . -8.70 28.02 41.63
N9A FAD DA . -9.04 26.64 41.30
C8A FAD DA . -10.06 26.20 40.50
N7A FAD DA . -10.10 24.87 40.42
C5A FAD DA . -9.06 24.43 41.20
C6A FAD DA . -8.60 23.13 41.55
N6A FAD DA . -9.17 22.04 41.11
N1A FAD DA . -7.50 23.03 42.37
C2A FAD DA . -6.88 24.16 42.85
N3A FAD DA . -7.28 25.44 42.58
C4A FAD DA . -8.37 25.51 41.75
N1 FAD DA . -16.08 41.29 40.48
C2 FAD DA . -16.37 42.30 41.34
O2 FAD DA . -17.05 42.09 42.34
N3 FAD DA . -15.86 43.58 41.06
C4 FAD DA . -15.09 43.87 39.95
O4 FAD DA . -14.65 45.03 39.75
C4X FAD DA . -14.80 42.78 39.06
N5 FAD DA . -14.02 42.97 37.92
C5X FAD DA . -13.70 41.89 37.08
C6 FAD DA . -12.89 42.10 35.95
C7 FAD DA . -12.53 41.02 35.11
C7M FAD DA . -11.65 41.29 33.92
C8 FAD DA . -13.00 39.69 35.44
C8M FAD DA . -12.65 38.49 34.61
C9 FAD DA . -13.83 39.50 36.56
C9A FAD DA . -14.20 40.58 37.40
N10 FAD DA . -15.02 40.41 38.55
C10 FAD DA . -15.32 41.50 39.39
C1' FAD DA . -15.57 39.08 38.94
C2' FAD DA . -14.77 38.49 40.09
O2' FAD DA . -13.41 38.40 39.69
C3' FAD DA . -15.31 37.10 40.46
O3' FAD DA . -16.68 37.19 40.84
C4' FAD DA . -14.58 36.45 41.67
O4' FAD DA . -13.17 36.30 41.44
C5' FAD DA . -15.18 35.08 42.00
O5' FAD DA . -14.45 34.59 43.12
P FAD DA . -14.24 33.03 43.41
O1P FAD DA . -13.45 32.99 44.64
O2P FAD DA . -15.54 32.31 43.49
O3P FAD DA . -13.48 32.42 42.13
S SO4 EA . -20.61 75.16 70.41
O1 SO4 EA . -21.60 76.20 69.97
O2 SO4 EA . -19.22 75.64 70.10
O3 SO4 EA . -20.88 73.88 69.69
O4 SO4 EA . -20.75 74.96 71.89
S SO4 FA . 5.69 63.49 44.76
O1 SO4 FA . 4.41 63.51 43.96
O2 SO4 FA . 5.91 64.84 45.38
O3 SO4 FA . 6.83 63.17 43.85
O4 SO4 FA . 5.59 62.46 45.83
S SO4 GA . -4.33 70.29 72.55
O1 SO4 GA . -5.77 70.31 72.12
O2 SO4 GA . -3.84 71.69 72.74
O3 SO4 GA . -3.50 69.60 71.51
O4 SO4 GA . -4.22 69.56 73.86
S SO4 HA . -27.88 95.63 66.64
O1 SO4 HA . -28.86 96.69 66.18
O2 SO4 HA . -26.48 96.13 66.46
O3 SO4 HA . -28.07 94.38 65.84
O4 SO4 HA . -28.12 95.33 68.09
PA FAD IA . -23.15 82.58 55.82
O1A FAD IA . -23.06 81.66 54.61
O2A FAD IA . -21.85 83.14 56.47
O5B FAD IA . -24.05 83.79 55.48
C5B FAD IA . -25.31 83.92 54.88
C4B FAD IA . -25.46 85.40 54.30
O4B FAD IA . -25.93 86.35 55.24
C3B FAD IA . -24.23 86.09 53.67
O3B FAD IA . -24.31 86.02 52.27
C2B FAD IA . -24.30 87.55 54.21
O2B FAD IA . -23.93 88.56 53.28
C1B FAD IA . -25.74 87.63 54.63
N9A FAD IA . -26.11 88.67 55.60
C8A FAD IA . -25.61 88.84 56.86
N7A FAD IA . -26.19 89.86 57.49
C5A FAD IA . -27.12 90.36 56.62
C6A FAD IA . -28.06 91.42 56.71
N6A FAD IA . -28.22 92.17 57.79
N1A FAD IA . -28.86 91.68 55.61
C2A FAD IA . -28.74 90.91 54.46
N3A FAD IA . -27.86 89.87 54.32
C4A FAD IA . -27.08 89.63 55.42
N1 FAD IA . -18.33 74.35 55.84
C2 FAD IA . -18.55 73.04 55.46
O2 FAD IA . -19.52 72.41 55.87
N3 FAD IA . -17.66 72.43 54.57
C4 FAD IA . -16.54 73.07 54.06
O4 FAD IA . -15.80 72.47 53.27
C4X FAD IA . -16.31 74.41 54.45
N5 FAD IA . -15.21 75.12 53.96
C5X FAD IA . -15.00 76.46 54.31
C6 FAD IA . -13.91 77.16 53.79
C7 FAD IA . -13.70 78.52 54.09
C7M FAD IA . -12.49 79.23 53.50
C8 FAD IA . -14.64 79.21 54.94
C8M FAD IA . -14.50 80.69 55.29
C9 FAD IA . -15.74 78.50 55.49
C9A FAD IA . -15.95 77.12 55.19
N10 FAD IA . -17.05 76.39 55.71
C10 FAD IA . -17.23 75.03 55.34
C1' FAD IA . -18.04 77.02 56.65
C2' FAD IA . -19.33 77.37 55.96
O2' FAD IA . -19.06 78.30 54.91
C3' FAD IA . -20.31 77.98 56.95
O3' FAD IA . -20.56 77.09 58.03
C4' FAD IA . -21.71 78.31 56.31
O4' FAD IA . -21.59 79.15 55.16
C5' FAD IA . -22.64 78.96 57.33
O5' FAD IA . -23.86 79.19 56.62
P FAD IA . -24.85 80.37 57.01
O1P FAD IA . -25.96 80.25 56.07
O2P FAD IA . -25.21 80.32 58.43
O3P FAD IA . -24.01 81.73 56.89
S SO4 JA . -66.25 9.53 45.70
O1 SO4 JA . -67.37 9.96 44.78
O2 SO4 JA . -64.98 10.21 45.29
O3 SO4 JA . -66.09 8.04 45.60
O4 SO4 JA . -66.60 9.91 47.11
S SO4 KA . -52.57 37.97 23.85
O1 SO4 KA . -53.48 39.13 23.65
O2 SO4 KA . -51.16 38.45 24.10
O3 SO4 KA . -52.59 37.11 22.61
O4 SO4 KA . -53.04 37.15 25.02
S SO4 LA . -55.63 9.61 32.35
O1 SO4 LA . -55.42 10.81 31.49
O2 SO4 LA . -55.40 9.97 33.79
O3 SO4 LA . -54.66 8.54 31.95
O4 SO4 LA . -57.03 9.10 32.19
S SO4 MA . -61.47 11.58 66.83
O1 SO4 MA . -62.53 12.49 66.29
O2 SO4 MA . -60.14 12.28 66.78
O3 SO4 MA . -61.41 10.33 66.00
O4 SO4 MA . -61.77 11.23 68.26
PA FAD NA . -65.36 23.66 54.39
O1A FAD NA . -65.99 24.91 53.83
O2A FAD NA . -63.96 23.22 53.93
O5B FAD NA . -65.32 23.76 55.93
C5B FAD NA . -66.34 24.11 56.83
C4B FAD NA . -65.73 24.69 58.17
O4B FAD NA . -65.62 23.73 59.21
C3B FAD NA . -64.34 25.36 58.13
O3B FAD NA . -64.49 26.76 58.25
C2B FAD NA . -63.59 24.75 59.33
O2B FAD NA . -62.68 25.58 60.00
C1B FAD NA . -64.74 24.29 60.19
N9A FAD NA . -64.40 23.24 61.19
C8A FAD NA . -63.78 22.04 60.95
N7A FAD NA . -63.65 21.30 62.05
C5A FAD NA . -64.20 22.07 63.06
C6A FAD NA . -64.36 21.84 64.44
N6A FAD NA . -63.98 20.72 65.03
N1A FAD NA . -64.96 22.83 65.21
C2A FAD NA . -65.38 24.00 64.61
N3A FAD NA . -65.25 24.28 63.27
C4A FAD NA . -64.66 23.29 62.55
N1 FAD NA . -65.72 24.48 45.10
C2 FAD NA . -66.65 24.84 44.15
O2 FAD NA . -67.77 24.38 44.15
N3 FAD NA . -66.28 25.77 43.16
C4 FAD NA . -65.03 26.36 43.08
O4 FAD NA . -64.79 27.18 42.18
C4X FAD NA . -64.07 25.99 44.07
N5 FAD NA . -62.79 26.54 44.07
C5X FAD NA . -61.86 26.21 45.04
C6 FAD NA . -60.59 26.80 45.04
C7 FAD NA . -59.63 26.50 46.02
C7M FAD NA . -58.27 27.16 45.96
C8 FAD NA . -59.98 25.58 47.06
C8M FAD NA . -59.01 25.21 48.16
C9 FAD NA . -61.25 24.97 47.08
C9A FAD NA . -62.21 25.26 46.08
N10 FAD NA . -63.52 24.67 46.06
C10 FAD NA . -64.46 25.04 45.06
C1' FAD NA . -63.92 23.66 47.10
C2' FAD NA . -64.87 24.22 48.10
O2' FAD NA . -64.20 25.23 48.81
C3' FAD NA . -65.31 23.09 49.06
O3' FAD NA . -65.97 22.04 48.33
C4' FAD NA . -66.32 23.54 50.11
O4' FAD NA . -65.80 24.62 50.91
C5' FAD NA . -66.74 22.38 51.02
O5' FAD NA . -67.69 22.95 51.94
P FAD NA . -67.88 22.40 53.39
O1P FAD NA . -68.91 23.27 54.02
O2P FAD NA . -68.25 20.95 53.40
O3P FAD NA . -66.46 22.50 54.09
S SO4 OA . -97.98 42.55 18.74
O1 SO4 OA . -99.25 43.34 18.63
O2 SO4 OA . -96.85 43.47 19.10
O3 SO4 OA . -97.68 41.86 17.44
O4 SO4 OA . -98.14 41.51 19.81
S SO4 PA . -66.62 55.06 36.87
O1 SO4 PA . -68.01 55.10 36.32
O2 SO4 PA . -65.97 56.40 36.67
O3 SO4 PA . -65.83 54.02 36.14
O4 SO4 PA . -66.67 54.73 38.33
S SO4 QA . -95.99 54.39 30.68
O1 SO4 QA . -96.54 55.75 30.40
O2 SO4 QA . -94.50 54.42 30.61
O3 SO4 QA . -96.52 53.41 29.68
O4 SO4 QA . -96.40 53.97 32.06
S SO4 RA . -97.44 45.82 -2.92
O1 SO4 RA . -96.80 47.13 -2.59
O2 SO4 RA . -96.83 44.73 -2.09
O3 SO4 RA . -97.24 45.51 -4.38
O4 SO4 RA . -98.91 45.91 -2.63
PA FAD SA . -84.80 41.47 8.55
O1A FAD SA . -83.58 40.80 9.13
O2A FAD SA . -85.06 42.93 8.84
O5B FAD SA . -84.80 41.31 7.00
C5B FAD SA . -84.60 40.18 6.18
C4B FAD SA . -84.11 40.65 4.75
O4B FAD SA . -85.19 40.89 3.83
C3B FAD SA . -83.23 41.93 4.67
O3B FAD SA . -81.92 41.55 4.40
C2B FAD SA . -83.88 42.74 3.54
O2B FAD SA . -83.04 43.53 2.75
C1B FAD SA . -84.61 41.64 2.77
N9A FAD SA . -85.69 42.04 1.88
C8A FAD SA . -86.77 42.84 2.15
N7A FAD SA . -87.57 42.97 1.09
C5A FAD SA . -86.98 42.22 0.08
C6A FAD SA . -87.36 41.95 -1.26
N6A FAD SA . -88.45 42.43 -1.83
N1A FAD SA . -86.53 41.15 -2.01
C2A FAD SA . -85.38 40.63 -1.46
N3A FAD SA . -84.96 40.84 -0.18
C4A FAD SA . -85.80 41.64 0.55
N1 FAD SA . -83.23 41.62 17.93
C2 FAD SA . -82.82 40.72 18.91
O2 FAD SA . -83.39 39.65 19.09
N3 FAD SA . -81.72 41.07 19.71
C4 FAD SA . -81.00 42.26 19.58
O4 FAD SA . -80.05 42.48 20.32
C4X FAD SA . -81.41 43.16 18.59
N5 FAD SA . -80.73 44.36 18.41
C5X FAD SA . -81.08 45.24 17.41
C6 FAD SA . -80.36 46.43 17.23
C7 FAD SA . -80.66 47.35 16.20
C7M FAD SA . -79.84 48.62 16.06
C8 FAD SA . -81.77 47.03 15.30
C8M FAD SA . -82.15 47.93 14.16
C9 FAD SA . -82.52 45.83 15.48
C9A FAD SA . -82.20 44.93 16.52
N10 FAD SA . -82.93 43.71 16.74
C10 FAD SA . -82.53 42.81 17.76
C1' FAD SA . -84.09 43.35 15.88
C2' FAD SA . -83.75 42.27 14.88
O2' FAD SA . -82.75 42.78 14.03
C3' FAD SA . -84.99 41.89 14.03
O3' FAD SA . -86.05 41.41 14.89
C4' FAD SA . -84.70 40.77 13.03
O4' FAD SA . -83.57 41.05 12.20
C5' FAD SA . -85.90 40.51 12.17
O5' FAD SA . -85.53 39.43 11.31
P FAD SA . -86.25 39.19 9.91
O1P FAD SA . -85.54 37.98 9.34
O2P FAD SA . -87.71 39.03 10.05
O3P FAD SA . -86.06 40.51 9.08
S SO4 TA . 77.52 -53.82 -102.47
O1 SO4 TA . 76.04 -53.98 -102.26
O2 SO4 TA . 77.88 -52.38 -102.47
O3 SO4 TA . 77.90 -54.45 -103.78
O4 SO4 TA . 78.26 -54.52 -101.36
S SO4 UA . 71.00 -18.70 -86.59
O1 SO4 UA . 69.97 -17.69 -87.02
O2 SO4 UA . 72.37 -18.10 -86.68
O3 SO4 UA . 70.93 -19.91 -87.48
O4 SO4 UA . 70.73 -19.11 -85.17
S SO4 VA . 71.86 -38.99 -108.93
O1 SO4 VA . 71.13 -37.81 -108.36
O2 SO4 VA . 73.06 -38.52 -109.69
O3 SO4 VA . 70.94 -39.75 -109.85
O4 SO4 VA . 72.29 -39.90 -107.82
S SO4 WA . 98.20 -60.34 -99.86
O1 SO4 WA . 96.96 -60.10 -99.04
O2 SO4 WA . 98.72 -59.04 -100.37
O3 SO4 WA . 97.86 -61.23 -101.02
O4 SO4 WA . 99.25 -61.01 -99.01
PA FAD XA . 87.74 -50.81 -89.35
O1A FAD XA . 87.09 -50.32 -88.06
O2A FAD XA . 88.10 -49.77 -90.48
O5B FAD XA . 89.03 -51.54 -89.02
C5B FAD XA . 89.27 -52.57 -88.09
C4B FAD XA . 90.83 -52.61 -87.77
O4B FAD XA . 91.52 -53.47 -88.64
C3B FAD XA . 91.65 -51.28 -87.87
O3B FAD XA . 91.91 -50.76 -86.58
C2B FAD XA . 92.91 -51.68 -88.62
O2B FAD XA . 94.10 -51.04 -88.22
C1B FAD XA . 92.91 -53.17 -88.41
N9A FAD XA . 93.75 -53.95 -89.34
C8A FAD XA . 93.66 -53.99 -90.71
N7A FAD XA . 94.55 -54.81 -91.25
C5A FAD XA . 95.26 -55.32 -90.19
C6A FAD XA . 96.34 -56.26 -90.15
N6A FAD XA . 96.86 -56.81 -91.22
N1A FAD XA . 96.85 -56.58 -88.88
C2A FAD XA . 96.30 -56.01 -87.75
N3A FAD XA . 95.27 -55.12 -87.75
C4A FAD XA . 94.78 -54.81 -88.99
N1 FAD XA . 79.81 -45.74 -89.63
C2 FAD XA . 78.58 -45.73 -89.00
O2 FAD XA . 77.93 -46.75 -88.91
N3 FAD XA . 78.11 -44.53 -88.49
C4 FAD XA . 78.78 -43.34 -88.56
O4 FAD XA . 78.28 -42.31 -88.06
C4X FAD XA . 80.05 -43.35 -89.21
N5 FAD XA . 80.83 -42.19 -89.33
C5X FAD XA . 82.09 -42.24 -89.95
C6 FAD XA . 82.87 -41.08 -90.06
C7 FAD XA . 84.16 -41.09 -90.65
C7M FAD XA . 84.95 -39.81 -90.74
C8 FAD XA . 84.67 -42.35 -91.14
C8M FAD XA . 86.05 -42.46 -91.79
C9 FAD XA . 83.89 -43.50 -91.06
C9A FAD XA . 82.60 -43.48 -90.46
N10 FAD XA . 81.78 -44.66 -90.36
C10 FAD XA . 80.52 -44.59 -89.73
C1' FAD XA . 82.24 -45.96 -90.90
C2' FAD XA . 82.71 -46.90 -89.85
O2' FAD XA . 83.83 -46.31 -89.23
C3' FAD XA . 83.06 -48.24 -90.48
O3' FAD XA . 81.93 -48.84 -91.13
C4' FAD XA . 83.54 -49.29 -89.47
O4' FAD XA . 84.63 -48.78 -88.70
C5' FAD XA . 83.93 -50.59 -90.20
O5' FAD XA . 84.34 -51.52 -89.18
P FAD XA . 85.41 -52.68 -89.41
O1P FAD XA . 85.52 -53.35 -88.10
O2P FAD XA . 85.03 -53.60 -90.53
O3P FAD XA . 86.75 -51.95 -89.90
S SO4 YA . 43.38 -46.21 -61.60
O1 SO4 YA . 42.35 -45.26 -62.14
O2 SO4 YA . 44.65 -45.48 -61.31
O3 SO4 YA . 43.62 -47.29 -62.63
O4 SO4 YA . 42.86 -46.84 -60.33
S SO4 ZA . 77.60 -27.77 -63.63
O1 SO4 ZA . 76.22 -27.68 -63.05
O2 SO4 ZA . 77.73 -26.75 -64.74
O3 SO4 ZA . 77.81 -29.15 -64.20
O4 SO4 ZA . 78.62 -27.50 -62.57
S SO4 AB . 57.34 -45.76 -50.93
O1 SO4 AB . 58.48 -45.10 -51.64
O2 SO4 AB . 57.82 -47.05 -50.34
O3 SO4 AB . 56.23 -46.03 -51.90
O4 SO4 AB . 56.84 -44.87 -49.83
S SO4 BB . 26.55 -32.37 -62.02
O1 SO4 BB . 25.53 -31.42 -62.54
O2 SO4 BB . 27.48 -32.79 -63.12
O3 SO4 BB . 25.88 -33.59 -61.44
O4 SO4 BB . 27.36 -31.71 -60.93
PA FAD CB . 42.06 -31.87 -70.24
O1A FAD CB . 43.17 -31.62 -71.23
O2A FAD CB . 42.27 -31.55 -68.77
O5B FAD CB . 40.79 -31.10 -70.70
C5B FAD CB . 40.08 -30.98 -71.87
C4B FAD CB . 39.19 -29.67 -71.80
O4B FAD CB . 37.91 -29.83 -71.22
C3B FAD CB . 39.80 -28.41 -71.09
O3B FAD CB . 40.28 -27.55 -72.09
C2B FAD CB . 38.62 -27.84 -70.28
O2B FAD CB . 38.53 -26.42 -70.14
C1B FAD CB . 37.43 -28.48 -71.00
N9A FAD CB . 36.17 -28.55 -70.26
C8A FAD CB . 35.97 -29.12 -69.01
N7A FAD CB . 34.69 -29.05 -68.65
C5A FAD CB . 34.04 -28.42 -69.68
C6A FAD CB . 32.67 -28.07 -69.89
N6A FAD CB . 31.70 -28.36 -69.02
N1A FAD CB . 32.34 -27.42 -71.07
C2A FAD CB . 33.32 -27.14 -71.99
N3A FAD CB . 34.65 -27.45 -71.85
C4A FAD CB . 34.95 -28.10 -70.69
N1 FAD CB . 50.77 -35.76 -69.67
C2 FAD CB . 51.61 -36.47 -70.49
O2 FAD CB . 51.22 -37.44 -71.09
N3 FAD CB . 52.93 -36.00 -70.63
C4 FAD CB . 53.43 -34.90 -69.98
O4 FAD CB . 54.60 -34.53 -70.15
C4X FAD CB . 52.54 -34.19 -69.14
N5 FAD CB . 52.96 -33.06 -68.46
C5X FAD CB . 52.09 -32.34 -67.67
C6 FAD CB . 52.50 -31.18 -66.99
C7 FAD CB . 51.63 -30.40 -66.21
C7M FAD CB . 52.15 -29.17 -65.51
C8 FAD CB . 50.25 -30.83 -66.12
C8M FAD CB . 49.21 -30.07 -65.34
C9 FAD CB . 49.84 -32.00 -66.77
C9A FAD CB . 50.73 -32.76 -67.55
N10 FAD CB . 50.32 -33.94 -68.21
C10 FAD CB . 51.21 -34.65 -69.01
C1' FAD CB . 48.91 -34.42 -68.07
C2' FAD CB . 48.09 -34.11 -69.27
O2' FAD CB . 48.06 -32.70 -69.37
C3' FAD CB . 46.66 -34.67 -69.11
O3' FAD CB . 46.71 -36.09 -68.94
C4' FAD CB . 45.79 -34.45 -70.36
O4' FAD CB . 45.76 -33.07 -70.72
C5' FAD CB . 44.39 -35.01 -70.15
O5' FAD CB . 43.69 -34.77 -71.36
P FAD CB . 42.13 -34.63 -71.42
O1P FAD CB . 41.85 -34.37 -72.83
O2P FAD CB . 41.45 -35.79 -70.87
O3P FAD CB . 41.69 -33.43 -70.44
S SO4 DB . 2.58 -71.14 0.67
O1 SO4 DB . 1.91 -70.56 1.88
O2 SO4 DB . 3.89 -70.42 0.43
O3 SO4 DB . 1.68 -70.96 -0.52
O4 SO4 DB . 2.86 -72.59 0.88
S SO4 EB . 11.50 -80.92 -9.93
O1 SO4 EB . 11.52 -79.44 -10.15
O2 SO4 EB . 12.90 -81.40 -9.72
O3 SO4 EB . 10.92 -81.60 -11.14
O4 SO4 EB . 10.66 -81.24 -8.73
S SO4 FB . -2.15 -75.94 21.49
O1 SO4 FB . -1.82 -74.62 20.85
O2 SO4 FB . -2.60 -75.71 22.91
O3 SO4 FB . -0.95 -76.83 21.46
O4 SO4 FB . -3.27 -76.59 20.71
PA FAD GB . 11.38 -67.57 14.45
O1A FAD GB . 12.43 -66.47 14.37
O2A FAD GB . 11.73 -68.99 13.98
O5B FAD GB . 10.86 -67.70 15.90
C5B FAD GB . 10.40 -66.58 16.73
C4B FAD GB . 10.63 -66.86 18.26
O4B FAD GB . 9.46 -67.35 18.88
C3B FAD GB . 11.74 -67.87 18.65
O3B FAD GB . 12.75 -67.21 19.36
C2B FAD GB . 11.01 -68.92 19.47
O2B FAD GB . 11.80 -69.58 20.43
C1B FAD GB . 9.86 -68.09 20.04
N9A FAD GB . 8.67 -68.80 20.55
C8A FAD GB . 8.00 -69.84 19.96
N7A FAD GB . 6.95 -70.25 20.67
C5A FAD GB . 6.93 -69.42 21.77
C6A FAD GB . 6.05 -69.35 22.90
N6A FAD GB . 4.99 -70.13 23.08
N1A FAD GB . 6.34 -68.38 23.85
C2A FAD GB . 7.42 -67.55 23.71
N3A FAD GB . 8.29 -67.58 22.65
C4A FAD GB . 8.00 -68.53 21.72
N1 FAD GB . 15.53 -66.45 6.13
C2 FAD GB . 15.90 -65.40 5.32
O2 FAD GB . 15.09 -64.55 5.01
N3 FAD GB . 17.23 -65.34 4.86
C4 FAD GB . 18.20 -66.27 5.15
O4 FAD GB . 19.36 -66.14 4.70
C4X FAD GB . 17.82 -67.36 6.01
N5 FAD GB . 18.74 -68.35 6.38
C5X FAD GB . 18.36 -69.39 7.22
C6 FAD GB . 19.29 -70.36 7.61
C7 FAD GB . 18.96 -71.43 8.47
C7M FAD GB . 20.03 -72.43 8.83
C8 FAD GB . 17.60 -71.52 8.97
C8M FAD GB . 17.16 -72.61 9.90
C9 FAD GB . 16.64 -70.53 8.58
C9A FAD GB . 17.00 -69.47 7.72
N10 FAD GB . 16.06 -68.46 7.31
C10 FAD GB . 16.47 -67.41 6.48
C1' FAD GB . 14.63 -68.48 7.78
C2' FAD GB . 14.34 -67.42 8.81
O2' FAD GB . 15.24 -67.62 9.86
C3' FAD GB . 12.90 -67.51 9.31
O3' FAD GB . 11.98 -67.31 8.22
C4' FAD GB . 12.51 -66.45 10.34
O4' FAD GB . 13.33 -66.53 11.51
C5' FAD GB . 11.04 -66.57 10.72
O5' FAD GB . 10.83 -65.54 11.68
P FAD GB . 9.76 -65.64 12.80
O1P FAD GB . 9.91 -64.38 13.56
O2P FAD GB . 8.40 -65.85 12.25
O3P FAD GB . 10.12 -66.98 13.61
S SO4 HB . 29.27 -29.14 -15.27
O1 SO4 HB . 29.06 -27.66 -15.46
O2 SO4 HB . 30.49 -29.38 -14.43
O3 SO4 HB . 29.45 -29.79 -16.61
O4 SO4 HB . 28.07 -29.74 -14.59
S SO4 IB . 44.08 -54.14 10.07
O1 SO4 IB . 43.84 -52.90 10.89
O2 SO4 IB . 45.55 -54.43 10.00
O3 SO4 IB . 43.53 -53.93 8.69
O4 SO4 IB . 43.37 -55.29 10.71
S SO4 JB . 35.79 -26.87 0.74
O1 SO4 JB . 34.75 -25.79 0.61
O2 SO4 JB . 37.15 -26.25 0.70
O3 SO4 JB . 35.64 -27.84 -0.40
O4 SO4 JB . 35.60 -27.60 2.04
S SO4 KB . 41.00 -27.61 -33.79
O1 SO4 KB . 40.31 -26.33 -34.15
O2 SO4 KB . 42.01 -27.33 -32.72
O3 SO4 KB . 41.68 -28.16 -35.01
O4 SO4 KB . 40.00 -28.60 -33.28
PA FAD LB . 37.48 -41.18 -23.20
O1A FAD LB . 37.15 -42.58 -22.69
O2A FAD LB . 38.52 -40.31 -22.43
O5B FAD LB . 37.98 -41.27 -24.67
C5B FAD LB . 37.46 -41.92 -25.79
C4B FAD LB . 38.60 -42.12 -26.89
O4B FAD LB . 38.73 -41.01 -27.78
C3B FAD LB . 40.07 -42.34 -26.41
O3B FAD LB . 40.42 -43.70 -26.54
C2B FAD LB . 40.92 -41.43 -27.29
O2B FAD LB . 42.16 -41.99 -27.67
C1B FAD LB . 39.98 -41.17 -28.44
N9A FAD LB . 40.22 -39.98 -29.27
C8A FAD LB . 40.32 -38.68 -28.85
N7A FAD LB . 40.51 -37.85 -29.86
C5A FAD LB . 40.53 -38.65 -30.99
C6A FAD LB . 40.68 -38.35 -32.38
N6A FAD LB . 40.82 -37.13 -32.88
N1A FAD LB . 40.67 -39.41 -33.25
C2A FAD LB . 40.53 -40.69 -32.78
N3A FAD LB . 40.37 -41.04 -31.49
C4A FAD LB . 40.37 -39.97 -30.63
N1 FAD LB . 34.49 -42.92 -14.44
C2 FAD LB . 33.47 -43.62 -13.86
O2 FAD LB . 32.32 -43.42 -14.18
N3 FAD LB . 33.80 -44.56 -12.88
C4 FAD LB . 35.08 -44.84 -12.45
O4 FAD LB . 35.29 -45.71 -11.57
C4X FAD LB . 36.12 -44.13 -13.04
N5 FAD LB . 37.44 -44.34 -12.68
C5X FAD LB . 38.47 -43.64 -13.31
C6 FAD LB . 39.80 -43.86 -12.93
C7 FAD LB . 40.88 -43.19 -13.55
C7M FAD LB . 42.29 -43.48 -13.08
C8 FAD LB . 40.58 -42.25 -14.61
C8M FAD LB . 41.66 -41.49 -15.35
C9 FAD LB . 39.25 -42.01 -14.98
C9A FAD LB . 38.17 -42.68 -14.34
N10 FAD LB . 36.82 -42.45 -14.70
C10 FAD LB . 35.79 -43.17 -14.06
C1' FAD LB . 36.45 -41.45 -15.76
C2' FAD LB . 36.07 -42.14 -17.07
O2' FAD LB . 37.21 -42.82 -17.54
C3' FAD LB . 35.61 -41.13 -18.12
O3' FAD LB . 34.46 -40.40 -17.67
C4' FAD LB . 35.16 -41.78 -19.46
O4' FAD LB . 36.18 -42.65 -20.00
C5' FAD LB . 34.81 -40.70 -20.48
O5' FAD LB . 34.39 -41.43 -21.65
P FAD LB . 34.51 -40.85 -23.09
O1P FAD LB . 34.01 -41.95 -23.96
O2P FAD LB . 33.77 -39.53 -23.23
O3P FAD LB . 36.05 -40.44 -23.28
#